data_3GPW
#
_entry.id   3GPW
#
_cell.length_a   135.240
_cell.length_b   301.450
_cell.length_c   144.420
_cell.angle_alpha   90.00
_cell.angle_beta   112.94
_cell.angle_gamma   90.00
#
_symmetry.space_group_name_H-M   'P 1 21 1'
#
loop_
_entity.id
_entity.type
_entity.pdbx_description
1 polymer 'Proteasome component Y7'
2 polymer 'Proteasome component Y13'
3 polymer 'Proteasome component PRE6'
4 polymer 'Proteasome component PUP2'
5 polymer 'Proteasome component PRE5'
6 polymer 'Proteasome component C1'
7 polymer 'Proteasome component C7-alpha'
8 polymer 'Proteasome component PUP1'
9 polymer 'Proteasome component PUP3'
10 polymer 'Proteasome component C11'
11 polymer 'Proteasome component PRE2'
12 polymer 'Proteasome component C5'
13 polymer 'Proteasome component PRE4'
14 polymer 'Proteasome component PRE3'
15 non-polymer (3AR,6R,6AS)-6-((S)-((S)-CYCLOHEX-2-ENYL)(HYDROXY)METHYL)-6A-METHYL-4-OXO-HEXAHYDRO-2H-FURO[3,2-C]PYRROLE-6-CARBALDEHYDE
16 water water
#
loop_
_entity_poly.entity_id
_entity_poly.type
_entity_poly.pdbx_seq_one_letter_code
_entity_poly.pdbx_strand_id
1 'polypeptide(L)'
;MTDRYSFSLTTFSPSGKLGQIDYALTAVKQGVTSLGIKATNGVVIATEKKSSSPLAMSETLSKVSLLTPDIGAVYSGMGP
DYRVLVDKSRKVAHTSYKRIYGEYPPTKLLVSEVAKIMQEATQSGGVRPFGVSLLIAGHDEFNGFSLYQVDPSGSYFPWK
ATAIGKGSVAAKTFLEKRWNDELELEDAIHIALLTLKESVEGEFNGDTIELAIIGDENPDLLGYTGIPTDKGPRFRKLTS
QEINDRLEAL
;
A,O
2 'polypeptide(L)'
;GSRRYDSRTTIFSPEGRLYQVEYALESISHAGTAIGIMASDGIVLAAERKVTSTLLEQDTSTEKLYKLNDKIAVAVAGLT
ADAEILINTARIHAQNYLKTYNEDIPVEILVRRLSDIKQGYTQHGGLRPFGVSFIYAGYDDRYGYQLYTSNPSGNYTGWK
AISVGANTSAAQTLLQMDYKDDMKVDDAIELALKTLSKTTDSSALTYDRLEFATIRKGANDGEVYQKIFKPQEIKDILVK
TGIT
;
B,P
3 'polypeptide(L)'
;GYDRALSIFSPDGHIFQVEYALEAVKRGTCAVGVKGKNCVVLGCERRSTLKLQDTRITPSKVSKIDSHVVLSFSGLNADS
RILIEKARVEAQSHRLTLEDPVTVEYLTRYVAGVQQRYTQSGGVRPFGVSTLIAGFDPRDDEPKLYQTEPSGIYSSWSAQ
TIGRNSKTVREFLEKNYDRKEPPATVEECVKLTVRSLLEVVQTGAKNIEITVVKPDSDIVALSSEEINQYVTQIEQEKQE
Q
;
C,Q
4 'polypeptide(L)'
;DRGVSTFSPEGRLFQVEYSLEAIKLGSTAIGIATKEGVVLGVEKRATSPLLESDSIEKIVEIDRHIGCAMSGLTADARSM
IEHARTAAVTHNLYYDEDINVESLTQSVCDLALRFGEGASGEERLMSRPFGVALLIAGHDADDGYQLFHAEPSGTFYRYN
AKAIGSGSEGAQAELLNEWHSSLTLKEAELLVLKILKQVMEEKLDENNAQLSCITKQDGFKIYDNEKTAELIKELKEKEA
AE
;
D,R
5 'polypeptide(L)'
;FRNNYDGDTVTFSPTGRLFQVEYALEAIKQGSVTVGLRSNTHAVLVALKRNADELSSYQKKIIKCDEHMGLSLAGLAPDA
RVLSNYLRQQCNYSSLVFNRKLAVERAGHLLCDKAQKNTQSYGGRPYGVGLLIIGYDKSGAHLLEFQPSGNVTELYGTAI
GARSQGAKTYLERTLDTFIKIDGNPDELIKAGVEAISQSLRDESLTVDNLSIAIVGKDTPFTIYDGEAVAKYI
;
E,S
6 'polypeptide(L)'
;GTGYDLSNSVFSPDGRNFQVEYAVKAVENGTTSIGIKCNDGVVFAVEKLITSKLLVPQKNVKIQVVDRHIGCVYSGLIPD
GRHLVNRGREEAASFKKLYKTPIPIPAFADRLGQYVQAHTLYNSVRPFGVSTIFGGVDKNGAHLYMLEPSGSYWGYKGAA
TGKGRQSAKAELEKLVDHHPEGLSAREAVKQAAKIIYLAHEDNKEKDFELEISWCSLSETNGLHKFVKGDLLQEAIDFAQ
KEIN
;
F,T
7 'polypeptide(L)'
;AGYDRHITIFSPEGRLYQVEYAFKATNQTNINSLAVRGKDCTVVISQKKVPDKLLDPTTVSYIFCISRTIGMVVNGPIPD
ARNAALRAKAEAAEFRYKYGYDMPCDVLAKRMANLSQIYTQRAYMRPLGVILTFVSVDEELGPSIYKTDPAGYYVGYKAT
ATGPKQQEITTNLENHFKKSKIDHINEESWEKVVEFAITHMIDALGTEFSKNDLEVGVATKDKFFTLSAENIEERLVAIA
EQD
;
G,U
8 'polypeptide(L)'
;TTIVGVKFNNGVVIAADTRSTQGPIVADKNCAKLHRISPKIWCAGAGTAADTEAVTQLIGSNIELHSLYTSREPRVVSAL
QMLKQHLFKYQGHIGAYLIVAGVDPTGSHLFSIHAHGSTDVGYYLSLGSGSLAAMAVLESHWKQDLTKEEAIKLASDAIQ
AGIWNDLGSGSNVDVCVMEIGKDAEYLRNYLTPNVREEKQKSYKFPRGTTAVLKESIVNICD
;
H,V
9 'polypeptide(L)'
;SDPSSINGGIVVAMTGKDCVAIACDLRLGSQSLGVSNKFEKIFHYGHVFLGITGLATDVTTLNEMFRYKTNLYKLKEERA
IEPETFTQLVSSSLYERRFGPYFVGPVVAGINSKSGKPFIAGFDLIGCIDEAKDFIVSGTASDQLFGMCESLYEPNLEPE
DLFETISQALLNAADRDALSGWGAVVYIIKKDEVVKRYLKMRQD
;
I,W
10 'polypeptide(L)'
;MDIILGIRVQDSVILASSKAVTRGISVLKDSDDKTRQLSPHTLMSFAGEAGDTVQFAEYIQANIQLYSIREDYELSPQAV
SSFVRQELAKSIRSRRPYQVNVLIGGYDKKKNKPELYQIDYLGTKVELPYGAHGYSGFYTFSLLDHHYRPDMTTEEGLDL
LKLCVQELEKRMPMDFKGVIVKIVDKDGIRQVDDFQAQ
;
J,X
11 'polypeptide(L)'
;TTTLAFRFQGGIIVAVDSRATAGNWVASQTVKKVIEINPFLLGTMAGGAADCQFWETWLGSQCRLHELREKERISVAAAS
KILSNLVYQYKGAGLSMGTMICGYTRKEGPTIYYVDSDGTRLKGDIFCVGSGQTFAYGVLDSNYKWDLSVEDALYLGKRS
ILAAAHRDAYSGGSVNLYHVTEDGWIYHGNHDVGELFWKVKEEEGSFNNVIG
;
K,Y
12 'polypeptide(L)'
;QFNPYGDNGGTILGIAGEDFAVLAGDTRNITDYSINSRYEPKVFDCGDNIVMSANGFAADGDALVKRFKNSVKWYHFDHN
DKKLSINSAARNIQHLLYGKRFFPYYVHTIIAGLDEDGKGAVYSFDPVGSYEREQCRAGGAAASLIMPFLDNQVNFKNQY
EPGTNGKVKKPLKYLSVEEVIKLVRDSFTSATERHIQVGDGLEILIVTKDGVRKEFYELKRD
;
L,Z
13 'polypeptide(L)'
;TQQPIVTGTSVISMKYDNGVIIAADNLGSYGSLLRFNGVERLIPVGDNTVVGISGDISDMQHIERLLKDLVTENAYDNPL
ADAEEALEPSYIFEYLATVMYQRRSKMNPLWNAIIVAGVQSNGDQFLRYVNLLGVTYSSPTLATGFGAHMANPLLRKVVD
RESDIPKTTVQVAEEAIVNAMRVLYYRDARSSRNFSLAIIDKNTGLTFKKNLQVENMKWDFAKDIKGYGTQKI
;
M,1
14 'polypeptide(L)'
;TSIMAVTFKDGVILGADSRTTTGAYIANRVTDKLTRVHDKIWCCRSGSAADTQAIADIVQYHLELYTSQYGTPSTETAAS
VFKELCYENKDNLTAGIIVAGYDDKNKGEVYTIPLGGSVHKLPYAIAGSGSTFIYGYCDKNFRENMSKEETVDFIKHSLS
QAIKWDGSSGGVIRMVVLTAAGVERLIFYPDEYEQL
;
N,2
#
loop_
_chem_comp.id
_chem_comp.type
_chem_comp.name
_chem_comp.formula
SA1 non-polymer (3AR,6R,6AS)-6-((S)-((S)-CYCLOHEX-2-ENYL)(HYDROXY)METHYL)-6A-METHYL-4-OXO-HEXAHYDRO-2H-FURO[3,2-C]PYRROLE-6-CARBALDEHYDE 'C15 H21 N O4'
#
# COMPACT_ATOMS: atom_id res chain seq x y z
N MET A 1 -46.60 -30.04 -4.81
CA MET A 1 -45.47 -30.95 -5.14
C MET A 1 -44.74 -31.32 -3.86
N THR A 2 -43.44 -31.56 -3.98
CA THR A 2 -42.59 -31.93 -2.86
C THR A 2 -43.06 -33.22 -2.19
N ASP A 3 -42.16 -34.19 -2.17
CA ASP A 3 -42.45 -35.47 -1.55
C ASP A 3 -42.92 -35.17 -0.14
N ARG A 4 -44.19 -35.44 0.14
CA ARG A 4 -44.71 -35.18 1.47
C ARG A 4 -44.85 -36.50 2.22
N TYR A 5 -44.24 -37.54 1.66
CA TYR A 5 -44.25 -38.87 2.25
C TYR A 5 -42.99 -39.01 3.09
N SER A 6 -42.97 -38.34 4.25
CA SER A 6 -41.82 -38.39 5.12
C SER A 6 -41.92 -39.41 6.23
N PHE A 7 -42.89 -40.33 6.12
CA PHE A 7 -43.10 -41.39 7.11
C PHE A 7 -42.82 -42.75 6.48
N SER A 8 -42.51 -43.74 7.31
CA SER A 8 -42.21 -45.09 6.81
C SER A 8 -43.39 -45.73 6.09
N LEU A 9 -43.09 -46.56 5.10
CA LEU A 9 -44.14 -47.27 4.37
C LEU A 9 -44.04 -48.74 4.76
N THR A 10 -43.02 -49.05 5.54
CA THR A 10 -42.79 -50.40 6.05
C THR A 10 -42.85 -50.22 7.57
N THR A 11 -43.84 -50.82 8.21
CA THR A 11 -43.98 -50.71 9.65
C THR A 11 -44.24 -52.09 10.26
N PHE A 12 -44.20 -52.20 11.58
CA PHE A 12 -44.42 -53.49 12.24
C PHE A 12 -45.91 -53.81 12.41
N SER A 13 -46.29 -55.04 12.10
CA SER A 13 -47.69 -55.46 12.28
C SER A 13 -47.76 -56.03 13.70
N PRO A 14 -48.98 -56.22 14.22
CA PRO A 14 -49.10 -56.77 15.57
C PRO A 14 -48.33 -58.07 15.79
N SER A 15 -48.18 -58.86 14.73
CA SER A 15 -47.49 -60.13 14.85
C SER A 15 -45.98 -59.94 14.90
N GLY A 16 -45.51 -58.76 14.52
CA GLY A 16 -44.08 -58.48 14.53
C GLY A 16 -43.45 -58.65 13.16
N LYS A 17 -44.29 -58.83 12.14
CA LYS A 17 -43.83 -59.00 10.77
C LYS A 17 -43.65 -57.62 10.16
N LEU A 18 -42.78 -57.53 9.16
CA LEU A 18 -42.59 -56.29 8.45
C LEU A 18 -43.13 -56.57 7.05
N GLY A 19 -44.43 -56.34 6.90
CA GLY A 19 -45.14 -56.59 5.66
C GLY A 19 -44.42 -56.39 4.33
N GLN A 20 -44.01 -55.16 4.06
CA GLN A 20 -43.34 -54.84 2.81
C GLN A 20 -42.09 -55.67 2.54
N ILE A 21 -41.37 -56.07 3.59
CA ILE A 21 -40.18 -56.89 3.40
C ILE A 21 -40.65 -58.25 2.92
N ASP A 22 -41.67 -58.78 3.60
CA ASP A 22 -42.22 -60.08 3.27
C ASP A 22 -42.69 -60.11 1.82
N TYR A 23 -43.48 -59.10 1.45
CA TYR A 23 -43.97 -59.02 0.09
C TYR A 23 -42.81 -58.92 -0.88
N ALA A 24 -41.82 -58.11 -0.55
CA ALA A 24 -40.66 -57.98 -1.42
C ALA A 24 -40.04 -59.37 -1.60
N LEU A 25 -39.89 -60.13 -0.52
CA LEU A 25 -39.31 -61.47 -0.60
C LEU A 25 -40.15 -62.36 -1.50
N THR A 26 -41.46 -62.17 -1.48
CA THR A 26 -42.36 -62.95 -2.32
C THR A 26 -42.09 -62.63 -3.79
N ALA A 27 -41.77 -61.37 -4.06
CA ALA A 27 -41.47 -60.96 -5.43
C ALA A 27 -40.20 -61.67 -5.87
N VAL A 28 -39.26 -61.78 -4.94
CA VAL A 28 -37.99 -62.46 -5.22
C VAL A 28 -38.25 -63.92 -5.57
N LYS A 29 -39.20 -64.53 -4.86
CA LYS A 29 -39.57 -65.94 -5.07
C LYS A 29 -40.06 -66.23 -6.48
N GLN A 30 -40.79 -65.29 -7.07
CA GLN A 30 -41.32 -65.48 -8.42
C GLN A 30 -40.24 -65.27 -9.47
N GLY A 31 -39.11 -64.68 -9.08
CA GLY A 31 -38.05 -64.41 -10.02
C GLY A 31 -37.26 -65.61 -10.51
N VAL A 32 -36.69 -65.49 -11.69
CA VAL A 32 -35.89 -66.56 -12.27
C VAL A 32 -34.76 -66.99 -11.35
N THR A 33 -34.51 -68.29 -11.29
CA THR A 33 -33.47 -68.85 -10.44
C THR A 33 -32.07 -68.36 -10.80
N SER A 34 -31.27 -68.10 -9.77
CA SER A 34 -29.86 -67.69 -9.92
C SER A 34 -29.06 -68.37 -8.80
N LEU A 35 -27.78 -68.61 -9.03
CA LEU A 35 -26.99 -69.30 -8.02
C LEU A 35 -25.51 -68.94 -7.99
N GLY A 36 -24.85 -69.36 -6.93
CA GLY A 36 -23.43 -69.11 -6.78
C GLY A 36 -22.77 -70.28 -6.06
N ILE A 37 -21.56 -70.62 -6.49
CA ILE A 37 -20.84 -71.72 -5.88
C ILE A 37 -19.40 -71.29 -5.69
N LYS A 38 -18.86 -71.57 -4.51
CA LYS A 38 -17.50 -71.19 -4.21
C LYS A 38 -16.58 -72.39 -4.37
N ALA A 39 -15.48 -72.22 -5.09
CA ALA A 39 -14.50 -73.29 -5.26
C ALA A 39 -13.26 -72.86 -4.49
N THR A 40 -12.26 -73.73 -4.39
CA THR A 40 -11.04 -73.39 -3.65
C THR A 40 -10.23 -72.28 -4.33
N ASN A 41 -10.41 -72.12 -5.63
CA ASN A 41 -9.66 -71.10 -6.34
C ASN A 41 -10.54 -70.22 -7.24
N GLY A 42 -11.75 -69.97 -6.79
CA GLY A 42 -12.64 -69.14 -7.59
C GLY A 42 -14.07 -69.21 -7.13
N VAL A 43 -14.94 -68.48 -7.82
CA VAL A 43 -16.36 -68.48 -7.49
C VAL A 43 -17.12 -68.34 -8.79
N VAL A 44 -18.28 -68.97 -8.86
CA VAL A 44 -19.09 -68.88 -10.05
C VAL A 44 -20.50 -68.46 -9.68
N ILE A 45 -21.05 -67.53 -10.44
CA ILE A 45 -22.42 -67.10 -10.24
C ILE A 45 -23.08 -67.24 -11.60
N ALA A 46 -24.33 -67.71 -11.61
CA ALA A 46 -25.03 -67.91 -12.86
C ALA A 46 -26.54 -67.77 -12.74
N THR A 47 -27.19 -67.50 -13.86
CA THR A 47 -28.63 -67.36 -13.90
C THR A 47 -29.10 -67.64 -15.32
N GLU A 48 -30.41 -67.62 -15.51
CA GLU A 48 -31.00 -67.87 -16.83
C GLU A 48 -31.42 -66.56 -17.51
N LYS A 49 -31.11 -66.42 -18.79
CA LYS A 49 -31.51 -65.22 -19.53
C LYS A 49 -32.90 -65.45 -20.09
N LYS A 50 -33.90 -65.18 -19.26
CA LYS A 50 -35.30 -65.36 -19.63
C LYS A 50 -35.75 -64.29 -20.63
N SER A 51 -35.33 -64.44 -21.88
CA SER A 51 -35.69 -63.48 -22.93
C SER A 51 -37.22 -63.27 -22.99
N SER A 52 -37.67 -62.05 -22.72
CA SER A 52 -39.09 -61.72 -22.73
C SER A 52 -39.74 -61.68 -24.11
N SER A 53 -38.97 -61.99 -25.15
CA SER A 53 -39.46 -62.01 -26.52
C SER A 53 -38.32 -62.44 -27.43
N PRO A 54 -38.63 -63.13 -28.53
CA PRO A 54 -37.55 -63.56 -29.43
C PRO A 54 -36.99 -62.38 -30.23
N LEU A 55 -37.75 -61.28 -30.26
CA LEU A 55 -37.29 -60.09 -30.98
C LEU A 55 -36.31 -59.29 -30.12
N ALA A 56 -36.30 -59.59 -28.83
CA ALA A 56 -35.41 -58.93 -27.90
C ALA A 56 -34.01 -59.48 -28.09
N MET A 57 -33.00 -58.67 -27.83
CA MET A 57 -31.62 -59.10 -27.95
C MET A 57 -31.12 -59.36 -26.54
N SER A 58 -31.17 -60.62 -26.13
CA SER A 58 -30.75 -61.02 -24.80
C SER A 58 -29.37 -60.53 -24.34
N GLU A 59 -28.45 -60.33 -25.27
CA GLU A 59 -27.12 -59.86 -24.90
C GLU A 59 -27.15 -58.46 -24.31
N THR A 60 -28.04 -57.61 -24.85
CA THR A 60 -28.18 -56.23 -24.39
C THR A 60 -28.83 -56.14 -23.01
N LEU A 61 -28.88 -57.24 -22.29
CA LEU A 61 -29.47 -57.23 -20.96
C LEU A 61 -28.69 -58.22 -20.10
N SER A 62 -27.74 -57.70 -19.33
CA SER A 62 -26.93 -58.56 -18.48
C SER A 62 -27.48 -58.63 -17.08
N LYS A 63 -27.70 -59.84 -16.60
CA LYS A 63 -28.20 -60.04 -15.25
C LYS A 63 -26.99 -60.19 -14.36
N VAL A 64 -25.85 -60.50 -14.97
CA VAL A 64 -24.60 -60.64 -14.22
C VAL A 64 -23.78 -59.38 -14.46
N SER A 65 -23.55 -58.63 -13.38
CA SER A 65 -22.81 -57.38 -13.48
C SER A 65 -21.51 -57.29 -12.69
N LEU A 66 -20.54 -56.60 -13.27
CA LEU A 66 -19.26 -56.38 -12.62
C LEU A 66 -19.40 -55.14 -11.73
N LEU A 67 -19.09 -55.28 -10.45
CA LEU A 67 -19.17 -54.16 -9.52
C LEU A 67 -17.78 -53.54 -9.38
N THR A 68 -16.77 -54.39 -9.25
CA THR A 68 -15.40 -53.91 -9.17
C THR A 68 -14.63 -54.94 -9.97
N PRO A 69 -13.39 -54.63 -10.35
CA PRO A 69 -12.67 -55.66 -11.13
C PRO A 69 -12.50 -57.03 -10.46
N ASP A 70 -12.88 -57.16 -9.19
CA ASP A 70 -12.78 -58.45 -8.47
C ASP A 70 -14.09 -58.83 -7.80
N ILE A 71 -15.17 -58.19 -8.20
CA ILE A 71 -16.47 -58.48 -7.59
C ILE A 71 -17.60 -58.42 -8.64
N GLY A 72 -18.51 -59.39 -8.58
CA GLY A 72 -19.63 -59.42 -9.51
C GLY A 72 -20.93 -59.71 -8.79
N ALA A 73 -22.05 -59.38 -9.43
CA ALA A 73 -23.34 -59.63 -8.82
C ALA A 73 -24.34 -60.27 -9.77
N VAL A 74 -25.31 -60.96 -9.19
CA VAL A 74 -26.37 -61.60 -9.94
C VAL A 74 -27.57 -61.51 -9.02
N TYR A 75 -28.78 -61.69 -9.55
CA TYR A 75 -29.95 -61.56 -8.70
C TYR A 75 -31.13 -62.41 -9.12
N SER A 76 -32.23 -62.21 -8.39
CA SER A 76 -33.50 -62.86 -8.62
C SER A 76 -34.52 -61.88 -8.05
N GLY A 77 -35.49 -61.49 -8.87
CA GLY A 77 -36.49 -60.54 -8.42
C GLY A 77 -36.77 -59.54 -9.51
N MET A 78 -36.94 -58.28 -9.11
CA MET A 78 -37.24 -57.20 -10.05
C MET A 78 -36.03 -56.59 -10.74
N GLY A 79 -35.89 -56.91 -12.03
CA GLY A 79 -34.78 -56.42 -12.81
C GLY A 79 -34.49 -54.93 -12.70
N PRO A 80 -35.50 -54.06 -12.88
CA PRO A 80 -35.20 -52.63 -12.77
C PRO A 80 -34.59 -52.26 -11.40
N ASP A 81 -35.10 -52.85 -10.32
CA ASP A 81 -34.55 -52.57 -9.00
C ASP A 81 -33.07 -52.98 -8.95
N TYR A 82 -32.75 -54.11 -9.57
CA TYR A 82 -31.36 -54.60 -9.59
C TYR A 82 -30.44 -53.63 -10.34
N ARG A 83 -30.91 -53.16 -11.49
CA ARG A 83 -30.12 -52.26 -12.32
C ARG A 83 -29.68 -51.04 -11.51
N VAL A 84 -30.62 -50.33 -10.89
CA VAL A 84 -30.24 -49.16 -10.14
C VAL A 84 -29.36 -49.54 -8.96
N LEU A 85 -29.60 -50.70 -8.35
CA LEU A 85 -28.76 -51.12 -7.24
C LEU A 85 -27.31 -51.31 -7.66
N VAL A 86 -27.10 -51.76 -8.91
CA VAL A 86 -25.75 -51.94 -9.42
C VAL A 86 -25.09 -50.58 -9.64
N ASP A 87 -25.83 -49.63 -10.20
CA ASP A 87 -25.28 -48.30 -10.41
C ASP A 87 -24.81 -47.75 -9.05
N LYS A 88 -25.70 -47.84 -8.06
CA LYS A 88 -25.40 -47.35 -6.72
C LYS A 88 -24.23 -48.09 -6.07
N SER A 89 -24.09 -49.37 -6.39
CA SER A 89 -23.01 -50.16 -5.79
C SER A 89 -21.68 -49.79 -6.41
N ARG A 90 -21.66 -49.63 -7.73
CA ARG A 90 -20.42 -49.27 -8.40
C ARG A 90 -19.94 -47.91 -7.89
N LYS A 91 -20.87 -46.99 -7.75
CA LYS A 91 -20.49 -45.67 -7.26
C LYS A 91 -20.02 -45.68 -5.80
N VAL A 92 -20.70 -46.44 -4.94
CA VAL A 92 -20.31 -46.45 -3.53
C VAL A 92 -18.94 -47.12 -3.33
N ALA A 93 -18.57 -48.01 -4.24
CA ALA A 93 -17.28 -48.66 -4.11
C ALA A 93 -16.22 -47.60 -4.26
N HIS A 94 -16.54 -46.59 -5.07
CA HIS A 94 -15.62 -45.48 -5.33
C HIS A 94 -15.68 -44.43 -4.22
N THR A 95 -16.83 -43.78 -4.09
CA THR A 95 -17.03 -42.72 -3.10
C THR A 95 -16.68 -43.07 -1.67
N SER A 96 -17.03 -44.27 -1.23
CA SER A 96 -16.75 -44.67 0.13
C SER A 96 -15.53 -45.54 0.34
N TYR A 97 -14.73 -45.71 -0.70
CA TYR A 97 -13.56 -46.56 -0.53
C TYR A 97 -12.38 -46.26 -1.46
N LYS A 98 -12.58 -46.38 -2.77
CA LYS A 98 -11.48 -46.13 -3.67
C LYS A 98 -10.98 -44.69 -3.59
N ARG A 99 -11.88 -43.73 -3.41
CA ARG A 99 -11.45 -42.33 -3.34
C ARG A 99 -10.81 -41.98 -2.00
N ILE A 100 -10.86 -42.91 -1.07
CA ILE A 100 -10.29 -42.69 0.26
C ILE A 100 -9.03 -43.51 0.49
N TYR A 101 -9.07 -44.80 0.13
CA TYR A 101 -7.92 -45.69 0.33
C TYR A 101 -7.12 -45.99 -0.93
N GLY A 102 -7.60 -45.52 -2.08
CA GLY A 102 -6.87 -45.75 -3.31
C GLY A 102 -6.88 -47.18 -3.80
N GLU A 103 -7.83 -47.98 -3.31
CA GLU A 103 -7.95 -49.36 -3.73
C GLU A 103 -9.41 -49.73 -3.67
N TYR A 104 -9.80 -50.81 -4.33
CA TYR A 104 -11.18 -51.25 -4.35
C TYR A 104 -11.52 -51.91 -3.02
N PRO A 105 -12.80 -51.84 -2.62
CA PRO A 105 -13.21 -52.44 -1.36
C PRO A 105 -13.22 -53.95 -1.35
N PRO A 106 -13.05 -54.57 -0.17
CA PRO A 106 -13.07 -56.03 -0.08
C PRO A 106 -14.55 -56.45 -0.18
N THR A 107 -14.81 -57.65 -0.69
CA THR A 107 -16.17 -58.14 -0.87
C THR A 107 -17.14 -57.93 0.31
N LYS A 108 -16.73 -58.27 1.52
CA LYS A 108 -17.62 -58.12 2.66
C LYS A 108 -18.06 -56.66 2.87
N LEU A 109 -17.13 -55.72 2.69
CA LEU A 109 -17.46 -54.32 2.90
C LEU A 109 -18.35 -53.71 1.82
N LEU A 110 -18.13 -54.07 0.56
CA LEU A 110 -18.97 -53.56 -0.50
C LEU A 110 -20.36 -54.17 -0.29
N VAL A 111 -20.39 -55.44 0.09
CA VAL A 111 -21.65 -56.14 0.34
C VAL A 111 -22.37 -55.38 1.44
N SER A 112 -21.61 -55.01 2.45
CA SER A 112 -22.12 -54.27 3.60
C SER A 112 -22.69 -52.91 3.17
N GLU A 113 -22.08 -52.30 2.17
CA GLU A 113 -22.54 -51.02 1.66
C GLU A 113 -23.88 -51.19 0.95
N VAL A 114 -23.96 -52.20 0.10
CA VAL A 114 -25.19 -52.50 -0.63
C VAL A 114 -26.31 -52.76 0.36
N ALA A 115 -26.01 -53.61 1.34
CA ALA A 115 -26.97 -53.97 2.39
C ALA A 115 -27.53 -52.73 3.06
N LYS A 116 -26.65 -51.77 3.35
CA LYS A 116 -27.09 -50.55 4.00
C LYS A 116 -28.09 -49.82 3.09
N ILE A 117 -27.78 -49.74 1.80
CA ILE A 117 -28.66 -49.08 0.85
C ILE A 117 -30.04 -49.72 0.87
N MET A 118 -30.06 -51.05 0.96
CA MET A 118 -31.33 -51.76 0.99
C MET A 118 -32.06 -51.60 2.31
N GLN A 119 -31.34 -51.62 3.42
CA GLN A 119 -31.97 -51.44 4.73
C GLN A 119 -32.69 -50.10 4.82
N GLU A 120 -32.11 -49.08 4.21
CA GLU A 120 -32.72 -47.76 4.25
C GLU A 120 -34.06 -47.68 3.52
N ALA A 121 -34.22 -48.47 2.46
CA ALA A 121 -35.47 -48.50 1.68
C ALA A 121 -36.54 -49.25 2.46
N THR A 122 -36.14 -49.67 3.65
CA THR A 122 -36.97 -50.44 4.57
C THR A 122 -37.43 -49.58 5.74
N GLN A 123 -36.83 -48.40 5.88
CA GLN A 123 -37.15 -47.53 7.00
C GLN A 123 -37.36 -46.06 6.62
N SER A 124 -36.62 -45.56 5.63
CA SER A 124 -36.75 -44.17 5.20
C SER A 124 -38.18 -43.82 4.80
N GLY A 125 -38.51 -42.54 4.84
CA GLY A 125 -39.85 -42.15 4.48
C GLY A 125 -40.16 -42.21 3.00
N GLY A 126 -41.40 -42.55 2.68
CA GLY A 126 -41.85 -42.57 1.29
C GLY A 126 -41.33 -43.59 0.28
N VAL A 127 -40.74 -44.68 0.74
CA VAL A 127 -40.23 -45.68 -0.19
C VAL A 127 -40.67 -47.08 0.16
N ARG A 128 -40.43 -48.01 -0.75
CA ARG A 128 -40.77 -49.41 -0.57
C ARG A 128 -39.45 -50.14 -0.64
N PRO A 129 -39.36 -51.32 -0.02
CA PRO A 129 -38.10 -52.06 -0.06
C PRO A 129 -37.75 -52.48 -1.50
N PHE A 130 -36.48 -52.80 -1.74
CA PHE A 130 -36.09 -53.26 -3.05
C PHE A 130 -36.62 -54.68 -3.21
N GLY A 131 -37.20 -54.96 -4.38
CA GLY A 131 -37.76 -56.28 -4.63
C GLY A 131 -36.73 -57.25 -5.19
N VAL A 132 -35.56 -57.35 -4.58
CA VAL A 132 -34.56 -58.27 -5.10
C VAL A 132 -33.68 -58.91 -4.03
N SER A 133 -33.00 -59.97 -4.43
CA SER A 133 -32.04 -60.65 -3.58
C SER A 133 -30.85 -60.75 -4.49
N LEU A 134 -29.68 -60.40 -3.98
CA LEU A 134 -28.48 -60.44 -4.79
C LEU A 134 -27.54 -61.50 -4.24
N LEU A 135 -26.68 -61.99 -5.11
CA LEU A 135 -25.65 -62.94 -4.75
C LEU A 135 -24.42 -62.24 -5.29
N ILE A 136 -23.52 -61.85 -4.39
CA ILE A 136 -22.30 -61.16 -4.79
C ILE A 136 -21.09 -62.05 -4.55
N ALA A 137 -20.26 -62.17 -5.58
CA ALA A 137 -19.06 -63.00 -5.50
C ALA A 137 -17.84 -62.13 -5.76
N GLY A 138 -16.81 -62.33 -4.95
CA GLY A 138 -15.60 -61.54 -5.15
C GLY A 138 -14.34 -62.10 -4.52
N HIS A 139 -13.27 -61.32 -4.64
CA HIS A 139 -11.99 -61.72 -4.09
C HIS A 139 -11.21 -60.49 -3.65
N ASP A 140 -10.44 -60.64 -2.58
CA ASP A 140 -9.61 -59.56 -2.10
C ASP A 140 -8.46 -60.22 -1.37
N GLU A 141 -7.29 -59.59 -1.44
CA GLU A 141 -6.08 -60.10 -0.84
C GLU A 141 -6.15 -60.73 0.55
N PHE A 142 -6.80 -60.07 1.49
CA PHE A 142 -6.83 -60.63 2.83
C PHE A 142 -8.01 -61.53 3.20
N ASN A 143 -8.92 -61.77 2.28
CA ASN A 143 -10.06 -62.62 2.59
C ASN A 143 -10.22 -63.76 1.59
N GLY A 144 -9.47 -63.70 0.49
CA GLY A 144 -9.57 -64.72 -0.53
C GLY A 144 -10.90 -64.61 -1.25
N PHE A 145 -11.45 -65.76 -1.62
CA PHE A 145 -12.73 -65.79 -2.33
C PHE A 145 -13.90 -65.84 -1.37
N SER A 146 -15.01 -65.23 -1.79
CA SER A 146 -16.21 -65.22 -0.97
C SER A 146 -17.47 -65.05 -1.81
N LEU A 147 -18.60 -65.43 -1.22
CA LEU A 147 -19.89 -65.36 -1.86
C LEU A 147 -20.91 -64.91 -0.82
N TYR A 148 -21.72 -63.91 -1.16
CA TYR A 148 -22.69 -63.39 -0.20
C TYR A 148 -24.08 -63.29 -0.81
N GLN A 149 -25.08 -63.26 0.06
CA GLN A 149 -26.47 -63.12 -0.35
C GLN A 149 -26.97 -61.91 0.41
N VAL A 150 -27.74 -61.05 -0.25
CA VAL A 150 -28.29 -59.86 0.38
C VAL A 150 -29.78 -59.83 0.05
N ASP A 151 -30.62 -59.84 1.10
CA ASP A 151 -32.07 -59.83 0.92
C ASP A 151 -32.67 -58.46 1.13
N PRO A 152 -33.93 -58.25 0.70
CA PRO A 152 -34.64 -56.98 0.84
C PRO A 152 -34.55 -56.31 2.22
N SER A 153 -34.44 -57.10 3.27
CA SER A 153 -34.35 -56.55 4.61
C SER A 153 -33.04 -55.82 4.79
N GLY A 154 -32.05 -56.23 3.99
CA GLY A 154 -30.74 -55.62 4.09
C GLY A 154 -29.78 -56.62 4.72
N SER A 155 -30.32 -57.76 5.14
CA SER A 155 -29.50 -58.80 5.76
C SER A 155 -28.65 -59.48 4.71
N TYR A 156 -27.48 -59.95 5.11
CA TYR A 156 -26.61 -60.64 4.18
C TYR A 156 -25.87 -61.74 4.94
N PHE A 157 -25.52 -62.80 4.24
CA PHE A 157 -24.82 -63.92 4.85
C PHE A 157 -23.89 -64.61 3.85
N PRO A 158 -22.76 -65.13 4.34
CA PRO A 158 -21.78 -65.82 3.49
C PRO A 158 -22.23 -67.25 3.20
N TRP A 159 -21.97 -67.69 1.96
CA TRP A 159 -22.34 -69.04 1.53
C TRP A 159 -21.19 -69.76 0.86
N LYS A 160 -21.27 -71.09 0.84
CA LYS A 160 -20.26 -71.89 0.17
C LYS A 160 -20.88 -72.06 -1.22
N ALA A 161 -22.20 -72.17 -1.21
CA ALA A 161 -23.00 -72.32 -2.42
C ALA A 161 -24.45 -72.11 -2.03
N THR A 162 -25.24 -71.56 -2.93
CA THR A 162 -26.66 -71.35 -2.64
C THR A 162 -27.40 -70.89 -3.88
N ALA A 163 -28.73 -70.86 -3.81
CA ALA A 163 -29.53 -70.42 -4.93
C ALA A 163 -30.67 -69.58 -4.41
N ILE A 164 -31.21 -68.73 -5.28
CA ILE A 164 -32.32 -67.87 -4.93
C ILE A 164 -33.31 -67.86 -6.09
N GLY A 165 -34.55 -67.47 -5.80
CA GLY A 165 -35.56 -67.41 -6.84
C GLY A 165 -36.48 -68.62 -6.93
N LYS A 166 -37.15 -68.73 -8.08
CA LYS A 166 -38.10 -69.80 -8.39
C LYS A 166 -37.83 -71.17 -7.77
N GLY A 167 -36.82 -71.87 -8.25
CA GLY A 167 -36.55 -73.20 -7.73
C GLY A 167 -35.38 -73.24 -6.77
N SER A 168 -35.32 -72.26 -5.88
CA SER A 168 -34.22 -72.19 -4.93
C SER A 168 -34.17 -73.39 -4.00
N VAL A 169 -35.34 -73.83 -3.52
CA VAL A 169 -35.39 -74.96 -2.61
C VAL A 169 -34.81 -76.24 -3.23
N ALA A 170 -35.24 -76.55 -4.45
CA ALA A 170 -34.76 -77.73 -5.16
C ALA A 170 -33.26 -77.60 -5.44
N ALA A 171 -32.87 -76.46 -6.01
CA ALA A 171 -31.48 -76.19 -6.35
C ALA A 171 -30.55 -76.22 -5.13
N LYS A 172 -30.99 -75.61 -4.03
CA LYS A 172 -30.17 -75.61 -2.83
C LYS A 172 -29.91 -77.05 -2.40
N THR A 173 -30.93 -77.88 -2.51
CA THR A 173 -30.80 -79.28 -2.14
C THR A 173 -29.81 -79.98 -3.04
N PHE A 174 -29.93 -79.76 -4.35
CA PHE A 174 -29.00 -80.40 -5.27
C PHE A 174 -27.57 -79.96 -5.02
N LEU A 175 -27.40 -78.71 -4.59
CA LEU A 175 -26.06 -78.19 -4.33
C LEU A 175 -25.43 -78.84 -3.10
N GLU A 176 -26.23 -79.04 -2.06
CA GLU A 176 -25.74 -79.65 -0.83
C GLU A 176 -25.17 -81.04 -1.09
N LYS A 177 -25.65 -81.69 -2.14
CA LYS A 177 -25.18 -83.03 -2.47
C LYS A 177 -23.83 -83.07 -3.16
N ARG A 178 -23.60 -82.12 -4.07
CA ARG A 178 -22.37 -82.10 -4.84
C ARG A 178 -21.24 -81.22 -4.30
N TRP A 179 -21.51 -80.35 -3.34
CA TRP A 179 -20.47 -79.47 -2.82
C TRP A 179 -19.55 -80.06 -1.75
N ASN A 180 -18.26 -79.77 -1.89
CA ASN A 180 -17.23 -80.21 -0.96
C ASN A 180 -16.21 -79.09 -0.92
N ASP A 181 -15.35 -79.08 0.09
CA ASP A 181 -14.34 -78.04 0.21
C ASP A 181 -13.08 -78.28 -0.61
N GLU A 182 -13.17 -79.10 -1.64
CA GLU A 182 -12.01 -79.38 -2.49
C GLU A 182 -12.30 -79.16 -3.96
N LEU A 183 -13.43 -78.53 -4.26
CA LEU A 183 -13.82 -78.23 -5.63
C LEU A 183 -12.88 -77.24 -6.28
N GLU A 184 -12.54 -77.50 -7.54
CA GLU A 184 -11.68 -76.62 -8.30
C GLU A 184 -12.70 -75.74 -9.07
N LEU A 185 -12.27 -74.59 -9.60
CA LEU A 185 -13.20 -73.71 -10.29
C LEU A 185 -14.00 -74.38 -11.39
N GLU A 186 -13.34 -75.17 -12.23
CA GLU A 186 -14.03 -75.88 -13.32
C GLU A 186 -15.12 -76.81 -12.79
N ASP A 187 -14.85 -77.45 -11.66
CA ASP A 187 -15.81 -78.35 -11.03
C ASP A 187 -17.06 -77.57 -10.64
N ALA A 188 -16.87 -76.41 -10.02
CA ALA A 188 -17.99 -75.58 -9.60
C ALA A 188 -18.78 -75.15 -10.82
N ILE A 189 -18.09 -74.78 -11.90
CA ILE A 189 -18.76 -74.35 -13.12
C ILE A 189 -19.62 -75.51 -13.62
N HIS A 190 -19.07 -76.71 -13.56
CA HIS A 190 -19.80 -77.89 -13.99
C HIS A 190 -21.05 -78.03 -13.12
N ILE A 191 -20.85 -78.14 -11.82
CA ILE A 191 -21.97 -78.29 -10.89
C ILE A 191 -23.01 -77.20 -11.11
N ALA A 192 -22.54 -76.00 -11.39
CA ALA A 192 -23.42 -74.86 -11.61
C ALA A 192 -24.32 -75.10 -12.83
N LEU A 193 -23.71 -75.56 -13.91
CA LEU A 193 -24.46 -75.82 -15.14
C LEU A 193 -25.53 -76.89 -14.92
N LEU A 194 -25.18 -77.93 -14.18
CA LEU A 194 -26.11 -79.01 -13.90
C LEU A 194 -27.27 -78.47 -13.09
N THR A 195 -26.96 -77.74 -12.02
CA THR A 195 -27.99 -77.17 -11.15
C THR A 195 -28.95 -76.29 -11.92
N LEU A 196 -28.39 -75.48 -12.80
CA LEU A 196 -29.19 -74.55 -13.58
C LEU A 196 -30.10 -75.25 -14.58
N LYS A 197 -29.67 -76.42 -15.07
CA LYS A 197 -30.48 -77.15 -16.03
C LYS A 197 -31.84 -77.54 -15.45
N GLU A 198 -31.84 -78.03 -14.22
CA GLU A 198 -33.09 -78.43 -13.57
C GLU A 198 -34.09 -77.28 -13.44
N SER A 199 -33.59 -76.05 -13.50
CA SER A 199 -34.45 -74.88 -13.36
C SER A 199 -34.88 -74.30 -14.70
N VAL A 200 -34.27 -74.75 -15.79
CA VAL A 200 -34.62 -74.24 -17.11
C VAL A 200 -35.63 -75.13 -17.83
N GLU A 201 -36.71 -74.50 -18.31
CA GLU A 201 -37.78 -75.21 -19.00
C GLU A 201 -37.46 -75.48 -20.47
N GLY A 202 -37.05 -74.44 -21.19
CA GLY A 202 -36.76 -74.59 -22.61
C GLY A 202 -35.31 -74.79 -23.00
N GLU A 203 -34.87 -74.02 -23.99
CA GLU A 203 -33.50 -74.10 -24.49
C GLU A 203 -32.47 -73.86 -23.41
N PHE A 204 -31.40 -74.65 -23.43
CA PHE A 204 -30.34 -74.54 -22.43
C PHE A 204 -28.99 -74.51 -23.12
N ASN A 205 -28.54 -73.33 -23.50
CA ASN A 205 -27.27 -73.16 -24.18
C ASN A 205 -26.61 -71.84 -23.79
N GLY A 206 -25.43 -71.58 -24.33
CA GLY A 206 -24.70 -70.37 -24.03
C GLY A 206 -25.35 -69.04 -24.40
N ASP A 207 -26.58 -69.09 -24.94
CA ASP A 207 -27.27 -67.86 -25.32
C ASP A 207 -28.49 -67.64 -24.43
N THR A 208 -28.82 -68.65 -23.64
CA THR A 208 -29.96 -68.60 -22.74
C THR A 208 -29.48 -68.58 -21.30
N ILE A 209 -28.20 -68.85 -21.11
CA ILE A 209 -27.58 -68.85 -19.79
C ILE A 209 -26.55 -67.72 -19.70
N GLU A 210 -26.41 -67.15 -18.51
CA GLU A 210 -25.45 -66.08 -18.27
C GLU A 210 -24.60 -66.57 -17.08
N LEU A 211 -23.29 -66.59 -17.25
CA LEU A 211 -22.44 -67.09 -16.19
C LEU A 211 -21.09 -66.36 -16.12
N ALA A 212 -20.69 -66.00 -14.91
CA ALA A 212 -19.42 -65.31 -14.68
C ALA A 212 -18.66 -65.95 -13.53
N ILE A 213 -17.38 -65.66 -13.43
CA ILE A 213 -16.56 -66.22 -12.38
C ILE A 213 -15.60 -65.20 -11.78
N ILE A 214 -15.20 -65.45 -10.55
CA ILE A 214 -14.20 -64.62 -9.90
C ILE A 214 -13.08 -65.64 -9.79
N GLY A 215 -11.98 -65.43 -10.51
CA GLY A 215 -10.88 -66.39 -10.46
C GLY A 215 -9.50 -65.76 -10.48
N ASP A 216 -8.63 -66.27 -11.35
CA ASP A 216 -7.29 -65.73 -11.46
C ASP A 216 -7.35 -64.35 -12.10
N GLU A 217 -6.21 -63.67 -12.10
CA GLU A 217 -6.12 -62.35 -12.71
C GLU A 217 -5.99 -62.51 -14.23
N ASN A 218 -6.71 -61.67 -14.98
CA ASN A 218 -6.70 -61.70 -16.43
C ASN A 218 -5.89 -60.51 -16.97
N PRO A 219 -4.55 -60.65 -16.99
CA PRO A 219 -3.69 -59.55 -17.47
C PRO A 219 -4.06 -59.11 -18.88
N ASP A 220 -4.61 -60.03 -19.65
CA ASP A 220 -5.02 -59.76 -21.03
C ASP A 220 -6.24 -58.82 -21.06
N LEU A 221 -6.90 -58.66 -19.92
CA LEU A 221 -8.08 -57.81 -19.83
C LEU A 221 -7.79 -56.50 -19.10
N LEU A 222 -6.51 -56.19 -18.90
CA LEU A 222 -6.14 -54.96 -18.21
C LEU A 222 -6.22 -53.74 -19.10
N GLY A 223 -5.78 -53.89 -20.35
CA GLY A 223 -5.81 -52.77 -21.28
C GLY A 223 -4.50 -52.02 -21.41
N TYR A 224 -3.54 -52.35 -20.55
CA TYR A 224 -2.24 -51.71 -20.58
C TYR A 224 -1.22 -52.56 -19.85
N THR A 225 0.05 -52.23 -20.04
CA THR A 225 1.13 -52.94 -19.40
C THR A 225 2.15 -51.91 -18.92
N GLY A 226 3.08 -52.33 -18.08
CA GLY A 226 4.09 -51.40 -17.58
C GLY A 226 4.12 -51.24 -16.07
N ILE A 227 3.10 -51.74 -15.38
CA ILE A 227 3.04 -51.62 -13.94
C ILE A 227 2.90 -53.00 -13.31
N PRO A 228 4.03 -53.61 -12.91
CA PRO A 228 4.11 -54.94 -12.31
C PRO A 228 3.00 -55.32 -11.32
N THR A 229 2.65 -54.42 -10.42
CA THR A 229 1.62 -54.72 -9.43
C THR A 229 0.20 -54.80 -9.98
N ASP A 230 -0.01 -54.32 -11.20
CA ASP A 230 -1.32 -54.37 -11.84
C ASP A 230 -1.38 -55.59 -12.75
N LYS A 231 -2.08 -56.64 -12.33
CA LYS A 231 -2.17 -57.86 -13.13
C LYS A 231 -3.48 -58.11 -13.87
N GLY A 232 -4.51 -57.30 -13.61
CA GLY A 232 -5.76 -57.49 -14.31
C GLY A 232 -6.92 -57.90 -13.41
N PRO A 233 -8.16 -57.83 -13.92
CA PRO A 233 -9.37 -58.19 -13.18
C PRO A 233 -9.53 -59.70 -12.94
N ARG A 234 -10.16 -60.07 -11.83
CA ARG A 234 -10.36 -61.48 -11.52
C ARG A 234 -11.76 -61.89 -12.00
N PHE A 235 -12.61 -60.89 -12.19
CA PHE A 235 -13.97 -61.09 -12.64
C PHE A 235 -13.95 -61.30 -14.15
N ARG A 236 -14.68 -62.31 -14.61
CA ARG A 236 -14.77 -62.57 -16.03
C ARG A 236 -16.08 -63.25 -16.36
N LYS A 237 -16.80 -62.68 -17.31
CA LYS A 237 -18.06 -63.22 -17.77
C LYS A 237 -17.68 -64.24 -18.84
N LEU A 238 -18.33 -65.40 -18.84
CA LEU A 238 -18.00 -66.40 -19.85
C LEU A 238 -18.71 -66.04 -21.14
N THR A 239 -18.16 -66.50 -22.26
CA THR A 239 -18.76 -66.24 -23.56
C THR A 239 -19.72 -67.35 -23.93
N SER A 240 -20.66 -67.03 -24.81
CA SER A 240 -21.63 -68.00 -25.28
C SER A 240 -20.90 -69.29 -25.65
N GLN A 241 -19.88 -69.15 -26.49
CA GLN A 241 -19.09 -70.28 -26.94
C GLN A 241 -18.47 -71.05 -25.78
N GLU A 242 -17.86 -70.34 -24.83
CA GLU A 242 -17.22 -70.99 -23.68
C GLU A 242 -18.19 -71.85 -22.88
N ILE A 243 -19.46 -71.43 -22.85
CA ILE A 243 -20.46 -72.16 -22.11
C ILE A 243 -20.80 -73.45 -22.83
N ASN A 244 -21.08 -73.35 -24.14
CA ASN A 244 -21.41 -74.51 -24.94
C ASN A 244 -20.33 -75.59 -24.90
N ASP A 245 -19.08 -75.17 -24.88
CA ASP A 245 -17.98 -76.13 -24.83
C ASP A 245 -18.11 -76.97 -23.57
N ARG A 246 -18.55 -76.35 -22.49
CA ARG A 246 -18.69 -77.06 -21.23
C ARG A 246 -19.99 -77.84 -21.14
N LEU A 247 -20.98 -77.46 -21.94
CA LEU A 247 -22.28 -78.14 -21.92
C LEU A 247 -22.19 -79.51 -22.59
N GLU A 248 -21.20 -79.68 -23.46
CA GLU A 248 -21.01 -80.96 -24.14
C GLU A 248 -20.48 -82.01 -23.18
N ALA A 249 -19.73 -81.56 -22.17
CA ALA A 249 -19.19 -82.46 -21.16
C ALA A 249 -20.16 -82.49 -19.97
N LEU A 250 -21.42 -82.18 -20.25
CA LEU A 250 -22.46 -82.15 -19.22
C LEU A 250 -22.84 -83.57 -18.81
N GLY B 1 -54.45 -36.00 -0.17
CA GLY B 1 -53.04 -35.81 0.26
C GLY B 1 -52.34 -37.11 0.64
N SER B 2 -51.22 -36.99 1.35
CA SER B 2 -50.44 -38.15 1.80
C SER B 2 -50.93 -38.71 3.13
N ARG B 3 -51.43 -37.81 3.99
CA ARG B 3 -51.92 -38.17 5.32
C ARG B 3 -52.61 -39.54 5.32
N ARG B 4 -53.39 -39.77 4.27
CA ARG B 4 -54.14 -41.00 4.09
C ARG B 4 -53.33 -42.27 4.32
N TYR B 5 -52.06 -42.27 3.89
CA TYR B 5 -51.21 -43.45 4.00
C TYR B 5 -50.23 -43.47 5.18
N ASP B 6 -50.36 -42.51 6.10
CA ASP B 6 -49.47 -42.43 7.25
C ASP B 6 -49.89 -43.36 8.40
N SER B 7 -49.05 -44.35 8.70
CA SER B 7 -49.33 -45.31 9.76
C SER B 7 -49.24 -44.69 11.15
N ARG B 8 -48.52 -43.57 11.27
CA ARG B 8 -48.36 -42.89 12.56
C ARG B 8 -47.63 -43.81 13.55
N THR B 9 -46.36 -44.04 13.25
CA THR B 9 -45.52 -44.91 14.06
C THR B 9 -45.17 -44.39 15.43
N THR B 10 -45.51 -43.14 15.74
CA THR B 10 -45.13 -42.63 17.04
C THR B 10 -46.26 -42.13 17.93
N ILE B 11 -47.37 -42.86 17.99
CA ILE B 11 -48.45 -42.40 18.85
C ILE B 11 -48.72 -43.35 20.01
N PHE B 12 -49.51 -42.88 20.98
CA PHE B 12 -49.86 -43.66 22.14
C PHE B 12 -51.16 -44.43 21.91
N SER B 13 -51.28 -45.58 22.55
CA SER B 13 -52.51 -46.36 22.46
C SER B 13 -53.36 -45.77 23.58
N PRO B 14 -54.66 -46.12 23.64
CA PRO B 14 -55.46 -45.53 24.71
C PRO B 14 -54.92 -45.94 26.10
N GLU B 15 -54.15 -47.02 26.14
CA GLU B 15 -53.56 -47.51 27.38
C GLU B 15 -52.22 -46.84 27.68
N GLY B 16 -51.77 -45.97 26.77
CA GLY B 16 -50.49 -45.30 26.97
C GLY B 16 -49.30 -46.17 26.63
N ARG B 17 -49.43 -46.96 25.58
CA ARG B 17 -48.33 -47.81 25.14
C ARG B 17 -47.99 -47.38 23.73
N LEU B 18 -46.78 -47.70 23.29
CA LEU B 18 -46.35 -47.34 21.95
C LEU B 18 -46.48 -48.53 21.03
N TYR B 19 -47.53 -48.52 20.21
CA TYR B 19 -47.79 -49.60 19.27
C TYR B 19 -46.51 -50.19 18.66
N GLN B 20 -45.86 -49.40 17.81
CA GLN B 20 -44.64 -49.83 17.14
C GLN B 20 -43.57 -50.46 18.03
N VAL B 21 -43.33 -49.89 19.20
CA VAL B 21 -42.33 -50.46 20.10
C VAL B 21 -42.77 -51.86 20.50
N GLU B 22 -44.04 -51.96 20.89
CA GLU B 22 -44.63 -53.24 21.31
C GLU B 22 -44.54 -54.29 20.21
N TYR B 23 -44.87 -53.89 18.99
CA TYR B 23 -44.82 -54.83 17.87
C TYR B 23 -43.39 -55.18 17.51
N ALA B 24 -42.47 -54.23 17.66
CA ALA B 24 -41.07 -54.51 17.38
C ALA B 24 -40.54 -55.52 18.40
N LEU B 25 -40.93 -55.36 19.66
CA LEU B 25 -40.51 -56.28 20.72
C LEU B 25 -41.03 -57.66 20.39
N GLU B 26 -42.26 -57.72 19.86
CA GLU B 26 -42.87 -58.98 19.46
C GLU B 26 -42.00 -59.62 18.39
N SER B 27 -41.50 -58.80 17.48
CA SER B 27 -40.64 -59.27 16.41
C SER B 27 -39.36 -59.86 17.00
N ILE B 28 -38.79 -59.18 17.98
CA ILE B 28 -37.55 -59.61 18.63
C ILE B 28 -37.67 -60.97 19.33
N SER B 29 -38.86 -61.29 19.83
CA SER B 29 -39.09 -62.53 20.55
C SER B 29 -38.99 -63.77 19.69
N HIS B 30 -38.86 -63.60 18.37
CA HIS B 30 -38.75 -64.74 17.47
C HIS B 30 -37.30 -64.84 16.98
N ALA B 31 -36.46 -63.97 17.51
CA ALA B 31 -35.05 -63.94 17.13
C ALA B 31 -34.25 -64.92 17.97
N GLY B 32 -33.18 -65.44 17.40
CA GLY B 32 -32.34 -66.37 18.14
C GLY B 32 -32.05 -65.78 19.50
N THR B 33 -32.00 -66.63 20.51
CA THR B 33 -31.73 -66.18 21.87
C THR B 33 -30.28 -65.79 22.09
N ALA B 34 -30.07 -64.74 22.87
CA ALA B 34 -28.73 -64.27 23.20
C ALA B 34 -28.66 -64.13 24.73
N ILE B 35 -27.55 -64.59 25.31
CA ILE B 35 -27.36 -64.55 26.75
C ILE B 35 -26.14 -63.71 27.14
N GLY B 36 -26.25 -63.04 28.28
CA GLY B 36 -25.17 -62.24 28.81
C GLY B 36 -24.99 -62.57 30.29
N ILE B 37 -23.81 -63.07 30.67
CA ILE B 37 -23.56 -63.38 32.07
C ILE B 37 -22.29 -62.73 32.58
N MET B 38 -22.42 -61.93 33.63
CA MET B 38 -21.29 -61.25 34.21
C MET B 38 -20.69 -61.95 35.44
N ALA B 39 -19.40 -62.27 35.34
CA ALA B 39 -18.67 -62.94 36.41
C ALA B 39 -17.79 -61.95 37.15
N SER B 40 -17.04 -62.43 38.13
CA SER B 40 -16.16 -61.57 38.90
C SER B 40 -14.91 -61.25 38.09
N ASP B 41 -14.48 -62.21 37.27
CA ASP B 41 -13.29 -62.04 36.45
C ASP B 41 -13.56 -61.96 34.94
N GLY B 42 -14.76 -61.53 34.56
CA GLY B 42 -15.07 -61.43 33.14
C GLY B 42 -16.54 -61.40 32.76
N ILE B 43 -16.83 -61.39 31.46
CA ILE B 43 -18.20 -61.38 30.97
C ILE B 43 -18.33 -62.38 29.84
N VAL B 44 -19.48 -63.03 29.77
CA VAL B 44 -19.74 -64.02 28.74
C VAL B 44 -20.96 -63.65 27.91
N LEU B 45 -20.78 -63.68 26.59
CA LEU B 45 -21.86 -63.39 25.64
C LEU B 45 -22.00 -64.62 24.76
N ALA B 46 -23.21 -65.15 24.69
CA ALA B 46 -23.48 -66.33 23.87
C ALA B 46 -24.78 -66.12 23.13
N ALA B 47 -24.84 -66.58 21.89
CA ALA B 47 -26.06 -66.42 21.10
C ALA B 47 -26.32 -67.64 20.21
N GLU B 48 -27.60 -67.88 19.92
CA GLU B 48 -28.00 -68.99 19.08
C GLU B 48 -28.32 -68.47 17.69
N ARG B 49 -27.64 -69.02 16.69
CA ARG B 49 -27.85 -68.63 15.30
C ARG B 49 -29.21 -69.13 14.83
N LYS B 50 -30.08 -68.19 14.45
CA LYS B 50 -31.39 -68.57 13.96
C LYS B 50 -31.21 -69.01 12.52
N VAL B 51 -31.84 -70.12 12.15
CA VAL B 51 -31.76 -70.68 10.80
C VAL B 51 -30.33 -70.93 10.32
N THR B 52 -30.10 -72.13 9.80
CA THR B 52 -28.79 -72.50 9.30
C THR B 52 -28.91 -73.57 8.22
N SER B 53 -27.85 -73.72 7.44
CA SER B 53 -27.82 -74.70 6.36
C SER B 53 -26.45 -75.38 6.35
N THR B 54 -26.34 -76.46 5.58
CA THR B 54 -25.08 -77.17 5.48
C THR B 54 -24.13 -76.28 4.70
N LEU B 55 -24.69 -75.53 3.76
CA LEU B 55 -23.92 -74.64 2.89
C LEU B 55 -23.57 -73.28 3.46
N LEU B 56 -24.23 -72.88 4.54
CA LEU B 56 -23.92 -71.60 5.17
C LEU B 56 -22.45 -71.64 5.60
N GLU B 57 -21.72 -70.59 5.26
CA GLU B 57 -20.31 -70.48 5.61
C GLU B 57 -20.27 -69.95 7.04
N GLN B 58 -19.83 -70.75 8.00
CA GLN B 58 -19.82 -70.28 9.38
C GLN B 58 -18.54 -69.57 9.79
N ASP B 59 -17.42 -69.94 9.17
CA ASP B 59 -16.14 -69.32 9.49
C ASP B 59 -16.15 -67.82 9.20
N THR B 60 -16.83 -67.44 8.13
CA THR B 60 -16.92 -66.05 7.69
C THR B 60 -18.19 -65.36 8.19
N SER B 61 -18.98 -66.05 9.00
CA SER B 61 -20.23 -65.49 9.49
C SER B 61 -20.16 -64.84 10.88
N THR B 62 -21.07 -63.88 11.07
CA THR B 62 -21.23 -63.12 12.30
C THR B 62 -22.58 -62.43 12.15
N GLU B 63 -23.56 -62.86 12.93
CA GLU B 63 -24.89 -62.29 12.83
C GLU B 63 -25.40 -61.89 14.21
N LYS B 64 -24.60 -62.13 15.25
CA LYS B 64 -25.08 -61.80 16.57
C LYS B 64 -24.07 -61.13 17.50
N LEU B 65 -22.78 -61.38 17.31
CA LEU B 65 -21.77 -60.78 18.17
C LEU B 65 -20.92 -59.76 17.41
N TYR B 66 -20.98 -58.51 17.86
CA TYR B 66 -20.23 -57.44 17.22
C TYR B 66 -19.34 -56.67 18.17
N LYS B 67 -18.17 -56.30 17.68
CA LYS B 67 -17.22 -55.53 18.48
C LYS B 67 -17.50 -54.05 18.24
N LEU B 68 -17.69 -53.31 19.31
CA LEU B 68 -17.96 -51.88 19.19
C LEU B 68 -16.68 -51.11 19.48
N ASN B 69 -15.97 -51.61 20.48
CA ASN B 69 -14.76 -50.99 20.98
C ASN B 69 -13.82 -52.13 21.32
N ASP B 70 -12.62 -51.82 21.79
CA ASP B 70 -11.72 -52.89 22.19
C ASP B 70 -12.10 -53.33 23.60
N LYS B 71 -13.07 -52.64 24.18
CA LYS B 71 -13.51 -52.93 25.54
C LYS B 71 -15.02 -53.13 25.64
N ILE B 72 -15.69 -53.08 24.50
CA ILE B 72 -17.15 -53.23 24.49
C ILE B 72 -17.62 -54.02 23.28
N ALA B 73 -18.56 -54.94 23.52
CA ALA B 73 -19.14 -55.74 22.46
C ALA B 73 -20.63 -55.84 22.73
N VAL B 74 -21.40 -56.23 21.71
CA VAL B 74 -22.85 -56.39 21.90
C VAL B 74 -23.32 -57.67 21.30
N ALA B 75 -24.41 -58.20 21.85
CA ALA B 75 -25.03 -59.41 21.34
C ALA B 75 -26.36 -58.88 20.75
N VAL B 76 -26.67 -59.28 19.52
CA VAL B 76 -27.87 -58.80 18.84
C VAL B 76 -29.04 -59.77 18.77
N ALA B 77 -30.24 -59.23 18.91
CA ALA B 77 -31.47 -60.00 18.81
C ALA B 77 -32.48 -59.15 18.05
N GLY B 78 -32.72 -59.49 16.79
CA GLY B 78 -33.67 -58.73 15.98
C GLY B 78 -33.20 -58.66 14.54
N LEU B 79 -33.56 -57.59 13.84
CA LEU B 79 -33.16 -57.40 12.43
C LEU B 79 -31.68 -57.09 12.33
N THR B 80 -30.93 -57.99 11.73
CA THR B 80 -29.49 -57.79 11.60
C THR B 80 -29.16 -56.46 10.92
N ALA B 81 -29.77 -56.20 9.77
CA ALA B 81 -29.54 -54.96 9.04
C ALA B 81 -29.78 -53.71 9.91
N ASP B 82 -30.82 -53.74 10.73
CA ASP B 82 -31.11 -52.62 11.63
C ASP B 82 -30.00 -52.51 12.66
N ALA B 83 -29.57 -53.65 13.18
CA ALA B 83 -28.51 -53.67 14.17
C ALA B 83 -27.23 -53.06 13.60
N GLU B 84 -26.87 -53.45 12.38
CA GLU B 84 -25.68 -52.92 11.76
C GLU B 84 -25.72 -51.41 11.65
N ILE B 85 -26.88 -50.83 11.33
CA ILE B 85 -26.96 -49.37 11.23
C ILE B 85 -26.58 -48.76 12.58
N LEU B 86 -27.19 -49.27 13.65
CA LEU B 86 -26.93 -48.77 15.00
C LEU B 86 -25.52 -49.05 15.49
N ILE B 87 -25.00 -50.23 15.16
CA ILE B 87 -23.65 -50.59 15.57
C ILE B 87 -22.62 -49.62 15.00
N ASN B 88 -22.76 -49.29 13.72
CA ASN B 88 -21.81 -48.36 13.10
C ASN B 88 -21.82 -47.00 13.79
N THR B 89 -23.01 -46.47 14.08
CA THR B 89 -23.04 -45.15 14.73
C THR B 89 -22.47 -45.30 16.13
N ALA B 90 -22.69 -46.45 16.77
CA ALA B 90 -22.14 -46.67 18.11
C ALA B 90 -20.60 -46.64 18.03
N ARG B 91 -20.06 -47.24 16.98
CA ARG B 91 -18.62 -47.25 16.82
C ARG B 91 -18.06 -45.84 16.62
N ILE B 92 -18.75 -45.02 15.84
CA ILE B 92 -18.32 -43.63 15.60
C ILE B 92 -18.37 -42.84 16.90
N HIS B 93 -19.44 -43.00 17.67
CA HIS B 93 -19.55 -42.25 18.93
C HIS B 93 -18.39 -42.59 19.88
N ALA B 94 -18.00 -43.86 19.92
CA ALA B 94 -16.92 -44.28 20.78
C ALA B 94 -15.63 -43.54 20.41
N GLN B 95 -15.36 -43.45 19.10
CA GLN B 95 -14.17 -42.77 18.61
C GLN B 95 -14.23 -41.26 18.84
N ASN B 96 -15.42 -40.67 18.72
CA ASN B 96 -15.52 -39.24 18.93
C ASN B 96 -15.12 -38.93 20.36
N TYR B 97 -15.59 -39.77 21.27
CA TYR B 97 -15.31 -39.63 22.68
C TYR B 97 -13.81 -39.74 22.89
N LEU B 98 -13.22 -40.78 22.31
CA LEU B 98 -11.79 -41.01 22.45
C LEU B 98 -11.00 -39.80 21.98
N LYS B 99 -11.31 -39.31 20.78
CA LYS B 99 -10.60 -38.15 20.23
C LYS B 99 -10.78 -36.89 21.06
N THR B 100 -11.93 -36.75 21.69
CA THR B 100 -12.19 -35.57 22.50
C THR B 100 -11.50 -35.58 23.87
N TYR B 101 -11.59 -36.69 24.58
CA TYR B 101 -11.01 -36.78 25.91
C TYR B 101 -9.75 -37.61 26.02
N ASN B 102 -9.40 -38.32 24.96
CA ASN B 102 -8.23 -39.17 24.99
C ASN B 102 -8.33 -40.22 26.09
N GLU B 103 -9.52 -40.81 26.16
CA GLU B 103 -9.85 -41.86 27.10
C GLU B 103 -10.96 -42.69 26.44
N ASP B 104 -10.94 -44.00 26.65
CA ASP B 104 -11.95 -44.88 26.06
C ASP B 104 -13.27 -44.52 26.69
N ILE B 105 -14.34 -44.57 25.90
CA ILE B 105 -15.66 -44.19 26.41
C ILE B 105 -16.22 -45.10 27.49
N PRO B 106 -16.66 -44.52 28.62
CA PRO B 106 -17.24 -45.31 29.72
C PRO B 106 -18.41 -46.11 29.14
N VAL B 107 -18.53 -47.37 29.55
CA VAL B 107 -19.59 -48.22 29.01
C VAL B 107 -21.00 -47.65 29.04
N GLU B 108 -21.42 -47.05 30.16
CA GLU B 108 -22.77 -46.52 30.19
C GLU B 108 -23.00 -45.38 29.22
N ILE B 109 -22.04 -44.48 29.10
CA ILE B 109 -22.19 -43.34 28.20
C ILE B 109 -22.50 -43.82 26.78
N LEU B 110 -21.82 -44.87 26.33
CA LEU B 110 -22.05 -45.38 24.99
C LEU B 110 -23.46 -46.00 24.89
N VAL B 111 -23.84 -46.77 25.91
CA VAL B 111 -25.17 -47.39 25.93
C VAL B 111 -26.30 -46.35 25.96
N ARG B 112 -26.16 -45.32 26.81
CA ARG B 112 -27.18 -44.30 26.90
C ARG B 112 -27.34 -43.57 25.55
N ARG B 113 -26.23 -43.37 24.85
CA ARG B 113 -26.27 -42.68 23.57
C ARG B 113 -27.04 -43.51 22.54
N LEU B 114 -26.70 -44.79 22.43
CA LEU B 114 -27.38 -45.67 21.49
C LEU B 114 -28.87 -45.76 21.83
N SER B 115 -29.18 -45.85 23.12
CA SER B 115 -30.57 -45.93 23.56
C SER B 115 -31.33 -44.63 23.29
N ASP B 116 -30.63 -43.51 23.38
CA ASP B 116 -31.24 -42.22 23.13
C ASP B 116 -31.60 -42.12 21.66
N ILE B 117 -30.77 -42.69 20.80
CA ILE B 117 -31.02 -42.67 19.37
C ILE B 117 -32.29 -43.46 19.11
N LYS B 118 -32.41 -44.61 19.77
CA LYS B 118 -33.59 -45.45 19.63
C LYS B 118 -34.83 -44.70 20.12
N GLN B 119 -34.72 -44.06 21.29
CA GLN B 119 -35.84 -43.33 21.87
C GLN B 119 -36.35 -42.30 20.88
N GLY B 120 -35.46 -41.72 20.09
CA GLY B 120 -35.87 -40.73 19.12
C GLY B 120 -36.90 -41.23 18.13
N TYR B 121 -36.66 -42.39 17.53
CA TYR B 121 -37.57 -42.97 16.56
C TYR B 121 -38.93 -43.25 17.19
N THR B 122 -38.98 -43.09 18.50
CA THR B 122 -40.17 -43.31 19.29
C THR B 122 -41.05 -42.08 19.52
N GLN B 123 -40.45 -40.89 19.40
CA GLN B 123 -41.19 -39.67 19.67
C GLN B 123 -41.40 -38.71 18.50
N HIS B 124 -40.60 -38.85 17.45
CA HIS B 124 -40.72 -37.95 16.32
C HIS B 124 -40.13 -38.56 15.05
N GLY B 125 -40.47 -37.98 13.91
CA GLY B 125 -39.93 -38.45 12.65
C GLY B 125 -40.83 -39.30 11.79
N GLY B 126 -41.83 -39.92 12.38
CA GLY B 126 -42.75 -40.75 11.62
C GLY B 126 -42.16 -42.01 10.99
N LEU B 127 -41.05 -42.52 11.54
CA LEU B 127 -40.42 -43.71 11.00
C LEU B 127 -40.54 -44.92 11.92
N ARG B 128 -40.47 -46.12 11.36
CA ARG B 128 -40.57 -47.32 12.17
C ARG B 128 -39.33 -47.38 13.06
N PRO B 129 -39.45 -47.98 14.26
CA PRO B 129 -38.31 -48.09 15.16
C PRO B 129 -37.37 -49.18 14.67
N PHE B 130 -36.23 -49.35 15.31
CA PHE B 130 -35.33 -50.41 14.90
C PHE B 130 -35.81 -51.68 15.59
N GLY B 131 -35.97 -52.75 14.84
CA GLY B 131 -36.42 -54.00 15.43
C GLY B 131 -35.22 -54.69 16.03
N VAL B 132 -34.63 -54.06 17.04
CA VAL B 132 -33.43 -54.60 17.65
C VAL B 132 -33.34 -54.44 19.15
N SER B 133 -32.68 -55.41 19.78
CA SER B 133 -32.42 -55.41 21.21
C SER B 133 -30.96 -55.79 21.36
N PHE B 134 -30.23 -55.04 22.18
CA PHE B 134 -28.81 -55.30 22.39
C PHE B 134 -28.49 -55.74 23.82
N ILE B 135 -27.44 -56.55 23.95
CA ILE B 135 -26.95 -56.93 25.26
C ILE B 135 -25.54 -56.37 25.16
N TYR B 136 -25.17 -55.44 26.04
CA TYR B 136 -23.83 -54.86 25.99
C TYR B 136 -22.91 -55.43 27.05
N ALA B 137 -21.75 -55.92 26.62
CA ALA B 137 -20.75 -56.48 27.52
C ALA B 137 -19.50 -55.63 27.38
N GLY B 138 -19.15 -54.91 28.43
CA GLY B 138 -17.96 -54.07 28.35
C GLY B 138 -17.27 -53.84 29.68
N TYR B 139 -16.15 -53.14 29.61
CA TYR B 139 -15.36 -52.84 30.78
C TYR B 139 -14.75 -51.45 30.75
N ASP B 140 -14.74 -50.80 31.90
CA ASP B 140 -14.13 -49.49 32.02
C ASP B 140 -13.55 -49.43 33.41
N ASP B 141 -12.73 -48.43 33.68
CA ASP B 141 -12.07 -48.31 34.98
C ASP B 141 -12.87 -47.60 36.07
N ARG B 142 -14.16 -47.40 35.86
CA ARG B 142 -14.99 -46.75 36.88
C ARG B 142 -15.98 -47.75 37.48
N TYR B 143 -16.41 -48.71 36.68
CA TYR B 143 -17.37 -49.70 37.12
C TYR B 143 -16.91 -51.11 36.77
N GLY B 144 -15.76 -51.22 36.13
CA GLY B 144 -15.26 -52.53 35.77
C GLY B 144 -16.22 -53.23 34.81
N TYR B 145 -16.39 -54.53 35.01
CA TYR B 145 -17.28 -55.32 34.17
C TYR B 145 -18.72 -54.90 34.29
N GLN B 146 -19.37 -54.68 33.15
CA GLN B 146 -20.77 -54.27 33.12
C GLN B 146 -21.54 -54.99 32.03
N LEU B 147 -22.83 -55.18 32.29
CA LEU B 147 -23.71 -55.84 31.34
C LEU B 147 -24.96 -54.99 31.25
N TYR B 148 -25.31 -54.60 30.03
CA TYR B 148 -26.50 -53.78 29.81
C TYR B 148 -27.39 -54.37 28.73
N THR B 149 -28.57 -53.77 28.59
CA THR B 149 -29.53 -54.22 27.62
C THR B 149 -30.37 -53.03 27.17
N SER B 150 -30.61 -52.93 25.87
CA SER B 150 -31.43 -51.85 25.33
C SER B 150 -32.37 -52.46 24.29
N ASN B 151 -33.61 -51.96 24.26
CA ASN B 151 -34.61 -52.47 23.33
C ASN B 151 -35.22 -51.31 22.53
N PRO B 152 -36.07 -51.61 21.53
CA PRO B 152 -36.72 -50.61 20.68
C PRO B 152 -37.24 -49.33 21.35
N SER B 153 -37.69 -49.43 22.59
CA SER B 153 -38.22 -48.27 23.29
C SER B 153 -37.15 -47.24 23.60
N GLY B 154 -35.93 -47.71 23.82
CA GLY B 154 -34.85 -46.80 24.13
C GLY B 154 -34.53 -46.87 25.61
N ASN B 155 -35.05 -47.89 26.26
CA ASN B 155 -34.81 -48.07 27.67
C ASN B 155 -33.61 -48.98 27.81
N TYR B 156 -32.82 -48.81 28.86
CA TYR B 156 -31.67 -49.68 29.08
C TYR B 156 -31.52 -49.96 30.57
N THR B 157 -30.98 -51.13 30.90
CA THR B 157 -30.78 -51.51 32.30
C THR B 157 -29.55 -52.38 32.48
N GLY B 158 -29.08 -52.47 33.73
CA GLY B 158 -27.90 -53.26 34.05
C GLY B 158 -28.27 -54.62 34.61
N TRP B 159 -27.44 -55.63 34.32
CA TRP B 159 -27.72 -56.97 34.78
C TRP B 159 -26.48 -57.76 35.16
N LYS B 160 -26.69 -58.80 35.95
CA LYS B 160 -25.61 -59.69 36.36
C LYS B 160 -25.67 -60.82 35.34
N ALA B 161 -26.87 -61.06 34.85
CA ALA B 161 -27.11 -62.08 33.84
C ALA B 161 -28.43 -61.73 33.16
N ILE B 162 -28.50 -61.91 31.85
CA ILE B 162 -29.72 -61.62 31.13
C ILE B 162 -29.74 -62.22 29.73
N SER B 163 -30.91 -62.17 29.09
CA SER B 163 -31.11 -62.71 27.76
C SER B 163 -32.11 -61.86 27.00
N VAL B 164 -32.04 -61.95 25.69
CA VAL B 164 -32.96 -61.23 24.83
C VAL B 164 -33.28 -62.18 23.68
N GLY B 165 -34.45 -61.98 23.08
CA GLY B 165 -34.86 -62.83 21.97
C GLY B 165 -35.92 -63.82 22.38
N ALA B 166 -35.88 -65.00 21.77
CA ALA B 166 -36.84 -66.05 22.05
C ALA B 166 -36.68 -66.67 23.44
N ASN B 167 -37.79 -67.16 23.98
CA ASN B 167 -37.83 -67.83 25.28
C ASN B 167 -37.00 -67.17 26.36
N THR B 168 -37.18 -65.87 26.52
CA THR B 168 -36.41 -65.17 27.53
C THR B 168 -36.93 -65.50 28.92
N SER B 169 -38.24 -65.72 29.01
CA SER B 169 -38.89 -66.06 30.27
C SER B 169 -38.28 -67.35 30.82
N ALA B 170 -38.19 -68.36 29.96
CA ALA B 170 -37.62 -69.63 30.35
C ALA B 170 -36.14 -69.44 30.69
N ALA B 171 -35.45 -68.68 29.85
CA ALA B 171 -34.03 -68.42 30.03
C ALA B 171 -33.74 -67.65 31.30
N GLN B 172 -34.56 -66.65 31.58
CA GLN B 172 -34.38 -65.83 32.75
C GLN B 172 -34.58 -66.63 34.03
N THR B 173 -35.60 -67.49 34.04
CA THR B 173 -35.87 -68.30 35.22
C THR B 173 -34.71 -69.27 35.49
N LEU B 174 -34.15 -69.85 34.44
CA LEU B 174 -33.06 -70.80 34.59
C LEU B 174 -31.81 -70.10 35.13
N LEU B 175 -31.57 -68.88 34.65
CA LEU B 175 -30.41 -68.09 35.04
C LEU B 175 -30.53 -67.62 36.49
N GLN B 176 -31.72 -67.13 36.83
CA GLN B 176 -32.00 -66.66 38.17
C GLN B 176 -31.94 -67.83 39.16
N MET B 177 -31.94 -69.04 38.62
CA MET B 177 -31.91 -70.23 39.43
C MET B 177 -30.50 -70.66 39.79
N ASP B 178 -29.59 -70.65 38.83
CA ASP B 178 -28.21 -71.08 39.09
C ASP B 178 -27.13 -70.02 39.11
N TYR B 179 -27.50 -68.75 39.01
CA TYR B 179 -26.49 -67.69 39.03
C TYR B 179 -26.05 -67.42 40.47
N LYS B 180 -24.78 -67.11 40.65
CA LYS B 180 -24.24 -66.79 41.97
C LYS B 180 -23.18 -65.68 41.87
N ASP B 181 -23.38 -64.62 42.64
CA ASP B 181 -22.50 -63.45 42.68
C ASP B 181 -21.00 -63.72 42.56
N ASP B 182 -20.52 -64.77 43.20
CA ASP B 182 -19.11 -65.09 43.16
C ASP B 182 -18.69 -65.99 42.00
N MET B 183 -19.54 -66.12 40.99
CA MET B 183 -19.22 -66.96 39.85
C MET B 183 -17.88 -66.59 39.25
N LYS B 184 -17.40 -67.45 38.35
CA LYS B 184 -16.14 -67.23 37.67
C LYS B 184 -16.46 -67.38 36.17
N VAL B 185 -15.72 -66.68 35.34
CA VAL B 185 -15.92 -66.73 33.88
C VAL B 185 -16.22 -68.13 33.37
N ASP B 186 -15.39 -69.09 33.77
CA ASP B 186 -15.56 -70.48 33.34
C ASP B 186 -16.92 -71.03 33.77
N ASP B 187 -17.36 -70.65 34.97
CA ASP B 187 -18.65 -71.08 35.47
C ASP B 187 -19.75 -70.50 34.59
N ALA B 188 -19.66 -69.19 34.37
CA ALA B 188 -20.63 -68.47 33.55
C ALA B 188 -20.70 -69.03 32.14
N ILE B 189 -19.54 -69.35 31.58
CA ILE B 189 -19.52 -69.90 30.22
C ILE B 189 -20.40 -71.14 30.18
N GLU B 190 -20.26 -71.96 31.21
CA GLU B 190 -21.02 -73.20 31.32
C GLU B 190 -22.51 -72.94 31.53
N LEU B 191 -22.83 -72.00 32.42
CA LEU B 191 -24.23 -71.67 32.69
C LEU B 191 -24.91 -71.24 31.40
N ALA B 192 -24.24 -70.35 30.67
CA ALA B 192 -24.76 -69.82 29.42
C ALA B 192 -25.14 -70.94 28.45
N LEU B 193 -24.21 -71.87 28.22
CA LEU B 193 -24.48 -72.98 27.32
C LEU B 193 -25.63 -73.87 27.79
N LYS B 194 -25.72 -74.07 29.11
CA LYS B 194 -26.78 -74.91 29.67
C LYS B 194 -28.13 -74.23 29.44
N THR B 195 -28.18 -72.92 29.67
CA THR B 195 -29.42 -72.18 29.51
C THR B 195 -29.92 -72.25 28.06
N LEU B 196 -29.05 -71.97 27.10
CA LEU B 196 -29.42 -72.02 25.70
C LEU B 196 -29.87 -73.43 25.35
N SER B 197 -29.09 -74.39 25.85
CA SER B 197 -29.32 -75.81 25.62
C SER B 197 -30.73 -76.25 26.00
N LYS B 198 -31.30 -75.63 27.03
CA LYS B 198 -32.63 -75.97 27.50
C LYS B 198 -33.73 -75.09 26.91
N THR B 199 -33.37 -74.02 26.21
CA THR B 199 -34.37 -73.12 25.64
C THR B 199 -34.43 -73.19 24.13
N THR B 200 -33.49 -73.91 23.52
CA THR B 200 -33.44 -74.05 22.07
C THR B 200 -34.75 -74.61 21.56
N ASP B 201 -35.17 -74.19 20.37
CA ASP B 201 -36.37 -74.70 19.77
C ASP B 201 -35.92 -75.76 18.78
N SER B 202 -34.61 -75.98 18.75
CA SER B 202 -34.02 -76.95 17.84
C SER B 202 -33.76 -78.26 18.55
N SER B 203 -33.45 -79.29 17.77
CA SER B 203 -33.17 -80.63 18.30
C SER B 203 -32.07 -80.58 19.34
N ALA B 204 -30.83 -80.47 18.84
CA ALA B 204 -29.67 -80.42 19.71
C ALA B 204 -29.00 -79.06 19.57
N LEU B 205 -28.01 -78.81 20.42
CA LEU B 205 -27.28 -77.56 20.40
C LEU B 205 -25.87 -77.84 19.93
N THR B 206 -25.62 -77.62 18.65
CA THR B 206 -24.31 -77.85 18.07
C THR B 206 -23.52 -76.55 17.93
N TYR B 207 -22.22 -76.67 17.64
CA TYR B 207 -21.36 -75.51 17.50
C TYR B 207 -21.72 -74.63 16.31
N ASP B 208 -22.07 -75.26 15.20
CA ASP B 208 -22.42 -74.53 13.98
C ASP B 208 -23.65 -73.61 14.15
N ARG B 209 -24.28 -73.68 15.32
CA ARG B 209 -25.45 -72.85 15.58
C ARG B 209 -25.21 -71.86 16.72
N LEU B 210 -23.94 -71.65 17.06
CA LEU B 210 -23.59 -70.74 18.15
C LEU B 210 -22.48 -69.74 17.84
N GLU B 211 -22.50 -68.67 18.61
CA GLU B 211 -21.48 -67.62 18.53
C GLU B 211 -21.15 -67.41 20.00
N PHE B 212 -19.87 -67.21 20.29
CA PHE B 212 -19.45 -67.05 21.67
C PHE B 212 -18.36 -66.02 21.83
N ALA B 213 -18.44 -65.25 22.91
CA ALA B 213 -17.44 -64.23 23.16
C ALA B 213 -17.26 -64.00 24.66
N THR B 214 -16.04 -63.66 25.06
CA THR B 214 -15.74 -63.39 26.47
C THR B 214 -14.87 -62.15 26.58
N ILE B 215 -15.08 -61.38 27.63
CA ILE B 215 -14.27 -60.20 27.86
C ILE B 215 -13.56 -60.42 29.19
N ARG B 216 -12.30 -60.83 29.12
CA ARG B 216 -11.53 -61.07 30.33
C ARG B 216 -10.34 -60.15 30.49
N LYS B 217 -9.78 -60.12 31.68
CA LYS B 217 -8.63 -59.28 31.96
C LYS B 217 -7.43 -60.17 32.21
N GLY B 218 -7.06 -60.94 31.18
CA GLY B 218 -5.93 -61.86 31.26
C GLY B 218 -4.89 -61.53 32.32
N ALA B 219 -4.94 -62.27 33.43
CA ALA B 219 -4.02 -62.08 34.57
C ALA B 219 -2.59 -61.79 34.14
N ASN B 220 -2.11 -62.55 33.15
CA ASN B 220 -0.77 -62.39 32.62
C ASN B 220 -0.78 -61.25 31.58
N ASP B 221 -0.96 -60.03 32.05
CA ASP B 221 -1.01 -58.85 31.18
C ASP B 221 -1.40 -57.59 31.97
N GLY B 222 -2.66 -57.51 32.39
CA GLY B 222 -3.13 -56.36 33.14
C GLY B 222 -4.13 -55.51 32.36
N GLU B 223 -4.39 -55.91 31.13
CA GLU B 223 -5.33 -55.21 30.25
C GLU B 223 -6.56 -56.08 29.94
N VAL B 224 -7.55 -55.49 29.27
CA VAL B 224 -8.78 -56.21 28.92
C VAL B 224 -8.71 -56.82 27.52
N TYR B 225 -9.17 -58.07 27.39
CA TYR B 225 -9.14 -58.77 26.12
C TYR B 225 -10.51 -59.35 25.74
N GLN B 226 -10.94 -59.08 24.51
CA GLN B 226 -12.20 -59.61 24.02
C GLN B 226 -11.85 -60.82 23.18
N LYS B 227 -12.63 -61.88 23.30
CA LYS B 227 -12.35 -63.09 22.54
C LYS B 227 -13.62 -63.60 21.86
N ILE B 228 -13.70 -63.43 20.54
CA ILE B 228 -14.87 -63.96 19.82
C ILE B 228 -14.46 -65.36 19.40
N PHE B 229 -14.99 -66.36 20.09
CA PHE B 229 -14.65 -67.75 19.80
C PHE B 229 -14.85 -68.15 18.34
N LYS B 230 -13.91 -68.95 17.85
CA LYS B 230 -13.94 -69.44 16.48
C LYS B 230 -14.71 -70.74 16.45
N PRO B 231 -15.27 -71.11 15.27
CA PRO B 231 -16.03 -72.35 15.16
C PRO B 231 -15.45 -73.47 16.02
N GLN B 232 -14.21 -73.84 15.74
CA GLN B 232 -13.54 -74.92 16.46
C GLN B 232 -13.52 -74.70 17.97
N GLU B 233 -13.30 -73.46 18.39
CA GLU B 233 -13.24 -73.14 19.81
C GLU B 233 -14.57 -73.41 20.50
N ILE B 234 -15.67 -73.10 19.80
CA ILE B 234 -17.00 -73.32 20.34
C ILE B 234 -17.23 -74.84 20.41
N LYS B 235 -16.83 -75.54 19.36
CA LYS B 235 -16.98 -76.99 19.28
C LYS B 235 -16.31 -77.65 20.49
N ASP B 236 -15.12 -77.16 20.84
CA ASP B 236 -14.36 -77.68 21.98
C ASP B 236 -15.12 -77.49 23.28
N ILE B 237 -15.28 -76.23 23.68
CA ILE B 237 -15.97 -75.87 24.90
C ILE B 237 -17.34 -76.55 24.99
N LEU B 238 -17.90 -76.93 23.84
CA LEU B 238 -19.20 -77.58 23.82
C LEU B 238 -19.08 -79.03 24.29
N VAL B 239 -17.92 -79.64 24.04
CA VAL B 239 -17.67 -81.02 24.46
C VAL B 239 -17.31 -81.03 25.95
N LYS B 240 -16.36 -80.16 26.31
CA LYS B 240 -15.87 -80.05 27.68
C LYS B 240 -17.01 -79.88 28.68
N THR B 241 -17.86 -78.88 28.44
CA THR B 241 -18.99 -78.61 29.33
C THR B 241 -19.98 -79.76 29.38
N GLY B 242 -19.71 -80.81 28.60
CA GLY B 242 -20.58 -81.96 28.59
C GLY B 242 -21.86 -81.82 27.80
N ILE B 243 -21.73 -81.44 26.54
CA ILE B 243 -22.89 -81.32 25.66
C ILE B 243 -22.47 -81.97 24.35
N THR B 244 -21.16 -82.24 24.24
CA THR B 244 -20.57 -82.86 23.05
C THR B 244 -21.01 -82.18 21.76
N GLY C 1 -39.07 -32.95 8.18
CA GLY C 1 -40.16 -33.12 7.18
C GLY C 1 -41.47 -33.59 7.79
N TYR C 2 -41.42 -34.58 8.68
CA TYR C 2 -42.64 -35.10 9.28
C TYR C 2 -43.27 -34.11 10.26
N ASP C 3 -44.47 -33.63 9.96
CA ASP C 3 -45.12 -32.66 10.83
C ASP C 3 -46.61 -32.91 11.02
N ARG C 4 -47.02 -34.17 10.99
CA ARG C 4 -48.43 -34.51 11.17
C ARG C 4 -48.87 -34.07 12.56
N ALA C 5 -50.09 -33.56 12.66
CA ALA C 5 -50.61 -33.15 13.96
C ALA C 5 -51.08 -34.41 14.70
N LEU C 6 -50.23 -34.91 15.58
CA LEU C 6 -50.56 -36.11 16.35
C LEU C 6 -51.41 -35.77 17.58
N SER C 7 -51.18 -34.59 18.16
CA SER C 7 -51.93 -34.14 19.33
C SER C 7 -52.95 -33.09 18.89
N ILE C 8 -54.19 -33.52 18.65
CA ILE C 8 -55.23 -32.59 18.25
C ILE C 8 -56.46 -32.74 19.13
N PHE C 9 -57.46 -31.89 18.93
CA PHE C 9 -58.68 -31.93 19.72
C PHE C 9 -59.71 -32.92 19.16
N SER C 10 -60.46 -33.55 20.06
CA SER C 10 -61.53 -34.45 19.67
C SER C 10 -62.80 -33.66 20.04
N PRO C 11 -63.95 -34.03 19.45
CA PRO C 11 -65.25 -33.39 19.67
C PRO C 11 -65.61 -32.94 21.09
N ASP C 12 -65.23 -33.73 22.09
CA ASP C 12 -65.53 -33.39 23.48
C ASP C 12 -64.49 -32.47 24.10
N GLY C 13 -63.59 -31.95 23.28
CA GLY C 13 -62.55 -31.04 23.74
C GLY C 13 -61.35 -31.70 24.39
N HIS C 14 -61.11 -32.98 24.09
CA HIS C 14 -59.97 -33.67 24.67
C HIS C 14 -58.83 -33.83 23.67
N ILE C 15 -57.63 -34.07 24.19
CA ILE C 15 -56.47 -34.29 23.34
C ILE C 15 -55.99 -35.67 23.78
N PHE C 16 -56.48 -36.69 23.09
CA PHE C 16 -56.17 -38.06 23.43
C PHE C 16 -54.72 -38.44 23.58
N GLN C 17 -53.85 -37.93 22.72
CA GLN C 17 -52.45 -38.26 22.83
C GLN C 17 -51.85 -37.80 24.17
N VAL C 18 -52.37 -36.71 24.72
CA VAL C 18 -51.88 -36.22 26.00
C VAL C 18 -52.53 -37.09 27.07
N GLU C 19 -53.81 -37.38 26.88
CA GLU C 19 -54.56 -38.22 27.80
C GLU C 19 -53.91 -39.60 27.92
N TYR C 20 -53.56 -40.18 26.77
CA TYR C 20 -52.92 -41.49 26.77
C TYR C 20 -51.51 -41.40 27.35
N ALA C 21 -50.91 -40.22 27.27
CA ALA C 21 -49.58 -40.03 27.83
C ALA C 21 -49.70 -40.22 29.33
N LEU C 22 -50.80 -39.72 29.90
CA LEU C 22 -51.03 -39.88 31.33
C LEU C 22 -51.16 -41.34 31.69
N GLU C 23 -51.81 -42.12 30.82
CA GLU C 23 -51.98 -43.54 31.06
C GLU C 23 -50.65 -44.26 31.16
N ALA C 24 -49.65 -43.73 30.47
CA ALA C 24 -48.32 -44.32 30.50
C ALA C 24 -47.70 -44.02 31.86
N VAL C 25 -48.08 -42.89 32.45
CA VAL C 25 -47.56 -42.52 33.74
C VAL C 25 -48.14 -43.43 34.80
N LYS C 26 -49.44 -43.70 34.69
CA LYS C 26 -50.14 -44.57 35.65
C LYS C 26 -49.45 -45.92 35.71
N ARG C 27 -48.97 -46.37 34.56
CA ARG C 27 -48.28 -47.64 34.45
C ARG C 27 -46.88 -47.66 35.05
N GLY C 28 -46.26 -46.49 35.15
CA GLY C 28 -44.91 -46.43 35.69
C GLY C 28 -44.84 -46.68 37.18
N THR C 29 -43.66 -47.04 37.67
CA THR C 29 -43.47 -47.30 39.09
C THR C 29 -43.76 -46.04 39.89
N CYS C 30 -44.36 -46.22 41.05
CA CYS C 30 -44.73 -45.11 41.94
C CYS C 30 -43.57 -44.24 42.43
N ALA C 31 -43.87 -42.96 42.57
CA ALA C 31 -42.89 -41.99 43.06
C ALA C 31 -43.60 -41.05 44.03
N VAL C 32 -42.91 -40.69 45.10
CA VAL C 32 -43.51 -39.80 46.09
C VAL C 32 -42.48 -38.82 46.63
N GLY C 33 -42.97 -37.65 47.02
CA GLY C 33 -42.11 -36.63 47.58
C GLY C 33 -42.86 -35.92 48.68
N VAL C 34 -42.19 -35.70 49.81
CA VAL C 34 -42.81 -35.01 50.94
C VAL C 34 -41.80 -34.02 51.48
N LYS C 35 -42.26 -32.82 51.80
CA LYS C 35 -41.34 -31.84 52.33
C LYS C 35 -41.48 -31.66 53.83
N GLY C 36 -40.34 -31.68 54.50
CA GLY C 36 -40.29 -31.51 55.93
C GLY C 36 -40.22 -30.02 56.24
N LYS C 37 -39.71 -29.68 57.42
CA LYS C 37 -39.60 -28.28 57.78
C LYS C 37 -38.25 -27.75 57.31
N ASN C 38 -37.33 -28.67 57.03
CA ASN C 38 -35.98 -28.30 56.62
C ASN C 38 -35.40 -29.30 55.63
N CYS C 39 -36.24 -29.92 54.82
CA CYS C 39 -35.75 -30.87 53.83
C CYS C 39 -36.89 -31.39 52.99
N VAL C 40 -36.55 -32.16 51.95
CA VAL C 40 -37.54 -32.76 51.06
C VAL C 40 -37.07 -34.18 50.81
N VAL C 41 -37.99 -35.13 50.82
CA VAL C 41 -37.62 -36.52 50.60
C VAL C 41 -38.34 -37.09 49.38
N LEU C 42 -37.58 -37.81 48.55
CA LEU C 42 -38.12 -38.42 47.35
C LEU C 42 -38.00 -39.93 47.40
N GLY C 43 -39.14 -40.61 47.33
CA GLY C 43 -39.13 -42.06 47.36
C GLY C 43 -39.68 -42.64 46.08
N CYS C 44 -39.11 -43.76 45.65
CA CYS C 44 -39.53 -44.41 44.41
C CYS C 44 -39.54 -45.92 44.63
N GLU C 45 -40.48 -46.62 43.99
CA GLU C 45 -40.55 -48.07 44.13
C GLU C 45 -39.79 -48.75 42.99
N ARG C 46 -39.27 -49.96 43.26
CA ARG C 46 -38.53 -50.70 42.24
C ARG C 46 -39.33 -51.89 41.74
N ARG C 47 -39.56 -51.93 40.43
CA ARG C 47 -40.32 -53.01 39.81
C ARG C 47 -39.67 -54.35 40.16
N SER C 48 -40.34 -55.44 39.81
CA SER C 48 -39.84 -56.80 40.06
C SER C 48 -40.31 -57.79 38.99
N THR C 49 -40.56 -57.28 37.79
CA THR C 49 -40.99 -58.11 36.64
C THR C 49 -39.82 -59.05 36.32
N LEU C 50 -38.61 -58.56 36.58
CA LEU C 50 -37.36 -59.30 36.37
C LEU C 50 -36.42 -58.86 37.50
N LYS C 51 -35.70 -59.82 38.09
CA LYS C 51 -34.75 -59.50 39.14
C LYS C 51 -33.50 -60.37 38.97
N LEU C 52 -32.37 -59.71 38.78
CA LEU C 52 -31.08 -60.35 38.57
C LEU C 52 -30.22 -59.23 38.02
N GLN C 53 -30.71 -58.01 38.28
CA GLN C 53 -30.09 -56.78 37.85
C GLN C 53 -28.81 -56.45 38.59
N ASP C 54 -28.06 -55.52 38.00
CA ASP C 54 -26.82 -55.04 38.56
C ASP C 54 -27.15 -53.61 39.02
N THR C 55 -27.55 -53.49 40.28
CA THR C 55 -27.93 -52.21 40.88
C THR C 55 -26.92 -51.06 40.78
N ARG C 56 -25.63 -51.41 40.73
CA ARG C 56 -24.59 -50.39 40.65
C ARG C 56 -24.76 -49.54 39.41
N ILE C 57 -24.91 -50.22 38.27
CA ILE C 57 -25.02 -49.56 36.99
C ILE C 57 -26.43 -49.21 36.49
N THR C 58 -27.43 -50.03 36.79
CA THR C 58 -28.78 -49.72 36.32
C THR C 58 -29.20 -48.32 36.76
N PRO C 59 -29.63 -47.49 35.80
CA PRO C 59 -30.06 -46.11 36.06
C PRO C 59 -31.02 -45.93 37.23
N SER C 60 -30.63 -45.05 38.16
CA SER C 60 -31.42 -44.73 39.35
C SER C 60 -32.64 -43.87 39.00
N LYS C 61 -33.65 -43.89 39.86
CA LYS C 61 -34.88 -43.14 39.58
C LYS C 61 -34.81 -41.66 39.89
N VAL C 62 -33.96 -41.27 40.83
CA VAL C 62 -33.82 -39.85 41.19
C VAL C 62 -32.58 -39.28 40.52
N SER C 63 -32.77 -38.24 39.72
CA SER C 63 -31.65 -37.61 39.02
C SER C 63 -31.39 -36.19 39.48
N LYS C 64 -30.12 -35.81 39.57
CA LYS C 64 -29.74 -34.47 39.96
C LYS C 64 -29.69 -33.61 38.71
N ILE C 65 -30.37 -32.47 38.73
CA ILE C 65 -30.36 -31.56 37.60
C ILE C 65 -29.15 -30.63 37.85
N ASP C 66 -28.99 -30.22 39.10
CA ASP C 66 -27.85 -29.41 39.51
C ASP C 66 -27.50 -29.91 40.90
N SER C 67 -26.56 -29.27 41.57
CA SER C 67 -26.15 -29.72 42.90
C SER C 67 -27.17 -29.46 44.00
N HIS C 68 -28.19 -28.66 43.71
CA HIS C 68 -29.20 -28.35 44.71
C HIS C 68 -30.61 -28.76 44.29
N VAL C 69 -30.74 -29.44 43.14
CA VAL C 69 -32.06 -29.83 42.66
C VAL C 69 -32.10 -31.23 42.07
N VAL C 70 -33.13 -31.99 42.43
CA VAL C 70 -33.30 -33.36 41.95
C VAL C 70 -34.62 -33.55 41.23
N LEU C 71 -34.68 -34.58 40.39
CA LEU C 71 -35.88 -34.87 39.65
C LEU C 71 -36.17 -36.37 39.57
N SER C 72 -37.38 -36.76 39.98
CA SER C 72 -37.81 -38.16 39.92
C SER C 72 -39.00 -38.16 38.97
N PHE C 73 -39.47 -39.33 38.60
CA PHE C 73 -40.58 -39.41 37.64
C PHE C 73 -41.26 -40.78 37.61
N SER C 74 -42.38 -40.81 36.90
CA SER C 74 -43.14 -42.04 36.69
C SER C 74 -43.56 -41.99 35.23
N GLY C 75 -43.32 -43.07 34.50
CA GLY C 75 -43.68 -43.10 33.10
C GLY C 75 -42.62 -43.77 32.28
N LEU C 76 -42.50 -43.39 31.00
CA LEU C 76 -41.50 -43.99 30.12
C LEU C 76 -40.09 -43.55 30.51
N ASN C 77 -39.21 -44.50 30.74
CA ASN C 77 -37.83 -44.20 31.11
C ASN C 77 -37.10 -43.48 29.99
N ALA C 78 -37.20 -44.03 28.78
CA ALA C 78 -36.53 -43.42 27.64
C ALA C 78 -36.91 -41.94 27.52
N ASP C 79 -38.19 -41.63 27.72
CA ASP C 79 -38.64 -40.25 27.62
C ASP C 79 -38.07 -39.36 28.72
N SER C 80 -37.97 -39.89 29.94
CA SER C 80 -37.43 -39.10 31.04
C SER C 80 -36.02 -38.60 30.77
N ARG C 81 -35.22 -39.42 30.12
CA ARG C 81 -33.84 -39.02 29.82
C ARG C 81 -33.79 -37.73 29.01
N ILE C 82 -34.67 -37.59 28.02
CA ILE C 82 -34.68 -36.40 27.21
C ILE C 82 -34.92 -35.17 28.09
N LEU C 83 -35.91 -35.25 28.96
CA LEU C 83 -36.20 -34.15 29.87
C LEU C 83 -35.04 -33.86 30.82
N ILE C 84 -34.50 -34.90 31.42
CA ILE C 84 -33.39 -34.71 32.35
C ILE C 84 -32.24 -33.99 31.69
N GLU C 85 -31.83 -34.44 30.52
CA GLU C 85 -30.73 -33.79 29.80
C GLU C 85 -31.01 -32.30 29.54
N LYS C 86 -32.18 -32.00 28.97
CA LYS C 86 -32.52 -30.60 28.70
C LYS C 86 -32.53 -29.77 29.98
N ALA C 87 -32.97 -30.38 31.08
CA ALA C 87 -33.01 -29.68 32.35
C ALA C 87 -31.60 -29.39 32.85
N ARG C 88 -30.71 -30.37 32.72
CA ARG C 88 -29.34 -30.19 33.17
C ARG C 88 -28.65 -29.13 32.34
N VAL C 89 -28.93 -29.12 31.04
CA VAL C 89 -28.32 -28.13 30.16
C VAL C 89 -28.84 -26.74 30.54
N GLU C 90 -30.15 -26.60 30.72
CA GLU C 90 -30.70 -25.30 31.09
C GLU C 90 -30.19 -24.80 32.43
N ALA C 91 -29.81 -25.73 33.31
CA ALA C 91 -29.31 -25.35 34.61
C ALA C 91 -27.97 -24.65 34.49
N GLN C 92 -27.10 -25.18 33.63
CA GLN C 92 -25.78 -24.58 33.41
C GLN C 92 -25.88 -23.26 32.64
N SER C 93 -26.76 -23.22 31.65
CA SER C 93 -26.96 -22.00 30.87
C SER C 93 -27.41 -20.87 31.77
N HIS C 94 -28.30 -21.18 32.70
CA HIS C 94 -28.81 -20.18 33.64
C HIS C 94 -27.67 -19.64 34.51
N ARG C 95 -26.83 -20.53 35.05
CA ARG C 95 -25.70 -20.12 35.88
C ARG C 95 -24.74 -19.26 35.07
N LEU C 96 -24.53 -19.63 33.80
CA LEU C 96 -23.64 -18.90 32.92
C LEU C 96 -24.11 -17.48 32.56
N THR C 97 -25.41 -17.28 32.38
CA THR C 97 -25.91 -15.96 32.00
C THR C 97 -26.44 -15.10 33.16
N LEU C 98 -27.00 -15.71 34.19
CA LEU C 98 -27.52 -14.94 35.32
C LEU C 98 -26.55 -14.91 36.49
N GLU C 99 -25.53 -15.75 36.40
CA GLU C 99 -24.52 -15.87 37.45
C GLU C 99 -25.19 -16.24 38.77
N ASP C 100 -26.06 -17.24 38.70
CA ASP C 100 -26.79 -17.75 39.85
C ASP C 100 -27.55 -19.03 39.44
N PRO C 101 -27.50 -20.07 40.28
CA PRO C 101 -28.21 -21.29 39.90
C PRO C 101 -29.73 -21.08 39.89
N VAL C 102 -30.44 -21.96 39.20
CA VAL C 102 -31.89 -21.88 39.07
C VAL C 102 -32.65 -22.12 40.38
N THR C 103 -33.81 -21.49 40.48
CA THR C 103 -34.69 -21.68 41.62
C THR C 103 -35.35 -22.99 41.23
N VAL C 104 -36.01 -23.65 42.17
CA VAL C 104 -36.68 -24.92 41.86
C VAL C 104 -37.90 -24.69 40.97
N GLU C 105 -38.58 -23.57 41.19
CA GLU C 105 -39.76 -23.24 40.41
C GLU C 105 -39.36 -22.95 38.97
N TYR C 106 -38.25 -22.26 38.80
CA TYR C 106 -37.75 -21.92 37.46
C TYR C 106 -37.46 -23.19 36.68
N LEU C 107 -36.63 -24.05 37.26
CA LEU C 107 -36.24 -25.31 36.62
C LEU C 107 -37.48 -26.11 36.26
N THR C 108 -38.47 -26.07 37.14
CA THR C 108 -39.73 -26.79 36.94
C THR C 108 -40.52 -26.17 35.79
N ARG C 109 -40.67 -24.85 35.80
CA ARG C 109 -41.38 -24.17 34.72
C ARG C 109 -40.71 -24.45 33.37
N TYR C 110 -39.41 -24.68 33.40
CA TYR C 110 -38.70 -24.98 32.17
C TYR C 110 -39.11 -26.35 31.65
N VAL C 111 -38.95 -27.37 32.49
CA VAL C 111 -39.31 -28.73 32.11
C VAL C 111 -40.75 -28.77 31.62
N ALA C 112 -41.63 -28.12 32.35
CA ALA C 112 -43.04 -28.09 32.00
C ALA C 112 -43.25 -27.49 30.61
N GLY C 113 -42.50 -26.44 30.30
CA GLY C 113 -42.60 -25.80 29.01
C GLY C 113 -42.23 -26.73 27.85
N VAL C 114 -41.18 -27.50 28.06
CA VAL C 114 -40.74 -28.46 27.05
C VAL C 114 -41.88 -29.44 26.84
N GLN C 115 -42.48 -29.90 27.94
CA GLN C 115 -43.58 -30.85 27.85
C GLN C 115 -44.78 -30.23 27.13
N GLN C 116 -45.19 -29.05 27.55
CA GLN C 116 -46.33 -28.41 26.91
C GLN C 116 -46.10 -28.31 25.42
N ARG C 117 -44.90 -27.85 25.05
CA ARG C 117 -44.51 -27.67 23.65
C ARG C 117 -44.70 -28.95 22.82
N TYR C 118 -44.36 -30.09 23.40
CA TYR C 118 -44.52 -31.35 22.70
C TYR C 118 -45.98 -31.78 22.56
N THR C 119 -46.90 -30.98 23.10
CA THR C 119 -48.31 -31.32 22.97
C THR C 119 -48.95 -30.52 21.83
N GLN C 120 -48.21 -29.59 21.26
CA GLN C 120 -48.75 -28.86 20.12
C GLN C 120 -47.74 -28.46 19.05
N SER C 121 -46.89 -29.43 18.70
CA SER C 121 -45.89 -29.28 17.67
C SER C 121 -46.13 -30.46 16.73
N GLY C 122 -46.00 -30.24 15.42
CA GLY C 122 -46.22 -31.33 14.49
C GLY C 122 -45.15 -32.40 14.55
N GLY C 123 -45.52 -33.62 14.15
CA GLY C 123 -44.57 -34.71 14.13
C GLY C 123 -44.02 -35.29 15.42
N VAL C 124 -44.57 -34.88 16.57
CA VAL C 124 -44.10 -35.39 17.84
C VAL C 124 -45.23 -35.77 18.79
N ARG C 125 -45.00 -36.81 19.59
CA ARG C 125 -45.99 -37.23 20.57
C ARG C 125 -45.58 -36.63 21.92
N PRO C 126 -46.54 -36.46 22.85
CA PRO C 126 -46.20 -35.90 24.15
C PRO C 126 -45.32 -36.83 24.96
N PHE C 127 -44.71 -36.31 26.02
CA PHE C 127 -43.86 -37.12 26.87
C PHE C 127 -44.74 -38.00 27.75
N GLY C 128 -44.45 -39.30 27.79
CA GLY C 128 -45.22 -40.18 28.65
C GLY C 128 -44.57 -40.15 30.01
N VAL C 129 -44.46 -38.95 30.58
CA VAL C 129 -43.81 -38.77 31.87
C VAL C 129 -44.43 -37.69 32.73
N SER C 130 -44.29 -37.87 34.05
CA SER C 130 -44.76 -36.90 35.04
C SER C 130 -43.58 -36.82 35.98
N THR C 131 -43.28 -35.62 36.46
CA THR C 131 -42.13 -35.47 37.33
C THR C 131 -42.38 -34.76 38.64
N LEU C 132 -41.50 -35.04 39.59
CA LEU C 132 -41.52 -34.42 40.89
C LEU C 132 -40.14 -33.78 40.93
N ILE C 133 -40.11 -32.48 41.20
CA ILE C 133 -38.85 -31.74 41.24
C ILE C 133 -38.69 -31.09 42.62
N ALA C 134 -37.60 -31.41 43.30
CA ALA C 134 -37.38 -30.88 44.63
C ALA C 134 -35.97 -30.33 44.87
N GLY C 135 -35.88 -29.39 45.80
CA GLY C 135 -34.60 -28.80 46.12
C GLY C 135 -34.74 -27.50 46.91
N PHE C 136 -33.67 -26.74 46.98
CA PHE C 136 -33.66 -25.49 47.72
C PHE C 136 -33.08 -24.35 46.87
N ASP C 137 -33.86 -23.29 46.73
CA ASP C 137 -33.44 -22.13 45.98
C ASP C 137 -32.09 -21.67 46.54
N PRO C 138 -31.22 -21.13 45.67
CA PRO C 138 -29.91 -20.67 46.15
C PRO C 138 -30.03 -19.76 47.38
N ARG C 139 -29.21 -20.03 48.39
CA ARG C 139 -29.20 -19.23 49.61
C ARG C 139 -30.52 -19.22 50.39
N ASP C 140 -31.42 -20.15 50.08
CA ASP C 140 -32.72 -20.23 50.78
C ASP C 140 -32.79 -21.57 51.48
N ASP C 141 -33.52 -21.63 52.59
CA ASP C 141 -33.64 -22.86 53.36
C ASP C 141 -35.04 -23.46 53.30
N GLU C 142 -35.98 -22.73 52.70
CA GLU C 142 -37.35 -23.21 52.56
C GLU C 142 -37.40 -24.30 51.48
N PRO C 143 -37.87 -25.51 51.85
CA PRO C 143 -37.96 -26.62 50.89
C PRO C 143 -38.96 -26.41 49.77
N LYS C 144 -38.64 -26.94 48.59
CA LYS C 144 -39.52 -26.80 47.42
C LYS C 144 -39.83 -28.15 46.79
N LEU C 145 -41.10 -28.34 46.44
CA LEU C 145 -41.53 -29.59 45.81
C LEU C 145 -42.56 -29.26 44.74
N TYR C 146 -42.26 -29.65 43.51
CA TYR C 146 -43.16 -29.36 42.38
C TYR C 146 -43.45 -30.62 41.59
N GLN C 147 -44.51 -30.57 40.81
CA GLN C 147 -44.88 -31.72 40.00
C GLN C 147 -45.31 -31.26 38.61
N THR C 148 -44.91 -32.01 37.59
CA THR C 148 -45.28 -31.68 36.23
C THR C 148 -45.88 -32.92 35.58
N GLU C 149 -46.71 -32.69 34.57
CA GLU C 149 -47.35 -33.78 33.83
C GLU C 149 -47.33 -33.54 32.32
N PRO C 150 -47.56 -34.59 31.53
CA PRO C 150 -47.57 -34.49 30.07
C PRO C 150 -48.16 -33.21 29.47
N SER C 151 -49.32 -32.77 29.94
CA SER C 151 -49.94 -31.58 29.39
C SER C 151 -49.04 -30.35 29.45
N GLY C 152 -48.18 -30.30 30.45
CA GLY C 152 -47.31 -29.16 30.60
C GLY C 152 -47.67 -28.34 31.84
N ILE C 153 -48.71 -28.79 32.54
CA ILE C 153 -49.16 -28.14 33.75
C ILE C 153 -48.27 -28.50 34.93
N TYR C 154 -48.08 -27.55 35.85
CA TYR C 154 -47.25 -27.81 37.02
C TYR C 154 -47.72 -26.98 38.22
N SER C 155 -47.30 -27.40 39.41
CA SER C 155 -47.67 -26.71 40.66
C SER C 155 -46.89 -27.28 41.84
N SER C 156 -46.92 -26.61 42.99
CA SER C 156 -46.18 -27.12 44.14
C SER C 156 -47.08 -27.85 45.12
N TRP C 157 -46.47 -28.82 45.80
CA TRP C 157 -47.18 -29.66 46.73
C TRP C 157 -46.46 -29.79 48.07
N SER C 158 -47.22 -30.03 49.14
CA SER C 158 -46.64 -30.21 50.46
C SER C 158 -46.06 -31.61 50.42
N ALA C 159 -46.77 -32.47 49.70
CA ALA C 159 -46.38 -33.87 49.49
C ALA C 159 -47.21 -34.32 48.30
N GLN C 160 -46.67 -35.23 47.50
CA GLN C 160 -47.38 -35.69 46.32
C GLN C 160 -46.79 -37.00 45.82
N THR C 161 -47.58 -37.72 45.04
CA THR C 161 -47.15 -39.00 44.52
C THR C 161 -47.65 -39.13 43.07
N ILE C 162 -46.97 -39.94 42.28
CA ILE C 162 -47.37 -40.17 40.89
C ILE C 162 -47.05 -41.62 40.57
N GLY C 163 -47.71 -42.13 39.53
CA GLY C 163 -47.47 -43.50 39.12
C GLY C 163 -48.57 -44.44 39.55
N ARG C 164 -48.33 -45.73 39.35
CA ARG C 164 -49.31 -46.76 39.72
C ARG C 164 -49.62 -46.74 41.21
N ASN C 165 -50.90 -46.88 41.54
CA ASN C 165 -51.34 -46.91 42.93
C ASN C 165 -51.04 -45.60 43.64
N SER C 166 -50.88 -44.53 42.87
CA SER C 166 -50.61 -43.24 43.48
C SER C 166 -51.91 -42.78 44.14
N LYS C 167 -53.03 -43.31 43.66
CA LYS C 167 -54.34 -42.97 44.22
C LYS C 167 -54.30 -43.37 45.68
N THR C 168 -53.87 -44.60 45.92
CA THR C 168 -53.76 -45.16 47.26
C THR C 168 -52.88 -44.31 48.16
N VAL C 169 -51.59 -44.24 47.81
CA VAL C 169 -50.63 -43.49 48.60
C VAL C 169 -50.96 -42.00 48.77
N ARG C 170 -51.64 -41.39 47.82
CA ARG C 170 -51.98 -39.97 47.99
C ARG C 170 -52.95 -39.86 49.17
N GLU C 171 -53.90 -40.79 49.23
CA GLU C 171 -54.89 -40.83 50.30
C GLU C 171 -54.15 -40.93 51.62
N PHE C 172 -53.19 -41.83 51.68
CA PHE C 172 -52.40 -42.02 52.88
C PHE C 172 -51.84 -40.67 53.32
N LEU C 173 -51.19 -39.98 52.38
CA LEU C 173 -50.60 -38.67 52.66
C LEU C 173 -51.63 -37.61 53.05
N GLU C 174 -52.78 -37.60 52.39
CA GLU C 174 -53.80 -36.61 52.71
C GLU C 174 -54.34 -36.75 54.13
N LYS C 175 -54.23 -37.95 54.70
CA LYS C 175 -54.71 -38.17 56.05
C LYS C 175 -53.56 -38.58 56.97
N ASN C 176 -52.37 -38.09 56.64
CA ASN C 176 -51.18 -38.37 57.43
C ASN C 176 -50.18 -37.22 57.33
N TYR C 177 -50.55 -36.16 56.62
CA TYR C 177 -49.68 -35.00 56.47
C TYR C 177 -50.38 -33.74 56.95
N ASP C 178 -49.83 -33.14 58.00
CA ASP C 178 -50.38 -31.94 58.58
C ASP C 178 -49.52 -30.74 58.20
N ARG C 179 -50.10 -29.81 57.47
CA ARG C 179 -49.37 -28.62 57.05
C ARG C 179 -49.02 -27.76 58.26
N LYS C 180 -49.76 -27.97 59.36
CA LYS C 180 -49.53 -27.22 60.59
C LYS C 180 -48.16 -27.60 61.15
N GLU C 181 -47.84 -28.90 61.12
CA GLU C 181 -46.57 -29.38 61.65
C GLU C 181 -45.89 -30.39 60.73
N PRO C 182 -45.26 -29.91 59.65
CA PRO C 182 -44.57 -30.80 58.72
C PRO C 182 -43.43 -31.53 59.42
N PRO C 183 -43.15 -32.77 58.99
CA PRO C 183 -42.08 -33.59 59.57
C PRO C 183 -40.86 -32.76 59.95
N ALA C 184 -40.87 -32.20 61.15
CA ALA C 184 -39.78 -31.36 61.64
C ALA C 184 -38.40 -32.00 61.65
N THR C 185 -38.28 -33.22 61.15
CA THR C 185 -36.98 -33.90 61.15
C THR C 185 -36.74 -34.65 59.86
N VAL C 186 -35.47 -34.79 59.51
CA VAL C 186 -35.11 -35.54 58.32
C VAL C 186 -35.60 -36.96 58.58
N GLU C 187 -35.45 -37.40 59.82
CA GLU C 187 -35.84 -38.75 60.22
C GLU C 187 -37.35 -38.98 60.09
N GLU C 188 -38.16 -38.17 60.77
CA GLU C 188 -39.59 -38.37 60.71
C GLU C 188 -40.18 -38.07 59.34
N CYS C 189 -39.42 -37.35 58.51
CA CYS C 189 -39.91 -37.04 57.17
C CYS C 189 -39.67 -38.26 56.29
N VAL C 190 -38.51 -38.88 56.45
CA VAL C 190 -38.17 -40.07 55.69
C VAL C 190 -39.11 -41.21 56.07
N LYS C 191 -39.49 -41.25 57.35
CA LYS C 191 -40.37 -42.30 57.84
C LYS C 191 -41.73 -42.17 57.18
N LEU C 192 -42.32 -40.99 57.22
CA LEU C 192 -43.62 -40.77 56.62
C LEU C 192 -43.58 -41.21 55.17
N THR C 193 -42.47 -40.94 54.50
CA THR C 193 -42.31 -41.31 53.09
C THR C 193 -42.30 -42.82 52.91
N VAL C 194 -41.53 -43.52 53.74
CA VAL C 194 -41.48 -44.97 53.65
C VAL C 194 -42.86 -45.56 53.95
N ARG C 195 -43.53 -45.02 54.96
CA ARG C 195 -44.85 -45.49 55.33
C ARG C 195 -45.81 -45.41 54.15
N SER C 196 -45.76 -44.29 53.44
CA SER C 196 -46.65 -44.08 52.29
C SER C 196 -46.39 -45.08 51.17
N LEU C 197 -45.12 -45.47 50.99
CA LEU C 197 -44.78 -46.43 49.95
C LEU C 197 -45.17 -47.85 50.32
N LEU C 198 -45.07 -48.18 51.61
CA LEU C 198 -45.42 -49.52 52.08
C LEU C 198 -46.88 -49.85 51.82
N GLU C 199 -47.72 -48.82 51.70
CA GLU C 199 -49.14 -49.01 51.44
C GLU C 199 -49.32 -49.64 50.06
N VAL C 200 -48.28 -49.57 49.24
CA VAL C 200 -48.36 -50.12 47.88
C VAL C 200 -47.20 -51.00 47.45
N VAL C 201 -46.04 -50.86 48.07
CA VAL C 201 -44.89 -51.67 47.68
C VAL C 201 -44.97 -53.13 48.11
N GLN C 202 -45.70 -53.39 49.19
CA GLN C 202 -45.86 -54.75 49.69
C GLN C 202 -44.49 -55.37 49.99
N THR C 203 -43.99 -55.11 51.20
CA THR C 203 -42.69 -55.61 51.65
C THR C 203 -41.65 -55.58 50.55
N GLY C 204 -40.90 -54.48 50.49
CA GLY C 204 -39.87 -54.35 49.49
C GLY C 204 -38.68 -53.53 49.96
N ALA C 205 -37.84 -54.14 50.79
CA ALA C 205 -36.65 -53.47 51.30
C ALA C 205 -35.78 -53.05 50.11
N LYS C 206 -35.64 -53.95 49.14
CA LYS C 206 -34.84 -53.70 47.95
C LYS C 206 -35.68 -53.08 46.83
N ASN C 207 -36.96 -52.85 47.13
CA ASN C 207 -37.88 -52.27 46.16
C ASN C 207 -38.22 -50.83 46.54
N ILE C 208 -37.54 -50.30 47.55
CA ILE C 208 -37.78 -48.94 48.00
C ILE C 208 -36.51 -48.15 48.21
N GLU C 209 -36.34 -47.10 47.41
CA GLU C 209 -35.17 -46.24 47.52
C GLU C 209 -35.60 -44.83 47.94
N ILE C 210 -34.79 -44.20 48.79
CA ILE C 210 -35.07 -42.87 49.27
C ILE C 210 -33.87 -41.96 49.10
N THR C 211 -34.14 -40.69 48.80
CA THR C 211 -33.12 -39.68 48.64
C THR C 211 -33.51 -38.49 49.49
N VAL C 212 -32.56 -37.97 50.28
CA VAL C 212 -32.82 -36.83 51.15
C VAL C 212 -32.12 -35.59 50.64
N VAL C 213 -32.86 -34.49 50.51
CA VAL C 213 -32.29 -33.25 50.04
C VAL C 213 -32.41 -32.17 51.11
N LYS C 214 -31.28 -31.62 51.51
CA LYS C 214 -31.23 -30.56 52.52
C LYS C 214 -30.70 -29.30 51.85
N PRO C 215 -30.81 -28.14 52.53
CA PRO C 215 -30.33 -26.86 51.98
C PRO C 215 -28.85 -26.89 51.59
N ASP C 216 -28.46 -25.96 50.73
CA ASP C 216 -27.09 -25.84 50.25
C ASP C 216 -26.48 -27.06 49.58
N SER C 217 -27.14 -27.56 48.55
CA SER C 217 -26.65 -28.70 47.79
C SER C 217 -26.29 -29.94 48.61
N ASP C 218 -26.97 -30.14 49.74
CA ASP C 218 -26.72 -31.31 50.56
C ASP C 218 -27.73 -32.37 50.14
N ILE C 219 -27.27 -33.28 49.29
CA ILE C 219 -28.13 -34.35 48.79
C ILE C 219 -27.48 -35.71 48.96
N VAL C 220 -28.23 -36.66 49.50
CA VAL C 220 -27.71 -38.00 49.72
C VAL C 220 -28.81 -39.06 49.58
N ALA C 221 -28.42 -40.22 49.10
CA ALA C 221 -29.35 -41.34 48.92
C ALA C 221 -29.06 -42.40 49.98
N LEU C 222 -30.12 -42.92 50.60
CA LEU C 222 -29.98 -43.93 51.64
C LEU C 222 -29.63 -45.29 51.05
N SER C 223 -29.01 -46.13 51.87
CA SER C 223 -28.62 -47.47 51.47
C SER C 223 -29.71 -48.45 51.90
N SER C 224 -29.69 -49.64 51.33
CA SER C 224 -30.68 -50.66 51.66
C SER C 224 -30.91 -50.79 53.15
N GLU C 225 -29.81 -50.91 53.91
CA GLU C 225 -29.88 -51.05 55.36
C GLU C 225 -30.62 -49.88 56.00
N GLU C 226 -30.09 -48.67 55.78
CA GLU C 226 -30.67 -47.46 56.33
C GLU C 226 -32.19 -47.44 56.13
N ILE C 227 -32.62 -47.82 54.94
CA ILE C 227 -34.04 -47.85 54.61
C ILE C 227 -34.69 -49.03 55.30
N ASN C 228 -34.08 -50.20 55.15
CA ASN C 228 -34.59 -51.42 55.75
C ASN C 228 -34.82 -51.20 57.24
N GLN C 229 -33.99 -50.35 57.84
CA GLN C 229 -34.12 -50.04 59.26
C GLN C 229 -35.42 -49.31 59.52
N TYR C 230 -35.80 -48.43 58.60
CA TYR C 230 -37.03 -47.68 58.73
C TYR C 230 -38.23 -48.60 58.61
N VAL C 231 -38.17 -49.51 57.63
CA VAL C 231 -39.25 -50.45 57.41
C VAL C 231 -39.50 -51.22 58.70
N THR C 232 -38.43 -51.80 59.25
CA THR C 232 -38.50 -52.58 60.48
C THR C 232 -39.19 -51.84 61.61
N GLN C 233 -38.72 -50.64 61.91
CA GLN C 233 -39.31 -49.83 62.98
C GLN C 233 -40.78 -49.54 62.70
N ILE C 234 -41.18 -49.62 61.44
CA ILE C 234 -42.57 -49.33 61.06
C ILE C 234 -43.49 -50.53 61.20
N GLU C 235 -43.01 -51.72 60.87
CA GLU C 235 -43.83 -52.92 60.98
C GLU C 235 -44.12 -53.20 62.45
N GLN C 236 -43.28 -52.67 63.33
CA GLN C 236 -43.47 -52.84 64.76
C GLN C 236 -44.56 -51.90 65.24
N GLU C 237 -44.58 -50.69 64.70
CA GLU C 237 -45.60 -49.71 65.06
C GLU C 237 -46.98 -50.35 64.91
N LYS C 238 -47.10 -51.24 63.92
CA LYS C 238 -48.35 -51.95 63.64
C LYS C 238 -48.57 -53.09 64.64
N GLN C 239 -47.61 -54.01 64.70
CA GLN C 239 -47.68 -55.15 65.60
C GLN C 239 -47.88 -54.73 67.06
N GLU C 240 -47.27 -53.62 67.45
CA GLU C 240 -47.41 -53.12 68.81
C GLU C 240 -48.82 -52.59 69.00
N GLN C 241 -49.78 -53.32 68.44
CA GLN C 241 -51.18 -52.94 68.53
C GLN C 241 -52.05 -54.04 67.90
N ASP D 1 -57.09 -39.62 7.74
CA ASP D 1 -57.99 -38.97 8.74
C ASP D 1 -58.63 -37.71 8.15
N ARG D 2 -58.43 -36.56 8.79
CA ARG D 2 -59.00 -35.30 8.32
C ARG D 2 -58.10 -34.11 8.71
N GLY D 3 -57.95 -33.14 7.81
CA GLY D 3 -57.12 -31.99 8.08
C GLY D 3 -57.46 -31.23 9.35
N VAL D 4 -56.46 -30.66 10.01
CA VAL D 4 -56.70 -29.91 11.24
C VAL D 4 -57.30 -28.54 10.98
N SER D 5 -57.31 -28.12 9.71
CA SER D 5 -57.88 -26.84 9.38
C SER D 5 -59.00 -27.02 8.33
N THR D 6 -59.84 -28.02 8.58
CA THR D 6 -60.96 -28.34 7.70
C THR D 6 -62.22 -27.62 8.17
N PHE D 7 -63.08 -27.26 7.22
CA PHE D 7 -64.33 -26.60 7.54
C PHE D 7 -65.46 -27.62 7.67
N SER D 8 -66.35 -27.42 8.64
CA SER D 8 -67.49 -28.30 8.82
C SER D 8 -68.48 -27.87 7.75
N PRO D 9 -69.49 -28.70 7.48
CA PRO D 9 -70.45 -28.30 6.44
C PRO D 9 -71.21 -27.03 6.81
N GLU D 10 -71.13 -26.61 8.07
CA GLU D 10 -71.82 -25.40 8.54
C GLU D 10 -70.96 -24.15 8.42
N GLY D 11 -69.71 -24.32 8.01
CA GLY D 11 -68.82 -23.18 7.87
C GLY D 11 -68.03 -22.84 9.12
N ARG D 12 -67.69 -23.85 9.90
CA ARG D 12 -66.92 -23.66 11.12
C ARG D 12 -65.70 -24.56 11.05
N LEU D 13 -64.65 -24.20 11.77
CA LEU D 13 -63.44 -25.00 11.79
C LEU D 13 -63.47 -25.98 12.96
N PHE D 14 -63.60 -27.26 12.65
CA PHE D 14 -63.66 -28.30 13.67
C PHE D 14 -62.74 -28.08 14.86
N GLN D 15 -61.43 -28.05 14.60
CA GLN D 15 -60.48 -27.85 15.67
C GLN D 15 -60.75 -26.64 16.55
N VAL D 16 -61.25 -25.56 15.97
CA VAL D 16 -61.54 -24.37 16.77
C VAL D 16 -62.74 -24.65 17.67
N GLU D 17 -63.78 -25.26 17.10
CA GLU D 17 -64.99 -25.58 17.86
C GLU D 17 -64.66 -26.54 18.99
N TYR D 18 -63.98 -27.64 18.66
CA TYR D 18 -63.61 -28.62 19.67
C TYR D 18 -62.74 -27.96 20.72
N SER D 19 -62.03 -26.92 20.33
CA SER D 19 -61.17 -26.18 21.23
C SER D 19 -62.04 -25.48 22.29
N LEU D 20 -63.11 -24.85 21.82
CA LEU D 20 -64.03 -24.16 22.69
C LEU D 20 -64.61 -25.08 23.76
N GLU D 21 -64.70 -26.37 23.45
CA GLU D 21 -65.23 -27.33 24.40
C GLU D 21 -64.29 -27.55 25.58
N ALA D 22 -62.99 -27.62 25.31
CA ALA D 22 -62.00 -27.82 26.36
C ALA D 22 -62.05 -26.61 27.29
N ILE D 23 -62.32 -25.45 26.70
CA ILE D 23 -62.40 -24.20 27.46
C ILE D 23 -63.57 -24.24 28.45
N LYS D 24 -64.68 -24.85 28.04
CA LYS D 24 -65.85 -24.96 28.90
C LYS D 24 -65.53 -25.77 30.15
N LEU D 25 -64.57 -26.67 30.06
CA LEU D 25 -64.18 -27.52 31.19
C LEU D 25 -63.21 -26.85 32.13
N GLY D 26 -62.76 -25.65 31.80
CA GLY D 26 -61.79 -24.97 32.64
C GLY D 26 -62.40 -24.20 33.80
N SER D 27 -61.56 -23.82 34.75
CA SER D 27 -61.99 -23.06 35.92
C SER D 27 -62.58 -21.74 35.49
N THR D 28 -63.52 -21.24 36.28
CA THR D 28 -64.20 -19.99 35.98
C THR D 28 -63.31 -18.77 36.17
N ALA D 29 -63.48 -17.80 35.27
CA ALA D 29 -62.74 -16.55 35.32
C ALA D 29 -63.74 -15.44 34.99
N ILE D 30 -63.68 -14.34 35.73
CA ILE D 30 -64.60 -13.24 35.52
C ILE D 30 -63.90 -11.88 35.50
N GLY D 31 -64.40 -10.99 34.64
CA GLY D 31 -63.84 -9.66 34.55
C GLY D 31 -64.93 -8.59 34.51
N ILE D 32 -64.75 -7.54 35.32
CA ILE D 32 -65.70 -6.42 35.35
C ILE D 32 -64.92 -5.13 35.11
N ALA D 33 -65.38 -4.32 34.17
CA ALA D 33 -64.73 -3.08 33.84
C ALA D 33 -65.57 -1.88 34.26
N THR D 34 -65.00 -1.05 35.15
CA THR D 34 -65.68 0.15 35.65
C THR D 34 -64.81 1.38 35.37
N LYS D 35 -65.40 2.57 35.48
CA LYS D 35 -64.66 3.81 35.24
C LYS D 35 -63.64 4.08 36.33
N GLU D 36 -63.46 3.12 37.23
CA GLU D 36 -62.49 3.25 38.33
C GLU D 36 -61.47 2.13 38.27
N GLY D 37 -61.54 1.33 37.21
CA GLY D 37 -60.60 0.24 37.06
C GLY D 37 -61.30 -1.02 36.57
N VAL D 38 -60.53 -2.07 36.31
CA VAL D 38 -61.11 -3.31 35.84
C VAL D 38 -60.71 -4.39 36.83
N VAL D 39 -61.67 -5.22 37.23
CA VAL D 39 -61.41 -6.29 38.17
C VAL D 39 -61.38 -7.62 37.43
N LEU D 40 -60.50 -8.51 37.87
CA LEU D 40 -60.34 -9.82 37.25
C LEU D 40 -60.22 -10.86 38.35
N GLY D 41 -61.15 -11.82 38.35
CA GLY D 41 -61.13 -12.86 39.38
C GLY D 41 -61.17 -14.25 38.77
N VAL D 42 -60.59 -15.22 39.46
CA VAL D 42 -60.57 -16.59 38.98
C VAL D 42 -60.77 -17.61 40.09
N GLU D 43 -61.14 -18.81 39.69
CA GLU D 43 -61.35 -19.92 40.61
C GLU D 43 -60.07 -20.77 40.57
N LYS D 44 -59.35 -20.82 41.69
CA LYS D 44 -58.13 -21.62 41.72
C LYS D 44 -58.46 -23.07 41.34
N ARG D 45 -59.35 -23.70 42.09
CA ARG D 45 -59.75 -25.09 41.87
C ARG D 45 -58.59 -26.10 41.94
N ALA D 46 -57.93 -26.18 43.09
CA ALA D 46 -56.84 -27.13 43.25
C ALA D 46 -57.44 -28.53 43.21
N THR D 47 -56.68 -29.51 42.74
CA THR D 47 -57.19 -30.87 42.63
C THR D 47 -57.02 -31.75 43.87
N SER D 48 -56.31 -31.25 44.86
CA SER D 48 -56.07 -32.01 46.08
C SER D 48 -55.69 -31.06 47.20
N PRO D 49 -55.97 -31.44 48.45
CA PRO D 49 -55.63 -30.57 49.58
C PRO D 49 -54.13 -30.40 49.81
N LEU D 50 -53.33 -31.31 49.24
CA LEU D 50 -51.87 -31.25 49.38
C LEU D 50 -51.25 -30.25 48.42
N LEU D 51 -51.99 -29.86 47.40
CA LEU D 51 -51.53 -28.89 46.40
C LEU D 51 -51.56 -27.50 47.03
N GLU D 52 -50.41 -26.83 47.04
CA GLU D 52 -50.31 -25.48 47.61
C GLU D 52 -51.02 -24.50 46.69
N SER D 53 -52.20 -24.07 47.11
CA SER D 53 -53.04 -23.17 46.33
C SER D 53 -52.39 -21.94 45.70
N ASP D 54 -51.46 -21.30 46.40
CA ASP D 54 -50.84 -20.10 45.85
C ASP D 54 -49.89 -20.33 44.67
N SER D 55 -49.58 -21.59 44.36
CA SER D 55 -48.72 -21.87 43.21
C SER D 55 -49.60 -21.96 41.96
N ILE D 56 -50.89 -21.69 42.13
CA ILE D 56 -51.85 -21.71 41.02
C ILE D 56 -51.87 -20.30 40.48
N GLU D 57 -51.33 -20.11 39.29
CA GLU D 57 -51.24 -18.79 38.68
C GLU D 57 -52.11 -18.66 37.43
N LYS D 58 -53.35 -18.23 37.62
CA LYS D 58 -54.25 -18.08 36.50
C LYS D 58 -54.52 -16.62 36.16
N ILE D 59 -53.83 -15.73 36.89
CA ILE D 59 -53.92 -14.31 36.65
C ILE D 59 -52.48 -13.80 36.54
N VAL D 60 -52.10 -13.29 35.38
CA VAL D 60 -50.73 -12.80 35.20
C VAL D 60 -50.67 -11.41 34.63
N GLU D 61 -49.55 -10.74 34.88
CA GLU D 61 -49.29 -9.38 34.40
C GLU D 61 -48.65 -9.40 33.01
N ILE D 62 -49.16 -8.55 32.11
CA ILE D 62 -48.60 -8.43 30.77
C ILE D 62 -47.63 -7.25 30.82
N ASP D 63 -48.12 -6.15 31.39
CA ASP D 63 -47.33 -4.94 31.56
C ASP D 63 -48.01 -4.20 32.71
N ARG D 64 -47.38 -3.14 33.22
CA ARG D 64 -47.96 -2.40 34.32
C ARG D 64 -49.41 -1.96 34.09
N HIS D 65 -49.79 -1.73 32.84
CA HIS D 65 -51.15 -1.29 32.51
C HIS D 65 -52.01 -2.39 31.89
N ILE D 66 -51.52 -3.62 31.87
CA ILE D 66 -52.26 -4.73 31.31
C ILE D 66 -52.04 -6.04 32.05
N GLY D 67 -53.15 -6.71 32.36
CA GLY D 67 -53.08 -7.99 33.06
C GLY D 67 -54.12 -8.90 32.43
N CYS D 68 -54.05 -10.19 32.73
CA CYS D 68 -55.04 -11.08 32.15
C CYS D 68 -55.32 -12.33 32.97
N ALA D 69 -56.50 -12.92 32.72
CA ALA D 69 -56.92 -14.13 33.39
C ALA D 69 -57.14 -15.19 32.33
N MET D 70 -56.96 -16.45 32.71
CA MET D 70 -57.09 -17.55 31.76
C MET D 70 -58.04 -18.64 32.22
N SER D 71 -58.61 -19.34 31.25
CA SER D 71 -59.53 -20.44 31.54
C SER D 71 -59.41 -21.53 30.47
N GLY D 72 -59.14 -22.76 30.90
CA GLY D 72 -59.02 -23.85 29.95
C GLY D 72 -57.74 -24.60 30.16
N LEU D 73 -57.10 -25.05 29.08
CA LEU D 73 -55.84 -25.77 29.18
C LEU D 73 -54.79 -24.71 29.50
N THR D 74 -54.66 -24.35 30.78
CA THR D 74 -53.74 -23.31 31.22
C THR D 74 -52.29 -23.40 30.74
N ALA D 75 -51.77 -24.59 30.53
CA ALA D 75 -50.38 -24.71 30.06
C ALA D 75 -50.24 -24.08 28.67
N ASP D 76 -51.31 -24.11 27.88
CA ASP D 76 -51.31 -23.54 26.54
C ASP D 76 -51.21 -22.01 26.58
N ALA D 77 -51.45 -21.42 27.74
CA ALA D 77 -51.41 -19.97 27.83
C ALA D 77 -50.03 -19.36 28.05
N ARG D 78 -49.05 -20.17 28.43
CA ARG D 78 -47.71 -19.64 28.68
C ARG D 78 -47.09 -18.92 27.49
N SER D 79 -47.04 -19.57 26.34
CA SER D 79 -46.46 -18.93 25.16
C SER D 79 -47.27 -17.70 24.75
N MET D 80 -48.55 -17.68 25.10
CA MET D 80 -49.39 -16.54 24.76
C MET D 80 -49.00 -15.35 25.63
N ILE D 81 -48.79 -15.62 26.92
CA ILE D 81 -48.40 -14.59 27.88
C ILE D 81 -47.04 -14.01 27.46
N GLU D 82 -46.10 -14.92 27.14
CA GLU D 82 -44.77 -14.54 26.72
C GLU D 82 -44.84 -13.62 25.51
N HIS D 83 -45.59 -14.04 24.51
CA HIS D 83 -45.75 -13.23 23.31
C HIS D 83 -46.31 -11.86 23.68
N ALA D 84 -47.27 -11.83 24.59
CA ALA D 84 -47.88 -10.57 25.01
C ALA D 84 -46.90 -9.65 25.71
N ARG D 85 -46.16 -10.20 26.66
CA ARG D 85 -45.19 -9.42 27.41
C ARG D 85 -44.16 -8.84 26.45
N THR D 86 -43.66 -9.68 25.56
CA THR D 86 -42.68 -9.27 24.58
C THR D 86 -43.25 -8.18 23.66
N ALA D 87 -44.50 -8.36 23.24
CA ALA D 87 -45.12 -7.37 22.35
C ALA D 87 -45.21 -6.00 23.01
N ALA D 88 -45.66 -5.97 24.25
CA ALA D 88 -45.81 -4.71 24.98
C ALA D 88 -44.46 -4.06 25.22
N VAL D 89 -43.48 -4.84 25.67
CA VAL D 89 -42.15 -4.31 25.93
C VAL D 89 -41.54 -3.81 24.62
N THR D 90 -41.69 -4.60 23.55
CA THR D 90 -41.14 -4.21 22.26
C THR D 90 -41.72 -2.89 21.80
N HIS D 91 -43.03 -2.75 21.95
CA HIS D 91 -43.70 -1.52 21.53
C HIS D 91 -43.10 -0.34 22.26
N ASN D 92 -42.84 -0.54 23.54
CA ASN D 92 -42.28 0.53 24.33
C ASN D 92 -40.90 0.91 23.82
N LEU D 93 -40.10 -0.09 23.48
CA LEU D 93 -38.75 0.15 22.99
C LEU D 93 -38.78 0.92 21.67
N TYR D 94 -39.70 0.56 20.78
CA TYR D 94 -39.81 1.25 19.50
C TYR D 94 -40.48 2.60 19.55
N TYR D 95 -41.49 2.76 20.40
CA TYR D 95 -42.21 4.04 20.43
C TYR D 95 -42.14 4.88 21.67
N ASP D 96 -41.36 4.45 22.65
CA ASP D 96 -41.21 5.20 23.89
C ASP D 96 -42.61 5.54 24.45
N GLU D 97 -43.46 4.52 24.56
CA GLU D 97 -44.82 4.69 25.07
C GLU D 97 -45.43 3.34 25.43
N ASP D 98 -46.64 3.37 25.97
CA ASP D 98 -47.37 2.15 26.33
C ASP D 98 -48.16 1.66 25.13
N ILE D 99 -48.23 0.33 24.99
CA ILE D 99 -48.98 -0.31 23.91
C ILE D 99 -50.46 -0.21 24.28
N ASN D 100 -51.32 0.17 23.34
CA ASN D 100 -52.74 0.24 23.60
C ASN D 100 -53.27 -1.17 23.90
N VAL D 101 -54.21 -1.26 24.84
CA VAL D 101 -54.79 -2.55 25.24
C VAL D 101 -55.38 -3.32 24.05
N GLU D 102 -56.01 -2.61 23.13
CA GLU D 102 -56.61 -3.24 21.98
C GLU D 102 -55.53 -3.82 21.07
N SER D 103 -54.47 -3.05 20.86
CA SER D 103 -53.34 -3.48 20.03
C SER D 103 -52.66 -4.71 20.61
N LEU D 104 -52.42 -4.70 21.91
CA LEU D 104 -51.79 -5.83 22.57
C LEU D 104 -52.68 -7.06 22.36
N THR D 105 -53.98 -6.88 22.51
CA THR D 105 -54.91 -7.99 22.34
C THR D 105 -54.89 -8.54 20.92
N GLN D 106 -54.97 -7.63 19.94
CA GLN D 106 -54.95 -8.02 18.53
C GLN D 106 -53.69 -8.83 18.19
N SER D 107 -52.58 -8.49 18.82
CA SER D 107 -51.32 -9.19 18.60
C SER D 107 -51.42 -10.64 19.04
N VAL D 108 -52.00 -10.84 20.23
CA VAL D 108 -52.18 -12.17 20.79
C VAL D 108 -53.12 -12.97 19.90
N CYS D 109 -54.22 -12.36 19.49
CA CYS D 109 -55.18 -13.05 18.63
C CYS D 109 -54.63 -13.40 17.27
N ASP D 110 -53.48 -12.83 16.91
CA ASP D 110 -52.87 -13.13 15.62
C ASP D 110 -52.22 -14.51 15.63
N LEU D 111 -51.80 -14.99 16.80
CA LEU D 111 -51.20 -16.31 16.91
C LEU D 111 -52.27 -17.37 16.71
N ALA D 112 -53.45 -17.07 17.25
CA ALA D 112 -54.60 -17.94 17.21
C ALA D 112 -54.74 -18.94 16.06
N LEU D 113 -55.02 -18.45 14.86
CA LEU D 113 -55.21 -19.35 13.71
C LEU D 113 -53.93 -19.84 13.01
N ARG D 114 -52.78 -19.61 13.64
CA ARG D 114 -51.50 -20.05 13.08
C ARG D 114 -51.24 -21.52 13.35
N PHE D 115 -52.18 -22.38 12.95
CA PHE D 115 -52.00 -23.80 13.16
C PHE D 115 -52.29 -24.56 11.88
N GLY D 116 -51.82 -25.80 11.81
CA GLY D 116 -52.05 -26.62 10.62
C GLY D 116 -50.89 -27.55 10.32
N GLU D 117 -50.95 -28.23 9.18
CA GLU D 117 -49.90 -29.14 8.76
C GLU D 117 -49.24 -28.65 7.47
N GLY D 118 -49.49 -27.37 7.15
CA GLY D 118 -48.93 -26.78 5.95
C GLY D 118 -49.89 -25.86 5.21
N ALA D 119 -50.57 -24.97 5.96
CA ALA D 119 -51.53 -24.03 5.38
C ALA D 119 -50.85 -22.95 4.52
N SER D 120 -51.27 -22.87 3.24
CA SER D 120 -50.71 -21.90 2.29
C SER D 120 -51.09 -20.44 2.62
N GLY D 121 -50.24 -19.76 3.38
CA GLY D 121 -50.50 -18.38 3.74
C GLY D 121 -49.30 -17.75 4.42
N GLU D 122 -48.37 -18.60 4.87
CA GLU D 122 -47.13 -18.19 5.54
C GLU D 122 -46.45 -19.46 6.08
N GLU D 123 -46.09 -19.47 7.36
CA GLU D 123 -45.46 -20.66 7.96
C GLU D 123 -46.02 -20.95 9.36
N ARG D 124 -47.33 -21.21 9.41
CA ARG D 124 -48.04 -21.52 10.66
C ARG D 124 -47.68 -22.89 11.21
N LEU D 125 -46.55 -22.95 11.91
CA LEU D 125 -46.08 -24.18 12.51
C LEU D 125 -46.61 -24.30 13.95
N MET D 126 -47.74 -24.97 14.07
CA MET D 126 -48.40 -25.20 15.36
C MET D 126 -49.45 -26.22 14.97
N SER D 127 -49.43 -27.38 15.61
CA SER D 127 -50.34 -28.46 15.26
C SER D 127 -51.82 -28.28 15.57
N ARG D 128 -52.14 -27.53 16.62
CA ARG D 128 -53.54 -27.36 17.01
C ARG D 128 -53.79 -25.98 17.57
N PRO D 129 -55.07 -25.57 17.66
CA PRO D 129 -55.38 -24.26 18.22
C PRO D 129 -55.04 -24.28 19.71
N PHE D 130 -55.06 -23.12 20.35
CA PHE D 130 -54.80 -23.07 21.78
C PHE D 130 -56.05 -23.59 22.47
N GLY D 131 -55.89 -24.25 23.61
CA GLY D 131 -57.05 -24.77 24.31
C GLY D 131 -57.37 -23.92 25.54
N VAL D 132 -57.29 -22.61 25.39
CA VAL D 132 -57.55 -21.70 26.49
C VAL D 132 -57.99 -20.33 26.04
N ALA D 133 -58.99 -19.77 26.72
CA ALA D 133 -59.49 -18.45 26.39
C ALA D 133 -58.85 -17.49 27.37
N LEU D 134 -58.77 -16.21 27.00
CA LEU D 134 -58.14 -15.24 27.87
C LEU D 134 -58.99 -14.00 28.09
N LEU D 135 -58.86 -13.44 29.28
CA LEU D 135 -59.55 -12.21 29.60
C LEU D 135 -58.42 -11.24 29.77
N ILE D 136 -58.32 -10.27 28.86
CA ILE D 136 -57.25 -9.29 28.91
C ILE D 136 -57.83 -7.94 29.34
N ALA D 137 -57.34 -7.43 30.46
CA ALA D 137 -57.81 -6.16 30.98
C ALA D 137 -56.67 -5.15 31.17
N GLY D 138 -56.95 -3.90 30.84
CA GLY D 138 -55.95 -2.87 31.00
C GLY D 138 -56.51 -1.48 30.83
N HIS D 139 -55.60 -0.50 30.81
CA HIS D 139 -55.97 0.89 30.66
C HIS D 139 -55.00 1.61 29.75
N ASP D 140 -55.50 2.59 29.00
CA ASP D 140 -54.66 3.40 28.13
C ASP D 140 -55.36 4.75 27.88
N ALA D 141 -54.56 5.78 27.66
CA ALA D 141 -55.07 7.14 27.45
C ALA D 141 -56.21 7.32 26.46
N ASP D 142 -56.17 6.60 25.35
CA ASP D 142 -57.19 6.77 24.32
C ASP D 142 -58.57 6.17 24.59
N ASP D 143 -58.63 4.99 25.19
CA ASP D 143 -59.91 4.33 25.48
C ASP D 143 -60.09 3.89 26.93
N GLY D 144 -59.42 4.56 27.86
CA GLY D 144 -59.55 4.22 29.27
C GLY D 144 -59.46 2.74 29.60
N TYR D 145 -60.22 2.34 30.61
CA TYR D 145 -60.25 0.95 31.06
C TYR D 145 -60.92 0.03 30.06
N GLN D 146 -60.33 -1.16 29.88
CA GLN D 146 -60.87 -2.11 28.92
C GLN D 146 -60.75 -3.58 29.30
N LEU D 147 -61.72 -4.35 28.84
CA LEU D 147 -61.77 -5.78 29.08
C LEU D 147 -62.02 -6.45 27.72
N PHE D 148 -61.17 -7.43 27.40
CA PHE D 148 -61.28 -8.14 26.13
C PHE D 148 -61.31 -9.64 26.38
N HIS D 149 -62.03 -10.35 25.51
CA HIS D 149 -62.11 -11.80 25.60
C HIS D 149 -61.44 -12.33 24.33
N ALA D 150 -60.27 -12.94 24.48
CA ALA D 150 -59.55 -13.48 23.33
C ALA D 150 -59.75 -14.99 23.26
N GLU D 151 -60.27 -15.45 22.12
CA GLU D 151 -60.53 -16.89 21.92
C GLU D 151 -59.58 -17.50 20.91
N PRO D 152 -59.47 -18.84 20.90
CA PRO D 152 -58.60 -19.60 20.00
C PRO D 152 -59.03 -19.44 18.54
N SER D 153 -60.15 -18.75 18.34
CA SER D 153 -60.69 -18.50 17.03
C SER D 153 -59.97 -17.33 16.38
N GLY D 154 -59.32 -16.53 17.21
CA GLY D 154 -58.61 -15.38 16.69
C GLY D 154 -59.41 -14.11 16.82
N THR D 155 -60.67 -14.24 17.20
CA THR D 155 -61.53 -13.07 17.38
C THR D 155 -61.50 -12.68 18.85
N PHE D 156 -61.63 -11.38 19.12
CA PHE D 156 -61.61 -10.88 20.48
C PHE D 156 -62.69 -9.82 20.60
N TYR D 157 -63.51 -9.96 21.63
CA TYR D 157 -64.59 -9.03 21.84
C TYR D 157 -64.33 -8.15 23.05
N ARG D 158 -64.89 -6.96 23.02
CA ARG D 158 -64.74 -6.06 24.15
C ARG D 158 -66.03 -6.21 24.98
N TYR D 159 -65.89 -6.30 26.30
CA TYR D 159 -67.04 -6.45 27.19
C TYR D 159 -67.01 -5.46 28.36
N ASN D 160 -68.16 -5.22 28.96
CA ASN D 160 -68.24 -4.34 30.13
C ASN D 160 -68.00 -5.29 31.30
N ALA D 161 -68.31 -6.57 31.06
CA ALA D 161 -68.12 -7.63 32.04
C ALA D 161 -68.18 -8.93 31.26
N LYS D 162 -67.49 -9.95 31.73
CA LYS D 162 -67.50 -11.21 31.01
C LYS D 162 -66.99 -12.36 31.88
N ALA D 163 -67.56 -13.54 31.64
CA ALA D 163 -67.20 -14.74 32.37
C ALA D 163 -66.89 -15.86 31.40
N ILE D 164 -65.80 -16.58 31.65
CA ILE D 164 -65.39 -17.70 30.82
C ILE D 164 -65.09 -18.87 31.74
N GLY D 165 -65.30 -20.08 31.24
CA GLY D 165 -65.06 -21.27 32.06
C GLY D 165 -66.33 -22.05 32.35
N SER D 166 -66.21 -23.09 33.17
CA SER D 166 -67.33 -23.95 33.52
C SER D 166 -68.62 -23.23 33.92
N GLY D 167 -68.52 -22.18 34.71
CA GLY D 167 -69.76 -21.51 35.10
C GLY D 167 -70.07 -20.23 34.35
N SER D 168 -69.67 -20.16 33.10
CA SER D 168 -69.86 -18.95 32.29
C SER D 168 -71.30 -18.60 31.87
N GLU D 169 -72.06 -19.55 31.35
CA GLU D 169 -73.44 -19.24 30.94
C GLU D 169 -74.23 -18.73 32.15
N GLY D 170 -74.01 -19.38 33.29
CA GLY D 170 -74.70 -18.97 34.49
C GLY D 170 -74.20 -17.62 34.96
N ALA D 171 -72.89 -17.53 35.20
CA ALA D 171 -72.26 -16.30 35.66
C ALA D 171 -72.52 -15.11 34.75
N GLN D 172 -72.51 -15.33 33.44
CA GLN D 172 -72.74 -14.26 32.48
C GLN D 172 -74.13 -13.69 32.62
N ALA D 173 -75.09 -14.57 32.88
CA ALA D 173 -76.49 -14.16 33.08
C ALA D 173 -76.56 -13.24 34.29
N GLU D 174 -75.79 -13.59 35.32
CA GLU D 174 -75.74 -12.79 36.53
C GLU D 174 -75.20 -11.40 36.20
N LEU D 175 -74.03 -11.37 35.55
CA LEU D 175 -73.38 -10.11 35.16
C LEU D 175 -74.29 -9.23 34.34
N LEU D 176 -75.16 -9.85 33.54
CA LEU D 176 -76.08 -9.12 32.69
C LEU D 176 -76.98 -8.22 33.53
N ASN D 177 -77.46 -8.74 34.65
CA ASN D 177 -78.35 -7.99 35.54
C ASN D 177 -77.61 -7.08 36.52
N GLU D 178 -76.44 -7.51 36.98
CA GLU D 178 -75.67 -6.74 37.96
C GLU D 178 -74.90 -5.55 37.42
N TRP D 179 -74.37 -5.64 36.20
CA TRP D 179 -73.58 -4.56 35.64
C TRP D 179 -74.34 -3.30 35.22
N HIS D 180 -73.77 -2.15 35.54
CA HIS D 180 -74.33 -0.86 35.16
C HIS D 180 -73.16 0.13 35.04
N SER D 181 -73.31 1.07 34.11
CA SER D 181 -72.28 2.06 33.81
C SER D 181 -71.69 2.89 34.95
N SER D 182 -72.16 2.70 36.17
CA SER D 182 -71.62 3.49 37.27
C SER D 182 -71.11 2.69 38.46
N LEU D 183 -70.76 1.43 38.23
CA LEU D 183 -70.24 0.60 39.32
C LEU D 183 -68.94 1.18 39.84
N THR D 184 -68.70 1.01 41.13
CA THR D 184 -67.46 1.50 41.70
C THR D 184 -66.54 0.29 41.72
N LEU D 185 -65.23 0.53 41.86
CA LEU D 185 -64.30 -0.58 41.87
C LEU D 185 -64.66 -1.57 42.97
N LYS D 186 -64.99 -1.05 44.15
CA LYS D 186 -65.36 -1.90 45.29
C LYS D 186 -66.58 -2.76 44.98
N GLU D 187 -67.55 -2.18 44.28
CA GLU D 187 -68.75 -2.91 43.92
C GLU D 187 -68.37 -4.06 43.00
N ALA D 188 -67.62 -3.76 41.94
CA ALA D 188 -67.17 -4.78 41.00
C ALA D 188 -66.47 -5.91 41.74
N GLU D 189 -65.62 -5.55 42.69
CA GLU D 189 -64.89 -6.54 43.47
C GLU D 189 -65.85 -7.53 44.14
N LEU D 190 -66.76 -7.01 44.96
CA LEU D 190 -67.73 -7.84 45.66
C LEU D 190 -68.52 -8.66 44.64
N LEU D 191 -68.97 -7.98 43.61
CA LEU D 191 -69.75 -8.59 42.54
C LEU D 191 -69.05 -9.80 41.91
N VAL D 192 -67.76 -9.69 41.66
CA VAL D 192 -67.00 -10.78 41.08
C VAL D 192 -66.86 -11.88 42.12
N LEU D 193 -66.58 -11.46 43.35
CA LEU D 193 -66.42 -12.40 44.47
C LEU D 193 -67.72 -13.18 44.66
N LYS D 194 -68.85 -12.49 44.46
CA LYS D 194 -70.17 -13.10 44.61
C LYS D 194 -70.48 -14.14 43.53
N ILE D 195 -70.38 -13.74 42.26
CA ILE D 195 -70.66 -14.66 41.16
C ILE D 195 -69.76 -15.89 41.20
N LEU D 196 -68.50 -15.72 41.58
CA LEU D 196 -67.61 -16.87 41.64
C LEU D 196 -68.16 -17.87 42.63
N LYS D 197 -68.57 -17.35 43.78
CA LYS D 197 -69.14 -18.17 44.85
C LYS D 197 -70.37 -18.95 44.39
N GLN D 198 -71.19 -18.36 43.53
CA GLN D 198 -72.38 -19.05 43.02
C GLN D 198 -72.08 -20.20 42.08
N VAL D 199 -71.11 -20.03 41.18
CA VAL D 199 -70.79 -21.08 40.23
C VAL D 199 -69.72 -22.07 40.68
N MET D 200 -68.94 -21.69 41.68
CA MET D 200 -67.89 -22.58 42.18
C MET D 200 -68.46 -23.78 42.90
N GLU D 201 -67.85 -24.95 42.69
CA GLU D 201 -68.30 -26.16 43.36
C GLU D 201 -67.97 -26.03 44.84
N GLU D 202 -66.76 -25.58 45.13
CA GLU D 202 -66.29 -25.41 46.50
C GLU D 202 -66.81 -24.12 47.11
N LYS D 203 -66.70 -24.02 48.44
CA LYS D 203 -67.13 -22.83 49.15
C LYS D 203 -66.01 -21.82 49.03
N LEU D 204 -66.28 -20.73 48.33
CA LEU D 204 -65.30 -19.68 48.11
C LEU D 204 -64.68 -19.09 49.35
N ASP D 205 -63.35 -19.12 49.40
CA ASP D 205 -62.56 -18.56 50.50
C ASP D 205 -61.34 -17.91 49.86
N GLU D 206 -60.51 -17.22 50.64
CA GLU D 206 -59.34 -16.55 50.06
C GLU D 206 -58.21 -17.49 49.61
N ASN D 207 -58.48 -18.79 49.58
CA ASN D 207 -57.46 -19.75 49.16
C ASN D 207 -57.78 -20.48 47.87
N ASN D 208 -59.06 -20.57 47.51
CA ASN D 208 -59.43 -21.25 46.29
C ASN D 208 -59.95 -20.26 45.26
N ALA D 209 -59.75 -18.97 45.55
CA ALA D 209 -60.18 -17.91 44.65
C ALA D 209 -59.22 -16.74 44.77
N GLN D 210 -59.07 -16.00 43.68
CA GLN D 210 -58.14 -14.88 43.67
C GLN D 210 -58.65 -13.70 42.84
N LEU D 211 -58.45 -12.49 43.39
CA LEU D 211 -58.86 -11.25 42.75
C LEU D 211 -57.65 -10.43 42.29
N SER D 212 -57.93 -9.43 41.47
CA SER D 212 -56.90 -8.55 40.96
C SER D 212 -57.59 -7.44 40.20
N CYS D 213 -56.83 -6.39 39.93
CA CYS D 213 -57.38 -5.28 39.18
C CYS D 213 -56.26 -4.52 38.51
N ILE D 214 -56.66 -3.54 37.74
CA ILE D 214 -55.72 -2.69 37.07
C ILE D 214 -56.36 -1.31 37.09
N THR D 215 -55.63 -0.37 37.67
CA THR D 215 -56.09 1.02 37.74
C THR D 215 -55.02 1.91 37.12
N LYS D 216 -55.45 3.02 36.53
CA LYS D 216 -54.54 3.97 35.91
C LYS D 216 -53.48 4.42 36.90
N GLN D 217 -53.88 4.62 38.15
CA GLN D 217 -52.94 5.07 39.15
C GLN D 217 -51.87 4.07 39.57
N ASP D 218 -52.26 2.87 39.98
CA ASP D 218 -51.27 1.89 40.44
C ASP D 218 -51.00 0.71 39.52
N GLY D 219 -51.72 0.66 38.39
CA GLY D 219 -51.52 -0.42 37.45
C GLY D 219 -52.05 -1.76 37.90
N PHE D 220 -51.59 -2.82 37.25
CA PHE D 220 -52.05 -4.16 37.57
C PHE D 220 -51.48 -4.70 38.88
N LYS D 221 -52.38 -5.15 39.74
CA LYS D 221 -52.00 -5.71 41.03
C LYS D 221 -52.82 -6.95 41.32
N ILE D 222 -52.19 -7.94 41.95
CA ILE D 222 -52.89 -9.15 42.32
C ILE D 222 -53.12 -9.05 43.83
N TYR D 223 -54.39 -9.04 44.26
CA TYR D 223 -54.72 -8.94 45.67
C TYR D 223 -54.18 -10.13 46.43
N ASP D 224 -53.48 -9.88 47.53
CA ASP D 224 -52.96 -10.98 48.33
C ASP D 224 -54.11 -11.57 49.13
N ASN D 225 -53.93 -12.80 49.61
CA ASN D 225 -54.99 -13.49 50.34
C ASN D 225 -55.65 -12.72 51.48
N GLU D 226 -54.87 -12.01 52.28
CA GLU D 226 -55.42 -11.25 53.39
C GLU D 226 -56.37 -10.17 52.89
N LYS D 227 -55.99 -9.49 51.82
CA LYS D 227 -56.83 -8.44 51.27
C LYS D 227 -58.16 -8.97 50.77
N THR D 228 -58.13 -10.13 50.13
CA THR D 228 -59.34 -10.73 49.59
C THR D 228 -60.24 -11.30 50.70
N ALA D 229 -59.64 -12.00 51.65
CA ALA D 229 -60.39 -12.58 52.76
C ALA D 229 -61.33 -11.56 53.38
N GLU D 230 -60.83 -10.34 53.58
CA GLU D 230 -61.65 -9.26 54.14
C GLU D 230 -62.79 -8.91 53.20
N LEU D 231 -62.50 -8.82 51.91
CA LEU D 231 -63.54 -8.50 50.95
C LEU D 231 -64.59 -9.61 50.90
N ILE D 232 -64.17 -10.83 51.24
CA ILE D 232 -65.09 -11.96 51.25
C ILE D 232 -66.04 -11.82 52.43
N LYS D 233 -65.47 -11.51 53.59
CA LYS D 233 -66.23 -11.30 54.82
C LYS D 233 -67.25 -10.18 54.58
N GLU D 234 -66.80 -9.12 53.92
CA GLU D 234 -67.67 -7.98 53.61
C GLU D 234 -68.83 -8.38 52.71
N LEU D 235 -68.65 -9.40 51.90
CA LEU D 235 -69.71 -9.85 51.00
C LEU D 235 -70.76 -10.62 51.79
N LYS D 236 -70.30 -11.55 52.61
CA LYS D 236 -71.20 -12.37 53.41
C LYS D 236 -72.11 -11.48 54.26
N GLU D 237 -71.55 -10.40 54.78
CA GLU D 237 -72.32 -9.48 55.60
C GLU D 237 -73.37 -8.72 54.81
N LYS D 238 -73.01 -8.22 53.64
CA LYS D 238 -73.98 -7.48 52.85
C LYS D 238 -75.07 -8.37 52.28
N GLU D 239 -74.77 -9.67 52.16
CA GLU D 239 -75.75 -10.64 51.64
C GLU D 239 -76.72 -11.03 52.74
N ALA D 240 -76.17 -11.32 53.91
CA ALA D 240 -76.99 -11.70 55.05
C ALA D 240 -77.81 -10.49 55.49
N ALA D 241 -77.45 -9.31 54.98
CA ALA D 241 -78.13 -8.06 55.30
C ALA D 241 -79.51 -7.95 54.67
N GLU D 242 -79.85 -8.92 53.83
CA GLU D 242 -81.15 -8.95 53.17
C GLU D 242 -81.16 -10.01 52.08
N PHE E 1 -71.41 -40.13 -0.66
CA PHE E 1 -71.01 -39.07 -1.64
C PHE E 1 -70.15 -38.01 -0.94
N ARG E 2 -70.64 -36.76 -0.97
CA ARG E 2 -69.97 -35.61 -0.40
C ARG E 2 -68.93 -35.91 0.67
N ASN E 3 -69.33 -36.67 1.69
CA ASN E 3 -68.43 -37.01 2.79
C ASN E 3 -67.07 -37.55 2.34
N ASN E 4 -67.04 -38.24 1.22
CA ASN E 4 -65.79 -38.80 0.70
C ASN E 4 -64.98 -37.84 -0.14
N TYR E 5 -65.57 -36.70 -0.49
CA TYR E 5 -64.89 -35.73 -1.33
C TYR E 5 -64.81 -34.33 -0.71
N ASP E 6 -64.96 -34.21 0.60
CA ASP E 6 -64.91 -32.90 1.24
C ASP E 6 -63.88 -32.82 2.37
N GLY E 7 -62.95 -33.77 2.41
CA GLY E 7 -61.95 -33.78 3.46
C GLY E 7 -60.82 -32.79 3.31
N ASP E 8 -60.73 -32.14 2.15
CA ASP E 8 -59.68 -31.16 1.88
C ASP E 8 -59.89 -30.51 0.52
N THR E 9 -59.40 -29.28 0.37
CA THR E 9 -59.55 -28.51 -0.87
C THR E 9 -58.92 -29.11 -2.11
N VAL E 10 -58.02 -30.06 -1.96
CA VAL E 10 -57.35 -30.65 -3.10
C VAL E 10 -58.15 -31.76 -3.80
N THR E 11 -59.41 -31.97 -3.41
CA THR E 11 -60.20 -33.04 -4.01
C THR E 11 -61.46 -32.58 -4.75
N PHE E 12 -61.60 -33.06 -5.98
CA PHE E 12 -62.78 -32.75 -6.77
C PHE E 12 -63.81 -33.83 -6.49
N SER E 13 -65.09 -33.45 -6.45
CA SER E 13 -66.15 -34.42 -6.21
C SER E 13 -66.43 -35.01 -7.60
N PRO E 14 -67.24 -36.08 -7.67
CA PRO E 14 -67.54 -36.67 -8.98
C PRO E 14 -68.26 -35.72 -9.95
N THR E 15 -68.88 -34.65 -9.43
CA THR E 15 -69.57 -33.72 -10.29
C THR E 15 -68.75 -32.45 -10.61
N GLY E 16 -67.53 -32.39 -10.08
CA GLY E 16 -66.66 -31.26 -10.35
C GLY E 16 -66.73 -30.14 -9.33
N ARG E 17 -67.22 -30.47 -8.13
CA ARG E 17 -67.35 -29.49 -7.06
C ARG E 17 -66.21 -29.55 -6.06
N LEU E 18 -66.03 -28.45 -5.34
CA LEU E 18 -64.99 -28.33 -4.32
C LEU E 18 -65.70 -27.99 -3.01
N PHE E 19 -66.12 -29.02 -2.28
CA PHE E 19 -66.85 -28.84 -1.04
C PHE E 19 -66.20 -27.95 0.01
N GLN E 20 -64.90 -28.11 0.24
CA GLN E 20 -64.24 -27.27 1.22
C GLN E 20 -64.47 -25.81 0.88
N VAL E 21 -64.38 -25.50 -0.40
CA VAL E 21 -64.59 -24.13 -0.87
C VAL E 21 -66.02 -23.73 -0.58
N GLU E 22 -66.95 -24.64 -0.87
CA GLU E 22 -68.36 -24.40 -0.64
C GLU E 22 -68.68 -24.24 0.84
N TYR E 23 -68.02 -25.03 1.68
CA TYR E 23 -68.24 -24.94 3.12
C TYR E 23 -67.73 -23.60 3.62
N ALA E 24 -66.71 -23.09 2.95
CA ALA E 24 -66.14 -21.80 3.33
C ALA E 24 -67.20 -20.74 2.99
N LEU E 25 -67.75 -20.83 1.80
CA LEU E 25 -68.78 -19.88 1.36
C LEU E 25 -69.92 -19.87 2.37
N GLU E 26 -70.11 -20.98 3.05
CA GLU E 26 -71.19 -21.08 4.02
C GLU E 26 -70.92 -20.18 5.22
N ALA E 27 -69.65 -20.03 5.59
CA ALA E 27 -69.29 -19.17 6.71
C ALA E 27 -69.71 -17.74 6.44
N ILE E 28 -69.72 -17.34 5.18
CA ILE E 28 -70.11 -15.98 4.82
C ILE E 28 -71.59 -15.80 5.10
N LYS E 29 -72.41 -16.69 4.58
CA LYS E 29 -73.86 -16.61 4.78
C LYS E 29 -74.22 -16.48 6.26
N GLN E 30 -73.45 -17.14 7.12
CA GLN E 30 -73.68 -17.10 8.55
C GLN E 30 -73.19 -15.78 9.14
N GLY E 31 -72.54 -14.96 8.30
CA GLY E 31 -72.04 -13.68 8.75
C GLY E 31 -73.07 -12.57 8.66
N SER E 32 -72.88 -11.52 9.47
CA SER E 32 -73.81 -10.41 9.48
C SER E 32 -73.83 -9.73 8.12
N VAL E 33 -74.99 -9.19 7.73
CA VAL E 33 -75.12 -8.53 6.44
C VAL E 33 -74.34 -7.23 6.31
N THR E 34 -73.92 -6.94 5.09
CA THR E 34 -73.20 -5.71 4.76
C THR E 34 -73.56 -5.36 3.32
N VAL E 35 -73.65 -4.07 3.03
CA VAL E 35 -74.02 -3.61 1.70
C VAL E 35 -73.02 -2.66 1.06
N GLY E 36 -73.03 -2.60 -0.27
CA GLY E 36 -72.15 -1.70 -0.98
C GLY E 36 -72.85 -1.17 -2.22
N LEU E 37 -72.67 0.11 -2.52
CA LEU E 37 -73.30 0.72 -3.69
C LEU E 37 -72.51 1.97 -4.08
N ARG E 38 -72.55 2.32 -5.36
CA ARG E 38 -71.82 3.48 -5.85
C ARG E 38 -72.56 4.28 -6.92
N SER E 39 -72.28 5.56 -6.98
CA SER E 39 -72.86 6.43 -8.00
C SER E 39 -71.68 6.63 -8.97
N ASN E 40 -71.49 7.84 -9.48
CA ASN E 40 -70.37 8.08 -10.36
C ASN E 40 -69.34 8.95 -9.67
N THR E 41 -69.70 9.43 -8.49
CA THR E 41 -68.80 10.28 -7.72
C THR E 41 -68.39 9.64 -6.41
N HIS E 42 -69.22 8.76 -5.86
CA HIS E 42 -68.91 8.10 -4.59
C HIS E 42 -69.21 6.61 -4.55
N ALA E 43 -68.71 5.97 -3.50
CA ALA E 43 -68.92 4.55 -3.25
C ALA E 43 -69.17 4.50 -1.76
N VAL E 44 -70.14 3.68 -1.35
CA VAL E 44 -70.49 3.57 0.05
C VAL E 44 -70.54 2.15 0.58
N LEU E 45 -70.18 2.00 1.84
CA LEU E 45 -70.22 0.72 2.50
C LEU E 45 -71.06 0.89 3.75
N VAL E 46 -72.10 0.06 3.87
CA VAL E 46 -72.99 0.08 5.04
C VAL E 46 -72.92 -1.34 5.58
N ALA E 47 -72.56 -1.48 6.84
CA ALA E 47 -72.46 -2.80 7.40
C ALA E 47 -73.11 -2.91 8.76
N LEU E 48 -73.84 -4.00 8.96
CA LEU E 48 -74.51 -4.25 10.23
C LEU E 48 -73.53 -4.93 11.18
N LYS E 49 -73.17 -4.24 12.26
CA LYS E 49 -72.24 -4.83 13.21
C LYS E 49 -73.01 -5.78 14.14
N ARG E 50 -72.42 -6.94 14.43
CA ARG E 50 -73.04 -7.94 15.29
C ARG E 50 -72.36 -8.00 16.65
N ASN E 51 -73.17 -8.16 17.69
CA ASN E 51 -72.64 -8.23 19.05
C ASN E 51 -72.85 -9.62 19.67
N ALA E 52 -71.97 -10.01 20.57
CA ALA E 52 -72.07 -11.31 21.24
C ALA E 52 -73.16 -11.26 22.30
N ASP E 53 -72.93 -10.49 23.35
CA ASP E 53 -73.87 -10.29 24.45
C ASP E 53 -74.32 -8.84 24.39
N GLU E 54 -75.06 -8.41 25.39
CA GLU E 54 -75.49 -7.02 25.43
C GLU E 54 -74.47 -6.29 26.29
N LEU E 55 -73.44 -7.05 26.67
CA LEU E 55 -72.33 -6.54 27.47
C LEU E 55 -71.10 -6.49 26.57
N SER E 56 -71.26 -6.94 25.33
CA SER E 56 -70.18 -6.96 24.35
C SER E 56 -70.31 -5.87 23.30
N SER E 57 -69.23 -5.64 22.58
CA SER E 57 -69.17 -4.64 21.54
C SER E 57 -69.69 -5.23 20.24
N TYR E 58 -69.90 -4.36 19.24
CA TYR E 58 -70.35 -4.81 17.94
C TYR E 58 -69.10 -4.84 17.07
N GLN E 59 -68.63 -6.05 16.76
CA GLN E 59 -67.43 -6.26 15.97
C GLN E 59 -67.32 -5.40 14.71
N LYS E 60 -66.20 -4.69 14.56
CA LYS E 60 -65.99 -3.83 13.40
C LYS E 60 -66.01 -4.63 12.10
N LYS E 61 -66.68 -4.10 11.09
CA LYS E 61 -66.75 -4.83 9.83
C LYS E 61 -66.16 -4.09 8.62
N ILE E 62 -65.64 -2.88 8.84
CA ILE E 62 -65.03 -2.12 7.75
C ILE E 62 -63.56 -1.82 7.99
N ILE E 63 -62.75 -2.06 6.96
CA ILE E 63 -61.31 -1.83 7.06
C ILE E 63 -60.83 -0.95 5.93
N LYS E 64 -60.01 0.04 6.29
CA LYS E 64 -59.43 0.96 5.32
C LYS E 64 -58.12 0.36 4.83
N CYS E 65 -57.96 0.27 3.51
CA CYS E 65 -56.75 -0.29 2.94
C CYS E 65 -55.74 0.76 2.50
N ASP E 66 -56.26 1.94 2.13
CA ASP E 66 -55.44 3.07 1.71
C ASP E 66 -56.36 4.29 1.78
N GLU E 67 -55.88 5.45 1.33
CA GLU E 67 -56.68 6.66 1.39
C GLU E 67 -57.79 6.66 0.35
N HIS E 68 -57.67 5.78 -0.63
CA HIS E 68 -58.67 5.73 -1.70
C HIS E 68 -59.34 4.37 -1.80
N MET E 69 -59.07 3.47 -0.85
CA MET E 69 -59.65 2.14 -0.92
C MET E 69 -59.97 1.53 0.45
N GLY E 70 -60.95 0.64 0.48
CA GLY E 70 -61.36 0.00 1.71
C GLY E 70 -62.40 -1.07 1.44
N LEU E 71 -62.70 -1.88 2.45
CA LEU E 71 -63.66 -2.95 2.25
C LEU E 71 -64.53 -3.26 3.47
N SER E 72 -65.52 -4.13 3.28
CA SER E 72 -66.41 -4.58 4.35
C SER E 72 -66.31 -6.11 4.31
N LEU E 73 -66.38 -6.73 5.48
CA LEU E 73 -66.25 -8.18 5.61
C LEU E 73 -67.47 -8.92 6.14
N ALA E 74 -67.61 -10.17 5.75
CA ALA E 74 -68.71 -11.03 6.20
C ALA E 74 -68.16 -12.43 6.33
N GLY E 75 -67.98 -12.91 7.56
CA GLY E 75 -67.44 -14.24 7.76
C GLY E 75 -66.36 -14.26 8.81
N LEU E 76 -65.32 -15.07 8.62
CA LEU E 76 -64.23 -15.14 9.58
C LEU E 76 -63.45 -13.83 9.60
N ALA E 77 -63.56 -13.09 10.70
CA ALA E 77 -62.87 -11.81 10.86
C ALA E 77 -61.36 -11.93 10.63
N PRO E 78 -60.71 -12.93 11.27
CA PRO E 78 -59.27 -13.11 11.10
C PRO E 78 -58.84 -13.14 9.64
N ASP E 79 -59.60 -13.85 8.81
CA ASP E 79 -59.28 -13.94 7.39
C ASP E 79 -59.40 -12.62 6.66
N ALA E 80 -60.22 -11.71 7.17
CA ALA E 80 -60.38 -10.41 6.53
C ALA E 80 -59.16 -9.57 6.92
N ARG E 81 -58.67 -9.79 8.13
CA ARG E 81 -57.50 -9.06 8.62
C ARG E 81 -56.31 -9.43 7.73
N VAL E 82 -56.18 -10.71 7.44
CA VAL E 82 -55.10 -11.18 6.60
C VAL E 82 -55.20 -10.62 5.18
N LEU E 83 -56.39 -10.76 4.58
CA LEU E 83 -56.62 -10.28 3.22
C LEU E 83 -56.54 -8.77 3.10
N SER E 84 -57.07 -8.05 4.09
CA SER E 84 -57.01 -6.59 4.03
C SER E 84 -55.56 -6.15 4.23
N ASN E 85 -54.86 -6.84 5.12
CA ASN E 85 -53.47 -6.50 5.37
C ASN E 85 -52.69 -6.64 4.07
N TYR E 86 -52.96 -7.71 3.33
CA TYR E 86 -52.30 -7.95 2.06
C TYR E 86 -52.68 -6.86 1.06
N LEU E 87 -53.93 -6.40 1.13
CA LEU E 87 -54.37 -5.35 0.23
C LEU E 87 -53.69 -4.03 0.61
N ARG E 88 -53.44 -3.85 1.91
CA ARG E 88 -52.77 -2.65 2.38
C ARG E 88 -51.34 -2.61 1.85
N GLN E 89 -50.68 -3.76 1.85
CA GLN E 89 -49.31 -3.85 1.37
C GLN E 89 -49.26 -3.59 -0.13
N GLN E 90 -50.19 -4.21 -0.87
CA GLN E 90 -50.22 -4.01 -2.31
C GLN E 90 -50.45 -2.57 -2.70
N CYS E 91 -51.28 -1.85 -1.95
CA CYS E 91 -51.53 -0.44 -2.24
C CYS E 91 -50.29 0.36 -1.93
N ASN E 92 -49.64 -0.01 -0.83
CA ASN E 92 -48.42 0.65 -0.37
C ASN E 92 -47.32 0.44 -1.38
N TYR E 93 -47.22 -0.76 -1.90
CA TYR E 93 -46.20 -1.06 -2.88
C TYR E 93 -46.40 -0.18 -4.11
N SER E 94 -47.61 -0.16 -4.66
CA SER E 94 -47.89 0.65 -5.85
C SER E 94 -47.44 2.09 -5.65
N SER E 95 -47.74 2.64 -4.48
CA SER E 95 -47.36 4.02 -4.19
C SER E 95 -45.86 4.21 -4.10
N LEU E 96 -45.21 3.47 -3.20
CA LEU E 96 -43.77 3.60 -3.02
C LEU E 96 -42.96 3.40 -4.27
N VAL E 97 -43.22 2.31 -5.00
CA VAL E 97 -42.46 2.01 -6.20
C VAL E 97 -42.80 2.79 -7.45
N PHE E 98 -44.09 2.91 -7.77
CA PHE E 98 -44.51 3.61 -8.98
C PHE E 98 -45.15 4.96 -8.73
N ASN E 99 -45.27 5.34 -7.48
CA ASN E 99 -45.90 6.63 -7.12
C ASN E 99 -47.25 6.67 -7.83
N ARG E 100 -47.96 5.56 -7.74
CA ARG E 100 -49.24 5.38 -8.40
C ARG E 100 -50.21 4.76 -7.42
N LYS E 101 -51.46 5.22 -7.43
CA LYS E 101 -52.45 4.63 -6.54
C LYS E 101 -52.96 3.37 -7.23
N LEU E 102 -53.11 2.30 -6.45
CA LEU E 102 -53.53 1.02 -6.99
C LEU E 102 -54.97 1.00 -7.49
N ALA E 103 -55.14 0.61 -8.75
CA ALA E 103 -56.46 0.51 -9.37
C ALA E 103 -57.32 -0.51 -8.63
N VAL E 104 -58.56 -0.14 -8.38
CA VAL E 104 -59.50 -1.01 -7.68
C VAL E 104 -59.66 -2.33 -8.41
N GLU E 105 -59.59 -2.27 -9.74
CA GLU E 105 -59.73 -3.49 -10.54
C GLU E 105 -58.50 -4.36 -10.35
N ARG E 106 -57.35 -3.73 -10.17
CA ARG E 106 -56.11 -4.47 -9.99
C ARG E 106 -56.10 -5.14 -8.62
N ALA E 107 -56.65 -4.45 -7.62
CA ALA E 107 -56.72 -4.99 -6.27
C ALA E 107 -57.58 -6.26 -6.32
N GLY E 108 -58.66 -6.20 -7.07
CA GLY E 108 -59.55 -7.33 -7.19
C GLY E 108 -58.81 -8.53 -7.73
N HIS E 109 -58.01 -8.33 -8.78
CA HIS E 109 -57.25 -9.41 -9.39
C HIS E 109 -56.26 -10.02 -8.39
N LEU E 110 -55.66 -9.16 -7.56
CA LEU E 110 -54.69 -9.62 -6.58
C LEU E 110 -55.34 -10.46 -5.48
N LEU E 111 -56.55 -10.08 -5.09
CA LEU E 111 -57.26 -10.82 -4.06
C LEU E 111 -57.69 -12.16 -4.61
N CYS E 112 -58.17 -12.17 -5.85
CA CYS E 112 -58.59 -13.41 -6.47
C CYS E 112 -57.43 -14.40 -6.50
N ASP E 113 -56.28 -13.96 -6.98
CA ASP E 113 -55.12 -14.82 -7.08
C ASP E 113 -54.60 -15.30 -5.73
N LYS E 114 -54.76 -14.51 -4.67
CA LYS E 114 -54.27 -14.96 -3.37
C LYS E 114 -55.22 -16.01 -2.83
N ALA E 115 -56.51 -15.83 -3.08
CA ALA E 115 -57.50 -16.78 -2.62
C ALA E 115 -57.40 -18.09 -3.37
N GLN E 116 -57.09 -18.00 -4.66
CA GLN E 116 -57.01 -19.19 -5.48
C GLN E 116 -55.96 -20.18 -5.01
N LYS E 117 -54.80 -19.68 -4.59
CA LYS E 117 -53.72 -20.54 -4.14
C LYS E 117 -54.13 -21.45 -2.98
N ASN E 118 -55.05 -20.96 -2.17
CA ASN E 118 -55.56 -21.70 -1.03
C ASN E 118 -56.67 -22.68 -1.37
N THR E 119 -56.87 -22.95 -2.67
CA THR E 119 -57.92 -23.89 -3.11
C THR E 119 -57.38 -24.97 -4.04
N GLN E 120 -56.06 -25.00 -4.23
CA GLN E 120 -55.46 -25.98 -5.13
C GLN E 120 -54.33 -26.80 -4.50
N SER E 121 -53.92 -26.42 -3.29
CA SER E 121 -52.84 -27.13 -2.61
C SER E 121 -53.23 -27.81 -1.31
N TYR E 122 -52.57 -28.93 -1.04
CA TYR E 122 -52.80 -29.72 0.15
C TYR E 122 -52.29 -28.97 1.37
N GLY E 123 -53.01 -29.11 2.49
CA GLY E 123 -52.57 -28.46 3.72
C GLY E 123 -53.27 -27.16 4.09
N GLY E 124 -53.51 -26.30 3.11
CA GLY E 124 -54.16 -25.05 3.42
C GLY E 124 -55.67 -25.21 3.53
N ARG E 125 -56.37 -24.09 3.65
CA ARG E 125 -57.81 -24.10 3.73
C ARG E 125 -58.25 -22.84 3.02
N PRO E 126 -59.45 -22.84 2.44
CA PRO E 126 -59.88 -21.63 1.75
C PRO E 126 -60.14 -20.55 2.78
N TYR E 127 -60.19 -19.31 2.35
CA TYR E 127 -60.48 -18.25 3.29
C TYR E 127 -61.98 -18.36 3.56
N GLY E 128 -62.39 -18.11 4.79
CA GLY E 128 -63.79 -18.21 5.12
C GLY E 128 -64.42 -16.86 5.36
N VAL E 129 -64.32 -15.98 4.37
CA VAL E 129 -64.86 -14.64 4.52
C VAL E 129 -65.13 -13.98 3.16
N GLY E 130 -66.17 -13.14 3.13
CA GLY E 130 -66.54 -12.44 1.91
C GLY E 130 -66.17 -10.99 2.08
N LEU E 131 -65.82 -10.34 0.98
CA LEU E 131 -65.42 -8.95 1.06
C LEU E 131 -66.06 -8.10 -0.01
N LEU E 132 -66.40 -6.87 0.36
CA LEU E 132 -66.96 -5.90 -0.57
C LEU E 132 -65.96 -4.74 -0.58
N ILE E 133 -65.31 -4.54 -1.72
CA ILE E 133 -64.31 -3.47 -1.84
C ILE E 133 -64.82 -2.26 -2.60
N ILE E 134 -64.62 -1.08 -2.02
CA ILE E 134 -65.03 0.18 -2.66
C ILE E 134 -63.82 1.09 -2.73
N GLY E 135 -63.76 1.90 -3.78
CA GLY E 135 -62.66 2.82 -3.93
C GLY E 135 -62.78 3.77 -5.09
N TYR E 136 -62.10 4.91 -4.99
CA TYR E 136 -62.12 5.90 -6.06
C TYR E 136 -60.71 5.96 -6.63
N ASP E 137 -60.58 5.63 -7.92
CA ASP E 137 -59.28 5.65 -8.57
C ASP E 137 -59.31 6.47 -9.85
N LYS E 138 -58.35 6.25 -10.75
CA LYS E 138 -58.29 7.02 -11.99
C LYS E 138 -59.43 6.80 -12.97
N SER E 139 -60.36 5.90 -12.64
CA SER E 139 -61.49 5.67 -13.54
C SER E 139 -62.81 5.84 -12.81
N GLY E 140 -62.76 6.54 -11.68
CA GLY E 140 -63.97 6.79 -10.92
C GLY E 140 -64.24 5.93 -9.71
N ALA E 141 -65.51 5.84 -9.35
CA ALA E 141 -65.95 5.06 -8.20
C ALA E 141 -66.07 3.58 -8.58
N HIS E 142 -65.78 2.71 -7.61
CA HIS E 142 -65.83 1.27 -7.86
C HIS E 142 -66.30 0.48 -6.66
N LEU E 143 -66.93 -0.66 -6.95
CA LEU E 143 -67.41 -1.58 -5.94
C LEU E 143 -67.13 -2.99 -6.44
N LEU E 144 -66.52 -3.79 -5.57
CA LEU E 144 -66.16 -5.16 -5.90
C LEU E 144 -66.68 -6.14 -4.87
N GLU E 145 -67.03 -7.35 -5.32
CA GLU E 145 -67.48 -8.39 -4.41
C GLU E 145 -66.49 -9.54 -4.51
N PHE E 146 -65.92 -9.91 -3.37
CA PHE E 146 -64.92 -10.97 -3.31
C PHE E 146 -65.45 -12.21 -2.61
N GLN E 147 -65.37 -13.35 -3.27
CA GLN E 147 -65.80 -14.62 -2.67
C GLN E 147 -64.58 -15.51 -2.48
N PRO E 148 -64.49 -16.22 -1.35
CA PRO E 148 -63.38 -17.12 -1.00
C PRO E 148 -63.02 -18.10 -2.10
N SER E 149 -63.95 -18.32 -3.02
CA SER E 149 -63.70 -19.23 -4.12
C SER E 149 -62.58 -18.60 -4.96
N GLY E 150 -62.47 -17.28 -4.84
CA GLY E 150 -61.49 -16.54 -5.59
C GLY E 150 -62.17 -15.69 -6.65
N ASN E 151 -63.50 -15.77 -6.70
CA ASN E 151 -64.28 -15.01 -7.66
C ASN E 151 -64.53 -13.59 -7.19
N VAL E 152 -64.10 -12.63 -8.01
CA VAL E 152 -64.27 -11.21 -7.70
C VAL E 152 -65.03 -10.54 -8.85
N THR E 153 -66.08 -9.80 -8.52
CA THR E 153 -66.89 -9.14 -9.53
C THR E 153 -67.11 -7.67 -9.25
N GLU E 154 -67.16 -6.87 -10.32
CA GLU E 154 -67.41 -5.44 -10.18
C GLU E 154 -68.90 -5.21 -10.38
N LEU E 155 -69.50 -4.43 -9.49
CA LEU E 155 -70.92 -4.15 -9.54
C LEU E 155 -71.24 -2.70 -9.22
N TYR E 156 -72.53 -2.34 -9.34
CA TYR E 156 -73.00 -0.99 -9.01
C TYR E 156 -73.37 -1.02 -7.54
N GLY E 157 -73.78 -2.21 -7.09
CA GLY E 157 -74.16 -2.41 -5.69
C GLY E 157 -74.36 -3.87 -5.40
N THR E 158 -74.39 -4.22 -4.11
CA THR E 158 -74.59 -5.60 -3.70
C THR E 158 -74.55 -5.74 -2.19
N ALA E 159 -74.79 -6.96 -1.72
CA ALA E 159 -74.77 -7.25 -0.28
C ALA E 159 -74.37 -8.69 -0.07
N ILE E 160 -73.75 -8.97 1.07
CA ILE E 160 -73.33 -10.33 1.40
C ILE E 160 -73.62 -10.56 2.87
N GLY E 161 -73.80 -11.82 3.24
CA GLY E 161 -74.11 -12.17 4.62
C GLY E 161 -75.53 -12.71 4.78
N ALA E 162 -75.96 -12.85 6.02
CA ALA E 162 -77.29 -13.37 6.31
C ALA E 162 -78.39 -12.43 5.84
N ARG E 163 -79.36 -12.99 5.12
CA ARG E 163 -80.50 -12.23 4.62
C ARG E 163 -80.09 -11.15 3.64
N SER E 164 -78.86 -11.27 3.15
CA SER E 164 -78.33 -10.30 2.20
C SER E 164 -79.25 -10.12 0.97
N GLN E 165 -79.94 -11.19 0.61
CA GLN E 165 -80.83 -11.20 -0.55
C GLN E 165 -81.87 -10.09 -0.51
N GLY E 166 -82.25 -9.66 0.69
CA GLY E 166 -83.22 -8.59 0.79
C GLY E 166 -82.68 -7.35 0.12
N ALA E 167 -81.58 -6.84 0.68
CA ALA E 167 -80.93 -5.64 0.19
C ALA E 167 -80.55 -5.76 -1.29
N LYS E 168 -80.09 -6.93 -1.69
CA LYS E 168 -79.68 -7.13 -3.06
C LYS E 168 -80.80 -6.90 -4.07
N THR E 169 -82.01 -7.38 -3.74
CA THR E 169 -83.14 -7.19 -4.65
C THR E 169 -83.53 -5.72 -4.66
N TYR E 170 -83.49 -5.10 -3.48
CA TYR E 170 -83.81 -3.69 -3.34
C TYR E 170 -82.92 -2.86 -4.24
N LEU E 171 -81.62 -3.13 -4.20
CA LEU E 171 -80.66 -2.39 -5.01
C LEU E 171 -80.88 -2.66 -6.50
N GLU E 172 -81.11 -3.93 -6.82
CA GLU E 172 -81.31 -4.33 -8.22
C GLU E 172 -82.54 -3.63 -8.78
N ARG E 173 -83.32 -3.06 -7.87
CA ARG E 173 -84.55 -2.34 -8.21
C ARG E 173 -84.25 -0.84 -8.25
N THR E 174 -83.69 -0.34 -7.15
CA THR E 174 -83.32 1.07 -6.99
C THR E 174 -82.17 1.51 -7.91
N LEU E 175 -81.59 0.56 -8.63
CA LEU E 175 -80.46 0.84 -9.52
C LEU E 175 -80.48 2.20 -10.21
N ASP E 176 -81.34 2.34 -11.22
CA ASP E 176 -81.44 3.58 -11.99
C ASP E 176 -81.50 4.83 -11.11
N THR E 177 -81.93 4.66 -9.87
CA THR E 177 -82.03 5.79 -8.93
C THR E 177 -80.71 6.21 -8.28
N PHE E 178 -80.14 5.34 -7.46
CA PHE E 178 -78.90 5.66 -6.74
C PHE E 178 -77.65 5.84 -7.61
N ILE E 179 -77.60 5.17 -8.76
CA ILE E 179 -76.45 5.27 -9.66
C ILE E 179 -76.25 6.70 -10.13
N LYS E 180 -77.25 7.54 -9.88
CA LYS E 180 -77.18 8.94 -10.30
C LYS E 180 -77.04 9.91 -9.13
N ILE E 181 -76.86 9.36 -7.93
CA ILE E 181 -76.68 10.19 -6.74
C ILE E 181 -75.24 10.72 -6.75
N ASP E 182 -74.94 11.56 -7.73
CA ASP E 182 -73.61 12.15 -7.88
C ASP E 182 -73.50 13.49 -7.17
N GLY E 183 -72.40 13.68 -6.45
CA GLY E 183 -72.19 14.93 -5.75
C GLY E 183 -73.02 15.10 -4.50
N ASN E 184 -73.58 14.00 -3.99
CA ASN E 184 -74.37 14.10 -2.77
C ASN E 184 -74.23 12.84 -1.92
N PRO E 185 -73.12 12.74 -1.17
CA PRO E 185 -72.85 11.60 -0.31
C PRO E 185 -74.01 11.19 0.59
N ASP E 186 -74.56 12.15 1.33
CA ASP E 186 -75.67 11.85 2.24
C ASP E 186 -76.79 11.07 1.57
N GLU E 187 -77.11 11.43 0.32
CA GLU E 187 -78.16 10.72 -0.38
C GLU E 187 -77.72 9.30 -0.69
N LEU E 188 -76.46 9.12 -1.07
CA LEU E 188 -75.97 7.78 -1.37
C LEU E 188 -75.99 6.92 -0.11
N ILE E 189 -75.52 7.48 1.00
CA ILE E 189 -75.48 6.75 2.26
C ILE E 189 -76.87 6.33 2.70
N LYS E 190 -77.83 7.25 2.62
CA LYS E 190 -79.22 6.95 3.01
C LYS E 190 -79.72 5.78 2.18
N ALA E 191 -79.42 5.81 0.87
CA ALA E 191 -79.84 4.75 -0.03
C ALA E 191 -79.20 3.44 0.40
N GLY E 192 -78.01 3.54 0.98
CA GLY E 192 -77.30 2.36 1.44
C GLY E 192 -77.99 1.79 2.67
N VAL E 193 -78.37 2.67 3.59
CA VAL E 193 -79.05 2.25 4.81
C VAL E 193 -80.43 1.67 4.50
N GLU E 194 -81.07 2.18 3.44
CA GLU E 194 -82.40 1.72 3.04
C GLU E 194 -82.32 0.33 2.42
N ALA E 195 -81.17 0.01 1.83
CA ALA E 195 -80.98 -1.28 1.21
C ALA E 195 -80.65 -2.29 2.29
N ILE E 196 -79.85 -1.87 3.27
CA ILE E 196 -79.44 -2.75 4.34
C ILE E 196 -80.58 -3.11 5.28
N SER E 197 -81.48 -2.17 5.50
CA SER E 197 -82.62 -2.41 6.39
C SER E 197 -83.60 -3.40 5.73
N GLN E 198 -83.34 -3.70 4.46
CA GLN E 198 -84.16 -4.63 3.70
C GLN E 198 -83.75 -6.05 4.04
N SER E 199 -82.76 -6.18 4.92
CA SER E 199 -82.25 -7.48 5.35
C SER E 199 -82.34 -7.64 6.86
N LEU E 200 -83.01 -6.69 7.50
CA LEU E 200 -83.21 -6.72 8.94
C LEU E 200 -84.29 -7.75 9.20
N ARG E 201 -84.59 -7.98 10.47
CA ARG E 201 -85.60 -8.97 10.84
C ARG E 201 -85.57 -9.05 12.36
N ASP E 202 -84.36 -9.29 12.87
CA ASP E 202 -84.11 -9.41 14.29
C ASP E 202 -84.48 -8.08 14.97
N GLU E 203 -83.63 -7.08 14.79
CA GLU E 203 -83.84 -5.76 15.40
C GLU E 203 -83.90 -4.67 14.33
N SER E 204 -83.48 -3.47 14.74
CA SER E 204 -83.44 -2.31 13.88
C SER E 204 -82.08 -1.66 14.10
N LEU E 205 -81.48 -1.13 13.05
CA LEU E 205 -80.17 -0.51 13.16
C LEU E 205 -80.10 0.64 14.15
N THR E 206 -79.25 0.49 15.16
CA THR E 206 -79.07 1.51 16.19
C THR E 206 -77.77 2.27 15.99
N VAL E 207 -77.45 3.15 16.94
CA VAL E 207 -76.26 3.98 16.84
C VAL E 207 -74.94 3.23 17.01
N ASP E 208 -74.85 2.34 18.00
CA ASP E 208 -73.61 1.59 18.20
C ASP E 208 -73.67 0.28 17.43
N ASN E 209 -74.68 0.18 16.57
CA ASN E 209 -74.92 -1.01 15.76
C ASN E 209 -74.66 -0.79 14.27
N LEU E 210 -74.82 0.44 13.81
CA LEU E 210 -74.61 0.78 12.39
C LEU E 210 -73.19 1.26 12.13
N SER E 211 -72.64 0.85 10.99
CA SER E 211 -71.31 1.23 10.57
C SER E 211 -71.32 1.60 9.09
N ILE E 212 -70.81 2.79 8.78
CA ILE E 212 -70.79 3.27 7.40
C ILE E 212 -69.42 3.83 7.00
N ALA E 213 -69.07 3.66 5.73
CA ALA E 213 -67.80 4.15 5.21
C ALA E 213 -68.03 4.69 3.81
N ILE E 214 -67.33 5.76 3.45
CA ILE E 214 -67.48 6.33 2.12
C ILE E 214 -66.15 6.81 1.52
N VAL E 215 -66.11 6.85 0.19
CA VAL E 215 -64.92 7.28 -0.53
C VAL E 215 -65.38 7.89 -1.86
N GLY E 216 -64.62 8.84 -2.40
CA GLY E 216 -65.01 9.43 -3.66
C GLY E 216 -64.22 10.66 -4.09
N LYS E 217 -64.55 11.17 -5.27
CA LYS E 217 -63.93 12.34 -5.90
C LYS E 217 -63.05 13.19 -4.99
N ASP E 218 -63.65 13.83 -3.99
CA ASP E 218 -62.87 14.63 -3.06
C ASP E 218 -63.10 14.17 -1.64
N THR E 219 -63.18 12.85 -1.48
CA THR E 219 -63.43 12.25 -0.18
C THR E 219 -62.55 11.04 0.11
N PRO E 220 -61.53 11.21 0.96
CA PRO E 220 -60.68 10.06 1.26
C PRO E 220 -61.49 9.03 2.05
N PHE E 221 -61.31 7.75 1.73
CA PHE E 221 -62.01 6.67 2.42
C PHE E 221 -62.00 6.94 3.92
N THR E 222 -63.19 7.15 4.49
CA THR E 222 -63.33 7.43 5.91
C THR E 222 -64.46 6.57 6.51
N ILE E 223 -64.31 6.21 7.78
CA ILE E 223 -65.31 5.37 8.46
C ILE E 223 -66.11 6.09 9.54
N TYR E 224 -67.43 5.92 9.49
CA TYR E 224 -68.31 6.53 10.49
C TYR E 224 -69.00 5.48 11.35
N ASP E 225 -68.88 5.63 12.66
CA ASP E 225 -69.48 4.73 13.64
C ASP E 225 -70.11 5.51 14.79
N GLY E 226 -71.19 4.99 15.34
CA GLY E 226 -71.86 5.64 16.45
C GLY E 226 -72.48 6.99 16.16
N GLU E 227 -72.36 7.90 17.12
CA GLU E 227 -72.89 9.25 17.00
C GLU E 227 -72.84 9.76 15.57
N ALA E 228 -71.70 9.52 14.92
CA ALA E 228 -71.50 9.95 13.54
C ALA E 228 -72.49 9.39 12.54
N VAL E 229 -73.13 8.26 12.87
CA VAL E 229 -74.13 7.65 11.97
C VAL E 229 -75.54 7.91 12.47
N ALA E 230 -75.66 8.58 13.61
CA ALA E 230 -76.94 8.90 14.22
C ALA E 230 -77.88 9.60 13.24
N LYS E 231 -77.34 10.53 12.47
CA LYS E 231 -78.15 11.28 11.50
C LYS E 231 -78.62 10.47 10.31
N TYR E 232 -78.48 9.14 10.37
CA TYR E 232 -78.90 8.28 9.28
C TYR E 232 -79.91 7.25 9.73
N ILE E 233 -80.07 7.12 11.05
CA ILE E 233 -81.01 6.15 11.60
C ILE E 233 -82.44 6.71 11.63
N GLY F 1 -60.77 -53.14 -5.91
CA GLY F 1 -61.65 -52.42 -4.92
C GLY F 1 -62.16 -51.09 -5.44
N THR F 2 -62.14 -50.06 -4.59
CA THR F 2 -62.60 -48.72 -4.96
C THR F 2 -61.73 -47.67 -4.29
N GLY F 3 -62.12 -46.41 -4.42
CA GLY F 3 -61.36 -45.33 -3.80
C GLY F 3 -60.29 -44.77 -4.72
N TYR F 4 -60.25 -45.29 -5.94
CA TYR F 4 -59.26 -44.85 -6.92
C TYR F 4 -59.50 -43.41 -7.37
N ASP F 5 -60.65 -42.85 -7.02
CA ASP F 5 -60.98 -41.49 -7.42
C ASP F 5 -60.85 -40.45 -6.31
N LEU F 6 -60.25 -40.84 -5.20
CA LEU F 6 -60.12 -39.90 -4.09
C LEU F 6 -58.80 -39.12 -4.06
N SER F 7 -57.75 -39.70 -4.62
CA SER F 7 -56.43 -39.07 -4.67
C SER F 7 -56.12 -38.73 -6.12
N ASN F 8 -55.51 -37.57 -6.36
CA ASN F 8 -55.20 -37.09 -7.71
C ASN F 8 -54.26 -37.85 -8.64
N SER F 9 -53.14 -38.38 -8.16
CA SER F 9 -52.27 -39.03 -9.14
C SER F 9 -52.46 -40.53 -9.33
N VAL F 10 -53.55 -41.08 -8.79
CA VAL F 10 -53.80 -42.53 -8.84
C VAL F 10 -54.40 -43.11 -10.13
N PHE F 11 -53.82 -44.21 -10.59
CA PHE F 11 -54.30 -44.89 -11.78
C PHE F 11 -55.39 -45.87 -11.35
N SER F 12 -56.56 -45.76 -11.97
CA SER F 12 -57.65 -46.69 -11.65
C SER F 12 -57.30 -47.98 -12.42
N PRO F 13 -57.95 -49.10 -12.08
CA PRO F 13 -57.65 -50.36 -12.77
C PRO F 13 -57.74 -50.30 -14.31
N ASP F 14 -58.55 -49.39 -14.84
CA ASP F 14 -58.67 -49.26 -16.29
C ASP F 14 -57.72 -48.20 -16.85
N GLY F 15 -56.75 -47.79 -16.02
CA GLY F 15 -55.74 -46.81 -16.42
C GLY F 15 -56.13 -45.35 -16.48
N ARG F 16 -57.23 -44.97 -15.84
CA ARG F 16 -57.68 -43.59 -15.86
C ARG F 16 -57.30 -42.82 -14.61
N ASN F 17 -57.48 -41.50 -14.66
CA ASN F 17 -57.18 -40.63 -13.53
C ASN F 17 -58.46 -39.86 -13.22
N PHE F 18 -59.33 -40.48 -12.45
CA PHE F 18 -60.62 -39.91 -12.12
C PHE F 18 -60.66 -38.45 -11.69
N GLN F 19 -59.71 -37.99 -10.88
CA GLN F 19 -59.72 -36.59 -10.47
C GLN F 19 -59.63 -35.66 -11.68
N VAL F 20 -58.88 -36.06 -12.69
CA VAL F 20 -58.73 -35.25 -13.89
C VAL F 20 -60.07 -35.20 -14.62
N GLU F 21 -60.79 -36.31 -14.56
CA GLU F 21 -62.09 -36.42 -15.21
C GLU F 21 -63.15 -35.61 -14.46
N TYR F 22 -63.04 -35.58 -13.13
CA TYR F 22 -63.99 -34.81 -12.34
C TYR F 22 -63.70 -33.34 -12.58
N ALA F 23 -62.45 -33.04 -12.88
CA ALA F 23 -62.06 -31.67 -13.15
C ALA F 23 -62.81 -31.25 -14.43
N VAL F 24 -62.85 -32.16 -15.39
CA VAL F 24 -63.54 -31.87 -16.63
C VAL F 24 -64.99 -31.49 -16.38
N LYS F 25 -65.62 -32.17 -15.42
CA LYS F 25 -67.01 -31.86 -15.10
C LYS F 25 -67.13 -30.38 -14.72
N ALA F 26 -66.13 -29.87 -14.03
CA ALA F 26 -66.15 -28.46 -13.62
C ALA F 26 -66.06 -27.56 -14.86
N VAL F 27 -65.35 -28.03 -15.87
CA VAL F 27 -65.18 -27.29 -17.11
C VAL F 27 -66.48 -27.28 -17.93
N GLU F 28 -67.13 -28.44 -18.01
CA GLU F 28 -68.36 -28.57 -18.78
C GLU F 28 -69.47 -27.77 -18.15
N ASN F 29 -69.37 -27.58 -16.85
CA ASN F 29 -70.38 -26.83 -16.13
C ASN F 29 -70.19 -25.34 -16.33
N GLY F 30 -69.10 -24.96 -16.97
CA GLY F 30 -68.84 -23.55 -17.17
C GLY F 30 -69.40 -22.91 -18.43
N THR F 31 -69.24 -21.60 -18.51
CA THR F 31 -69.65 -20.77 -19.63
C THR F 31 -69.01 -21.30 -20.91
N THR F 32 -69.63 -21.07 -22.05
CA THR F 32 -69.03 -21.56 -23.28
C THR F 32 -68.09 -20.48 -23.84
N SER F 33 -66.97 -20.92 -24.41
CA SER F 33 -65.98 -20.02 -24.99
C SER F 33 -65.41 -20.72 -26.21
N ILE F 34 -64.98 -19.94 -27.21
CA ILE F 34 -64.46 -20.51 -28.45
C ILE F 34 -63.25 -19.79 -29.00
N GLY F 35 -62.78 -20.30 -30.13
CA GLY F 35 -61.63 -19.74 -30.83
C GLY F 35 -61.76 -20.13 -32.29
N ILE F 36 -61.39 -19.21 -33.17
CA ILE F 36 -61.46 -19.45 -34.61
C ILE F 36 -60.18 -19.00 -35.26
N LYS F 37 -59.54 -19.92 -35.98
CA LYS F 37 -58.31 -19.57 -36.68
C LYS F 37 -58.69 -19.04 -38.06
N CYS F 38 -58.19 -17.87 -38.42
CA CYS F 38 -58.49 -17.29 -39.73
C CYS F 38 -57.25 -17.33 -40.62
N ASN F 39 -57.37 -16.83 -41.85
CA ASN F 39 -56.26 -16.85 -42.80
C ASN F 39 -54.96 -16.17 -42.37
N ASP F 40 -55.02 -15.28 -41.37
CA ASP F 40 -53.81 -14.59 -40.89
C ASP F 40 -53.91 -14.19 -39.43
N GLY F 41 -54.72 -14.91 -38.67
CA GLY F 41 -54.87 -14.60 -37.26
C GLY F 41 -55.79 -15.58 -36.55
N VAL F 42 -56.28 -15.16 -35.39
CA VAL F 42 -57.19 -16.00 -34.61
C VAL F 42 -58.15 -15.06 -33.90
N VAL F 43 -59.33 -15.58 -33.60
CA VAL F 43 -60.35 -14.81 -32.91
C VAL F 43 -60.80 -15.59 -31.69
N PHE F 44 -61.01 -14.88 -30.58
CA PHE F 44 -61.48 -15.51 -29.35
C PHE F 44 -62.78 -14.82 -28.97
N ALA F 45 -63.71 -15.58 -28.41
CA ALA F 45 -64.98 -15.03 -27.96
C ALA F 45 -65.49 -15.86 -26.80
N VAL F 46 -66.28 -15.24 -25.93
CA VAL F 46 -66.80 -15.95 -24.77
C VAL F 46 -68.14 -15.40 -24.31
N GLU F 47 -68.91 -16.26 -23.68
CA GLU F 47 -70.22 -15.94 -23.15
C GLU F 47 -70.07 -15.45 -21.71
N LYS F 48 -70.65 -14.30 -21.39
CA LYS F 48 -70.57 -13.77 -20.04
C LYS F 48 -71.97 -13.67 -19.46
N LEU F 49 -72.35 -14.64 -18.62
CA LEU F 49 -73.67 -14.65 -18.01
C LEU F 49 -73.95 -13.47 -17.09
N ILE F 50 -74.99 -12.72 -17.43
CA ILE F 50 -75.39 -11.56 -16.64
C ILE F 50 -76.26 -12.02 -15.48
N THR F 51 -75.60 -12.34 -14.38
CA THR F 51 -76.27 -12.78 -13.17
C THR F 51 -77.37 -11.81 -12.75
N SER F 52 -77.09 -10.52 -12.86
CA SER F 52 -78.07 -9.51 -12.49
C SER F 52 -77.76 -8.16 -13.13
N LYS F 53 -78.70 -7.23 -13.00
CA LYS F 53 -78.51 -5.89 -13.55
C LYS F 53 -77.39 -5.16 -12.82
N LEU F 54 -77.00 -5.69 -11.66
CA LEU F 54 -75.96 -5.07 -10.86
C LEU F 54 -74.55 -5.17 -11.43
N LEU F 55 -74.29 -6.16 -12.28
CA LEU F 55 -72.99 -6.31 -12.91
C LEU F 55 -72.75 -5.12 -13.83
N VAL F 56 -71.67 -4.38 -13.62
CA VAL F 56 -71.39 -3.25 -14.50
C VAL F 56 -71.06 -3.83 -15.87
N PRO F 57 -71.81 -3.42 -16.90
CA PRO F 57 -71.57 -3.93 -18.25
C PRO F 57 -70.18 -3.62 -18.79
N GLN F 58 -69.63 -4.57 -19.54
CA GLN F 58 -68.31 -4.42 -20.14
C GLN F 58 -67.13 -4.42 -19.17
N LYS F 59 -67.41 -4.40 -17.88
CA LYS F 59 -66.34 -4.35 -16.88
C LYS F 59 -65.59 -5.62 -16.52
N ASN F 60 -66.31 -6.69 -16.24
CA ASN F 60 -65.66 -7.94 -15.85
C ASN F 60 -65.08 -8.72 -17.03
N VAL F 61 -63.98 -8.24 -17.58
CA VAL F 61 -63.33 -8.87 -18.73
C VAL F 61 -62.82 -10.27 -18.40
N LYS F 62 -63.02 -11.19 -19.33
CA LYS F 62 -62.60 -12.57 -19.11
C LYS F 62 -61.40 -12.99 -19.95
N ILE F 63 -61.31 -12.47 -21.18
CA ILE F 63 -60.19 -12.81 -22.04
C ILE F 63 -58.91 -12.19 -21.50
N GLN F 64 -57.80 -12.92 -21.60
CA GLN F 64 -56.54 -12.39 -21.10
C GLN F 64 -55.45 -12.46 -22.13
N VAL F 65 -54.55 -11.48 -22.08
CA VAL F 65 -53.43 -11.44 -23.01
C VAL F 65 -52.16 -11.93 -22.31
N VAL F 66 -51.28 -12.55 -23.09
CA VAL F 66 -50.02 -13.02 -22.58
C VAL F 66 -48.96 -12.39 -23.48
N ASP F 67 -48.02 -11.69 -22.88
CA ASP F 67 -47.00 -10.98 -23.62
C ASP F 67 -47.79 -9.94 -24.41
N ARG F 68 -47.56 -9.83 -25.71
CA ARG F 68 -48.30 -8.86 -26.48
C ARG F 68 -48.97 -9.46 -27.71
N HIS F 69 -48.72 -10.74 -27.97
CA HIS F 69 -49.27 -11.38 -29.15
C HIS F 69 -50.13 -12.61 -28.88
N ILE F 70 -50.44 -12.90 -27.61
CA ILE F 70 -51.22 -14.09 -27.32
C ILE F 70 -52.50 -13.83 -26.54
N GLY F 71 -53.57 -14.50 -26.96
CA GLY F 71 -54.84 -14.36 -26.29
C GLY F 71 -55.20 -15.69 -25.67
N CYS F 72 -55.81 -15.62 -24.49
CA CYS F 72 -56.23 -16.82 -23.77
C CYS F 72 -57.62 -16.62 -23.20
N VAL F 73 -58.45 -17.64 -23.35
CA VAL F 73 -59.79 -17.61 -22.80
C VAL F 73 -60.03 -19.03 -22.31
N TYR F 74 -60.89 -19.16 -21.29
CA TYR F 74 -61.16 -20.48 -20.72
C TYR F 74 -62.54 -20.62 -20.10
N SER F 75 -62.93 -21.88 -19.87
CA SER F 75 -64.22 -22.21 -19.28
C SER F 75 -63.97 -23.09 -18.07
N GLY F 76 -64.70 -22.84 -17.00
CA GLY F 76 -64.54 -23.63 -15.79
C GLY F 76 -64.41 -22.73 -14.59
N LEU F 77 -63.44 -23.06 -13.72
CA LEU F 77 -63.18 -22.26 -12.53
C LEU F 77 -62.30 -21.09 -12.93
N ILE F 78 -62.90 -19.93 -13.07
CA ILE F 78 -62.18 -18.72 -13.47
C ILE F 78 -60.84 -18.55 -12.74
N PRO F 79 -60.82 -18.60 -11.40
CA PRO F 79 -59.55 -18.45 -10.68
C PRO F 79 -58.46 -19.39 -11.19
N ASP F 80 -58.83 -20.62 -11.53
CA ASP F 80 -57.82 -21.55 -12.04
C ASP F 80 -57.28 -21.02 -13.38
N GLY F 81 -58.16 -20.39 -14.15
CA GLY F 81 -57.78 -19.84 -15.44
C GLY F 81 -56.73 -18.77 -15.26
N ARG F 82 -57.00 -17.80 -14.38
CA ARG F 82 -56.03 -16.75 -14.12
C ARG F 82 -54.68 -17.36 -13.67
N HIS F 83 -54.74 -18.29 -12.73
CA HIS F 83 -53.53 -18.94 -12.24
C HIS F 83 -52.68 -19.43 -13.41
N LEU F 84 -53.33 -20.04 -14.39
CA LEU F 84 -52.64 -20.57 -15.55
C LEU F 84 -52.05 -19.45 -16.42
N VAL F 85 -52.79 -18.36 -16.59
CA VAL F 85 -52.28 -17.24 -17.39
C VAL F 85 -51.07 -16.59 -16.72
N ASN F 86 -51.14 -16.44 -15.40
CA ASN F 86 -50.02 -15.89 -14.65
C ASN F 86 -48.75 -16.69 -14.96
N ARG F 87 -48.88 -18.01 -14.90
CA ARG F 87 -47.74 -18.85 -15.18
C ARG F 87 -47.34 -18.64 -16.63
N GLY F 88 -48.33 -18.57 -17.51
CA GLY F 88 -48.04 -18.37 -18.92
C GLY F 88 -47.23 -17.11 -19.14
N ARG F 89 -47.61 -16.05 -18.42
CA ARG F 89 -46.93 -14.78 -18.52
C ARG F 89 -45.47 -14.88 -18.05
N GLU F 90 -45.23 -15.57 -16.93
CA GLU F 90 -43.86 -15.73 -16.44
C GLU F 90 -43.11 -16.56 -17.47
N GLU F 91 -43.80 -17.58 -17.95
CA GLU F 91 -43.24 -18.49 -18.93
C GLU F 91 -42.81 -17.72 -20.18
N ALA F 92 -43.62 -16.75 -20.61
CA ALA F 92 -43.31 -15.97 -21.80
C ALA F 92 -42.20 -14.93 -21.56
N ALA F 93 -42.22 -14.30 -20.38
CA ALA F 93 -41.21 -13.32 -20.04
C ALA F 93 -39.84 -14.00 -20.01
N SER F 94 -39.78 -15.14 -19.33
CA SER F 94 -38.54 -15.90 -19.24
C SER F 94 -37.99 -16.19 -20.62
N PHE F 95 -38.85 -16.70 -21.51
CA PHE F 95 -38.45 -17.03 -22.87
C PHE F 95 -37.89 -15.83 -23.63
N LYS F 96 -38.59 -14.69 -23.56
CA LYS F 96 -38.13 -13.49 -24.26
C LYS F 96 -36.80 -13.00 -23.69
N LYS F 97 -36.70 -13.00 -22.37
CA LYS F 97 -35.48 -12.55 -21.70
C LYS F 97 -34.25 -13.32 -22.16
N LEU F 98 -34.40 -14.62 -22.37
CA LEU F 98 -33.25 -15.41 -22.79
C LEU F 98 -33.03 -15.41 -24.30
N TYR F 99 -34.10 -15.53 -25.06
CA TYR F 99 -33.99 -15.59 -26.51
C TYR F 99 -34.30 -14.32 -27.31
N LYS F 100 -34.67 -13.25 -26.61
CA LYS F 100 -34.94 -11.95 -27.24
C LYS F 100 -36.25 -11.89 -28.03
N THR F 101 -36.51 -12.93 -28.81
CA THR F 101 -37.73 -12.96 -29.61
C THR F 101 -38.95 -13.38 -28.78
N PRO F 102 -40.11 -12.74 -29.00
CA PRO F 102 -41.28 -13.15 -28.22
C PRO F 102 -41.57 -14.63 -28.49
N ILE F 103 -42.08 -15.32 -27.48
CA ILE F 103 -42.35 -16.76 -27.57
C ILE F 103 -43.35 -17.21 -28.62
N PRO F 104 -42.97 -18.22 -29.43
CA PRO F 104 -43.78 -18.81 -30.50
C PRO F 104 -44.97 -19.50 -29.84
N ILE F 105 -46.11 -19.51 -30.53
CA ILE F 105 -47.32 -20.10 -29.98
C ILE F 105 -47.17 -21.59 -29.66
N PRO F 106 -46.49 -22.36 -30.53
CA PRO F 106 -46.33 -23.78 -30.24
C PRO F 106 -45.52 -23.95 -28.95
N ALA F 107 -44.44 -23.18 -28.82
CA ALA F 107 -43.60 -23.24 -27.63
C ALA F 107 -44.39 -22.85 -26.40
N PHE F 108 -45.21 -21.80 -26.54
CA PHE F 108 -46.01 -21.31 -25.44
C PHE F 108 -47.02 -22.36 -25.00
N ALA F 109 -47.57 -23.07 -25.99
CA ALA F 109 -48.57 -24.10 -25.70
C ALA F 109 -47.98 -25.20 -24.85
N ASP F 110 -46.79 -25.68 -25.22
CA ASP F 110 -46.17 -26.74 -24.44
C ASP F 110 -45.80 -26.27 -23.05
N ARG F 111 -45.53 -24.97 -22.90
CA ARG F 111 -45.18 -24.44 -21.59
C ARG F 111 -46.39 -24.62 -20.70
N LEU F 112 -47.57 -24.30 -21.24
CA LEU F 112 -48.82 -24.44 -20.50
C LEU F 112 -49.13 -25.91 -20.31
N GLY F 113 -48.84 -26.68 -21.34
CA GLY F 113 -49.10 -28.11 -21.30
C GLY F 113 -48.34 -28.83 -20.21
N GLN F 114 -47.02 -28.63 -20.17
CA GLN F 114 -46.17 -29.29 -19.18
C GLN F 114 -46.58 -28.88 -17.78
N TYR F 115 -46.98 -27.62 -17.63
CA TYR F 115 -47.38 -27.12 -16.32
C TYR F 115 -48.66 -27.80 -15.84
N VAL F 116 -49.64 -27.92 -16.74
CA VAL F 116 -50.90 -28.57 -16.39
C VAL F 116 -50.69 -30.07 -16.18
N GLN F 117 -49.89 -30.70 -17.05
CA GLN F 117 -49.60 -32.12 -16.93
C GLN F 117 -48.97 -32.38 -15.55
N ALA F 118 -48.18 -31.41 -15.10
CA ALA F 118 -47.51 -31.49 -13.82
C ALA F 118 -48.50 -31.59 -12.67
N HIS F 119 -49.66 -30.96 -12.83
CA HIS F 119 -50.67 -30.99 -11.78
C HIS F 119 -51.52 -32.27 -11.78
N THR F 120 -51.01 -33.32 -12.42
CA THR F 120 -51.69 -34.60 -12.47
C THR F 120 -50.67 -35.67 -12.07
N LEU F 121 -49.54 -35.24 -11.52
CA LEU F 121 -48.47 -36.15 -11.12
C LEU F 121 -48.39 -36.41 -9.61
N TYR F 122 -49.09 -35.62 -8.81
CA TYR F 122 -49.03 -35.75 -7.35
C TYR F 122 -50.40 -35.63 -6.69
N ASN F 123 -50.53 -36.20 -5.49
CA ASN F 123 -51.80 -36.12 -4.78
C ASN F 123 -51.78 -34.92 -3.86
N SER F 124 -50.74 -34.11 -3.95
CA SER F 124 -50.63 -32.95 -3.09
C SER F 124 -51.18 -31.72 -3.81
N VAL F 125 -51.65 -31.92 -5.04
CA VAL F 125 -52.25 -30.83 -5.80
C VAL F 125 -53.49 -31.32 -6.53
N ARG F 126 -54.28 -30.38 -7.00
CA ARG F 126 -55.52 -30.67 -7.69
C ARG F 126 -55.38 -30.30 -9.16
N PRO F 127 -56.03 -31.03 -10.07
CA PRO F 127 -55.92 -30.68 -11.49
C PRO F 127 -56.60 -29.33 -11.76
N PHE F 128 -56.30 -28.71 -12.90
CA PHE F 128 -56.92 -27.45 -13.23
C PHE F 128 -58.37 -27.62 -13.65
N GLY F 129 -59.24 -26.78 -13.10
CA GLY F 129 -60.65 -26.86 -13.45
C GLY F 129 -61.01 -25.99 -14.64
N VAL F 130 -60.19 -26.04 -15.69
CA VAL F 130 -60.47 -25.24 -16.88
C VAL F 130 -59.89 -25.83 -18.16
N SER F 131 -60.53 -25.52 -19.27
CA SER F 131 -60.04 -25.92 -20.58
C SER F 131 -59.69 -24.55 -21.14
N THR F 132 -58.56 -24.45 -21.82
CA THR F 132 -58.16 -23.15 -22.31
C THR F 132 -57.90 -23.11 -23.80
N ILE F 133 -58.48 -22.09 -24.44
CA ILE F 133 -58.31 -21.87 -25.87
C ILE F 133 -57.44 -20.61 -25.95
N PHE F 134 -56.30 -20.74 -26.62
CA PHE F 134 -55.35 -19.65 -26.72
C PHE F 134 -54.62 -19.74 -28.05
N GLY F 135 -53.96 -18.64 -28.41
CA GLY F 135 -53.22 -18.61 -29.66
C GLY F 135 -52.76 -17.22 -30.01
N GLY F 136 -52.20 -17.09 -31.21
CA GLY F 136 -51.73 -15.80 -31.66
C GLY F 136 -50.96 -15.95 -32.94
N VAL F 137 -50.22 -14.90 -33.32
CA VAL F 137 -49.43 -14.89 -34.54
C VAL F 137 -47.96 -14.89 -34.23
N ASP F 138 -47.16 -15.62 -35.00
CA ASP F 138 -45.75 -15.62 -34.74
C ASP F 138 -44.93 -15.68 -36.03
N LYS F 139 -43.63 -15.95 -35.90
CA LYS F 139 -42.71 -16.01 -37.03
C LYS F 139 -43.28 -16.69 -38.26
N ASN F 140 -44.11 -17.71 -38.07
CA ASN F 140 -44.69 -18.38 -39.23
C ASN F 140 -46.15 -18.74 -39.13
N GLY F 141 -46.99 -17.71 -39.12
CA GLY F 141 -48.42 -17.96 -39.09
C GLY F 141 -49.19 -17.73 -37.82
N ALA F 142 -50.43 -18.20 -37.85
CA ALA F 142 -51.35 -18.09 -36.73
C ALA F 142 -51.47 -19.50 -36.16
N HIS F 143 -51.82 -19.58 -34.88
CA HIS F 143 -51.97 -20.87 -34.23
C HIS F 143 -53.06 -20.81 -33.18
N LEU F 144 -53.92 -21.83 -33.18
CA LEU F 144 -55.00 -21.93 -32.20
C LEU F 144 -54.79 -23.21 -31.41
N TYR F 145 -55.13 -23.17 -30.12
CA TYR F 145 -54.94 -24.33 -29.26
C TYR F 145 -55.99 -24.44 -28.19
N MET F 146 -56.20 -25.66 -27.72
CA MET F 146 -57.10 -25.89 -26.62
C MET F 146 -56.37 -26.87 -25.70
N LEU F 147 -56.38 -26.55 -24.40
CA LEU F 147 -55.67 -27.35 -23.38
C LEU F 147 -56.63 -27.88 -22.34
N GLU F 148 -56.69 -29.20 -22.20
CA GLU F 148 -57.57 -29.88 -21.25
C GLU F 148 -56.89 -30.05 -19.88
N PRO F 149 -57.69 -30.32 -18.82
CA PRO F 149 -57.13 -30.51 -17.48
C PRO F 149 -56.10 -31.64 -17.40
N SER F 150 -56.09 -32.52 -18.40
CA SER F 150 -55.13 -33.62 -18.40
C SER F 150 -53.78 -33.12 -18.88
N GLY F 151 -53.75 -31.91 -19.43
CA GLY F 151 -52.51 -31.37 -19.96
C GLY F 151 -52.46 -31.59 -21.46
N SER F 152 -53.44 -32.35 -21.95
CA SER F 152 -53.53 -32.63 -23.38
C SER F 152 -53.93 -31.38 -24.17
N TYR F 153 -53.31 -31.20 -25.32
CA TYR F 153 -53.61 -30.05 -26.19
C TYR F 153 -53.21 -30.40 -27.61
N TRP F 154 -53.89 -29.77 -28.57
CA TRP F 154 -53.60 -29.97 -29.98
C TRP F 154 -53.87 -28.63 -30.66
N GLY F 155 -53.39 -28.49 -31.89
CA GLY F 155 -53.64 -27.28 -32.65
C GLY F 155 -55.01 -27.42 -33.31
N TYR F 156 -55.80 -26.36 -33.33
CA TYR F 156 -57.13 -26.42 -33.93
C TYR F 156 -57.43 -25.42 -35.05
N LYS F 157 -58.45 -25.74 -35.83
CA LYS F 157 -58.92 -24.88 -36.91
C LYS F 157 -59.96 -24.00 -36.23
N GLY F 158 -60.64 -24.62 -35.27
CA GLY F 158 -61.66 -23.94 -34.50
C GLY F 158 -61.80 -24.75 -33.22
N ALA F 159 -62.27 -24.12 -32.15
CA ALA F 159 -62.40 -24.85 -30.90
C ALA F 159 -63.41 -24.23 -29.97
N ALA F 160 -64.00 -25.08 -29.13
CA ALA F 160 -64.99 -24.62 -28.18
C ALA F 160 -64.98 -25.51 -26.94
N THR F 161 -65.45 -24.95 -25.83
CA THR F 161 -65.50 -25.71 -24.59
C THR F 161 -66.57 -25.07 -23.71
N GLY F 162 -67.03 -25.82 -22.71
CA GLY F 162 -68.06 -25.29 -21.83
C GLY F 162 -69.45 -25.82 -22.11
N LYS F 163 -70.43 -25.20 -21.45
CA LYS F 163 -71.84 -25.56 -21.58
C LYS F 163 -72.32 -25.88 -23.00
N GLY F 164 -72.17 -24.92 -23.90
CA GLY F 164 -72.62 -25.14 -25.28
C GLY F 164 -71.56 -25.54 -26.28
N ARG F 165 -70.60 -26.34 -25.85
CA ARG F 165 -69.51 -26.75 -26.72
C ARG F 165 -69.96 -27.52 -27.96
N GLN F 166 -71.01 -28.33 -27.83
CA GLN F 166 -71.52 -29.13 -28.94
C GLN F 166 -72.12 -28.27 -30.07
N SER F 167 -72.95 -27.31 -29.71
CA SER F 167 -73.56 -26.42 -30.69
C SER F 167 -72.39 -25.75 -31.41
N ALA F 168 -71.50 -25.18 -30.61
CA ALA F 168 -70.34 -24.49 -31.11
C ALA F 168 -69.54 -25.37 -32.05
N LYS F 169 -69.11 -26.53 -31.57
CA LYS F 169 -68.34 -27.44 -32.42
C LYS F 169 -69.08 -27.69 -33.72
N ALA F 170 -70.40 -27.85 -33.62
CA ALA F 170 -71.23 -28.09 -34.80
C ALA F 170 -71.10 -26.93 -35.78
N GLU F 171 -71.31 -25.72 -35.28
CA GLU F 171 -71.20 -24.53 -36.11
C GLU F 171 -69.80 -24.40 -36.69
N LEU F 172 -68.79 -24.69 -35.85
CA LEU F 172 -67.40 -24.62 -36.29
C LEU F 172 -67.12 -25.60 -37.43
N GLU F 173 -67.65 -26.82 -37.33
CA GLU F 173 -67.42 -27.81 -38.38
C GLU F 173 -68.05 -27.36 -39.69
N LYS F 174 -69.13 -26.61 -39.62
CA LYS F 174 -69.79 -26.13 -40.83
C LYS F 174 -68.85 -25.20 -41.57
N LEU F 175 -68.32 -24.22 -40.83
CA LEU F 175 -67.40 -23.25 -41.38
C LEU F 175 -66.19 -23.94 -42.00
N VAL F 176 -65.67 -24.97 -41.33
CA VAL F 176 -64.51 -25.68 -41.84
C VAL F 176 -64.77 -26.31 -43.22
N ASP F 177 -65.96 -26.82 -43.43
CA ASP F 177 -66.31 -27.44 -44.71
C ASP F 177 -66.62 -26.40 -45.79
N HIS F 178 -67.35 -25.37 -45.42
CA HIS F 178 -67.73 -24.31 -46.37
C HIS F 178 -66.68 -23.25 -46.64
N HIS F 179 -65.46 -23.46 -46.14
CA HIS F 179 -64.40 -22.49 -46.34
C HIS F 179 -63.02 -23.13 -46.32
N PRO F 180 -62.75 -24.04 -47.27
CA PRO F 180 -61.46 -24.70 -47.31
C PRO F 180 -60.32 -23.73 -47.64
N GLU F 181 -60.69 -22.56 -48.15
CA GLU F 181 -59.73 -21.53 -48.52
C GLU F 181 -59.32 -20.63 -47.35
N GLY F 182 -60.15 -20.59 -46.31
CA GLY F 182 -59.83 -19.77 -45.16
C GLY F 182 -60.74 -18.58 -44.91
N LEU F 183 -61.12 -18.40 -43.66
CA LEU F 183 -61.98 -17.30 -43.26
C LEU F 183 -61.09 -16.09 -42.96
N SER F 184 -61.62 -14.89 -43.12
CA SER F 184 -60.82 -13.69 -42.85
C SER F 184 -61.07 -13.27 -41.41
N ALA F 185 -60.14 -12.50 -40.84
CA ALA F 185 -60.29 -12.04 -39.48
C ALA F 185 -61.62 -11.32 -39.31
N ARG F 186 -61.92 -10.42 -40.24
CA ARG F 186 -63.16 -9.65 -40.23
C ARG F 186 -64.36 -10.60 -40.14
N GLU F 187 -64.37 -11.60 -41.01
CA GLU F 187 -65.44 -12.59 -41.03
C GLU F 187 -65.50 -13.43 -39.76
N ALA F 188 -64.34 -13.94 -39.35
CA ALA F 188 -64.24 -14.78 -38.15
C ALA F 188 -64.84 -14.07 -36.93
N VAL F 189 -64.64 -12.76 -36.83
CA VAL F 189 -65.19 -12.01 -35.70
C VAL F 189 -66.70 -12.14 -35.68
N LYS F 190 -67.33 -11.94 -36.83
CA LYS F 190 -68.79 -12.05 -36.94
C LYS F 190 -69.24 -13.49 -36.68
N GLN F 191 -68.62 -14.41 -37.40
CA GLN F 191 -68.95 -15.81 -37.26
C GLN F 191 -68.89 -16.19 -35.79
N ALA F 192 -67.83 -15.73 -35.12
CA ALA F 192 -67.64 -15.99 -33.69
C ALA F 192 -68.85 -15.48 -32.91
N ALA F 193 -69.20 -14.22 -33.12
CA ALA F 193 -70.34 -13.61 -32.45
C ALA F 193 -71.58 -14.49 -32.60
N LYS F 194 -71.74 -15.07 -33.78
CA LYS F 194 -72.88 -15.93 -34.03
C LYS F 194 -72.79 -17.19 -33.19
N ILE F 195 -71.70 -17.94 -33.35
CA ILE F 195 -71.54 -19.17 -32.60
C ILE F 195 -71.83 -19.02 -31.10
N ILE F 196 -71.40 -17.93 -30.48
CA ILE F 196 -71.68 -17.74 -29.05
C ILE F 196 -73.18 -17.58 -28.85
N TYR F 197 -73.81 -16.76 -29.67
CA TYR F 197 -75.25 -16.52 -29.59
C TYR F 197 -76.00 -17.85 -29.72
N LEU F 198 -75.69 -18.60 -30.77
CA LEU F 198 -76.33 -19.89 -30.97
C LEU F 198 -76.10 -20.73 -29.72
N ALA F 199 -74.85 -21.14 -29.49
CA ALA F 199 -74.49 -21.95 -28.33
C ALA F 199 -75.06 -21.43 -27.00
N HIS F 200 -75.52 -20.19 -26.97
CA HIS F 200 -76.07 -19.64 -25.75
C HIS F 200 -77.45 -20.24 -25.41
N GLU F 201 -78.00 -21.01 -26.35
CA GLU F 201 -79.31 -21.65 -26.14
C GLU F 201 -79.30 -22.63 -24.97
N ASP F 202 -78.17 -23.31 -24.80
CA ASP F 202 -77.99 -24.29 -23.72
C ASP F 202 -77.87 -23.57 -22.38
N ASN F 203 -78.32 -22.32 -22.35
CA ASN F 203 -78.24 -21.50 -21.14
C ASN F 203 -79.16 -20.30 -21.34
N LYS F 204 -80.07 -20.45 -22.30
CA LYS F 204 -81.03 -19.42 -22.69
C LYS F 204 -81.81 -18.81 -21.53
N GLU F 205 -81.70 -19.41 -20.35
CA GLU F 205 -82.40 -18.93 -19.16
C GLU F 205 -81.89 -17.60 -18.63
N LYS F 206 -80.57 -17.42 -18.68
CA LYS F 206 -79.94 -16.20 -18.19
C LYS F 206 -79.48 -15.31 -19.35
N ASP F 207 -79.52 -14.00 -19.14
CA ASP F 207 -79.09 -13.06 -20.17
C ASP F 207 -77.57 -13.03 -20.13
N PHE F 208 -76.92 -12.61 -21.21
CA PHE F 208 -75.45 -12.59 -21.24
C PHE F 208 -74.82 -11.39 -21.94
N GLU F 209 -73.49 -11.34 -21.91
CA GLU F 209 -72.71 -10.28 -22.53
C GLU F 209 -71.65 -10.94 -23.41
N LEU F 210 -71.53 -10.47 -24.65
CA LEU F 210 -70.56 -11.03 -25.58
C LEU F 210 -69.20 -10.33 -25.48
N GLU F 211 -68.14 -11.12 -25.63
CA GLU F 211 -66.78 -10.59 -25.57
C GLU F 211 -65.93 -11.26 -26.67
N ILE F 212 -65.24 -10.45 -27.47
CA ILE F 212 -64.39 -10.96 -28.54
C ILE F 212 -63.04 -10.26 -28.53
N SER F 213 -62.03 -10.95 -29.05
CA SER F 213 -60.68 -10.41 -29.16
C SER F 213 -60.05 -11.12 -30.34
N TRP F 214 -59.03 -10.51 -30.93
CA TRP F 214 -58.39 -11.12 -32.08
C TRP F 214 -56.94 -10.71 -32.22
N CYS F 215 -56.23 -11.46 -33.05
CA CYS F 215 -54.84 -11.21 -33.33
C CYS F 215 -54.70 -11.53 -34.82
N SER F 216 -54.57 -10.49 -35.63
CA SER F 216 -54.45 -10.66 -37.08
C SER F 216 -53.27 -9.89 -37.62
N LEU F 217 -52.48 -10.55 -38.47
CA LEU F 217 -51.30 -9.93 -39.06
C LEU F 217 -51.68 -8.64 -39.77
N SER F 218 -52.82 -8.65 -40.44
CA SER F 218 -53.27 -7.48 -41.18
C SER F 218 -54.17 -6.54 -40.39
N GLU F 219 -55.05 -7.08 -39.56
CA GLU F 219 -55.97 -6.26 -38.80
C GLU F 219 -55.45 -5.64 -37.50
N THR F 220 -54.50 -6.31 -36.85
CA THR F 220 -53.96 -5.80 -35.58
C THR F 220 -52.44 -5.75 -35.54
N ASN F 221 -51.81 -6.01 -36.67
CA ASN F 221 -50.36 -5.98 -36.74
C ASN F 221 -49.73 -7.14 -35.99
N GLY F 222 -50.51 -8.18 -35.76
CA GLY F 222 -50.00 -9.33 -35.05
C GLY F 222 -50.03 -9.15 -33.55
N LEU F 223 -50.75 -8.13 -33.08
CA LEU F 223 -50.87 -7.88 -31.66
C LEU F 223 -52.27 -8.23 -31.21
N HIS F 224 -52.39 -8.80 -30.02
CA HIS F 224 -53.70 -9.18 -29.50
C HIS F 224 -54.45 -7.94 -29.04
N LYS F 225 -55.65 -7.76 -29.57
CA LYS F 225 -56.45 -6.61 -29.22
C LYS F 225 -57.91 -7.00 -29.03
N PHE F 226 -58.61 -6.25 -28.19
CA PHE F 226 -60.02 -6.52 -27.93
C PHE F 226 -60.90 -5.85 -28.96
N VAL F 227 -62.00 -6.52 -29.31
CA VAL F 227 -62.94 -5.95 -30.26
C VAL F 227 -63.86 -5.05 -29.46
N LYS F 228 -63.87 -3.76 -29.80
CA LYS F 228 -64.70 -2.78 -29.11
C LYS F 228 -65.53 -1.93 -30.07
N GLY F 229 -66.38 -1.08 -29.49
CA GLY F 229 -67.21 -0.18 -30.28
C GLY F 229 -67.91 -0.72 -31.51
N ASP F 230 -67.82 0.05 -32.60
CA ASP F 230 -68.44 -0.29 -33.88
C ASP F 230 -68.26 -1.72 -34.36
N LEU F 231 -67.00 -2.16 -34.45
CA LEU F 231 -66.73 -3.52 -34.91
C LEU F 231 -67.45 -4.54 -34.05
N LEU F 232 -67.58 -4.23 -32.75
CA LEU F 232 -68.25 -5.13 -31.83
C LEU F 232 -69.75 -5.20 -32.12
N GLN F 233 -70.41 -4.03 -32.09
CA GLN F 233 -71.84 -3.94 -32.35
C GLN F 233 -72.20 -4.59 -33.69
N GLU F 234 -71.40 -4.30 -34.71
CA GLU F 234 -71.60 -4.85 -36.03
C GLU F 234 -71.67 -6.38 -35.98
N ALA F 235 -70.87 -6.98 -35.12
CA ALA F 235 -70.85 -8.43 -34.98
C ALA F 235 -72.03 -8.90 -34.15
N ILE F 236 -72.37 -8.14 -33.10
CA ILE F 236 -73.51 -8.47 -32.25
C ILE F 236 -74.75 -8.52 -33.12
N ASP F 237 -74.90 -7.50 -33.97
CA ASP F 237 -76.03 -7.44 -34.88
C ASP F 237 -76.04 -8.64 -35.83
N PHE F 238 -74.93 -8.86 -36.51
CA PHE F 238 -74.82 -9.99 -37.44
C PHE F 238 -75.32 -11.27 -36.79
N ALA F 239 -75.13 -11.37 -35.48
CA ALA F 239 -75.58 -12.55 -34.73
C ALA F 239 -77.08 -12.44 -34.46
N GLN F 240 -77.49 -11.37 -33.80
CA GLN F 240 -78.90 -11.14 -33.48
C GLN F 240 -79.79 -11.35 -34.70
N LYS F 241 -79.23 -11.09 -35.88
CA LYS F 241 -79.96 -11.23 -37.12
C LYS F 241 -80.11 -12.69 -37.53
N GLU F 242 -79.02 -13.44 -37.46
CA GLU F 242 -79.06 -14.85 -37.84
C GLU F 242 -79.52 -15.77 -36.72
N ILE F 243 -80.01 -15.17 -35.64
CA ILE F 243 -80.52 -15.97 -34.53
C ILE F 243 -82.02 -16.11 -34.72
N ASN F 244 -82.52 -15.51 -35.81
CA ASN F 244 -83.94 -15.55 -36.16
C ASN F 244 -84.11 -15.83 -37.65
N ALA G 1 -54.63 -50.85 4.35
CA ALA G 1 -54.38 -52.19 3.72
C ALA G 1 -54.69 -52.18 2.22
N GLY G 2 -55.94 -51.84 1.86
CA GLY G 2 -56.35 -51.80 0.47
C GLY G 2 -55.71 -50.69 -0.35
N TYR G 3 -54.84 -49.92 0.29
CA TYR G 3 -54.16 -48.82 -0.39
C TYR G 3 -52.93 -49.30 -1.11
N ASP G 4 -52.63 -50.58 -0.97
CA ASP G 4 -51.47 -51.14 -1.64
C ASP G 4 -51.79 -51.17 -3.14
N ARG G 5 -52.89 -50.52 -3.51
CA ARG G 5 -53.30 -50.46 -4.91
C ARG G 5 -53.41 -49.02 -5.39
N HIS G 6 -53.07 -48.08 -4.52
CA HIS G 6 -53.14 -46.67 -4.87
C HIS G 6 -51.73 -46.08 -5.06
N ILE G 7 -50.80 -46.52 -4.23
CA ILE G 7 -49.43 -46.04 -4.32
C ILE G 7 -48.55 -47.21 -4.69
N THR G 8 -47.27 -46.96 -4.94
CA THR G 8 -46.42 -48.04 -5.34
C THR G 8 -45.70 -48.78 -4.23
N ILE G 9 -46.46 -49.60 -3.51
CA ILE G 9 -45.92 -50.44 -2.44
C ILE G 9 -46.36 -51.84 -2.82
N PHE G 10 -45.69 -52.85 -2.30
CA PHE G 10 -46.03 -54.22 -2.66
C PHE G 10 -47.38 -54.69 -2.17
N SER G 11 -48.00 -55.56 -2.96
CA SER G 11 -49.27 -56.16 -2.62
C SER G 11 -48.79 -57.49 -1.99
N PRO G 12 -49.65 -58.15 -1.20
CA PRO G 12 -49.21 -59.41 -0.59
C PRO G 12 -48.63 -60.40 -1.60
N GLU G 13 -48.94 -60.22 -2.89
CA GLU G 13 -48.42 -61.12 -3.91
C GLU G 13 -47.11 -60.59 -4.50
N GLY G 14 -46.61 -59.49 -3.94
CA GLY G 14 -45.37 -58.90 -4.43
C GLY G 14 -45.57 -58.13 -5.72
N ARG G 15 -46.78 -57.64 -5.94
CA ARG G 15 -47.08 -56.90 -7.15
C ARG G 15 -47.22 -55.41 -6.91
N LEU G 16 -47.12 -54.65 -7.99
CA LEU G 16 -47.26 -53.21 -7.93
C LEU G 16 -48.38 -52.81 -8.89
N TYR G 17 -49.61 -52.90 -8.43
CA TYR G 17 -50.76 -52.59 -9.26
C TYR G 17 -50.69 -51.26 -10.00
N GLN G 18 -50.18 -50.23 -9.34
CA GLN G 18 -50.10 -48.92 -9.97
C GLN G 18 -49.25 -48.97 -11.23
N VAL G 19 -48.24 -49.82 -11.23
CA VAL G 19 -47.40 -49.95 -12.41
C VAL G 19 -48.19 -50.69 -13.48
N GLU G 20 -48.99 -51.66 -13.04
CA GLU G 20 -49.80 -52.46 -13.94
C GLU G 20 -50.87 -51.61 -14.59
N TYR G 21 -51.53 -50.78 -13.80
CA TYR G 21 -52.56 -49.93 -14.34
C TYR G 21 -51.95 -48.87 -15.24
N ALA G 22 -50.67 -48.58 -15.03
CA ALA G 22 -49.99 -47.58 -15.85
C ALA G 22 -49.80 -48.19 -17.22
N PHE G 23 -49.46 -49.47 -17.25
CA PHE G 23 -49.28 -50.18 -18.50
C PHE G 23 -50.61 -50.11 -19.26
N LYS G 24 -51.71 -50.20 -18.53
CA LYS G 24 -53.04 -50.16 -19.13
C LYS G 24 -53.24 -48.84 -19.86
N ALA G 25 -52.79 -47.75 -19.26
CA ALA G 25 -52.95 -46.43 -19.85
C ALA G 25 -52.24 -46.28 -21.19
N THR G 26 -51.16 -47.02 -21.40
CA THR G 26 -50.41 -46.92 -22.65
C THR G 26 -51.25 -47.24 -23.88
N ASN G 27 -52.30 -48.03 -23.73
CA ASN G 27 -53.14 -48.39 -24.87
C ASN G 27 -54.33 -47.46 -25.06
N GLN G 28 -54.44 -46.46 -24.20
CA GLN G 28 -55.53 -45.51 -24.26
C GLN G 28 -55.72 -44.80 -25.60
N THR G 29 -54.63 -44.61 -26.33
CA THR G 29 -54.70 -43.92 -27.62
C THR G 29 -55.09 -44.83 -28.78
N ASN G 30 -55.17 -46.12 -28.49
CA ASN G 30 -55.54 -47.11 -29.50
C ASN G 30 -54.69 -46.93 -30.75
N ILE G 31 -53.40 -46.69 -30.56
CA ILE G 31 -52.47 -46.52 -31.67
C ILE G 31 -51.41 -47.60 -31.63
N ASN G 32 -51.04 -48.11 -32.79
CA ASN G 32 -50.01 -49.15 -32.87
C ASN G 32 -48.81 -48.59 -33.59
N SER G 33 -47.63 -49.05 -33.19
CA SER G 33 -46.39 -48.61 -33.80
C SER G 33 -45.41 -49.78 -33.87
N LEU G 34 -44.46 -49.69 -34.78
CA LEU G 34 -43.48 -50.75 -34.90
C LEU G 34 -42.18 -50.15 -35.40
N ALA G 35 -41.08 -50.82 -35.09
CA ALA G 35 -39.78 -50.35 -35.51
C ALA G 35 -38.95 -51.49 -36.07
N VAL G 36 -38.18 -51.19 -37.12
CA VAL G 36 -37.33 -52.20 -37.72
C VAL G 36 -36.01 -51.57 -38.06
N ARG G 37 -34.97 -52.39 -38.09
CA ARG G 37 -33.66 -51.90 -38.40
C ARG G 37 -33.27 -52.26 -39.83
N GLY G 38 -32.68 -51.29 -40.52
CA GLY G 38 -32.24 -51.50 -41.88
C GLY G 38 -30.78 -51.93 -41.84
N LYS G 39 -30.10 -51.77 -42.96
CA LYS G 39 -28.70 -52.14 -43.04
C LYS G 39 -27.88 -51.04 -42.36
N ASP G 40 -28.32 -49.80 -42.56
CA ASP G 40 -27.65 -48.65 -41.96
C ASP G 40 -28.64 -47.54 -41.62
N CYS G 41 -29.83 -47.94 -41.17
CA CYS G 41 -30.88 -46.98 -40.79
C CYS G 41 -31.83 -47.67 -39.82
N THR G 42 -32.76 -46.91 -39.27
CA THR G 42 -33.73 -47.45 -38.34
C THR G 42 -35.04 -46.75 -38.61
N VAL G 43 -36.10 -47.52 -38.79
CA VAL G 43 -37.40 -46.94 -39.09
C VAL G 43 -38.47 -47.22 -38.06
N VAL G 44 -39.33 -46.23 -37.84
CA VAL G 44 -40.42 -46.38 -36.90
C VAL G 44 -41.71 -45.89 -37.53
N ILE G 45 -42.69 -46.78 -37.57
CA ILE G 45 -44.00 -46.47 -38.13
C ILE G 45 -45.01 -46.42 -36.99
N SER G 46 -45.96 -45.50 -37.10
CA SER G 46 -46.99 -45.39 -36.09
C SER G 46 -48.29 -44.89 -36.72
N GLN G 47 -49.39 -45.54 -36.38
CA GLN G 47 -50.68 -45.13 -36.91
C GLN G 47 -50.94 -43.69 -36.50
N LYS G 48 -51.60 -42.95 -37.37
CA LYS G 48 -51.95 -41.58 -37.08
C LYS G 48 -53.45 -41.52 -37.21
N LYS G 49 -54.14 -41.12 -36.14
CA LYS G 49 -55.58 -41.04 -36.19
C LYS G 49 -56.07 -39.68 -35.73
N VAL G 50 -56.68 -38.94 -36.64
CA VAL G 50 -57.19 -37.63 -36.30
C VAL G 50 -58.71 -37.65 -36.48
N PRO G 51 -59.45 -37.90 -35.40
CA PRO G 51 -60.91 -37.95 -35.42
C PRO G 51 -61.59 -36.60 -35.65
N ASP G 52 -61.35 -35.64 -34.75
CA ASP G 52 -61.98 -34.33 -34.86
C ASP G 52 -61.60 -33.55 -36.13
N LYS G 53 -62.61 -33.06 -36.84
CA LYS G 53 -62.38 -32.30 -38.07
C LYS G 53 -61.85 -30.90 -37.74
N LEU G 54 -62.03 -30.49 -36.49
CA LEU G 54 -61.56 -29.18 -36.04
C LEU G 54 -60.07 -29.14 -35.68
N LEU G 55 -59.42 -30.31 -35.70
CA LEU G 55 -58.00 -30.38 -35.38
C LEU G 55 -57.10 -30.08 -36.56
N ASP G 56 -55.93 -29.55 -36.24
CA ASP G 56 -54.92 -29.26 -37.25
C ASP G 56 -54.03 -30.51 -37.25
N PRO G 57 -54.27 -31.41 -38.21
CA PRO G 57 -53.53 -32.67 -38.40
C PRO G 57 -52.03 -32.57 -38.22
N THR G 58 -51.47 -31.44 -38.62
CA THR G 58 -50.03 -31.23 -38.56
C THR G 58 -49.46 -31.22 -37.14
N THR G 59 -50.31 -30.92 -36.16
CA THR G 59 -49.87 -30.85 -34.78
C THR G 59 -50.14 -32.13 -33.99
N VAL G 60 -50.65 -33.14 -34.66
CA VAL G 60 -50.94 -34.42 -33.98
C VAL G 60 -49.84 -35.44 -34.27
N SER G 61 -48.99 -35.69 -33.29
CA SER G 61 -47.91 -36.65 -33.47
C SER G 61 -47.48 -37.33 -32.18
N TYR G 62 -46.97 -38.56 -32.30
CA TYR G 62 -46.49 -39.27 -31.14
C TYR G 62 -45.04 -39.66 -31.39
N ILE G 63 -44.44 -38.98 -32.37
CA ILE G 63 -43.04 -39.18 -32.70
C ILE G 63 -42.32 -37.89 -32.31
N PHE G 64 -41.14 -38.02 -31.72
CA PHE G 64 -40.40 -36.84 -31.29
C PHE G 64 -38.94 -36.89 -31.69
N CYS G 65 -38.40 -35.73 -32.04
CA CYS G 65 -36.98 -35.63 -32.37
C CYS G 65 -36.31 -35.22 -31.06
N ILE G 66 -35.69 -36.19 -30.41
CA ILE G 66 -35.04 -35.94 -29.14
C ILE G 66 -33.71 -35.24 -29.28
N SER G 67 -32.94 -35.64 -30.29
CA SER G 67 -31.65 -35.03 -30.55
C SER G 67 -31.39 -35.15 -32.03
N ARG G 68 -30.30 -34.58 -32.52
CA ARG G 68 -29.97 -34.65 -33.93
C ARG G 68 -29.95 -36.12 -34.37
N THR G 69 -29.55 -37.03 -33.47
CA THR G 69 -29.45 -38.45 -33.83
C THR G 69 -30.49 -39.38 -33.24
N ILE G 70 -31.21 -38.94 -32.21
CA ILE G 70 -32.19 -39.82 -31.58
C ILE G 70 -33.66 -39.46 -31.79
N GLY G 71 -34.43 -40.47 -32.17
CA GLY G 71 -35.85 -40.27 -32.36
C GLY G 71 -36.59 -41.13 -31.36
N MET G 72 -37.78 -40.69 -30.95
CA MET G 72 -38.54 -41.45 -29.97
C MET G 72 -40.04 -41.46 -30.28
N VAL G 73 -40.63 -42.65 -30.32
CA VAL G 73 -42.06 -42.78 -30.56
C VAL G 73 -42.68 -43.20 -29.23
N VAL G 74 -43.82 -42.59 -28.91
CA VAL G 74 -44.50 -42.86 -27.64
C VAL G 74 -45.87 -43.51 -27.77
N ASN G 75 -46.09 -44.58 -27.01
CA ASN G 75 -47.40 -45.23 -26.98
C ASN G 75 -48.05 -44.88 -25.64
N GLY G 76 -49.01 -43.97 -25.66
CA GLY G 76 -49.68 -43.56 -24.44
C GLY G 76 -50.25 -42.17 -24.54
N PRO G 77 -50.99 -41.71 -23.52
CA PRO G 77 -51.61 -40.38 -23.51
C PRO G 77 -50.58 -39.33 -23.92
N ILE G 78 -51.00 -38.29 -24.64
CA ILE G 78 -50.07 -37.27 -25.11
C ILE G 78 -49.39 -36.47 -24.01
N PRO G 79 -50.14 -36.02 -22.98
CA PRO G 79 -49.44 -35.24 -21.95
C PRO G 79 -48.27 -35.98 -21.29
N ASP G 80 -48.45 -37.25 -20.93
CA ASP G 80 -47.33 -37.97 -20.34
C ASP G 80 -46.25 -38.14 -21.39
N ALA G 81 -46.66 -38.29 -22.64
CA ALA G 81 -45.71 -38.46 -23.74
C ALA G 81 -44.82 -37.25 -23.87
N ARG G 82 -45.41 -36.07 -23.85
CA ARG G 82 -44.66 -34.82 -23.96
C ARG G 82 -43.78 -34.55 -22.73
N ASN G 83 -44.18 -35.08 -21.59
CA ASN G 83 -43.40 -34.91 -20.37
C ASN G 83 -42.15 -35.77 -20.54
N ALA G 84 -42.31 -36.95 -21.15
CA ALA G 84 -41.17 -37.85 -21.36
C ALA G 84 -40.23 -37.32 -22.43
N ALA G 85 -40.80 -36.68 -23.45
CA ALA G 85 -40.01 -36.11 -24.55
C ALA G 85 -39.12 -34.98 -24.04
N LEU G 86 -39.72 -34.02 -23.33
CA LEU G 86 -38.95 -32.88 -22.81
C LEU G 86 -37.79 -33.40 -21.96
N ARG G 87 -38.08 -34.27 -21.02
CA ARG G 87 -37.03 -34.80 -20.15
C ARG G 87 -35.91 -35.46 -20.95
N ALA G 88 -36.28 -36.26 -21.95
CA ALA G 88 -35.29 -36.94 -22.77
C ALA G 88 -34.39 -35.95 -23.51
N LYS G 89 -35.00 -34.88 -24.02
CA LYS G 89 -34.25 -33.85 -24.73
C LYS G 89 -33.26 -33.16 -23.80
N ALA G 90 -33.76 -32.75 -22.64
CA ALA G 90 -32.93 -32.08 -21.63
C ALA G 90 -31.77 -33.01 -21.29
N GLU G 91 -32.10 -34.26 -21.02
CA GLU G 91 -31.10 -35.26 -20.68
C GLU G 91 -30.09 -35.43 -21.82
N ALA G 92 -30.58 -35.44 -23.07
CA ALA G 92 -29.68 -35.63 -24.20
C ALA G 92 -28.72 -34.47 -24.39
N ALA G 93 -29.23 -33.25 -24.17
CA ALA G 93 -28.39 -32.04 -24.32
C ALA G 93 -27.34 -31.95 -23.20
N GLU G 94 -27.73 -32.23 -21.98
CA GLU G 94 -26.80 -32.17 -20.86
C GLU G 94 -25.68 -33.20 -21.03
N PHE G 95 -26.03 -34.41 -21.43
CA PHE G 95 -25.03 -35.46 -21.62
C PHE G 95 -23.92 -34.99 -22.55
N ARG G 96 -24.33 -34.33 -23.64
CA ARG G 96 -23.39 -33.85 -24.63
C ARG G 96 -22.48 -32.79 -24.04
N TYR G 97 -23.09 -31.89 -23.27
CA TYR G 97 -22.36 -30.81 -22.62
C TYR G 97 -21.33 -31.33 -21.63
N LYS G 98 -21.73 -32.26 -20.77
CA LYS G 98 -20.85 -32.83 -19.76
C LYS G 98 -19.79 -33.80 -20.27
N TYR G 99 -20.17 -34.71 -21.15
CA TYR G 99 -19.22 -35.73 -21.63
C TYR G 99 -18.61 -35.53 -23.01
N GLY G 100 -19.03 -34.46 -23.67
CA GLY G 100 -18.46 -34.11 -24.96
C GLY G 100 -18.79 -34.93 -26.19
N TYR G 101 -19.80 -35.79 -26.10
CA TYR G 101 -20.21 -36.57 -27.26
C TYR G 101 -21.70 -36.84 -27.16
N ASP G 102 -22.30 -37.17 -28.30
CA ASP G 102 -23.74 -37.42 -28.35
C ASP G 102 -24.18 -38.61 -27.52
N MET G 103 -25.25 -38.44 -26.75
CA MET G 103 -25.76 -39.52 -25.93
C MET G 103 -26.25 -40.66 -26.79
N PRO G 104 -25.74 -41.87 -26.55
CA PRO G 104 -26.16 -43.04 -27.33
C PRO G 104 -27.61 -43.40 -27.02
N CYS G 105 -28.29 -43.96 -28.01
CA CYS G 105 -29.68 -44.38 -27.88
C CYS G 105 -29.91 -45.32 -26.68
N ASP G 106 -29.10 -46.37 -26.56
CA ASP G 106 -29.27 -47.28 -25.45
C ASP G 106 -29.08 -46.58 -24.10
N VAL G 107 -28.10 -45.67 -24.01
CA VAL G 107 -27.85 -44.96 -22.75
C VAL G 107 -29.04 -44.05 -22.41
N LEU G 108 -29.55 -43.30 -23.38
CA LEU G 108 -30.69 -42.44 -23.12
C LEU G 108 -31.83 -43.30 -22.61
N ALA G 109 -31.97 -44.48 -23.19
CA ALA G 109 -33.03 -45.40 -22.77
C ALA G 109 -32.84 -45.81 -21.32
N LYS G 110 -31.64 -46.30 -20.98
CA LYS G 110 -31.35 -46.71 -19.61
C LYS G 110 -31.66 -45.57 -18.63
N ARG G 111 -31.24 -44.36 -18.99
CA ARG G 111 -31.49 -43.20 -18.15
C ARG G 111 -33.00 -43.00 -17.93
N MET G 112 -33.79 -43.07 -19.01
CA MET G 112 -35.23 -42.88 -18.85
C MET G 112 -35.83 -44.03 -18.07
N ALA G 113 -35.30 -45.24 -18.28
CA ALA G 113 -35.80 -46.41 -17.56
C ALA G 113 -35.55 -46.26 -16.06
N ASN G 114 -34.38 -45.73 -15.70
CA ASN G 114 -34.04 -45.55 -14.28
C ASN G 114 -34.97 -44.52 -13.63
N LEU G 115 -35.25 -43.45 -14.36
CA LEU G 115 -36.15 -42.43 -13.87
C LEU G 115 -37.51 -43.07 -13.61
N SER G 116 -37.89 -44.01 -14.47
CA SER G 116 -39.17 -44.69 -14.32
C SER G 116 -39.11 -45.61 -13.11
N GLN G 117 -38.04 -46.39 -13.01
CA GLN G 117 -37.85 -47.27 -11.87
C GLN G 117 -38.13 -46.48 -10.58
N ILE G 118 -37.65 -45.24 -10.52
CA ILE G 118 -37.90 -44.41 -9.34
C ILE G 118 -39.37 -44.18 -9.02
N TYR G 119 -40.20 -43.82 -10.01
CA TYR G 119 -41.62 -43.59 -9.71
C TYR G 119 -42.27 -44.87 -9.19
N THR G 120 -41.59 -45.98 -9.50
CA THR G 120 -41.98 -47.32 -9.12
C THR G 120 -41.67 -47.57 -7.64
N GLN G 121 -40.69 -46.84 -7.10
CA GLN G 121 -40.25 -47.00 -5.71
C GLN G 121 -40.62 -45.88 -4.74
N ARG G 122 -40.66 -44.65 -5.22
CA ARG G 122 -41.03 -43.54 -4.36
C ARG G 122 -42.53 -43.32 -4.48
N ALA G 123 -43.20 -43.27 -3.34
CA ALA G 123 -44.63 -43.12 -3.26
C ALA G 123 -45.26 -41.82 -3.75
N TYR G 124 -44.51 -40.72 -3.81
CA TYR G 124 -45.12 -39.47 -4.21
C TYR G 124 -45.13 -39.25 -5.72
N MET G 125 -44.36 -40.06 -6.44
CA MET G 125 -44.29 -39.95 -7.90
C MET G 125 -45.14 -41.06 -8.55
N ARG G 126 -46.02 -40.67 -9.46
CA ARG G 126 -46.82 -41.67 -10.16
C ARG G 126 -46.05 -42.08 -11.40
N PRO G 127 -46.25 -43.32 -11.87
CA PRO G 127 -45.52 -43.71 -13.08
C PRO G 127 -46.17 -42.96 -14.25
N LEU G 128 -45.48 -42.94 -15.39
CA LEU G 128 -46.04 -42.28 -16.57
C LEU G 128 -46.66 -43.41 -17.39
N GLY G 129 -47.88 -43.21 -17.87
CA GLY G 129 -48.54 -44.26 -18.64
C GLY G 129 -48.07 -44.31 -20.07
N VAL G 130 -46.78 -44.52 -20.28
CA VAL G 130 -46.25 -44.55 -21.62
C VAL G 130 -45.16 -45.59 -21.83
N ILE G 131 -44.97 -45.94 -23.10
CA ILE G 131 -43.93 -46.87 -23.50
C ILE G 131 -43.11 -46.07 -24.50
N LEU G 132 -41.80 -45.97 -24.26
CA LEU G 132 -40.92 -45.20 -25.11
C LEU G 132 -40.04 -46.09 -25.98
N THR G 133 -40.07 -45.82 -27.29
CA THR G 133 -39.25 -46.59 -28.22
C THR G 133 -38.21 -45.66 -28.79
N PHE G 134 -36.94 -45.88 -28.46
CA PHE G 134 -35.90 -45.00 -28.97
C PHE G 134 -35.18 -45.65 -30.14
N VAL G 135 -34.88 -44.82 -31.14
CA VAL G 135 -34.19 -45.30 -32.34
C VAL G 135 -33.15 -44.31 -32.83
N SER G 136 -32.14 -44.86 -33.49
CA SER G 136 -31.04 -44.08 -34.03
C SER G 136 -30.07 -45.03 -34.71
N VAL G 137 -28.98 -44.47 -35.22
CA VAL G 137 -27.94 -45.25 -35.83
C VAL G 137 -26.70 -44.88 -35.01
N ASP G 138 -26.55 -45.56 -33.89
CA ASP G 138 -25.44 -45.32 -32.99
C ASP G 138 -24.09 -45.40 -33.68
N GLU G 139 -23.18 -44.50 -33.33
CA GLU G 139 -21.85 -44.49 -33.93
C GLU G 139 -21.03 -45.70 -33.53
N GLU G 140 -21.45 -46.41 -32.50
CA GLU G 140 -20.72 -47.59 -32.07
C GLU G 140 -21.51 -48.87 -32.29
N LEU G 141 -22.83 -48.80 -32.08
CA LEU G 141 -23.68 -49.98 -32.20
C LEU G 141 -24.45 -50.17 -33.51
N GLY G 142 -24.52 -49.13 -34.33
CA GLY G 142 -25.26 -49.25 -35.58
C GLY G 142 -26.73 -49.00 -35.31
N PRO G 143 -27.63 -49.33 -36.26
CA PRO G 143 -29.07 -49.11 -36.07
C PRO G 143 -29.51 -49.65 -34.69
N SER G 144 -30.23 -48.84 -33.93
CA SER G 144 -30.63 -49.28 -32.58
C SER G 144 -32.07 -49.01 -32.21
N ILE G 145 -32.67 -50.00 -31.54
CA ILE G 145 -34.04 -49.88 -31.06
C ILE G 145 -34.02 -50.30 -29.59
N TYR G 146 -34.37 -49.36 -28.70
CA TYR G 146 -34.42 -49.61 -27.25
C TYR G 146 -35.74 -49.06 -26.76
N LYS G 147 -36.46 -49.87 -26.00
CA LYS G 147 -37.77 -49.47 -25.50
C LYS G 147 -37.89 -49.60 -23.99
N THR G 148 -38.61 -48.66 -23.39
CA THR G 148 -38.80 -48.63 -21.93
C THR G 148 -40.28 -48.57 -21.56
N ASP G 149 -40.64 -49.17 -20.44
CA ASP G 149 -42.03 -49.20 -19.96
C ASP G 149 -42.22 -48.61 -18.56
N PRO G 150 -43.47 -48.54 -18.07
CA PRO G 150 -43.71 -47.98 -16.74
C PRO G 150 -43.07 -48.75 -15.58
N ALA G 151 -42.49 -49.90 -15.88
CA ALA G 151 -41.86 -50.71 -14.83
C ALA G 151 -40.37 -50.35 -14.68
N GLY G 152 -39.89 -49.52 -15.59
CA GLY G 152 -38.50 -49.12 -15.55
C GLY G 152 -37.65 -50.15 -16.26
N TYR G 153 -38.32 -51.03 -17.01
CA TYR G 153 -37.62 -52.07 -17.75
C TYR G 153 -37.27 -51.56 -19.15
N TYR G 154 -36.17 -52.07 -19.70
CA TYR G 154 -35.77 -51.68 -21.05
C TYR G 154 -34.83 -52.73 -21.64
N VAL G 155 -34.82 -52.80 -22.96
CA VAL G 155 -33.96 -53.76 -23.64
C VAL G 155 -33.89 -53.36 -25.10
N GLY G 156 -32.90 -53.90 -25.82
CA GLY G 156 -32.75 -53.60 -27.23
C GLY G 156 -33.52 -54.62 -28.04
N TYR G 157 -33.94 -54.24 -29.24
CA TYR G 157 -34.69 -55.14 -30.11
C TYR G 157 -34.15 -55.18 -31.54
N LYS G 158 -34.43 -56.28 -32.23
CA LYS G 158 -34.03 -56.44 -33.62
C LYS G 158 -35.11 -55.65 -34.37
N ALA G 159 -36.31 -55.69 -33.80
CA ALA G 159 -37.49 -54.99 -34.30
C ALA G 159 -38.49 -55.13 -33.17
N THR G 160 -39.55 -54.31 -33.17
CA THR G 160 -40.53 -54.41 -32.09
C THR G 160 -41.81 -53.68 -32.47
N ALA G 161 -42.86 -53.92 -31.68
CA ALA G 161 -44.15 -53.29 -31.93
C ALA G 161 -44.78 -52.96 -30.59
N THR G 162 -45.71 -52.00 -30.59
CA THR G 162 -46.33 -51.57 -29.36
C THR G 162 -47.73 -51.00 -29.59
N GLY G 163 -48.67 -51.41 -28.73
CA GLY G 163 -50.06 -50.94 -28.84
C GLY G 163 -51.08 -52.05 -28.63
N PRO G 164 -52.37 -51.76 -28.84
CA PRO G 164 -53.44 -52.75 -28.67
C PRO G 164 -53.23 -54.04 -29.45
N LYS G 165 -52.82 -53.93 -30.71
CA LYS G 165 -52.61 -55.10 -31.55
C LYS G 165 -51.13 -55.43 -31.69
N GLN G 166 -50.40 -55.18 -30.62
CA GLN G 166 -48.97 -55.42 -30.54
C GLN G 166 -48.63 -56.85 -30.92
N GLN G 167 -49.28 -57.80 -30.27
CA GLN G 167 -49.03 -59.22 -30.49
C GLN G 167 -49.08 -59.67 -31.93
N GLU G 168 -50.05 -59.17 -32.69
CA GLU G 168 -50.15 -59.53 -34.10
C GLU G 168 -48.93 -59.05 -34.88
N ILE G 169 -48.57 -57.78 -34.71
CA ILE G 169 -47.42 -57.22 -35.41
C ILE G 169 -46.17 -58.02 -35.04
N THR G 170 -46.01 -58.28 -33.75
CA THR G 170 -44.86 -59.02 -33.24
C THR G 170 -44.68 -60.39 -33.86
N THR G 171 -45.74 -61.21 -33.88
CA THR G 171 -45.63 -62.54 -34.46
C THR G 171 -45.36 -62.44 -35.97
N ASN G 172 -45.94 -61.43 -36.60
CA ASN G 172 -45.72 -61.21 -38.02
C ASN G 172 -44.20 -61.03 -38.26
N LEU G 173 -43.60 -60.08 -37.52
CA LEU G 173 -42.18 -59.79 -37.63
C LEU G 173 -41.33 -61.01 -37.25
N GLU G 174 -41.72 -61.68 -36.18
CA GLU G 174 -41.00 -62.86 -35.71
C GLU G 174 -40.89 -63.86 -36.83
N ASN G 175 -42.01 -64.09 -37.50
CA ASN G 175 -42.06 -65.03 -38.60
C ASN G 175 -41.10 -64.63 -39.71
N HIS G 176 -41.15 -63.37 -40.11
CA HIS G 176 -40.26 -62.91 -41.15
C HIS G 176 -38.79 -63.17 -40.84
N PHE G 177 -38.39 -62.93 -39.59
CA PHE G 177 -36.99 -63.14 -39.21
C PHE G 177 -36.60 -64.59 -39.04
N LYS G 178 -37.58 -65.45 -38.77
CA LYS G 178 -37.28 -66.89 -38.63
C LYS G 178 -36.94 -67.36 -40.04
N LYS G 179 -37.60 -66.73 -41.01
CA LYS G 179 -37.44 -67.03 -42.42
C LYS G 179 -36.13 -66.47 -42.99
N SER G 180 -35.92 -65.16 -42.86
CA SER G 180 -34.71 -64.51 -43.37
C SER G 180 -33.42 -64.92 -42.65
N LYS G 181 -33.54 -65.31 -41.38
CA LYS G 181 -32.39 -65.75 -40.60
C LYS G 181 -31.38 -64.66 -40.21
N ILE G 182 -31.68 -63.42 -40.58
CA ILE G 182 -30.81 -62.30 -40.23
C ILE G 182 -31.59 -61.41 -39.26
N ASP G 183 -30.88 -60.54 -38.55
CA ASP G 183 -31.53 -59.67 -37.57
C ASP G 183 -31.77 -58.25 -38.06
N HIS G 184 -32.12 -58.09 -39.33
CA HIS G 184 -32.38 -56.75 -39.87
C HIS G 184 -32.87 -56.84 -41.31
N ILE G 185 -33.47 -55.76 -41.78
CA ILE G 185 -33.96 -55.70 -43.15
C ILE G 185 -32.79 -55.40 -44.07
N ASN G 186 -32.31 -56.43 -44.76
CA ASN G 186 -31.17 -56.30 -45.66
C ASN G 186 -31.46 -55.43 -46.90
N GLU G 187 -31.65 -54.14 -46.68
CA GLU G 187 -31.93 -53.19 -47.75
C GLU G 187 -30.95 -52.01 -47.60
N GLU G 188 -30.48 -51.47 -48.72
CA GLU G 188 -29.51 -50.38 -48.69
C GLU G 188 -30.17 -49.01 -48.52
N SER G 189 -31.38 -48.86 -49.03
CA SER G 189 -32.07 -47.58 -48.91
C SER G 189 -33.09 -47.62 -47.78
N TRP G 190 -33.20 -46.53 -47.03
CA TRP G 190 -34.17 -46.50 -45.95
C TRP G 190 -35.58 -46.51 -46.52
N GLU G 191 -35.73 -45.94 -47.73
CA GLU G 191 -37.03 -45.88 -48.39
C GLU G 191 -37.64 -47.27 -48.46
N LYS G 192 -36.85 -48.25 -48.89
CA LYS G 192 -37.32 -49.62 -48.98
C LYS G 192 -37.58 -50.20 -47.59
N VAL G 193 -36.78 -49.81 -46.61
CA VAL G 193 -37.01 -50.32 -45.26
C VAL G 193 -38.33 -49.74 -44.77
N VAL G 194 -38.57 -48.47 -45.06
CA VAL G 194 -39.84 -47.85 -44.68
C VAL G 194 -40.98 -48.61 -45.34
N GLU G 195 -40.76 -49.04 -46.59
CA GLU G 195 -41.79 -49.78 -47.31
C GLU G 195 -42.03 -51.14 -46.66
N PHE G 196 -40.95 -51.82 -46.31
CA PHE G 196 -41.07 -53.11 -45.66
C PHE G 196 -41.88 -52.91 -44.39
N ALA G 197 -41.51 -51.89 -43.64
CA ALA G 197 -42.18 -51.56 -42.40
C ALA G 197 -43.67 -51.41 -42.60
N ILE G 198 -44.06 -50.50 -43.49
CA ILE G 198 -45.48 -50.27 -43.75
C ILE G 198 -46.19 -51.50 -44.28
N THR G 199 -45.50 -52.25 -45.13
CA THR G 199 -46.08 -53.46 -45.72
C THR G 199 -46.51 -54.42 -44.62
N HIS G 200 -45.57 -54.82 -43.77
CA HIS G 200 -45.91 -55.74 -42.70
C HIS G 200 -46.89 -55.16 -41.70
N MET G 201 -46.95 -53.84 -41.62
CA MET G 201 -47.90 -53.19 -40.73
C MET G 201 -49.28 -53.59 -41.26
N ILE G 202 -49.44 -53.46 -42.57
CA ILE G 202 -50.69 -53.79 -43.24
C ILE G 202 -51.03 -55.27 -43.10
N ASP G 203 -50.12 -56.15 -43.50
CA ASP G 203 -50.35 -57.59 -43.40
C ASP G 203 -50.83 -58.00 -42.01
N ALA G 204 -50.07 -57.60 -40.99
CA ALA G 204 -50.41 -57.94 -39.61
C ALA G 204 -51.72 -57.34 -39.14
N LEU G 205 -51.95 -56.06 -39.42
CA LEU G 205 -53.19 -55.43 -38.97
C LEU G 205 -54.35 -55.64 -39.95
N GLY G 206 -54.05 -56.22 -41.11
CA GLY G 206 -55.08 -56.45 -42.11
C GLY G 206 -55.79 -55.18 -42.53
N THR G 207 -55.06 -54.07 -42.60
CA THR G 207 -55.68 -52.81 -42.99
C THR G 207 -54.90 -52.06 -44.05
N GLU G 208 -55.61 -51.21 -44.78
CA GLU G 208 -55.04 -50.38 -45.82
C GLU G 208 -54.78 -49.01 -45.20
N PHE G 209 -53.78 -48.29 -45.71
CA PHE G 209 -53.46 -46.97 -45.18
C PHE G 209 -53.39 -45.92 -46.27
N SER G 210 -53.83 -44.70 -45.93
CA SER G 210 -53.74 -43.59 -46.86
C SER G 210 -52.52 -42.84 -46.35
N LYS G 211 -52.18 -41.72 -46.98
CA LYS G 211 -51.02 -40.95 -46.55
C LYS G 211 -51.21 -40.25 -45.20
N ASN G 212 -52.45 -40.16 -44.73
CA ASN G 212 -52.71 -39.50 -43.45
C ASN G 212 -53.07 -40.47 -42.34
N ASP G 213 -52.86 -41.75 -42.57
CA ASP G 213 -53.17 -42.77 -41.57
C ASP G 213 -51.89 -43.22 -40.87
N LEU G 214 -50.76 -42.80 -41.43
CA LEU G 214 -49.47 -43.18 -40.88
C LEU G 214 -48.64 -41.99 -40.44
N GLU G 215 -47.52 -42.31 -39.81
CA GLU G 215 -46.56 -41.35 -39.30
C GLU G 215 -45.26 -42.14 -39.35
N VAL G 216 -44.24 -41.58 -40.00
CA VAL G 216 -42.98 -42.30 -40.13
C VAL G 216 -41.76 -41.51 -39.67
N GLY G 217 -40.84 -42.20 -39.01
CA GLY G 217 -39.63 -41.55 -38.55
C GLY G 217 -38.45 -42.39 -39.01
N VAL G 218 -37.40 -41.75 -39.48
CA VAL G 218 -36.22 -42.46 -39.94
C VAL G 218 -34.96 -41.95 -39.28
N ALA G 219 -34.06 -42.88 -38.98
CA ALA G 219 -32.79 -42.54 -38.35
C ALA G 219 -31.66 -43.07 -39.22
N THR G 220 -30.73 -42.18 -39.56
CA THR G 220 -29.58 -42.55 -40.37
C THR G 220 -28.33 -42.04 -39.69
N LYS G 221 -27.18 -42.32 -40.28
CA LYS G 221 -25.93 -41.83 -39.74
C LYS G 221 -26.04 -40.32 -39.52
N ASP G 222 -25.85 -39.91 -38.28
CA ASP G 222 -25.89 -38.50 -37.89
C ASP G 222 -27.18 -37.73 -38.08
N LYS G 223 -28.29 -38.44 -38.29
CA LYS G 223 -29.55 -37.75 -38.40
C LYS G 223 -30.79 -38.62 -38.27
N PHE G 224 -31.81 -38.05 -37.66
CA PHE G 224 -33.11 -38.69 -37.48
C PHE G 224 -34.14 -37.66 -37.93
N PHE G 225 -35.06 -38.09 -38.77
CA PHE G 225 -36.09 -37.19 -39.30
C PHE G 225 -37.42 -37.91 -39.49
N THR G 226 -38.50 -37.13 -39.55
CA THR G 226 -39.82 -37.70 -39.77
C THR G 226 -40.25 -37.37 -41.20
N LEU G 227 -41.02 -38.26 -41.83
CA LEU G 227 -41.47 -38.05 -43.21
C LEU G 227 -42.75 -37.22 -43.28
N SER G 228 -42.99 -36.62 -44.43
CA SER G 228 -44.18 -35.79 -44.64
C SER G 228 -45.28 -36.61 -45.30
N ALA G 229 -46.50 -36.07 -45.29
CA ALA G 229 -47.62 -36.77 -45.91
C ALA G 229 -47.22 -37.22 -47.31
N GLU G 230 -46.54 -36.34 -48.03
CA GLU G 230 -46.11 -36.63 -49.39
C GLU G 230 -44.97 -37.64 -49.49
N ASN G 231 -44.01 -37.58 -48.57
CA ASN G 231 -42.90 -38.53 -48.58
C ASN G 231 -43.52 -39.92 -48.37
N ILE G 232 -44.58 -39.97 -47.56
CA ILE G 232 -45.28 -41.20 -47.25
C ILE G 232 -46.04 -41.71 -48.48
N GLU G 233 -46.83 -40.82 -49.09
CA GLU G 233 -47.62 -41.15 -50.27
C GLU G 233 -46.73 -41.85 -51.29
N GLU G 234 -45.56 -41.27 -51.54
CA GLU G 234 -44.60 -41.82 -52.48
C GLU G 234 -44.27 -43.25 -52.06
N ARG G 235 -44.31 -43.49 -50.75
CA ARG G 235 -44.02 -44.80 -50.19
C ARG G 235 -45.19 -45.75 -50.45
N LEU G 236 -46.40 -45.27 -50.18
CA LEU G 236 -47.63 -46.03 -50.38
C LEU G 236 -47.83 -46.45 -51.83
N VAL G 237 -47.42 -45.56 -52.74
CA VAL G 237 -47.53 -45.83 -54.17
C VAL G 237 -46.58 -46.96 -54.54
N ALA G 238 -45.33 -46.85 -54.12
CA ALA G 238 -44.35 -47.87 -54.41
C ALA G 238 -44.82 -49.26 -53.98
N ILE G 239 -45.36 -49.37 -52.76
CA ILE G 239 -45.83 -50.67 -52.27
C ILE G 239 -47.04 -51.15 -53.07
N ALA G 240 -47.80 -50.20 -53.63
CA ALA G 240 -48.99 -50.53 -54.41
C ALA G 240 -48.61 -51.22 -55.72
N GLU G 241 -47.49 -50.79 -56.30
CA GLU G 241 -47.00 -51.36 -57.55
C GLU G 241 -46.19 -52.62 -57.29
N GLN G 242 -46.72 -53.50 -56.45
CA GLN G 242 -46.04 -54.73 -56.11
C GLN G 242 -47.10 -55.77 -55.74
N ASP G 243 -48.25 -55.26 -55.30
CA ASP G 243 -49.41 -56.07 -54.92
C ASP G 243 -50.49 -55.90 -56.00
N THR H 1 9.75 -28.92 -14.63
CA THR H 1 9.02 -30.07 -15.28
C THR H 1 8.99 -29.94 -16.77
N THR H 2 9.11 -31.10 -17.43
CA THR H 2 9.02 -31.17 -18.87
C THR H 2 8.11 -32.33 -19.20
N ILE H 3 7.03 -32.04 -19.91
CA ILE H 3 6.10 -33.08 -20.33
C ILE H 3 5.75 -32.76 -21.77
N VAL H 4 5.65 -33.79 -22.60
CA VAL H 4 5.33 -33.63 -24.01
C VAL H 4 4.37 -34.70 -24.49
N GLY H 5 3.74 -34.42 -25.63
CA GLY H 5 2.81 -35.34 -26.25
C GLY H 5 3.15 -35.27 -27.73
N VAL H 6 3.14 -36.41 -28.42
CA VAL H 6 3.43 -36.45 -29.84
C VAL H 6 2.60 -37.51 -30.53
N LYS H 7 1.82 -37.09 -31.53
CA LYS H 7 1.01 -38.00 -32.31
C LYS H 7 1.87 -38.66 -33.38
N PHE H 8 1.56 -39.90 -33.71
CA PHE H 8 2.26 -40.63 -34.76
C PHE H 8 1.18 -41.31 -35.62
N ASN H 9 1.53 -41.71 -36.84
CA ASN H 9 0.57 -42.32 -37.77
C ASN H 9 -0.57 -43.19 -37.25
N ASN H 10 -0.34 -43.93 -36.17
CA ASN H 10 -1.40 -44.81 -35.66
C ASN H 10 -1.62 -44.73 -34.15
N GLY H 11 -1.36 -43.57 -33.56
CA GLY H 11 -1.55 -43.44 -32.12
C GLY H 11 -0.92 -42.18 -31.56
N VAL H 12 -0.67 -42.18 -30.27
CA VAL H 12 -0.07 -41.03 -29.60
C VAL H 12 0.87 -41.50 -28.50
N VAL H 13 1.89 -40.69 -28.22
CA VAL H 13 2.86 -41.02 -27.19
C VAL H 13 3.08 -39.80 -26.30
N ILE H 14 3.15 -40.01 -24.99
CA ILE H 14 3.40 -38.89 -24.09
C ILE H 14 4.60 -39.28 -23.23
N ALA H 15 5.37 -38.29 -22.80
CA ALA H 15 6.53 -38.57 -21.97
C ALA H 15 6.77 -37.42 -20.99
N ALA H 16 7.64 -37.66 -20.00
CA ALA H 16 7.95 -36.64 -19.00
C ALA H 16 9.23 -36.95 -18.23
N ASP H 17 9.82 -35.93 -17.62
CA ASP H 17 11.05 -36.10 -16.84
C ASP H 17 10.64 -36.64 -15.47
N THR H 18 11.60 -36.93 -14.60
CA THR H 18 11.27 -37.48 -13.29
C THR H 18 11.72 -36.67 -12.08
N ARG H 19 11.92 -35.36 -12.25
CA ARG H 19 12.33 -34.53 -11.13
C ARG H 19 11.17 -33.87 -10.41
N SER H 20 11.23 -33.88 -9.08
CA SER H 20 10.20 -33.27 -8.24
C SER H 20 10.95 -32.27 -7.35
N THR H 21 10.52 -31.02 -7.33
CA THR H 21 11.24 -30.04 -6.51
C THR H 21 10.41 -29.19 -5.57
N GLN H 22 11.05 -28.78 -4.48
CA GLN H 22 10.46 -27.89 -3.49
C GLN H 22 11.41 -26.70 -3.54
N GLY H 23 11.02 -25.64 -4.23
CA GLY H 23 11.92 -24.52 -4.34
C GLY H 23 13.16 -25.02 -5.08
N PRO H 24 14.37 -24.77 -4.57
CA PRO H 24 15.56 -25.25 -5.29
C PRO H 24 16.01 -26.64 -4.88
N ILE H 25 15.25 -27.28 -3.98
CA ILE H 25 15.62 -28.61 -3.52
C ILE H 25 14.88 -29.72 -4.29
N VAL H 26 15.62 -30.74 -4.70
CA VAL H 26 15.06 -31.87 -5.41
C VAL H 26 14.52 -32.84 -4.36
N ALA H 27 13.20 -32.92 -4.27
CA ALA H 27 12.56 -33.80 -3.29
C ALA H 27 12.55 -35.25 -3.76
N ASP H 28 12.10 -35.49 -4.99
CA ASP H 28 12.05 -36.84 -5.54
C ASP H 28 12.86 -36.85 -6.83
N LYS H 29 13.87 -37.71 -6.89
CA LYS H 29 14.72 -37.80 -8.06
C LYS H 29 14.14 -38.71 -9.12
N ASN H 30 13.03 -39.36 -8.79
CA ASN H 30 12.38 -40.27 -9.73
C ASN H 30 10.87 -40.33 -9.50
N CYS H 31 10.21 -39.18 -9.50
CA CYS H 31 8.77 -39.19 -9.32
C CYS H 31 8.16 -39.66 -10.65
N ALA H 32 6.87 -39.91 -10.65
CA ALA H 32 6.20 -40.36 -11.85
C ALA H 32 5.15 -39.33 -12.24
N LYS H 33 5.34 -38.68 -13.38
CA LYS H 33 4.40 -37.66 -13.82
C LYS H 33 3.35 -38.17 -14.80
N LEU H 34 3.47 -39.44 -15.16
CA LEU H 34 2.54 -40.07 -16.07
C LEU H 34 1.49 -40.86 -15.28
N HIS H 35 0.26 -40.40 -15.33
CA HIS H 35 -0.83 -41.07 -14.63
C HIS H 35 -1.82 -41.59 -15.65
N ARG H 36 -2.64 -42.54 -15.22
CA ARG H 36 -3.64 -43.16 -16.06
C ARG H 36 -5.03 -42.60 -15.69
N ILE H 37 -5.87 -42.35 -16.69
CA ILE H 37 -7.22 -41.87 -16.41
C ILE H 37 -8.11 -43.10 -16.58
N SER H 38 -7.79 -43.89 -17.58
CA SER H 38 -8.49 -45.14 -17.87
C SER H 38 -7.40 -45.97 -18.53
N PRO H 39 -7.61 -47.28 -18.70
CA PRO H 39 -6.57 -48.10 -19.34
C PRO H 39 -5.87 -47.48 -20.54
N LYS H 40 -6.62 -46.88 -21.45
CA LYS H 40 -6.00 -46.32 -22.65
C LYS H 40 -6.04 -44.81 -22.81
N ILE H 41 -6.13 -44.11 -21.68
CA ILE H 41 -6.14 -42.65 -21.69
C ILE H 41 -5.16 -42.26 -20.62
N TRP H 42 -3.99 -41.75 -21.01
CA TRP H 42 -3.00 -41.37 -20.02
C TRP H 42 -2.74 -39.88 -19.95
N CYS H 43 -2.27 -39.46 -18.78
CA CYS H 43 -1.98 -38.06 -18.51
C CYS H 43 -0.55 -37.79 -18.10
N ALA H 44 -0.06 -36.61 -18.50
CA ALA H 44 1.26 -36.14 -18.12
C ALA H 44 0.93 -34.86 -17.33
N GLY H 45 1.45 -34.75 -16.12
CA GLY H 45 1.14 -33.59 -15.32
C GLY H 45 2.27 -32.62 -14.99
N ALA H 46 1.91 -31.35 -14.91
CA ALA H 46 2.83 -30.27 -14.58
C ALA H 46 2.09 -29.28 -13.69
N GLY H 47 2.83 -28.56 -12.84
CA GLY H 47 2.22 -27.60 -11.94
C GLY H 47 2.24 -28.13 -10.53
N THR H 48 1.13 -27.99 -9.80
CA THR H 48 1.07 -28.48 -8.42
C THR H 48 0.81 -29.99 -8.44
N ALA H 49 1.82 -30.75 -8.04
CA ALA H 49 1.74 -32.20 -8.01
C ALA H 49 0.49 -32.78 -7.37
N ALA H 50 0.16 -32.31 -6.17
CA ALA H 50 -1.04 -32.81 -5.50
C ALA H 50 -2.27 -32.58 -6.37
N ASP H 51 -2.30 -31.47 -7.11
CA ASP H 51 -3.42 -31.16 -7.96
C ASP H 51 -3.49 -31.98 -9.25
N THR H 52 -2.40 -32.11 -9.96
CA THR H 52 -2.44 -32.90 -11.18
C THR H 52 -2.88 -34.31 -10.79
N GLU H 53 -2.28 -34.80 -9.70
CA GLU H 53 -2.56 -36.13 -9.20
C GLU H 53 -4.01 -36.33 -8.77
N ALA H 54 -4.50 -35.41 -7.96
CA ALA H 54 -5.85 -35.49 -7.45
C ALA H 54 -6.90 -35.35 -8.55
N VAL H 55 -6.61 -34.51 -9.52
CA VAL H 55 -7.54 -34.25 -10.59
C VAL H 55 -7.61 -35.44 -11.54
N THR H 56 -6.49 -36.12 -11.71
CA THR H 56 -6.41 -37.26 -12.60
C THR H 56 -7.18 -38.43 -12.03
N GLN H 57 -7.16 -38.56 -10.71
CA GLN H 57 -7.86 -39.65 -10.07
C GLN H 57 -9.36 -39.39 -9.96
N LEU H 58 -9.74 -38.14 -9.73
CA LEU H 58 -11.16 -37.80 -9.62
C LEU H 58 -11.86 -38.06 -10.95
N ILE H 59 -11.35 -37.46 -12.01
CA ILE H 59 -11.97 -37.66 -13.31
C ILE H 59 -11.80 -39.12 -13.74
N GLY H 60 -10.71 -39.75 -13.30
CA GLY H 60 -10.50 -41.14 -13.65
C GLY H 60 -11.57 -42.00 -13.02
N SER H 61 -11.88 -41.70 -11.76
CA SER H 61 -12.90 -42.43 -11.03
C SER H 61 -14.24 -42.26 -11.73
N ASN H 62 -14.61 -41.02 -12.04
CA ASN H 62 -15.87 -40.76 -12.72
C ASN H 62 -15.90 -41.33 -14.13
N ILE H 63 -14.76 -41.32 -14.81
CA ILE H 63 -14.69 -41.88 -16.16
C ILE H 63 -14.95 -43.37 -16.09
N GLU H 64 -14.48 -44.02 -15.03
CA GLU H 64 -14.71 -45.45 -14.88
C GLU H 64 -16.20 -45.70 -14.71
N LEU H 65 -16.81 -44.97 -13.79
CA LEU H 65 -18.24 -45.10 -13.54
C LEU H 65 -19.06 -44.82 -14.79
N HIS H 66 -18.63 -43.84 -15.59
CA HIS H 66 -19.34 -43.50 -16.81
C HIS H 66 -19.26 -44.65 -17.81
N SER H 67 -18.08 -45.25 -17.89
CA SER H 67 -17.80 -46.38 -18.77
C SER H 67 -18.72 -47.54 -18.39
N LEU H 68 -18.71 -47.89 -17.12
CA LEU H 68 -19.55 -48.98 -16.62
C LEU H 68 -21.02 -48.71 -16.89
N TYR H 69 -21.44 -47.47 -16.71
CA TYR H 69 -22.84 -47.10 -16.92
C TYR H 69 -23.26 -47.13 -18.37
N THR H 70 -22.38 -46.70 -19.26
CA THR H 70 -22.71 -46.65 -20.70
C THR H 70 -22.30 -47.89 -21.47
N SER H 71 -21.60 -48.79 -20.80
CA SER H 71 -21.14 -50.04 -21.41
C SER H 71 -20.25 -49.76 -22.61
N ARG H 72 -19.49 -48.68 -22.53
CA ARG H 72 -18.59 -48.28 -23.62
C ARG H 72 -17.20 -47.94 -23.10
N GLU H 73 -16.23 -47.91 -24.00
CA GLU H 73 -14.86 -47.56 -23.66
C GLU H 73 -14.86 -46.05 -23.43
N PRO H 74 -14.05 -45.57 -22.47
CA PRO H 74 -13.97 -44.13 -22.19
C PRO H 74 -13.36 -43.42 -23.38
N ARG H 75 -13.82 -42.20 -23.64
CA ARG H 75 -13.27 -41.40 -24.72
C ARG H 75 -12.40 -40.25 -24.18
N VAL H 76 -11.31 -39.95 -24.88
CA VAL H 76 -10.43 -38.86 -24.46
C VAL H 76 -11.20 -37.54 -24.33
N VAL H 77 -12.05 -37.21 -25.30
CA VAL H 77 -12.80 -35.97 -25.21
C VAL H 77 -13.66 -35.92 -23.97
N SER H 78 -14.01 -37.07 -23.41
CA SER H 78 -14.83 -37.05 -22.21
C SER H 78 -13.98 -36.67 -21.00
N ALA H 79 -12.79 -37.24 -20.90
CA ALA H 79 -11.89 -36.92 -19.78
C ALA H 79 -11.50 -35.45 -19.88
N LEU H 80 -11.42 -34.96 -21.10
CA LEU H 80 -11.05 -33.58 -21.37
C LEU H 80 -12.14 -32.60 -20.95
N GLN H 81 -13.39 -32.96 -21.20
CA GLN H 81 -14.51 -32.10 -20.85
C GLN H 81 -14.69 -32.08 -19.34
N MET H 82 -14.53 -33.24 -18.72
CA MET H 82 -14.69 -33.36 -17.28
C MET H 82 -13.57 -32.62 -16.56
N LEU H 83 -12.36 -32.70 -17.10
CA LEU H 83 -11.21 -32.02 -16.52
C LEU H 83 -11.32 -30.50 -16.65
N LYS H 84 -11.63 -30.02 -17.84
CA LYS H 84 -11.72 -28.59 -18.05
C LYS H 84 -12.85 -27.90 -17.29
N GLN H 85 -14.01 -28.55 -17.17
CA GLN H 85 -15.13 -27.93 -16.46
C GLN H 85 -14.86 -27.91 -14.96
N HIS H 86 -14.04 -28.84 -14.49
CA HIS H 86 -13.67 -28.93 -13.08
C HIS H 86 -12.64 -27.84 -12.80
N LEU H 87 -11.62 -27.77 -13.64
CA LEU H 87 -10.59 -26.77 -13.49
C LEU H 87 -11.15 -25.36 -13.67
N PHE H 88 -12.08 -25.19 -14.60
CA PHE H 88 -12.65 -23.86 -14.82
C PHE H 88 -13.37 -23.35 -13.59
N LYS H 89 -14.18 -24.23 -13.00
CA LYS H 89 -14.96 -23.92 -11.81
C LYS H 89 -14.06 -23.39 -10.68
N TYR H 90 -12.85 -23.92 -10.56
CA TYR H 90 -11.92 -23.50 -9.54
C TYR H 90 -11.00 -22.35 -9.92
N GLN H 91 -11.37 -21.64 -10.97
CA GLN H 91 -10.64 -20.47 -11.43
C GLN H 91 -9.11 -20.48 -11.37
N GLY H 92 -8.50 -21.62 -11.67
CA GLY H 92 -7.05 -21.68 -11.65
C GLY H 92 -6.43 -21.97 -10.30
N HIS H 93 -7.26 -22.08 -9.26
CA HIS H 93 -6.73 -22.37 -7.94
C HIS H 93 -6.24 -23.81 -7.82
N ILE H 94 -6.70 -24.67 -8.72
CA ILE H 94 -6.24 -26.06 -8.76
C ILE H 94 -5.12 -25.98 -9.79
N GLY H 95 -3.88 -25.89 -9.33
CA GLY H 95 -2.73 -25.75 -10.22
C GLY H 95 -2.38 -26.93 -11.07
N ALA H 96 -3.31 -27.35 -11.93
CA ALA H 96 -3.09 -28.50 -12.78
C ALA H 96 -2.92 -28.14 -14.24
N TYR H 97 -1.81 -28.58 -14.82
CA TYR H 97 -1.50 -28.34 -16.23
C TYR H 97 -1.23 -29.75 -16.75
N LEU H 98 -2.06 -30.20 -17.68
CA LEU H 98 -1.94 -31.55 -18.17
C LEU H 98 -1.90 -31.74 -19.67
N ILE H 99 -1.25 -32.82 -20.08
CA ILE H 99 -1.23 -33.19 -21.48
C ILE H 99 -1.95 -34.54 -21.41
N VAL H 100 -3.15 -34.59 -21.99
CA VAL H 100 -3.96 -35.79 -21.98
C VAL H 100 -4.04 -36.42 -23.37
N ALA H 101 -3.67 -37.69 -23.44
CA ALA H 101 -3.70 -38.44 -24.68
C ALA H 101 -4.38 -39.78 -24.48
N GLY H 102 -4.54 -40.53 -25.56
CA GLY H 102 -5.17 -41.83 -25.47
C GLY H 102 -5.88 -42.24 -26.74
N VAL H 103 -6.25 -43.51 -26.81
CA VAL H 103 -6.97 -44.04 -27.95
C VAL H 103 -8.32 -44.52 -27.46
N ASP H 104 -9.33 -44.41 -28.30
CA ASP H 104 -10.67 -44.85 -27.95
C ASP H 104 -11.41 -45.21 -29.25
N PRO H 105 -12.66 -45.69 -29.13
CA PRO H 105 -13.41 -46.05 -30.33
C PRO H 105 -13.41 -45.03 -31.47
N THR H 106 -13.15 -43.76 -31.19
CA THR H 106 -13.18 -42.77 -32.27
C THR H 106 -11.82 -42.41 -32.88
N GLY H 107 -10.73 -42.99 -32.37
CA GLY H 107 -9.41 -42.69 -32.90
C GLY H 107 -8.37 -42.39 -31.83
N SER H 108 -7.28 -41.73 -32.21
CA SER H 108 -6.23 -41.37 -31.25
C SER H 108 -6.22 -39.86 -31.05
N HIS H 109 -6.07 -39.42 -29.80
CA HIS H 109 -6.12 -37.99 -29.48
C HIS H 109 -4.98 -37.46 -28.61
N LEU H 110 -4.74 -36.15 -28.77
CA LEU H 110 -3.70 -35.43 -28.03
C LEU H 110 -4.19 -34.01 -27.70
N PHE H 111 -4.29 -33.72 -26.41
CA PHE H 111 -4.75 -32.41 -25.95
C PHE H 111 -3.90 -31.91 -24.78
N SER H 112 -4.16 -30.66 -24.39
CA SER H 112 -3.48 -30.05 -23.25
C SER H 112 -4.54 -29.21 -22.50
N ILE H 113 -4.45 -29.20 -21.17
CA ILE H 113 -5.38 -28.40 -20.37
C ILE H 113 -4.55 -27.50 -19.46
N HIS H 114 -5.02 -26.28 -19.25
CA HIS H 114 -4.33 -25.36 -18.35
C HIS H 114 -5.19 -25.19 -17.09
N ALA H 115 -4.54 -24.83 -15.98
CA ALA H 115 -5.20 -24.64 -14.70
C ALA H 115 -6.51 -23.88 -14.78
N HIS H 116 -6.57 -22.84 -15.60
CA HIS H 116 -7.79 -22.07 -15.70
C HIS H 116 -8.91 -22.74 -16.46
N GLY H 117 -8.60 -23.86 -17.13
CA GLY H 117 -9.62 -24.59 -17.84
C GLY H 117 -9.66 -24.52 -19.36
N SER H 118 -8.66 -23.93 -19.98
CA SER H 118 -8.66 -23.85 -21.43
C SER H 118 -7.96 -25.08 -21.95
N THR H 119 -8.38 -25.54 -23.13
CA THR H 119 -7.79 -26.72 -23.75
C THR H 119 -7.28 -26.37 -25.14
N ASP H 120 -6.33 -27.17 -25.62
CA ASP H 120 -5.75 -26.95 -26.94
C ASP H 120 -5.52 -28.29 -27.63
N VAL H 121 -5.54 -28.30 -28.95
CA VAL H 121 -5.29 -29.52 -29.69
C VAL H 121 -4.11 -29.33 -30.64
N GLY H 122 -3.30 -30.38 -30.78
CA GLY H 122 -2.16 -30.31 -31.67
C GLY H 122 -1.53 -31.67 -31.91
N TYR H 123 -0.53 -31.72 -32.80
CA TYR H 123 0.15 -32.99 -33.09
C TYR H 123 1.34 -33.19 -32.15
N TYR H 124 1.85 -32.08 -31.62
CA TYR H 124 2.94 -32.12 -30.66
C TYR H 124 2.72 -31.00 -29.66
N LEU H 125 2.96 -31.29 -28.39
CA LEU H 125 2.75 -30.32 -27.31
C LEU H 125 3.69 -30.58 -26.14
N SER H 126 3.91 -29.54 -25.33
CA SER H 126 4.73 -29.68 -24.13
C SER H 126 4.36 -28.58 -23.13
N LEU H 127 4.51 -28.89 -21.84
CA LEU H 127 4.21 -27.97 -20.77
C LEU H 127 5.25 -28.09 -19.66
N GLY H 128 5.30 -27.08 -18.79
CA GLY H 128 6.23 -27.11 -17.68
C GLY H 128 7.40 -26.16 -17.87
N SER H 129 8.24 -26.04 -16.85
CA SER H 129 9.40 -25.15 -16.93
C SER H 129 10.36 -25.57 -18.04
N GLY H 130 10.26 -26.83 -18.46
CA GLY H 130 11.11 -27.33 -19.54
C GLY H 130 10.44 -27.14 -20.89
N SER H 131 9.20 -26.71 -20.82
CA SER H 131 8.35 -26.44 -21.97
C SER H 131 9.11 -25.87 -23.18
N LEU H 132 9.83 -24.79 -22.97
CA LEU H 132 10.57 -24.13 -24.04
C LEU H 132 11.76 -24.88 -24.62
N ALA H 133 12.48 -25.64 -23.82
CA ALA H 133 13.60 -26.43 -24.35
C ALA H 133 13.00 -27.53 -25.21
N ALA H 134 11.99 -28.22 -24.66
CA ALA H 134 11.32 -29.30 -25.36
C ALA H 134 10.73 -28.80 -26.67
N MET H 135 9.91 -27.75 -26.60
CA MET H 135 9.27 -27.21 -27.78
C MET H 135 10.28 -26.84 -28.86
N ALA H 136 11.43 -26.30 -28.45
CA ALA H 136 12.44 -25.92 -29.43
C ALA H 136 12.81 -27.15 -30.27
N VAL H 137 13.00 -28.29 -29.60
CA VAL H 137 13.34 -29.55 -30.26
C VAL H 137 12.18 -30.02 -31.16
N LEU H 138 10.97 -29.94 -30.64
CA LEU H 138 9.81 -30.36 -31.40
C LEU H 138 9.64 -29.50 -32.66
N GLU H 139 9.83 -28.19 -32.53
CA GLU H 139 9.68 -27.33 -33.69
C GLU H 139 10.78 -27.59 -34.71
N SER H 140 11.84 -28.23 -34.24
CA SER H 140 12.97 -28.53 -35.10
C SER H 140 12.98 -29.91 -35.75
N HIS H 141 12.31 -30.89 -35.15
CA HIS H 141 12.32 -32.23 -35.70
C HIS H 141 10.99 -32.87 -36.03
N TRP H 142 9.90 -32.24 -35.61
CA TRP H 142 8.61 -32.80 -35.90
C TRP H 142 8.35 -32.75 -37.40
N LYS H 143 7.47 -33.63 -37.84
CA LYS H 143 7.05 -33.74 -39.23
C LYS H 143 5.79 -34.59 -39.16
N GLN H 144 4.94 -34.47 -40.17
CA GLN H 144 3.72 -35.25 -40.20
C GLN H 144 4.02 -36.67 -40.66
N ASP H 145 3.25 -37.64 -40.16
CA ASP H 145 3.40 -39.04 -40.51
C ASP H 145 4.62 -39.68 -39.86
N LEU H 146 4.74 -39.48 -38.56
CA LEU H 146 5.84 -40.06 -37.81
C LEU H 146 5.49 -41.51 -37.51
N THR H 147 6.49 -42.37 -37.44
CA THR H 147 6.23 -43.76 -37.11
C THR H 147 6.25 -43.85 -35.60
N LYS H 148 5.74 -44.94 -35.05
CA LYS H 148 5.74 -45.12 -33.61
C LYS H 148 7.15 -44.87 -33.06
N GLU H 149 8.15 -45.47 -33.69
CA GLU H 149 9.52 -45.34 -33.23
C GLU H 149 10.07 -43.92 -33.33
N GLU H 150 9.68 -43.20 -34.38
CA GLU H 150 10.13 -41.83 -34.57
C GLU H 150 9.50 -40.97 -33.47
N ALA H 151 8.19 -41.14 -33.27
CA ALA H 151 7.49 -40.37 -32.25
C ALA H 151 8.14 -40.59 -30.90
N ILE H 152 8.45 -41.83 -30.54
CA ILE H 152 9.08 -42.07 -29.25
C ILE H 152 10.39 -41.29 -29.16
N LYS H 153 11.23 -41.41 -30.19
CA LYS H 153 12.51 -40.71 -30.24
C LYS H 153 12.32 -39.21 -30.08
N LEU H 154 11.43 -38.64 -30.89
CA LEU H 154 11.14 -37.21 -30.84
C LEU H 154 10.72 -36.78 -29.44
N ALA H 155 9.74 -37.47 -28.88
CA ALA H 155 9.24 -37.15 -27.55
C ALA H 155 10.35 -37.27 -26.52
N SER H 156 11.09 -38.37 -26.58
CA SER H 156 12.18 -38.63 -25.66
C SER H 156 13.28 -37.55 -25.75
N ASP H 157 13.57 -37.10 -26.98
CA ASP H 157 14.57 -36.07 -27.18
C ASP H 157 14.08 -34.75 -26.59
N ALA H 158 12.78 -34.47 -26.75
CA ALA H 158 12.21 -33.24 -26.24
C ALA H 158 12.38 -33.14 -24.73
N ILE H 159 12.18 -34.25 -24.02
CA ILE H 159 12.34 -34.22 -22.57
C ILE H 159 13.80 -34.06 -22.19
N GLN H 160 14.68 -34.66 -22.98
CA GLN H 160 16.10 -34.52 -22.70
C GLN H 160 16.49 -33.04 -22.75
N ALA H 161 15.94 -32.32 -23.73
CA ALA H 161 16.22 -30.90 -23.86
C ALA H 161 15.94 -30.25 -22.50
N GLY H 162 14.82 -30.64 -21.90
CA GLY H 162 14.44 -30.08 -20.62
C GLY H 162 15.32 -30.55 -19.49
N ILE H 163 15.57 -31.85 -19.44
CA ILE H 163 16.39 -32.39 -18.38
C ILE H 163 17.72 -31.65 -18.29
N TRP H 164 18.40 -31.53 -19.42
CA TRP H 164 19.69 -30.88 -19.47
C TRP H 164 19.66 -29.37 -19.37
N ASN H 165 18.78 -28.73 -20.13
CA ASN H 165 18.71 -27.27 -20.12
C ASN H 165 17.85 -26.59 -19.06
N ASP H 166 16.90 -27.32 -18.47
CA ASP H 166 16.04 -26.74 -17.44
C ASP H 166 16.37 -27.27 -16.05
N LEU H 167 16.53 -26.34 -15.12
CA LEU H 167 16.85 -26.66 -13.73
C LEU H 167 15.62 -27.22 -13.05
N GLY H 168 14.45 -26.93 -13.63
CA GLY H 168 13.21 -27.42 -13.08
C GLY H 168 12.95 -28.85 -13.50
N SER H 169 13.84 -29.39 -14.33
CA SER H 169 13.68 -30.75 -14.81
C SER H 169 14.97 -31.53 -14.68
N GLY H 170 14.85 -32.85 -14.70
CA GLY H 170 16.04 -33.70 -14.60
C GLY H 170 15.75 -35.17 -14.42
N SER H 171 16.82 -35.92 -14.10
CA SER H 171 16.78 -37.35 -13.87
C SER H 171 16.43 -38.20 -15.09
N ASN H 172 15.30 -38.90 -15.05
CA ASN H 172 14.94 -39.78 -16.15
C ASN H 172 13.81 -39.40 -17.07
N VAL H 173 13.58 -40.27 -18.05
CA VAL H 173 12.52 -40.07 -19.03
C VAL H 173 11.52 -41.20 -18.96
N ASP H 174 10.25 -40.86 -18.73
CA ASP H 174 9.17 -41.84 -18.66
C ASP H 174 8.36 -41.66 -19.94
N VAL H 175 7.93 -42.78 -20.53
CA VAL H 175 7.14 -42.72 -21.75
C VAL H 175 5.93 -43.62 -21.67
N CYS H 176 4.91 -43.31 -22.46
CA CYS H 176 3.71 -44.13 -22.51
C CYS H 176 3.21 -44.05 -23.94
N VAL H 177 3.11 -45.21 -24.58
CA VAL H 177 2.65 -45.30 -25.96
C VAL H 177 1.25 -45.88 -26.02
N MET H 178 0.36 -45.18 -26.71
CA MET H 178 -1.00 -45.61 -26.88
C MET H 178 -1.26 -45.76 -28.36
N GLU H 179 -1.31 -47.01 -28.83
CA GLU H 179 -1.53 -47.29 -30.25
C GLU H 179 -2.97 -47.73 -30.51
N ILE H 180 -3.55 -47.21 -31.59
CA ILE H 180 -4.93 -47.49 -31.97
C ILE H 180 -5.45 -48.91 -31.80
N GLY H 181 -4.66 -49.91 -32.12
CA GLY H 181 -5.19 -51.25 -31.99
C GLY H 181 -4.73 -52.09 -30.83
N LYS H 182 -3.74 -51.62 -30.09
CA LYS H 182 -3.21 -52.42 -29.00
C LYS H 182 -3.41 -51.85 -27.60
N ASP H 183 -2.84 -52.52 -26.61
CA ASP H 183 -2.91 -52.07 -25.23
C ASP H 183 -1.93 -50.91 -25.12
N ALA H 184 -2.17 -50.00 -24.19
CA ALA H 184 -1.27 -48.88 -23.99
C ALA H 184 -0.05 -49.42 -23.27
N GLU H 185 1.16 -49.02 -23.68
CA GLU H 185 2.32 -49.51 -22.97
C GLU H 185 3.07 -48.40 -22.23
N TYR H 186 3.11 -48.58 -20.92
CA TYR H 186 3.76 -47.65 -20.02
C TYR H 186 5.23 -48.03 -19.86
N LEU H 187 6.11 -47.13 -20.27
CA LEU H 187 7.54 -47.38 -20.19
C LEU H 187 8.18 -46.50 -19.11
N ARG H 188 8.15 -46.99 -17.88
CA ARG H 188 8.72 -46.30 -16.73
C ARG H 188 10.24 -46.33 -16.79
N ASN H 189 10.86 -45.15 -16.76
CA ASN H 189 12.31 -45.04 -16.82
C ASN H 189 12.84 -45.58 -18.15
N TYR H 190 12.19 -45.17 -19.23
CA TYR H 190 12.57 -45.57 -20.57
C TYR H 190 14.03 -45.17 -20.84
N LEU H 191 14.48 -44.13 -20.14
CA LEU H 191 15.85 -43.62 -20.25
C LEU H 191 16.31 -43.21 -18.86
N THR H 192 17.54 -43.56 -18.52
CA THR H 192 18.11 -43.21 -17.23
C THR H 192 19.56 -42.72 -17.44
N PRO H 193 19.71 -41.52 -18.03
CA PRO H 193 20.99 -40.86 -18.33
C PRO H 193 21.64 -40.09 -17.19
N ASN H 194 21.14 -40.27 -15.97
CA ASN H 194 21.70 -39.54 -14.83
C ASN H 194 22.01 -40.39 -13.61
N VAL H 195 22.70 -41.52 -13.80
CA VAL H 195 23.04 -42.37 -12.68
C VAL H 195 24.15 -41.70 -11.86
N ARG H 196 24.02 -41.72 -10.54
CA ARG H 196 25.02 -41.10 -9.68
C ARG H 196 26.31 -41.92 -9.68
N GLU H 197 27.46 -41.25 -9.76
CA GLU H 197 28.74 -41.96 -9.76
C GLU H 197 28.98 -42.55 -8.39
N GLU H 198 29.83 -43.57 -8.33
CA GLU H 198 30.13 -44.21 -7.05
C GLU H 198 30.78 -43.20 -6.12
N LYS H 199 30.30 -43.16 -4.88
CA LYS H 199 30.85 -42.23 -3.93
C LYS H 199 32.34 -42.51 -3.74
N GLN H 200 33.05 -41.51 -3.23
CA GLN H 200 34.48 -41.58 -3.04
C GLN H 200 34.84 -42.35 -1.76
N LYS H 201 33.86 -42.50 -0.88
CA LYS H 201 34.11 -43.15 0.40
C LYS H 201 32.82 -43.78 0.90
N SER H 202 32.93 -44.66 1.89
CA SER H 202 31.75 -45.28 2.48
C SER H 202 31.58 -44.60 3.83
N TYR H 203 30.36 -44.25 4.18
CA TYR H 203 30.13 -43.55 5.45
C TYR H 203 29.47 -44.41 6.49
N LYS H 204 29.63 -45.72 6.31
CA LYS H 204 29.09 -46.70 7.23
C LYS H 204 29.82 -46.47 8.56
N PHE H 205 29.06 -46.19 9.62
CA PHE H 205 29.62 -45.92 10.94
C PHE H 205 29.88 -47.18 11.73
N PRO H 206 30.92 -47.18 12.58
CA PRO H 206 31.17 -48.38 13.37
C PRO H 206 30.05 -48.43 14.40
N ARG H 207 29.50 -49.62 14.65
CA ARG H 207 28.41 -49.73 15.61
C ARG H 207 28.86 -49.25 16.98
N GLY H 208 27.96 -48.51 17.65
CA GLY H 208 28.28 -47.98 18.96
C GLY H 208 28.72 -46.54 18.87
N THR H 209 28.83 -46.04 17.64
CA THR H 209 29.23 -44.65 17.41
C THR H 209 28.27 -43.64 18.04
N THR H 210 26.97 -43.96 18.00
CA THR H 210 25.94 -43.06 18.53
C THR H 210 25.65 -43.28 20.01
N ALA H 211 25.65 -42.20 20.79
CA ALA H 211 25.37 -42.28 22.22
C ALA H 211 23.87 -42.48 22.48
N VAL H 212 23.54 -43.52 23.23
CA VAL H 212 22.14 -43.83 23.54
C VAL H 212 21.81 -43.63 25.02
N LEU H 213 20.68 -42.99 25.31
CA LEU H 213 20.28 -42.74 26.69
C LEU H 213 19.40 -43.83 27.30
N LYS H 214 18.38 -44.24 26.53
CA LYS H 214 17.44 -45.23 26.99
C LYS H 214 17.01 -46.07 25.80
N GLU H 215 16.64 -47.32 26.07
CA GLU H 215 16.23 -48.24 25.02
C GLU H 215 15.03 -49.06 25.51
N SER H 216 14.15 -49.45 24.58
CA SER H 216 12.97 -50.24 24.93
C SER H 216 12.32 -50.88 23.71
N ILE H 217 11.45 -51.85 23.96
CA ILE H 217 10.75 -52.56 22.88
C ILE H 217 9.36 -51.94 22.70
N VAL H 218 8.98 -51.71 21.45
CA VAL H 218 7.67 -51.14 21.17
C VAL H 218 6.65 -52.24 20.90
N ASN H 219 5.51 -52.15 21.57
CA ASN H 219 4.45 -53.12 21.40
C ASN H 219 3.53 -52.81 20.22
N ILE H 220 3.51 -53.71 19.25
CA ILE H 220 2.69 -53.55 18.06
C ILE H 220 1.47 -54.47 18.04
N CYS H 221 1.58 -55.62 18.70
CA CYS H 221 0.49 -56.57 18.78
C CYS H 221 -0.53 -56.12 19.83
N ASP H 222 -1.79 -56.05 19.42
CA ASP H 222 -2.87 -55.62 20.31
C ASP H 222 -3.26 -56.65 21.38
N SER I 1 4.76 -16.14 11.60
CA SER I 1 4.04 -15.95 10.30
C SER I 1 3.94 -17.27 9.55
N ASP I 2 5.08 -17.96 9.40
CA ASP I 2 5.10 -19.24 8.72
C ASP I 2 4.73 -20.31 9.74
N PRO I 3 3.51 -20.85 9.62
CA PRO I 3 3.01 -21.89 10.53
C PRO I 3 3.96 -23.08 10.67
N SER I 4 4.79 -23.28 9.65
CA SER I 4 5.74 -24.38 9.66
C SER I 4 7.07 -24.09 10.32
N SER I 5 7.26 -22.86 10.77
CA SER I 5 8.51 -22.47 11.43
C SER I 5 8.27 -21.94 12.83
N ILE I 6 7.09 -22.20 13.38
CA ILE I 6 6.78 -21.71 14.71
C ILE I 6 7.29 -22.63 15.82
N ASN I 7 6.98 -23.91 15.70
CA ASN I 7 7.35 -24.90 16.70
C ASN I 7 8.63 -25.65 16.46
N GLY I 8 9.07 -25.71 15.19
CA GLY I 8 10.30 -26.41 14.86
C GLY I 8 10.17 -27.92 14.93
N GLY I 9 11.22 -28.63 14.51
CA GLY I 9 11.18 -30.09 14.59
C GLY I 9 11.49 -30.77 13.27
N ILE I 10 11.96 -32.01 13.36
CA ILE I 10 12.29 -32.79 12.18
C ILE I 10 11.96 -34.27 12.32
N VAL I 11 11.88 -34.93 11.17
CA VAL I 11 11.57 -36.35 11.12
C VAL I 11 12.28 -36.90 9.89
N VAL I 12 12.81 -38.11 10.00
CA VAL I 12 13.50 -38.73 8.88
C VAL I 12 13.25 -40.26 8.91
N ALA I 13 13.01 -40.83 7.73
CA ALA I 13 12.77 -42.26 7.62
C ALA I 13 13.71 -42.86 6.59
N MET I 14 14.18 -44.07 6.84
CA MET I 14 15.11 -44.76 5.94
C MET I 14 14.77 -46.24 5.82
N THR I 15 15.06 -46.80 4.65
CA THR I 15 14.83 -48.22 4.40
C THR I 15 16.14 -48.98 4.47
N GLY I 16 16.09 -50.18 5.04
CA GLY I 16 17.27 -51.01 5.16
C GLY I 16 16.92 -52.42 4.70
N LYS I 17 17.75 -53.39 5.07
CA LYS I 17 17.52 -54.78 4.69
C LYS I 17 16.44 -55.40 5.58
N ASP I 18 15.26 -55.62 5.01
CA ASP I 18 14.13 -56.20 5.73
C ASP I 18 13.79 -55.38 6.96
N CYS I 19 14.02 -54.07 6.88
CA CYS I 19 13.74 -53.18 8.00
C CYS I 19 13.58 -51.72 7.55
N VAL I 20 13.01 -50.90 8.43
CA VAL I 20 12.83 -49.48 8.17
C VAL I 20 13.06 -48.75 9.48
N ALA I 21 13.50 -47.50 9.41
CA ALA I 21 13.74 -46.71 10.61
C ALA I 21 13.14 -45.34 10.44
N ILE I 22 12.58 -44.80 11.51
CA ILE I 22 11.99 -43.47 11.47
C ILE I 22 12.44 -42.77 12.73
N ALA I 23 12.91 -41.53 12.59
CA ALA I 23 13.41 -40.78 13.75
C ALA I 23 12.93 -39.33 13.78
N CYS I 24 13.04 -38.72 14.95
CA CYS I 24 12.62 -37.33 15.12
C CYS I 24 13.29 -36.69 16.34
N ASP I 25 13.29 -35.36 16.37
CA ASP I 25 13.85 -34.63 17.52
C ASP I 25 12.69 -34.51 18.51
N LEU I 26 12.96 -33.94 19.68
CA LEU I 26 11.91 -33.83 20.70
C LEU I 26 11.55 -32.42 21.06
N ARG I 27 12.00 -31.46 20.26
CA ARG I 27 11.75 -30.07 20.57
C ARG I 27 10.36 -29.54 20.18
N LEU I 28 9.89 -28.59 20.97
CA LEU I 28 8.62 -27.91 20.73
C LEU I 28 8.91 -26.54 21.28
N GLY I 29 8.96 -25.56 20.41
CA GLY I 29 9.23 -24.23 20.89
C GLY I 29 8.21 -23.25 20.39
N SER I 30 8.35 -22.02 20.85
CA SER I 30 7.48 -20.94 20.43
C SER I 30 8.50 -19.91 19.95
N GLN I 31 8.86 -20.03 18.67
CA GLN I 31 9.85 -19.16 18.06
C GLN I 31 11.18 -19.41 18.75
N SER I 32 11.77 -18.39 19.33
CA SER I 32 13.06 -18.53 19.98
C SER I 32 12.99 -19.29 21.30
N LEU I 33 11.82 -19.29 21.93
CA LEU I 33 11.63 -19.96 23.21
C LEU I 33 11.41 -21.46 23.18
N GLY I 34 12.28 -22.20 23.85
CA GLY I 34 12.11 -23.65 23.94
C GLY I 34 11.00 -23.86 24.95
N VAL I 35 10.07 -24.77 24.66
CA VAL I 35 8.94 -25.01 25.56
C VAL I 35 8.87 -26.45 26.09
N SER I 36 9.16 -27.41 25.22
CA SER I 36 9.13 -28.80 25.63
C SER I 36 10.22 -29.60 24.95
N ASN I 37 10.84 -30.49 25.72
CA ASN I 37 11.91 -31.35 25.23
C ASN I 37 11.41 -32.80 25.18
N LYS I 38 10.09 -32.97 25.18
CA LYS I 38 9.50 -34.29 25.15
C LYS I 38 8.38 -34.41 24.14
N PHE I 39 8.35 -33.52 23.17
CA PHE I 39 7.32 -33.54 22.15
C PHE I 39 7.69 -34.53 21.06
N GLU I 40 7.31 -35.79 21.23
CA GLU I 40 7.63 -36.81 20.25
C GLU I 40 6.76 -36.60 19.02
N LYS I 41 7.34 -36.80 17.84
CA LYS I 41 6.62 -36.58 16.60
C LYS I 41 6.34 -37.87 15.84
N ILE I 42 6.57 -39.01 16.48
CA ILE I 42 6.31 -40.29 15.83
C ILE I 42 5.14 -40.96 16.51
N PHE I 43 4.26 -41.57 15.70
CA PHE I 43 3.09 -42.26 16.24
C PHE I 43 2.93 -43.54 15.46
N HIS I 44 2.11 -44.45 15.96
CA HIS I 44 1.87 -45.68 15.26
C HIS I 44 0.46 -46.20 15.45
N TYR I 45 -0.02 -46.88 14.43
CA TYR I 45 -1.36 -47.46 14.44
C TYR I 45 -1.07 -48.87 13.95
N GLY I 46 -1.05 -49.82 14.87
CA GLY I 46 -0.73 -51.18 14.50
C GLY I 46 0.75 -51.21 14.23
N HIS I 47 1.14 -51.74 13.07
CA HIS I 47 2.56 -51.80 12.74
C HIS I 47 2.95 -50.67 11.78
N VAL I 48 2.06 -49.71 11.58
CA VAL I 48 2.35 -48.60 10.69
C VAL I 48 2.76 -47.38 11.52
N PHE I 49 3.91 -46.79 11.18
CA PHE I 49 4.41 -45.62 11.89
C PHE I 49 4.26 -44.33 11.09
N LEU I 50 3.88 -43.26 11.79
CA LEU I 50 3.70 -41.96 11.19
C LEU I 50 4.40 -40.86 11.95
N GLY I 51 5.34 -40.18 11.28
CA GLY I 51 6.02 -39.05 11.90
C GLY I 51 5.36 -37.79 11.34
N ILE I 52 5.31 -36.72 12.12
CA ILE I 52 4.71 -35.47 11.62
C ILE I 52 5.42 -34.21 12.13
N THR I 53 5.94 -33.39 11.21
CA THR I 53 6.58 -32.13 11.57
C THR I 53 5.61 -31.01 11.20
N GLY I 54 5.90 -29.79 11.65
CA GLY I 54 5.03 -28.68 11.32
C GLY I 54 4.42 -28.03 12.55
N LEU I 55 3.25 -27.42 12.38
CA LEU I 55 2.53 -26.76 13.45
C LEU I 55 2.07 -27.82 14.46
N ALA I 56 2.59 -27.73 15.69
CA ALA I 56 2.28 -28.69 16.74
C ALA I 56 0.79 -29.01 16.93
N THR I 57 -0.05 -27.98 16.96
CA THR I 57 -1.48 -28.25 17.15
C THR I 57 -2.01 -29.17 16.06
N ASP I 58 -1.52 -29.01 14.83
CA ASP I 58 -1.96 -29.86 13.74
C ASP I 58 -1.35 -31.24 13.83
N VAL I 59 -0.12 -31.32 14.34
CA VAL I 59 0.54 -32.60 14.51
C VAL I 59 -0.30 -33.42 15.47
N THR I 60 -0.74 -32.77 16.55
CA THR I 60 -1.59 -33.42 17.55
C THR I 60 -2.95 -33.80 16.96
N THR I 61 -3.59 -32.86 16.27
CA THR I 61 -4.89 -33.11 15.65
C THR I 61 -4.83 -34.25 14.63
N LEU I 62 -3.83 -34.25 13.76
CA LEU I 62 -3.72 -35.31 12.77
C LEU I 62 -3.52 -36.67 13.42
N ASN I 63 -2.71 -36.73 14.46
CA ASN I 63 -2.52 -38.02 15.09
C ASN I 63 -3.84 -38.52 15.62
N GLU I 64 -4.58 -37.65 16.30
CA GLU I 64 -5.88 -38.02 16.85
C GLU I 64 -6.82 -38.46 15.72
N MET I 65 -6.74 -37.78 14.58
CA MET I 65 -7.59 -38.13 13.45
C MET I 65 -7.24 -39.51 12.89
N PHE I 66 -5.97 -39.77 12.66
CA PHE I 66 -5.58 -41.07 12.12
C PHE I 66 -5.78 -42.22 13.11
N ARG I 67 -5.75 -41.94 14.41
CA ARG I 67 -6.00 -43.01 15.36
C ARG I 67 -7.47 -43.38 15.13
N TYR I 68 -8.32 -42.36 15.21
CA TYR I 68 -9.76 -42.48 14.99
C TYR I 68 -10.09 -43.26 13.72
N LYS I 69 -9.47 -42.88 12.61
CA LYS I 69 -9.73 -43.55 11.34
C LYS I 69 -9.17 -44.96 11.26
N THR I 70 -7.99 -45.20 11.83
CA THR I 70 -7.44 -46.55 11.75
C THR I 70 -8.19 -47.49 12.69
N ASN I 71 -8.84 -46.93 13.71
CA ASN I 71 -9.62 -47.73 14.64
C ASN I 71 -10.86 -48.27 13.94
N LEU I 72 -11.60 -47.40 13.28
CA LEU I 72 -12.79 -47.82 12.56
C LEU I 72 -12.39 -48.77 11.44
N TYR I 73 -11.26 -48.51 10.79
CA TYR I 73 -10.79 -49.37 9.71
C TYR I 73 -10.61 -50.80 10.22
N LYS I 74 -9.95 -50.93 11.37
CA LYS I 74 -9.72 -52.25 11.95
C LYS I 74 -11.04 -52.96 12.28
N LEU I 75 -12.01 -52.21 12.81
CA LEU I 75 -13.32 -52.75 13.16
C LEU I 75 -14.10 -53.27 11.95
N LYS I 76 -13.97 -52.61 10.81
CA LYS I 76 -14.70 -53.01 9.62
C LYS I 76 -13.94 -54.02 8.79
N GLU I 77 -12.66 -53.74 8.56
CA GLU I 77 -11.81 -54.61 7.75
C GLU I 77 -11.39 -55.88 8.48
N GLU I 78 -11.45 -55.85 9.81
CA GLU I 78 -11.05 -56.96 10.65
C GLU I 78 -9.59 -57.34 10.49
N ARG I 79 -8.77 -56.34 10.23
CA ARG I 79 -7.32 -56.50 10.09
C ARG I 79 -6.72 -55.13 10.28
N ALA I 80 -5.42 -55.08 10.60
CA ALA I 80 -4.75 -53.80 10.80
C ALA I 80 -4.38 -53.23 9.44
N ILE I 81 -4.40 -51.90 9.33
CA ILE I 81 -4.08 -51.24 8.09
C ILE I 81 -2.60 -51.42 7.68
N GLU I 82 -2.34 -51.41 6.38
CA GLU I 82 -0.98 -51.57 5.88
C GLU I 82 -0.35 -50.23 5.49
N PRO I 83 0.99 -50.18 5.39
CA PRO I 83 1.70 -48.96 5.03
C PRO I 83 1.19 -48.30 3.76
N GLU I 84 1.10 -49.08 2.68
CA GLU I 84 0.62 -48.55 1.41
C GLU I 84 -0.78 -47.95 1.52
N THR I 85 -1.68 -48.65 2.22
CA THR I 85 -3.05 -48.18 2.36
C THR I 85 -3.13 -46.93 3.21
N PHE I 86 -2.43 -46.95 4.34
CA PHE I 86 -2.44 -45.80 5.24
C PHE I 86 -1.96 -44.57 4.49
N THR I 87 -0.93 -44.77 3.66
CA THR I 87 -0.36 -43.70 2.88
C THR I 87 -1.43 -43.03 2.02
N GLN I 88 -2.33 -43.83 1.47
CA GLN I 88 -3.40 -43.29 0.65
C GLN I 88 -4.42 -42.59 1.54
N LEU I 89 -4.62 -43.11 2.75
CA LEU I 89 -5.56 -42.50 3.68
C LEU I 89 -5.04 -41.13 4.11
N VAL I 90 -3.73 -41.04 4.30
CA VAL I 90 -3.10 -39.78 4.69
C VAL I 90 -3.26 -38.77 3.57
N SER I 91 -2.89 -39.19 2.36
CA SER I 91 -2.99 -38.34 1.19
C SER I 91 -4.39 -37.75 1.00
N SER I 92 -5.39 -38.60 0.91
CA SER I 92 -6.76 -38.11 0.72
C SER I 92 -7.28 -37.28 1.90
N SER I 93 -6.82 -37.58 3.10
CA SER I 93 -7.27 -36.80 4.26
C SER I 93 -6.72 -35.37 4.18
N LEU I 94 -5.46 -35.25 3.76
CA LEU I 94 -4.85 -33.92 3.64
C LEU I 94 -5.46 -33.13 2.48
N TYR I 95 -5.61 -33.77 1.33
CA TYR I 95 -6.16 -33.08 0.17
C TYR I 95 -7.58 -32.59 0.41
N GLU I 96 -8.29 -33.25 1.28
CA GLU I 96 -9.65 -32.88 1.58
C GLU I 96 -9.70 -31.47 2.15
N ARG I 97 -8.55 -30.99 2.60
CA ARG I 97 -8.44 -29.66 3.17
C ARG I 97 -7.60 -28.77 2.26
N ARG I 98 -7.60 -29.11 0.97
CA ARG I 98 -6.85 -28.39 -0.04
C ARG I 98 -6.74 -26.86 0.12
N PHE I 99 -7.85 -26.20 0.42
CA PHE I 99 -7.82 -24.74 0.54
C PHE I 99 -7.88 -24.21 1.97
N GLY I 100 -7.36 -25.00 2.89
CA GLY I 100 -7.30 -24.64 4.30
C GLY I 100 -6.61 -25.84 4.90
N PRO I 101 -5.38 -26.15 4.41
CA PRO I 101 -4.57 -27.27 4.85
C PRO I 101 -4.00 -27.26 6.24
N TYR I 102 -3.62 -28.44 6.70
CA TYR I 102 -2.98 -28.61 7.98
C TYR I 102 -1.53 -28.29 7.64
N PHE I 103 -0.85 -27.53 8.48
CA PHE I 103 0.52 -27.17 8.20
C PHE I 103 1.49 -28.19 8.75
N VAL I 104 1.55 -29.33 8.08
CA VAL I 104 2.40 -30.42 8.51
C VAL I 104 3.22 -31.06 7.38
N GLY I 105 4.17 -31.90 7.78
CA GLY I 105 4.98 -32.61 6.82
C GLY I 105 4.98 -34.05 7.29
N PRO I 106 3.97 -34.85 6.90
CA PRO I 106 3.91 -36.25 7.33
C PRO I 106 4.93 -37.19 6.69
N VAL I 107 5.22 -38.29 7.39
CA VAL I 107 6.15 -39.31 6.92
C VAL I 107 5.67 -40.66 7.42
N VAL I 108 5.48 -41.59 6.49
CA VAL I 108 5.01 -42.93 6.81
C VAL I 108 6.13 -43.95 6.68
N ALA I 109 6.17 -44.87 7.64
CA ALA I 109 7.18 -45.93 7.65
C ALA I 109 6.58 -47.21 8.21
N GLY I 110 6.98 -48.34 7.62
CA GLY I 110 6.47 -49.62 8.08
C GLY I 110 6.82 -50.75 7.12
N ILE I 111 6.47 -51.97 7.52
CA ILE I 111 6.73 -53.15 6.70
C ILE I 111 5.41 -53.84 6.41
N ASN I 112 5.18 -54.19 5.16
CA ASN I 112 3.94 -54.87 4.80
C ASN I 112 3.89 -56.23 5.47
N SER I 113 2.91 -56.43 6.34
CA SER I 113 2.76 -57.67 7.09
C SER I 113 2.60 -58.92 6.24
N LYS I 114 2.26 -58.76 4.97
CA LYS I 114 2.07 -59.91 4.13
C LYS I 114 3.20 -60.12 3.12
N SER I 115 3.77 -59.04 2.60
CA SER I 115 4.85 -59.15 1.64
C SER I 115 6.22 -58.97 2.28
N GLY I 116 6.22 -58.50 3.53
CA GLY I 116 7.48 -58.29 4.25
C GLY I 116 8.32 -57.14 3.71
N LYS I 117 7.86 -56.56 2.60
CA LYS I 117 8.53 -55.45 1.94
C LYS I 117 8.53 -54.14 2.77
N PRO I 118 9.70 -53.49 2.90
CA PRO I 118 9.83 -52.23 3.66
C PRO I 118 9.20 -51.07 2.88
N PHE I 119 8.65 -50.11 3.60
CA PHE I 119 7.97 -48.98 2.96
C PHE I 119 8.04 -47.65 3.71
N ILE I 120 8.43 -46.58 3.00
CA ILE I 120 8.46 -45.24 3.59
C ILE I 120 7.85 -44.29 2.56
N ALA I 121 7.27 -43.18 3.02
CA ALA I 121 6.67 -42.20 2.14
C ALA I 121 6.51 -40.84 2.80
N GLY I 122 6.59 -39.78 2.00
CA GLY I 122 6.44 -38.43 2.53
C GLY I 122 5.29 -37.74 1.83
N PHE I 123 4.82 -36.64 2.42
CA PHE I 123 3.70 -35.90 1.85
C PHE I 123 3.93 -34.41 2.03
N ASP I 124 3.41 -33.60 1.11
CA ASP I 124 3.53 -32.16 1.29
C ASP I 124 2.25 -31.83 2.10
N LEU I 125 2.04 -30.58 2.47
CA LEU I 125 0.88 -30.27 3.31
C LEU I 125 -0.50 -30.53 2.70
N ILE I 126 -0.56 -30.70 1.38
CA ILE I 126 -1.84 -30.98 0.78
C ILE I 126 -1.95 -32.39 0.23
N GLY I 127 -1.17 -33.29 0.82
CA GLY I 127 -1.22 -34.70 0.46
C GLY I 127 -0.44 -35.30 -0.70
N CYS I 128 0.31 -34.51 -1.46
CA CYS I 128 1.08 -35.10 -2.54
C CYS I 128 2.04 -36.16 -1.99
N ILE I 129 1.87 -37.39 -2.46
CA ILE I 129 2.70 -38.51 -2.01
C ILE I 129 4.06 -38.57 -2.69
N ASP I 130 5.11 -38.67 -1.88
CA ASP I 130 6.48 -38.80 -2.36
C ASP I 130 6.88 -40.18 -1.88
N GLU I 131 7.01 -41.12 -2.81
CA GLU I 131 7.38 -42.47 -2.39
C GLU I 131 8.78 -42.84 -2.82
N ALA I 132 9.74 -42.55 -1.95
CA ALA I 132 11.13 -42.86 -2.23
C ALA I 132 11.47 -44.23 -1.68
N LYS I 133 12.51 -44.82 -2.24
CA LYS I 133 12.98 -46.14 -1.83
C LYS I 133 14.05 -46.04 -0.75
N ASP I 134 14.77 -44.92 -0.74
CA ASP I 134 15.86 -44.70 0.21
C ASP I 134 15.51 -43.99 1.51
N PHE I 135 15.27 -42.69 1.45
CA PHE I 135 14.96 -41.91 2.64
C PHE I 135 13.95 -40.80 2.35
N ILE I 136 13.39 -40.25 3.42
CA ILE I 136 12.42 -39.17 3.34
C ILE I 136 12.67 -38.26 4.54
N VAL I 137 12.69 -36.96 4.28
CA VAL I 137 12.96 -35.97 5.32
C VAL I 137 11.84 -34.95 5.43
N SER I 138 11.72 -34.35 6.61
CA SER I 138 10.70 -33.36 6.86
C SER I 138 11.05 -32.48 8.06
N GLY I 139 10.62 -31.21 8.02
CA GLY I 139 10.90 -30.31 9.13
C GLY I 139 11.73 -29.07 8.84
N THR I 140 12.00 -28.29 9.88
CA THR I 140 12.76 -27.05 9.75
C THR I 140 14.23 -27.24 9.38
N ALA I 141 14.72 -28.47 9.47
CA ALA I 141 16.10 -28.76 9.11
C ALA I 141 16.15 -29.77 7.97
N SER I 142 15.13 -29.72 7.11
CA SER I 142 15.05 -30.64 5.99
C SER I 142 16.17 -30.50 4.97
N ASP I 143 16.67 -29.28 4.73
CA ASP I 143 17.77 -29.09 3.79
C ASP I 143 18.98 -29.84 4.33
N GLN I 144 19.28 -29.60 5.60
CA GLN I 144 20.39 -30.26 6.26
C GLN I 144 20.19 -31.77 6.21
N LEU I 145 18.95 -32.23 6.45
CA LEU I 145 18.66 -33.65 6.40
C LEU I 145 18.92 -34.25 5.02
N PHE I 146 18.57 -33.52 3.97
CA PHE I 146 18.83 -34.01 2.62
C PHE I 146 20.31 -34.19 2.41
N GLY I 147 21.08 -33.22 2.88
CA GLY I 147 22.53 -33.30 2.73
C GLY I 147 23.11 -34.47 3.48
N MET I 148 22.66 -34.66 4.73
CA MET I 148 23.15 -35.76 5.53
C MET I 148 22.82 -37.09 4.89
N CYS I 149 21.55 -37.27 4.55
CA CYS I 149 21.10 -38.51 3.95
C CYS I 149 21.77 -38.84 2.63
N GLU I 150 21.77 -37.90 1.71
CA GLU I 150 22.36 -38.13 0.40
C GLU I 150 23.78 -38.68 0.48
N SER I 151 24.54 -38.24 1.49
CA SER I 151 25.91 -38.68 1.66
C SER I 151 26.06 -39.94 2.49
N LEU I 152 25.47 -39.93 3.69
CA LEU I 152 25.56 -41.05 4.61
C LEU I 152 24.83 -42.32 4.21
N TYR I 153 23.83 -42.20 3.35
CA TYR I 153 23.03 -43.36 2.97
C TYR I 153 23.56 -44.29 1.91
N GLU I 154 23.32 -45.59 2.14
CA GLU I 154 23.68 -46.66 1.21
C GLU I 154 22.60 -47.72 1.39
N PRO I 155 22.25 -48.45 0.32
CA PRO I 155 21.23 -49.50 0.32
C PRO I 155 21.48 -50.71 1.22
N ASN I 156 20.40 -51.44 1.49
CA ASN I 156 20.41 -52.66 2.27
C ASN I 156 21.19 -52.72 3.57
N LEU I 157 21.19 -51.64 4.33
CA LEU I 157 21.91 -51.66 5.60
C LEU I 157 21.17 -52.57 6.59
N GLU I 158 21.91 -53.22 7.47
CA GLU I 158 21.30 -54.08 8.47
C GLU I 158 20.74 -53.18 9.56
N PRO I 159 19.74 -53.67 10.30
CA PRO I 159 19.13 -52.89 11.38
C PRO I 159 20.11 -52.12 12.25
N GLU I 160 21.11 -52.81 12.80
CA GLU I 160 22.11 -52.19 13.67
C GLU I 160 22.91 -51.10 12.97
N ASP I 161 23.11 -51.26 11.67
CA ASP I 161 23.85 -50.28 10.89
C ASP I 161 22.95 -49.11 10.51
N LEU I 162 21.73 -49.40 10.07
CA LEU I 162 20.81 -48.33 9.69
C LEU I 162 20.56 -47.43 10.90
N PHE I 163 20.59 -48.00 12.09
CA PHE I 163 20.38 -47.21 13.28
C PHE I 163 21.45 -46.14 13.41
N GLU I 164 22.70 -46.54 13.20
CA GLU I 164 23.83 -45.62 13.29
C GLU I 164 23.68 -44.52 12.24
N THR I 165 23.38 -44.95 11.01
CA THR I 165 23.22 -44.01 9.91
C THR I 165 22.10 -43.00 10.12
N ILE I 166 20.89 -43.48 10.38
CA ILE I 166 19.78 -42.57 10.57
C ILE I 166 20.02 -41.65 11.75
N SER I 167 20.62 -42.16 12.83
CA SER I 167 20.88 -41.34 14.01
C SER I 167 21.87 -40.22 13.72
N GLN I 168 22.91 -40.52 12.95
CA GLN I 168 23.90 -39.50 12.63
C GLN I 168 23.32 -38.45 11.69
N ALA I 169 22.40 -38.88 10.82
CA ALA I 169 21.76 -37.96 9.88
C ALA I 169 20.91 -36.97 10.67
N LEU I 170 20.05 -37.50 11.55
CA LEU I 170 19.17 -36.69 12.37
C LEU I 170 19.95 -35.72 13.26
N LEU I 171 20.88 -36.27 14.04
CA LEU I 171 21.71 -35.52 14.96
C LEU I 171 22.45 -34.33 14.36
N ASN I 172 23.27 -34.57 13.35
CA ASN I 172 24.04 -33.49 12.75
C ASN I 172 23.21 -32.46 11.98
N ALA I 173 22.00 -32.84 11.56
CA ALA I 173 21.16 -31.91 10.84
C ALA I 173 20.49 -31.01 11.86
N ALA I 174 20.10 -31.60 13.00
CA ALA I 174 19.45 -30.85 14.07
C ALA I 174 20.37 -29.80 14.68
N ASP I 175 21.66 -30.11 14.68
CA ASP I 175 22.64 -29.20 15.26
C ASP I 175 22.97 -28.00 14.39
N ARG I 176 22.39 -27.95 13.20
CA ARG I 176 22.58 -26.82 12.28
C ARG I 176 21.24 -26.09 12.15
N ASP I 177 20.27 -26.47 12.99
CA ASP I 177 18.95 -25.87 12.99
C ASP I 177 18.60 -25.33 14.37
N ALA I 178 18.36 -24.02 14.43
CA ALA I 178 18.02 -23.33 15.66
C ALA I 178 16.76 -23.93 16.29
N LEU I 179 15.81 -24.30 15.44
CA LEU I 179 14.54 -24.84 15.92
C LEU I 179 14.44 -26.35 16.11
N SER I 180 15.54 -27.09 16.02
CA SER I 180 15.49 -28.53 16.20
C SER I 180 16.45 -29.01 17.28
N GLY I 181 16.21 -30.21 17.80
CA GLY I 181 17.07 -30.77 18.83
C GLY I 181 16.37 -30.98 20.15
N TRP I 182 17.08 -30.70 21.24
CA TRP I 182 16.51 -30.86 22.58
C TRP I 182 16.08 -32.30 22.81
N GLY I 183 16.77 -33.23 22.18
CA GLY I 183 16.43 -34.63 22.35
C GLY I 183 16.09 -35.28 21.02
N ALA I 184 16.18 -36.60 20.95
CA ALA I 184 15.86 -37.31 19.72
C ALA I 184 15.46 -38.73 20.06
N VAL I 185 14.72 -39.37 19.16
CA VAL I 185 14.29 -40.74 19.37
C VAL I 185 14.29 -41.45 18.02
N VAL I 186 14.83 -42.67 18.00
CA VAL I 186 14.94 -43.45 16.78
C VAL I 186 14.20 -44.78 16.88
N TYR I 187 13.40 -45.07 15.86
CA TYR I 187 12.65 -46.33 15.81
C TYR I 187 13.25 -47.28 14.76
N ILE I 188 13.67 -48.46 15.21
CA ILE I 188 14.22 -49.46 14.30
C ILE I 188 13.09 -50.48 14.17
N ILE I 189 12.64 -50.68 12.94
CA ILE I 189 11.51 -51.57 12.69
C ILE I 189 11.79 -52.80 11.84
N LYS I 190 11.34 -53.95 12.33
CA LYS I 190 11.49 -55.23 11.62
C LYS I 190 10.12 -55.91 11.63
N LYS I 191 9.95 -56.90 10.76
CA LYS I 191 8.69 -57.64 10.67
C LYS I 191 8.08 -58.03 12.01
N ASP I 192 8.92 -58.58 12.88
CA ASP I 192 8.51 -59.06 14.18
C ASP I 192 8.65 -58.09 15.35
N GLU I 193 9.77 -57.38 15.44
CA GLU I 193 10.00 -56.46 16.54
C GLU I 193 10.35 -55.02 16.15
N VAL I 194 10.15 -54.13 17.10
CA VAL I 194 10.42 -52.71 16.95
C VAL I 194 11.09 -52.18 18.21
N VAL I 195 12.27 -51.62 18.04
CA VAL I 195 13.03 -51.07 19.15
C VAL I 195 13.04 -49.55 19.04
N LYS I 196 12.85 -48.90 20.19
CA LYS I 196 12.83 -47.46 20.26
C LYS I 196 13.99 -46.98 21.14
N ARG I 197 14.87 -46.16 20.59
CA ARG I 197 16.01 -45.66 21.35
C ARG I 197 16.08 -44.13 21.40
N TYR I 198 16.32 -43.60 22.60
CA TYR I 198 16.47 -42.16 22.78
C TYR I 198 17.96 -41.85 22.70
N LEU I 199 18.31 -40.82 21.94
CA LEU I 199 19.71 -40.43 21.75
C LEU I 199 20.16 -39.33 22.70
N LYS I 200 21.47 -39.23 22.90
CA LYS I 200 22.07 -38.20 23.76
C LYS I 200 22.65 -37.12 22.85
N MET I 201 22.19 -35.88 23.03
CA MET I 201 22.67 -34.78 22.19
C MET I 201 22.75 -33.45 22.92
N ARG I 202 23.29 -32.43 22.23
CA ARG I 202 23.41 -31.10 22.79
C ARG I 202 22.02 -30.67 23.26
N GLN I 203 21.97 -29.77 24.24
CA GLN I 203 20.70 -29.28 24.75
C GLN I 203 20.60 -27.77 24.59
N ASP I 204 21.22 -27.24 23.55
CA ASP I 204 21.20 -25.79 23.28
C ASP I 204 20.60 -25.41 21.93
N MET J 1 1.42 -8.78 27.74
CA MET J 1 0.38 -9.71 28.25
C MET J 1 0.46 -9.81 29.79
N ASP J 2 -0.51 -10.50 30.39
CA ASP J 2 -0.57 -10.69 31.82
C ASP J 2 0.39 -11.79 32.27
N ILE J 3 0.52 -12.00 33.58
CA ILE J 3 1.43 -13.04 34.06
C ILE J 3 0.65 -14.30 34.39
N ILE J 4 1.03 -15.38 33.72
CA ILE J 4 0.40 -16.69 33.92
C ILE J 4 1.54 -17.69 34.19
N LEU J 5 1.64 -18.14 35.43
CA LEU J 5 2.69 -19.08 35.81
C LEU J 5 2.13 -20.32 36.49
N GLY J 6 2.77 -21.45 36.25
CA GLY J 6 2.34 -22.68 36.86
C GLY J 6 3.51 -23.56 37.25
N ILE J 7 3.42 -24.20 38.40
CA ILE J 7 4.46 -25.11 38.87
C ILE J 7 3.84 -26.33 39.52
N ARG J 8 4.26 -27.50 39.06
CA ARG J 8 3.78 -28.75 39.60
C ARG J 8 4.84 -29.33 40.54
N VAL J 9 4.52 -29.37 41.84
CA VAL J 9 5.46 -29.91 42.81
C VAL J 9 5.10 -31.35 43.14
N GLN J 10 5.62 -31.86 44.26
CA GLN J 10 5.36 -33.24 44.66
C GLN J 10 3.90 -33.65 44.75
N ASP J 11 3.11 -32.88 45.51
CA ASP J 11 1.72 -33.25 45.69
C ASP J 11 0.69 -32.19 45.35
N SER J 12 1.06 -31.21 44.54
CA SER J 12 0.11 -30.18 44.15
C SER J 12 0.60 -29.35 42.99
N VAL J 13 -0.32 -28.59 42.41
CA VAL J 13 0.01 -27.71 41.30
C VAL J 13 -0.29 -26.32 41.81
N ILE J 14 0.63 -25.40 41.57
CA ILE J 14 0.47 -24.03 42.01
C ILE J 14 0.39 -23.10 40.80
N LEU J 15 -0.62 -22.24 40.79
CA LEU J 15 -0.82 -21.29 39.70
C LEU J 15 -0.77 -19.86 40.22
N ALA J 16 0.07 -19.03 39.60
CA ALA J 16 0.20 -17.62 39.97
C ALA J 16 -0.25 -16.79 38.76
N SER J 17 -1.09 -15.78 39.00
CA SER J 17 -1.62 -14.93 37.92
C SER J 17 -1.69 -13.48 38.34
N SER J 18 -1.17 -12.58 37.49
CA SER J 18 -1.16 -11.14 37.78
C SER J 18 -2.58 -10.60 38.04
N LYS J 19 -2.67 -9.57 38.88
CA LYS J 19 -3.96 -9.01 39.25
C LYS J 19 -4.39 -7.78 38.48
N ALA J 20 -3.48 -7.23 37.69
CA ALA J 20 -3.79 -6.03 36.93
C ALA J 20 -4.61 -6.24 35.66
N VAL J 21 -5.49 -5.29 35.37
CA VAL J 21 -6.30 -5.28 34.17
C VAL J 21 -6.13 -3.86 33.63
N THR J 22 -5.33 -3.74 32.57
CA THR J 22 -5.04 -2.44 31.98
C THR J 22 -5.76 -2.22 30.68
N ARG J 23 -6.38 -1.06 30.55
CA ARG J 23 -7.06 -0.72 29.32
C ARG J 23 -6.53 0.59 28.80
N GLY J 24 -5.53 0.47 27.93
CA GLY J 24 -4.91 1.64 27.33
C GLY J 24 -3.97 2.38 28.25
N ILE J 25 -4.40 3.58 28.62
CA ILE J 25 -3.60 4.47 29.45
C ILE J 25 -3.76 4.23 30.97
N SER J 26 -4.78 3.50 31.39
CA SER J 26 -5.01 3.28 32.81
C SER J 26 -5.15 1.85 33.27
N VAL J 27 -4.80 1.62 34.54
CA VAL J 27 -4.93 0.30 35.17
C VAL J 27 -6.28 0.36 35.88
N LEU J 28 -7.30 -0.23 35.25
CA LEU J 28 -8.66 -0.22 35.77
C LEU J 28 -8.91 -1.05 37.02
N LYS J 29 -8.13 -2.09 37.23
CA LYS J 29 -8.32 -2.94 38.38
C LYS J 29 -7.01 -3.62 38.75
N ASP J 30 -6.79 -3.81 40.05
CA ASP J 30 -5.56 -4.43 40.54
C ASP J 30 -5.85 -5.63 41.45
N SER J 31 -7.03 -6.22 41.26
CA SER J 31 -7.44 -7.36 42.06
C SER J 31 -8.16 -8.41 41.21
N ASP J 32 -7.87 -8.42 39.91
CA ASP J 32 -8.50 -9.37 39.00
C ASP J 32 -8.01 -10.79 39.20
N ASP J 33 -8.93 -11.74 39.25
CA ASP J 33 -8.58 -13.16 39.44
C ASP J 33 -8.74 -13.86 38.10
N LYS J 34 -7.63 -14.06 37.39
CA LYS J 34 -7.65 -14.68 36.07
C LYS J 34 -7.71 -16.21 36.10
N THR J 35 -8.67 -16.72 36.84
CA THR J 35 -8.83 -18.15 36.99
C THR J 35 -10.30 -18.58 37.08
N ARG J 36 -10.56 -19.85 36.78
CA ARG J 36 -11.91 -20.44 36.88
C ARG J 36 -11.74 -21.85 37.37
N GLN J 37 -12.54 -22.25 38.36
CA GLN J 37 -12.47 -23.63 38.83
C GLN J 37 -13.34 -24.49 37.91
N LEU J 38 -12.75 -25.47 37.27
CA LEU J 38 -13.50 -26.32 36.34
C LEU J 38 -14.20 -27.47 37.05
N SER J 39 -13.60 -27.93 38.13
CA SER J 39 -14.15 -29.00 38.96
C SER J 39 -13.38 -28.91 40.26
N PRO J 40 -13.88 -29.56 41.32
CA PRO J 40 -13.19 -29.51 42.62
C PRO J 40 -11.67 -29.71 42.61
N HIS J 41 -11.15 -30.50 41.68
CA HIS J 41 -9.70 -30.73 41.65
C HIS J 41 -8.99 -30.21 40.39
N THR J 42 -9.64 -29.31 39.66
CA THR J 42 -9.06 -28.76 38.45
C THR J 42 -9.27 -27.26 38.30
N LEU J 43 -8.16 -26.54 38.14
CA LEU J 43 -8.16 -25.09 38.03
C LEU J 43 -7.54 -24.64 36.70
N MET J 44 -8.11 -23.61 36.08
CA MET J 44 -7.58 -23.10 34.81
C MET J 44 -7.29 -21.60 34.87
N SER J 45 -6.07 -21.22 34.50
CA SER J 45 -5.69 -19.81 34.49
C SER J 45 -5.71 -19.40 33.01
N PHE J 46 -5.84 -18.10 32.74
CA PHE J 46 -5.91 -17.66 31.36
C PHE J 46 -5.49 -16.22 31.11
N ALA J 47 -4.98 -15.98 29.90
CA ALA J 47 -4.54 -14.65 29.49
C ALA J 47 -4.69 -14.52 27.98
N GLY J 48 -5.00 -13.32 27.51
CA GLY J 48 -5.16 -13.11 26.09
C GLY J 48 -5.99 -11.88 25.74
N GLU J 49 -6.75 -11.97 24.65
CA GLU J 49 -7.58 -10.89 24.15
C GLU J 49 -8.69 -10.50 25.14
N ALA J 50 -8.89 -9.19 25.29
CA ALA J 50 -9.88 -8.60 26.20
C ALA J 50 -11.16 -9.37 26.55
N GLY J 51 -12.10 -9.47 25.63
CA GLY J 51 -13.34 -10.17 25.98
C GLY J 51 -13.28 -11.68 25.92
N ASP J 52 -12.58 -12.19 24.92
CA ASP J 52 -12.42 -13.62 24.68
C ASP J 52 -11.97 -14.41 25.89
N THR J 53 -11.06 -13.82 26.63
CA THR J 53 -10.47 -14.46 27.79
C THR J 53 -11.49 -15.04 28.78
N VAL J 54 -12.37 -14.21 29.32
CA VAL J 54 -13.35 -14.71 30.28
C VAL J 54 -14.43 -15.57 29.60
N GLN J 55 -14.93 -15.12 28.46
CA GLN J 55 -15.98 -15.85 27.76
C GLN J 55 -15.55 -17.29 27.53
N PHE J 56 -14.29 -17.47 27.18
CA PHE J 56 -13.79 -18.81 26.95
C PHE J 56 -13.76 -19.59 28.25
N ALA J 57 -13.12 -19.02 29.26
CA ALA J 57 -13.01 -19.68 30.56
C ALA J 57 -14.37 -20.12 31.10
N GLU J 58 -15.34 -19.21 31.07
CA GLU J 58 -16.67 -19.54 31.58
C GLU J 58 -17.35 -20.60 30.73
N TYR J 59 -17.15 -20.53 29.42
CA TYR J 59 -17.73 -21.52 28.50
C TYR J 59 -17.19 -22.91 28.85
N ILE J 60 -15.89 -23.00 29.13
CA ILE J 60 -15.30 -24.28 29.48
C ILE J 60 -15.85 -24.73 30.83
N GLN J 61 -15.91 -23.81 31.78
CA GLN J 61 -16.43 -24.14 33.10
C GLN J 61 -17.81 -24.77 32.96
N ALA J 62 -18.71 -24.09 32.25
CA ALA J 62 -20.05 -24.61 32.04
C ALA J 62 -20.04 -26.07 31.57
N ASN J 63 -19.28 -26.35 30.52
CA ASN J 63 -19.24 -27.70 29.98
C ASN J 63 -18.73 -28.74 30.95
N ILE J 64 -17.75 -28.41 31.78
CA ILE J 64 -17.25 -29.40 32.70
C ILE J 64 -18.28 -29.66 33.79
N GLN J 65 -18.89 -28.60 34.28
CA GLN J 65 -19.90 -28.77 35.33
C GLN J 65 -21.05 -29.61 34.80
N LEU J 66 -21.43 -29.38 33.54
CA LEU J 66 -22.50 -30.16 32.94
C LEU J 66 -22.09 -31.63 32.87
N TYR J 67 -20.84 -31.89 32.54
CA TYR J 67 -20.38 -33.28 32.46
C TYR J 67 -20.41 -33.90 33.85
N SER J 68 -19.97 -33.14 34.86
CA SER J 68 -19.95 -33.64 36.22
C SER J 68 -21.34 -34.03 36.72
N ILE J 69 -22.36 -33.24 36.36
CA ILE J 69 -23.72 -33.54 36.78
C ILE J 69 -24.24 -34.78 36.03
N ARG J 70 -24.10 -34.77 34.71
CA ARG J 70 -24.58 -35.87 33.89
C ARG J 70 -24.02 -37.22 34.33
N GLU J 71 -22.72 -37.26 34.59
CA GLU J 71 -22.06 -38.50 34.97
C GLU J 71 -21.82 -38.69 36.46
N ASP J 72 -22.12 -37.67 37.26
CA ASP J 72 -21.88 -37.73 38.69
C ASP J 72 -20.47 -38.29 38.87
N TYR J 73 -19.53 -37.68 38.17
CA TYR J 73 -18.14 -38.09 38.19
C TYR J 73 -17.29 -36.88 37.78
N GLU J 74 -16.04 -36.86 38.21
CA GLU J 74 -15.14 -35.76 37.87
C GLU J 74 -14.08 -36.24 36.89
N LEU J 75 -14.10 -35.67 35.68
CA LEU J 75 -13.14 -36.04 34.65
C LEU J 75 -11.72 -35.82 35.11
N SER J 76 -10.81 -36.69 34.69
CA SER J 76 -9.43 -36.55 35.08
C SER J 76 -8.86 -35.28 34.47
N PRO J 77 -7.77 -34.76 35.06
CA PRO J 77 -7.16 -33.54 34.54
C PRO J 77 -6.82 -33.71 33.07
N GLN J 78 -6.22 -34.85 32.73
CA GLN J 78 -5.84 -35.15 31.36
C GLN J 78 -7.03 -35.08 30.43
N ALA J 79 -8.17 -35.56 30.90
CA ALA J 79 -9.38 -35.56 30.12
C ALA J 79 -9.88 -34.13 29.88
N VAL J 80 -9.89 -33.33 30.95
CA VAL J 80 -10.36 -31.96 30.83
C VAL J 80 -9.47 -31.12 29.91
N SER J 81 -8.19 -31.46 29.88
CA SER J 81 -7.27 -30.70 29.06
C SER J 81 -7.42 -31.05 27.59
N SER J 82 -7.66 -32.33 27.29
CA SER J 82 -7.86 -32.74 25.91
C SER J 82 -9.13 -32.10 25.38
N PHE J 83 -10.12 -31.96 26.25
CA PHE J 83 -11.36 -31.33 25.83
C PHE J 83 -11.07 -29.89 25.46
N VAL J 84 -10.33 -29.21 26.33
CA VAL J 84 -9.98 -27.82 26.11
C VAL J 84 -9.09 -27.63 24.89
N ARG J 85 -8.10 -28.52 24.69
CA ARG J 85 -7.25 -28.36 23.52
C ARG J 85 -8.11 -28.40 22.26
N GLN J 86 -8.99 -29.39 22.19
CA GLN J 86 -9.86 -29.54 21.04
C GLN J 86 -10.73 -28.30 20.80
N GLU J 87 -11.22 -27.69 21.87
CA GLU J 87 -12.06 -26.52 21.70
C GLU J 87 -11.26 -25.41 21.06
N LEU J 88 -9.99 -25.26 21.48
CA LEU J 88 -9.16 -24.22 20.90
C LEU J 88 -8.75 -24.58 19.48
N ALA J 89 -8.38 -25.83 19.24
CA ALA J 89 -7.98 -26.25 17.91
C ALA J 89 -9.11 -26.05 16.89
N LYS J 90 -10.36 -25.99 17.35
CA LYS J 90 -11.52 -25.77 16.47
C LYS J 90 -11.55 -24.29 16.16
N SER J 91 -11.47 -23.52 17.24
CA SER J 91 -11.49 -22.07 17.20
C SER J 91 -10.42 -21.47 16.31
N ILE J 92 -9.23 -22.07 16.32
CA ILE J 92 -8.15 -21.52 15.51
C ILE J 92 -8.49 -21.43 14.03
N ARG J 93 -9.39 -22.28 13.54
CA ARG J 93 -9.76 -22.22 12.14
C ARG J 93 -11.17 -21.71 11.88
N SER J 94 -11.73 -21.01 12.87
CA SER J 94 -13.07 -20.46 12.73
C SER J 94 -13.04 -19.01 12.25
N ARG J 95 -14.22 -18.41 12.09
CA ARG J 95 -14.34 -17.04 11.61
C ARG J 95 -13.59 -16.07 12.49
N ARG J 96 -13.82 -16.13 13.80
CA ARG J 96 -13.11 -15.26 14.73
C ARG J 96 -12.62 -16.09 15.91
N PRO J 97 -11.37 -16.58 15.84
CA PRO J 97 -10.72 -17.40 16.87
C PRO J 97 -10.65 -16.79 18.28
N TYR J 98 -10.63 -17.67 19.28
CA TYR J 98 -10.51 -17.25 20.67
C TYR J 98 -9.02 -16.99 20.87
N GLN J 99 -8.66 -15.77 21.23
CA GLN J 99 -7.25 -15.50 21.46
C GLN J 99 -6.98 -15.65 22.95
N VAL J 100 -6.94 -16.89 23.40
CA VAL J 100 -6.73 -17.17 24.82
C VAL J 100 -5.71 -18.27 25.05
N ASN J 101 -4.85 -18.07 26.05
CA ASN J 101 -3.83 -19.05 26.40
C ASN J 101 -4.19 -19.50 27.81
N VAL J 102 -4.00 -20.77 28.09
CA VAL J 102 -4.36 -21.26 29.41
C VAL J 102 -3.37 -22.25 30.01
N LEU J 103 -3.45 -22.36 31.33
CA LEU J 103 -2.66 -23.31 32.07
C LEU J 103 -3.73 -24.05 32.82
N ILE J 104 -3.66 -25.37 32.81
CA ILE J 104 -4.65 -26.15 33.53
C ILE J 104 -3.90 -26.95 34.58
N GLY J 105 -4.21 -26.66 35.83
CA GLY J 105 -3.58 -27.36 36.93
C GLY J 105 -4.62 -28.18 37.65
N GLY J 106 -4.38 -29.48 37.75
CA GLY J 106 -5.33 -30.35 38.42
C GLY J 106 -4.66 -31.47 39.21
N TYR J 107 -5.42 -32.01 40.16
CA TYR J 107 -4.93 -33.13 40.95
C TYR J 107 -5.74 -34.36 40.58
N ASP J 108 -5.08 -35.32 39.96
CA ASP J 108 -5.73 -36.56 39.55
C ASP J 108 -5.93 -37.50 40.75
N LYS J 109 -7.15 -37.49 41.30
CA LYS J 109 -7.48 -38.32 42.46
C LYS J 109 -7.31 -39.82 42.24
N LYS J 110 -7.41 -40.28 40.99
CA LYS J 110 -7.24 -41.69 40.69
C LYS J 110 -5.76 -42.06 40.68
N LYS J 111 -4.93 -41.22 40.04
CA LYS J 111 -3.48 -41.47 39.98
C LYS J 111 -2.77 -40.95 41.23
N ASN J 112 -3.42 -40.03 41.93
CA ASN J 112 -2.86 -39.42 43.12
C ASN J 112 -1.59 -38.66 42.80
N LYS J 113 -1.66 -37.85 41.74
CA LYS J 113 -0.54 -37.03 41.30
C LYS J 113 -1.04 -35.73 40.70
N PRO J 114 -0.31 -34.62 40.94
CA PRO J 114 -0.74 -33.34 40.39
C PRO J 114 -0.30 -33.28 38.93
N GLU J 115 -1.02 -32.50 38.12
CA GLU J 115 -0.68 -32.35 36.71
C GLU J 115 -0.84 -30.92 36.22
N LEU J 116 0.12 -30.46 35.42
CA LEU J 116 0.10 -29.10 34.88
C LEU J 116 0.11 -29.14 33.35
N TYR J 117 -0.88 -28.50 32.73
CA TYR J 117 -1.00 -28.47 31.29
C TYR J 117 -0.93 -27.06 30.74
N GLN J 118 -0.18 -26.89 29.66
CA GLN J 118 -0.04 -25.59 29.01
C GLN J 118 -0.66 -25.73 27.62
N ILE J 119 -1.59 -24.84 27.30
CA ILE J 119 -2.25 -24.87 25.98
C ILE J 119 -2.39 -23.44 25.48
N ASP J 120 -1.83 -23.15 24.31
CA ASP J 120 -1.95 -21.79 23.77
C ASP J 120 -3.21 -21.68 22.91
N TYR J 121 -3.51 -20.50 22.39
CA TYR J 121 -4.73 -20.32 21.60
C TYR J 121 -4.82 -21.16 20.33
N LEU J 122 -3.71 -21.72 19.86
CA LEU J 122 -3.74 -22.55 18.64
C LEU J 122 -4.19 -23.97 18.94
N GLY J 123 -4.21 -24.31 20.22
CA GLY J 123 -4.57 -25.66 20.60
C GLY J 123 -3.30 -26.47 20.79
N THR J 124 -2.19 -25.79 21.03
CA THR J 124 -0.91 -26.46 21.27
C THR J 124 -0.88 -26.86 22.74
N LYS J 125 -0.84 -28.16 23.02
CA LYS J 125 -0.82 -28.62 24.39
C LYS J 125 0.43 -29.39 24.75
N VAL J 126 0.91 -29.17 25.97
CA VAL J 126 2.08 -29.87 26.45
C VAL J 126 1.95 -30.01 27.96
N GLU J 127 2.52 -31.07 28.52
CA GLU J 127 2.46 -31.27 29.97
C GLU J 127 3.85 -30.97 30.53
N LEU J 128 3.91 -30.14 31.57
CA LEU J 128 5.18 -29.73 32.14
C LEU J 128 5.25 -29.63 33.66
N PRO J 129 6.48 -29.58 34.22
CA PRO J 129 6.70 -29.47 35.66
C PRO J 129 6.31 -28.04 36.01
N TYR J 130 6.57 -27.14 35.07
CA TYR J 130 6.23 -25.73 35.21
C TYR J 130 6.14 -25.10 33.84
N GLY J 131 5.30 -24.08 33.72
CA GLY J 131 5.14 -23.42 32.45
C GLY J 131 4.54 -22.04 32.59
N ALA J 132 4.45 -21.34 31.47
CA ALA J 132 3.88 -20.00 31.46
C ALA J 132 3.46 -19.60 30.06
N HIS J 133 2.83 -18.44 29.97
CA HIS J 133 2.38 -17.92 28.69
C HIS J 133 2.87 -16.50 28.54
N GLY J 134 3.07 -16.08 27.31
CA GLY J 134 3.53 -14.73 27.06
C GLY J 134 5.01 -14.58 27.26
N TYR J 135 5.42 -13.45 27.82
CA TYR J 135 6.82 -13.16 28.06
C TYR J 135 7.30 -13.74 29.38
N SER J 136 6.35 -14.00 30.26
CA SER J 136 6.65 -14.53 31.59
C SER J 136 7.72 -15.62 31.61
N GLY J 137 7.61 -16.59 30.70
CA GLY J 137 8.56 -17.68 30.67
C GLY J 137 10.00 -17.20 30.46
N PHE J 138 10.16 -16.18 29.63
CA PHE J 138 11.46 -15.61 29.34
C PHE J 138 12.26 -15.17 30.56
N TYR J 139 11.59 -14.59 31.54
CA TYR J 139 12.27 -14.12 32.75
C TYR J 139 12.41 -15.20 33.81
N THR J 140 11.43 -16.10 33.86
CA THR J 140 11.39 -17.14 34.89
C THR J 140 11.96 -18.53 34.62
N PHE J 141 11.90 -18.99 33.38
CA PHE J 141 12.39 -20.34 33.08
C PHE J 141 13.82 -20.66 33.48
N SER J 142 14.71 -19.68 33.51
CA SER J 142 16.07 -19.98 33.89
C SER J 142 16.14 -20.22 35.40
N LEU J 143 15.25 -19.57 36.16
CA LEU J 143 15.20 -19.76 37.60
C LEU J 143 14.60 -21.12 37.92
N LEU J 144 13.54 -21.49 37.19
CA LEU J 144 12.89 -22.77 37.42
C LEU J 144 13.78 -23.91 36.92
N ASP J 145 14.45 -23.71 35.78
CA ASP J 145 15.33 -24.74 35.24
C ASP J 145 16.43 -25.04 36.25
N HIS J 146 16.76 -24.06 37.07
CA HIS J 146 17.81 -24.20 38.06
C HIS J 146 17.37 -24.85 39.36
N HIS J 147 16.45 -24.20 40.05
CA HIS J 147 15.95 -24.68 41.35
C HIS J 147 14.90 -25.78 41.36
N TYR J 148 14.29 -26.12 40.22
CA TYR J 148 13.24 -27.12 40.26
C TYR J 148 13.62 -28.56 40.61
N ARG J 149 12.83 -29.16 41.49
CA ARG J 149 13.02 -30.55 41.91
C ARG J 149 11.64 -31.24 42.02
N PRO J 150 11.52 -32.45 41.44
CA PRO J 150 10.27 -33.23 41.45
C PRO J 150 9.67 -33.52 42.83
N ASP J 151 10.50 -33.54 43.86
CA ASP J 151 10.03 -33.83 45.22
C ASP J 151 9.81 -32.61 46.10
N MET J 152 9.74 -31.44 45.49
CA MET J 152 9.53 -30.20 46.24
C MET J 152 8.23 -30.20 47.03
N THR J 153 8.24 -29.57 48.20
CA THR J 153 7.04 -29.48 49.01
C THR J 153 6.27 -28.28 48.49
N THR J 154 4.99 -28.18 48.84
CA THR J 154 4.21 -27.05 48.39
C THR J 154 4.89 -25.78 48.89
N GLU J 155 5.47 -25.85 50.08
CA GLU J 155 6.15 -24.70 50.64
C GLU J 155 7.35 -24.30 49.80
N GLU J 156 8.06 -25.29 49.25
CA GLU J 156 9.23 -25.00 48.43
C GLU J 156 8.79 -24.42 47.08
N GLY J 157 7.62 -24.84 46.63
CA GLY J 157 7.11 -24.34 45.37
C GLY J 157 6.77 -22.88 45.50
N LEU J 158 6.15 -22.51 46.62
CA LEU J 158 5.78 -21.12 46.85
C LEU J 158 7.00 -20.22 46.98
N ASP J 159 8.11 -20.77 47.49
CA ASP J 159 9.33 -19.99 47.63
C ASP J 159 9.99 -19.77 46.28
N LEU J 160 9.91 -20.78 45.42
CA LEU J 160 10.47 -20.70 44.08
C LEU J 160 9.67 -19.71 43.23
N LEU J 161 8.35 -19.68 43.44
CA LEU J 161 7.49 -18.75 42.69
C LEU J 161 7.81 -17.34 43.12
N LYS J 162 7.88 -17.15 44.43
CA LYS J 162 8.17 -15.84 44.99
C LYS J 162 9.43 -15.32 44.30
N LEU J 163 10.42 -16.19 44.15
CA LEU J 163 11.66 -15.80 43.49
C LEU J 163 11.37 -15.37 42.05
N CYS J 164 10.50 -16.11 41.38
CA CYS J 164 10.14 -15.79 40.00
C CYS J 164 9.43 -14.44 39.92
N VAL J 165 8.48 -14.23 40.82
CA VAL J 165 7.75 -12.97 40.82
C VAL J 165 8.68 -11.78 41.09
N GLN J 166 9.70 -12.00 41.92
CA GLN J 166 10.64 -10.91 42.22
C GLN J 166 11.44 -10.55 40.97
N GLU J 167 11.88 -11.56 40.25
CA GLU J 167 12.64 -11.34 39.02
C GLU J 167 11.76 -10.59 38.04
N LEU J 168 10.49 -10.97 37.97
CA LEU J 168 9.54 -10.33 37.08
C LEU J 168 9.33 -8.88 37.49
N GLU J 169 9.19 -8.63 38.78
CA GLU J 169 8.98 -7.28 39.24
C GLU J 169 10.21 -6.40 39.09
N LYS J 170 11.35 -7.03 38.79
CA LYS J 170 12.57 -6.27 38.62
C LYS J 170 12.89 -5.92 37.17
N ARG J 171 12.82 -6.91 36.29
CA ARG J 171 13.16 -6.71 34.89
C ARG J 171 12.00 -6.45 33.91
N MET J 172 10.77 -6.81 34.27
CA MET J 172 9.67 -6.58 33.36
C MET J 172 9.19 -5.13 33.42
N PRO J 173 9.05 -4.49 32.26
CA PRO J 173 8.62 -3.10 32.10
C PRO J 173 7.27 -2.71 32.69
N MET J 174 6.34 -3.67 32.72
CA MET J 174 5.00 -3.36 33.23
C MET J 174 4.77 -3.69 34.68
N ASP J 175 3.84 -2.95 35.29
CA ASP J 175 3.46 -3.16 36.67
C ASP J 175 2.22 -4.04 36.60
N PHE J 176 2.37 -5.33 36.90
CA PHE J 176 1.24 -6.23 36.85
C PHE J 176 0.49 -6.36 38.16
N LYS J 177 0.82 -5.47 39.10
CA LYS J 177 0.16 -5.41 40.39
C LYS J 177 0.15 -6.69 41.24
N GLY J 178 1.24 -7.44 41.21
CA GLY J 178 1.31 -8.65 42.01
C GLY J 178 0.51 -9.79 41.43
N VAL J 179 0.55 -10.94 42.11
CA VAL J 179 -0.18 -12.10 41.64
C VAL J 179 -1.08 -12.71 42.71
N ILE J 180 -2.05 -13.51 42.27
CA ILE J 180 -2.94 -14.24 43.16
C ILE J 180 -2.46 -15.67 42.98
N VAL J 181 -2.22 -16.37 44.08
CA VAL J 181 -1.72 -17.74 43.99
C VAL J 181 -2.76 -18.73 44.49
N LYS J 182 -2.87 -19.86 43.78
CA LYS J 182 -3.82 -20.89 44.17
C LYS J 182 -3.14 -22.26 44.14
N ILE J 183 -3.49 -23.10 45.10
CA ILE J 183 -2.91 -24.44 45.17
C ILE J 183 -4.00 -25.46 44.88
N VAL J 184 -3.65 -26.48 44.12
CA VAL J 184 -4.60 -27.52 43.77
C VAL J 184 -3.98 -28.85 44.20
N ASP J 185 -4.67 -29.57 45.07
CA ASP J 185 -4.17 -30.86 45.56
C ASP J 185 -5.32 -31.82 45.88
N LYS J 186 -4.95 -32.95 46.47
CA LYS J 186 -5.92 -33.99 46.83
C LYS J 186 -7.14 -33.47 47.57
N ASP J 187 -7.00 -32.33 48.24
CA ASP J 187 -8.12 -31.78 48.98
C ASP J 187 -8.85 -30.65 48.29
N GLY J 188 -8.48 -30.38 47.05
CA GLY J 188 -9.17 -29.33 46.31
C GLY J 188 -8.32 -28.13 45.93
N ILE J 189 -8.98 -26.99 45.82
CA ILE J 189 -8.34 -25.74 45.43
C ILE J 189 -8.47 -24.70 46.52
N ARG J 190 -7.36 -24.13 46.96
CA ARG J 190 -7.40 -23.10 47.97
C ARG J 190 -6.52 -21.94 47.53
N GLN J 191 -6.84 -20.74 48.00
CA GLN J 191 -6.08 -19.54 47.64
C GLN J 191 -5.16 -19.05 48.76
N VAL J 192 -3.91 -18.78 48.42
CA VAL J 192 -2.93 -18.29 49.38
C VAL J 192 -3.13 -16.79 49.54
N ASP J 193 -4.07 -16.40 50.40
CA ASP J 193 -4.37 -14.98 50.61
C ASP J 193 -3.17 -14.15 51.08
N ASP J 194 -2.08 -14.81 51.44
CA ASP J 194 -0.88 -14.13 51.92
C ASP J 194 0.36 -14.33 51.06
N PHE J 195 0.44 -13.59 49.95
CA PHE J 195 1.61 -13.66 49.08
C PHE J 195 2.09 -12.24 48.82
N GLN J 196 1.28 -11.27 49.27
CA GLN J 196 1.59 -9.84 49.14
C GLN J 196 2.86 -9.56 49.94
N ALA J 197 3.29 -10.58 50.69
CA ALA J 197 4.48 -10.54 51.53
C ALA J 197 4.59 -11.86 52.30
N GLN J 198 4.92 -12.93 51.58
CA GLN J 198 5.06 -14.26 52.18
C GLN J 198 6.54 -14.54 52.43
N THR K 1 -14.99 13.00 26.48
CA THR K 1 -15.96 12.52 27.51
C THR K 1 -15.34 12.11 28.83
N THR K 2 -16.04 12.40 29.91
CA THR K 2 -15.59 11.95 31.22
C THR K 2 -16.80 11.43 31.98
N THR K 3 -16.68 10.20 32.47
CA THR K 3 -17.72 9.56 33.24
C THR K 3 -17.09 8.79 34.38
N LEU K 4 -17.76 8.79 35.54
CA LEU K 4 -17.26 8.05 36.68
C LEU K 4 -18.41 7.49 37.50
N ALA K 5 -18.06 6.52 38.34
CA ALA K 5 -19.02 5.90 39.22
C ALA K 5 -18.24 5.24 40.33
N PHE K 6 -18.64 5.48 41.57
CA PHE K 6 -17.95 4.83 42.65
C PHE K 6 -18.91 4.39 43.76
N ARG K 7 -18.48 3.35 44.45
CA ARG K 7 -19.23 2.73 45.53
C ARG K 7 -18.77 3.28 46.86
N PHE K 8 -19.72 3.38 47.80
CA PHE K 8 -19.40 3.86 49.15
C PHE K 8 -20.54 3.51 50.10
N GLN K 9 -20.36 3.88 51.36
CA GLN K 9 -21.34 3.64 52.41
C GLN K 9 -22.78 4.01 52.02
N GLY K 10 -22.99 5.14 51.38
CA GLY K 10 -24.34 5.54 51.03
C GLY K 10 -24.87 5.03 49.69
N GLY K 11 -24.15 4.11 49.08
CA GLY K 11 -24.57 3.59 47.78
C GLY K 11 -23.59 3.84 46.65
N ILE K 12 -24.07 4.48 45.58
CA ILE K 12 -23.24 4.77 44.43
C ILE K 12 -23.41 6.18 43.91
N ILE K 13 -22.29 6.80 43.58
CA ILE K 13 -22.32 8.14 43.00
C ILE K 13 -21.99 8.01 41.52
N VAL K 14 -22.78 8.67 40.70
CA VAL K 14 -22.56 8.63 39.27
C VAL K 14 -22.55 10.06 38.75
N ALA K 15 -21.46 10.42 38.09
CA ALA K 15 -21.28 11.76 37.54
C ALA K 15 -20.71 11.69 36.13
N VAL K 16 -21.22 12.53 35.24
CA VAL K 16 -20.78 12.56 33.86
C VAL K 16 -20.73 13.99 33.34
N ASP K 17 -20.02 14.21 32.23
CA ASP K 17 -19.98 15.55 31.66
C ASP K 17 -21.07 15.54 30.60
N SER K 18 -21.14 16.55 29.76
CA SER K 18 -22.21 16.56 28.76
C SER K 18 -21.78 17.12 27.43
N ARG K 19 -20.52 16.90 27.08
CA ARG K 19 -20.04 17.43 25.82
C ARG K 19 -20.00 16.39 24.69
N ALA K 20 -20.38 16.84 23.49
CA ALA K 20 -20.35 15.98 22.32
C ALA K 20 -19.49 16.68 21.27
N THR K 21 -18.49 15.97 20.78
CA THR K 21 -17.60 16.52 19.77
C THR K 21 -17.41 15.56 18.61
N ALA K 22 -17.11 16.12 17.45
CA ALA K 22 -16.83 15.37 16.23
C ALA K 22 -15.61 16.11 15.72
N GLY K 23 -14.43 15.62 16.09
CA GLY K 23 -13.21 16.30 15.70
C GLY K 23 -13.02 17.41 16.72
N ASN K 24 -12.82 18.63 16.25
CA ASN K 24 -12.63 19.76 17.14
C ASN K 24 -13.97 20.47 17.32
N TRP K 25 -14.93 20.07 16.51
CA TRP K 25 -16.26 20.65 16.56
C TRP K 25 -17.04 20.20 17.78
N VAL K 26 -17.59 21.18 18.49
CA VAL K 26 -18.39 20.92 19.67
C VAL K 26 -19.83 20.84 19.19
N ALA K 27 -20.31 19.62 19.05
CA ALA K 27 -21.66 19.36 18.58
C ALA K 27 -22.68 19.74 19.62
N SER K 28 -22.33 19.55 20.89
CA SER K 28 -23.24 19.89 21.96
C SER K 28 -22.55 19.99 23.31
N GLN K 29 -23.16 20.78 24.18
CA GLN K 29 -22.67 20.99 25.54
C GLN K 29 -23.75 20.51 26.51
N THR K 30 -24.83 19.95 25.96
CA THR K 30 -25.96 19.51 26.76
C THR K 30 -26.45 18.11 26.43
N VAL K 31 -25.52 17.18 26.27
CA VAL K 31 -25.85 15.80 25.93
C VAL K 31 -26.03 14.94 27.18
N LYS K 32 -26.91 13.95 27.11
CA LYS K 32 -27.14 13.05 28.22
C LYS K 32 -26.16 11.90 28.11
N LYS K 33 -25.39 11.64 29.15
CA LYS K 33 -24.42 10.56 29.13
C LYS K 33 -24.76 9.49 30.16
N VAL K 34 -25.95 9.61 30.73
CA VAL K 34 -26.45 8.64 31.70
C VAL K 34 -27.80 8.15 31.19
N ILE K 35 -27.95 6.84 31.11
CA ILE K 35 -29.22 6.27 30.67
C ILE K 35 -29.89 5.70 31.91
N GLU K 36 -31.17 6.03 32.09
CA GLU K 36 -31.93 5.50 33.23
C GLU K 36 -32.56 4.21 32.74
N ILE K 37 -31.83 3.10 32.91
CA ILE K 37 -32.30 1.77 32.48
C ILE K 37 -33.73 1.62 32.98
N ASN K 38 -33.89 1.78 34.29
CA ASN K 38 -35.18 1.73 34.95
C ASN K 38 -34.93 2.47 36.26
N PRO K 39 -35.96 2.62 37.11
CA PRO K 39 -35.83 3.31 38.40
C PRO K 39 -34.74 2.83 39.37
N PHE K 40 -34.14 1.67 39.11
CA PHE K 40 -33.11 1.16 40.02
C PHE K 40 -31.75 0.99 39.36
N LEU K 41 -31.72 1.13 38.04
CA LEU K 41 -30.49 0.94 37.30
C LEU K 41 -30.08 2.12 36.44
N LEU K 42 -28.79 2.47 36.53
CA LEU K 42 -28.25 3.55 35.73
C LEU K 42 -27.10 3.03 34.86
N GLY K 43 -26.93 3.64 33.70
CA GLY K 43 -25.86 3.26 32.80
C GLY K 43 -25.17 4.52 32.30
N THR K 44 -23.84 4.50 32.24
CA THR K 44 -23.07 5.65 31.76
C THR K 44 -22.71 5.42 30.30
N MET K 45 -22.56 6.49 29.54
CA MET K 45 -22.24 6.35 28.12
C MET K 45 -20.94 7.03 27.69
N ALA K 46 -19.98 6.25 27.21
CA ALA K 46 -18.73 6.79 26.73
C ALA K 46 -18.45 6.10 25.40
N GLY K 47 -17.85 6.82 24.46
CA GLY K 47 -17.56 6.22 23.17
C GLY K 47 -18.62 6.62 22.14
N GLY K 48 -19.27 5.63 21.52
CA GLY K 48 -20.30 5.93 20.54
C GLY K 48 -21.66 6.22 21.16
N ALA K 49 -22.18 7.41 20.91
CA ALA K 49 -23.47 7.81 21.47
C ALA K 49 -24.59 6.87 21.03
N ALA K 50 -24.69 6.65 19.72
CA ALA K 50 -25.73 5.76 19.20
C ALA K 50 -25.61 4.37 19.81
N ASP K 51 -24.41 3.79 19.78
CA ASP K 51 -24.21 2.45 20.33
C ASP K 51 -24.63 2.34 21.78
N CYS K 52 -24.19 3.29 22.61
CA CYS K 52 -24.54 3.24 24.04
C CYS K 52 -26.03 3.47 24.26
N GLN K 53 -26.53 4.55 23.68
CA GLN K 53 -27.93 4.92 23.80
C GLN K 53 -28.84 3.76 23.38
N PHE K 54 -28.53 3.17 22.24
CA PHE K 54 -29.33 2.10 21.72
C PHE K 54 -29.35 0.84 22.57
N TRP K 55 -28.19 0.29 22.83
CA TRP K 55 -28.09 -0.94 23.60
C TRP K 55 -28.39 -0.81 25.07
N GLU K 56 -28.22 0.37 25.64
CA GLU K 56 -28.57 0.52 27.04
C GLU K 56 -30.07 0.65 27.18
N THR K 57 -30.72 1.26 26.19
CA THR K 57 -32.17 1.37 26.24
C THR K 57 -32.73 -0.05 26.03
N TRP K 58 -32.08 -0.82 25.17
CA TRP K 58 -32.49 -2.19 24.90
C TRP K 58 -32.31 -2.97 26.21
N LEU K 59 -31.21 -2.73 26.90
CA LEU K 59 -30.96 -3.43 28.15
C LEU K 59 -32.18 -3.24 29.05
N GLY K 60 -32.67 -1.99 29.07
CA GLY K 60 -33.83 -1.67 29.88
C GLY K 60 -34.99 -2.59 29.56
N SER K 61 -35.24 -2.80 28.28
CA SER K 61 -36.32 -3.67 27.86
C SER K 61 -36.11 -5.12 28.30
N GLN K 62 -34.85 -5.57 28.30
CA GLN K 62 -34.56 -6.94 28.70
C GLN K 62 -34.74 -7.12 30.18
N CYS K 63 -34.40 -6.10 30.95
CA CYS K 63 -34.54 -6.17 32.40
C CYS K 63 -36.02 -6.25 32.77
N ARG K 64 -36.83 -5.40 32.15
CA ARG K 64 -38.27 -5.39 32.39
C ARG K 64 -38.87 -6.78 32.13
N LEU K 65 -38.49 -7.36 30.99
CA LEU K 65 -38.95 -8.69 30.60
C LEU K 65 -38.55 -9.73 31.65
N HIS K 66 -37.39 -9.53 32.25
CA HIS K 66 -36.90 -10.46 33.26
C HIS K 66 -37.82 -10.40 34.49
N GLU K 67 -38.09 -9.18 34.95
CA GLU K 67 -38.91 -8.98 36.12
C GLU K 67 -40.36 -9.45 35.94
N LEU K 68 -40.85 -9.46 34.70
CA LEU K 68 -42.20 -9.92 34.44
C LEU K 68 -42.18 -11.45 34.51
N ARG K 69 -41.12 -12.03 33.97
CA ARG K 69 -40.99 -13.48 33.94
C ARG K 69 -40.67 -14.09 35.30
N GLU K 70 -39.79 -13.44 36.05
CA GLU K 70 -39.37 -13.98 37.34
C GLU K 70 -39.99 -13.32 38.56
N LYS K 71 -40.92 -12.40 38.34
CA LYS K 71 -41.56 -11.71 39.45
C LYS K 71 -40.54 -11.34 40.54
N GLU K 72 -39.40 -10.82 40.11
CA GLU K 72 -38.34 -10.42 41.02
C GLU K 72 -37.38 -9.46 40.32
N ARG K 73 -36.92 -8.47 41.08
CA ARG K 73 -35.99 -7.45 40.59
C ARG K 73 -34.69 -8.10 40.06
N ILE K 74 -34.27 -7.69 38.87
CA ILE K 74 -33.06 -8.25 38.27
C ILE K 74 -31.78 -7.78 38.97
N SER K 75 -30.81 -8.69 39.10
CA SER K 75 -29.55 -8.36 39.75
C SER K 75 -28.67 -7.54 38.82
N VAL K 76 -27.78 -6.73 39.41
CA VAL K 76 -26.89 -5.90 38.63
C VAL K 76 -25.95 -6.79 37.85
N ALA K 77 -25.57 -7.90 38.46
CA ALA K 77 -24.68 -8.85 37.80
C ALA K 77 -25.37 -9.32 36.52
N ALA K 78 -26.60 -9.79 36.67
CA ALA K 78 -27.35 -10.29 35.53
C ALA K 78 -27.66 -9.24 34.46
N ALA K 79 -28.01 -8.03 34.87
CA ALA K 79 -28.32 -7.00 33.86
C ALA K 79 -27.07 -6.63 33.06
N SER K 80 -25.95 -6.53 33.77
CA SER K 80 -24.68 -6.19 33.16
C SER K 80 -24.23 -7.29 32.20
N LYS K 81 -24.50 -8.55 32.54
CA LYS K 81 -24.07 -9.63 31.67
C LYS K 81 -24.92 -9.73 30.41
N ILE K 82 -26.16 -9.26 30.48
CA ILE K 82 -27.01 -9.28 29.30
C ILE K 82 -26.37 -8.34 28.28
N LEU K 83 -25.98 -7.15 28.73
CA LEU K 83 -25.34 -6.16 27.85
C LEU K 83 -24.00 -6.71 27.39
N SER K 84 -23.22 -7.18 28.34
CA SER K 84 -21.90 -7.72 28.04
C SER K 84 -21.96 -8.80 26.97
N ASN K 85 -22.85 -9.78 27.13
CA ASN K 85 -22.96 -10.86 26.17
C ASN K 85 -23.50 -10.43 24.80
N LEU K 86 -24.34 -9.40 24.77
CA LEU K 86 -24.90 -8.90 23.51
C LEU K 86 -23.74 -8.31 22.73
N VAL K 87 -23.03 -7.42 23.42
CA VAL K 87 -21.88 -6.75 22.87
C VAL K 87 -20.83 -7.75 22.37
N TYR K 88 -20.60 -8.82 23.13
CA TYR K 88 -19.61 -9.81 22.72
C TYR K 88 -20.01 -10.49 21.43
N GLN K 89 -21.31 -10.53 21.15
CA GLN K 89 -21.79 -11.15 19.92
C GLN K 89 -21.34 -10.33 18.72
N TYR K 90 -21.15 -9.04 18.93
CA TYR K 90 -20.76 -8.11 17.87
C TYR K 90 -19.27 -7.84 17.79
N LYS K 91 -18.49 -8.48 18.67
CA LYS K 91 -17.04 -8.25 18.71
C LYS K 91 -16.43 -8.30 17.32
N GLY K 92 -15.78 -7.20 16.94
CA GLY K 92 -15.16 -7.11 15.64
C GLY K 92 -15.97 -6.29 14.62
N ALA K 93 -17.25 -6.07 14.91
CA ALA K 93 -18.11 -5.33 14.00
C ALA K 93 -17.86 -3.82 14.02
N GLY K 94 -17.29 -3.32 15.10
CA GLY K 94 -17.04 -1.90 15.18
C GLY K 94 -17.86 -1.14 16.20
N LEU K 95 -18.53 -1.84 17.12
CA LEU K 95 -19.29 -1.14 18.15
C LEU K 95 -18.28 -0.40 19.00
N SER K 96 -18.66 0.79 19.48
CA SER K 96 -17.75 1.57 20.30
C SER K 96 -18.41 2.04 21.59
N MET K 97 -18.10 1.35 22.69
CA MET K 97 -18.70 1.74 23.96
C MET K 97 -17.95 1.36 25.22
N GLY K 98 -17.86 2.33 26.12
CA GLY K 98 -17.22 2.16 27.42
C GLY K 98 -18.36 2.47 28.36
N THR K 99 -18.76 1.53 29.20
CA THR K 99 -19.92 1.77 30.03
C THR K 99 -19.88 1.26 31.46
N MET K 100 -20.62 1.92 32.35
CA MET K 100 -20.75 1.50 33.76
C MET K 100 -22.22 1.19 34.02
N ILE K 101 -22.48 -0.02 34.51
CA ILE K 101 -23.85 -0.43 34.83
C ILE K 101 -23.92 -0.37 36.36
N CYS K 102 -24.79 0.49 36.88
CA CYS K 102 -24.89 0.69 38.33
C CYS K 102 -26.24 0.43 38.94
N GLY K 103 -26.23 -0.27 40.07
CA GLY K 103 -27.46 -0.60 40.77
C GLY K 103 -27.24 -0.93 42.25
N TYR K 104 -28.34 -1.02 42.99
CA TYR K 104 -28.27 -1.31 44.42
C TYR K 104 -29.35 -2.34 44.75
N THR K 105 -28.97 -3.61 44.82
CA THR K 105 -29.95 -4.64 45.13
C THR K 105 -29.74 -5.20 46.52
N ARG K 106 -30.82 -5.67 47.12
CA ARG K 106 -30.78 -6.23 48.45
C ARG K 106 -29.78 -7.38 48.52
N LYS K 107 -29.77 -8.18 47.48
CA LYS K 107 -28.90 -9.33 47.38
C LYS K 107 -27.42 -8.96 47.24
N GLU K 108 -27.13 -7.95 46.44
CA GLU K 108 -25.75 -7.53 46.17
C GLU K 108 -25.27 -6.26 46.87
N GLY K 109 -26.18 -5.32 47.10
CA GLY K 109 -25.79 -4.07 47.71
C GLY K 109 -25.35 -3.12 46.62
N PRO K 110 -24.52 -2.12 46.91
CA PRO K 110 -24.09 -1.21 45.83
C PRO K 110 -23.19 -2.00 44.88
N THR K 111 -23.49 -1.93 43.58
CA THR K 111 -22.70 -2.65 42.59
C THR K 111 -22.47 -1.88 41.29
N ILE K 112 -21.19 -1.81 40.89
CA ILE K 112 -20.79 -1.17 39.63
C ILE K 112 -20.13 -2.22 38.74
N TYR K 113 -20.52 -2.24 37.46
CA TYR K 113 -19.93 -3.16 36.50
C TYR K 113 -19.47 -2.34 35.30
N TYR K 114 -18.20 -2.49 34.95
CA TYR K 114 -17.63 -1.80 33.79
C TYR K 114 -17.83 -2.76 32.61
N VAL K 115 -18.41 -2.25 31.53
CA VAL K 115 -18.67 -3.05 30.33
C VAL K 115 -18.28 -2.29 29.08
N ASP K 116 -17.39 -2.84 28.27
CA ASP K 116 -17.00 -2.15 27.04
C ASP K 116 -17.30 -3.01 25.81
N SER K 117 -17.12 -2.44 24.62
CA SER K 117 -17.39 -3.15 23.39
C SER K 117 -16.37 -4.19 23.02
N ASP K 118 -15.30 -4.32 23.80
CA ASP K 118 -14.29 -5.34 23.55
C ASP K 118 -14.80 -6.63 24.19
N GLY K 119 -15.85 -6.51 25.00
CA GLY K 119 -16.42 -7.65 25.68
C GLY K 119 -16.03 -7.76 27.14
N THR K 120 -15.24 -6.80 27.61
CA THR K 120 -14.78 -6.78 28.99
C THR K 120 -15.91 -6.45 29.98
N ARG K 121 -16.00 -7.24 31.04
CA ARG K 121 -16.98 -7.05 32.10
C ARG K 121 -16.23 -7.12 33.43
N LEU K 122 -16.13 -5.98 34.11
CA LEU K 122 -15.41 -5.90 35.38
C LEU K 122 -16.21 -5.30 36.52
N LYS K 123 -16.21 -5.99 37.65
CA LYS K 123 -16.91 -5.47 38.83
C LYS K 123 -15.86 -4.70 39.63
N GLY K 124 -16.22 -3.51 40.11
CA GLY K 124 -15.28 -2.72 40.88
C GLY K 124 -15.93 -1.69 41.78
N ASP K 125 -15.10 -0.92 42.49
CA ASP K 125 -15.57 0.10 43.42
C ASP K 125 -15.52 1.49 42.80
N ILE K 126 -14.51 1.73 41.97
CA ILE K 126 -14.33 3.01 41.30
C ILE K 126 -13.99 2.81 39.83
N PHE K 127 -14.64 3.57 38.95
CA PHE K 127 -14.38 3.48 37.52
C PHE K 127 -14.56 4.85 36.88
N CYS K 128 -13.64 5.17 35.96
CA CYS K 128 -13.70 6.41 35.19
C CYS K 128 -13.49 6.01 33.74
N VAL K 129 -14.38 6.44 32.86
CA VAL K 129 -14.26 6.10 31.46
C VAL K 129 -14.36 7.33 30.57
N GLY K 130 -13.45 7.44 29.60
CA GLY K 130 -13.47 8.57 28.70
C GLY K 130 -12.14 9.27 28.57
N SER K 131 -12.02 10.14 27.56
CA SER K 131 -10.79 10.89 27.31
C SER K 131 -10.41 11.78 28.48
N GLY K 132 -11.28 11.87 29.48
CA GLY K 132 -10.98 12.70 30.64
C GLY K 132 -10.78 11.85 31.88
N GLN K 133 -10.88 10.55 31.71
CA GLN K 133 -10.75 9.63 32.83
C GLN K 133 -9.55 9.83 33.77
N THR K 134 -8.37 10.04 33.21
CA THR K 134 -7.17 10.19 34.03
C THR K 134 -7.26 11.36 35.01
N PHE K 135 -7.89 12.44 34.56
CA PHE K 135 -8.06 13.63 35.39
C PHE K 135 -8.98 13.32 36.56
N ALA K 136 -10.13 12.71 36.26
CA ALA K 136 -11.07 12.35 37.30
C ALA K 136 -10.42 11.36 38.29
N TYR K 137 -9.67 10.38 37.78
CA TYR K 137 -9.02 9.41 38.65
C TYR K 137 -8.07 10.07 39.65
N GLY K 138 -7.42 11.15 39.23
CA GLY K 138 -6.50 11.83 40.13
C GLY K 138 -7.22 12.38 41.34
N VAL K 139 -8.33 13.07 41.09
CA VAL K 139 -9.12 13.66 42.14
C VAL K 139 -9.80 12.59 43.00
N LEU K 140 -10.38 11.60 42.36
CA LEU K 140 -11.06 10.52 43.06
C LEU K 140 -10.13 9.71 43.96
N ASP K 141 -9.04 9.19 43.40
CA ASP K 141 -8.12 8.38 44.17
C ASP K 141 -7.58 8.97 45.46
N SER K 142 -7.36 10.28 45.51
CA SER K 142 -6.83 10.90 46.72
C SER K 142 -7.85 11.43 47.74
N ASN K 143 -9.14 11.39 47.39
CA ASN K 143 -10.15 11.85 48.32
C ASN K 143 -11.19 10.80 48.62
N TYR K 144 -11.09 9.65 47.95
CA TYR K 144 -12.06 8.60 48.18
C TYR K 144 -11.87 7.89 49.52
N LYS K 145 -13.00 7.70 50.20
CA LYS K 145 -13.08 7.00 51.49
C LYS K 145 -14.43 6.28 51.43
N TRP K 146 -14.48 5.07 51.97
CA TRP K 146 -15.74 4.32 51.97
C TRP K 146 -16.79 4.97 52.87
N ASP K 147 -16.31 5.67 53.89
CA ASP K 147 -17.19 6.32 54.85
C ASP K 147 -17.56 7.75 54.53
N LEU K 148 -17.53 8.10 53.25
CA LEU K 148 -17.89 9.45 52.84
C LEU K 148 -19.38 9.64 53.04
N SER K 149 -19.82 10.87 53.25
CA SER K 149 -21.24 11.11 53.43
C SER K 149 -21.84 11.29 52.04
N VAL K 150 -23.15 11.06 51.92
CA VAL K 150 -23.82 11.22 50.64
C VAL K 150 -23.59 12.63 50.08
N GLU K 151 -23.48 13.60 50.98
CA GLU K 151 -23.27 14.99 50.58
C GLU K 151 -21.88 15.19 50.00
N ASP K 152 -20.88 14.70 50.73
CA ASP K 152 -19.48 14.81 50.32
C ASP K 152 -19.19 13.93 49.10
N ALA K 153 -19.77 12.74 49.06
CA ALA K 153 -19.56 11.83 47.93
C ALA K 153 -20.06 12.52 46.66
N LEU K 154 -21.27 13.07 46.72
CA LEU K 154 -21.83 13.76 45.57
C LEU K 154 -20.89 14.87 45.11
N TYR K 155 -20.33 15.61 46.06
CA TYR K 155 -19.42 16.69 45.72
C TYR K 155 -18.14 16.18 45.08
N LEU K 156 -17.59 15.10 45.62
CA LEU K 156 -16.36 14.54 45.06
C LEU K 156 -16.57 14.20 43.59
N GLY K 157 -17.67 13.53 43.28
CA GLY K 157 -17.96 13.18 41.91
C GLY K 157 -18.06 14.44 41.07
N LYS K 158 -18.82 15.42 41.55
CA LYS K 158 -18.97 16.66 40.81
C LYS K 158 -17.62 17.34 40.56
N ARG K 159 -16.76 17.29 41.57
CA ARG K 159 -15.45 17.94 41.48
C ARG K 159 -14.54 17.21 40.52
N SER K 160 -14.60 15.89 40.54
CA SER K 160 -13.77 15.06 39.66
C SER K 160 -14.10 15.28 38.18
N ILE K 161 -15.38 15.48 37.88
CA ILE K 161 -15.76 15.74 36.51
C ILE K 161 -15.25 17.13 36.15
N LEU K 162 -15.37 18.06 37.09
CA LEU K 162 -14.89 19.43 36.88
C LEU K 162 -13.42 19.45 36.51
N ALA K 163 -12.61 18.66 37.24
CA ALA K 163 -11.18 18.61 36.96
C ALA K 163 -10.97 18.20 35.50
N ALA K 164 -11.68 17.16 35.07
CA ALA K 164 -11.58 16.67 33.71
C ALA K 164 -12.12 17.70 32.71
N ALA K 165 -13.27 18.28 33.01
CA ALA K 165 -13.85 19.26 32.08
C ALA K 165 -12.88 20.39 31.81
N HIS K 166 -12.04 20.70 32.80
CA HIS K 166 -11.08 21.79 32.69
C HIS K 166 -9.88 21.49 31.81
N ARG K 167 -9.28 20.33 32.02
CA ARG K 167 -8.09 19.93 31.27
C ARG K 167 -8.31 19.25 29.91
N ASP K 168 -9.34 18.42 29.82
CA ASP K 168 -9.65 17.69 28.60
C ASP K 168 -10.51 18.51 27.65
N ALA K 169 -9.97 18.78 26.47
CA ALA K 169 -10.68 19.56 25.46
C ALA K 169 -11.97 18.87 25.05
N TYR K 170 -12.01 17.54 25.14
CA TYR K 170 -13.19 16.79 24.74
C TYR K 170 -14.19 16.53 25.87
N SER K 171 -14.01 17.25 26.97
CA SER K 171 -14.90 17.15 28.11
C SER K 171 -15.35 18.54 28.54
N GLY K 172 -16.55 18.62 29.10
CA GLY K 172 -17.07 19.89 29.55
C GLY K 172 -18.57 20.05 29.40
N GLY K 173 -19.02 21.30 29.35
CA GLY K 173 -20.44 21.58 29.23
C GLY K 173 -21.06 21.73 30.61
N SER K 174 -21.54 20.61 31.16
CA SER K 174 -22.15 20.63 32.48
C SER K 174 -21.96 19.28 33.15
N VAL K 175 -22.26 19.21 34.43
CA VAL K 175 -22.12 17.98 35.17
C VAL K 175 -23.50 17.46 35.55
N ASN K 176 -23.71 16.15 35.39
CA ASN K 176 -24.96 15.51 35.75
C ASN K 176 -24.67 14.52 36.87
N LEU K 177 -25.33 14.73 38.01
CA LEU K 177 -25.15 13.88 39.19
C LEU K 177 -26.27 12.91 39.46
N TYR K 178 -25.91 11.78 40.08
CA TYR K 178 -26.87 10.77 40.43
C TYR K 178 -26.43 10.05 41.70
N HIS K 179 -27.39 9.73 42.55
CA HIS K 179 -27.13 8.99 43.77
C HIS K 179 -27.97 7.74 43.64
N VAL K 180 -27.35 6.58 43.85
CA VAL K 180 -28.07 5.33 43.73
C VAL K 180 -28.21 4.64 45.08
N THR K 181 -29.46 4.49 45.50
CA THR K 181 -29.81 3.84 46.77
C THR K 181 -30.62 2.61 46.42
N GLU K 182 -30.70 1.66 47.36
CA GLU K 182 -31.45 0.44 47.13
C GLU K 182 -32.89 0.70 46.70
N ASP K 183 -33.44 1.84 47.08
CA ASP K 183 -34.82 2.16 46.72
C ASP K 183 -34.90 2.84 45.36
N GLY K 184 -33.74 3.00 44.74
CA GLY K 184 -33.67 3.63 43.43
C GLY K 184 -32.63 4.73 43.37
N TRP K 185 -32.48 5.33 42.20
CA TRP K 185 -31.52 6.40 42.01
C TRP K 185 -32.24 7.73 42.20
N ILE K 186 -31.48 8.75 42.58
CA ILE K 186 -32.04 10.07 42.77
C ILE K 186 -31.17 11.03 41.97
N TYR K 187 -31.82 11.79 41.08
CA TYR K 187 -31.10 12.76 40.26
C TYR K 187 -30.69 13.92 41.15
N HIS K 188 -29.47 14.41 40.95
CA HIS K 188 -28.97 15.52 41.74
C HIS K 188 -28.56 16.72 40.92
N GLY K 189 -29.34 16.99 39.87
CA GLY K 189 -29.11 18.16 39.05
C GLY K 189 -28.08 18.24 37.94
N ASN K 190 -28.15 19.35 37.22
CA ASN K 190 -27.28 19.65 36.12
C ASN K 190 -26.51 20.92 36.43
N HIS K 191 -25.20 20.76 36.57
CA HIS K 191 -24.33 21.88 36.92
C HIS K 191 -23.44 22.35 35.80
N ASP K 192 -23.79 23.49 35.21
CA ASP K 192 -23.01 24.07 34.12
C ASP K 192 -21.57 24.27 34.57
N VAL K 193 -20.64 23.70 33.82
CA VAL K 193 -19.22 23.80 34.16
C VAL K 193 -18.78 25.25 34.18
N GLY K 194 -19.33 26.03 33.26
CA GLY K 194 -18.99 27.44 33.21
C GLY K 194 -19.09 27.99 34.62
N GLU K 195 -20.31 28.18 35.10
CA GLU K 195 -20.54 28.72 36.44
C GLU K 195 -19.90 27.90 37.56
N LEU K 196 -19.95 26.58 37.45
CA LEU K 196 -19.38 25.73 38.48
C LEU K 196 -17.91 25.97 38.74
N PHE K 197 -17.15 26.23 37.68
CA PHE K 197 -15.70 26.45 37.78
C PHE K 197 -15.34 27.67 38.63
N TRP K 198 -15.92 28.82 38.30
CA TRP K 198 -15.66 30.04 39.06
C TRP K 198 -16.07 29.85 40.52
N LYS K 199 -17.26 29.30 40.73
CA LYS K 199 -17.76 29.06 42.07
C LYS K 199 -16.78 28.19 42.85
N VAL K 200 -16.46 27.02 42.32
CA VAL K 200 -15.54 26.11 42.99
C VAL K 200 -14.20 26.77 43.22
N LYS K 201 -13.73 27.54 42.24
CA LYS K 201 -12.44 28.19 42.37
C LYS K 201 -12.40 29.07 43.61
N GLU K 202 -13.34 30.01 43.69
CA GLU K 202 -13.43 30.93 44.81
C GLU K 202 -13.57 30.22 46.15
N GLU K 203 -14.61 29.41 46.29
CA GLU K 203 -14.87 28.71 47.53
C GLU K 203 -13.78 27.73 47.97
N GLU K 204 -13.15 27.07 47.01
CA GLU K 204 -12.15 26.06 47.31
C GLU K 204 -10.70 26.59 47.33
N GLY K 205 -10.42 27.59 46.49
CA GLY K 205 -9.07 28.16 46.44
C GLY K 205 -8.18 27.46 45.44
N SER K 206 -8.73 26.43 44.81
CA SER K 206 -8.00 25.66 43.80
C SER K 206 -8.04 26.40 42.46
N PHE K 207 -7.41 25.80 41.46
CA PHE K 207 -7.33 26.40 40.12
C PHE K 207 -6.73 27.77 40.27
N ASN K 208 -5.70 27.82 41.09
CA ASN K 208 -5.00 29.07 41.35
C ASN K 208 -4.33 29.61 40.10
N ASN K 209 -3.91 28.71 39.21
CA ASN K 209 -3.26 29.10 37.97
C ASN K 209 -4.18 29.88 37.01
N VAL K 210 -5.48 29.71 37.13
CA VAL K 210 -6.40 30.42 36.25
C VAL K 210 -6.75 31.79 36.85
N ILE K 211 -6.67 32.84 36.03
CA ILE K 211 -6.99 34.19 36.49
C ILE K 211 -8.49 34.43 36.47
N GLY K 212 -9.07 34.67 37.65
CA GLY K 212 -10.50 34.90 37.74
C GLY K 212 -10.91 36.27 38.25
N GLN L 1 -12.82 2.37 -7.46
CA GLN L 1 -13.86 1.48 -6.88
C GLN L 1 -15.16 2.28 -6.68
N PHE L 2 -16.28 1.59 -6.58
CA PHE L 2 -17.58 2.25 -6.40
C PHE L 2 -17.81 2.79 -4.99
N ASN L 3 -18.14 4.08 -4.91
CA ASN L 3 -18.41 4.76 -3.65
C ASN L 3 -19.93 4.94 -3.60
N PRO L 4 -20.58 4.25 -2.65
CA PRO L 4 -22.04 4.29 -2.47
C PRO L 4 -22.56 5.59 -1.92
N TYR L 5 -21.67 6.50 -1.55
CA TYR L 5 -22.07 7.79 -0.99
C TYR L 5 -21.73 9.03 -1.80
N GLY L 6 -22.47 10.10 -1.55
CA GLY L 6 -22.24 11.36 -2.22
C GLY L 6 -22.64 12.45 -1.25
N ASP L 7 -22.34 13.71 -1.57
CA ASP L 7 -22.72 14.83 -0.71
C ASP L 7 -23.49 15.86 -1.54
N ASN L 8 -24.75 16.08 -1.19
CA ASN L 8 -25.57 17.04 -1.91
C ASN L 8 -25.60 18.43 -1.29
N GLY L 9 -24.74 18.66 -0.30
CA GLY L 9 -24.69 19.96 0.33
C GLY L 9 -25.89 20.32 1.17
N GLY L 10 -26.31 21.58 1.10
CA GLY L 10 -27.48 22.00 1.86
C GLY L 10 -27.24 22.21 3.35
N THR L 11 -28.14 22.97 3.96
CA THR L 11 -28.06 23.27 5.40
C THR L 11 -29.51 23.39 5.91
N ILE L 12 -29.75 22.88 7.11
CA ILE L 12 -31.09 22.93 7.70
C ILE L 12 -31.04 23.42 9.13
N LEU L 13 -32.12 24.08 9.58
CA LEU L 13 -32.17 24.63 10.92
C LEU L 13 -33.52 24.37 11.60
N GLY L 14 -33.46 23.96 12.86
CA GLY L 14 -34.69 23.70 13.60
C GLY L 14 -34.71 24.44 14.93
N ILE L 15 -35.74 25.23 15.15
CA ILE L 15 -35.86 25.96 16.40
C ILE L 15 -37.22 25.72 17.05
N ALA L 16 -37.19 25.41 18.34
CA ALA L 16 -38.40 25.14 19.10
C ALA L 16 -38.86 26.34 19.91
N GLY L 17 -40.06 26.83 19.59
CA GLY L 17 -40.63 27.95 20.30
C GLY L 17 -41.40 27.43 21.49
N GLU L 18 -41.96 28.33 22.30
CA GLU L 18 -42.71 27.89 23.47
C GLU L 18 -43.93 27.04 23.08
N ASP L 19 -44.62 27.44 22.03
CA ASP L 19 -45.80 26.71 21.60
C ASP L 19 -45.85 26.57 20.08
N PHE L 20 -44.67 26.61 19.47
CA PHE L 20 -44.53 26.49 18.02
C PHE L 20 -43.12 25.97 17.76
N ALA L 21 -42.85 25.55 16.52
CA ALA L 21 -41.53 25.06 16.17
C ALA L 21 -41.34 25.25 14.68
N VAL L 22 -40.13 25.59 14.27
CA VAL L 22 -39.85 25.77 12.85
C VAL L 22 -38.72 24.85 12.41
N LEU L 23 -38.75 24.47 11.14
CA LEU L 23 -37.71 23.65 10.55
C LEU L 23 -37.47 24.23 9.17
N ALA L 24 -36.30 24.83 8.97
CA ALA L 24 -35.97 25.45 7.70
C ALA L 24 -34.78 24.79 7.01
N GLY L 25 -34.63 25.08 5.73
CA GLY L 25 -33.53 24.52 4.96
C GLY L 25 -33.43 25.20 3.60
N ASP L 26 -32.21 25.41 3.12
CA ASP L 26 -32.05 26.04 1.80
C ASP L 26 -32.59 25.07 0.77
N THR L 27 -32.81 25.53 -0.45
CA THR L 27 -33.35 24.64 -1.47
C THR L 27 -32.34 24.32 -2.56
N ARG L 28 -31.07 24.56 -2.28
CA ARG L 28 -30.02 24.26 -3.24
C ARG L 28 -29.53 22.84 -3.05
N ASN L 29 -29.36 22.13 -4.17
CA ASN L 29 -28.88 20.75 -4.18
C ASN L 29 -27.64 20.77 -5.07
N ILE L 30 -26.50 20.36 -4.52
CA ILE L 30 -25.25 20.39 -5.28
C ILE L 30 -24.49 19.08 -5.39
N THR L 31 -23.50 19.08 -6.27
CA THR L 31 -22.60 17.95 -6.48
C THR L 31 -21.28 18.61 -6.80
N ASP L 32 -20.35 18.54 -5.88
CA ASP L 32 -19.06 19.16 -6.10
C ASP L 32 -19.24 20.67 -6.32
N TYR L 33 -18.85 21.16 -7.48
CA TYR L 33 -18.97 22.59 -7.80
C TYR L 33 -20.16 22.92 -8.69
N SER L 34 -21.03 21.95 -8.95
CA SER L 34 -22.20 22.18 -9.78
C SER L 34 -23.48 22.20 -8.98
N ILE L 35 -24.45 22.96 -9.48
CA ILE L 35 -25.74 23.07 -8.86
C ILE L 35 -26.66 22.13 -9.62
N ASN L 36 -27.34 21.23 -8.92
CA ASN L 36 -28.25 20.28 -9.55
C ASN L 36 -29.63 20.90 -9.66
N SER L 37 -30.00 21.66 -8.64
CA SER L 37 -31.28 22.33 -8.63
C SER L 37 -31.24 23.51 -7.66
N ARG L 38 -31.90 24.59 -8.04
CA ARG L 38 -31.95 25.78 -7.19
C ARG L 38 -33.16 25.64 -6.29
N TYR L 39 -34.03 24.68 -6.63
CA TYR L 39 -35.22 24.42 -5.83
C TYR L 39 -35.56 22.94 -5.77
N GLU L 40 -35.14 22.30 -4.69
CA GLU L 40 -35.40 20.88 -4.45
C GLU L 40 -35.70 20.76 -2.96
N PRO L 41 -36.99 20.85 -2.59
CA PRO L 41 -37.44 20.76 -1.20
C PRO L 41 -36.69 19.71 -0.40
N LYS L 42 -36.39 20.03 0.84
CA LYS L 42 -35.61 19.12 1.67
C LYS L 42 -36.24 18.93 3.06
N VAL L 43 -37.23 19.76 3.38
CA VAL L 43 -37.95 19.69 4.64
C VAL L 43 -39.37 19.28 4.29
N PHE L 44 -39.84 18.18 4.89
CA PHE L 44 -41.18 17.65 4.58
C PHE L 44 -42.18 17.54 5.73
N ASP L 45 -43.46 17.67 5.39
CA ASP L 45 -44.57 17.54 6.32
C ASP L 45 -44.92 16.04 6.28
N CYS L 46 -44.71 15.35 7.41
CA CYS L 46 -44.97 13.91 7.44
C CYS L 46 -46.28 13.47 8.07
N GLY L 47 -47.20 14.40 8.27
CA GLY L 47 -48.46 14.05 8.88
C GLY L 47 -48.35 14.14 10.38
N ASP L 48 -49.49 13.99 11.07
CA ASP L 48 -49.51 14.07 12.53
C ASP L 48 -48.74 15.25 13.10
N ASN L 49 -48.70 16.35 12.35
CA ASN L 49 -48.03 17.57 12.79
C ASN L 49 -46.53 17.39 13.05
N ILE L 50 -45.87 16.64 12.17
CA ILE L 50 -44.45 16.39 12.30
C ILE L 50 -43.73 16.74 11.01
N VAL L 51 -42.70 17.59 11.12
CA VAL L 51 -41.90 17.98 9.95
C VAL L 51 -40.52 17.37 10.15
N MET L 52 -39.94 16.91 9.06
CA MET L 52 -38.64 16.27 9.11
C MET L 52 -37.74 16.58 7.92
N SER L 53 -36.44 16.47 8.17
CA SER L 53 -35.44 16.70 7.13
C SER L 53 -34.21 15.86 7.45
N ALA L 54 -33.71 15.17 6.43
CA ALA L 54 -32.52 14.32 6.56
C ALA L 54 -31.52 14.89 5.57
N ASN L 55 -30.62 15.73 6.06
CA ASN L 55 -29.63 16.38 5.23
C ASN L 55 -28.30 15.62 5.11
N GLY L 56 -27.64 15.77 3.96
CA GLY L 56 -26.38 15.08 3.73
C GLY L 56 -26.38 14.43 2.36
N PHE L 57 -26.49 13.11 2.33
CA PHE L 57 -26.52 12.37 1.07
C PHE L 57 -28.00 12.19 0.70
N ALA L 58 -28.45 13.01 -0.24
CA ALA L 58 -29.86 13.02 -0.67
C ALA L 58 -30.54 11.69 -0.88
N ALA L 59 -29.89 10.76 -1.56
CA ALA L 59 -30.51 9.46 -1.80
C ALA L 59 -30.88 8.83 -0.45
N ASP L 60 -29.99 8.96 0.52
CA ASP L 60 -30.24 8.42 1.85
C ASP L 60 -31.32 9.25 2.56
N GLY L 61 -31.21 10.56 2.46
CA GLY L 61 -32.21 11.41 3.10
C GLY L 61 -33.61 11.13 2.58
N ASP L 62 -33.74 10.91 1.28
CA ASP L 62 -35.04 10.63 0.70
C ASP L 62 -35.61 9.30 1.17
N ALA L 63 -34.76 8.27 1.17
CA ALA L 63 -35.19 6.96 1.61
C ALA L 63 -35.68 7.02 3.06
N LEU L 64 -34.91 7.69 3.92
CA LEU L 64 -35.29 7.78 5.31
C LEU L 64 -36.67 8.45 5.48
N VAL L 65 -36.83 9.65 4.92
CA VAL L 65 -38.11 10.36 5.01
C VAL L 65 -39.24 9.48 4.50
N LYS L 66 -39.05 8.91 3.32
CA LYS L 66 -40.02 8.04 2.69
C LYS L 66 -40.37 6.86 3.61
N ARG L 67 -39.33 6.29 4.23
CA ARG L 67 -39.52 5.17 5.13
C ARG L 67 -40.26 5.60 6.39
N PHE L 68 -39.98 6.80 6.87
CA PHE L 68 -40.66 7.28 8.09
C PHE L 68 -42.12 7.62 7.85
N LYS L 69 -42.41 8.25 6.71
CA LYS L 69 -43.78 8.60 6.38
C LYS L 69 -44.58 7.32 6.33
N ASN L 70 -43.97 6.28 5.77
CA ASN L 70 -44.67 5.02 5.65
C ASN L 70 -44.87 4.42 7.04
N SER L 71 -43.99 4.76 7.97
CA SER L 71 -44.08 4.26 9.33
C SER L 71 -45.28 4.90 10.02
N VAL L 72 -45.48 6.18 9.78
CA VAL L 72 -46.62 6.91 10.34
C VAL L 72 -47.91 6.27 9.81
N LYS L 73 -47.92 5.98 8.51
CA LYS L 73 -49.07 5.36 7.88
C LYS L 73 -49.45 4.08 8.61
N TRP L 74 -48.49 3.18 8.78
CA TRP L 74 -48.79 1.93 9.47
C TRP L 74 -49.10 2.13 10.94
N TYR L 75 -48.52 3.14 11.55
CA TYR L 75 -48.81 3.39 12.96
C TYR L 75 -50.31 3.51 13.08
N HIS L 76 -50.92 4.30 12.20
CA HIS L 76 -52.36 4.48 12.19
C HIS L 76 -53.04 3.13 11.96
N PHE L 77 -52.65 2.43 10.91
CA PHE L 77 -53.23 1.12 10.59
C PHE L 77 -53.21 0.16 11.78
N ASP L 78 -52.10 0.12 12.51
CA ASP L 78 -51.97 -0.80 13.63
C ASP L 78 -52.41 -0.31 14.99
N HIS L 79 -52.65 0.99 15.15
CA HIS L 79 -53.07 1.45 16.45
C HIS L 79 -54.29 2.36 16.43
N ASN L 80 -55.32 1.89 15.73
CA ASN L 80 -56.57 2.62 15.63
C ASN L 80 -56.32 4.10 15.46
N ASP L 81 -55.80 4.48 14.30
CA ASP L 81 -55.53 5.88 13.96
C ASP L 81 -54.97 6.78 15.06
N LYS L 82 -54.29 6.20 16.04
CA LYS L 82 -53.70 7.00 17.11
C LYS L 82 -52.69 7.99 16.51
N LYS L 83 -52.53 9.14 17.15
CA LYS L 83 -51.59 10.12 16.67
C LYS L 83 -50.20 9.75 17.13
N LEU L 84 -49.22 9.97 16.25
CA LEU L 84 -47.84 9.67 16.57
C LEU L 84 -47.23 10.90 17.24
N SER L 85 -47.04 10.83 18.54
CA SER L 85 -46.45 11.94 19.26
C SER L 85 -45.01 12.06 18.82
N ILE L 86 -44.53 13.29 18.74
CA ILE L 86 -43.18 13.56 18.31
C ILE L 86 -42.10 12.81 19.09
N ASN L 87 -42.35 12.51 20.35
CA ASN L 87 -41.36 11.78 21.14
C ASN L 87 -41.33 10.33 20.65
N SER L 88 -42.48 9.84 20.19
CA SER L 88 -42.58 8.49 19.70
C SER L 88 -42.00 8.40 18.29
N ALA L 89 -42.17 9.45 17.51
CA ALA L 89 -41.63 9.48 16.16
C ALA L 89 -40.11 9.43 16.31
N ALA L 90 -39.60 10.16 17.29
CA ALA L 90 -38.17 10.22 17.55
C ALA L 90 -37.59 8.84 17.85
N ARG L 91 -38.22 8.08 18.74
CA ARG L 91 -37.70 6.75 19.08
C ARG L 91 -37.79 5.85 17.86
N ASN L 92 -38.84 6.05 17.08
CA ASN L 92 -39.05 5.26 15.88
C ASN L 92 -37.88 5.50 14.91
N ILE L 93 -37.61 6.76 14.63
CA ILE L 93 -36.53 7.12 13.72
C ILE L 93 -35.19 6.56 14.22
N GLN L 94 -34.97 6.56 15.53
CA GLN L 94 -33.73 6.04 16.05
C GLN L 94 -33.53 4.61 15.58
N HIS L 95 -34.61 3.82 15.62
CA HIS L 95 -34.54 2.43 15.21
C HIS L 95 -34.38 2.29 13.70
N LEU L 96 -34.96 3.22 12.94
CA LEU L 96 -34.84 3.17 11.49
C LEU L 96 -33.37 3.37 11.14
N LEU L 97 -32.75 4.33 11.81
CA LEU L 97 -31.35 4.63 11.57
C LEU L 97 -30.41 3.56 12.10
N TYR L 98 -30.65 3.08 13.31
CA TYR L 98 -29.77 2.07 13.86
C TYR L 98 -29.86 0.75 13.12
N GLY L 99 -30.93 0.59 12.36
CA GLY L 99 -31.09 -0.64 11.60
C GLY L 99 -30.01 -0.76 10.56
N LYS L 100 -29.45 0.38 10.14
CA LYS L 100 -28.39 0.42 9.14
C LYS L 100 -27.07 0.86 9.78
N ARG L 101 -26.87 0.47 11.03
CA ARG L 101 -25.68 0.80 11.79
C ARG L 101 -24.39 0.43 11.07
N PHE L 102 -24.43 -0.59 10.22
CA PHE L 102 -23.23 -1.01 9.53
C PHE L 102 -23.16 -0.70 8.04
N PHE L 103 -24.02 0.23 7.62
CA PHE L 103 -24.13 0.73 6.26
C PHE L 103 -25.17 1.83 6.42
N PRO L 104 -24.82 2.86 7.20
CA PRO L 104 -25.61 4.04 7.55
C PRO L 104 -26.19 4.91 6.47
N TYR L 105 -27.26 5.57 6.85
CA TYR L 105 -27.92 6.56 6.02
C TYR L 105 -27.00 7.73 6.32
N TYR L 106 -26.28 8.22 5.32
CA TYR L 106 -25.35 9.32 5.54
C TYR L 106 -26.11 10.64 5.61
N VAL L 107 -26.85 10.82 6.69
CA VAL L 107 -27.62 12.05 6.89
C VAL L 107 -27.64 12.48 8.33
N HIS L 108 -27.95 13.76 8.52
CA HIS L 108 -28.09 14.37 9.83
C HIS L 108 -29.56 14.69 9.76
N THR L 109 -30.36 14.04 10.60
CA THR L 109 -31.78 14.28 10.53
C THR L 109 -32.34 15.06 11.71
N ILE L 110 -33.31 15.92 11.42
CA ILE L 110 -33.95 16.75 12.43
C ILE L 110 -35.45 16.74 12.20
N ILE L 111 -36.21 16.61 13.29
CA ILE L 111 -37.67 16.67 13.18
C ILE L 111 -38.19 17.73 14.15
N ALA L 112 -39.31 18.34 13.79
CA ALA L 112 -39.91 19.38 14.62
C ALA L 112 -41.41 19.20 14.74
N GLY L 113 -41.95 19.70 15.85
CA GLY L 113 -43.38 19.61 16.11
C GLY L 113 -43.70 20.12 17.50
N LEU L 114 -44.76 19.59 18.09
CA LEU L 114 -45.17 19.99 19.42
C LEU L 114 -45.22 18.73 20.25
N ASP L 115 -44.78 18.80 21.50
CA ASP L 115 -44.83 17.62 22.35
C ASP L 115 -46.27 17.42 22.82
N GLU L 116 -46.46 16.49 23.75
CA GLU L 116 -47.80 16.21 24.23
C GLU L 116 -48.43 17.27 25.13
N ASP L 117 -47.69 18.32 25.45
CA ASP L 117 -48.19 19.40 26.29
C ASP L 117 -48.39 20.65 25.45
N GLY L 118 -48.21 20.50 24.13
CA GLY L 118 -48.37 21.61 23.22
C GLY L 118 -47.12 22.48 23.09
N LYS L 119 -46.05 22.11 23.80
CA LYS L 119 -44.81 22.89 23.75
C LYS L 119 -44.02 22.57 22.49
N GLY L 120 -43.28 23.57 21.98
CA GLY L 120 -42.49 23.38 20.78
C GLY L 120 -41.40 22.35 21.02
N ALA L 121 -41.10 21.54 19.99
CA ALA L 121 -40.08 20.51 20.13
C ALA L 121 -39.25 20.17 18.88
N VAL L 122 -37.95 20.03 19.10
CA VAL L 122 -37.01 19.68 18.05
C VAL L 122 -36.17 18.51 18.51
N TYR L 123 -35.93 17.57 17.60
CA TYR L 123 -35.12 16.40 17.87
C TYR L 123 -34.09 16.29 16.74
N SER L 124 -32.82 16.14 17.09
CA SER L 124 -31.80 16.02 16.06
C SER L 124 -31.18 14.64 16.21
N PHE L 125 -30.96 14.00 15.07
CA PHE L 125 -30.39 12.67 15.04
C PHE L 125 -29.02 12.59 14.42
N ASP L 126 -28.34 11.52 14.83
CA ASP L 126 -27.00 11.12 14.46
C ASP L 126 -27.17 10.26 13.20
N PRO L 127 -26.12 10.12 12.37
CA PRO L 127 -26.33 9.27 11.20
C PRO L 127 -26.70 7.83 11.62
N VAL L 128 -26.22 7.39 12.78
CA VAL L 128 -26.53 6.04 13.20
C VAL L 128 -27.56 5.90 14.34
N GLY L 129 -28.41 6.90 14.50
CA GLY L 129 -29.45 6.76 15.51
C GLY L 129 -29.38 7.47 16.84
N SER L 130 -28.23 8.03 17.19
CA SER L 130 -28.11 8.74 18.44
C SER L 130 -29.05 9.96 18.35
N TYR L 131 -29.82 10.24 19.39
CA TYR L 131 -30.73 11.40 19.32
C TYR L 131 -30.93 12.13 20.64
N GLU L 132 -31.39 13.37 20.55
CA GLU L 132 -31.58 14.22 21.72
C GLU L 132 -32.63 15.29 21.43
N ARG L 133 -33.44 15.65 22.43
CA ARG L 133 -34.41 16.72 22.21
C ARG L 133 -33.60 17.98 22.46
N GLU L 134 -33.76 18.97 21.60
CA GLU L 134 -32.99 20.20 21.72
C GLU L 134 -33.83 21.46 21.49
N GLN L 135 -33.26 22.61 21.83
CA GLN L 135 -33.94 23.89 21.67
C GLN L 135 -33.87 24.31 20.21
N CYS L 136 -32.65 24.28 19.67
CA CYS L 136 -32.45 24.62 18.27
C CYS L 136 -31.20 23.91 17.80
N ARG L 137 -31.22 23.50 16.53
CA ARG L 137 -30.10 22.77 15.95
C ARG L 137 -30.00 22.98 14.45
N ALA L 138 -28.81 23.36 14.01
CA ALA L 138 -28.52 23.55 12.61
C ALA L 138 -27.82 22.28 12.18
N GLY L 139 -28.08 21.85 10.95
CA GLY L 139 -27.45 20.64 10.45
C GLY L 139 -27.01 20.80 9.01
N GLY L 140 -25.88 20.19 8.67
CA GLY L 140 -25.41 20.29 7.30
C GLY L 140 -24.21 21.17 7.09
N ALA L 141 -24.02 21.54 5.82
CA ALA L 141 -22.89 22.35 5.39
C ALA L 141 -22.50 23.55 6.25
N ALA L 142 -23.43 24.48 6.50
CA ALA L 142 -23.11 25.67 7.30
C ALA L 142 -23.41 25.57 8.80
N ALA L 143 -23.64 24.35 9.28
CA ALA L 143 -23.94 24.15 10.69
C ALA L 143 -22.96 24.84 11.63
N SER L 144 -21.67 24.78 11.32
CA SER L 144 -20.65 25.40 12.15
C SER L 144 -20.72 26.93 12.13
N LEU L 145 -21.28 27.49 11.08
CA LEU L 145 -21.39 28.94 10.99
C LEU L 145 -22.63 29.43 11.73
N ILE L 146 -23.66 28.60 11.81
CA ILE L 146 -24.90 28.99 12.46
C ILE L 146 -25.05 28.71 13.95
N MET L 147 -24.59 27.56 14.42
CA MET L 147 -24.73 27.25 15.84
C MET L 147 -24.19 28.30 16.80
N PRO L 148 -22.97 28.81 16.55
CA PRO L 148 -22.42 29.82 17.46
C PRO L 148 -23.39 30.99 17.59
N PHE L 149 -23.91 31.42 16.45
CA PHE L 149 -24.85 32.53 16.36
C PHE L 149 -26.07 32.27 17.24
N LEU L 150 -26.66 31.10 17.05
CA LEU L 150 -27.82 30.70 17.82
C LEU L 150 -27.53 30.60 19.31
N ASP L 151 -26.35 30.14 19.71
CA ASP L 151 -26.04 30.07 21.12
C ASP L 151 -26.08 31.48 21.72
N ASN L 152 -25.65 32.45 20.94
CA ASN L 152 -25.58 33.84 21.37
C ASN L 152 -26.94 34.54 21.34
N GLN L 153 -27.65 34.43 20.22
CA GLN L 153 -28.92 35.12 20.06
C GLN L 153 -30.18 34.41 20.50
N VAL L 154 -30.08 33.12 20.83
CA VAL L 154 -31.27 32.39 21.26
C VAL L 154 -31.17 32.00 22.73
N ASN L 155 -29.99 31.60 23.16
CA ASN L 155 -29.80 31.22 24.56
C ASN L 155 -28.99 32.27 25.29
N PHE L 156 -28.82 33.42 24.64
CA PHE L 156 -28.08 34.56 25.20
C PHE L 156 -26.78 34.19 25.89
N LYS L 157 -26.03 33.27 25.30
CA LYS L 157 -24.75 32.85 25.87
C LYS L 157 -23.72 33.98 25.81
N ASN L 158 -22.93 34.09 26.87
CA ASN L 158 -21.89 35.11 26.99
C ASN L 158 -22.40 36.55 27.10
N GLN L 159 -23.71 36.69 27.23
CA GLN L 159 -24.33 38.00 27.37
C GLN L 159 -24.78 38.23 28.81
N TYR L 160 -24.29 39.31 29.42
CA TYR L 160 -24.65 39.66 30.79
C TYR L 160 -25.38 41.00 30.88
N GLU L 161 -25.87 41.30 32.08
CA GLU L 161 -26.59 42.54 32.34
C GLU L 161 -25.64 43.75 32.39
N PRO L 162 -25.84 44.71 31.50
CA PRO L 162 -24.97 45.90 31.48
C PRO L 162 -24.85 46.50 32.87
N GLY L 163 -23.62 46.64 33.36
CA GLY L 163 -23.42 47.22 34.67
C GLY L 163 -23.27 46.24 35.81
N THR L 164 -23.68 44.99 35.61
CA THR L 164 -23.56 44.00 36.68
C THR L 164 -22.17 43.38 36.82
N ASN L 165 -21.24 43.83 35.98
CA ASN L 165 -19.87 43.30 36.02
C ASN L 165 -19.93 41.82 35.66
N GLY L 166 -20.72 41.51 34.63
CA GLY L 166 -20.86 40.13 34.20
C GLY L 166 -21.27 39.20 35.33
N LYS L 167 -21.88 39.76 36.36
CA LYS L 167 -22.33 38.99 37.51
C LYS L 167 -23.77 38.52 37.36
N VAL L 168 -24.50 39.16 36.45
CA VAL L 168 -25.90 38.80 36.21
C VAL L 168 -26.11 38.46 34.75
N LYS L 169 -26.52 37.23 34.47
CA LYS L 169 -26.75 36.80 33.08
C LYS L 169 -27.99 37.44 32.49
N LYS L 170 -27.93 37.71 31.19
CA LYS L 170 -29.08 38.30 30.51
C LYS L 170 -30.20 37.28 30.60
N PRO L 171 -31.36 37.67 31.16
CA PRO L 171 -32.54 36.79 31.30
C PRO L 171 -32.97 36.11 30.01
N LEU L 172 -33.35 34.83 30.12
CA LEU L 172 -33.78 34.04 28.98
C LEU L 172 -35.22 34.22 28.48
N LYS L 173 -35.69 35.46 28.39
CA LYS L 173 -37.05 35.72 27.89
C LYS L 173 -37.20 35.00 26.57
N TYR L 174 -38.32 34.31 26.34
CA TYR L 174 -38.45 33.59 25.08
C TYR L 174 -39.13 34.26 23.91
N LEU L 175 -38.56 33.98 22.74
CA LEU L 175 -38.95 34.52 21.45
C LEU L 175 -40.27 34.04 20.86
N SER L 176 -40.86 34.91 20.05
CA SER L 176 -42.11 34.63 19.36
C SER L 176 -41.74 34.05 18.02
N VAL L 177 -42.73 33.56 17.28
CA VAL L 177 -42.45 32.97 15.98
C VAL L 177 -41.87 34.01 15.02
N GLU L 178 -42.32 35.26 15.12
CA GLU L 178 -41.82 36.32 14.24
C GLU L 178 -40.36 36.62 14.48
N GLU L 179 -39.95 36.58 15.75
CA GLU L 179 -38.56 36.88 16.11
C GLU L 179 -37.67 35.70 15.69
N VAL L 180 -38.22 34.49 15.79
CA VAL L 180 -37.47 33.29 15.42
C VAL L 180 -37.27 33.27 13.91
N ILE L 181 -38.28 33.65 13.15
CA ILE L 181 -38.14 33.67 11.69
C ILE L 181 -37.03 34.63 11.27
N LYS L 182 -36.89 35.74 12.00
CA LYS L 182 -35.85 36.72 11.70
C LYS L 182 -34.47 36.11 11.89
N LEU L 183 -34.29 35.44 13.02
CA LEU L 183 -33.01 34.79 13.31
C LEU L 183 -32.71 33.75 12.23
N VAL L 184 -33.73 32.99 11.85
CA VAL L 184 -33.56 31.97 10.82
C VAL L 184 -33.07 32.62 9.53
N ARG L 185 -33.80 33.63 9.05
CA ARG L 185 -33.42 34.32 7.82
C ARG L 185 -32.02 34.92 7.87
N ASP L 186 -31.70 35.60 8.97
CA ASP L 186 -30.37 36.17 9.09
C ASP L 186 -29.35 35.04 9.09
N SER L 187 -29.67 33.94 9.77
CA SER L 187 -28.75 32.80 9.83
C SER L 187 -28.39 32.29 8.44
N PHE L 188 -29.37 32.30 7.54
CA PHE L 188 -29.13 31.81 6.20
C PHE L 188 -28.49 32.79 5.27
N THR L 189 -28.84 34.07 5.40
CA THR L 189 -28.23 35.05 4.51
C THR L 189 -26.75 35.14 4.87
N SER L 190 -26.44 34.95 6.15
CA SER L 190 -25.04 34.96 6.57
C SER L 190 -24.37 33.72 6.02
N ALA L 191 -24.99 32.57 6.23
CA ALA L 191 -24.42 31.33 5.74
C ALA L 191 -24.22 31.40 4.23
N THR L 192 -25.17 32.02 3.53
CA THR L 192 -25.09 32.16 2.08
C THR L 192 -23.87 32.97 1.63
N GLU L 193 -23.47 33.95 2.43
CA GLU L 193 -22.32 34.79 2.14
C GLU L 193 -20.97 34.05 2.27
N ARG L 194 -20.87 33.16 3.25
CA ARG L 194 -19.61 32.46 3.50
C ARG L 194 -19.47 31.01 3.07
N HIS L 195 -20.57 30.36 2.73
CA HIS L 195 -20.51 28.96 2.32
C HIS L 195 -21.01 28.81 0.87
N ILE L 196 -20.20 28.19 0.03
CA ILE L 196 -20.54 28.03 -1.39
C ILE L 196 -21.67 27.03 -1.67
N GLN L 197 -22.04 26.24 -0.66
CA GLN L 197 -23.11 25.27 -0.87
C GLN L 197 -24.47 25.78 -0.39
N VAL L 198 -24.49 26.98 0.18
CA VAL L 198 -25.73 27.54 0.66
C VAL L 198 -26.22 28.71 -0.20
N GLY L 199 -27.48 28.65 -0.61
CA GLY L 199 -28.04 29.71 -1.42
C GLY L 199 -29.30 29.33 -2.19
N ASP L 200 -29.61 30.15 -3.19
CA ASP L 200 -30.79 29.97 -4.03
C ASP L 200 -32.12 30.26 -3.37
N GLY L 201 -32.44 29.51 -2.31
CA GLY L 201 -33.71 29.72 -1.63
C GLY L 201 -33.79 29.13 -0.23
N LEU L 202 -34.70 29.70 0.57
CA LEU L 202 -34.93 29.26 1.95
C LEU L 202 -36.41 28.93 2.12
N GLU L 203 -36.69 27.70 2.54
CA GLU L 203 -38.07 27.29 2.75
C GLU L 203 -38.22 26.94 4.21
N ILE L 204 -39.21 27.52 4.86
CA ILE L 204 -39.44 27.29 6.27
C ILE L 204 -40.80 26.65 6.53
N LEU L 205 -40.84 25.66 7.40
CA LEU L 205 -42.09 25.02 7.77
C LEU L 205 -42.36 25.34 9.24
N ILE L 206 -43.49 25.98 9.51
CA ILE L 206 -43.87 26.35 10.88
C ILE L 206 -44.98 25.45 11.42
N VAL L 207 -44.74 24.90 12.61
CA VAL L 207 -45.70 24.01 13.26
C VAL L 207 -46.32 24.62 14.51
N THR L 208 -47.65 24.65 14.54
CA THR L 208 -48.43 25.17 15.67
C THR L 208 -49.59 24.22 15.90
N LYS L 209 -50.40 24.50 16.93
CA LYS L 209 -51.54 23.65 17.22
C LYS L 209 -52.53 23.65 16.05
N ASP L 210 -52.39 24.63 15.15
CA ASP L 210 -53.27 24.72 14.00
C ASP L 210 -52.73 23.98 12.78
N GLY L 211 -51.57 23.36 12.92
CA GLY L 211 -51.00 22.63 11.81
C GLY L 211 -49.66 23.11 11.28
N VAL L 212 -49.42 22.82 10.00
CA VAL L 212 -48.16 23.14 9.35
C VAL L 212 -48.31 24.23 8.28
N ARG L 213 -47.51 25.28 8.38
CA ARG L 213 -47.51 26.38 7.42
C ARG L 213 -46.13 26.50 6.75
N LYS L 214 -46.08 27.04 5.53
CA LYS L 214 -44.80 27.20 4.81
C LYS L 214 -44.53 28.63 4.35
N GLU L 215 -43.28 29.05 4.49
CA GLU L 215 -42.85 30.37 4.04
C GLU L 215 -41.63 30.19 3.14
N PHE L 216 -41.49 31.05 2.14
CA PHE L 216 -40.34 30.95 1.22
C PHE L 216 -39.67 32.28 0.93
N TYR L 217 -38.34 32.27 0.99
CA TYR L 217 -37.55 33.46 0.73
C TYR L 217 -36.39 33.13 -0.20
N GLU L 218 -36.07 34.06 -1.09
CA GLU L 218 -34.97 33.85 -2.01
C GLU L 218 -33.64 34.08 -1.31
N LEU L 219 -32.60 33.42 -1.83
CA LEU L 219 -31.25 33.57 -1.31
C LEU L 219 -30.37 33.86 -2.53
N LYS L 220 -29.16 34.38 -2.31
CA LYS L 220 -28.27 34.68 -3.42
C LYS L 220 -27.97 33.43 -4.22
N ARG L 221 -27.94 33.57 -5.54
CA ARG L 221 -27.72 32.45 -6.45
C ARG L 221 -26.30 32.21 -6.96
N ASP L 222 -25.31 32.87 -6.37
CA ASP L 222 -23.92 32.69 -6.81
C ASP L 222 -23.16 31.60 -6.04
N THR M 1 -20.01 -4.17 -7.29
CA THR M 1 -19.21 -3.02 -7.76
C THR M 1 -18.59 -3.41 -9.09
N GLN M 2 -18.67 -2.48 -10.03
CA GLN M 2 -18.17 -2.71 -11.36
C GLN M 2 -17.49 -1.47 -11.89
N GLN M 3 -17.18 -1.46 -13.18
CA GLN M 3 -16.58 -0.31 -13.83
C GLN M 3 -17.19 -0.25 -15.21
N PRO M 4 -17.63 0.93 -15.62
CA PRO M 4 -18.23 1.07 -16.95
C PRO M 4 -17.23 0.72 -18.04
N ILE M 5 -17.72 0.22 -19.17
CA ILE M 5 -16.84 -0.12 -20.28
C ILE M 5 -17.23 0.72 -21.51
N VAL M 6 -18.36 0.39 -22.12
CA VAL M 6 -18.83 1.16 -23.28
C VAL M 6 -19.73 2.22 -22.68
N THR M 7 -19.42 3.50 -22.91
CA THR M 7 -20.21 4.56 -22.30
C THR M 7 -20.80 5.62 -23.21
N GLY M 8 -21.87 6.25 -22.74
CA GLY M 8 -22.52 7.31 -23.48
C GLY M 8 -22.28 8.59 -22.69
N THR M 9 -21.99 9.68 -23.39
CA THR M 9 -21.74 10.94 -22.70
C THR M 9 -23.02 11.71 -22.34
N SER M 10 -22.94 13.03 -22.28
CA SER M 10 -24.07 13.91 -21.89
C SER M 10 -25.46 13.63 -22.39
N VAL M 11 -26.43 14.03 -21.58
CA VAL M 11 -27.84 13.96 -21.88
C VAL M 11 -28.33 15.30 -21.38
N ILE M 12 -28.83 16.13 -22.29
CA ILE M 12 -29.31 17.46 -21.91
C ILE M 12 -30.80 17.57 -22.14
N SER M 13 -31.45 18.43 -21.37
CA SER M 13 -32.90 18.62 -21.46
C SER M 13 -33.35 19.88 -20.76
N MET M 14 -34.57 20.30 -21.08
CA MET M 14 -35.16 21.49 -20.48
C MET M 14 -36.65 21.49 -20.76
N LYS M 15 -37.40 22.26 -20.00
CA LYS M 15 -38.83 22.29 -20.23
C LYS M 15 -39.24 23.67 -20.76
N TYR M 16 -40.25 23.71 -21.62
CA TYR M 16 -40.75 24.96 -22.17
C TYR M 16 -42.25 25.05 -21.86
N ASP M 17 -42.89 26.13 -22.29
CA ASP M 17 -44.31 26.34 -22.00
C ASP M 17 -45.27 25.17 -22.19
N ASN M 18 -45.13 24.42 -23.27
CA ASN M 18 -46.05 23.32 -23.56
C ASN M 18 -45.52 21.90 -23.37
N GLY M 19 -44.24 21.77 -23.03
CA GLY M 19 -43.69 20.45 -22.85
C GLY M 19 -42.23 20.46 -22.44
N VAL M 20 -41.51 19.43 -22.88
CA VAL M 20 -40.10 19.32 -22.55
C VAL M 20 -39.33 18.82 -23.77
N ILE M 21 -38.04 19.16 -23.82
CA ILE M 21 -37.17 18.71 -24.90
C ILE M 21 -36.03 17.96 -24.25
N ILE M 22 -35.49 16.97 -24.96
CA ILE M 22 -34.38 16.18 -24.44
C ILE M 22 -33.53 15.69 -25.60
N ALA M 23 -32.21 15.70 -25.43
CA ALA M 23 -31.32 15.23 -26.49
C ALA M 23 -30.07 14.49 -25.99
N ALA M 24 -29.45 13.72 -26.88
CA ALA M 24 -28.25 12.93 -26.58
C ALA M 24 -27.61 12.48 -27.87
N ASP M 25 -26.28 12.57 -27.97
CA ASP M 25 -25.62 12.17 -29.21
C ASP M 25 -25.66 10.67 -29.36
N ASN M 26 -25.23 10.18 -30.53
CA ASN M 26 -25.28 8.75 -30.83
C ASN M 26 -23.99 7.98 -30.65
N LEU M 27 -23.20 8.35 -29.65
CA LEU M 27 -21.92 7.67 -29.46
C LEU M 27 -21.85 6.69 -28.27
N GLY M 28 -21.10 5.62 -28.49
CA GLY M 28 -20.88 4.63 -27.46
C GLY M 28 -19.38 4.51 -27.43
N SER M 29 -18.73 5.25 -26.52
CA SER M 29 -17.28 5.25 -26.39
C SER M 29 -16.75 4.04 -25.63
N TYR M 30 -15.50 3.71 -25.88
CA TYR M 30 -14.83 2.59 -25.23
C TYR M 30 -13.50 3.16 -24.75
N GLY M 31 -13.56 3.93 -23.67
CA GLY M 31 -12.35 4.57 -23.19
C GLY M 31 -12.15 5.75 -24.11
N SER M 32 -10.96 5.87 -24.70
CA SER M 32 -10.69 6.98 -25.60
C SER M 32 -11.03 6.62 -27.04
N LEU M 33 -11.43 5.37 -27.27
CA LEU M 33 -11.79 4.91 -28.61
C LEU M 33 -13.27 5.20 -28.85
N LEU M 34 -13.57 6.01 -29.87
CA LEU M 34 -14.96 6.33 -30.18
C LEU M 34 -15.49 5.16 -31.00
N ARG M 35 -15.64 4.03 -30.33
CA ARG M 35 -16.07 2.77 -30.95
C ARG M 35 -17.39 2.63 -31.69
N PHE M 36 -18.51 2.95 -31.06
CA PHE M 36 -19.80 2.76 -31.71
C PHE M 36 -20.56 4.04 -32.04
N ASN M 37 -20.97 4.19 -33.30
CA ASN M 37 -21.68 5.38 -33.72
C ASN M 37 -23.17 5.36 -34.00
N GLY M 38 -23.81 4.21 -33.89
CA GLY M 38 -25.24 4.20 -34.16
C GLY M 38 -26.03 3.90 -32.91
N VAL M 39 -25.55 4.40 -31.77
CA VAL M 39 -26.20 4.16 -30.50
C VAL M 39 -27.29 5.17 -30.15
N GLU M 40 -28.51 4.69 -29.98
CA GLU M 40 -29.61 5.56 -29.62
C GLU M 40 -29.70 5.51 -28.11
N ARG M 41 -29.50 6.67 -27.46
CA ARG M 41 -29.54 6.74 -26.00
C ARG M 41 -30.79 7.41 -25.48
N LEU M 42 -31.77 7.59 -26.36
CA LEU M 42 -33.07 8.17 -25.99
C LEU M 42 -34.12 7.08 -26.13
N ILE M 43 -34.74 6.70 -25.02
CA ILE M 43 -35.72 5.62 -25.00
C ILE M 43 -37.15 6.11 -24.80
N PRO M 44 -37.96 6.05 -25.86
CA PRO M 44 -39.33 6.51 -25.68
C PRO M 44 -40.13 5.42 -24.98
N VAL M 45 -41.03 5.82 -24.09
CA VAL M 45 -41.87 4.88 -23.38
C VAL M 45 -43.31 5.35 -23.55
N GLY M 46 -44.03 4.71 -24.46
CA GLY M 46 -45.39 5.13 -24.73
C GLY M 46 -45.30 6.34 -25.63
N ASP M 47 -46.14 7.34 -25.41
CA ASP M 47 -46.09 8.52 -26.25
C ASP M 47 -46.16 9.80 -25.44
N ASN M 48 -45.73 9.71 -24.18
CA ASN M 48 -45.71 10.86 -23.30
C ASN M 48 -44.42 10.87 -22.48
N THR M 49 -43.53 9.93 -22.78
CA THR M 49 -42.28 9.80 -22.04
C THR M 49 -41.08 9.40 -22.86
N VAL M 50 -39.95 10.06 -22.59
CA VAL M 50 -38.69 9.72 -23.24
C VAL M 50 -37.63 9.67 -22.14
N VAL M 51 -36.92 8.54 -22.06
CA VAL M 51 -35.88 8.38 -21.06
C VAL M 51 -34.52 8.50 -21.70
N GLY M 52 -33.75 9.51 -21.28
CA GLY M 52 -32.39 9.69 -21.81
C GLY M 52 -31.38 9.05 -20.87
N ILE M 53 -30.47 8.24 -21.40
CA ILE M 53 -29.51 7.54 -20.55
C ILE M 53 -28.04 7.75 -20.91
N SER M 54 -27.22 8.01 -19.89
CA SER M 54 -25.78 8.17 -20.11
C SER M 54 -25.08 7.20 -19.16
N GLY M 55 -23.85 6.87 -19.49
CA GLY M 55 -23.12 5.94 -18.65
C GLY M 55 -22.83 4.64 -19.36
N ASP M 56 -22.82 3.56 -18.60
CA ASP M 56 -22.53 2.25 -19.15
C ASP M 56 -23.62 1.80 -20.10
N ILE M 57 -23.25 1.52 -21.34
CA ILE M 57 -24.20 1.09 -22.35
C ILE M 57 -24.83 -0.28 -22.09
N SER M 58 -24.05 -1.23 -21.60
CA SER M 58 -24.62 -2.55 -21.34
C SER M 58 -25.74 -2.42 -20.33
N ASP M 59 -25.57 -1.53 -19.35
CA ASP M 59 -26.62 -1.34 -18.34
C ASP M 59 -27.80 -0.59 -19.00
N MET M 60 -27.51 0.33 -19.92
CA MET M 60 -28.58 1.08 -20.60
C MET M 60 -29.51 0.09 -21.32
N GLN M 61 -28.91 -0.86 -22.03
CA GLN M 61 -29.66 -1.87 -22.76
C GLN M 61 -30.49 -2.67 -21.79
N HIS M 62 -29.99 -2.80 -20.55
CA HIS M 62 -30.72 -3.54 -19.53
C HIS M 62 -31.89 -2.69 -19.05
N ILE M 63 -31.68 -1.39 -18.93
CA ILE M 63 -32.76 -0.51 -18.51
C ILE M 63 -33.81 -0.52 -19.62
N GLU M 64 -33.34 -0.67 -20.86
CA GLU M 64 -34.25 -0.70 -22.00
C GLU M 64 -35.21 -1.86 -21.90
N ARG M 65 -34.66 -3.03 -21.62
CA ARG M 65 -35.45 -4.24 -21.48
C ARG M 65 -36.42 -4.07 -20.33
N LEU M 66 -35.99 -3.45 -19.24
CA LEU M 66 -36.87 -3.25 -18.10
C LEU M 66 -38.05 -2.39 -18.52
N LEU M 67 -37.77 -1.34 -19.28
CA LEU M 67 -38.83 -0.44 -19.71
C LEU M 67 -39.84 -1.12 -20.64
N LYS M 68 -39.37 -1.97 -21.55
CA LYS M 68 -40.29 -2.67 -22.44
C LYS M 68 -41.23 -3.54 -21.62
N ASP M 69 -40.68 -4.24 -20.62
CA ASP M 69 -41.47 -5.09 -19.76
C ASP M 69 -42.50 -4.30 -18.97
N LEU M 70 -42.14 -3.12 -18.50
CA LEU M 70 -43.08 -2.31 -17.75
C LEU M 70 -44.31 -2.10 -18.61
N VAL M 71 -44.10 -1.77 -19.87
CA VAL M 71 -45.20 -1.54 -20.80
C VAL M 71 -46.06 -2.78 -20.99
N THR M 72 -45.42 -3.93 -21.20
CA THR M 72 -46.13 -5.19 -21.37
C THR M 72 -46.96 -5.48 -20.13
N GLU M 73 -46.29 -5.48 -18.98
CA GLU M 73 -46.92 -5.74 -17.70
C GLU M 73 -48.10 -4.81 -17.44
N ASN M 74 -47.95 -3.53 -17.75
CA ASN M 74 -49.03 -2.59 -17.51
C ASN M 74 -50.28 -2.92 -18.30
N ALA M 75 -50.07 -3.52 -19.47
CA ALA M 75 -51.18 -3.88 -20.34
C ALA M 75 -52.02 -5.04 -19.79
N TYR M 76 -51.36 -5.98 -19.11
CA TYR M 76 -52.04 -7.15 -18.55
C TYR M 76 -53.26 -6.84 -17.69
N ASP M 77 -54.40 -7.44 -18.06
CA ASP M 77 -55.65 -7.24 -17.33
C ASP M 77 -55.93 -5.76 -17.07
N ASN M 78 -55.62 -4.94 -18.06
CA ASN M 78 -55.83 -3.51 -17.92
C ASN M 78 -56.56 -2.98 -19.14
N PRO M 79 -57.90 -2.94 -19.07
CA PRO M 79 -58.71 -2.46 -20.19
C PRO M 79 -58.50 -0.97 -20.48
N LEU M 80 -57.77 -0.27 -19.60
CA LEU M 80 -57.51 1.15 -19.77
C LEU M 80 -56.03 1.46 -20.01
N ALA M 81 -55.28 0.47 -20.47
CA ALA M 81 -53.84 0.60 -20.72
C ALA M 81 -53.46 1.71 -21.69
N ASP M 82 -54.38 2.06 -22.59
CA ASP M 82 -54.10 3.12 -23.55
C ASP M 82 -54.99 4.32 -23.26
N ALA M 83 -55.46 4.42 -22.02
CA ALA M 83 -56.31 5.52 -21.61
C ALA M 83 -55.98 5.98 -20.20
N GLU M 84 -56.97 5.95 -19.30
CA GLU M 84 -56.78 6.39 -17.92
C GLU M 84 -55.72 5.63 -17.12
N GLU M 85 -55.39 4.42 -17.56
CA GLU M 85 -54.41 3.62 -16.83
C GLU M 85 -53.12 3.34 -17.58
N ALA M 86 -52.76 4.24 -18.49
CA ALA M 86 -51.51 4.09 -19.23
C ALA M 86 -50.39 4.60 -18.34
N LEU M 87 -49.15 4.26 -18.70
CA LEU M 87 -47.99 4.67 -17.93
C LEU M 87 -47.75 6.17 -17.97
N GLU M 88 -47.66 6.78 -16.80
CA GLU M 88 -47.37 8.21 -16.68
C GLU M 88 -45.85 8.36 -16.60
N PRO M 89 -45.33 9.54 -16.95
CA PRO M 89 -43.88 9.71 -16.87
C PRO M 89 -43.40 9.54 -15.42
N SER M 90 -44.19 10.03 -14.47
CA SER M 90 -43.80 9.93 -13.07
C SER M 90 -43.75 8.48 -12.59
N TYR M 91 -44.56 7.61 -13.18
CA TYR M 91 -44.54 6.21 -12.80
C TYR M 91 -43.21 5.62 -13.28
N ILE M 92 -42.89 5.87 -14.56
CA ILE M 92 -41.66 5.38 -15.16
C ILE M 92 -40.46 5.79 -14.31
N PHE M 93 -40.44 7.06 -13.93
CA PHE M 93 -39.35 7.58 -13.13
C PHE M 93 -39.22 6.97 -11.76
N GLU M 94 -40.33 6.94 -11.02
CA GLU M 94 -40.30 6.39 -9.67
C GLU M 94 -39.82 4.95 -9.68
N TYR M 95 -40.16 4.22 -10.73
CA TYR M 95 -39.75 2.84 -10.88
C TYR M 95 -38.23 2.78 -11.00
N LEU M 96 -37.71 3.48 -12.01
CA LEU M 96 -36.28 3.52 -12.26
C LEU M 96 -35.51 4.00 -11.03
N ALA M 97 -36.01 5.07 -10.41
CA ALA M 97 -35.36 5.61 -9.21
C ALA M 97 -35.24 4.51 -8.17
N THR M 98 -36.33 3.77 -7.99
CA THR M 98 -36.37 2.69 -7.01
C THR M 98 -35.28 1.66 -7.30
N VAL M 99 -35.19 1.26 -8.56
CA VAL M 99 -34.19 0.29 -8.97
C VAL M 99 -32.76 0.80 -8.76
N MET M 100 -32.52 2.03 -9.21
CA MET M 100 -31.18 2.60 -9.08
C MET M 100 -30.72 2.59 -7.62
N TYR M 101 -31.60 2.99 -6.71
CA TYR M 101 -31.22 3.02 -5.30
C TYR M 101 -31.03 1.62 -4.67
N GLN M 102 -31.84 0.65 -5.11
CA GLN M 102 -31.72 -0.69 -4.59
C GLN M 102 -30.38 -1.27 -5.03
N ARG M 103 -30.05 -1.05 -6.31
CA ARG M 103 -28.79 -1.54 -6.86
C ARG M 103 -27.56 -0.91 -6.20
N ARG M 104 -27.61 0.38 -5.87
CA ARG M 104 -26.43 0.96 -5.22
C ARG M 104 -26.37 0.42 -3.79
N SER M 105 -27.52 0.16 -3.18
CA SER M 105 -27.56 -0.35 -1.83
C SER M 105 -27.07 -1.78 -1.72
N LYS M 106 -27.01 -2.47 -2.85
CA LYS M 106 -26.53 -3.85 -2.87
C LYS M 106 -25.09 -3.82 -3.38
N MET M 107 -24.52 -2.62 -3.48
CA MET M 107 -23.16 -2.45 -3.94
C MET M 107 -22.90 -3.00 -5.33
N ASN M 108 -23.91 -2.92 -6.18
CA ASN M 108 -23.81 -3.40 -7.55
C ASN M 108 -24.73 -2.52 -8.39
N PRO M 109 -24.30 -1.27 -8.65
CA PRO M 109 -25.07 -0.31 -9.41
C PRO M 109 -25.21 -0.46 -10.93
N LEU M 110 -26.20 0.25 -11.45
CA LEU M 110 -26.44 0.35 -12.88
C LEU M 110 -25.68 1.66 -13.11
N TRP M 111 -24.51 1.56 -13.71
CA TRP M 111 -23.64 2.70 -13.91
C TRP M 111 -24.14 3.77 -14.88
N ASN M 112 -25.24 4.41 -14.53
CA ASN M 112 -25.79 5.42 -15.41
C ASN M 112 -26.24 6.68 -14.71
N ALA M 113 -26.62 7.63 -15.55
CA ALA M 113 -27.17 8.91 -15.13
C ALA M 113 -28.37 8.97 -16.08
N ILE M 114 -29.55 9.12 -15.50
CA ILE M 114 -30.79 9.13 -16.28
C ILE M 114 -31.65 10.39 -16.14
N ILE M 115 -32.25 10.79 -17.24
CA ILE M 115 -33.15 11.95 -17.25
C ILE M 115 -34.46 11.45 -17.84
N VAL M 116 -35.56 11.57 -17.09
CA VAL M 116 -36.86 11.16 -17.59
C VAL M 116 -37.63 12.41 -17.94
N ALA M 117 -37.99 12.55 -19.21
CA ALA M 117 -38.70 13.71 -19.69
C ALA M 117 -40.05 13.32 -20.24
N GLY M 118 -41.06 14.12 -19.95
CA GLY M 118 -42.38 13.81 -20.45
C GLY M 118 -43.49 14.72 -19.97
N VAL M 119 -44.71 14.42 -20.43
CA VAL M 119 -45.88 15.18 -20.05
C VAL M 119 -46.90 14.30 -19.33
N GLN M 120 -47.28 14.72 -18.13
CA GLN M 120 -48.25 13.99 -17.33
C GLN M 120 -49.63 14.09 -17.99
N SER M 121 -50.55 13.21 -17.60
CA SER M 121 -51.89 13.18 -18.17
C SER M 121 -52.67 14.51 -18.04
N ASN M 122 -52.38 15.27 -16.99
CA ASN M 122 -53.06 16.55 -16.78
C ASN M 122 -52.30 17.69 -17.47
N GLY M 123 -51.40 17.34 -18.37
CA GLY M 123 -50.64 18.34 -19.10
C GLY M 123 -49.34 18.82 -18.51
N ASP M 124 -49.13 18.61 -17.21
CA ASP M 124 -47.90 19.05 -16.56
C ASP M 124 -46.63 18.48 -17.20
N GLN M 125 -45.57 19.27 -17.15
CA GLN M 125 -44.29 18.83 -17.70
C GLN M 125 -43.60 18.00 -16.63
N PHE M 126 -42.83 17.02 -17.06
CA PHE M 126 -42.11 16.19 -16.11
C PHE M 126 -40.67 16.08 -16.52
N LEU M 127 -39.79 16.47 -15.60
CA LEU M 127 -38.37 16.40 -15.86
C LEU M 127 -37.66 16.08 -14.56
N ARG M 128 -37.13 14.87 -14.45
CA ARG M 128 -36.42 14.50 -13.23
C ARG M 128 -35.21 13.62 -13.57
N TYR M 129 -34.19 13.72 -12.73
CA TYR M 129 -32.93 13.01 -12.88
C TYR M 129 -32.69 11.96 -11.79
N VAL M 130 -32.06 10.85 -12.17
CA VAL M 130 -31.71 9.79 -11.20
C VAL M 130 -30.40 9.17 -11.70
N ASN M 131 -29.51 8.80 -10.79
CA ASN M 131 -28.23 8.20 -11.18
C ASN M 131 -27.83 6.95 -10.40
N LEU M 132 -26.66 6.41 -10.72
CA LEU M 132 -26.16 5.19 -10.08
C LEU M 132 -26.20 5.21 -8.55
N LEU M 133 -26.21 6.40 -7.94
CA LEU M 133 -26.25 6.47 -6.48
C LEU M 133 -27.70 6.47 -5.99
N GLY M 134 -28.64 6.66 -6.91
CA GLY M 134 -30.04 6.70 -6.54
C GLY M 134 -30.45 8.11 -6.17
N VAL M 135 -29.56 9.06 -6.42
CA VAL M 135 -29.83 10.46 -6.13
C VAL M 135 -30.80 11.02 -7.17
N THR M 136 -31.76 11.83 -6.74
CA THR M 136 -32.74 12.40 -7.66
C THR M 136 -33.00 13.88 -7.41
N TYR M 137 -33.32 14.59 -8.49
CA TYR M 137 -33.63 16.00 -8.40
C TYR M 137 -34.29 16.53 -9.67
N SER M 138 -34.98 17.67 -9.53
CA SER M 138 -35.66 18.32 -10.63
C SER M 138 -35.24 19.76 -10.73
N SER M 139 -35.24 20.28 -11.96
CA SER M 139 -34.87 21.64 -12.24
C SER M 139 -35.42 21.96 -13.64
N PRO M 140 -35.70 23.24 -13.94
CA PRO M 140 -36.21 23.61 -15.26
C PRO M 140 -35.32 23.06 -16.38
N THR M 141 -34.04 22.88 -16.08
CA THR M 141 -33.10 22.31 -17.03
C THR M 141 -32.32 21.21 -16.31
N LEU M 142 -31.90 20.18 -17.04
CA LEU M 142 -31.15 19.09 -16.44
C LEU M 142 -30.22 18.51 -17.48
N ALA M 143 -28.99 18.23 -17.07
CA ALA M 143 -28.01 17.65 -17.98
C ALA M 143 -27.13 16.71 -17.17
N THR M 144 -26.58 15.70 -17.83
CA THR M 144 -25.71 14.74 -17.15
C THR M 144 -24.27 14.91 -17.62
N GLY M 145 -23.34 14.45 -16.78
CA GLY M 145 -21.93 14.52 -17.12
C GLY M 145 -21.44 15.87 -17.58
N PHE M 146 -20.80 15.88 -18.74
CA PHE M 146 -20.26 17.10 -19.32
C PHE M 146 -21.26 18.22 -19.56
N GLY M 147 -22.47 17.85 -20.00
CA GLY M 147 -23.48 18.84 -20.26
C GLY M 147 -23.93 19.53 -18.98
N ALA M 148 -23.56 18.98 -17.82
CA ALA M 148 -23.95 19.59 -16.57
C ALA M 148 -23.13 20.85 -16.39
N HIS M 149 -21.89 20.80 -16.85
CA HIS M 149 -20.99 21.94 -16.72
C HIS M 149 -21.15 22.96 -17.84
N MET M 150 -21.37 22.49 -19.06
CA MET M 150 -21.50 23.38 -20.21
C MET M 150 -22.90 23.65 -20.76
N ALA M 151 -23.80 22.67 -20.69
CA ALA M 151 -25.15 22.89 -21.20
C ALA M 151 -26.01 23.68 -20.23
N ASN M 152 -26.07 23.23 -18.98
CA ASN M 152 -26.88 23.93 -17.99
C ASN M 152 -26.72 25.44 -17.95
N PRO M 153 -25.47 25.94 -17.99
CA PRO M 153 -25.30 27.40 -17.96
C PRO M 153 -25.98 28.09 -19.14
N LEU M 154 -25.96 27.44 -20.30
CA LEU M 154 -26.59 28.03 -21.48
C LEU M 154 -28.09 27.96 -21.36
N LEU M 155 -28.61 26.75 -21.14
CA LEU M 155 -30.05 26.54 -21.02
C LEU M 155 -30.67 27.40 -19.92
N ARG M 156 -29.93 27.60 -18.83
CA ARG M 156 -30.42 28.40 -17.73
C ARG M 156 -30.51 29.89 -18.05
N LYS M 157 -29.90 30.29 -19.17
CA LYS M 157 -29.95 31.69 -19.60
C LYS M 157 -31.30 31.93 -20.29
N VAL M 158 -32.02 30.85 -20.58
CA VAL M 158 -33.33 30.91 -21.21
C VAL M 158 -34.41 30.74 -20.15
N VAL M 159 -34.26 29.69 -19.33
CA VAL M 159 -35.20 29.42 -18.25
C VAL M 159 -34.41 29.41 -16.95
N ASP M 160 -34.24 30.59 -16.35
CA ASP M 160 -33.48 30.72 -15.12
C ASP M 160 -34.26 30.25 -13.90
N ARG M 161 -35.56 30.50 -13.89
CA ARG M 161 -36.40 30.04 -12.79
C ARG M 161 -37.74 29.55 -13.33
N GLU M 162 -38.56 28.98 -12.46
CA GLU M 162 -39.86 28.44 -12.87
C GLU M 162 -40.71 29.38 -13.73
N SER M 163 -40.84 30.63 -13.30
CA SER M 163 -41.63 31.62 -14.03
C SER M 163 -41.22 31.87 -15.47
N ASP M 164 -40.06 31.37 -15.87
CA ASP M 164 -39.60 31.55 -17.24
C ASP M 164 -40.17 30.46 -18.17
N ILE M 165 -40.67 29.38 -17.59
CA ILE M 165 -41.20 28.28 -18.39
C ILE M 165 -42.30 28.73 -19.33
N PRO M 166 -43.38 29.32 -18.79
CA PRO M 166 -44.48 29.77 -19.65
C PRO M 166 -44.08 30.80 -20.73
N LYS M 167 -42.92 31.42 -20.56
CA LYS M 167 -42.45 32.41 -21.53
C LYS M 167 -41.53 31.80 -22.56
N THR M 168 -41.28 30.50 -22.47
CA THR M 168 -40.38 29.85 -23.41
C THR M 168 -41.10 28.99 -24.43
N THR M 169 -40.88 29.27 -25.71
CA THR M 169 -41.52 28.53 -26.79
C THR M 169 -40.67 27.36 -27.25
N VAL M 170 -41.30 26.42 -27.94
CA VAL M 170 -40.63 25.25 -28.47
C VAL M 170 -39.47 25.65 -29.36
N GLN M 171 -39.67 26.72 -30.13
CA GLN M 171 -38.64 27.21 -31.04
C GLN M 171 -37.42 27.66 -30.26
N VAL M 172 -37.62 28.60 -29.33
CA VAL M 172 -36.52 29.09 -28.51
C VAL M 172 -35.81 27.93 -27.82
N ALA M 173 -36.59 27.07 -27.19
CA ALA M 173 -36.05 25.90 -26.47
C ALA M 173 -35.25 24.96 -27.35
N GLU M 174 -35.82 24.53 -28.47
CA GLU M 174 -35.10 23.62 -29.35
C GLU M 174 -33.82 24.25 -29.87
N GLU M 175 -33.85 25.57 -29.98
CA GLU M 175 -32.68 26.29 -30.45
C GLU M 175 -31.58 26.23 -29.40
N ALA M 176 -31.93 26.56 -28.17
CA ALA M 176 -30.98 26.54 -27.05
C ALA M 176 -30.27 25.20 -26.98
N ILE M 177 -31.09 24.14 -26.92
CA ILE M 177 -30.66 22.76 -26.88
C ILE M 177 -29.79 22.39 -28.10
N VAL M 178 -30.13 22.85 -29.30
CA VAL M 178 -29.30 22.49 -30.48
C VAL M 178 -27.94 23.17 -30.41
N ASN M 179 -27.93 24.37 -29.86
CA ASN M 179 -26.67 25.12 -29.72
C ASN M 179 -25.79 24.44 -28.67
N ALA M 180 -26.42 23.99 -27.59
CA ALA M 180 -25.72 23.32 -26.51
C ALA M 180 -25.02 22.06 -27.05
N MET M 181 -25.69 21.36 -27.95
CA MET M 181 -25.10 20.16 -28.53
C MET M 181 -23.85 20.51 -29.32
N ARG M 182 -23.85 21.66 -29.98
CA ARG M 182 -22.68 22.09 -30.73
C ARG M 182 -21.53 22.40 -29.77
N VAL M 183 -21.82 23.20 -28.74
CA VAL M 183 -20.81 23.54 -27.76
C VAL M 183 -20.17 22.26 -27.18
N LEU M 184 -20.99 21.27 -26.88
CA LEU M 184 -20.49 20.02 -26.33
C LEU M 184 -19.58 19.32 -27.35
N TYR M 185 -19.87 19.48 -28.64
CA TYR M 185 -19.05 18.84 -29.66
C TYR M 185 -17.71 19.57 -29.75
N TYR M 186 -17.72 20.84 -29.34
CA TYR M 186 -16.50 21.65 -29.35
C TYR M 186 -15.56 21.29 -28.21
N ARG M 187 -16.08 21.17 -26.99
CA ARG M 187 -15.23 20.91 -25.84
C ARG M 187 -15.23 19.55 -25.15
N ASP M 188 -16.17 18.66 -25.49
CA ASP M 188 -16.22 17.33 -24.88
C ASP M 188 -15.53 16.33 -25.79
N ALA M 189 -14.41 15.77 -25.33
CA ALA M 189 -13.63 14.82 -26.12
C ALA M 189 -14.27 13.46 -26.32
N ARG M 190 -15.41 13.22 -25.70
CA ARG M 190 -16.09 11.95 -25.85
C ARG M 190 -17.46 12.15 -26.50
N SER M 191 -17.59 13.16 -27.35
CA SER M 191 -18.87 13.42 -28.01
C SER M 191 -18.84 13.18 -29.50
N SER M 192 -20.01 12.94 -30.06
CA SER M 192 -20.18 12.68 -31.49
C SER M 192 -20.95 13.88 -32.07
N ARG M 193 -20.84 14.05 -33.39
CA ARG M 193 -21.50 15.15 -34.07
C ARG M 193 -22.98 14.83 -34.36
N ASN M 194 -23.30 13.54 -34.36
CA ASN M 194 -24.66 13.10 -34.62
C ASN M 194 -25.42 12.90 -33.33
N PHE M 195 -26.70 13.20 -33.36
CA PHE M 195 -27.50 13.05 -32.16
C PHE M 195 -28.99 12.96 -32.43
N SER M 196 -29.73 12.57 -31.40
CA SER M 196 -31.16 12.44 -31.47
C SER M 196 -31.77 13.47 -30.56
N LEU M 197 -32.93 14.00 -30.93
CA LEU M 197 -33.61 14.99 -30.14
C LEU M 197 -35.07 14.60 -30.09
N ALA M 198 -35.72 14.87 -28.96
CA ALA M 198 -37.12 14.51 -28.82
C ALA M 198 -37.89 15.58 -28.06
N ILE M 199 -39.11 15.85 -28.55
CA ILE M 199 -39.99 16.82 -27.93
C ILE M 199 -41.25 16.12 -27.49
N ILE M 200 -41.73 16.47 -26.32
CA ILE M 200 -42.94 15.89 -25.78
C ILE M 200 -43.78 17.10 -25.43
N ASP M 201 -44.72 17.39 -26.31
CA ASP M 201 -45.61 18.54 -26.21
C ASP M 201 -47.02 18.09 -25.83
N LYS M 202 -47.63 18.76 -24.87
CA LYS M 202 -48.98 18.40 -24.43
C LYS M 202 -50.04 18.57 -25.53
N ASN M 203 -49.65 19.16 -26.66
CA ASN M 203 -50.58 19.35 -27.76
C ASN M 203 -50.18 18.54 -28.99
N THR M 204 -48.92 18.62 -29.38
CA THR M 204 -48.44 17.88 -30.57
C THR M 204 -47.94 16.47 -30.28
N GLY M 205 -47.91 16.10 -29.00
CA GLY M 205 -47.46 14.78 -28.62
C GLY M 205 -45.96 14.60 -28.58
N LEU M 206 -45.50 13.41 -28.97
CA LEU M 206 -44.07 13.10 -28.96
C LEU M 206 -43.49 13.16 -30.34
N THR M 207 -42.47 14.00 -30.52
CA THR M 207 -41.79 14.15 -31.80
C THR M 207 -40.36 13.65 -31.58
N PHE M 208 -39.98 12.59 -32.28
CA PHE M 208 -38.65 12.04 -32.12
C PHE M 208 -37.80 12.24 -33.36
N LYS M 209 -36.82 13.13 -33.28
CA LYS M 209 -35.94 13.44 -34.40
C LYS M 209 -34.61 12.68 -34.36
N LYS M 210 -34.36 11.86 -35.38
CA LYS M 210 -33.12 11.10 -35.47
C LYS M 210 -32.17 11.64 -36.55
N ASN M 211 -30.89 11.31 -36.39
CA ASN M 211 -29.85 11.71 -37.32
C ASN M 211 -29.59 13.20 -37.50
N LEU M 212 -29.64 13.94 -36.40
CA LEU M 212 -29.35 15.37 -36.46
C LEU M 212 -27.83 15.51 -36.48
N GLN M 213 -27.36 16.70 -36.82
CA GLN M 213 -25.92 16.96 -36.88
C GLN M 213 -25.61 18.37 -36.44
N VAL M 214 -24.46 18.53 -35.80
CA VAL M 214 -24.05 19.84 -35.39
C VAL M 214 -23.70 20.54 -36.70
N GLU M 215 -24.26 21.73 -36.89
CA GLU M 215 -24.01 22.50 -38.09
C GLU M 215 -23.70 23.94 -37.70
N ASN M 216 -23.27 24.74 -38.67
CA ASN M 216 -22.94 26.16 -38.43
C ASN M 216 -21.86 26.35 -37.38
N MET M 217 -20.78 25.59 -37.50
CA MET M 217 -19.67 25.70 -36.57
C MET M 217 -18.68 26.78 -37.03
N LYS M 218 -17.90 27.31 -36.09
CA LYS M 218 -16.90 28.32 -36.40
C LYS M 218 -15.49 27.71 -36.23
N TRP M 219 -14.76 27.59 -37.34
CA TRP M 219 -13.40 27.05 -37.30
C TRP M 219 -12.41 27.89 -38.10
N ASP M 220 -12.93 28.80 -38.91
CA ASP M 220 -12.09 29.66 -39.74
C ASP M 220 -10.95 30.37 -39.00
N PHE M 221 -11.24 30.91 -37.82
CA PHE M 221 -10.23 31.61 -37.04
C PHE M 221 -9.04 30.72 -36.68
N ALA M 222 -9.17 29.42 -36.91
CA ALA M 222 -8.08 28.50 -36.61
C ALA M 222 -6.86 28.78 -37.47
N LYS M 223 -7.08 29.27 -38.69
CA LYS M 223 -6.00 29.55 -39.63
C LYS M 223 -5.10 30.69 -39.17
N ASP M 224 -5.67 31.64 -38.43
CA ASP M 224 -4.94 32.79 -37.95
C ASP M 224 -4.08 32.46 -36.74
N ILE M 225 -4.21 31.25 -36.23
CA ILE M 225 -3.46 30.86 -35.06
C ILE M 225 -2.28 29.96 -35.38
N LYS M 226 -1.08 30.43 -35.06
CA LYS M 226 0.14 29.64 -35.28
C LYS M 226 1.06 29.72 -34.07
N GLY M 227 1.86 28.67 -33.87
CA GLY M 227 2.77 28.63 -32.74
C GLY M 227 2.02 28.58 -31.41
N TYR M 228 2.73 28.88 -30.32
CA TYR M 228 2.12 28.88 -29.00
C TYR M 228 2.67 30.02 -28.18
N GLY M 229 3.05 31.11 -28.86
CA GLY M 229 3.59 32.27 -28.18
C GLY M 229 4.37 33.25 -29.04
N THR M 230 5.63 32.89 -29.35
CA THR M 230 6.49 33.76 -30.14
C THR M 230 6.61 33.45 -31.62
N GLN M 231 6.22 32.25 -32.05
CA GLN M 231 6.32 31.88 -33.46
C GLN M 231 5.46 32.79 -34.34
N LYS M 232 6.01 33.19 -35.49
CA LYS M 232 5.30 34.08 -36.40
C LYS M 232 4.68 33.44 -37.64
N ILE M 233 5.22 32.32 -38.10
CA ILE M 233 4.67 31.66 -39.29
C ILE M 233 3.96 30.33 -38.98
N THR N 1 -4.60 -10.95 -30.18
CA THR N 1 -5.71 -11.52 -30.97
C THR N 1 -6.31 -10.55 -31.96
N SER N 2 -6.64 -11.07 -33.14
CA SER N 2 -7.27 -10.29 -34.18
C SER N 2 -8.39 -11.14 -34.76
N ILE N 3 -9.62 -10.65 -34.63
CA ILE N 3 -10.77 -11.37 -35.14
C ILE N 3 -11.77 -10.40 -35.74
N MET N 4 -12.51 -10.86 -36.75
CA MET N 4 -13.52 -10.04 -37.41
C MET N 4 -14.59 -10.88 -38.10
N ALA N 5 -15.75 -10.27 -38.31
CA ALA N 5 -16.84 -10.93 -39.00
C ALA N 5 -17.38 -9.88 -39.97
N VAL N 6 -17.62 -10.30 -41.23
CA VAL N 6 -18.12 -9.39 -42.27
C VAL N 6 -19.30 -9.96 -43.04
N THR N 7 -20.42 -9.22 -43.05
CA THR N 7 -21.58 -9.67 -43.80
C THR N 7 -21.36 -9.25 -45.25
N PHE N 8 -21.91 -10.02 -46.18
CA PHE N 8 -21.79 -9.68 -47.58
C PHE N 8 -23.01 -10.19 -48.34
N LYS N 9 -23.00 -10.02 -49.66
CA LYS N 9 -24.10 -10.44 -50.50
C LYS N 9 -24.72 -11.82 -50.20
N ASP N 10 -23.91 -12.86 -50.18
CA ASP N 10 -24.40 -14.22 -49.96
C ASP N 10 -24.40 -14.71 -48.53
N GLY N 11 -24.09 -13.85 -47.58
CA GLY N 11 -24.06 -14.29 -46.20
C GLY N 11 -23.05 -13.57 -45.30
N VAL N 12 -22.13 -14.31 -44.70
CA VAL N 12 -21.15 -13.69 -43.80
C VAL N 12 -19.88 -14.52 -43.65
N ILE N 13 -18.76 -13.87 -43.39
CA ILE N 13 -17.51 -14.60 -43.19
C ILE N 13 -16.85 -14.24 -41.86
N LEU N 14 -16.24 -15.23 -41.21
CA LEU N 14 -15.55 -15.02 -39.94
C LEU N 14 -14.07 -15.20 -40.20
N GLY N 15 -13.24 -14.45 -39.48
CA GLY N 15 -11.80 -14.56 -39.65
C GLY N 15 -11.04 -14.35 -38.35
N ALA N 16 -9.84 -14.93 -38.25
CA ALA N 16 -9.05 -14.80 -37.04
C ALA N 16 -7.61 -15.24 -37.19
N ASP N 17 -6.74 -14.77 -36.30
CA ASP N 17 -5.34 -15.19 -36.34
C ASP N 17 -5.35 -16.49 -35.56
N SER N 18 -4.21 -17.16 -35.46
CA SER N 18 -4.17 -18.43 -34.74
C SER N 18 -3.16 -18.43 -33.61
N ARG N 19 -3.08 -17.30 -32.91
CA ARG N 19 -2.12 -17.16 -31.82
C ARG N 19 -2.71 -17.04 -30.41
N THR N 20 -2.15 -17.80 -29.48
CA THR N 20 -2.54 -17.71 -28.07
C THR N 20 -1.21 -17.52 -27.35
N THR N 21 -1.14 -16.49 -26.53
CA THR N 21 0.09 -16.22 -25.81
C THR N 21 -0.09 -16.25 -24.30
N THR N 22 1.03 -16.43 -23.62
CA THR N 22 1.12 -16.42 -22.18
C THR N 22 2.37 -15.54 -22.02
N GLY N 23 2.14 -14.24 -22.00
CA GLY N 23 3.26 -13.32 -21.90
C GLY N 23 3.77 -13.17 -23.32
N ALA N 24 5.09 -13.18 -23.49
CA ALA N 24 5.65 -13.06 -24.83
C ALA N 24 5.78 -14.43 -25.49
N TYR N 25 5.49 -15.50 -24.75
CA TYR N 25 5.59 -16.85 -25.30
C TYR N 25 4.35 -17.23 -26.09
N ILE N 26 4.56 -17.87 -27.24
CA ILE N 26 3.44 -18.32 -28.06
C ILE N 26 3.12 -19.74 -27.60
N ALA N 27 2.06 -19.88 -26.82
CA ALA N 27 1.66 -21.18 -26.32
C ALA N 27 1.06 -22.03 -27.44
N ASN N 28 0.36 -21.40 -28.38
CA ASN N 28 -0.24 -22.09 -29.51
C ASN N 28 -0.16 -21.18 -30.74
N ARG N 29 0.41 -21.69 -31.84
CA ARG N 29 0.51 -20.92 -33.07
C ARG N 29 -0.48 -21.38 -34.14
N VAL N 30 -1.31 -22.34 -33.81
CA VAL N 30 -2.29 -22.86 -34.76
C VAL N 30 -3.68 -22.92 -34.14
N THR N 31 -3.93 -22.03 -33.19
CA THR N 31 -5.21 -21.96 -32.50
C THR N 31 -6.39 -21.71 -33.46
N ASP N 32 -7.55 -22.24 -33.10
CA ASP N 32 -8.75 -22.04 -33.90
C ASP N 32 -9.73 -21.22 -33.07
N LYS N 33 -9.77 -19.93 -33.36
CA LYS N 33 -10.64 -19.01 -32.63
C LYS N 33 -12.04 -18.93 -33.20
N LEU N 34 -12.27 -19.69 -34.27
CA LEU N 34 -13.58 -19.70 -34.91
C LEU N 34 -14.32 -20.92 -34.37
N THR N 35 -15.28 -20.66 -33.48
CA THR N 35 -16.04 -21.71 -32.83
C THR N 35 -17.51 -21.81 -33.27
N ARG N 36 -17.95 -23.05 -33.47
CA ARG N 36 -19.30 -23.34 -33.90
C ARG N 36 -20.26 -23.56 -32.73
N VAL N 37 -21.34 -22.79 -32.68
CA VAL N 37 -22.33 -22.96 -31.61
C VAL N 37 -23.59 -23.56 -32.20
N HIS N 38 -23.64 -23.63 -33.53
CA HIS N 38 -24.75 -24.20 -34.29
C HIS N 38 -24.33 -24.33 -35.75
N ASP N 39 -25.07 -25.12 -36.51
CA ASP N 39 -24.77 -25.34 -37.92
C ASP N 39 -24.40 -24.08 -38.68
N LYS N 40 -25.24 -23.05 -38.57
CA LYS N 40 -24.91 -21.83 -39.29
C LYS N 40 -24.84 -20.60 -38.38
N ILE N 41 -24.33 -20.81 -37.17
CA ILE N 41 -24.15 -19.75 -36.20
C ILE N 41 -22.80 -20.03 -35.54
N TRP N 42 -21.82 -19.20 -35.84
CA TRP N 42 -20.47 -19.36 -35.27
C TRP N 42 -20.10 -18.09 -34.51
N CYS N 43 -18.99 -18.15 -33.79
CA CYS N 43 -18.51 -16.97 -33.04
C CYS N 43 -17.00 -16.82 -33.16
N CYS N 44 -16.52 -15.62 -32.92
CA CYS N 44 -15.08 -15.31 -32.93
C CYS N 44 -14.76 -15.04 -31.47
N ARG N 45 -13.72 -15.68 -30.97
CA ARG N 45 -13.33 -15.52 -29.57
C ARG N 45 -12.05 -14.75 -29.31
N SER N 46 -12.13 -13.77 -28.40
CA SER N 46 -10.96 -12.99 -27.97
C SER N 46 -11.07 -12.74 -26.46
N GLY N 47 -9.93 -12.47 -25.83
CA GLY N 47 -9.92 -12.27 -24.41
C GLY N 47 -9.35 -13.53 -23.78
N SER N 48 -10.03 -14.03 -22.77
CA SER N 48 -9.60 -15.24 -22.08
C SER N 48 -9.97 -16.48 -22.88
N ALA N 49 -8.99 -17.34 -23.13
CA ALA N 49 -9.26 -18.56 -23.87
C ALA N 49 -10.17 -19.42 -22.99
N ALA N 50 -9.83 -19.54 -21.71
CA ALA N 50 -10.64 -20.33 -20.81
C ALA N 50 -12.07 -19.81 -20.70
N ASP N 51 -12.24 -18.50 -20.53
CA ASP N 51 -13.58 -17.94 -20.43
C ASP N 51 -14.39 -18.09 -21.70
N THR N 52 -13.81 -17.71 -22.84
CA THR N 52 -14.54 -17.82 -24.11
C THR N 52 -14.93 -19.26 -24.45
N GLN N 53 -14.07 -20.23 -24.12
CA GLN N 53 -14.37 -21.64 -24.36
C GLN N 53 -15.58 -22.03 -23.51
N ALA N 54 -15.49 -21.77 -22.21
CA ALA N 54 -16.59 -22.08 -21.31
C ALA N 54 -17.89 -21.40 -21.77
N ILE N 55 -17.80 -20.15 -22.19
CA ILE N 55 -18.99 -19.45 -22.66
C ILE N 55 -19.56 -20.16 -23.89
N ALA N 56 -18.71 -20.37 -24.90
CA ALA N 56 -19.14 -21.03 -26.13
C ALA N 56 -19.75 -22.39 -25.85
N ASP N 57 -19.05 -23.24 -25.09
CA ASP N 57 -19.56 -24.56 -24.77
C ASP N 57 -20.98 -24.46 -24.21
N ILE N 58 -21.21 -23.47 -23.36
CA ILE N 58 -22.55 -23.32 -22.80
C ILE N 58 -23.56 -22.85 -23.83
N VAL N 59 -23.18 -21.91 -24.69
CA VAL N 59 -24.12 -21.43 -25.70
C VAL N 59 -24.51 -22.59 -26.61
N GLN N 60 -23.52 -23.39 -27.01
CA GLN N 60 -23.80 -24.52 -27.88
C GLN N 60 -24.82 -25.43 -27.21
N TYR N 61 -24.62 -25.69 -25.92
CA TYR N 61 -25.55 -26.53 -25.16
C TYR N 61 -26.96 -25.92 -25.19
N HIS N 62 -27.06 -24.63 -24.87
CA HIS N 62 -28.33 -23.93 -24.88
C HIS N 62 -29.03 -23.94 -26.23
N LEU N 63 -28.27 -23.79 -27.31
CA LEU N 63 -28.86 -23.78 -28.65
C LEU N 63 -29.27 -25.18 -29.09
N GLU N 64 -28.60 -26.20 -28.57
CA GLU N 64 -28.93 -27.58 -28.90
C GLU N 64 -30.28 -27.90 -28.28
N LEU N 65 -30.48 -27.52 -27.03
CA LEU N 65 -31.74 -27.77 -26.36
C LEU N 65 -32.84 -26.91 -26.99
N TYR N 66 -32.49 -25.71 -27.46
CA TYR N 66 -33.46 -24.81 -28.09
C TYR N 66 -33.97 -25.49 -29.36
N THR N 67 -33.04 -26.01 -30.15
CA THR N 67 -33.38 -26.67 -31.40
C THR N 67 -34.29 -27.86 -31.17
N SER N 68 -33.98 -28.67 -30.16
CA SER N 68 -34.78 -29.84 -29.80
C SER N 68 -36.23 -29.48 -29.54
N GLN N 69 -36.47 -28.27 -29.04
CA GLN N 69 -37.83 -27.88 -28.71
C GLN N 69 -38.51 -26.92 -29.68
N TYR N 70 -37.78 -25.94 -30.21
CA TYR N 70 -38.40 -24.95 -31.07
C TYR N 70 -37.81 -24.82 -32.46
N GLY N 71 -36.93 -25.74 -32.84
CA GLY N 71 -36.33 -25.66 -34.15
C GLY N 71 -35.11 -24.78 -34.20
N THR N 72 -34.61 -24.52 -35.41
CA THR N 72 -33.43 -23.69 -35.60
C THR N 72 -33.58 -22.29 -35.02
N PRO N 73 -32.58 -21.85 -34.23
CA PRO N 73 -32.57 -20.53 -33.62
C PRO N 73 -32.05 -19.45 -34.54
N SER N 74 -32.55 -18.23 -34.35
CA SER N 74 -32.13 -17.10 -35.15
C SER N 74 -30.76 -16.65 -34.64
N THR N 75 -30.00 -16.02 -35.52
CA THR N 75 -28.68 -15.53 -35.13
C THR N 75 -28.86 -14.57 -33.97
N GLU N 76 -29.93 -13.78 -34.01
CA GLU N 76 -30.21 -12.83 -32.93
C GLU N 76 -30.34 -13.55 -31.59
N THR N 77 -31.03 -14.69 -31.59
CA THR N 77 -31.22 -15.48 -30.38
C THR N 77 -29.90 -16.03 -29.84
N ALA N 78 -29.00 -16.44 -30.73
CA ALA N 78 -27.70 -16.95 -30.29
C ALA N 78 -26.93 -15.81 -29.62
N ALA N 79 -26.95 -14.63 -30.24
CA ALA N 79 -26.27 -13.48 -29.69
C ALA N 79 -26.84 -13.11 -28.35
N SER N 80 -28.13 -13.37 -28.16
CA SER N 80 -28.81 -13.04 -26.92
C SER N 80 -28.33 -13.96 -25.80
N VAL N 81 -28.12 -15.23 -26.11
CA VAL N 81 -27.66 -16.16 -25.08
C VAL N 81 -26.22 -15.79 -24.67
N PHE N 82 -25.39 -15.44 -25.65
CA PHE N 82 -24.01 -15.03 -25.36
C PHE N 82 -24.07 -13.82 -24.45
N LYS N 83 -24.86 -12.84 -24.85
CA LYS N 83 -25.03 -11.61 -24.11
C LYS N 83 -25.41 -11.86 -22.64
N GLU N 84 -26.41 -12.70 -22.45
CA GLU N 84 -26.88 -13.05 -21.12
C GLU N 84 -25.72 -13.51 -20.23
N LEU N 85 -24.91 -14.41 -20.75
CA LEU N 85 -23.78 -14.94 -20.02
C LEU N 85 -22.69 -13.90 -19.77
N CYS N 86 -22.43 -13.06 -20.76
CA CYS N 86 -21.39 -12.05 -20.62
C CYS N 86 -21.80 -10.87 -19.73
N TYR N 87 -23.04 -10.43 -19.85
CA TYR N 87 -23.50 -9.31 -19.04
C TYR N 87 -23.67 -9.71 -17.58
N GLU N 88 -24.41 -10.78 -17.35
CA GLU N 88 -24.68 -11.24 -16.00
C GLU N 88 -23.43 -11.67 -15.23
N ASN N 89 -22.34 -11.99 -15.94
CA ASN N 89 -21.12 -12.41 -15.27
C ASN N 89 -19.93 -11.52 -15.64
N LYS N 90 -20.23 -10.26 -15.93
CA LYS N 90 -19.21 -9.30 -16.34
C LYS N 90 -18.03 -9.15 -15.38
N ASP N 91 -18.28 -9.36 -14.08
CA ASP N 91 -17.24 -9.23 -13.06
C ASP N 91 -16.19 -10.34 -13.08
N ASN N 92 -16.56 -11.50 -13.61
CA ASN N 92 -15.65 -12.64 -13.62
C ASN N 92 -15.23 -13.11 -14.98
N LEU N 93 -15.58 -12.35 -16.02
CA LEU N 93 -15.22 -12.76 -17.36
C LEU N 93 -14.43 -11.72 -18.10
N THR N 94 -13.62 -12.19 -19.03
CA THR N 94 -12.82 -11.33 -19.88
C THR N 94 -13.03 -12.02 -21.22
N ALA N 95 -14.13 -11.65 -21.88
CA ALA N 95 -14.48 -12.24 -23.16
C ALA N 95 -15.01 -11.23 -24.15
N GLY N 96 -14.35 -11.13 -25.29
CA GLY N 96 -14.81 -10.25 -26.34
C GLY N 96 -15.29 -11.23 -27.39
N ILE N 97 -16.59 -11.23 -27.68
CA ILE N 97 -17.12 -12.19 -28.63
C ILE N 97 -17.88 -11.59 -29.82
N ILE N 98 -17.61 -12.10 -31.02
CA ILE N 98 -18.36 -11.65 -32.20
C ILE N 98 -19.17 -12.86 -32.71
N VAL N 99 -20.49 -12.68 -32.78
CA VAL N 99 -21.38 -13.73 -33.22
C VAL N 99 -21.76 -13.50 -34.68
N ALA N 100 -21.64 -14.55 -35.50
CA ALA N 100 -21.96 -14.45 -36.93
C ALA N 100 -22.81 -15.63 -37.39
N GLY N 101 -23.92 -15.33 -38.04
CA GLY N 101 -24.79 -16.41 -38.50
C GLY N 101 -25.47 -16.17 -39.83
N TYR N 102 -25.86 -17.26 -40.48
CA TYR N 102 -26.55 -17.17 -41.77
C TYR N 102 -27.95 -17.75 -41.66
N ASP N 103 -28.90 -16.89 -41.99
CA ASP N 103 -30.31 -17.20 -41.95
C ASP N 103 -30.76 -17.12 -43.40
N ASP N 104 -31.81 -17.83 -43.76
CA ASP N 104 -32.28 -17.78 -45.13
C ASP N 104 -33.12 -16.55 -45.37
N LYS N 105 -33.83 -16.14 -44.32
CA LYS N 105 -34.69 -14.97 -44.37
C LYS N 105 -33.86 -13.71 -44.16
N ASN N 106 -32.93 -13.77 -43.19
CA ASN N 106 -32.07 -12.64 -42.83
C ASN N 106 -30.72 -12.60 -43.51
N LYS N 107 -30.33 -13.71 -44.15
CA LYS N 107 -29.04 -13.78 -44.82
C LYS N 107 -27.96 -13.75 -43.73
N GLY N 108 -26.89 -12.98 -43.96
CA GLY N 108 -25.83 -12.89 -42.96
C GLY N 108 -26.08 -11.81 -41.91
N GLU N 109 -25.65 -12.08 -40.68
CA GLU N 109 -25.79 -11.12 -39.58
C GLU N 109 -24.59 -11.17 -38.65
N VAL N 110 -24.24 -10.01 -38.09
CA VAL N 110 -23.11 -9.93 -37.18
C VAL N 110 -23.47 -9.13 -35.92
N TYR N 111 -23.21 -9.75 -34.77
CA TYR N 111 -23.47 -9.11 -33.49
C TYR N 111 -22.15 -9.13 -32.72
N THR N 112 -21.71 -7.98 -32.22
CA THR N 112 -20.48 -7.93 -31.45
C THR N 112 -20.79 -7.68 -29.96
N ILE N 113 -20.25 -8.56 -29.11
CA ILE N 113 -20.44 -8.45 -27.67
C ILE N 113 -19.10 -8.08 -27.04
N PRO N 114 -18.89 -6.78 -26.75
CA PRO N 114 -17.64 -6.33 -26.14
C PRO N 114 -17.62 -6.59 -24.64
N LEU N 115 -16.49 -6.30 -24.01
CA LEU N 115 -16.32 -6.54 -22.58
C LEU N 115 -17.46 -6.32 -21.60
N GLY N 116 -18.12 -5.17 -21.60
CA GLY N 116 -19.18 -5.04 -20.63
C GLY N 116 -20.39 -5.98 -20.75
N GLY N 117 -20.58 -6.59 -21.90
CA GLY N 117 -21.72 -7.46 -22.07
C GLY N 117 -22.82 -6.80 -22.91
N SER N 118 -22.51 -5.68 -23.54
CA SER N 118 -23.49 -5.01 -24.40
C SER N 118 -23.49 -5.71 -25.78
N VAL N 119 -24.57 -5.52 -26.55
CA VAL N 119 -24.67 -6.13 -27.87
C VAL N 119 -24.80 -5.07 -28.95
N HIS N 120 -24.12 -5.29 -30.06
CA HIS N 120 -24.13 -4.34 -31.16
C HIS N 120 -24.20 -5.07 -32.49
N LYS N 121 -25.29 -4.85 -33.22
CA LYS N 121 -25.49 -5.48 -34.52
C LYS N 121 -24.85 -4.55 -35.54
N LEU N 122 -24.00 -5.09 -36.40
CA LEU N 122 -23.32 -4.27 -37.37
C LEU N 122 -23.10 -4.98 -38.69
N PRO N 123 -22.75 -4.22 -39.75
CA PRO N 123 -22.50 -4.78 -41.08
C PRO N 123 -21.27 -5.66 -41.01
N TYR N 124 -20.34 -5.30 -40.12
CA TYR N 124 -19.11 -6.05 -39.90
C TYR N 124 -18.53 -5.57 -38.57
N ALA N 125 -17.64 -6.36 -37.99
CA ALA N 125 -17.06 -5.99 -36.71
C ALA N 125 -15.67 -6.55 -36.57
N ILE N 126 -14.83 -5.84 -35.82
CA ILE N 126 -13.45 -6.26 -35.58
C ILE N 126 -13.20 -6.22 -34.07
N ALA N 127 -12.26 -7.03 -33.60
CA ALA N 127 -11.98 -7.05 -32.18
C ALA N 127 -10.66 -7.72 -31.83
N GLY N 128 -10.18 -7.48 -30.62
CA GLY N 128 -8.93 -8.05 -30.19
C GLY N 128 -7.86 -6.98 -30.25
N SER N 129 -6.73 -7.24 -29.61
CA SER N 129 -5.66 -6.28 -29.60
C SER N 129 -5.29 -5.81 -31.01
N GLY N 130 -5.17 -6.74 -31.95
CA GLY N 130 -4.79 -6.37 -33.31
C GLY N 130 -5.77 -5.47 -34.05
N SER N 131 -7.01 -5.45 -33.62
CA SER N 131 -8.02 -4.65 -34.30
C SER N 131 -7.74 -3.17 -34.31
N THR N 132 -7.20 -2.65 -33.21
CA THR N 132 -6.94 -1.21 -33.11
C THR N 132 -6.17 -0.64 -34.28
N PHE N 133 -5.28 -1.44 -34.84
CA PHE N 133 -4.45 -1.01 -35.95
C PHE N 133 -5.15 -0.98 -37.28
N ILE N 134 -6.25 -1.72 -37.38
CA ILE N 134 -6.96 -1.74 -38.65
C ILE N 134 -8.29 -1.02 -38.65
N TYR N 135 -8.54 -0.17 -37.64
CA TYR N 135 -9.79 0.57 -37.62
C TYR N 135 -9.88 1.47 -38.85
N GLY N 136 -8.84 2.25 -39.09
CA GLY N 136 -8.83 3.14 -40.24
C GLY N 136 -8.92 2.39 -41.56
N TYR N 137 -8.13 1.33 -41.71
CA TYR N 137 -8.13 0.55 -42.93
C TYR N 137 -9.51 0.01 -43.26
N CYS N 138 -10.10 -0.69 -42.30
CA CYS N 138 -11.41 -1.28 -42.47
C CYS N 138 -12.49 -0.23 -42.75
N ASP N 139 -12.47 0.86 -42.00
CA ASP N 139 -13.48 1.88 -42.22
C ASP N 139 -13.41 2.43 -43.63
N LYS N 140 -12.20 2.48 -44.20
CA LYS N 140 -12.01 3.00 -45.54
C LYS N 140 -12.29 1.99 -46.63
N ASN N 141 -12.04 0.71 -46.37
CA ASN N 141 -12.26 -0.32 -47.38
C ASN N 141 -13.54 -1.17 -47.31
N PHE N 142 -14.29 -1.10 -46.22
CA PHE N 142 -15.50 -1.91 -46.16
C PHE N 142 -16.60 -1.35 -47.04
N ARG N 143 -17.34 -2.25 -47.67
CA ARG N 143 -18.47 -1.92 -48.54
C ARG N 143 -19.54 -2.97 -48.30
N GLU N 144 -20.80 -2.57 -48.33
CA GLU N 144 -21.87 -3.52 -48.12
C GLU N 144 -22.18 -4.28 -49.40
N ASN N 145 -22.60 -5.53 -49.26
CA ASN N 145 -22.95 -6.37 -50.41
C ASN N 145 -21.79 -6.78 -51.30
N MET N 146 -20.61 -6.97 -50.72
CA MET N 146 -19.45 -7.40 -51.48
C MET N 146 -19.63 -8.86 -51.88
N SER N 147 -18.85 -9.31 -52.86
CA SER N 147 -18.93 -10.69 -53.30
C SER N 147 -18.10 -11.56 -52.36
N LYS N 148 -18.26 -12.87 -52.45
CA LYS N 148 -17.48 -13.75 -51.59
C LYS N 148 -15.98 -13.50 -51.76
N GLU N 149 -15.53 -13.35 -53.01
CA GLU N 149 -14.11 -13.13 -53.26
C GLU N 149 -13.63 -11.80 -52.67
N GLU N 150 -14.42 -10.75 -52.85
CA GLU N 150 -14.05 -9.45 -52.32
C GLU N 150 -13.97 -9.49 -50.80
N THR N 151 -14.96 -10.13 -50.17
CA THR N 151 -15.02 -10.24 -48.72
C THR N 151 -13.83 -11.02 -48.18
N VAL N 152 -13.50 -12.13 -48.82
CA VAL N 152 -12.36 -12.91 -48.36
C VAL N 152 -11.12 -12.01 -48.45
N ASP N 153 -11.06 -11.20 -49.50
CA ASP N 153 -9.93 -10.30 -49.70
C ASP N 153 -9.84 -9.23 -48.62
N PHE N 154 -10.97 -8.62 -48.30
CA PHE N 154 -11.05 -7.60 -47.27
C PHE N 154 -10.51 -8.18 -45.94
N ILE N 155 -11.02 -9.35 -45.54
CA ILE N 155 -10.60 -9.98 -44.31
C ILE N 155 -9.10 -10.31 -44.35
N LYS N 156 -8.66 -10.87 -45.48
CA LYS N 156 -7.26 -11.25 -45.62
C LYS N 156 -6.32 -10.08 -45.46
N HIS N 157 -6.65 -8.96 -46.10
CA HIS N 157 -5.80 -7.77 -45.99
C HIS N 157 -5.88 -7.18 -44.59
N SER N 158 -7.11 -6.94 -44.12
CA SER N 158 -7.29 -6.38 -42.77
C SER N 158 -6.50 -7.16 -41.72
N LEU N 159 -6.73 -8.46 -41.63
CA LEU N 159 -6.04 -9.26 -40.64
C LEU N 159 -4.54 -9.28 -40.80
N SER N 160 -4.04 -9.38 -42.03
CA SER N 160 -2.60 -9.41 -42.25
C SER N 160 -1.96 -8.13 -41.68
N GLN N 161 -2.69 -7.03 -41.76
CA GLN N 161 -2.19 -5.77 -41.24
C GLN N 161 -2.19 -5.86 -39.72
N ALA N 162 -3.30 -6.34 -39.15
CA ALA N 162 -3.42 -6.48 -37.71
C ALA N 162 -2.33 -7.41 -37.22
N ILE N 163 -2.08 -8.49 -37.93
CA ILE N 163 -1.05 -9.43 -37.54
C ILE N 163 0.33 -8.78 -37.61
N LYS N 164 0.47 -7.87 -38.58
CA LYS N 164 1.73 -7.19 -38.82
C LYS N 164 2.18 -6.31 -37.68
N TRP N 165 1.25 -5.50 -37.20
CA TRP N 165 1.55 -4.57 -36.13
C TRP N 165 1.41 -5.10 -34.72
N ASP N 166 0.52 -6.07 -34.52
CA ASP N 166 0.28 -6.63 -33.19
C ASP N 166 1.06 -7.88 -32.85
N GLY N 167 1.95 -7.78 -31.87
CA GLY N 167 2.75 -8.93 -31.47
C GLY N 167 1.88 -10.01 -30.86
N SER N 168 0.66 -9.61 -30.48
CA SER N 168 -0.27 -10.54 -29.87
C SER N 168 -1.09 -11.29 -30.92
N SER N 169 -0.74 -11.11 -32.18
CA SER N 169 -1.47 -11.79 -33.26
C SER N 169 -0.47 -12.46 -34.20
N GLY N 170 -0.88 -13.54 -34.84
CA GLY N 170 0.04 -14.21 -35.74
C GLY N 170 -0.36 -15.59 -36.19
N GLY N 171 0.59 -16.29 -36.81
CA GLY N 171 0.36 -17.63 -37.31
C GLY N 171 -0.34 -17.56 -38.66
N VAL N 172 -1.45 -18.28 -38.80
CA VAL N 172 -2.22 -18.32 -40.03
C VAL N 172 -3.51 -17.54 -39.88
N ILE N 173 -4.17 -17.26 -41.00
CA ILE N 173 -5.44 -16.58 -40.97
C ILE N 173 -6.49 -17.65 -41.28
N ARG N 174 -7.44 -17.84 -40.38
CA ARG N 174 -8.49 -18.81 -40.59
C ARG N 174 -9.76 -18.05 -40.92
N MET N 175 -10.60 -18.64 -41.77
CA MET N 175 -11.87 -18.02 -42.12
C MET N 175 -12.94 -19.08 -42.20
N VAL N 176 -14.19 -18.66 -41.97
CA VAL N 176 -15.31 -19.57 -42.07
C VAL N 176 -16.39 -18.83 -42.84
N VAL N 177 -16.77 -19.42 -43.98
CA VAL N 177 -17.80 -18.82 -44.82
C VAL N 177 -19.15 -19.45 -44.52
N LEU N 178 -20.12 -18.60 -44.22
CA LEU N 178 -21.48 -19.04 -43.91
C LEU N 178 -22.46 -18.50 -44.94
N THR N 179 -22.94 -19.39 -45.81
CA THR N 179 -23.91 -19.02 -46.85
C THR N 179 -24.96 -20.13 -46.96
N ALA N 180 -25.96 -19.89 -47.81
CA ALA N 180 -27.02 -20.88 -48.01
C ALA N 180 -26.42 -22.18 -48.55
N ALA N 181 -25.32 -22.04 -49.28
CA ALA N 181 -24.64 -23.19 -49.86
C ALA N 181 -24.02 -24.10 -48.81
N GLY N 182 -23.77 -23.58 -47.62
CA GLY N 182 -23.16 -24.41 -46.59
C GLY N 182 -22.09 -23.71 -45.76
N VAL N 183 -21.15 -24.51 -45.28
CA VAL N 183 -20.08 -23.99 -44.44
C VAL N 183 -18.72 -24.30 -45.03
N GLU N 184 -17.95 -23.26 -45.32
CA GLU N 184 -16.62 -23.46 -45.89
C GLU N 184 -15.49 -22.96 -44.98
N ARG N 185 -14.45 -23.77 -44.86
CA ARG N 185 -13.28 -23.45 -44.04
C ARG N 185 -12.16 -22.98 -44.95
N LEU N 186 -11.57 -21.84 -44.62
CA LEU N 186 -10.46 -21.29 -45.38
C LEU N 186 -9.29 -21.05 -44.45
N ILE N 187 -8.08 -21.20 -44.98
CA ILE N 187 -6.87 -20.96 -44.20
C ILE N 187 -5.88 -20.28 -45.13
N PHE N 188 -5.10 -19.36 -44.58
CA PHE N 188 -4.10 -18.64 -45.37
C PHE N 188 -2.81 -18.61 -44.57
N TYR N 189 -1.73 -19.02 -45.22
CA TYR N 189 -0.43 -19.09 -44.56
C TYR N 189 0.39 -17.81 -44.63
N PRO N 190 1.40 -17.69 -43.74
CA PRO N 190 2.27 -16.53 -43.68
C PRO N 190 2.80 -16.09 -45.04
N ASP N 191 3.46 -16.99 -45.74
CA ASP N 191 4.03 -16.65 -47.04
C ASP N 191 3.03 -15.99 -47.99
N GLU N 192 1.74 -16.14 -47.74
CA GLU N 192 0.79 -15.50 -48.61
C GLU N 192 0.32 -14.12 -48.15
N TYR N 193 -0.23 -14.02 -46.94
CA TYR N 193 -0.73 -12.74 -46.45
C TYR N 193 0.32 -11.71 -45.99
N GLU N 194 1.54 -12.16 -45.70
CA GLU N 194 2.56 -11.22 -45.25
C GLU N 194 3.02 -10.25 -46.34
N GLN N 195 3.05 -10.71 -47.57
CA GLN N 195 3.48 -9.85 -48.67
C GLN N 195 2.33 -9.18 -49.42
N LEU N 196 1.19 -9.02 -48.77
CA LEU N 196 0.05 -8.38 -49.41
C LEU N 196 0.19 -6.87 -49.30
N MET O 1 43.73 30.70 -15.30
CA MET O 1 42.55 31.62 -15.26
C MET O 1 42.21 31.91 -13.81
N THR O 2 40.93 32.15 -13.55
CA THR O 2 40.41 32.43 -12.23
C THR O 2 41.06 33.69 -11.65
N ASP O 3 40.21 34.65 -11.33
CA ASP O 3 40.67 35.90 -10.74
C ASP O 3 41.49 35.52 -9.51
N ARG O 4 42.79 35.77 -9.58
CA ARG O 4 43.67 35.44 -8.45
C ARG O 4 44.02 36.72 -7.69
N TYR O 5 43.29 37.78 -8.01
CA TYR O 5 43.47 39.07 -7.37
C TYR O 5 42.48 39.15 -6.20
N SER O 6 42.79 38.42 -5.13
CA SER O 6 41.91 38.40 -3.97
C SER O 6 42.34 39.36 -2.87
N PHE O 7 43.22 40.30 -3.20
CA PHE O 7 43.71 41.29 -2.25
C PHE O 7 43.29 42.68 -2.69
N SER O 8 43.23 43.62 -1.75
CA SER O 8 42.81 44.99 -2.08
C SER O 8 43.76 45.70 -3.04
N LEU O 9 43.20 46.56 -3.88
CA LEU O 9 44.01 47.32 -4.81
C LEU O 9 44.02 48.78 -4.35
N THR O 10 43.26 49.03 -3.27
CA THR O 10 43.19 50.34 -2.64
C THR O 10 43.66 50.09 -1.22
N THR O 11 44.79 50.67 -0.83
CA THR O 11 45.32 50.46 0.52
C THR O 11 45.76 51.81 1.10
N PHE O 12 46.06 51.83 2.40
CA PHE O 12 46.48 53.08 3.05
C PHE O 12 47.96 53.38 2.83
N SER O 13 48.27 54.64 2.51
CA SER O 13 49.65 55.06 2.32
C SER O 13 50.12 55.55 3.68
N PRO O 14 51.43 55.72 3.87
CA PRO O 14 51.93 56.18 5.17
C PRO O 14 51.26 57.47 5.66
N SER O 15 50.85 58.32 4.72
CA SER O 15 50.21 59.58 5.09
C SER O 15 48.77 59.38 5.55
N GLY O 16 48.20 58.21 5.25
CA GLY O 16 46.83 57.91 5.64
C GLY O 16 45.86 58.16 4.50
N LYS O 17 46.39 58.43 3.31
CA LYS O 17 45.54 58.66 2.15
C LYS O 17 45.20 57.31 1.52
N LEU O 18 44.09 57.28 0.79
CA LEU O 18 43.71 56.07 0.07
C LEU O 18 43.85 56.45 -1.41
N GLY O 19 45.06 56.24 -1.92
CA GLY O 19 45.41 56.57 -3.29
C GLY O 19 44.35 56.45 -4.36
N GLN O 20 43.87 55.24 -4.60
CA GLN O 20 42.88 54.99 -5.63
C GLN O 20 41.61 55.81 -5.50
N ILE O 21 41.22 56.14 -4.27
CA ILE O 21 40.03 56.96 -4.06
C ILE O 21 40.34 58.36 -4.56
N ASP O 22 41.52 58.85 -4.18
CA ASP O 22 41.98 60.18 -4.58
C ASP O 22 42.03 60.30 -6.10
N TYR O 23 42.67 59.32 -6.73
CA TYR O 23 42.79 59.32 -8.17
C TYR O 23 41.41 59.27 -8.80
N ALA O 24 40.55 58.43 -8.24
CA ALA O 24 39.18 58.34 -8.76
C ALA O 24 38.54 59.73 -8.71
N LEU O 25 38.71 60.42 -7.58
CA LEU O 25 38.15 61.76 -7.41
C LEU O 25 38.70 62.71 -8.47
N THR O 26 39.98 62.55 -8.80
CA THR O 26 40.62 63.38 -9.82
C THR O 26 39.94 63.15 -11.17
N ALA O 27 39.54 61.91 -11.43
CA ALA O 27 38.90 61.57 -12.67
C ALA O 27 37.55 62.28 -12.71
N VAL O 28 36.91 62.35 -11.54
CA VAL O 28 35.62 63.01 -11.43
C VAL O 28 35.78 64.49 -11.76
N LYS O 29 36.89 65.08 -11.29
CA LYS O 29 37.20 66.49 -11.51
C LYS O 29 37.30 66.87 -12.99
N GLN O 30 37.82 65.97 -13.81
CA GLN O 30 37.96 66.24 -15.23
C GLN O 30 36.64 66.08 -15.97
N GLY O 31 35.67 65.46 -15.30
CA GLY O 31 34.38 65.24 -15.95
C GLY O 31 33.51 66.46 -16.13
N VAL O 32 32.63 66.42 -17.11
CA VAL O 32 31.71 67.51 -17.39
C VAL O 32 30.86 67.88 -16.17
N THR O 33 30.67 69.17 -15.97
CA THR O 33 29.89 69.67 -14.84
C THR O 33 28.44 69.19 -14.82
N SER O 34 27.94 68.88 -13.62
CA SER O 34 26.55 68.46 -13.42
C SER O 34 26.11 69.08 -12.08
N LEU O 35 24.81 69.30 -11.93
CA LEU O 35 24.33 69.94 -10.71
C LEU O 35 22.91 69.56 -10.32
N GLY O 36 22.56 69.91 -9.08
CA GLY O 36 21.24 69.63 -8.57
C GLY O 36 20.81 70.74 -7.64
N ILE O 37 19.53 71.10 -7.69
CA ILE O 37 19.01 72.15 -6.84
C ILE O 37 17.67 71.69 -6.27
N LYS O 38 17.49 71.90 -4.98
CA LYS O 38 16.25 71.50 -4.33
C LYS O 38 15.34 72.70 -4.16
N ALA O 39 14.08 72.57 -4.56
CA ALA O 39 13.10 73.64 -4.40
C ALA O 39 12.11 73.15 -3.34
N THR O 40 11.18 74.00 -2.93
CA THR O 40 10.21 73.61 -1.91
C THR O 40 9.25 72.54 -2.40
N ASN O 41 9.05 72.47 -3.71
CA ASN O 41 8.12 71.49 -4.25
C ASN O 41 8.72 70.69 -5.41
N GLY O 42 10.01 70.38 -5.31
CA GLY O 42 10.63 69.61 -6.37
C GLY O 42 12.13 69.66 -6.32
N VAL O 43 12.78 68.98 -7.26
CA VAL O 43 14.23 68.97 -7.35
C VAL O 43 14.60 68.91 -8.81
N VAL O 44 15.71 69.55 -9.16
CA VAL O 44 16.17 69.55 -10.53
C VAL O 44 17.64 69.14 -10.59
N ILE O 45 17.95 68.25 -11.52
CA ILE O 45 19.32 67.81 -11.73
C ILE O 45 19.58 68.03 -13.20
N ALA O 46 20.77 68.50 -13.53
CA ALA O 46 21.11 68.78 -14.92
C ALA O 46 22.59 68.65 -15.21
N THR O 47 22.89 68.46 -16.49
CA THR O 47 24.27 68.33 -16.92
C THR O 47 24.34 68.70 -18.40
N GLU O 48 25.55 68.69 -18.95
CA GLU O 48 25.77 69.03 -20.34
C GLU O 48 25.98 67.78 -21.20
N LYS O 49 25.32 67.71 -22.34
CA LYS O 49 25.48 66.57 -23.24
C LYS O 49 26.66 66.83 -24.16
N LYS O 50 27.86 66.54 -23.65
CA LYS O 50 29.11 66.75 -24.36
C LYS O 50 29.26 65.75 -25.52
N SER O 51 28.52 65.98 -26.60
CA SER O 51 28.57 65.09 -27.76
C SER O 51 30.01 64.90 -28.26
N SER O 52 30.51 63.66 -28.17
CA SER O 52 31.88 63.34 -28.59
C SER O 52 32.13 63.39 -30.10
N SER O 53 31.11 63.76 -30.87
CA SER O 53 31.21 63.87 -32.32
C SER O 53 29.86 64.33 -32.84
N PRO O 54 29.85 65.09 -33.95
CA PRO O 54 28.57 65.56 -34.49
C PRO O 54 27.80 64.43 -35.16
N LEU O 55 28.50 63.34 -35.48
CA LEU O 55 27.86 62.19 -36.11
C LEU O 55 27.14 61.35 -35.07
N ALA O 56 27.51 61.54 -33.80
CA ALA O 56 26.90 60.83 -32.69
C ALA O 56 25.51 61.37 -32.46
N MET O 57 24.61 60.52 -31.98
CA MET O 57 23.25 60.96 -31.71
C MET O 57 23.15 61.13 -30.20
N SER O 58 23.32 62.36 -29.75
CA SER O 58 23.29 62.67 -28.32
C SER O 58 22.08 62.15 -27.53
N GLU O 59 20.93 62.01 -28.18
CA GLU O 59 19.74 61.52 -27.49
C GLU O 59 19.94 60.07 -27.02
N THR O 60 20.63 59.27 -27.83
CA THR O 60 20.89 57.86 -27.52
C THR O 60 21.88 57.69 -26.37
N LEU O 61 22.13 58.75 -25.63
CA LEU O 61 23.07 58.66 -24.52
C LEU O 61 22.57 59.58 -23.43
N SER O 62 21.85 59.00 -22.46
CA SER O 62 21.32 59.81 -21.38
C SER O 62 22.22 59.79 -20.17
N LYS O 63 22.59 60.99 -19.71
CA LYS O 63 23.42 61.12 -18.54
C LYS O 63 22.51 61.22 -17.32
N VAL O 64 21.25 61.54 -17.57
CA VAL O 64 20.25 61.63 -16.51
C VAL O 64 19.39 60.37 -16.59
N SER O 65 19.44 59.56 -15.55
CA SER O 65 18.70 58.31 -15.53
C SER O 65 17.67 58.17 -14.42
N LEU O 66 16.57 57.50 -14.74
CA LEU O 66 15.51 57.24 -13.78
C LEU O 66 15.88 55.96 -13.03
N LEU O 67 15.94 56.02 -11.71
CA LEU O 67 16.27 54.85 -10.91
C LEU O 67 14.96 54.19 -10.43
N THR O 68 14.02 55.02 -9.98
CA THR O 68 12.71 54.53 -9.55
C THR O 68 11.76 55.61 -10.04
N PRO O 69 10.45 55.32 -10.07
CA PRO O 69 9.57 56.39 -10.56
C PRO O 69 9.60 57.72 -9.80
N ASP O 70 10.33 57.77 -8.68
CA ASP O 70 10.43 59.00 -7.90
C ASP O 70 11.88 59.35 -7.59
N ILE O 71 12.81 58.75 -8.31
CA ILE O 71 14.23 59.01 -8.07
C ILE O 71 15.02 59.02 -9.38
N GLY O 72 15.92 59.99 -9.53
CA GLY O 72 16.74 60.09 -10.72
C GLY O 72 18.19 60.32 -10.35
N ALA O 73 19.10 60.08 -11.29
CA ALA O 73 20.52 60.29 -11.04
C ALA O 73 21.22 60.98 -12.20
N VAL O 74 22.33 61.64 -11.86
CA VAL O 74 23.14 62.33 -12.84
C VAL O 74 24.54 62.21 -12.28
N TYR O 75 25.55 62.42 -13.11
CA TYR O 75 26.92 62.25 -12.63
C TYR O 75 27.96 63.14 -13.32
N SER O 76 29.20 62.90 -12.92
CA SER O 76 30.38 63.58 -13.43
C SER O 76 31.51 62.57 -13.22
N GLY O 77 32.21 62.25 -14.30
CA GLY O 77 33.30 61.29 -14.22
C GLY O 77 33.23 60.34 -15.39
N MET O 78 33.51 59.06 -15.13
CA MET O 78 33.52 58.04 -16.16
C MET O 78 32.15 57.48 -16.54
N GLY O 79 31.66 57.87 -17.71
CA GLY O 79 30.37 57.42 -18.19
C GLY O 79 30.13 55.92 -18.10
N PRO O 80 31.04 55.07 -18.59
CA PRO O 80 30.78 53.63 -18.48
C PRO O 80 30.56 53.20 -17.04
N ASP O 81 31.37 53.71 -16.11
CA ASP O 81 31.19 53.35 -14.70
C ASP O 81 29.78 53.75 -14.22
N TYR O 82 29.30 54.90 -14.66
CA TYR O 82 27.97 55.38 -14.29
C TYR O 82 26.87 54.45 -14.82
N ARG O 83 26.99 54.07 -16.08
CA ARG O 83 26.01 53.21 -16.71
C ARG O 83 25.80 51.93 -15.89
N VAL O 84 26.87 51.19 -15.61
CA VAL O 84 26.69 49.97 -14.83
C VAL O 84 26.15 50.28 -13.44
N LEU O 85 26.55 51.40 -12.85
CA LEU O 85 26.07 51.75 -11.51
C LEU O 85 24.57 51.95 -11.53
N VAL O 86 24.03 52.48 -12.63
CA VAL O 86 22.59 52.68 -12.75
C VAL O 86 21.89 51.32 -12.85
N ASP O 87 22.46 50.42 -13.65
CA ASP O 87 21.85 49.10 -13.77
C ASP O 87 21.77 48.48 -12.38
N LYS O 88 22.90 48.50 -11.67
CA LYS O 88 22.95 47.91 -10.34
C LYS O 88 22.02 48.60 -9.36
N SER O 89 21.81 49.90 -9.54
CA SER O 89 20.94 50.64 -8.63
C SER O 89 19.49 50.29 -8.87
N ARG O 90 19.10 50.23 -10.14
CA ARG O 90 17.73 49.90 -10.47
C ARG O 90 17.38 48.51 -9.93
N LYS O 91 18.32 47.59 -10.08
CA LYS O 91 18.07 46.24 -9.60
C LYS O 91 18.03 46.16 -8.08
N VAL O 92 18.92 46.86 -7.39
CA VAL O 92 18.93 46.80 -5.93
C VAL O 92 17.68 47.43 -5.32
N ALA O 93 17.09 48.39 -6.03
CA ALA O 93 15.88 49.04 -5.54
C ALA O 93 14.81 47.98 -5.45
N HIS O 94 14.88 47.01 -6.37
CA HIS O 94 13.92 45.89 -6.42
C HIS O 94 14.28 44.78 -5.45
N THR O 95 15.41 44.14 -5.67
CA THR O 95 15.85 43.02 -4.85
C THR O 95 15.92 43.27 -3.35
N SER O 96 16.38 44.46 -2.95
CA SER O 96 16.48 44.77 -1.54
C SER O 96 15.37 45.62 -0.96
N TYR O 97 14.32 45.86 -1.73
CA TYR O 97 13.25 46.67 -1.20
C TYR O 97 11.87 46.41 -1.79
N LYS O 98 11.70 46.64 -3.09
CA LYS O 98 10.39 46.42 -3.66
C LYS O 98 9.92 44.97 -3.54
N ARG O 99 10.83 44.01 -3.66
CA ARG O 99 10.42 42.61 -3.56
C ARG O 99 10.18 42.16 -2.12
N ILE O 100 10.50 43.04 -1.18
CA ILE O 100 10.30 42.75 0.23
C ILE O 100 9.15 43.53 0.83
N TYR O 101 9.08 44.82 0.56
CA TYR O 101 8.05 45.70 1.12
C TYR O 101 6.94 46.05 0.16
N GLY O 102 7.08 45.67 -1.10
CA GLY O 102 6.04 45.98 -2.07
C GLY O 102 5.94 47.45 -2.46
N GLU O 103 6.99 48.20 -2.20
CA GLU O 103 7.01 49.61 -2.57
C GLU O 103 8.44 49.99 -2.87
N TYR O 104 8.63 51.10 -3.57
CA TYR O 104 9.98 51.56 -3.93
C TYR O 104 10.66 52.14 -2.72
N PRO O 105 11.99 52.04 -2.68
CA PRO O 105 12.74 52.58 -1.54
C PRO O 105 12.77 54.11 -1.47
N PRO O 106 12.92 54.65 -0.25
CA PRO O 106 12.99 56.09 -0.07
C PRO O 106 14.40 56.53 -0.54
N THR O 107 14.50 57.75 -1.05
CA THR O 107 15.78 58.26 -1.55
C THR O 107 17.03 58.00 -0.71
N LYS O 108 16.98 58.27 0.59
CA LYS O 108 18.14 58.05 1.44
C LYS O 108 18.59 56.59 1.43
N LEU O 109 17.65 55.66 1.47
CA LEU O 109 18.00 54.24 1.50
C LEU O 109 18.57 53.73 0.18
N LEU O 110 18.00 54.16 -0.95
CA LEU O 110 18.53 53.72 -2.23
C LEU O 110 19.92 54.30 -2.37
N VAL O 111 20.07 55.56 -1.95
CA VAL O 111 21.36 56.24 -2.01
C VAL O 111 22.37 55.44 -1.19
N SER O 112 21.90 54.99 -0.03
CA SER O 112 22.70 54.20 0.89
C SER O 112 23.11 52.87 0.24
N GLU O 113 22.24 52.32 -0.60
CA GLU O 113 22.53 51.07 -1.29
C GLU O 113 23.64 51.29 -2.31
N VAL O 114 23.48 52.35 -3.10
CA VAL O 114 24.46 52.71 -4.12
C VAL O 114 25.81 52.92 -3.45
N ALA O 115 25.81 53.72 -2.40
CA ALA O 115 27.01 54.01 -1.64
C ALA O 115 27.72 52.73 -1.21
N LYS O 116 26.95 51.74 -0.77
CA LYS O 116 27.54 50.49 -0.33
C LYS O 116 28.26 49.82 -1.50
N ILE O 117 27.60 49.81 -2.67
CA ILE O 117 28.19 49.21 -3.86
C ILE O 117 29.53 49.87 -4.16
N MET O 118 29.57 51.19 -4.04
CA MET O 118 30.80 51.93 -4.29
C MET O 118 31.86 51.67 -3.22
N GLN O 119 31.46 51.62 -1.96
CA GLN O 119 32.42 51.37 -0.89
C GLN O 119 33.14 50.05 -1.09
N GLU O 120 32.41 49.05 -1.57
CA GLU O 120 32.99 47.73 -1.78
C GLU O 120 34.09 47.70 -2.84
N ALA O 121 33.96 48.54 -3.86
CA ALA O 121 34.94 48.63 -4.95
C ALA O 121 36.19 49.36 -4.44
N THR O 122 36.13 49.70 -3.17
CA THR O 122 37.19 50.42 -2.47
C THR O 122 37.95 49.50 -1.54
N GLN O 123 37.41 48.30 -1.31
CA GLN O 123 38.02 47.38 -0.37
C GLN O 123 38.09 45.93 -0.86
N SER O 124 37.12 45.51 -1.66
CA SER O 124 37.10 44.13 -2.20
C SER O 124 38.37 43.83 -2.98
N GLY O 125 38.70 42.55 -3.09
CA GLY O 125 39.90 42.18 -3.81
C GLY O 125 39.76 42.34 -5.32
N GLY O 126 40.87 42.67 -5.98
CA GLY O 126 40.92 42.79 -7.42
C GLY O 126 40.14 43.85 -8.17
N VAL O 127 39.72 44.92 -7.49
CA VAL O 127 38.99 45.97 -8.20
C VAL O 127 39.54 47.35 -7.89
N ARG O 128 39.05 48.33 -8.66
CA ARG O 128 39.44 49.73 -8.49
C ARG O 128 38.15 50.46 -8.15
N PRO O 129 38.24 51.60 -7.47
CA PRO O 129 37.03 52.34 -7.12
C PRO O 129 36.31 52.84 -8.37
N PHE O 130 35.04 53.17 -8.25
CA PHE O 130 34.30 53.69 -9.38
C PHE O 130 34.80 55.11 -9.61
N GLY O 131 35.03 55.46 -10.85
CA GLY O 131 35.49 56.81 -11.14
C GLY O 131 34.37 57.80 -11.37
N VAL O 132 33.41 57.85 -10.45
CA VAL O 132 32.32 58.80 -10.62
C VAL O 132 31.77 59.34 -9.31
N SER O 133 30.99 60.41 -9.44
CA SER O 133 30.31 61.05 -8.32
C SER O 133 28.92 61.19 -8.88
N LEU O 134 27.93 60.83 -8.08
CA LEU O 134 26.55 60.91 -8.52
C LEU O 134 25.81 61.92 -7.68
N LEU O 135 24.75 62.45 -8.28
CA LEU O 135 23.87 63.37 -7.59
C LEU O 135 22.53 62.71 -7.80
N ILE O 136 21.92 62.23 -6.72
CA ILE O 136 20.63 61.56 -6.81
C ILE O 136 19.53 62.42 -6.18
N ALA O 137 18.45 62.61 -6.94
CA ALA O 137 17.34 63.42 -6.48
C ALA O 137 16.07 62.58 -6.46
N GLY O 138 15.31 62.69 -5.38
CA GLY O 138 14.09 61.91 -5.29
C GLY O 138 13.05 62.43 -4.32
N HIS O 139 11.98 61.66 -4.18
CA HIS O 139 10.91 62.01 -3.27
C HIS O 139 10.23 60.76 -2.73
N ASP O 140 9.82 60.83 -1.48
CA ASP O 140 9.13 59.72 -0.86
C ASP O 140 8.23 60.32 0.20
N GLU O 141 7.10 59.66 0.43
CA GLU O 141 6.10 60.13 1.36
C GLU O 141 6.55 60.69 2.71
N PHE O 142 7.43 59.99 3.40
CA PHE O 142 7.84 60.46 4.71
C PHE O 142 9.08 61.34 4.80
N ASN O 143 9.70 61.64 3.66
CA ASN O 143 10.89 62.49 3.71
C ASN O 143 10.77 63.69 2.77
N GLY O 144 9.75 63.68 1.92
CA GLY O 144 9.57 64.77 0.97
C GLY O 144 10.66 64.73 -0.09
N PHE O 145 11.11 65.90 -0.53
CA PHE O 145 12.13 65.97 -1.55
C PHE O 145 13.52 65.96 -0.97
N SER O 146 14.46 65.39 -1.70
CA SER O 146 15.83 65.35 -1.25
C SER O 146 16.83 65.25 -2.39
N LEU O 147 18.08 65.59 -2.10
CA LEU O 147 19.16 65.57 -3.08
C LEU O 147 20.41 65.06 -2.38
N TYR O 148 21.08 64.09 -2.99
CA TYR O 148 22.28 63.54 -2.37
C TYR O 148 23.45 63.47 -3.33
N GLN O 149 24.64 63.41 -2.77
CA GLN O 149 25.86 63.30 -3.57
C GLN O 149 26.56 62.05 -3.04
N VAL O 150 27.08 61.23 -3.96
CA VAL O 150 27.79 60.01 -3.59
C VAL O 150 29.14 60.02 -4.28
N ASP O 151 30.22 59.95 -3.51
CA ASP O 151 31.57 59.97 -4.07
C ASP O 151 32.19 58.59 -4.11
N PRO O 152 33.29 58.41 -4.88
CA PRO O 152 34.01 57.14 -5.02
C PRO O 152 34.31 56.40 -3.72
N SER O 153 34.49 57.13 -2.63
CA SER O 153 34.76 56.49 -1.35
C SER O 153 33.52 55.75 -0.87
N GLY O 154 32.36 56.20 -1.34
CA GLY O 154 31.12 55.59 -0.93
C GLY O 154 30.38 56.54 0.01
N SER O 155 31.02 57.64 0.35
CA SER O 155 30.42 58.64 1.22
C SER O 155 29.31 59.37 0.47
N TYR O 156 28.30 59.81 1.21
CA TYR O 156 27.21 60.55 0.59
C TYR O 156 26.72 61.59 1.58
N PHE O 157 26.20 62.70 1.08
CA PHE O 157 25.70 63.78 1.92
C PHE O 157 24.57 64.51 1.25
N PRO O 158 23.60 64.98 2.05
CA PRO O 158 22.43 65.71 1.54
C PRO O 158 22.80 67.16 1.22
N TRP O 159 22.21 67.69 0.15
CA TRP O 159 22.46 69.07 -0.28
C TRP O 159 21.17 69.81 -0.57
N LYS O 160 21.25 71.14 -0.53
CA LYS O 160 20.11 71.97 -0.86
C LYS O 160 20.32 72.23 -2.33
N ALA O 161 21.60 72.34 -2.70
CA ALA O 161 22.04 72.58 -4.07
C ALA O 161 23.55 72.36 -4.10
N THR O 162 24.07 71.86 -5.20
CA THR O 162 25.51 71.64 -5.33
C THR O 162 25.85 71.27 -6.75
N ALA O 163 27.15 71.23 -7.05
CA ALA O 163 27.61 70.87 -8.39
C ALA O 163 28.85 70.02 -8.25
N ILE O 164 29.12 69.22 -9.27
CA ILE O 164 30.29 68.36 -9.29
C ILE O 164 30.92 68.42 -10.67
N GLY O 165 32.19 68.03 -10.76
CA GLY O 165 32.88 68.04 -12.02
C GLY O 165 33.74 69.25 -12.30
N LYS O 166 34.09 69.42 -13.58
CA LYS O 166 34.92 70.52 -14.08
C LYS O 166 34.84 71.86 -13.33
N GLY O 167 33.73 72.57 -13.49
CA GLY O 167 33.59 73.86 -12.83
C GLY O 167 32.71 73.82 -11.61
N SER O 168 32.92 72.81 -10.78
CA SER O 168 32.14 72.68 -9.56
C SER O 168 32.36 73.83 -8.58
N VAL O 169 33.62 74.24 -8.41
CA VAL O 169 33.93 75.32 -7.48
C VAL O 169 33.21 76.61 -7.85
N ALA O 170 33.30 77.00 -9.11
CA ALA O 170 32.64 78.21 -9.60
C ALA O 170 31.13 78.09 -9.46
N ALA O 171 30.60 76.98 -9.98
CA ALA O 171 29.15 76.73 -9.93
C ALA O 171 28.60 76.68 -8.51
N LYS O 172 29.31 76.01 -7.60
CA LYS O 172 28.83 75.94 -6.23
C LYS O 172 28.72 77.35 -5.67
N THR O 173 29.69 78.19 -6.00
CA THR O 173 29.69 79.57 -5.53
C THR O 173 28.49 80.31 -6.09
N PHE O 174 28.24 80.16 -7.38
CA PHE O 174 27.10 80.86 -7.96
C PHE O 174 25.78 80.39 -7.37
N LEU O 175 25.73 79.12 -6.97
CA LEU O 175 24.51 78.57 -6.40
C LEU O 175 24.26 79.14 -5.00
N GLU O 176 25.31 79.29 -4.22
CA GLU O 176 25.17 79.81 -2.87
C GLU O 176 24.56 81.21 -2.88
N LYS O 177 24.75 81.94 -3.98
CA LYS O 177 24.22 83.29 -4.10
C LYS O 177 22.73 83.35 -4.39
N ARG O 178 22.27 82.46 -5.25
CA ARG O 178 20.86 82.45 -5.65
C ARG O 178 19.90 81.55 -4.87
N TRP O 179 20.43 80.63 -4.08
CA TRP O 179 19.56 79.71 -3.34
C TRP O 179 18.97 80.22 -2.02
N ASN O 180 17.68 79.94 -1.84
CA ASN O 180 16.95 80.32 -0.63
C ASN O 180 15.95 79.20 -0.38
N ASP O 181 15.41 79.13 0.83
CA ASP O 181 14.47 78.06 1.15
C ASP O 181 13.04 78.34 0.73
N GLU O 182 12.86 79.22 -0.24
CA GLU O 182 11.52 79.54 -0.71
C GLU O 182 11.39 79.41 -2.22
N LEU O 183 12.39 78.80 -2.84
CA LEU O 183 12.38 78.61 -4.29
C LEU O 183 11.29 77.64 -4.73
N GLU O 184 10.63 77.98 -5.82
CA GLU O 184 9.59 77.13 -6.38
C GLU O 184 10.34 76.30 -7.43
N LEU O 185 9.78 75.19 -7.89
CA LEU O 185 10.48 74.34 -8.86
C LEU O 185 10.96 75.10 -10.09
N GLU O 186 10.09 75.92 -10.69
CA GLU O 186 10.46 76.69 -11.87
C GLU O 186 11.67 77.59 -11.61
N ASP O 187 11.73 78.17 -10.40
CA ASP O 187 12.83 79.04 -10.01
C ASP O 187 14.13 78.25 -10.03
N ALA O 188 14.10 77.06 -9.45
CA ALA O 188 15.28 76.20 -9.40
C ALA O 188 15.72 75.84 -10.81
N ILE O 189 14.75 75.56 -11.68
CA ILE O 189 15.05 75.21 -13.06
C ILE O 189 15.77 76.38 -13.72
N HIS O 190 15.25 77.58 -13.45
CA HIS O 190 15.84 78.79 -13.99
C HIS O 190 17.28 78.89 -13.48
N ILE O 191 17.45 78.92 -12.17
CA ILE O 191 18.78 79.03 -11.58
C ILE O 191 19.70 77.97 -12.14
N ALA O 192 19.17 76.76 -12.33
CA ALA O 192 19.94 75.64 -12.86
C ALA O 192 20.47 75.96 -14.25
N LEU O 193 19.60 76.47 -15.11
CA LEU O 193 20.00 76.81 -16.46
C LEU O 193 21.08 77.88 -16.49
N LEU O 194 20.96 78.88 -15.61
CA LEU O 194 21.95 79.95 -15.53
C LEU O 194 23.28 79.37 -15.11
N THR O 195 23.27 78.58 -14.04
CA THR O 195 24.49 77.97 -13.53
C THR O 195 25.20 77.15 -14.58
N LEU O 196 24.41 76.38 -15.33
CA LEU O 196 24.97 75.51 -16.35
C LEU O 196 25.57 76.27 -17.52
N LYS O 197 25.03 77.46 -17.81
CA LYS O 197 25.55 78.26 -18.92
C LYS O 197 27.02 78.63 -18.69
N GLU O 198 27.37 79.04 -17.48
CA GLU O 198 28.75 79.41 -17.16
C GLU O 198 29.73 78.25 -17.39
N SER O 199 29.22 77.03 -17.37
CA SER O 199 30.07 75.85 -17.55
C SER O 199 30.12 75.36 -18.99
N VAL O 200 29.25 75.88 -19.84
CA VAL O 200 29.22 75.44 -21.23
C VAL O 200 30.02 76.37 -22.14
N GLU O 201 30.91 75.79 -22.93
CA GLU O 201 31.76 76.53 -23.87
C GLU O 201 31.06 76.89 -25.17
N GLY O 202 30.45 75.90 -25.81
CA GLY O 202 29.79 76.13 -27.09
C GLY O 202 28.28 76.35 -27.05
N GLU O 203 27.58 75.64 -27.93
CA GLU O 203 26.13 75.74 -28.02
C GLU O 203 25.44 75.43 -26.71
N PHE O 204 24.41 76.20 -26.39
CA PHE O 204 23.66 76.02 -25.15
C PHE O 204 22.17 76.03 -25.45
N ASN O 205 21.62 74.86 -25.76
CA ASN O 205 20.21 74.73 -26.08
C ASN O 205 19.67 73.38 -25.61
N GLY O 206 18.38 73.16 -25.81
CA GLY O 206 17.76 71.91 -25.39
C GLY O 206 18.28 70.61 -25.99
N ASP O 207 19.31 70.69 -26.84
CA ASP O 207 19.86 69.50 -27.47
C ASP O 207 21.26 69.23 -26.97
N THR O 208 21.81 70.22 -26.26
CA THR O 208 23.15 70.12 -25.70
C THR O 208 23.08 69.98 -24.18
N ILE O 209 21.90 70.26 -23.63
CA ILE O 209 21.66 70.18 -22.20
C ILE O 209 20.68 69.04 -21.90
N GLU O 210 20.88 68.38 -20.76
CA GLU O 210 20.02 67.30 -20.32
C GLU O 210 19.53 67.70 -18.93
N LEU O 211 18.22 67.74 -18.74
CA LEU O 211 17.68 68.16 -17.45
C LEU O 211 16.40 67.42 -17.05
N ALA O 212 16.35 66.97 -15.80
CA ALA O 212 15.19 66.26 -15.28
C ALA O 212 14.78 66.82 -13.93
N ILE O 213 13.55 66.54 -13.51
CA ILE O 213 13.06 67.03 -12.23
C ILE O 213 12.30 65.97 -11.46
N ILE O 214 12.25 66.13 -10.14
CA ILE O 214 11.47 65.24 -9.30
C ILE O 214 10.42 66.25 -8.83
N GLY O 215 9.16 66.07 -9.25
CA GLY O 215 8.13 67.02 -8.84
C GLY O 215 6.80 66.38 -8.52
N ASP O 216 5.73 66.95 -9.08
CA ASP O 216 4.39 66.40 -8.84
C ASP O 216 4.27 65.07 -9.56
N GLU O 217 3.17 64.37 -9.27
CA GLU O 217 2.90 63.10 -9.91
C GLU O 217 2.36 63.34 -11.32
N ASN O 218 2.85 62.56 -12.29
CA ASN O 218 2.44 62.67 -13.69
C ASN O 218 1.50 61.52 -14.05
N PRO O 219 0.22 61.63 -13.71
CA PRO O 219 -0.75 60.57 -14.00
C PRO O 219 -0.79 60.22 -15.48
N ASP O 220 -0.46 61.19 -16.32
CA ASP O 220 -0.44 60.99 -17.76
C ASP O 220 0.70 60.08 -18.19
N LEU O 221 1.64 59.85 -17.28
CA LEU O 221 2.80 59.01 -17.56
C LEU O 221 2.71 57.65 -16.86
N LEU O 222 1.53 57.32 -16.35
CA LEU O 222 1.34 56.06 -15.65
C LEU O 222 1.17 54.89 -16.60
N GLY O 223 0.40 55.09 -17.67
CA GLY O 223 0.18 54.04 -18.65
C GLY O 223 -1.12 53.29 -18.46
N TYR O 224 -1.80 53.56 -17.35
CA TYR O 224 -3.07 52.91 -17.05
C TYR O 224 -3.84 53.71 -16.00
N THR O 225 -5.12 53.39 -15.87
CA THR O 225 -5.99 54.05 -14.91
C THR O 225 -6.84 52.97 -14.24
N GLY O 226 -7.50 53.33 -13.14
CA GLY O 226 -8.35 52.37 -12.45
C GLY O 226 -7.97 52.11 -11.01
N ILE O 227 -6.80 52.58 -10.60
CA ILE O 227 -6.35 52.38 -9.22
C ILE O 227 -6.03 53.73 -8.58
N PRO O 228 -7.00 54.31 -7.86
CA PRO O 228 -6.89 55.60 -7.18
C PRO O 228 -5.55 55.94 -6.51
N THR O 229 -4.98 54.98 -5.78
CA THR O 229 -3.71 55.22 -5.10
C THR O 229 -2.49 55.35 -6.01
N ASP O 230 -2.64 54.96 -7.28
CA ASP O 230 -1.54 55.04 -8.24
C ASP O 230 -1.72 56.31 -9.08
N LYS O 231 -0.93 57.34 -8.79
CA LYS O 231 -1.05 58.61 -9.51
C LYS O 231 0.01 58.91 -10.58
N GLY O 232 1.06 58.11 -10.65
CA GLY O 232 2.09 58.34 -11.65
C GLY O 232 3.44 58.70 -11.08
N PRO O 233 4.50 58.68 -11.91
CA PRO O 233 5.87 59.00 -11.50
C PRO O 233 6.11 60.48 -11.23
N ARG O 234 7.01 60.79 -10.30
CA ARG O 234 7.31 62.18 -9.99
C ARG O 234 8.51 62.63 -10.81
N PHE O 235 9.26 61.65 -11.29
CA PHE O 235 10.45 61.90 -12.09
C PHE O 235 10.04 62.20 -13.50
N ARG O 236 10.63 63.23 -14.09
CA ARG O 236 10.33 63.57 -15.46
C ARG O 236 11.51 64.29 -16.10
N LYS O 237 11.92 63.78 -17.24
CA LYS O 237 13.02 64.36 -17.99
C LYS O 237 12.37 65.44 -18.86
N LEU O 238 13.00 66.60 -18.96
CA LEU O 238 12.42 67.65 -19.78
C LEU O 238 12.75 67.39 -21.24
N THR O 239 11.92 67.90 -22.13
CA THR O 239 12.13 67.71 -23.56
C THR O 239 12.95 68.85 -24.11
N SER O 240 13.62 68.60 -25.23
CA SER O 240 14.44 69.60 -25.88
C SER O 240 13.64 70.89 -25.98
N GLN O 241 12.44 70.80 -26.52
CA GLN O 241 11.55 71.95 -26.67
C GLN O 241 11.27 72.65 -25.34
N GLU O 242 10.95 71.89 -24.31
CA GLU O 242 10.66 72.46 -22.99
C GLU O 242 11.81 73.28 -22.44
N ILE O 243 13.03 72.86 -22.76
CA ILE O 243 14.21 73.56 -22.28
C ILE O 243 14.36 74.90 -23.01
N ASN O 244 14.26 74.87 -24.34
CA ASN O 244 14.39 76.09 -25.13
C ASN O 244 13.37 77.15 -24.74
N ASP O 245 12.16 76.73 -24.41
CA ASP O 245 11.13 77.68 -24.01
C ASP O 245 11.59 78.45 -22.78
N ARG O 246 12.31 77.76 -21.89
CA ARG O 246 12.79 78.40 -20.68
C ARG O 246 14.08 79.18 -20.90
N LEU O 247 14.82 78.83 -21.95
CA LEU O 247 16.06 79.53 -22.26
C LEU O 247 15.81 80.94 -22.79
N GLU O 248 14.63 81.15 -23.35
CA GLU O 248 14.27 82.46 -23.88
C GLU O 248 14.03 83.46 -22.74
N ALA O 249 13.58 82.94 -21.60
CA ALA O 249 13.34 83.78 -20.43
C ALA O 249 14.59 83.74 -19.55
N LEU O 250 15.74 83.45 -20.18
CA LEU O 250 17.02 83.38 -19.48
C LEU O 250 17.51 84.78 -19.11
N GLY P 1 52.62 36.53 -12.73
CA GLY P 1 51.39 36.28 -11.92
C GLY P 1 50.82 37.54 -11.27
N SER P 2 49.94 37.36 -10.29
CA SER P 2 49.33 38.48 -9.58
C SER P 2 50.18 38.96 -8.40
N ARG P 3 50.89 38.05 -7.77
CA ARG P 3 51.74 38.35 -6.61
C ARG P 3 52.40 39.72 -6.72
N ARG P 4 52.84 40.02 -7.93
CA ARG P 4 53.51 41.29 -8.24
C ARG P 4 52.77 42.53 -7.73
N TYR P 5 51.43 42.51 -7.80
CA TYR P 5 50.64 43.66 -7.38
C TYR P 5 50.04 43.59 -5.98
N ASP P 6 50.43 42.61 -5.18
CA ASP P 6 49.89 42.44 -3.82
C ASP P 6 50.61 43.31 -2.79
N SER P 7 49.89 44.28 -2.23
CA SER P 7 50.43 45.19 -1.22
C SER P 7 50.74 44.50 0.10
N ARG P 8 50.09 43.37 0.35
CA ARG P 8 50.29 42.61 1.59
C ARG P 8 49.88 43.45 2.80
N THR P 9 48.57 43.69 2.88
CA THR P 9 47.99 44.49 3.93
C THR P 9 48.02 43.88 5.32
N THR P 10 48.47 42.64 5.46
CA THR P 10 48.46 42.04 6.78
C THR P 10 49.79 41.53 7.30
N ILE P 11 50.87 42.25 7.07
CA ILE P 11 52.15 41.77 7.58
C ILE P 11 52.73 42.67 8.66
N PHE P 12 53.75 42.16 9.34
CA PHE P 12 54.42 42.90 10.40
C PHE P 12 55.59 43.71 9.86
N SER P 13 55.89 44.83 10.52
CA SER P 13 57.03 45.65 10.13
C SER P 13 58.17 45.01 10.93
N PRO P 14 59.42 45.38 10.64
CA PRO P 14 60.49 44.75 11.42
C PRO P 14 60.35 45.06 12.92
N GLU P 15 59.62 46.13 13.23
CA GLU P 15 59.41 46.53 14.61
C GLU P 15 58.21 45.82 15.24
N GLY P 16 57.53 45.01 14.44
CA GLY P 16 56.36 44.30 14.95
C GLY P 16 55.11 45.15 14.99
N ARG P 17 54.93 46.00 13.99
CA ARG P 17 53.76 46.85 13.94
C ARG P 17 53.02 46.50 12.66
N LEU P 18 51.74 46.81 12.60
CA LEU P 18 50.97 46.51 11.41
C LEU P 18 50.83 47.75 10.55
N TYR P 19 51.60 47.81 9.49
CA TYR P 19 51.57 48.95 8.57
C TYR P 19 50.18 49.53 8.38
N GLN P 20 49.32 48.78 7.69
CA GLN P 20 47.97 49.21 7.41
C GLN P 20 47.19 49.79 8.59
N VAL P 21 47.29 49.14 9.76
CA VAL P 21 46.58 49.64 10.94
C VAL P 21 47.09 51.03 11.27
N GLU P 22 48.42 51.15 11.31
CA GLU P 22 49.09 52.40 11.62
C GLU P 22 48.70 53.49 10.65
N TYR P 23 48.67 53.17 9.36
CA TYR P 23 48.32 54.16 8.36
C TYR P 23 46.83 54.51 8.43
N ALA P 24 46.01 53.53 8.80
CA ALA P 24 44.58 53.79 8.91
C ALA P 24 44.34 54.73 10.09
N LEU P 25 45.06 54.51 11.18
CA LEU P 25 44.96 55.38 12.36
C LEU P 25 45.35 56.79 11.96
N GLU P 26 46.39 56.90 11.13
CA GLU P 26 46.86 58.20 10.65
C GLU P 26 45.71 58.87 9.89
N SER P 27 44.97 58.07 9.13
CA SER P 27 43.85 58.57 8.35
C SER P 27 42.78 59.13 9.28
N ILE P 28 42.53 58.39 10.37
CA ILE P 28 41.52 58.75 11.36
C ILE P 28 41.81 60.06 12.07
N SER P 29 43.09 60.39 12.23
CA SER P 29 43.52 61.61 12.91
C SER P 29 43.17 62.89 12.17
N HIS P 30 42.67 62.77 10.95
CA HIS P 30 42.29 63.94 10.18
C HIS P 30 40.78 64.03 10.12
N ALA P 31 40.11 63.13 10.82
CA ALA P 31 38.65 63.09 10.85
C ALA P 31 38.11 64.01 11.93
N GLY P 32 36.92 64.54 11.70
CA GLY P 32 36.31 65.41 12.69
C GLY P 32 36.41 64.75 14.06
N THR P 33 36.64 65.55 15.09
CA THR P 33 36.77 65.03 16.44
C THR P 33 35.42 64.59 17.03
N ALA P 34 35.46 63.51 17.80
CA ALA P 34 34.27 62.98 18.46
C ALA P 34 34.63 62.75 19.93
N ILE P 35 33.73 63.15 20.81
CA ILE P 35 33.95 63.04 22.25
C ILE P 35 32.90 62.14 22.92
N GLY P 36 33.34 61.42 23.94
CA GLY P 36 32.46 60.58 24.72
C GLY P 36 32.69 60.83 26.21
N ILE P 37 31.67 61.27 26.93
CA ILE P 37 31.83 61.51 28.36
C ILE P 37 30.74 60.81 29.15
N MET P 38 31.16 59.98 30.09
CA MET P 38 30.23 59.23 30.92
C MET P 38 30.00 59.87 32.29
N ALA P 39 28.74 60.16 32.58
CA ALA P 39 28.33 60.77 33.85
C ALA P 39 27.71 59.71 34.75
N SER P 40 27.26 60.13 35.93
CA SER P 40 26.62 59.21 36.87
C SER P 40 25.19 58.90 36.43
N ASP P 41 24.55 59.89 35.82
CA ASP P 41 23.18 59.74 35.35
C ASP P 41 23.03 59.73 33.83
N GLY P 42 24.07 59.34 33.09
CA GLY P 42 23.96 59.32 31.64
C GLY P 42 25.27 59.34 30.87
N ILE P 43 25.19 59.41 29.53
CA ILE P 43 26.37 59.45 28.69
C ILE P 43 26.16 60.51 27.61
N VAL P 44 27.25 61.20 27.27
CA VAL P 44 27.20 62.24 26.25
C VAL P 44 28.13 61.94 25.09
N LEU P 45 27.60 62.03 23.88
CA LEU P 45 28.36 61.81 22.66
C LEU P 45 28.24 63.09 21.86
N ALA P 46 29.39 63.65 21.49
CA ALA P 46 29.42 64.87 20.69
C ALA P 46 30.46 64.72 19.58
N ALA P 47 30.18 65.25 18.41
CA ALA P 47 31.12 65.16 17.31
C ALA P 47 31.11 66.42 16.44
N GLU P 48 32.26 66.71 15.82
CA GLU P 48 32.39 67.88 14.98
C GLU P 48 32.31 67.44 13.52
N ARG P 49 31.37 68.03 12.78
CA ARG P 49 31.20 67.71 11.37
C ARG P 49 32.36 68.25 10.57
N LYS P 50 33.09 67.37 9.92
CA LYS P 50 34.23 67.80 9.09
C LYS P 50 33.65 68.31 7.78
N VAL P 51 34.14 69.47 7.32
CA VAL P 51 33.69 70.08 6.07
C VAL P 51 32.17 70.33 6.03
N THR P 52 31.80 71.55 5.65
CA THR P 52 30.40 71.91 5.56
C THR P 52 30.21 73.04 4.55
N SER P 53 28.97 73.23 4.12
CA SER P 53 28.64 74.27 3.15
C SER P 53 27.32 74.91 3.55
N THR P 54 26.99 76.00 2.90
CA THR P 54 25.75 76.68 3.19
C THR P 54 24.62 75.82 2.65
N LEU P 55 24.90 75.13 1.55
CA LEU P 55 23.93 74.27 0.90
C LEU P 55 23.76 72.87 1.48
N LEU P 56 24.70 72.44 2.32
CA LEU P 56 24.59 71.13 2.92
C LEU P 56 23.30 71.11 3.74
N GLU P 57 22.50 70.06 3.56
CA GLU P 57 21.24 69.90 4.29
C GLU P 57 21.62 69.29 5.64
N GLN P 58 21.45 70.04 6.73
CA GLN P 58 21.83 69.49 8.03
C GLN P 58 20.72 68.72 8.73
N ASP P 59 19.47 69.11 8.49
CA ASP P 59 18.33 68.44 9.09
C ASP P 59 18.28 66.95 8.73
N THR P 60 18.63 66.65 7.48
CA THR P 60 18.61 65.29 6.97
C THR P 60 19.96 64.60 7.06
N SER P 61 20.94 65.28 7.65
CA SER P 61 22.29 64.71 7.75
C SER P 61 22.61 63.98 9.05
N THR P 62 23.53 63.03 8.92
CA THR P 62 24.04 62.21 10.02
C THR P 62 25.30 61.57 9.46
N GLU P 63 26.46 61.98 9.97
CA GLU P 63 27.71 61.44 9.47
C GLU P 63 28.59 61.00 10.63
N LYS P 64 28.11 61.16 11.85
CA LYS P 64 28.93 60.77 12.98
C LYS P 64 28.24 60.04 14.13
N LEU P 65 26.94 60.26 14.31
CA LEU P 65 26.20 59.59 15.39
C LEU P 65 25.18 58.60 14.85
N TYR P 66 25.38 57.33 15.18
CA TYR P 66 24.49 56.28 14.72
C TYR P 66 23.92 55.44 15.84
N LYS P 67 22.65 55.08 15.67
CA LYS P 67 21.96 54.25 16.64
C LYS P 67 22.19 52.79 16.25
N LEU P 68 22.68 52.00 17.19
CA LEU P 68 22.91 50.58 16.93
C LEU P 68 21.77 49.76 17.51
N ASN P 69 21.37 50.19 18.70
CA ASN P 69 20.35 49.52 19.49
C ASN P 69 19.53 50.63 20.14
N ASP P 70 18.51 50.26 20.91
CA ASP P 70 17.75 51.29 21.59
C ASP P 70 18.51 51.66 22.86
N LYS P 71 19.59 50.94 23.12
CA LYS P 71 20.40 51.18 24.31
C LYS P 71 21.87 51.40 23.99
N ILE P 72 22.22 51.44 22.71
CA ILE P 72 23.60 51.62 22.31
C ILE P 72 23.72 52.48 21.06
N ALA P 73 24.68 53.40 21.09
CA ALA P 73 24.93 54.27 19.94
C ALA P 73 26.44 54.41 19.81
N VAL P 74 26.90 54.86 18.63
CA VAL P 74 28.32 55.05 18.42
C VAL P 74 28.60 56.38 17.78
N ALA P 75 29.80 56.89 18.03
CA ALA P 75 30.25 58.13 17.43
C ALA P 75 31.34 57.66 16.47
N VAL P 76 31.29 58.13 15.23
CA VAL P 76 32.27 57.72 14.21
C VAL P 76 33.36 58.72 13.86
N ALA P 77 34.57 58.19 13.65
CA ALA P 77 35.71 59.00 13.26
C ALA P 77 36.47 58.19 12.19
N GLY P 78 36.36 58.62 10.93
CA GLY P 78 37.04 57.94 9.85
C GLY P 78 36.19 57.93 8.59
N LEU P 79 36.35 56.90 7.75
CA LEU P 79 35.58 56.77 6.52
C LEU P 79 34.13 56.43 6.83
N THR P 80 33.22 57.35 6.50
CA THR P 80 31.81 57.12 6.75
C THR P 80 31.32 55.81 6.14
N ALA P 81 31.58 55.62 4.85
CA ALA P 81 31.16 54.42 4.14
C ALA P 81 31.66 53.15 4.84
N ASP P 82 32.89 53.15 5.32
CA ASP P 82 33.41 51.98 6.03
C ASP P 82 32.63 51.80 7.34
N ALA P 83 32.35 52.91 8.01
CA ALA P 83 31.61 52.85 9.26
C ALA P 83 30.25 52.24 9.04
N GLU P 84 29.54 52.70 8.01
CA GLU P 84 28.22 52.16 7.72
C GLU P 84 28.24 50.65 7.50
N ILE P 85 29.27 50.12 6.87
CA ILE P 85 29.34 48.68 6.66
C ILE P 85 29.37 47.99 8.02
N LEU P 86 30.23 48.47 8.91
CA LEU P 86 30.37 47.90 10.25
C LEU P 86 29.15 48.11 11.12
N ILE P 87 28.54 49.28 11.01
CA ILE P 87 27.36 49.59 11.81
C ILE P 87 26.24 48.63 11.49
N ASN P 88 25.99 48.40 10.20
CA ASN P 88 24.93 47.47 9.81
C ASN P 88 25.14 46.07 10.37
N THR P 89 26.36 45.55 10.31
CA THR P 89 26.59 44.22 10.85
C THR P 89 26.42 44.27 12.37
N ALA P 90 26.81 45.38 12.99
CA ALA P 90 26.65 45.52 14.43
C ALA P 90 25.16 45.46 14.79
N ARG P 91 24.34 46.12 13.98
CA ARG P 91 22.90 46.11 14.22
C ARG P 91 22.34 44.69 14.11
N ILE P 92 22.77 43.92 13.09
CA ILE P 92 22.32 42.55 12.92
C ILE P 92 22.73 41.68 14.11
N HIS P 93 23.96 41.82 14.58
CA HIS P 93 24.42 41.01 15.70
C HIS P 93 23.59 41.26 16.94
N ALA P 94 23.21 42.52 17.15
CA ALA P 94 22.40 42.88 18.30
C ALA P 94 21.08 42.12 18.26
N GLN P 95 20.44 42.12 17.09
CA GLN P 95 19.17 41.44 16.92
C GLN P 95 19.31 39.92 17.04
N ASN P 96 20.41 39.36 16.56
CA ASN P 96 20.58 37.92 16.66
C ASN P 96 20.59 37.53 18.10
N TYR P 97 21.30 38.34 18.90
CA TYR P 97 21.42 38.09 20.33
C TYR P 97 20.04 38.17 20.97
N LEU P 98 19.30 39.23 20.62
CA LEU P 98 17.96 39.42 21.16
C LEU P 98 17.07 38.21 20.87
N LYS P 99 17.02 37.80 19.60
CA LYS P 99 16.21 36.67 19.21
C LYS P 99 16.63 35.36 19.88
N THR P 100 17.92 35.20 20.16
CA THR P 100 18.39 33.98 20.79
C THR P 100 18.10 33.89 22.28
N TYR P 101 18.40 34.97 22.99
CA TYR P 101 18.22 34.99 24.45
C TYR P 101 17.03 35.80 24.96
N ASN P 102 16.39 36.55 24.07
CA ASN P 102 15.26 37.38 24.47
C ASN P 102 15.67 38.37 25.55
N GLU P 103 16.81 38.99 25.32
CA GLU P 103 17.39 39.99 26.21
C GLU P 103 18.25 40.88 25.29
N ASP P 104 18.30 42.17 25.58
CA ASP P 104 19.11 43.09 24.79
C ASP P 104 20.56 42.71 25.02
N ILE P 105 21.38 42.84 23.98
CA ILE P 105 22.77 42.47 24.06
C ILE P 105 23.61 43.35 25.00
N PRO P 106 24.37 42.71 25.92
CA PRO P 106 25.21 43.44 26.85
C PRO P 106 26.16 44.29 26.01
N VAL P 107 26.39 45.53 26.44
CA VAL P 107 27.25 46.44 25.68
C VAL P 107 28.61 45.90 25.29
N GLU P 108 29.33 45.27 26.22
CA GLU P 108 30.65 44.77 25.85
C GLU P 108 30.61 43.68 24.80
N ILE P 109 29.65 42.76 24.90
CA ILE P 109 29.55 41.67 23.92
C ILE P 109 29.45 42.23 22.49
N LEU P 110 28.66 43.28 22.29
CA LEU P 110 28.51 43.85 20.96
C LEU P 110 29.82 44.53 20.52
N VAL P 111 30.47 45.24 21.44
CA VAL P 111 31.73 45.90 21.12
C VAL P 111 32.84 44.88 20.80
N ARG P 112 32.94 43.82 21.58
CA ARG P 112 33.96 42.81 21.34
C ARG P 112 33.76 42.15 19.96
N ARG P 113 32.50 41.95 19.58
CA ARG P 113 32.18 41.35 18.30
C ARG P 113 32.63 42.24 17.15
N LEU P 114 32.27 43.52 17.21
CA LEU P 114 32.66 44.46 16.17
C LEU P 114 34.17 44.57 16.08
N SER P 115 34.83 44.57 17.24
CA SER P 115 36.29 44.67 17.29
C SER P 115 36.94 43.41 16.73
N ASP P 116 36.30 42.28 16.96
CA ASP P 116 36.82 41.00 16.46
C ASP P 116 36.76 40.99 14.94
N ILE P 117 35.71 41.60 14.39
CA ILE P 117 35.56 41.66 12.95
C ILE P 117 36.71 42.48 12.40
N LYS P 118 37.00 43.60 13.05
CA LYS P 118 38.10 44.47 12.64
C LYS P 118 39.43 43.71 12.73
N GLN P 119 39.64 43.04 13.86
CA GLN P 119 40.87 42.28 14.05
C GLN P 119 41.11 41.32 12.90
N GLY P 120 40.03 40.78 12.36
CA GLY P 120 40.14 39.85 11.25
C GLY P 120 40.86 40.42 10.04
N TYR P 121 40.45 41.61 9.60
CA TYR P 121 41.07 42.26 8.44
C TYR P 121 42.54 42.53 8.70
N THR P 122 42.95 42.28 9.93
CA THR P 122 44.31 42.49 10.38
C THR P 122 45.23 41.27 10.29
N GLN P 123 44.64 40.07 10.24
CA GLN P 123 45.42 38.85 10.23
C GLN P 123 45.29 37.96 9.01
N HIS P 124 44.23 38.15 8.23
CA HIS P 124 44.04 37.32 7.05
C HIS P 124 43.10 37.97 6.05
N GLY P 125 43.12 37.46 4.81
CA GLY P 125 42.24 37.99 3.79
C GLY P 125 42.86 38.90 2.75
N GLY P 126 44.00 39.50 3.07
CA GLY P 126 44.67 40.39 2.13
C GLY P 126 43.91 41.67 1.76
N LEU P 127 43.01 42.12 2.62
CA LEU P 127 42.24 43.33 2.34
C LEU P 127 42.61 44.48 3.28
N ARG P 128 42.37 45.71 2.83
CA ARG P 128 42.69 46.87 3.64
C ARG P 128 41.74 46.86 4.85
N PRO P 129 42.18 47.40 6.00
CA PRO P 129 41.34 47.44 7.19
C PRO P 129 40.29 48.53 7.04
N PHE P 130 39.38 48.65 7.98
CA PHE P 130 38.39 49.71 7.89
C PHE P 130 39.04 50.96 8.51
N GLY P 131 38.97 52.08 7.79
CA GLY P 131 39.56 53.30 8.30
C GLY P 131 38.57 53.94 9.23
N VAL P 132 38.29 53.25 10.34
CA VAL P 132 37.31 53.72 11.28
C VAL P 132 37.66 53.47 12.74
N SER P 133 37.20 54.39 13.59
CA SER P 133 37.34 54.31 15.03
C SER P 133 35.96 54.64 15.59
N PHE P 134 35.51 53.85 16.55
CA PHE P 134 34.20 54.05 17.16
C PHE P 134 34.28 54.41 18.65
N ILE P 135 33.32 55.21 19.10
CA ILE P 135 33.20 55.51 20.52
C ILE P 135 31.81 54.91 20.78
N TYR P 136 31.72 53.94 21.67
CA TYR P 136 30.42 53.33 21.96
C TYR P 136 29.84 53.83 23.27
N ALA P 137 28.61 54.32 23.20
CA ALA P 137 27.90 54.80 24.40
C ALA P 137 26.66 53.93 24.56
N GLY P 138 26.62 53.15 25.62
CA GLY P 138 25.47 52.28 25.83
C GLY P 138 25.17 51.96 27.28
N TYR P 139 24.07 51.25 27.48
CA TYR P 139 23.63 50.87 28.82
C TYR P 139 23.06 49.48 28.87
N ASP P 140 23.38 48.76 29.94
CA ASP P 140 22.84 47.44 30.15
C ASP P 140 22.69 47.28 31.65
N ASP P 141 21.96 46.24 32.07
CA ASP P 141 21.69 46.04 33.48
C ASP P 141 22.77 45.31 34.27
N ARG P 142 23.95 45.13 33.69
CA ARG P 142 25.03 44.47 34.41
C ARG P 142 26.15 45.45 34.77
N TYR P 143 26.33 46.46 33.93
CA TYR P 143 27.37 47.46 34.16
C TYR P 143 26.82 48.87 34.03
N GLY P 144 25.53 48.99 33.75
CA GLY P 144 24.93 50.31 33.59
C GLY P 144 25.57 51.08 32.44
N TYR P 145 25.81 52.37 32.67
CA TYR P 145 26.41 53.22 31.65
C TYR P 145 27.84 52.81 31.36
N GLN P 146 28.15 52.70 30.08
CA GLN P 146 29.48 52.30 29.64
C GLN P 146 29.91 53.08 28.42
N LEU P 147 31.22 53.31 28.31
CA LEU P 147 31.80 54.04 27.20
C LEU P 147 32.99 53.23 26.72
N TYR P 148 32.99 52.90 25.42
CA TYR P 148 34.06 52.12 24.83
C TYR P 148 34.62 52.78 23.59
N THR P 149 35.71 52.22 23.11
CA THR P 149 36.37 52.73 21.92
C THR P 149 37.04 51.58 21.19
N SER P 150 36.91 51.55 19.87
CA SER P 150 37.55 50.52 19.06
C SER P 150 38.16 51.21 17.83
N ASN P 151 39.34 50.74 17.44
CA ASN P 151 40.05 51.31 16.29
C ASN P 151 40.42 50.21 15.28
N PRO P 152 40.96 50.58 14.11
CA PRO P 152 41.36 49.64 13.06
C PRO P 152 42.05 48.34 13.49
N SER P 153 42.83 48.39 14.56
CA SER P 153 43.55 47.20 15.02
C SER P 153 42.62 46.14 15.55
N GLY P 154 41.50 46.56 16.13
CA GLY P 154 40.56 45.61 16.68
C GLY P 154 40.65 45.58 18.19
N ASN P 155 41.33 46.58 18.73
CA ASN P 155 41.47 46.68 20.17
C ASN P 155 40.37 47.60 20.68
N TYR P 156 39.90 47.34 21.90
CA TYR P 156 38.85 48.17 22.48
C TYR P 156 39.12 48.36 23.96
N THR P 157 38.68 49.49 24.50
CA THR P 157 38.89 49.80 25.90
C THR P 157 37.75 50.65 26.46
N GLY P 158 37.65 50.64 27.80
CA GLY P 158 36.60 51.39 28.49
C GLY P 158 37.08 52.73 28.99
N TRP P 159 36.20 53.73 28.99
CA TRP P 159 36.58 55.07 29.43
C TRP P 159 35.49 55.81 30.18
N LYS P 160 35.92 56.81 30.94
CA LYS P 160 35.01 57.66 31.69
C LYS P 160 34.76 58.84 30.75
N ALA P 161 35.79 59.15 29.97
CA ALA P 161 35.74 60.22 28.99
C ALA P 161 36.82 59.95 27.94
N ILE P 162 36.50 60.19 26.67
CA ILE P 162 37.48 59.95 25.62
C ILE P 162 37.11 60.62 24.31
N SER P 163 38.06 60.63 23.39
CA SER P 163 37.89 61.25 22.09
C SER P 163 38.63 60.46 21.03
N VAL P 164 38.21 60.63 19.79
CA VAL P 164 38.85 59.96 18.67
C VAL P 164 38.82 60.96 17.53
N GLY P 165 39.77 60.83 16.62
CA GLY P 165 39.84 61.73 15.50
C GLY P 165 40.96 62.72 15.64
N ALA P 166 40.74 63.93 15.14
CA ALA P 166 41.73 65.00 15.21
C ALA P 166 41.97 65.56 16.61
N ASN P 167 43.19 66.03 16.83
CA ASN P 167 43.59 66.65 18.09
C ASN P 167 43.11 65.90 19.33
N THR P 168 43.32 64.60 19.37
CA THR P 168 42.87 63.83 20.51
C THR P 168 43.76 64.10 21.72
N SER P 169 45.03 64.36 21.45
CA SER P 169 46.00 64.65 22.50
C SER P 169 45.58 65.90 23.26
N ALA P 170 45.22 66.94 22.51
CA ALA P 170 44.77 68.19 23.10
C ALA P 170 43.45 67.94 23.83
N ALA P 171 42.54 67.23 23.17
CA ALA P 171 41.24 66.92 23.75
C ALA P 171 41.34 66.07 25.02
N GLN P 172 42.21 65.06 24.99
CA GLN P 172 42.37 64.18 26.12
C GLN P 172 42.92 64.91 27.33
N THR P 173 43.88 65.80 27.10
CA THR P 173 44.47 66.57 28.19
C THR P 173 43.45 67.50 28.83
N LEU P 174 42.61 68.12 28.02
CA LEU P 174 41.58 69.01 28.53
C LEU P 174 40.53 68.26 29.35
N LEU P 175 40.17 67.06 28.88
CA LEU P 175 39.18 66.23 29.55
C LEU P 175 39.72 65.70 30.88
N GLN P 176 40.96 65.24 30.84
CA GLN P 176 41.61 64.69 32.02
C GLN P 176 41.81 65.79 33.05
N MET P 177 41.64 67.03 32.60
CA MET P 177 41.82 68.19 33.45
C MET P 177 40.57 68.56 34.22
N ASP P 178 39.42 68.57 33.55
CA ASP P 178 38.18 68.95 34.19
C ASP P 178 37.14 67.86 34.46
N TYR P 179 37.48 66.60 34.20
CA TYR P 179 36.53 65.53 34.44
C TYR P 179 36.53 65.18 35.92
N LYS P 180 35.36 64.83 36.44
CA LYS P 180 35.21 64.44 37.84
C LYS P 180 34.16 63.31 37.98
N ASP P 181 34.59 62.20 38.60
CA ASP P 181 33.75 61.02 38.82
C ASP P 181 32.28 61.26 39.13
N ASP P 182 31.99 62.27 39.94
CA ASP P 182 30.62 62.57 40.30
C ASP P 182 29.90 63.53 39.37
N MET P 183 30.42 63.71 38.16
CA MET P 183 29.77 64.60 37.21
C MET P 183 28.33 64.23 36.98
N LYS P 184 27.62 65.13 36.30
CA LYS P 184 26.22 64.92 35.99
C LYS P 184 26.10 65.15 34.48
N VAL P 185 25.15 64.48 33.84
CA VAL P 185 24.95 64.60 32.40
C VAL P 185 25.08 66.03 31.91
N ASP P 186 24.38 66.95 32.56
CA ASP P 186 24.44 68.36 32.19
C ASP P 186 25.85 68.92 32.25
N ASP P 187 26.60 68.48 33.25
CA ASP P 187 27.98 68.92 33.41
C ASP P 187 28.79 68.40 32.22
N ALA P 188 28.65 67.11 31.95
CA ALA P 188 29.37 66.46 30.85
C ALA P 188 29.03 67.08 29.51
N ILE P 189 27.76 67.41 29.32
CA ILE P 189 27.37 68.03 28.06
C ILE P 189 28.18 69.28 27.84
N GLU P 190 28.33 70.06 28.90
CA GLU P 190 29.07 71.31 28.88
C GLU P 190 30.57 71.07 28.65
N LEU P 191 31.14 70.09 29.37
CA LEU P 191 32.56 69.77 29.22
C LEU P 191 32.86 69.42 27.76
N ALA P 192 32.01 68.55 27.19
CA ALA P 192 32.16 68.11 25.81
C ALA P 192 32.25 69.29 24.86
N LEU P 193 31.29 70.20 24.93
CA LEU P 193 31.29 71.37 24.05
C LEU P 193 32.51 72.27 24.24
N LYS P 194 32.96 72.40 25.48
CA LYS P 194 34.14 73.23 25.77
C LYS P 194 35.37 72.59 25.16
N THR P 195 35.49 71.27 25.26
CA THR P 195 36.64 70.56 24.73
C THR P 195 36.72 70.73 23.22
N LEU P 196 35.62 70.46 22.53
CA LEU P 196 35.58 70.60 21.08
C LEU P 196 35.90 72.03 20.71
N SER P 197 35.29 72.95 21.46
CA SER P 197 35.45 74.38 21.25
C SER P 197 36.90 74.83 21.24
N LYS P 198 37.73 74.17 22.04
CA LYS P 198 39.15 74.53 22.11
C LYS P 198 40.05 73.69 21.20
N THR P 199 39.49 72.65 20.60
CA THR P 199 40.29 71.79 19.71
C THR P 199 39.91 71.94 18.24
N THR P 200 38.84 72.67 17.96
CA THR P 200 38.41 72.89 16.59
C THR P 200 39.52 73.51 15.76
N ASP P 201 39.58 73.14 14.48
CA ASP P 201 40.58 73.72 13.59
C ASP P 201 39.86 74.82 12.83
N SER P 202 38.59 75.01 13.19
CA SER P 202 37.77 76.03 12.54
C SER P 202 37.70 77.29 13.37
N SER P 203 37.18 78.35 12.75
CA SER P 203 37.06 79.65 13.42
C SER P 203 36.28 79.53 14.72
N ALA P 204 34.96 79.43 14.58
CA ALA P 204 34.08 79.30 15.74
C ALA P 204 33.42 77.94 15.71
N LEU P 205 32.72 77.63 16.79
CA LEU P 205 32.03 76.36 16.91
C LEU P 205 30.53 76.64 16.87
N THR P 206 29.93 76.47 15.69
CA THR P 206 28.50 76.70 15.52
C THR P 206 27.72 75.39 15.53
N TYR P 207 26.39 75.50 15.62
CA TYR P 207 25.54 74.32 15.67
C TYR P 207 25.54 73.51 14.37
N ASP P 208 25.56 74.20 13.23
CA ASP P 208 25.57 73.54 11.94
C ASP P 208 26.79 72.63 11.70
N ARG P 209 27.74 72.66 12.64
CA ARG P 209 28.94 71.84 12.52
C ARG P 209 29.03 70.79 13.63
N LEU P 210 27.90 70.55 14.31
CA LEU P 210 27.88 69.58 15.39
C LEU P 210 26.74 68.57 15.36
N GLU P 211 26.98 67.45 16.03
CA GLU P 211 25.99 66.40 16.18
C GLU P 211 26.08 66.11 17.67
N PHE P 212 24.93 65.86 18.29
CA PHE P 212 24.92 65.62 19.73
C PHE P 212 23.94 64.53 20.12
N ALA P 213 24.32 63.72 21.10
CA ALA P 213 23.44 62.66 21.57
C ALA P 213 23.70 62.34 23.03
N THR P 214 22.64 61.98 23.74
CA THR P 214 22.74 61.64 25.16
C THR P 214 21.93 60.38 25.45
N ILE P 215 22.43 59.56 26.35
CA ILE P 215 21.73 58.34 26.74
C ILE P 215 21.43 58.48 28.22
N ARG P 216 20.20 58.86 28.52
CA ARG P 216 19.80 59.02 29.92
C ARG P 216 18.70 58.07 30.33
N LYS P 217 18.51 57.97 31.64
CA LYS P 217 17.48 57.10 32.18
C LYS P 217 16.38 57.95 32.81
N GLY P 218 15.73 58.76 31.97
CA GLY P 218 14.66 59.64 32.41
C GLY P 218 13.96 59.24 33.70
N ALA P 219 14.31 59.92 34.80
CA ALA P 219 13.75 59.64 36.12
C ALA P 219 12.24 59.36 36.09
N ASN P 220 11.52 60.15 35.31
CA ASN P 220 10.07 59.99 35.18
C ASN P 220 9.80 58.92 34.11
N ASP P 221 10.12 57.66 34.44
CA ASP P 221 9.93 56.54 33.53
C ASP P 221 10.54 55.25 34.11
N GLY P 222 11.87 55.18 34.16
CA GLY P 222 12.54 54.00 34.68
C GLY P 222 13.28 53.22 33.61
N GLU P 223 13.20 53.69 32.37
CA GLU P 223 13.84 53.05 31.23
C GLU P 223 14.94 53.94 30.64
N VAL P 224 15.71 53.42 29.68
CA VAL P 224 16.78 54.19 29.04
C VAL P 224 16.32 54.87 27.77
N TYR P 225 16.72 56.12 27.59
CA TYR P 225 16.33 56.89 26.41
C TYR P 225 17.54 57.52 25.69
N GLN P 226 17.61 57.33 24.38
CA GLN P 226 18.68 57.91 23.59
C GLN P 226 18.10 59.16 22.95
N LYS P 227 18.88 60.22 22.91
CA LYS P 227 18.39 61.46 22.32
C LYS P 227 19.40 62.02 21.35
N ILE P 228 19.13 61.93 20.05
CA ILE P 228 20.03 62.52 19.06
C ILE P 228 19.51 63.93 18.85
N PHE P 229 20.20 64.91 19.42
CA PHE P 229 19.78 66.30 19.31
C PHE P 229 19.56 66.78 17.89
N LYS P 230 18.51 67.58 17.72
CA LYS P 230 18.17 68.14 16.42
C LYS P 230 18.89 69.46 16.24
N PRO P 231 19.10 69.90 14.99
CA PRO P 231 19.79 71.16 14.74
C PRO P 231 19.46 72.24 15.78
N GLN P 232 18.18 72.60 15.87
CA GLN P 232 17.72 73.62 16.81
C GLN P 232 18.13 73.31 18.25
N GLU P 233 18.04 72.05 18.65
CA GLU P 233 18.39 71.65 20.01
C GLU P 233 19.87 71.92 20.32
N ILE P 234 20.73 71.66 19.34
CA ILE P 234 22.16 71.89 19.48
C ILE P 234 22.39 73.41 19.57
N LYS P 235 21.71 74.15 18.72
CA LYS P 235 21.82 75.61 18.68
C LYS P 235 21.50 76.19 20.05
N ASP P 236 20.47 75.64 20.70
CA ASP P 236 20.05 76.10 22.03
C ASP P 236 21.14 75.86 23.06
N ILE P 237 21.40 74.58 23.32
CA ILE P 237 22.43 74.18 24.27
C ILE P 237 23.75 74.89 24.02
N LEU P 238 23.96 75.34 22.79
CA LEU P 238 25.20 76.02 22.43
C LEU P 238 25.21 77.44 23.00
N VAL P 239 24.03 78.04 23.14
CA VAL P 239 23.89 79.39 23.69
C VAL P 239 23.95 79.32 25.21
N LYS P 240 23.15 78.43 25.76
CA LYS P 240 23.07 78.23 27.20
C LYS P 240 24.45 78.03 27.82
N THR P 241 25.21 77.06 27.31
CA THR P 241 26.54 76.77 27.83
C THR P 241 27.49 77.94 27.67
N GLY P 242 27.01 79.01 27.07
CA GLY P 242 27.82 80.19 26.89
C GLY P 242 28.84 80.12 25.76
N ILE P 243 28.36 79.79 24.56
CA ILE P 243 29.24 79.74 23.39
C ILE P 243 28.46 80.46 22.28
N THR P 244 27.18 80.70 22.56
CA THR P 244 26.26 81.37 21.62
C THR P 244 26.33 80.77 20.22
N GLY Q 1 39.93 32.89 -0.63
CA GLY Q 1 40.70 33.10 -1.88
C GLY Q 1 42.14 33.53 -1.65
N TYR Q 2 42.36 34.46 -0.73
CA TYR Q 2 43.72 34.94 -0.46
C TYR Q 2 44.58 33.88 0.23
N ASP Q 3 45.63 33.44 -0.44
CA ASP Q 3 46.50 32.41 0.14
C ASP Q 3 47.98 32.66 -0.08
N ARG Q 4 48.37 33.93 -0.14
CA ARG Q 4 49.78 34.26 -0.34
C ARG Q 4 50.60 33.74 0.82
N ALA Q 5 51.80 33.23 0.54
CA ALA Q 5 52.66 32.71 1.58
C ALA Q 5 53.35 33.91 2.24
N LEU Q 6 52.79 34.36 3.36
CA LEU Q 6 53.35 35.50 4.07
C LEU Q 6 54.50 35.08 5.00
N SER Q 7 54.43 33.85 5.52
CA SER Q 7 55.47 33.31 6.40
C SER Q 7 56.33 32.31 5.62
N ILE Q 8 57.43 32.78 5.05
CA ILE Q 8 58.30 31.89 4.30
C ILE Q 8 59.73 31.98 4.80
N PHE Q 9 60.62 31.16 4.26
CA PHE Q 9 62.02 31.16 4.67
C PHE Q 9 62.85 32.19 3.92
N SER Q 10 63.84 32.75 4.61
CA SER Q 10 64.77 33.68 4.00
C SER Q 10 66.08 32.89 3.93
N PRO Q 11 67.01 33.29 3.06
CA PRO Q 11 68.32 32.64 2.85
C PRO Q 11 69.06 32.09 4.08
N ASP Q 12 68.98 32.80 5.20
CA ASP Q 12 69.67 32.38 6.41
C ASP Q 12 68.84 31.41 7.24
N GLY Q 13 67.73 30.94 6.66
CA GLY Q 13 66.87 30.00 7.36
C GLY Q 13 65.91 30.59 8.37
N HIS Q 14 65.60 31.88 8.24
CA HIS Q 14 64.69 32.52 9.18
C HIS Q 14 63.32 32.76 8.55
N ILE Q 15 62.32 32.93 9.41
CA ILE Q 15 60.97 33.21 8.95
C ILE Q 15 60.67 34.56 9.60
N PHE Q 16 60.95 35.63 8.86
CA PHE Q 16 60.77 36.96 9.37
C PHE Q 16 59.42 37.33 9.96
N GLN Q 17 58.33 36.85 9.35
CA GLN Q 17 57.03 37.19 9.91
C GLN Q 17 56.84 36.63 11.31
N VAL Q 18 57.48 35.50 11.61
CA VAL Q 18 57.36 34.92 12.93
C VAL Q 18 58.30 35.71 13.83
N GLU Q 19 59.48 36.03 13.30
CA GLU Q 19 60.48 36.81 14.02
C GLU Q 19 59.90 38.17 14.41
N TYR Q 20 59.26 38.83 13.46
CA TYR Q 20 58.65 40.13 13.72
C TYR Q 20 57.48 40.01 14.68
N ALA Q 21 56.86 38.82 14.70
CA ALA Q 21 55.74 38.58 15.60
C ALA Q 21 56.30 38.66 17.02
N LEU Q 22 57.49 38.12 17.23
CA LEU Q 22 58.13 38.17 18.55
C LEU Q 22 58.38 39.62 18.96
N GLU Q 23 58.77 40.45 17.99
CA GLU Q 23 59.03 41.87 18.26
C GLU Q 23 57.79 42.55 18.80
N ALA Q 24 56.62 42.10 18.36
CA ALA Q 24 55.37 42.68 18.83
C ALA Q 24 55.16 42.26 20.29
N VAL Q 25 55.66 41.09 20.65
CA VAL Q 25 55.53 40.61 22.02
C VAL Q 25 56.41 41.45 22.93
N LYS Q 26 57.64 41.74 22.48
CA LYS Q 26 58.58 42.54 23.25
C LYS Q 26 57.95 43.87 23.60
N ARG Q 27 57.18 44.40 22.66
CA ARG Q 27 56.52 45.68 22.83
C ARG Q 27 55.35 45.64 23.82
N GLY Q 28 54.74 44.46 24.00
CA GLY Q 28 53.62 44.36 24.91
C GLY Q 28 53.99 44.51 26.37
N THR Q 29 53.00 44.82 27.22
CA THR Q 29 53.23 44.98 28.65
C THR Q 29 53.72 43.67 29.24
N CYS Q 30 54.63 43.77 30.20
CA CYS Q 30 55.22 42.60 30.83
C CYS Q 30 54.23 41.69 31.57
N ALA Q 31 54.55 40.40 31.56
CA ALA Q 31 53.74 39.39 32.23
C ALA Q 31 54.69 38.39 32.88
N VAL Q 32 54.33 37.92 34.06
CA VAL Q 32 55.16 36.98 34.78
C VAL Q 32 54.31 35.95 35.52
N GLY Q 33 54.89 34.77 35.69
CA GLY Q 33 54.21 33.71 36.38
C GLY Q 33 55.23 32.92 37.18
N VAL Q 34 54.90 32.63 38.43
CA VAL Q 34 55.80 31.86 39.28
C VAL Q 34 54.98 30.82 40.02
N LYS Q 35 55.50 29.60 40.12
CA LYS Q 35 54.76 28.58 40.81
C LYS Q 35 55.31 28.29 42.19
N GLY Q 36 54.41 28.26 43.15
CA GLY Q 36 54.78 27.98 44.53
C GLY Q 36 54.79 26.48 44.71
N LYS Q 37 54.63 26.04 45.95
CA LYS Q 37 54.62 24.62 46.24
C LYS Q 37 53.18 24.12 46.15
N ASN Q 38 52.23 25.05 46.21
CA ASN Q 38 50.82 24.71 46.17
C ASN Q 38 49.98 25.76 45.48
N CYS Q 39 50.56 26.45 44.51
CA CYS Q 39 49.83 27.46 43.76
C CYS Q 39 50.69 28.04 42.66
N VAL Q 40 50.09 28.90 41.84
CA VAL Q 40 50.79 29.57 40.75
C VAL Q 40 50.28 31.00 40.75
N VAL Q 41 51.17 31.95 40.57
CA VAL Q 41 50.77 33.35 40.56
C VAL Q 41 51.10 34.01 39.23
N LEU Q 42 50.14 34.79 38.71
CA LEU Q 42 50.34 35.48 37.45
C LEU Q 42 50.26 36.99 37.63
N GLY Q 43 51.35 37.68 37.29
CA GLY Q 43 51.39 39.13 37.42
C GLY Q 43 51.53 39.80 36.06
N CYS Q 44 50.90 40.94 35.91
CA CYS Q 44 50.94 41.69 34.66
C CYS Q 44 51.04 43.17 34.96
N GLU Q 45 51.75 43.92 34.13
CA GLU Q 45 51.89 45.35 34.36
C GLU Q 45 50.84 46.12 33.55
N ARG Q 46 50.45 47.29 34.02
CA ARG Q 46 49.45 48.10 33.32
C ARG Q 46 50.09 49.34 32.69
N ARG Q 47 49.94 49.47 31.38
CA ARG Q 47 50.49 50.59 30.63
C ARG Q 47 50.00 51.91 31.25
N SER Q 48 50.56 53.02 30.79
CA SER Q 48 50.16 54.34 31.27
C SER Q 48 50.32 55.42 30.19
N THR Q 49 50.21 55.00 28.93
CA THR Q 49 50.31 55.91 27.78
C THR Q 49 49.11 56.86 27.86
N LEU Q 50 48.02 56.35 28.42
CA LEU Q 50 46.78 57.09 28.64
C LEU Q 50 46.18 56.57 29.96
N LYS Q 51 45.68 57.48 30.80
CA LYS Q 51 45.07 57.08 32.06
C LYS Q 51 43.85 57.97 32.31
N LEU Q 52 42.69 57.31 32.41
CA LEU Q 52 41.39 57.96 32.62
C LEU Q 52 40.39 56.87 32.24
N GLN Q 53 40.91 55.64 32.26
CA GLN Q 53 40.16 54.44 31.94
C GLN Q 53 39.16 54.06 32.99
N ASP Q 54 38.26 53.18 32.59
CA ASP Q 54 37.23 52.63 33.46
C ASP Q 54 37.66 51.18 33.70
N THR Q 55 38.40 50.97 34.78
CA THR Q 55 38.93 49.64 35.15
C THR Q 55 37.92 48.50 35.27
N ARG Q 56 36.68 48.84 35.61
CA ARG Q 56 35.64 47.83 35.76
C ARG Q 56 35.42 47.06 34.45
N ILE Q 57 35.25 47.83 33.38
CA ILE Q 57 34.98 47.26 32.07
C ILE Q 57 36.17 46.95 31.17
N THR Q 58 37.23 47.76 31.23
CA THR Q 58 38.39 47.49 30.38
C THR Q 58 38.89 46.06 30.59
N PRO Q 59 39.03 45.31 29.48
CA PRO Q 59 39.50 43.92 29.51
C PRO Q 59 40.75 43.66 30.35
N SER Q 60 40.63 42.71 31.27
CA SER Q 60 41.72 42.32 32.18
C SER Q 60 42.77 41.49 31.42
N LYS Q 61 43.99 41.46 31.94
CA LYS Q 61 45.08 40.74 31.28
C LYS Q 61 45.08 39.23 31.49
N VAL Q 62 44.52 38.77 32.62
CA VAL Q 62 44.48 37.33 32.89
C VAL Q 62 43.08 36.80 32.57
N SER Q 63 43.02 35.82 31.67
CA SER Q 63 41.73 35.24 31.29
C SER Q 63 41.60 33.78 31.70
N LYS Q 64 40.40 33.40 32.10
CA LYS Q 64 40.12 32.03 32.48
C LYS Q 64 39.69 31.26 31.24
N ILE Q 65 40.33 30.11 31.01
CA ILE Q 65 39.98 29.29 29.87
C ILE Q 65 38.91 28.34 30.38
N ASP Q 66 39.11 27.84 31.58
CA ASP Q 66 38.13 26.99 32.25
C ASP Q 66 38.21 27.39 33.73
N SER Q 67 37.48 26.70 34.59
CA SER Q 67 37.47 27.06 36.00
C SER Q 67 38.77 26.73 36.73
N HIS Q 68 39.64 25.96 36.10
CA HIS Q 68 40.89 25.58 36.75
C HIS Q 68 42.13 26.02 35.97
N VAL Q 69 41.94 26.78 34.89
CA VAL Q 69 43.07 27.22 34.09
C VAL Q 69 42.93 28.66 33.61
N VAL Q 70 44.04 29.40 33.72
CA VAL Q 70 44.09 30.80 33.30
C VAL Q 70 45.17 31.05 32.25
N LEU Q 71 44.99 32.12 31.50
CA LEU Q 71 45.94 32.49 30.46
C LEU Q 71 46.21 33.98 30.41
N SER Q 72 47.49 34.35 30.48
CA SER Q 72 47.90 35.74 30.40
C SER Q 72 48.78 35.82 29.16
N PHE Q 73 49.13 37.04 28.74
CA PHE Q 73 49.93 37.18 27.52
C PHE Q 73 50.60 38.55 27.39
N SER Q 74 51.47 38.65 26.40
CA SER Q 74 52.16 39.89 26.07
C SER Q 74 52.11 39.96 24.55
N GLY Q 75 51.68 41.09 24.00
CA GLY Q 75 51.62 41.19 22.56
C GLY Q 75 50.38 41.93 22.13
N LEU Q 76 49.92 41.65 20.91
CA LEU Q 76 48.72 42.30 20.38
C LEU Q 76 47.47 41.81 21.12
N ASN Q 77 46.70 42.75 21.65
CA ASN Q 77 45.50 42.42 22.39
C ASN Q 77 44.47 41.77 21.48
N ALA Q 78 44.22 42.40 20.34
CA ALA Q 78 43.23 41.89 19.41
C ALA Q 78 43.55 40.43 19.06
N ASP Q 79 44.83 40.11 18.91
CA ASP Q 79 45.22 38.74 18.58
C ASP Q 79 44.96 37.78 19.72
N SER Q 80 45.23 38.20 20.95
CA SER Q 80 45.03 37.31 22.11
C SER Q 80 43.59 36.84 22.23
N ARG Q 81 42.64 37.69 21.87
CA ARG Q 81 41.24 37.32 21.96
C ARG Q 81 40.92 36.08 21.12
N ILE Q 82 41.46 36.03 19.90
CA ILE Q 82 41.23 34.90 19.02
C ILE Q 82 41.70 33.60 19.72
N LEU Q 83 42.90 33.63 20.26
CA LEU Q 83 43.43 32.46 20.97
C LEU Q 83 42.59 32.10 22.19
N ILE Q 84 42.24 33.11 22.99
CA ILE Q 84 41.46 32.84 24.18
C ILE Q 84 40.15 32.15 23.85
N GLU Q 85 39.43 32.68 22.86
CA GLU Q 85 38.15 32.08 22.46
C GLU Q 85 38.33 30.62 22.03
N LYS Q 86 39.28 30.36 21.14
CA LYS Q 86 39.53 29.01 20.67
C LYS Q 86 39.90 28.08 21.83
N ALA Q 87 40.64 28.60 22.79
CA ALA Q 87 41.04 27.80 23.95
C ALA Q 87 39.83 27.47 24.82
N ARG Q 88 38.94 28.44 24.99
CA ARG Q 88 37.74 28.24 25.81
C ARG Q 88 36.82 27.25 25.15
N VAL Q 89 36.72 27.32 23.83
CA VAL Q 89 35.88 26.39 23.10
C VAL Q 89 36.46 25.00 23.22
N GLU Q 90 37.76 24.87 23.00
CA GLU Q 90 38.38 23.55 23.09
C GLU Q 90 38.26 22.94 24.50
N ALA Q 91 38.14 23.80 25.50
CA ALA Q 91 38.04 23.33 26.87
C ALA Q 91 36.71 22.63 27.08
N GLN Q 92 35.64 23.22 26.54
CA GLN Q 92 34.32 22.62 26.66
C GLN Q 92 34.19 21.34 25.82
N SER Q 93 34.72 21.38 24.60
CA SER Q 93 34.66 20.23 23.73
C SER Q 93 35.35 19.04 24.39
N HIS Q 94 36.47 19.29 25.06
CA HIS Q 94 37.23 18.24 25.72
C HIS Q 94 36.38 17.62 26.84
N ARG Q 95 35.72 18.46 27.64
CA ARG Q 95 34.89 17.97 28.74
C ARG Q 95 33.72 17.17 28.17
N LEU Q 96 33.17 17.64 27.05
CA LEU Q 96 32.04 16.98 26.41
C LEU Q 96 32.36 15.58 25.85
N THR Q 97 33.55 15.40 25.27
CA THR Q 97 33.92 14.12 24.68
C THR Q 97 34.74 13.17 25.57
N LEU Q 98 35.58 13.71 26.44
CA LEU Q 98 36.40 12.86 27.32
C LEU Q 98 35.80 12.75 28.71
N GLU Q 99 34.81 13.58 28.99
CA GLU Q 99 34.15 13.62 30.29
C GLU Q 99 35.18 13.90 31.38
N ASP Q 100 36.00 14.91 31.12
CA ASP Q 100 37.04 15.33 32.05
C ASP Q 100 37.65 16.64 31.53
N PRO Q 101 37.87 17.63 32.41
CA PRO Q 101 38.46 18.87 31.94
C PRO Q 101 39.91 18.69 31.48
N VAL Q 102 40.40 19.63 30.68
CA VAL Q 102 41.75 19.56 30.13
C VAL Q 102 42.85 19.67 31.17
N THR Q 103 44.00 19.06 30.88
CA THR Q 103 45.16 19.17 31.75
C THR Q 103 45.70 20.52 31.27
N VAL Q 104 46.61 21.11 32.04
CA VAL Q 104 47.18 22.40 31.64
C VAL Q 104 48.09 22.24 30.43
N GLU Q 105 48.80 21.12 30.37
CA GLU Q 105 49.70 20.84 29.27
C GLU Q 105 48.91 20.67 27.97
N TYR Q 106 47.78 19.97 28.07
CA TYR Q 106 46.92 19.73 26.91
C TYR Q 106 46.44 21.05 26.35
N LEU Q 107 45.81 21.85 27.21
CA LEU Q 107 45.28 23.16 26.80
C LEU Q 107 46.38 24.00 26.17
N THR Q 108 47.59 23.88 26.71
CA THR Q 108 48.73 24.63 26.21
C THR Q 108 49.13 24.12 24.83
N ARG Q 109 49.28 22.80 24.70
CA ARG Q 109 49.64 22.20 23.42
C ARG Q 109 48.62 22.58 22.34
N TYR Q 110 47.38 22.81 22.76
CA TYR Q 110 46.35 23.18 21.82
C TYR Q 110 46.61 24.59 21.30
N VAL Q 111 46.72 25.54 22.21
CA VAL Q 111 46.97 26.94 21.86
C VAL Q 111 48.21 27.03 20.97
N ALA Q 112 49.27 26.33 21.38
CA ALA Q 112 50.51 26.32 20.63
C ALA Q 112 50.30 25.83 19.20
N GLY Q 113 49.48 24.79 19.04
CA GLY Q 113 49.20 24.24 17.72
C GLY Q 113 48.54 25.26 16.81
N VAL Q 114 47.60 26.01 17.36
CA VAL Q 114 46.90 27.04 16.61
C VAL Q 114 47.93 28.04 16.14
N GLN Q 115 48.84 28.40 17.04
CA GLN Q 115 49.87 29.36 16.70
C GLN Q 115 50.80 28.82 15.62
N GLN Q 116 51.30 27.60 15.82
CA GLN Q 116 52.21 27.01 14.84
C GLN Q 116 51.55 27.02 13.46
N ARG Q 117 50.30 26.57 13.42
CA ARG Q 117 49.51 26.50 12.20
C ARG Q 117 49.47 27.84 11.45
N TYR Q 118 49.35 28.94 12.18
CA TYR Q 118 49.30 30.26 11.57
C TYR Q 118 50.67 30.70 11.04
N THR Q 119 51.70 29.87 11.22
CA THR Q 119 53.02 30.22 10.72
C THR Q 119 53.29 29.52 9.40
N GLN Q 120 52.39 28.63 8.98
CA GLN Q 120 52.57 27.99 7.69
C GLN Q 120 51.30 27.66 6.93
N SER Q 121 50.41 28.64 6.90
CA SER Q 121 49.13 28.56 6.20
C SER Q 121 49.11 29.80 5.31
N GLY Q 122 48.61 29.67 4.09
CA GLY Q 122 48.58 30.83 3.22
C GLY Q 122 47.57 31.90 3.64
N GLY Q 123 47.83 33.14 3.27
CA GLY Q 123 46.92 34.23 3.57
C GLY Q 123 46.81 34.71 5.01
N VAL Q 124 47.66 34.22 5.92
CA VAL Q 124 47.57 34.63 7.31
C VAL Q 124 48.93 34.95 7.94
N ARG Q 125 48.94 35.93 8.85
CA ARG Q 125 50.18 36.27 9.52
C ARG Q 125 50.16 35.59 10.88
N PRO Q 126 51.33 35.34 11.47
CA PRO Q 126 51.38 34.68 12.78
C PRO Q 126 50.77 35.57 13.86
N PHE Q 127 50.50 34.97 15.01
CA PHE Q 127 49.95 35.72 16.12
C PHE Q 127 51.06 36.52 16.78
N GLY Q 128 50.80 37.81 16.99
CA GLY Q 128 51.80 38.64 17.65
C GLY Q 128 51.55 38.49 19.14
N VAL Q 129 51.61 37.26 19.63
CA VAL Q 129 51.35 36.98 21.03
C VAL Q 129 52.19 35.86 21.61
N SER Q 130 52.43 35.94 22.91
CA SER Q 130 53.15 34.90 23.65
C SER Q 130 52.30 34.74 24.88
N THR Q 131 52.13 33.51 25.36
CA THR Q 131 51.27 33.29 26.50
C THR Q 131 51.88 32.48 27.63
N LEU Q 132 51.30 32.69 28.80
CA LEU Q 132 51.67 31.98 30.01
C LEU Q 132 50.36 31.33 30.38
N ILE Q 133 50.38 30.01 30.57
CA ILE Q 133 49.19 29.26 30.92
C ILE Q 133 49.42 28.52 32.23
N ALA Q 134 48.56 28.76 33.21
CA ALA Q 134 48.73 28.13 34.52
C ALA Q 134 47.45 27.58 35.10
N GLY Q 135 47.61 26.56 35.95
CA GLY Q 135 46.48 25.95 36.59
C GLY Q 135 46.82 24.61 37.20
N PHE Q 136 45.79 23.85 37.54
CA PHE Q 136 45.98 22.54 38.14
C PHE Q 136 45.18 21.48 37.41
N ASP Q 137 45.86 20.40 37.00
CA ASP Q 137 45.24 19.29 36.32
C ASP Q 137 44.10 18.80 37.21
N PRO Q 138 43.01 18.31 36.59
CA PRO Q 138 41.88 17.81 37.38
C PRO Q 138 42.33 16.83 38.45
N ARG Q 139 41.83 17.01 39.67
CA ARG Q 139 42.15 16.12 40.79
C ARG Q 139 43.65 16.06 41.15
N ASP Q 140 44.43 17.02 40.66
CA ASP Q 140 45.87 17.04 40.95
C ASP Q 140 46.16 18.34 41.72
N ASP Q 141 47.19 18.32 42.57
CA ASP Q 141 47.54 19.50 43.36
C ASP Q 141 48.87 20.13 42.93
N GLU Q 142 49.60 19.44 42.05
CA GLU Q 142 50.87 19.93 41.55
C GLU Q 142 50.63 21.11 40.59
N PRO Q 143 51.20 22.27 40.89
CA PRO Q 143 51.03 23.46 40.02
C PRO Q 143 51.67 23.33 38.64
N LYS Q 144 51.04 23.95 37.65
CA LYS Q 144 51.53 23.90 36.27
C LYS Q 144 51.68 25.30 35.69
N LEU Q 145 52.78 25.52 34.99
CA LEU Q 145 53.04 26.81 34.35
C LEU Q 145 53.72 26.55 33.00
N TYR Q 146 53.09 27.04 31.94
CA TYR Q 146 53.60 26.85 30.59
C TYR Q 146 53.67 28.15 29.84
N GLN Q 147 54.47 28.16 28.78
CA GLN Q 147 54.61 29.37 27.99
C GLN Q 147 54.63 29.02 26.52
N THR Q 148 53.95 29.84 25.71
CA THR Q 148 53.92 29.61 24.28
C THR Q 148 54.32 30.89 23.56
N GLU Q 149 54.81 30.74 22.34
CA GLU Q 149 55.24 31.89 21.53
C GLU Q 149 54.79 31.76 20.08
N PRO Q 150 54.80 32.87 19.34
CA PRO Q 150 54.38 32.87 17.92
C PRO Q 150 54.75 31.64 17.10
N SER Q 151 55.99 31.20 17.18
CA SER Q 151 56.43 30.03 16.40
C SER Q 151 55.56 28.81 16.63
N GLY Q 152 55.03 28.68 17.84
CA GLY Q 152 54.20 27.53 18.17
C GLY Q 152 54.89 26.63 19.18
N ILE Q 153 56.10 27.03 19.56
CA ILE Q 153 56.86 26.28 20.54
C ILE Q 153 56.35 26.54 21.95
N TYR Q 154 56.43 25.53 22.81
CA TYR Q 154 55.97 25.70 24.19
C TYR Q 154 56.74 24.79 25.14
N SER Q 155 56.70 25.12 26.44
CA SER Q 155 57.39 24.33 27.46
C SER Q 155 56.98 24.81 28.86
N SER Q 156 57.33 24.05 29.90
CA SER Q 156 56.96 24.50 31.24
C SER Q 156 58.12 25.17 31.98
N TRP Q 157 57.76 26.09 32.86
CA TRP Q 157 58.73 26.85 33.62
C TRP Q 157 58.42 26.87 35.11
N SER Q 158 59.45 27.04 35.93
CA SER Q 158 59.28 27.13 37.38
C SER Q 158 58.74 28.54 37.60
N ALA Q 159 59.22 29.45 36.77
CA ALA Q 159 58.81 30.84 36.79
C ALA Q 159 59.26 31.38 35.44
N GLN Q 160 58.53 32.34 34.90
CA GLN Q 160 58.89 32.89 33.60
C GLN Q 160 58.21 34.23 33.38
N THR Q 161 58.73 35.01 32.45
CA THR Q 161 58.18 36.33 32.17
C THR Q 161 58.25 36.56 30.67
N ILE Q 162 57.40 37.44 30.16
CA ILE Q 162 57.37 37.76 28.74
C ILE Q 162 56.99 39.22 28.61
N GLY Q 163 57.32 39.81 27.47
CA GLY Q 163 56.99 41.21 27.25
C GLY Q 163 58.19 42.12 27.42
N ARG Q 164 57.93 43.43 27.38
CA ARG Q 164 58.99 44.42 27.52
C ARG Q 164 59.71 44.30 28.86
N ASN Q 165 61.03 44.43 28.82
CA ASN Q 165 61.85 44.36 30.01
C ASN Q 165 61.74 43.00 30.69
N SER Q 166 61.37 41.98 29.93
CA SER Q 166 61.27 40.65 30.49
C SER Q 166 62.69 40.15 30.72
N LYS Q 167 63.63 40.70 29.98
CA LYS Q 167 65.05 40.34 30.11
C LYS Q 167 65.44 40.63 31.55
N THR Q 168 65.13 41.84 31.99
CA THR Q 168 65.42 42.31 33.34
C THR Q 168 64.82 41.39 34.40
N VAL Q 169 63.49 41.33 34.42
CA VAL Q 169 62.77 40.51 35.39
C VAL Q 169 63.10 39.02 35.36
N ARG Q 170 63.48 38.49 34.21
CA ARG Q 170 63.83 37.07 34.17
C ARG Q 170 65.09 36.88 35.00
N GLU Q 171 66.04 37.81 34.85
CA GLU Q 171 67.29 37.78 35.60
C GLU Q 171 66.96 37.77 37.09
N PHE Q 172 66.07 38.67 37.48
CA PHE Q 172 65.67 38.76 38.87
C PHE Q 172 65.25 37.38 39.34
N LEU Q 173 64.35 36.76 38.59
CA LEU Q 173 63.83 35.44 38.92
C LEU Q 173 64.91 34.35 38.94
N GLU Q 174 65.82 34.40 37.98
CA GLU Q 174 66.87 33.40 37.92
C GLU Q 174 67.80 33.43 39.13
N LYS Q 175 67.87 34.58 39.79
CA LYS Q 175 68.72 34.72 40.97
C LYS Q 175 67.88 35.04 42.19
N ASN Q 176 66.64 34.57 42.18
CA ASN Q 176 65.73 34.79 43.30
C ASN Q 176 64.72 33.64 43.41
N TYR Q 177 64.87 32.63 42.55
CA TYR Q 177 63.98 31.48 42.58
C TYR Q 177 64.77 30.20 42.75
N ASP Q 178 64.53 29.53 43.87
CA ASP Q 178 65.22 28.29 44.19
C ASP Q 178 64.27 27.12 43.98
N ARG Q 179 64.60 26.25 43.04
CA ARG Q 179 63.76 25.07 42.77
C ARG Q 179 63.77 24.13 43.97
N LYS Q 180 64.78 24.27 44.82
CA LYS Q 180 64.90 23.44 46.01
C LYS Q 180 63.76 23.77 46.97
N GLU Q 181 63.46 25.05 47.12
CA GLU Q 181 62.41 25.48 48.03
C GLU Q 181 61.51 26.56 47.41
N PRO Q 182 60.58 26.15 46.55
CA PRO Q 182 59.67 27.11 45.90
C PRO Q 182 58.80 27.78 46.95
N PRO Q 183 58.41 29.04 46.71
CA PRO Q 183 57.57 29.82 47.63
C PRO Q 183 56.48 28.96 48.28
N ALA Q 184 56.84 28.29 49.38
CA ALA Q 184 55.93 27.41 50.09
C ALA Q 184 54.62 28.05 50.56
N THR Q 185 54.38 29.30 50.20
CA THR Q 185 53.15 29.97 50.62
C THR Q 185 52.55 30.81 49.52
N VAL Q 186 51.24 30.96 49.55
CA VAL Q 186 50.56 31.79 48.57
C VAL Q 186 51.13 33.19 48.79
N GLU Q 187 51.35 33.54 50.05
CA GLU Q 187 51.87 34.86 50.40
C GLU Q 187 53.28 35.12 49.87
N GLU Q 188 54.23 34.27 50.23
CA GLU Q 188 55.60 34.49 49.77
C GLU Q 188 55.77 34.29 48.27
N CYS Q 189 54.80 33.62 47.64
CA CYS Q 189 54.86 33.41 46.20
C CYS Q 189 54.39 34.68 45.52
N VAL Q 190 53.33 35.28 46.06
CA VAL Q 190 52.81 36.53 45.50
C VAL Q 190 53.83 37.64 45.69
N LYS Q 191 54.56 37.58 46.80
CA LYS Q 191 55.56 38.59 47.09
C LYS Q 191 56.68 38.54 46.05
N LEU Q 192 57.24 37.34 45.85
CA LEU Q 192 58.31 37.18 44.87
C LEU Q 192 57.87 37.72 43.52
N THR Q 193 56.60 37.51 43.19
CA THR Q 193 56.05 37.97 41.91
C THR Q 193 56.01 39.49 41.85
N VAL Q 194 55.55 40.14 42.92
CA VAL Q 194 55.47 41.59 42.96
C VAL Q 194 56.88 42.17 42.88
N ARG Q 195 57.80 41.55 43.62
CA ARG Q 195 59.20 42.00 43.63
C ARG Q 195 59.77 42.01 42.21
N SER Q 196 59.52 40.94 41.47
CA SER Q 196 60.02 40.82 40.10
C SER Q 196 59.46 41.90 39.18
N LEU Q 197 58.21 42.29 39.40
CA LEU Q 197 57.59 43.31 38.58
C LEU Q 197 58.09 44.71 38.92
N LEU Q 198 58.37 44.95 40.19
CA LEU Q 198 58.86 46.25 40.64
C LEU Q 198 60.20 46.61 40.00
N GLU Q 199 60.95 45.60 39.59
CA GLU Q 199 62.24 45.83 38.93
C GLU Q 199 62.03 46.56 37.62
N VAL Q 200 60.80 46.54 37.11
CA VAL Q 200 60.49 47.18 35.84
C VAL Q 200 59.26 48.08 35.81
N VAL Q 201 58.32 47.89 36.74
CA VAL Q 201 57.11 48.72 36.74
C VAL Q 201 57.35 50.15 37.23
N GLN Q 202 58.35 50.34 38.07
CA GLN Q 202 58.67 51.67 38.61
C GLN Q 202 57.45 52.24 39.33
N THR Q 203 57.31 51.89 40.61
CA THR Q 203 56.21 52.34 41.46
C THR Q 203 54.89 52.38 40.70
N GLY Q 204 54.14 51.29 40.78
CA GLY Q 204 52.87 51.22 40.10
C GLY Q 204 51.85 50.37 40.83
N ALA Q 205 51.29 50.91 41.91
CA ALA Q 205 50.29 50.20 42.69
C ALA Q 205 49.11 49.87 41.78
N LYS Q 206 48.71 50.84 40.95
CA LYS Q 206 47.59 50.66 40.02
C LYS Q 206 48.08 50.13 38.67
N ASN Q 207 49.39 49.89 38.58
CA ASN Q 207 49.99 49.39 37.35
C ASN Q 207 50.41 47.92 37.51
N ILE Q 208 50.04 47.33 38.64
CA ILE Q 208 50.38 45.93 38.90
C ILE Q 208 49.20 45.11 39.42
N GLU Q 209 48.77 44.13 38.63
CA GLU Q 209 47.67 43.25 39.01
C GLU Q 209 48.18 41.83 39.19
N ILE Q 210 47.65 41.14 40.20
CA ILE Q 210 48.04 39.76 40.47
C ILE Q 210 46.83 38.85 40.58
N THR Q 211 46.99 37.61 40.13
CA THR Q 211 45.94 36.61 40.20
C THR Q 211 46.55 35.35 40.82
N VAL Q 212 45.86 34.79 41.80
CA VAL Q 212 46.34 33.58 42.48
C VAL Q 212 45.49 32.38 42.11
N VAL Q 213 46.16 31.31 41.69
CA VAL Q 213 45.46 30.09 41.31
C VAL Q 213 45.87 28.93 42.22
N LYS Q 214 44.89 28.36 42.89
CA LYS Q 214 45.11 27.23 43.80
C LYS Q 214 44.39 26.01 43.23
N PRO Q 215 44.68 24.80 43.75
CA PRO Q 215 44.03 23.57 43.27
C PRO Q 215 42.51 23.63 43.32
N ASP Q 216 41.88 22.76 42.53
CA ASP Q 216 40.42 22.66 42.48
C ASP Q 216 39.67 23.94 42.11
N SER Q 217 40.02 24.50 40.96
CA SER Q 217 39.34 25.68 40.46
C SER Q 217 39.26 26.86 41.43
N ASP Q 218 40.23 26.96 42.34
CA ASP Q 218 40.25 28.08 43.28
C ASP Q 218 41.11 29.19 42.66
N ILE Q 219 40.44 30.16 42.05
CA ILE Q 219 41.14 31.26 41.40
C ILE Q 219 40.58 32.59 41.83
N VAL Q 220 41.47 33.50 42.21
CA VAL Q 220 41.06 34.83 42.66
C VAL Q 220 42.08 35.89 42.29
N ALA Q 221 41.58 37.10 42.02
CA ALA Q 221 42.43 38.23 41.66
C ALA Q 221 42.48 39.20 42.83
N LEU Q 222 43.68 39.68 43.17
CA LEU Q 222 43.86 40.61 44.27
C LEU Q 222 43.37 42.00 43.90
N SER Q 223 43.03 42.78 44.93
CA SER Q 223 42.57 44.16 44.74
C SER Q 223 43.75 45.10 44.92
N SER Q 224 43.58 46.34 44.45
CA SER Q 224 44.64 47.34 44.56
C SER Q 224 45.28 47.35 45.93
N GLU Q 225 44.46 47.41 46.97
CA GLU Q 225 44.93 47.44 48.35
C GLU Q 225 45.80 46.24 48.67
N GLU Q 226 45.22 45.05 48.52
CA GLU Q 226 45.92 43.80 48.79
C GLU Q 226 47.32 43.81 48.17
N ILE Q 227 47.40 44.27 46.93
CA ILE Q 227 48.67 44.33 46.21
C ILE Q 227 49.50 45.46 46.78
N ASN Q 228 48.89 46.63 46.88
CA ASN Q 228 49.56 47.82 47.39
C ASN Q 228 50.21 47.50 48.74
N GLN Q 229 49.58 46.59 49.49
CA GLN Q 229 50.10 46.19 50.78
C GLN Q 229 51.41 45.45 50.60
N TYR Q 230 51.49 44.64 49.55
CA TYR Q 230 52.70 43.88 49.28
C TYR Q 230 53.83 44.82 48.87
N VAL Q 231 53.51 45.79 48.03
CA VAL Q 231 54.49 46.76 47.57
C VAL Q 231 55.12 47.44 48.80
N THR Q 232 54.26 47.97 49.66
CA THR Q 232 54.68 48.67 50.88
C THR Q 232 55.66 47.85 51.70
N GLN Q 233 55.28 46.62 52.04
CA GLN Q 233 56.15 45.75 52.84
C GLN Q 233 57.47 45.49 52.12
N ILE Q 234 57.48 45.66 50.81
CA ILE Q 234 58.70 45.41 50.03
C ILE Q 234 59.65 46.60 49.98
N GLU Q 235 59.10 47.81 49.89
CA GLU Q 235 59.94 49.00 49.85
C GLU Q 235 60.65 49.17 51.19
N GLN Q 236 60.08 48.58 52.23
CA GLN Q 236 60.67 48.64 53.55
C GLN Q 236 61.85 47.68 53.63
N GLU Q 237 61.69 46.52 53.02
CA GLU Q 237 62.75 45.51 53.00
C GLU Q 237 64.04 46.17 52.51
N LYS Q 238 63.90 47.12 51.59
CA LYS Q 238 65.02 47.86 51.02
C LYS Q 238 65.54 48.93 51.99
N GLN Q 239 64.65 49.83 52.39
CA GLN Q 239 64.98 50.91 53.30
C GLN Q 239 65.58 50.40 54.61
N GLU Q 240 65.10 49.25 55.08
CA GLU Q 240 65.61 48.65 56.31
C GLU Q 240 67.01 48.11 56.05
N GLN Q 241 67.79 48.89 55.28
CA GLN Q 241 69.15 48.51 54.93
C GLN Q 241 69.83 49.65 54.17
N ASP R 1 57.04 39.68 -5.68
CA ASP R 1 58.19 38.96 -5.04
C ASP R 1 58.63 37.76 -5.89
N ARG R 2 58.61 36.57 -5.30
CA ARG R 2 59.01 35.34 -6.01
C ARG R 2 58.27 34.12 -5.46
N GLY R 3 57.86 33.22 -6.35
CA GLY R 3 57.14 32.03 -5.93
C GLY R 3 57.83 31.20 -4.86
N VAL R 4 57.05 30.55 -4.00
CA VAL R 4 57.62 29.73 -2.94
C VAL R 4 58.12 28.40 -3.46
N SER R 5 57.76 28.06 -4.69
CA SER R 5 58.20 26.81 -5.28
C SER R 5 58.97 27.10 -6.56
N THR R 6 59.85 28.08 -6.50
CA THR R 6 60.67 28.48 -7.64
C THR R 6 62.02 27.75 -7.62
N PHE R 7 62.55 27.48 -8.81
CA PHE R 7 63.84 26.81 -8.92
C PHE R 7 64.96 27.84 -9.06
N SER R 8 66.08 27.57 -8.40
CA SER R 8 67.24 28.45 -8.48
C SER R 8 67.88 28.11 -9.83
N PRO R 9 68.77 28.97 -10.32
CA PRO R 9 69.39 28.65 -11.61
C PRO R 9 70.23 27.38 -11.56
N GLU R 10 70.50 26.87 -10.36
CA GLU R 10 71.29 25.64 -10.20
C GLU R 10 70.43 24.40 -10.15
N GLY R 11 69.11 24.57 -10.17
CA GLY R 11 68.22 23.43 -10.13
C GLY R 11 67.83 22.99 -8.74
N ARG R 12 67.73 23.94 -7.82
CA ARG R 12 67.33 23.65 -6.46
C ARG R 12 66.15 24.54 -6.11
N LEU R 13 65.37 24.11 -5.13
CA LEU R 13 64.21 24.89 -4.70
C LEU R 13 64.59 25.79 -3.53
N PHE R 14 64.63 27.09 -3.78
CA PHE R 14 65.00 28.05 -2.75
C PHE R 14 64.45 27.72 -1.36
N GLN R 15 63.13 27.72 -1.23
CA GLN R 15 62.51 27.43 0.06
C GLN R 15 63.03 26.17 0.72
N VAL R 16 63.31 25.13 -0.05
CA VAL R 16 63.82 23.89 0.54
C VAL R 16 65.23 24.11 1.06
N GLU R 17 66.07 24.79 0.27
CA GLU R 17 67.44 25.05 0.66
C GLU R 17 67.47 25.93 1.91
N TYR R 18 66.73 27.04 1.87
CA TYR R 18 66.67 27.95 3.01
C TYR R 18 66.15 27.20 4.23
N SER R 19 65.34 26.18 3.99
CA SER R 19 64.77 25.37 5.05
C SER R 19 65.90 24.61 5.74
N LEU R 20 66.78 24.03 4.93
CA LEU R 20 67.91 23.28 5.46
C LEU R 20 68.77 24.14 6.38
N GLU R 21 68.78 25.46 6.14
CA GLU R 21 69.58 26.35 6.97
C GLU R 21 69.02 26.46 8.38
N ALA R 22 67.70 26.55 8.49
CA ALA R 22 67.07 26.65 9.79
C ALA R 22 67.38 25.38 10.57
N ILE R 23 67.46 24.26 9.86
CA ILE R 23 67.73 22.97 10.47
C ILE R 23 69.13 22.95 11.09
N LYS R 24 70.07 23.60 10.42
CA LYS R 24 71.45 23.67 10.91
C LYS R 24 71.53 24.38 12.26
N LEU R 25 70.58 25.28 12.51
CA LEU R 25 70.54 26.03 13.74
C LEU R 25 69.87 25.28 14.88
N GLY R 26 69.32 24.11 14.60
CA GLY R 26 68.65 23.34 15.64
C GLY R 26 69.55 22.51 16.51
N SER R 27 69.03 22.05 17.65
CA SER R 27 69.79 21.22 18.58
C SER R 27 70.23 19.94 17.90
N THR R 28 71.35 19.40 18.36
CA THR R 28 71.90 18.19 17.79
C THR R 28 71.08 16.95 18.13
N ALA R 29 70.98 16.05 17.15
CA ALA R 29 70.27 14.77 17.32
C ALA R 29 71.12 13.70 16.64
N ILE R 30 71.27 12.55 17.28
CA ILE R 30 72.09 11.49 16.70
C ILE R 30 71.41 10.13 16.79
N GLY R 31 71.63 9.31 15.79
CA GLY R 31 71.06 7.98 15.78
C GLY R 31 72.08 6.94 15.36
N ILE R 32 72.13 5.82 16.09
CA ILE R 32 73.05 4.71 15.77
C ILE R 32 72.22 3.44 15.67
N ALA R 33 72.39 2.71 14.56
CA ALA R 33 71.66 1.48 14.35
C ALA R 33 72.57 0.26 14.43
N THR R 34 72.28 -0.63 15.38
CA THR R 34 73.07 -1.86 15.59
C THR R 34 72.15 -3.08 15.47
N LYS R 35 72.73 -4.26 15.33
CA LYS R 35 71.94 -5.49 15.22
C LYS R 35 71.27 -5.86 16.54
N GLU R 36 71.38 -4.97 17.53
CA GLU R 36 70.79 -5.18 18.85
C GLU R 36 69.80 -4.08 19.16
N GLY R 37 69.56 -3.20 18.19
CA GLY R 37 68.64 -2.11 18.39
C GLY R 37 69.18 -0.83 17.80
N VAL R 38 68.38 0.23 17.85
CA VAL R 38 68.78 1.52 17.32
C VAL R 38 68.69 2.51 18.46
N VAL R 39 69.74 3.32 18.64
CA VAL R 39 69.75 4.34 19.69
C VAL R 39 69.53 5.71 19.08
N LEU R 40 68.82 6.55 19.81
CA LEU R 40 68.50 7.89 19.36
C LEU R 40 68.72 8.84 20.53
N GLY R 41 69.59 9.82 20.34
CA GLY R 41 69.85 10.78 21.40
C GLY R 41 69.74 12.21 20.91
N VAL R 42 69.39 13.12 21.83
CA VAL R 42 69.25 14.52 21.46
C VAL R 42 69.81 15.45 22.53
N GLU R 43 70.02 16.70 22.13
CA GLU R 43 70.51 17.74 23.02
C GLU R 43 69.30 18.57 23.42
N LYS R 44 68.93 18.54 24.70
CA LYS R 44 67.78 19.32 25.14
C LYS R 44 67.98 20.80 24.79
N ARG R 45 69.06 21.38 25.30
CA ARG R 45 69.39 22.79 25.06
C ARG R 45 68.32 23.78 25.53
N ALA R 46 68.00 23.76 26.82
CA ALA R 46 67.01 24.68 27.37
C ALA R 46 67.59 26.10 27.27
N THR R 47 66.73 27.10 27.09
CA THR R 47 67.20 28.47 26.93
C THR R 47 67.40 29.26 28.23
N SER R 48 67.00 28.68 29.35
CA SER R 48 67.13 29.33 30.65
C SER R 48 67.08 28.30 31.75
N PRO R 49 67.73 28.59 32.90
CA PRO R 49 67.72 27.62 34.01
C PRO R 49 66.34 27.43 34.64
N LEU R 50 65.42 28.37 34.40
CA LEU R 50 64.06 28.28 34.95
C LEU R 50 63.16 27.34 34.14
N LEU R 51 63.58 27.05 32.92
CA LEU R 51 62.85 26.14 32.04
C LEU R 51 63.06 24.71 32.53
N GLU R 52 61.96 24.02 32.83
CA GLU R 52 62.03 22.64 33.30
C GLU R 52 62.43 21.74 32.15
N SER R 53 63.68 21.29 32.18
CA SER R 53 64.25 20.45 31.12
C SER R 53 63.44 19.27 30.62
N ASP R 54 62.75 18.56 31.51
CA ASP R 54 61.98 17.40 31.07
C ASP R 54 60.73 17.70 30.24
N SER R 55 60.35 18.97 30.13
CA SER R 55 59.20 19.32 29.31
C SER R 55 59.68 19.52 27.86
N ILE R 56 60.96 19.26 27.63
CA ILE R 56 61.55 19.37 26.31
C ILE R 56 61.40 17.98 25.67
N GLU R 57 60.54 17.88 24.68
CA GLU R 57 60.26 16.61 24.03
C GLU R 57 60.74 16.58 22.58
N LYS R 58 61.97 16.14 22.37
CA LYS R 58 62.51 16.09 21.03
C LYS R 58 62.65 14.67 20.52
N ILE R 59 62.21 13.73 21.34
CA ILE R 59 62.22 12.32 20.98
C ILE R 59 60.80 11.80 21.26
N VAL R 60 60.09 11.38 20.22
CA VAL R 60 58.72 10.88 20.41
C VAL R 60 58.49 9.53 19.80
N GLU R 61 57.47 8.85 20.32
CA GLU R 61 57.08 7.52 19.84
C GLU R 61 56.05 7.60 18.71
N ILE R 62 56.29 6.85 17.64
CA ILE R 62 55.37 6.80 16.50
C ILE R 62 54.44 5.61 16.73
N ASP R 63 55.06 4.49 17.07
CA ASP R 63 54.35 3.25 17.37
C ASP R 63 55.33 2.44 18.22
N ARG R 64 54.87 1.34 18.79
CA ARG R 64 55.75 0.53 19.64
C ARG R 64 57.06 0.13 18.97
N HIS R 65 57.06 0.02 17.65
CA HIS R 65 58.26 -0.40 16.91
C HIS R 65 58.92 0.74 16.15
N ILE R 66 58.45 1.97 16.35
CA ILE R 66 59.01 3.13 15.67
C ILE R 66 59.03 4.38 16.55
N GLY R 67 60.17 5.04 16.58
CA GLY R 67 60.30 6.26 17.35
C GLY R 67 61.12 7.23 16.53
N CYS R 68 61.16 8.50 16.91
CA CYS R 68 61.95 9.44 16.14
C CYS R 68 62.46 10.64 16.93
N ALA R 69 63.52 11.25 16.41
CA ALA R 69 64.13 12.43 17.02
C ALA R 69 64.04 13.57 16.00
N MET R 70 63.99 14.80 16.50
CA MET R 70 63.85 15.95 15.63
C MET R 70 64.90 17.03 15.89
N SER R 71 65.15 17.82 14.84
CA SER R 71 66.12 18.90 14.94
C SER R 71 65.72 20.05 14.03
N GLY R 72 65.60 21.25 14.59
CA GLY R 72 65.22 22.41 13.80
C GLY R 72 64.05 23.13 14.44
N LEU R 73 63.15 23.65 13.63
CA LEU R 73 61.97 24.33 14.16
C LEU R 73 61.04 23.23 14.69
N THR R 74 61.30 22.77 15.91
CA THR R 74 60.52 21.69 16.51
C THR R 74 59.00 21.80 16.48
N ALA R 75 58.46 23.01 16.51
CA ALA R 75 56.99 23.15 16.47
C ALA R 75 56.45 22.61 15.15
N ASP R 76 57.25 22.70 14.09
CA ASP R 76 56.83 22.23 12.76
C ASP R 76 56.73 20.70 12.72
N ALA R 77 57.29 20.02 13.71
CA ALA R 77 57.28 18.56 13.71
C ALA R 77 56.02 17.92 14.27
N ARG R 78 55.20 18.69 14.97
CA ARG R 78 53.99 18.12 15.57
C ARG R 78 53.04 17.48 14.57
N SER R 79 52.68 18.21 13.52
CA SER R 79 51.77 17.66 12.53
C SER R 79 52.42 16.48 11.80
N MET R 80 53.75 16.46 11.77
CA MET R 80 54.44 15.35 11.12
C MET R 80 54.30 14.10 11.98
N ILE R 81 54.50 14.26 13.29
CA ILE R 81 54.39 13.15 14.24
C ILE R 81 52.97 12.60 14.20
N GLU R 82 51.99 13.51 14.23
CA GLU R 82 50.59 13.15 14.19
C GLU R 82 50.30 12.31 12.94
N HIS R 83 50.73 12.81 11.79
CA HIS R 83 50.52 12.09 10.55
C HIS R 83 51.15 10.70 10.63
N ALA R 84 52.32 10.62 11.23
CA ALA R 84 53.03 9.34 11.36
C ALA R 84 52.29 8.36 12.24
N ARG R 85 51.86 8.84 13.41
CA ARG R 85 51.13 7.98 14.34
C ARG R 85 49.86 7.47 13.70
N THR R 86 49.14 8.37 13.05
CA THR R 86 47.90 8.01 12.36
C THR R 86 48.17 6.99 11.25
N ALA R 87 49.23 7.22 10.47
CA ALA R 87 49.57 6.31 9.39
C ALA R 87 49.86 4.90 9.89
N ALA R 88 50.66 4.79 10.95
CA ALA R 88 50.99 3.48 11.51
C ALA R 88 49.77 2.79 12.09
N VAL R 89 48.96 3.55 12.84
CA VAL R 89 47.77 2.96 13.43
C VAL R 89 46.81 2.55 12.31
N THR R 90 46.64 3.41 11.31
CA THR R 90 45.73 3.10 10.22
C THR R 90 46.14 1.82 9.51
N HIS R 91 47.43 1.70 9.25
CA HIS R 91 47.94 0.52 8.59
C HIS R 91 47.57 -0.71 9.39
N ASN R 92 47.70 -0.62 10.71
CA ASN R 92 47.37 -1.75 11.53
C ASN R 92 45.91 -2.11 11.43
N LEU R 93 45.05 -1.10 11.42
CA LEU R 93 43.62 -1.35 11.31
C LEU R 93 43.27 -2.02 9.97
N TYR R 94 43.91 -1.59 8.90
CA TYR R 94 43.63 -2.16 7.58
C TYR R 94 44.28 -3.50 7.34
N TYR R 95 45.49 -3.72 7.86
CA TYR R 95 46.16 -4.98 7.57
C TYR R 95 46.45 -5.91 8.71
N ASP R 96 45.99 -5.56 9.91
CA ASP R 96 46.21 -6.40 11.07
C ASP R 96 47.70 -6.75 11.18
N GLU R 97 48.55 -5.73 11.12
CA GLU R 97 50.00 -5.92 11.21
C GLU R 97 50.68 -4.58 11.47
N ASP R 98 52.01 -4.63 11.63
CA ASP R 98 52.83 -3.44 11.85
C ASP R 98 53.24 -2.84 10.51
N ILE R 99 53.29 -1.51 10.47
CA ILE R 99 53.69 -0.79 9.27
C ILE R 99 55.22 -0.88 9.18
N ASN R 100 55.75 -1.19 7.99
CA ASN R 100 57.19 -1.26 7.83
C ASN R 100 57.79 0.13 8.06
N VAL R 101 58.96 0.17 8.70
CA VAL R 101 59.63 1.43 9.00
C VAL R 101 59.87 2.30 7.77
N GLU R 102 60.19 1.66 6.64
CA GLU R 102 60.44 2.38 5.41
C GLU R 102 59.15 3.01 4.90
N SER R 103 58.06 2.24 4.97
CA SER R 103 56.75 2.72 4.52
C SER R 103 56.30 3.89 5.36
N LEU R 104 56.43 3.77 6.67
CA LEU R 104 56.03 4.85 7.56
C LEU R 104 56.82 6.09 7.20
N THR R 105 58.11 5.92 6.94
CA THR R 105 58.95 7.06 6.59
C THR R 105 58.53 7.69 5.28
N GLN R 106 58.30 6.87 4.27
CA GLN R 106 57.88 7.35 2.95
C GLN R 106 56.60 8.17 3.06
N SER R 107 55.71 7.77 3.97
CA SER R 107 54.45 8.47 4.17
C SER R 107 54.68 9.89 4.66
N VAL R 108 55.57 10.01 5.65
CA VAL R 108 55.93 11.30 6.21
C VAL R 108 56.56 12.19 5.15
N CYS R 109 57.49 11.62 4.39
CA CYS R 109 58.17 12.39 3.35
C CYS R 109 57.24 12.83 2.23
N ASP R 110 56.05 12.26 2.18
CA ASP R 110 55.09 12.64 1.14
C ASP R 110 54.49 13.99 1.44
N LEU R 111 54.44 14.39 2.71
CA LEU R 111 53.90 15.70 3.09
C LEU R 111 54.88 16.78 2.65
N ALA R 112 56.16 16.46 2.82
CA ALA R 112 57.26 17.34 2.50
C ALA R 112 57.06 18.42 1.44
N LEU R 113 56.96 18.03 0.17
CA LEU R 113 56.83 19.00 -0.90
C LEU R 113 55.41 19.51 -1.16
N ARG R 114 54.49 19.22 -0.24
CA ARG R 114 53.11 19.68 -0.38
C ARG R 114 52.95 21.14 0.05
N PHE R 115 53.73 22.04 -0.54
CA PHE R 115 53.63 23.45 -0.19
C PHE R 115 53.55 24.31 -1.44
N GLY R 116 53.08 25.54 -1.28
CA GLY R 116 52.97 26.43 -2.42
C GLY R 116 51.77 27.36 -2.30
N GLU R 117 51.51 28.13 -3.36
CA GLU R 117 50.38 29.06 -3.39
C GLU R 117 49.39 28.63 -4.46
N GLY R 118 49.51 27.39 -4.93
CA GLY R 118 48.62 26.88 -5.96
C GLY R 118 49.33 26.03 -7.01
N ALA R 119 50.18 25.10 -6.56
CA ALA R 119 50.93 24.22 -7.45
C ALA R 119 50.02 23.20 -8.16
N SER R 120 50.05 23.22 -9.50
CA SER R 120 49.24 22.31 -10.32
C SER R 120 49.69 20.85 -10.23
N GLY R 121 49.09 20.10 -9.30
CA GLY R 121 49.42 18.70 -9.13
C GLY R 121 48.47 17.99 -8.17
N GLU R 122 47.71 18.80 -7.42
CA GLU R 122 46.72 18.32 -6.44
C GLU R 122 46.23 19.54 -5.65
N GLU R 123 46.26 19.46 -4.32
CA GLU R 123 45.85 20.59 -3.48
C GLU R 123 46.80 20.78 -2.29
N ARG R 124 48.06 21.08 -2.60
CA ARG R 124 49.10 21.29 -1.59
C ARG R 124 48.93 22.62 -0.85
N LEU R 125 48.05 22.60 0.15
CA LEU R 125 47.78 23.78 0.95
C LEU R 125 48.71 23.80 2.17
N MET R 126 49.84 24.47 2.01
CA MET R 126 50.84 24.63 3.06
C MET R 126 51.75 25.68 2.45
N SER R 127 51.91 26.80 3.15
CA SER R 127 52.69 27.92 2.64
C SER R 127 54.20 27.75 2.50
N ARG R 128 54.80 26.92 3.35
CA ARG R 128 56.25 26.74 3.30
C ARG R 128 56.65 25.33 3.68
N PRO R 129 57.89 24.94 3.36
CA PRO R 129 58.35 23.59 3.70
C PRO R 129 58.46 23.51 5.21
N PHE R 130 58.64 22.31 5.74
CA PHE R 130 58.80 22.16 7.19
C PHE R 130 60.20 22.65 7.51
N GLY R 131 60.39 23.22 8.69
CA GLY R 131 61.71 23.69 9.07
C GLY R 131 62.37 22.76 10.06
N VAL R 132 62.23 21.46 9.86
CA VAL R 132 62.81 20.50 10.78
C VAL R 132 63.08 19.16 10.12
N ALA R 133 64.23 18.56 10.44
CA ALA R 133 64.60 17.26 9.89
C ALA R 133 64.25 16.23 10.93
N LEU R 134 64.04 14.99 10.52
CA LEU R 134 63.70 13.94 11.47
C LEU R 134 64.56 12.70 11.33
N LEU R 135 64.81 12.05 12.45
CA LEU R 135 65.55 10.81 12.46
C LEU R 135 64.50 9.81 12.89
N ILE R 136 64.11 8.93 11.98
CA ILE R 136 63.10 7.92 12.27
C ILE R 136 63.77 6.56 12.42
N ALA R 137 63.62 5.96 13.60
CA ALA R 137 64.22 4.67 13.86
C ALA R 137 63.20 3.63 14.30
N GLY R 138 63.37 2.41 13.81
CA GLY R 138 62.44 1.35 14.17
C GLY R 138 62.90 -0.02 13.75
N HIS R 139 62.01 -1.00 13.93
CA HIS R 139 62.32 -2.37 13.58
C HIS R 139 61.12 -3.06 12.95
N ASP R 140 61.38 -3.97 12.02
CA ASP R 140 60.32 -4.72 11.37
C ASP R 140 60.91 -6.03 10.84
N ALA R 141 60.07 -7.06 10.78
CA ALA R 141 60.49 -8.39 10.33
C ALA R 141 61.28 -8.49 9.03
N ASP R 142 60.93 -7.68 8.04
CA ASP R 142 61.61 -7.77 6.76
C ASP R 142 63.02 -7.16 6.65
N ASP R 143 63.26 -6.03 7.31
CA ASP R 143 64.55 -5.38 7.24
C ASP R 143 65.17 -5.04 8.61
N GLY R 144 64.80 -5.80 9.63
CA GLY R 144 65.33 -5.55 10.97
C GLY R 144 65.36 -4.09 11.41
N TYR R 145 66.38 -3.75 12.19
CA TYR R 145 66.54 -2.40 12.71
C TYR R 145 66.90 -1.39 11.63
N GLN R 146 66.30 -0.21 11.71
CA GLN R 146 66.54 0.81 10.70
C GLN R 146 66.53 2.25 11.21
N LEU R 147 67.34 3.07 10.54
CA LEU R 147 67.46 4.48 10.86
C LEU R 147 67.31 5.25 9.54
N PHE R 148 66.41 6.23 9.54
CA PHE R 148 66.16 7.03 8.36
C PHE R 148 66.27 8.50 8.69
N HIS R 149 66.69 9.29 7.71
CA HIS R 149 66.81 10.73 7.89
C HIS R 149 65.80 11.34 6.91
N ALA R 150 64.73 11.91 7.43
CA ALA R 150 63.72 12.53 6.59
C ALA R 150 63.90 14.04 6.55
N GLU R 151 64.09 14.59 5.36
CA GLU R 151 64.28 16.03 5.20
C GLU R 151 63.09 16.71 4.55
N PRO R 152 62.98 18.05 4.69
CA PRO R 152 61.90 18.86 4.13
C PRO R 152 61.89 18.80 2.59
N SER R 153 62.89 18.14 2.04
CA SER R 153 63.02 18.01 0.60
C SER R 153 62.13 16.88 0.10
N GLY R 154 61.75 16.00 1.02
CA GLY R 154 60.91 14.89 0.66
C GLY R 154 61.71 13.62 0.46
N THR R 155 63.03 13.75 0.47
CA THR R 155 63.88 12.59 0.30
C THR R 155 64.26 12.08 1.69
N PHE R 156 64.47 10.77 1.80
CA PHE R 156 64.86 10.17 3.07
C PHE R 156 65.91 9.12 2.80
N TYR R 157 66.99 9.19 3.55
CA TYR R 157 68.10 8.26 3.38
C TYR R 157 68.19 7.31 4.54
N ARG R 158 68.69 6.12 4.29
CA ARG R 158 68.87 5.15 5.35
C ARG R 158 70.34 5.25 5.76
N TYR R 159 70.61 5.25 7.06
CA TYR R 159 71.96 5.36 7.60
C TYR R 159 72.25 4.29 8.63
N ASN R 160 73.54 4.03 8.87
CA ASN R 160 73.95 3.06 9.90
C ASN R 160 74.07 3.91 11.15
N ALA R 161 74.29 5.20 10.92
CA ALA R 161 74.41 6.18 11.98
C ALA R 161 74.25 7.53 11.31
N LYS R 162 73.74 8.51 12.04
CA LYS R 162 73.54 9.83 11.45
C LYS R 162 73.31 10.91 12.50
N ALA R 163 73.81 12.10 12.18
CA ALA R 163 73.68 13.25 13.09
C ALA R 163 73.11 14.44 12.33
N ILE R 164 72.13 15.10 12.94
CA ILE R 164 71.51 16.27 12.35
C ILE R 164 71.50 17.38 13.39
N GLY R 165 71.57 18.63 12.94
CA GLY R 165 71.59 19.75 13.86
C GLY R 165 72.88 20.52 13.83
N SER R 166 73.01 21.50 14.73
CA SER R 166 74.21 22.34 14.80
C SER R 166 75.56 21.63 14.75
N GLY R 167 75.71 20.51 15.48
CA GLY R 167 76.99 19.84 15.45
C GLY R 167 77.06 18.62 14.56
N SER R 168 76.29 18.62 13.46
CA SER R 168 76.24 17.49 12.54
C SER R 168 77.49 17.18 11.70
N GLU R 169 78.08 18.17 11.05
CA GLU R 169 79.27 17.93 10.23
C GLU R 169 80.36 17.34 11.12
N GLY R 170 80.51 17.90 12.32
CA GLY R 170 81.50 17.43 13.26
C GLY R 170 81.14 16.04 13.75
N ALA R 171 79.96 15.92 14.33
CA ALA R 171 79.48 14.64 14.87
C ALA R 171 79.46 13.52 13.84
N GLN R 172 79.06 13.84 12.61
CA GLN R 172 78.99 12.84 11.54
C GLN R 172 80.38 12.28 11.24
N ALA R 173 81.39 13.15 11.28
CA ALA R 173 82.77 12.75 11.03
C ALA R 173 83.18 11.75 12.10
N GLU R 174 82.75 12.00 13.33
CA GLU R 174 83.05 11.13 14.43
C GLU R 174 82.42 9.76 14.18
N LEU R 175 81.12 9.76 13.90
CA LEU R 175 80.38 8.52 13.63
C LEU R 175 81.01 7.70 12.51
N LEU R 176 81.60 8.40 11.55
CA LEU R 176 82.24 7.74 10.41
C LEU R 176 83.34 6.79 10.88
N ASN R 177 84.11 7.24 11.86
CA ASN R 177 85.21 6.44 12.39
C ASN R 177 84.79 5.46 13.49
N GLU R 178 83.79 5.85 14.27
CA GLU R 178 83.34 5.01 15.37
C GLU R 178 82.43 3.83 15.01
N TRP R 179 81.58 4.01 13.99
CA TRP R 179 80.65 2.96 13.61
C TRP R 179 81.24 1.75 12.89
N HIS R 180 80.79 0.56 13.30
CA HIS R 180 81.20 -0.70 12.68
C HIS R 180 80.04 -1.68 12.82
N SER R 181 79.91 -2.56 11.83
CA SER R 181 78.83 -3.54 11.76
C SER R 181 78.60 -4.46 12.97
N SER R 182 79.40 -4.35 14.02
CA SER R 182 79.19 -5.23 15.16
C SER R 182 79.06 -4.52 16.51
N LEU R 183 78.66 -3.25 16.48
CA LEU R 183 78.49 -2.50 17.72
C LEU R 183 77.39 -3.13 18.55
N THR R 184 77.53 -3.07 19.87
CA THR R 184 76.51 -3.62 20.74
C THR R 184 75.64 -2.43 21.09
N LEU R 185 74.43 -2.69 21.60
CA LEU R 185 73.55 -1.59 21.97
C LEU R 185 74.23 -0.68 22.98
N LYS R 186 74.88 -1.27 23.97
CA LYS R 186 75.57 -0.51 25.02
C LYS R 186 76.65 0.38 24.43
N GLU R 187 77.38 -0.13 23.44
CA GLU R 187 78.43 0.64 22.79
C GLU R 187 77.81 1.86 22.12
N ALA R 188 76.79 1.62 21.30
CA ALA R 188 76.10 2.70 20.59
C ALA R 188 75.64 3.77 21.59
N GLU R 189 75.12 3.33 22.72
CA GLU R 189 74.64 4.25 23.75
C GLU R 189 75.76 5.20 24.19
N LEU R 190 76.86 4.63 24.68
CA LEU R 190 78.00 5.44 25.12
C LEU R 190 78.45 6.34 23.98
N LEU R 191 78.60 5.74 22.81
CA LEU R 191 79.03 6.42 21.61
C LEU R 191 78.19 7.66 21.29
N VAL R 192 76.88 7.55 21.42
CA VAL R 192 75.98 8.68 21.17
C VAL R 192 76.16 9.69 22.28
N LEU R 193 76.25 9.18 23.51
CA LEU R 193 76.43 10.03 24.68
C LEU R 193 77.74 10.82 24.54
N LYS R 194 78.76 10.16 23.98
CA LYS R 194 80.07 10.78 23.78
C LYS R 194 80.05 11.88 22.73
N ILE R 195 79.58 11.57 21.53
CA ILE R 195 79.54 12.57 20.47
C ILE R 195 78.70 13.79 20.85
N LEU R 196 77.59 13.58 21.54
CA LEU R 196 76.77 14.71 21.95
C LEU R 196 77.59 15.64 22.82
N LYS R 197 78.32 15.04 23.76
CA LYS R 197 79.18 15.80 24.67
C LYS R 197 80.22 16.64 23.93
N GLN R 198 80.75 16.12 22.83
CA GLN R 198 81.75 16.86 22.06
C GLN R 198 81.20 18.06 21.33
N VAL R 199 80.01 17.93 20.74
CA VAL R 199 79.42 19.04 19.99
C VAL R 199 78.53 19.98 20.80
N MET R 200 78.07 19.54 21.96
CA MET R 200 77.22 20.37 22.80
C MET R 200 77.99 21.53 23.42
N GLU R 201 77.35 22.69 23.48
CA GLU R 201 77.98 23.87 24.08
C GLU R 201 78.11 23.64 25.58
N GLU R 202 77.03 23.14 26.18
CA GLU R 202 77.00 22.86 27.61
C GLU R 202 77.64 21.53 27.96
N LYS R 203 77.94 21.35 29.24
CA LYS R 203 78.55 20.11 29.70
C LYS R 203 77.43 19.09 29.83
N LEU R 204 77.49 18.06 29.01
CA LEU R 204 76.46 17.02 29.00
C LEU R 204 76.24 16.33 30.34
N ASP R 205 74.97 16.34 30.78
CA ASP R 205 74.54 15.69 32.01
C ASP R 205 73.16 15.08 31.70
N GLU R 206 72.60 14.32 32.63
CA GLU R 206 71.31 13.69 32.38
C GLU R 206 70.11 14.64 32.35
N ASN R 207 70.37 15.94 32.34
CA ASN R 207 69.27 16.91 32.29
C ASN R 207 69.20 17.74 31.03
N ASN R 208 70.32 17.87 30.32
CA ASN R 208 70.32 18.64 29.08
C ASN R 208 70.51 17.73 27.89
N ALA R 209 70.42 16.42 28.12
CA ALA R 209 70.55 15.43 27.06
C ALA R 209 69.65 14.24 27.38
N GLN R 210 69.20 13.56 26.33
CA GLN R 210 68.30 12.44 26.52
C GLN R 210 68.53 11.33 25.50
N LEU R 211 68.48 10.09 25.98
CA LEU R 211 68.68 8.90 25.16
C LEU R 211 67.39 8.11 25.00
N SER R 212 67.41 7.17 24.06
CA SER R 212 66.26 6.33 23.81
C SER R 212 66.69 5.28 22.81
N CYS R 213 65.89 4.23 22.70
CA CYS R 213 66.19 3.18 21.75
C CYS R 213 64.92 2.46 21.38
N ILE R 214 65.07 1.53 20.45
CA ILE R 214 63.97 0.72 20.02
C ILE R 214 64.57 -0.64 19.77
N THR R 215 64.03 -1.63 20.45
CA THR R 215 64.48 -3.02 20.31
C THR R 215 63.27 -3.87 19.96
N LYS R 216 63.50 -4.93 19.19
CA LYS R 216 62.44 -5.84 18.78
C LYS R 216 61.72 -6.36 20.01
N GLN R 217 62.46 -6.65 21.06
CA GLN R 217 61.86 -7.19 22.27
C GLN R 217 60.96 -6.23 23.05
N ASP R 218 61.47 -5.05 23.40
CA ASP R 218 60.66 -4.13 24.20
C ASP R 218 60.15 -2.90 23.47
N GLY R 219 60.50 -2.76 22.20
CA GLY R 219 60.04 -1.62 21.44
C GLY R 219 60.70 -0.31 21.80
N PHE R 220 60.06 0.79 21.40
CA PHE R 220 60.61 2.11 21.67
C PHE R 220 60.46 2.55 23.12
N LYS R 221 61.58 2.94 23.72
CA LYS R 221 61.60 3.39 25.10
C LYS R 221 62.47 4.64 25.24
N ILE R 222 62.06 5.57 26.08
CA ILE R 222 62.84 6.76 26.32
C ILE R 222 63.50 6.55 27.70
N TYR R 223 64.82 6.55 27.73
CA TYR R 223 65.57 6.36 28.97
C TYR R 223 65.29 7.48 29.95
N ASP R 224 64.92 7.13 31.18
CA ASP R 224 64.66 8.16 32.18
C ASP R 224 66.00 8.70 32.66
N ASN R 225 65.98 9.91 33.24
CA ASN R 225 67.21 10.55 33.69
C ASN R 225 68.16 9.72 34.53
N GLU R 226 67.63 8.95 35.47
CA GLU R 226 68.48 8.11 36.31
C GLU R 226 69.25 7.09 35.46
N LYS R 227 68.56 6.47 34.52
CA LYS R 227 69.20 5.46 33.67
C LYS R 227 70.34 6.05 32.86
N THR R 228 70.13 7.26 32.32
CA THR R 228 71.14 7.91 31.50
C THR R 228 72.32 8.42 32.34
N ALA R 229 72.03 9.05 33.47
CA ALA R 229 73.08 9.56 34.35
C ALA R 229 74.15 8.49 34.59
N GLU R 230 73.72 7.25 34.83
CA GLU R 230 74.65 6.15 35.07
C GLU R 230 75.48 5.89 33.82
N LEU R 231 74.83 5.89 32.67
CA LEU R 231 75.53 5.65 31.41
C LEU R 231 76.54 6.78 31.15
N ILE R 232 76.24 7.97 31.67
CA ILE R 232 77.12 9.12 31.50
C ILE R 232 78.37 8.89 32.36
N LYS R 233 78.17 8.49 33.61
CA LYS R 233 79.24 8.21 34.53
C LYS R 233 80.14 7.13 33.92
N GLU R 234 79.51 6.10 33.36
CA GLU R 234 80.23 5.00 32.74
C GLU R 234 81.10 5.46 31.57
N LEU R 235 80.70 6.54 30.91
CA LEU R 235 81.46 7.06 29.78
C LEU R 235 82.70 7.79 30.27
N LYS R 236 82.50 8.66 31.26
CA LYS R 236 83.60 9.43 31.84
C LYS R 236 84.71 8.50 32.31
N GLU R 237 84.32 7.38 32.89
CA GLU R 237 85.27 6.41 33.39
C GLU R 237 86.05 5.72 32.28
N LYS R 238 85.36 5.31 31.23
CA LYS R 238 86.05 4.64 30.12
C LYS R 238 86.93 5.60 29.34
N GLU R 239 86.62 6.89 29.40
CA GLU R 239 87.42 7.89 28.70
C GLU R 239 88.67 8.22 29.49
N ALA R 240 88.50 8.42 30.80
CA ALA R 240 89.62 8.72 31.68
C ALA R 240 90.52 7.49 31.76
N ALA R 241 90.01 6.36 31.30
CA ALA R 241 90.74 5.09 31.32
C ALA R 241 91.88 5.05 30.31
N GLU R 242 91.98 6.07 29.47
CA GLU R 242 93.02 6.17 28.46
C GLU R 242 92.74 7.31 27.51
N PHE S 1 68.80 40.75 -17.70
CA PHE S 1 68.14 39.75 -18.60
C PHE S 1 67.49 38.64 -17.77
N ARG S 2 67.95 37.41 -18.01
CA ARG S 2 67.44 36.20 -17.35
C ARG S 2 66.74 36.43 -16.02
N ASN S 3 67.41 37.12 -15.11
CA ASN S 3 66.85 37.38 -13.78
C ASN S 3 65.42 37.93 -13.79
N ASN S 4 65.09 38.70 -14.83
CA ASN S 4 63.76 39.29 -14.95
C ASN S 4 62.74 38.38 -15.59
N TYR S 5 63.20 37.26 -16.16
CA TYR S 5 62.30 36.35 -16.83
C TYR S 5 62.39 34.91 -16.32
N ASP S 6 62.89 34.72 -15.10
CA ASP S 6 63.00 33.36 -14.57
C ASP S 6 62.34 33.19 -13.21
N GLY S 7 61.46 34.12 -12.86
CA GLY S 7 60.78 34.06 -11.57
C GLY S 7 59.64 33.06 -11.47
N ASP S 8 59.23 32.50 -12.60
CA ASP S 8 58.14 31.53 -12.65
C ASP S 8 57.95 30.96 -14.05
N THR S 9 57.43 29.75 -14.13
CA THR S 9 57.23 29.07 -15.41
C THR S 9 56.30 29.75 -16.39
N VAL S 10 55.47 30.68 -15.91
CA VAL S 10 54.53 31.32 -16.80
C VAL S 10 55.11 32.48 -17.61
N THR S 11 56.43 32.67 -17.57
CA THR S 11 57.03 33.79 -18.29
C THR S 11 58.03 33.40 -19.37
N PHE S 12 57.84 33.95 -20.57
CA PHE S 12 58.74 33.71 -21.69
C PHE S 12 59.83 34.78 -21.62
N SER S 13 61.06 34.40 -21.97
CA SER S 13 62.15 35.38 -21.98
C SER S 13 62.04 36.06 -23.33
N PRO S 14 62.82 37.13 -23.55
CA PRO S 14 62.75 37.82 -24.85
C PRO S 14 63.16 36.94 -26.04
N THR S 15 63.89 35.86 -25.77
CA THR S 15 64.31 34.98 -26.86
C THR S 15 63.42 33.74 -27.03
N GLY S 16 62.38 33.62 -26.20
CA GLY S 16 61.47 32.50 -26.29
C GLY S 16 61.82 31.32 -25.39
N ARG S 17 62.62 31.57 -24.36
CA ARG S 17 63.03 30.51 -23.44
C ARG S 17 62.20 30.50 -22.16
N LEU S 18 62.23 29.36 -21.48
CA LEU S 18 61.51 29.17 -20.22
C LEU S 18 62.55 28.73 -19.21
N PHE S 19 63.15 29.72 -18.54
CA PHE S 19 64.20 29.46 -17.57
C PHE S 19 63.86 28.51 -16.45
N GLN S 20 62.67 28.63 -15.86
CA GLN S 20 62.31 27.73 -14.77
C GLN S 20 62.40 26.29 -15.27
N VAL S 21 61.97 26.07 -16.50
CA VAL S 21 62.03 24.74 -17.10
C VAL S 21 63.48 24.33 -17.25
N GLU S 22 64.30 25.26 -17.71
CA GLU S 22 65.71 25.00 -17.89
C GLU S 22 66.43 24.75 -16.57
N TYR S 23 66.04 25.50 -15.54
CA TYR S 23 66.65 25.31 -14.22
C TYR S 23 66.28 23.94 -13.69
N ALA S 24 65.10 23.46 -14.08
CA ALA S 24 64.66 22.15 -13.65
C ALA S 24 65.56 21.12 -14.33
N LEU S 25 65.76 21.29 -15.63
CA LEU S 25 66.62 20.39 -16.39
C LEU S 25 68.01 20.32 -15.74
N GLU S 26 68.39 21.39 -15.06
CA GLU S 26 69.68 21.42 -14.41
C GLU S 26 69.75 20.43 -13.25
N ALA S 27 68.63 20.25 -12.57
CA ALA S 27 68.58 19.32 -11.45
C ALA S 27 68.90 17.91 -11.90
N ILE S 28 68.58 17.60 -13.15
CA ILE S 28 68.82 16.27 -13.68
C ILE S 28 70.31 16.07 -13.83
N LYS S 29 70.97 17.02 -14.51
CA LYS S 29 72.42 16.92 -14.72
C LYS S 29 73.16 16.72 -13.41
N GLN S 30 72.66 17.31 -12.34
CA GLN S 30 73.28 17.17 -11.03
C GLN S 30 72.97 15.80 -10.43
N GLY S 31 72.10 15.05 -11.11
CA GLY S 31 71.72 13.73 -10.62
C GLY S 31 72.68 12.63 -11.05
N SER S 32 72.72 11.55 -10.28
CA SER S 32 73.60 10.43 -10.61
C SER S 32 73.24 9.84 -11.97
N VAL S 33 74.23 9.35 -12.69
CA VAL S 33 74.01 8.78 -14.01
C VAL S 33 73.22 7.48 -14.00
N THR S 34 72.49 7.26 -15.10
CA THR S 34 71.69 6.06 -15.29
C THR S 34 71.63 5.82 -16.79
N VAL S 35 71.61 4.54 -17.19
CA VAL S 35 71.60 4.17 -18.60
C VAL S 35 70.46 3.24 -18.99
N GLY S 36 70.09 3.28 -20.27
CA GLY S 36 69.03 2.43 -20.78
C GLY S 36 69.36 2.01 -22.20
N LEU S 37 69.11 0.74 -22.52
CA LEU S 37 69.37 0.21 -23.86
C LEU S 37 68.50 -1.02 -24.09
N ARG S 38 68.18 -1.28 -25.36
CA ARG S 38 67.33 -2.41 -25.70
C ARG S 38 67.74 -3.13 -26.97
N SER S 39 67.43 -4.42 -27.04
CA SER S 39 67.70 -5.21 -28.24
C SER S 39 66.31 -5.34 -28.86
N ASN S 40 65.97 -6.53 -29.37
CA ASN S 40 64.65 -6.71 -29.94
C ASN S 40 63.84 -7.63 -29.04
N THR S 41 64.50 -8.19 -28.04
CA THR S 41 63.84 -9.10 -27.10
C THR S 41 63.81 -8.56 -25.68
N HIS S 42 64.77 -7.71 -25.33
CA HIS S 42 64.83 -7.14 -23.99
C HIS S 42 65.14 -5.65 -23.93
N ALA S 43 64.95 -5.10 -22.75
CA ALA S 43 65.23 -3.69 -22.46
C ALA S 43 65.89 -3.73 -21.10
N VAL S 44 66.95 -2.94 -20.93
CA VAL S 44 67.66 -2.92 -19.66
C VAL S 44 67.87 -1.54 -19.08
N LEU S 45 67.87 -1.48 -17.76
CA LEU S 45 68.11 -0.23 -17.06
C LEU S 45 69.27 -0.47 -16.09
N VAL S 46 70.31 0.34 -16.22
CA VAL S 46 71.48 0.26 -15.35
C VAL S 46 71.57 1.64 -14.73
N ALA S 47 71.56 1.69 -13.41
CA ALA S 47 71.64 2.98 -12.75
C ALA S 47 72.64 3.00 -11.61
N LEU S 48 73.41 4.07 -11.55
CA LEU S 48 74.41 4.26 -10.50
C LEU S 48 73.74 4.86 -9.27
N LYS S 49 73.67 4.10 -8.18
CA LYS S 49 73.05 4.61 -6.97
C LYS S 49 74.05 5.50 -6.22
N ARG S 50 73.58 6.64 -5.74
CA ARG S 50 74.43 7.58 -5.02
C ARG S 50 74.15 7.54 -3.52
N ASN S 51 75.22 7.62 -2.72
CA ASN S 51 75.10 7.60 -1.26
C ASN S 51 75.48 8.96 -0.65
N ALA S 52 74.88 9.27 0.50
CA ALA S 52 75.16 10.53 1.19
C ALA S 52 76.52 10.43 1.91
N ASP S 53 76.57 9.56 2.93
CA ASP S 53 77.78 9.31 3.72
C ASP S 53 78.16 7.87 3.44
N GLU S 54 79.16 7.38 4.15
CA GLU S 54 79.58 6.00 3.98
C GLU S 54 78.81 5.22 5.04
N LEU S 55 77.95 5.95 5.74
CA LEU S 55 77.10 5.37 6.77
C LEU S 55 75.67 5.37 6.24
N SER S 56 75.50 5.90 5.03
CA SER S 56 74.18 5.98 4.40
C SER S 56 74.01 4.95 3.28
N SER S 57 72.76 4.77 2.88
CA SER S 57 72.40 3.83 1.82
C SER S 57 72.54 4.53 0.48
N TYR S 58 72.48 3.73 -0.59
CA TYR S 58 72.55 4.26 -1.95
C TYR S 58 71.11 4.33 -2.44
N GLN S 59 70.59 5.56 -2.52
CA GLN S 59 69.21 5.81 -2.93
C GLN S 59 68.75 5.04 -4.17
N LYS S 60 67.63 4.32 -4.03
CA LYS S 60 67.08 3.53 -5.14
C LYS S 60 66.75 4.42 -6.34
N LYS S 61 67.11 3.98 -7.53
CA LYS S 61 66.85 4.79 -8.71
C LYS S 61 65.96 4.13 -9.76
N ILE S 62 65.49 2.92 -9.47
CA ILE S 62 64.60 2.21 -10.40
C ILE S 62 63.23 1.88 -9.78
N ILE S 63 62.18 2.19 -10.54
CA ILE S 63 60.83 1.94 -10.07
C ILE S 63 60.03 1.13 -11.08
N LYS S 64 59.35 0.11 -10.58
CA LYS S 64 58.51 -0.76 -11.41
C LYS S 64 57.12 -0.14 -11.49
N CYS S 65 56.61 0.05 -12.70
CA CYS S 65 55.28 0.64 -12.87
C CYS S 65 54.20 -0.40 -13.10
N ASP S 66 54.58 -1.54 -13.65
CA ASP S 66 53.66 -2.64 -13.91
C ASP S 66 54.56 -3.87 -14.16
N GLU S 67 53.96 -4.99 -14.55
CA GLU S 67 54.73 -6.21 -14.80
C GLU S 67 55.51 -6.13 -16.11
N HIS S 68 55.13 -5.19 -16.96
CA HIS S 68 55.79 -5.05 -18.24
C HIS S 68 56.42 -3.67 -18.43
N MET S 69 56.46 -2.86 -17.38
CA MET S 69 57.01 -1.51 -17.52
C MET S 69 57.69 -1.00 -16.26
N GLY S 70 58.67 -0.11 -16.45
CA GLY S 70 59.40 0.45 -15.33
C GLY S 70 60.32 1.55 -15.80
N LEU S 71 60.91 2.28 -14.87
CA LEU S 71 61.79 3.38 -15.25
C LEU S 71 62.97 3.62 -14.28
N SER S 72 63.85 4.52 -14.70
CA SER S 72 65.02 4.90 -13.88
C SER S 72 64.92 6.42 -13.79
N LEU S 73 65.31 6.96 -12.65
CA LEU S 73 65.23 8.41 -12.40
C LEU S 73 66.56 9.11 -12.16
N ALA S 74 66.61 10.40 -12.51
CA ALA S 74 67.79 11.23 -12.33
C ALA S 74 67.31 12.63 -11.95
N GLY S 75 67.50 13.01 -10.69
CA GLY S 75 67.05 14.33 -10.26
C GLY S 75 66.29 14.25 -8.93
N LEU S 76 65.26 15.07 -8.79
CA LEU S 76 64.45 15.06 -7.56
C LEU S 76 63.69 13.75 -7.40
N ALA S 77 64.12 12.94 -6.44
CA ALA S 77 63.48 11.65 -6.19
C ALA S 77 61.96 11.78 -5.98
N PRO S 78 61.54 12.72 -5.12
CA PRO S 78 60.10 12.89 -4.88
C PRO S 78 59.29 13.03 -6.17
N ASP S 79 59.80 13.79 -7.12
CA ASP S 79 59.09 13.99 -8.38
C ASP S 79 58.99 12.70 -9.21
N ALA S 80 59.91 11.76 -9.01
CA ALA S 80 59.87 10.52 -9.75
C ALA S 80 58.80 9.64 -9.11
N ARG S 81 58.66 9.76 -7.79
CA ARG S 81 57.66 9.00 -7.06
C ARG S 81 56.28 9.41 -7.55
N VAL S 82 56.08 10.72 -7.69
CA VAL S 82 54.81 11.24 -8.17
C VAL S 82 54.54 10.78 -9.60
N LEU S 83 55.50 10.99 -10.49
CA LEU S 83 55.35 10.58 -11.89
C LEU S 83 55.22 9.08 -12.10
N SER S 84 55.99 8.29 -11.33
CA SER S 84 55.92 6.85 -11.48
C SER S 84 54.58 6.37 -10.91
N ASN S 85 54.16 6.99 -9.81
CA ASN S 85 52.89 6.62 -9.22
C ASN S 85 51.78 6.87 -10.24
N TYR S 86 51.86 7.99 -10.95
CA TYR S 86 50.87 8.30 -11.97
C TYR S 86 50.96 7.27 -13.10
N LEU S 87 52.16 6.81 -13.41
CA LEU S 87 52.32 5.83 -14.46
C LEU S 87 51.75 4.49 -14.00
N ARG S 88 51.87 4.22 -12.70
CA ARG S 88 51.34 2.98 -12.14
C ARG S 88 49.80 2.96 -12.27
N GLN S 89 49.19 4.11 -11.99
CA GLN S 89 47.74 4.23 -12.08
C GLN S 89 47.29 4.09 -13.53
N GLN S 90 47.97 4.75 -14.45
CA GLN S 90 47.61 4.64 -15.85
C GLN S 90 47.70 3.21 -16.39
N CYS S 91 48.72 2.46 -15.95
CA CYS S 91 48.86 1.07 -16.39
C CYS S 91 47.73 0.26 -15.81
N ASN S 92 47.44 0.54 -14.54
CA ASN S 92 46.39 -0.15 -13.81
C ASN S 92 45.05 0.10 -14.47
N TYR S 93 44.82 1.34 -14.87
CA TYR S 93 43.57 1.69 -15.51
C TYR S 93 43.41 0.90 -16.79
N SER S 94 44.42 0.93 -17.64
CA SER S 94 44.34 0.21 -18.91
C SER S 94 43.95 -1.24 -18.70
N SER S 95 44.56 -1.88 -17.70
CA SER S 95 44.26 -3.28 -17.40
C SER S 95 42.84 -3.50 -16.90
N LEU S 96 42.48 -2.82 -15.82
CA LEU S 96 41.15 -2.98 -15.25
C LEU S 96 40.02 -2.69 -16.24
N VAL S 97 40.08 -1.55 -16.92
CA VAL S 97 39.01 -1.19 -17.84
C VAL S 97 39.00 -1.88 -19.20
N PHE S 98 40.14 -1.97 -19.86
CA PHE S 98 40.20 -2.58 -21.18
C PHE S 98 40.87 -3.95 -21.23
N ASN S 99 41.35 -4.41 -20.07
CA ASN S 99 42.03 -5.70 -20.00
C ASN S 99 43.14 -5.70 -21.04
N ARG S 100 43.85 -4.57 -21.09
CA ARG S 100 44.90 -4.34 -22.06
C ARG S 100 46.12 -3.77 -21.35
N LYS S 101 47.30 -4.21 -21.74
CA LYS S 101 48.50 -3.69 -21.10
C LYS S 101 48.82 -2.38 -21.82
N LEU S 102 49.18 -1.36 -21.04
CA LEU S 102 49.47 -0.04 -21.59
C LEU S 102 50.71 0.00 -22.46
N ALA S 103 50.53 0.53 -23.68
CA ALA S 103 51.62 0.65 -24.63
C ALA S 103 52.67 1.63 -24.10
N VAL S 104 53.93 1.26 -24.21
CA VAL S 104 55.03 2.08 -23.75
C VAL S 104 54.98 3.45 -24.42
N GLU S 105 54.58 3.47 -25.69
CA GLU S 105 54.49 4.73 -26.40
C GLU S 105 53.37 5.59 -25.84
N ARG S 106 52.32 4.94 -25.37
CA ARG S 106 51.18 5.65 -24.80
C ARG S 106 51.55 6.22 -23.44
N ALA S 107 52.35 5.47 -22.68
CA ALA S 107 52.79 5.92 -21.37
C ALA S 107 53.59 7.20 -21.57
N GLY S 108 54.45 7.19 -22.59
CA GLY S 108 55.26 8.35 -22.88
C GLY S 108 54.42 9.58 -23.12
N HIS S 109 53.36 9.44 -23.92
CA HIS S 109 52.49 10.56 -24.22
C HIS S 109 51.80 11.09 -22.94
N LEU S 110 51.46 10.18 -22.03
CA LEU S 110 50.79 10.55 -20.80
C LEU S 110 51.73 11.32 -19.87
N LEU S 111 52.99 10.92 -19.84
CA LEU S 111 53.98 11.60 -19.01
C LEU S 111 54.25 12.99 -19.57
N CYS S 112 54.36 13.08 -20.89
CA CYS S 112 54.60 14.37 -21.52
C CYS S 112 53.50 15.33 -21.16
N ASP S 113 52.25 14.90 -21.33
CA ASP S 113 51.12 15.76 -21.05
C ASP S 113 50.99 16.17 -19.58
N LYS S 114 51.44 15.31 -18.67
CA LYS S 114 51.32 15.67 -17.26
C LYS S 114 52.39 16.69 -16.93
N ALA S 115 53.56 16.54 -17.53
CA ALA S 115 54.66 17.47 -17.29
C ALA S 115 54.38 18.82 -17.91
N GLN S 116 53.73 18.82 -19.07
CA GLN S 116 53.43 20.08 -19.77
C GLN S 116 52.54 21.01 -18.97
N LYS S 117 51.55 20.47 -18.27
CA LYS S 117 50.63 21.28 -17.48
C LYS S 117 51.36 22.12 -16.42
N ASN S 118 52.46 21.58 -15.92
CA ASN S 118 53.27 22.25 -14.91
C ASN S 118 54.27 23.26 -15.50
N THR S 119 54.10 23.61 -16.77
CA THR S 119 55.00 24.58 -17.42
C THR S 119 54.23 25.72 -18.11
N GLN S 120 52.91 25.75 -17.91
CA GLN S 120 52.09 26.79 -18.55
C GLN S 120 51.18 27.55 -17.58
N SER S 121 51.13 27.10 -16.33
CA SER S 121 50.28 27.74 -15.32
C SER S 121 51.02 28.34 -14.13
N TYR S 122 50.47 29.44 -13.63
CA TYR S 122 51.03 30.14 -12.49
C TYR S 122 50.88 29.30 -11.23
N GLY S 123 51.86 29.39 -10.34
CA GLY S 123 51.76 28.64 -9.10
C GLY S 123 52.52 27.34 -9.02
N GLY S 124 52.47 26.54 -10.08
CA GLY S 124 53.19 25.28 -10.06
C GLY S 124 54.66 25.44 -10.36
N ARG S 125 55.37 24.32 -10.49
CA ARG S 125 56.78 24.34 -10.81
C ARG S 125 56.98 23.14 -11.71
N PRO S 126 57.98 23.18 -12.59
CA PRO S 126 58.20 22.02 -13.46
C PRO S 126 58.74 20.88 -12.62
N TYR S 127 58.63 19.66 -13.12
CA TYR S 127 59.16 18.54 -12.37
C TYR S 127 60.67 18.65 -12.51
N GLY S 128 61.42 18.33 -11.46
CA GLY S 128 62.85 18.43 -11.55
C GLY S 128 63.51 17.06 -11.56
N VAL S 129 63.12 16.24 -12.54
CA VAL S 129 63.68 14.90 -12.63
C VAL S 129 63.55 14.34 -14.05
N GLY S 130 64.54 13.53 -14.42
CA GLY S 130 64.54 12.93 -15.75
C GLY S 130 64.22 11.46 -15.57
N LEU S 131 63.58 10.87 -16.58
CA LEU S 131 63.20 9.47 -16.48
C LEU S 131 63.50 8.71 -17.75
N LEU S 132 63.92 7.46 -17.55
CA LEU S 132 64.20 6.55 -18.66
C LEU S 132 63.24 5.39 -18.49
N ILE S 133 62.28 5.25 -19.41
CA ILE S 133 61.29 4.19 -19.32
C ILE S 133 61.56 3.03 -20.27
N ILE S 134 61.51 1.81 -19.74
CA ILE S 134 61.71 0.61 -20.55
C ILE S 134 60.53 -0.31 -20.35
N GLY S 135 60.18 -1.04 -21.39
CA GLY S 135 59.07 -1.97 -21.28
C GLY S 135 58.84 -2.84 -22.51
N TYR S 136 58.21 -3.99 -22.29
CA TYR S 136 57.92 -4.91 -23.39
C TYR S 136 56.41 -4.95 -23.57
N ASP S 137 55.93 -4.53 -24.74
CA ASP S 137 54.51 -4.51 -24.99
C ASP S 137 54.17 -5.27 -26.29
N LYS S 138 53.01 -4.98 -26.87
CA LYS S 138 52.60 -5.65 -28.10
C LYS S 138 53.43 -5.35 -29.34
N SER S 139 54.43 -4.48 -29.22
CA SER S 139 55.26 -4.17 -30.37
C SER S 139 56.72 -4.38 -30.03
N GLY S 140 56.98 -5.16 -28.99
CA GLY S 140 58.35 -5.45 -28.61
C GLY S 140 58.95 -4.67 -27.48
N ALA S 141 60.28 -4.59 -27.46
CA ALA S 141 61.01 -3.89 -26.42
C ALA S 141 61.05 -2.40 -26.72
N HIS S 142 61.03 -1.59 -25.67
CA HIS S 142 61.05 -0.14 -25.82
C HIS S 142 61.83 0.57 -24.74
N LEU S 143 62.37 1.73 -25.12
CA LEU S 143 63.12 2.60 -24.22
C LEU S 143 62.71 4.04 -24.53
N LEU S 144 62.39 4.78 -23.48
CA LEU S 144 61.96 6.16 -23.61
C LEU S 144 62.76 7.08 -22.71
N GLU S 145 62.97 8.31 -23.16
CA GLU S 145 63.67 9.30 -22.34
C GLU S 145 62.69 10.44 -22.08
N PHE S 146 62.46 10.72 -20.81
CA PHE S 146 61.54 11.76 -20.39
C PHE S 146 62.26 12.98 -19.78
N GLN S 147 61.99 14.15 -20.34
CA GLN S 147 62.58 15.38 -19.80
C GLN S 147 61.47 16.26 -19.22
N PRO S 148 61.72 16.87 -18.06
CA PRO S 148 60.77 17.74 -17.35
C PRO S 148 60.12 18.79 -18.24
N SER S 149 60.76 19.07 -19.37
CA SER S 149 60.23 20.05 -20.30
C SER S 149 58.93 19.47 -20.84
N GLY S 150 58.85 18.15 -20.77
CA GLY S 150 57.67 17.45 -21.27
C GLY S 150 58.02 16.68 -22.52
N ASN S 151 59.29 16.76 -22.92
CA ASN S 151 59.77 16.08 -24.12
C ASN S 151 60.13 14.64 -23.84
N VAL S 152 59.48 13.74 -24.56
CA VAL S 152 59.71 12.30 -24.43
C VAL S 152 60.12 11.72 -25.78
N THR S 153 61.22 10.97 -25.79
CA THR S 153 61.72 10.39 -27.04
C THR S 153 61.99 8.89 -26.93
N GLU S 154 61.72 8.16 -28.01
CA GLU S 154 61.97 6.73 -28.04
C GLU S 154 63.35 6.53 -28.66
N LEU S 155 64.17 5.69 -28.03
CA LEU S 155 65.52 5.44 -28.49
C LEU S 155 65.91 3.96 -28.37
N TYR S 156 67.11 3.63 -28.84
CA TYR S 156 67.64 2.26 -28.74
C TYR S 156 68.40 2.21 -27.44
N GLY S 157 68.91 3.37 -27.03
CA GLY S 157 69.67 3.46 -25.80
C GLY S 157 69.97 4.92 -25.47
N THR S 158 70.35 5.18 -24.22
CA THR S 158 70.68 6.54 -23.80
C THR S 158 71.06 6.56 -22.33
N ALA S 159 71.43 7.75 -21.86
CA ALA S 159 71.80 7.93 -20.46
C ALA S 159 71.50 9.38 -20.05
N ILE S 160 71.21 9.56 -18.77
CA ILE S 160 70.91 10.89 -18.23
C ILE S 160 71.59 11.02 -16.89
N GLY S 161 71.90 12.26 -16.51
CA GLY S 161 72.57 12.52 -15.26
C GLY S 161 73.97 13.06 -15.45
N ALA S 162 74.75 13.11 -14.36
CA ALA S 162 76.11 13.62 -14.40
C ALA S 162 77.05 12.73 -15.22
N ARG S 163 77.76 13.34 -16.16
CA ARG S 163 78.72 12.64 -17.00
C ARG S 163 78.03 11.62 -17.91
N SER S 164 76.72 11.76 -18.03
CA SER S 164 75.94 10.85 -18.86
C SER S 164 76.49 10.78 -20.28
N GLN S 165 77.06 11.88 -20.75
CA GLN S 165 77.60 11.96 -22.10
C GLN S 165 78.60 10.85 -22.44
N GLY S 166 79.29 10.35 -21.43
CA GLY S 166 80.24 9.28 -21.66
C GLY S 166 79.52 8.07 -22.23
N ALA S 167 78.62 7.52 -21.43
CA ALA S 167 77.84 6.35 -21.80
C ALA S 167 77.06 6.56 -23.10
N LYS S 168 76.52 7.76 -23.29
CA LYS S 168 75.74 8.05 -24.48
C LYS S 168 76.55 7.91 -25.77
N THR S 169 77.81 8.35 -25.76
CA THR S 169 78.65 8.25 -26.95
C THR S 169 79.01 6.78 -27.15
N TYR S 170 79.30 6.09 -26.06
CA TYR S 170 79.63 4.68 -26.11
C TYR S 170 78.50 3.89 -26.79
N LEU S 171 77.27 4.15 -26.36
CA LEU S 171 76.13 3.45 -26.93
C LEU S 171 75.92 3.85 -28.40
N GLU S 172 76.06 5.13 -28.69
CA GLU S 172 75.87 5.62 -30.06
C GLU S 172 76.89 4.97 -30.99
N ARG S 173 77.90 4.35 -30.37
CA ARG S 173 78.97 3.66 -31.08
C ARG S 173 78.65 2.17 -31.12
N THR S 174 78.42 1.59 -29.94
CA THR S 174 78.09 0.17 -29.79
C THR S 174 76.73 -0.21 -30.37
N LEU S 175 75.98 0.78 -30.86
CA LEU S 175 74.65 0.54 -31.42
C LEU S 175 74.47 -0.76 -32.18
N ASP S 176 75.00 -0.82 -33.40
CA ASP S 176 74.90 -2.02 -34.23
C ASP S 176 75.16 -3.33 -33.49
N THR S 177 75.93 -3.25 -32.41
CA THR S 177 76.28 -4.43 -31.62
C THR S 177 75.19 -4.91 -30.65
N PHE S 178 74.87 -4.09 -29.64
CA PHE S 178 73.86 -4.47 -28.64
C PHE S 178 72.42 -4.61 -29.14
N ILE S 179 72.07 -3.86 -30.18
CA ILE S 179 70.71 -3.91 -30.73
C ILE S 179 70.37 -5.30 -31.23
N LYS S 180 71.39 -6.15 -31.32
CA LYS S 180 71.19 -7.51 -31.79
C LYS S 180 71.37 -8.55 -30.69
N ILE S 181 71.55 -8.09 -29.46
CA ILE S 181 71.68 -9.01 -28.34
C ILE S 181 70.30 -9.55 -27.97
N ASP S 182 69.73 -10.33 -28.90
CA ASP S 182 68.42 -10.91 -28.72
C ASP S 182 68.48 -12.30 -28.09
N GLY S 183 67.62 -12.55 -27.11
CA GLY S 183 67.60 -13.85 -26.47
C GLY S 183 68.74 -14.08 -25.50
N ASN S 184 69.42 -13.02 -25.10
CA ASN S 184 70.52 -13.18 -24.17
C ASN S 184 70.62 -11.98 -23.23
N PRO S 185 69.77 -11.96 -22.19
CA PRO S 185 69.75 -10.88 -21.20
C PRO S 185 71.13 -10.52 -20.63
N ASP S 186 71.85 -11.52 -20.12
CA ASP S 186 73.17 -11.28 -19.56
C ASP S 186 74.07 -10.43 -20.45
N GLU S 187 74.04 -10.71 -21.75
CA GLU S 187 74.85 -9.94 -22.68
C GLU S 187 74.36 -8.50 -22.76
N LEU S 188 73.03 -8.31 -22.77
CA LEU S 188 72.49 -6.96 -22.82
C LEU S 188 72.87 -6.19 -21.56
N ILE S 189 72.72 -6.83 -20.41
CA ILE S 189 73.04 -6.19 -19.14
C ILE S 189 74.52 -5.79 -19.07
N LYS S 190 75.41 -6.69 -19.47
CA LYS S 190 76.84 -6.41 -19.45
C LYS S 190 77.11 -5.19 -20.33
N ALA S 191 76.46 -5.14 -21.50
CA ALA S 191 76.63 -4.00 -22.41
C ALA S 191 76.14 -2.73 -21.73
N GLY S 192 75.14 -2.87 -20.86
CA GLY S 192 74.62 -1.73 -20.15
C GLY S 192 75.63 -1.24 -19.12
N VAL S 193 76.23 -2.18 -18.40
CA VAL S 193 77.23 -1.84 -17.39
C VAL S 193 78.47 -1.22 -18.04
N GLU S 194 78.78 -1.65 -19.25
CA GLU S 194 79.94 -1.16 -19.97
C GLU S 194 79.71 0.27 -20.46
N ALA S 195 78.45 0.61 -20.70
CA ALA S 195 78.11 1.95 -21.15
C ALA S 195 78.11 2.88 -19.94
N ILE S 196 77.60 2.38 -18.81
CA ILE S 196 77.52 3.19 -17.61
C ILE S 196 78.89 3.50 -17.01
N SER S 197 79.80 2.54 -17.09
CA SER S 197 81.14 2.74 -16.54
C SER S 197 81.90 3.77 -17.38
N GLN S 198 81.31 4.16 -18.50
CA GLN S 198 81.90 5.14 -19.40
C GLN S 198 81.60 6.54 -18.86
N SER S 199 80.91 6.59 -17.73
CA SER S 199 80.54 7.86 -17.10
C SER S 199 81.05 7.93 -15.67
N LEU S 200 81.86 6.93 -15.30
CA LEU S 200 82.44 6.88 -13.97
C LEU S 200 83.57 7.89 -13.94
N ARG S 201 84.23 8.03 -12.79
CA ARG S 201 85.30 9.01 -12.64
C ARG S 201 85.69 9.00 -11.18
N ASP S 202 84.67 9.19 -10.36
CA ASP S 202 84.81 9.19 -8.91
C ASP S 202 85.34 7.84 -8.46
N GLU S 203 84.47 6.85 -8.46
CA GLU S 203 84.81 5.50 -8.02
C GLU S 203 84.57 4.48 -9.14
N SER S 204 84.28 3.26 -8.71
CA SER S 204 83.99 2.15 -9.61
C SER S 204 82.74 1.47 -9.05
N LEU S 205 81.86 1.02 -9.93
CA LEU S 205 80.61 0.38 -9.51
C LEU S 205 80.82 -0.85 -8.61
N THR S 206 80.28 -0.76 -7.39
CA THR S 206 80.39 -1.84 -6.43
C THR S 206 79.08 -2.62 -6.31
N VAL S 207 79.01 -3.55 -5.37
CA VAL S 207 77.83 -4.39 -5.19
C VAL S 207 76.62 -3.65 -4.63
N ASP S 208 76.81 -2.85 -3.59
CA ASP S 208 75.69 -2.12 -3.00
C ASP S 208 75.55 -0.76 -3.68
N ASN S 209 76.29 -0.60 -4.76
CA ASN S 209 76.29 0.65 -5.52
C ASN S 209 75.62 0.54 -6.90
N LEU S 210 75.64 -0.67 -7.47
CA LEU S 210 75.05 -0.90 -8.79
C LEU S 210 73.61 -1.38 -8.69
N SER S 211 72.78 -0.90 -9.61
CA SER S 211 71.37 -1.26 -9.66
C SER S 211 70.97 -1.53 -11.11
N ILE S 212 70.39 -2.71 -11.34
CA ILE S 212 69.97 -3.10 -12.69
C ILE S 212 68.54 -3.64 -12.72
N ALA S 213 67.87 -3.40 -13.83
CA ALA S 213 66.50 -3.86 -14.02
C ALA S 213 66.32 -4.29 -15.48
N ILE S 214 65.55 -5.35 -15.69
CA ILE S 214 65.32 -5.84 -17.04
C ILE S 214 63.87 -6.27 -17.28
N VAL S 215 63.47 -6.22 -18.55
CA VAL S 215 62.12 -6.62 -18.95
C VAL S 215 62.19 -7.13 -20.39
N GLY S 216 61.31 -8.06 -20.75
CA GLY S 216 61.31 -8.57 -22.12
C GLY S 216 60.43 -9.77 -22.40
N LYS S 217 60.42 -10.19 -23.66
CA LYS S 217 59.64 -11.32 -24.16
C LYS S 217 59.04 -12.23 -23.10
N ASP S 218 59.87 -12.92 -22.34
CA ASP S 218 59.37 -13.80 -21.29
C ASP S 218 60.01 -13.43 -19.96
N THR S 219 60.11 -12.13 -19.74
CA THR S 219 60.74 -11.62 -18.52
C THR S 219 59.97 -10.44 -17.93
N PRO S 220 59.24 -10.67 -16.83
CA PRO S 220 58.51 -9.56 -16.24
C PRO S 220 59.51 -8.58 -15.63
N PHE S 221 59.26 -7.28 -15.80
CA PHE S 221 60.14 -6.24 -15.27
C PHE S 221 60.55 -6.60 -13.85
N THR S 222 61.85 -6.86 -13.66
CA THR S 222 62.37 -7.23 -12.35
C THR S 222 63.63 -6.41 -12.02
N ILE S 223 63.83 -6.15 -10.73
CA ILE S 223 64.98 -5.34 -10.30
C ILE S 223 66.04 -6.10 -9.52
N TYR S 224 67.30 -5.92 -9.92
CA TYR S 224 68.41 -6.59 -9.25
C TYR S 224 69.32 -5.59 -8.56
N ASP S 225 69.57 -5.84 -7.27
CA ASP S 225 70.42 -4.99 -6.44
C ASP S 225 71.33 -5.84 -5.55
N GLY S 226 72.54 -5.35 -5.30
CA GLY S 226 73.49 -6.06 -4.45
C GLY S 226 73.99 -7.39 -5.00
N GLU S 227 74.13 -8.36 -4.11
CA GLU S 227 74.59 -9.70 -4.45
C GLU S 227 74.14 -10.10 -5.85
N ALA S 228 72.87 -9.83 -6.14
CA ALA S 228 72.29 -10.18 -7.43
C ALA S 228 72.98 -9.54 -8.63
N VAL S 229 73.70 -8.43 -8.41
CA VAL S 229 74.41 -7.76 -9.51
C VAL S 229 75.91 -8.03 -9.43
N ALA S 230 76.33 -8.77 -8.41
CA ALA S 230 77.73 -9.11 -8.21
C ALA S 230 78.35 -9.74 -9.45
N LYS S 231 77.61 -10.63 -10.11
CA LYS S 231 78.11 -11.30 -11.31
C LYS S 231 78.24 -10.41 -12.55
N TYR S 232 78.13 -9.09 -12.36
CA TYR S 232 78.25 -8.15 -13.48
C TYR S 232 79.36 -7.13 -13.23
N ILE S 233 79.87 -7.10 -12.00
CA ILE S 233 80.94 -6.17 -11.68
C ILE S 233 82.31 -6.73 -12.06
N GLY T 1 57.25 53.93 -18.82
CA GLY T 1 58.35 53.16 -18.16
C GLY T 1 58.69 51.88 -18.89
N THR T 2 58.89 50.80 -18.13
CA THR T 2 59.21 49.49 -18.70
C THR T 2 58.55 48.38 -17.89
N GLY T 3 58.89 47.13 -18.20
CA GLY T 3 58.31 46.01 -17.49
C GLY T 3 57.03 45.49 -18.12
N TYR T 4 56.63 46.11 -19.22
CA TYR T 4 55.42 45.72 -19.93
C TYR T 4 55.51 44.32 -20.52
N ASP T 5 56.71 43.75 -20.53
CA ASP T 5 56.91 42.44 -21.12
C ASP T 5 57.08 41.32 -20.09
N LEU T 6 56.81 41.62 -18.82
CA LEU T 6 56.97 40.60 -17.78
C LEU T 6 55.71 39.81 -17.45
N SER T 7 54.55 40.41 -17.66
CA SER T 7 53.27 39.77 -17.38
C SER T 7 52.56 39.52 -18.71
N ASN T 8 51.90 38.38 -18.85
CA ASN T 8 51.24 38.00 -20.10
C ASN T 8 50.07 38.80 -20.67
N SER T 9 49.14 39.30 -19.88
CA SER T 9 48.05 40.00 -20.55
C SER T 9 48.19 41.52 -20.67
N VAL T 10 49.38 42.04 -20.41
CA VAL T 10 49.63 43.49 -20.43
C VAL T 10 49.85 44.17 -21.78
N PHE T 11 49.16 45.29 -22.01
CA PHE T 11 49.33 46.05 -23.23
C PHE T 11 50.51 47.00 -23.04
N SER T 12 51.46 46.97 -23.96
CA SER T 12 52.60 47.88 -23.91
C SER T 12 52.08 49.21 -24.46
N PRO T 13 52.81 50.31 -24.25
CA PRO T 13 52.36 51.61 -24.74
C PRO T 13 52.02 51.68 -26.23
N ASP T 14 52.63 50.80 -27.02
CA ASP T 14 52.34 50.75 -28.45
C ASP T 14 51.27 49.72 -28.79
N GLY T 15 50.54 49.26 -27.77
CA GLY T 15 49.46 48.30 -27.96
C GLY T 15 49.80 46.85 -28.21
N ARG T 16 51.03 46.44 -27.93
CA ARG T 16 51.43 45.06 -28.16
C ARG T 16 51.38 44.20 -26.90
N ASN T 17 51.55 42.90 -27.09
CA ASN T 17 51.56 41.95 -25.98
C ASN T 17 52.86 41.15 -26.08
N PHE T 18 53.93 41.75 -25.57
CA PHE T 18 55.25 41.15 -25.64
C PHE T 18 55.39 39.66 -25.33
N GLN T 19 54.69 39.16 -24.32
CA GLN T 19 54.81 37.74 -24.02
C GLN T 19 54.37 36.88 -25.21
N VAL T 20 53.37 37.34 -25.95
CA VAL T 20 52.90 36.61 -27.13
C VAL T 20 53.98 36.62 -28.19
N GLU T 21 54.70 37.74 -28.26
CA GLU T 21 55.78 37.91 -29.22
C GLU T 21 57.00 37.07 -28.86
N TYR T 22 57.26 36.95 -27.57
CA TYR T 22 58.38 36.14 -27.12
C TYR T 22 58.02 34.68 -27.38
N ALA T 23 56.72 34.39 -27.34
CA ALA T 23 56.26 33.03 -27.58
C ALA T 23 56.63 32.70 -29.03
N VAL T 24 56.41 33.66 -29.92
CA VAL T 24 56.72 33.48 -31.33
C VAL T 24 58.20 33.11 -31.49
N LYS T 25 59.07 33.72 -30.71
CA LYS T 25 60.48 33.41 -30.81
C LYS T 25 60.70 31.90 -30.58
N ALA T 26 59.93 31.32 -29.68
CA ALA T 26 60.05 29.89 -29.38
C ALA T 26 59.61 29.08 -30.61
N VAL T 27 58.65 29.63 -31.35
CA VAL T 27 58.13 28.98 -32.55
C VAL T 27 59.15 29.04 -33.69
N GLU T 28 59.76 30.21 -33.87
CA GLU T 28 60.74 30.39 -34.93
C GLU T 28 61.99 29.56 -34.68
N ASN T 29 62.24 29.28 -33.42
CA ASN T 29 63.41 28.49 -33.05
C ASN T 29 63.16 27.01 -33.30
N GLY T 30 61.92 26.66 -33.63
CA GLY T 30 61.62 25.26 -33.86
C GLY T 30 61.79 24.73 -35.27
N THR T 31 61.61 23.41 -35.39
CA THR T 31 61.68 22.67 -36.64
C THR T 31 60.71 23.28 -37.64
N THR T 32 60.99 23.14 -38.92
CA THR T 32 60.07 23.70 -39.91
C THR T 32 58.99 22.67 -40.26
N SER T 33 57.77 23.14 -40.49
CA SER T 33 56.66 22.28 -40.83
C SER T 33 55.78 23.04 -41.80
N ILE T 34 55.09 22.33 -42.68
CA ILE T 34 54.25 22.99 -43.67
C ILE T 34 52.94 22.30 -43.93
N GLY T 35 52.17 22.91 -44.82
CA GLY T 35 50.88 22.38 -45.21
C GLY T 35 50.59 22.85 -46.63
N ILE T 36 49.99 21.98 -47.44
CA ILE T 36 49.67 22.32 -48.81
C ILE T 36 48.24 21.91 -49.13
N LYS T 37 47.44 22.86 -49.60
CA LYS T 37 46.07 22.55 -49.96
C LYS T 37 46.06 22.11 -51.42
N CYS T 38 45.45 20.96 -51.70
CA CYS T 38 45.37 20.48 -53.08
C CYS T 38 43.94 20.58 -53.59
N ASN T 39 43.70 20.14 -54.83
CA ASN T 39 42.37 20.24 -55.43
C ASN T 39 41.23 19.51 -54.71
N ASP T 40 41.57 18.57 -53.82
CA ASP T 40 40.52 17.85 -53.08
C ASP T 40 41.02 17.35 -51.73
N GLY T 41 42.01 18.02 -51.17
CA GLY T 41 42.54 17.62 -49.89
C GLY T 41 43.63 18.55 -49.39
N VAL T 42 44.43 18.06 -48.45
CA VAL T 42 45.53 18.85 -47.90
C VAL T 42 46.64 17.88 -47.54
N VAL T 43 47.86 18.38 -47.54
CA VAL T 43 49.01 17.56 -47.20
C VAL T 43 49.79 18.25 -46.11
N PHE T 44 50.31 17.47 -45.18
CA PHE T 44 51.10 18.01 -44.08
C PHE T 44 52.44 17.31 -44.11
N ALA T 45 53.48 18.05 -43.77
CA ALA T 45 54.83 17.49 -43.73
C ALA T 45 55.65 18.24 -42.68
N VAL T 46 56.63 17.58 -42.11
CA VAL T 46 57.45 18.20 -41.10
C VAL T 46 58.87 17.62 -41.07
N GLU T 47 59.80 18.46 -40.62
CA GLU T 47 61.19 18.10 -40.49
C GLU T 47 61.45 17.51 -39.11
N LYS T 48 62.08 16.35 -39.04
CA LYS T 48 62.37 15.73 -37.76
C LYS T 48 63.88 15.59 -37.58
N LEU T 49 64.48 16.51 -36.85
CA LEU T 49 65.93 16.49 -36.63
C LEU T 49 66.43 15.25 -35.89
N ILE T 50 67.33 14.54 -36.55
CA ILE T 50 67.92 13.34 -35.98
C ILE T 50 69.06 13.71 -35.07
N THR T 51 68.74 13.94 -33.81
CA THR T 51 69.73 14.32 -32.80
C THR T 51 70.88 13.33 -32.76
N SER T 52 70.58 12.04 -32.90
CA SER T 52 71.62 11.03 -32.87
C SER T 52 71.12 9.73 -33.49
N LYS T 53 72.04 8.79 -33.69
CA LYS T 53 71.71 7.50 -34.27
C LYS T 53 70.84 6.70 -33.31
N LEU T 54 70.77 7.16 -32.06
CA LEU T 54 69.98 6.47 -31.04
C LEU T 54 68.46 6.59 -31.19
N LEU T 55 68.00 7.64 -31.88
CA LEU T 55 66.57 7.81 -32.11
C LEU T 55 66.09 6.70 -33.01
N VAL T 56 65.10 5.92 -32.56
CA VAL T 56 64.58 4.85 -33.39
C VAL T 56 63.90 5.53 -34.58
N PRO T 57 64.33 5.20 -35.81
CA PRO T 57 63.73 5.80 -37.00
C PRO T 57 62.24 5.52 -37.16
N GLN T 58 61.51 6.52 -37.65
CA GLN T 58 60.07 6.40 -37.89
C GLN T 58 59.20 6.32 -36.63
N LYS T 59 59.81 6.19 -35.46
CA LYS T 59 59.06 6.08 -34.22
C LYS T 59 58.45 7.32 -33.57
N ASN T 60 59.23 8.37 -33.41
CA ASN T 60 58.73 9.58 -32.78
C ASN T 60 57.86 10.43 -33.70
N VAL T 61 56.65 9.96 -33.97
CA VAL T 61 55.72 10.68 -34.85
C VAL T 61 55.35 12.04 -34.31
N LYS T 62 55.28 13.04 -35.19
CA LYS T 62 54.94 14.38 -34.76
C LYS T 62 53.57 14.84 -35.21
N ILE T 63 53.15 14.41 -36.40
CA ILE T 63 51.84 14.82 -36.90
C ILE T 63 50.75 14.15 -36.07
N GLN T 64 49.66 14.87 -35.82
CA GLN T 64 48.58 14.30 -35.02
C GLN T 64 47.25 14.43 -35.70
N VAL T 65 46.39 13.43 -35.47
CA VAL T 65 45.06 13.45 -36.05
C VAL T 65 44.04 13.89 -34.99
N VAL T 66 42.98 14.53 -35.46
CA VAL T 66 41.91 14.98 -34.59
C VAL T 66 40.64 14.40 -35.22
N ASP T 67 39.89 13.65 -34.42
CA ASP T 67 38.69 12.97 -34.90
C ASP T 67 39.22 11.98 -35.94
N ARG T 68 38.65 11.98 -37.13
CA ARG T 68 39.14 11.06 -38.15
C ARG T 68 39.45 11.75 -39.48
N HIS T 69 39.16 13.05 -39.57
CA HIS T 69 39.37 13.80 -40.80
C HIS T 69 40.29 15.00 -40.70
N ILE T 70 40.95 15.19 -39.56
CA ILE T 70 41.79 16.37 -39.41
C ILE T 70 43.23 16.07 -39.01
N GLY T 71 44.13 16.79 -39.66
CA GLY T 71 45.55 16.62 -39.39
C GLY T 71 46.07 17.90 -38.79
N CYS T 72 47.00 17.75 -37.85
CA CYS T 72 47.60 18.89 -37.19
C CYS T 72 49.08 18.67 -37.03
N VAL T 73 49.85 19.71 -37.33
CA VAL T 73 51.29 19.66 -37.18
C VAL T 73 51.68 21.05 -36.67
N TYR T 74 52.77 21.11 -35.92
CA TYR T 74 53.21 22.38 -35.36
C TYR T 74 54.71 22.50 -35.14
N SER T 75 55.16 23.73 -34.92
CA SER T 75 56.56 24.04 -34.69
C SER T 75 56.67 24.83 -33.41
N GLY T 76 57.66 24.51 -32.60
CA GLY T 76 57.85 25.22 -31.35
C GLY T 76 58.05 24.25 -30.22
N LEU T 77 57.36 24.49 -29.11
CA LEU T 77 57.44 23.62 -27.94
C LEU T 77 56.45 22.48 -28.18
N ILE T 78 56.99 21.30 -28.53
CA ILE T 78 56.17 20.13 -28.80
C ILE T 78 55.07 19.90 -27.76
N PRO T 79 55.42 19.86 -26.47
CA PRO T 79 54.40 19.63 -25.44
C PRO T 79 53.22 20.61 -25.58
N ASP T 80 53.49 21.87 -25.87
CA ASP T 80 52.38 22.83 -26.03
C ASP T 80 51.50 22.40 -27.21
N GLY T 81 52.13 21.81 -28.23
CA GLY T 81 51.40 21.35 -29.40
C GLY T 81 50.43 20.26 -29.02
N ARG T 82 50.92 19.25 -28.30
CA ARG T 82 50.06 18.16 -27.87
C ARG T 82 48.89 18.72 -27.05
N HIS T 83 49.20 19.57 -26.08
CA HIS T 83 48.18 20.19 -25.23
C HIS T 83 47.06 20.76 -26.10
N LEU T 84 47.42 21.44 -27.17
CA LEU T 84 46.44 22.03 -28.06
C LEU T 84 45.62 20.97 -28.82
N VAL T 85 46.26 19.88 -29.23
CA VAL T 85 45.54 18.83 -29.94
C VAL T 85 44.56 18.14 -29.01
N ASN T 86 44.97 17.91 -27.77
CA ASN T 86 44.10 17.28 -26.79
C ASN T 86 42.81 18.08 -26.67
N ARG T 87 42.96 19.40 -26.55
CA ARG T 87 41.80 20.25 -26.46
C ARG T 87 41.01 20.13 -27.76
N GLY T 88 41.72 20.14 -28.87
CA GLY T 88 41.07 20.03 -30.16
C GLY T 88 40.23 18.77 -30.25
N ARG T 89 40.78 17.68 -29.72
CA ARG T 89 40.07 16.40 -29.71
C ARG T 89 38.79 16.45 -28.86
N GLU T 90 38.87 17.06 -27.68
CA GLU T 90 37.69 17.18 -26.82
C GLU T 90 36.71 18.10 -27.54
N GLU T 91 37.25 19.15 -28.13
CA GLU T 91 36.46 20.13 -28.84
C GLU T 91 35.68 19.44 -29.98
N ALA T 92 36.34 18.50 -30.66
CA ALA T 92 35.71 17.79 -31.77
C ALA T 92 34.71 16.73 -31.31
N ALA T 93 35.04 16.03 -30.23
CA ALA T 93 34.14 15.01 -29.69
C ALA T 93 32.84 15.67 -29.25
N SER T 94 32.98 16.77 -28.51
CA SER T 94 31.83 17.52 -28.03
C SER T 94 30.92 17.89 -29.20
N PHE T 95 31.51 18.44 -30.26
CA PHE T 95 30.74 18.88 -31.42
C PHE T 95 29.99 17.74 -32.09
N LYS T 96 30.66 16.60 -32.27
CA LYS T 96 30.02 15.44 -32.91
C LYS T 96 28.89 14.89 -32.03
N LYS T 97 29.15 14.80 -30.72
CA LYS T 97 28.16 14.29 -29.78
C LYS T 97 26.86 15.08 -29.84
N LEU T 98 26.96 16.40 -29.97
CA LEU T 98 25.76 17.20 -30.01
C LEU T 98 25.14 17.30 -31.40
N TYR T 99 25.97 17.48 -32.42
CA TYR T 99 25.46 17.64 -33.77
C TYR T 99 25.50 16.45 -34.71
N LYS T 100 26.05 15.33 -34.22
CA LYS T 100 26.12 14.09 -34.98
C LYS T 100 27.16 14.09 -36.11
N THR T 101 27.20 15.17 -36.87
CA THR T 101 28.15 15.28 -37.96
C THR T 101 29.55 15.67 -37.48
N PRO T 102 30.60 15.04 -38.03
CA PRO T 102 31.96 15.39 -37.60
C PRO T 102 32.17 16.90 -37.83
N ILE T 103 32.98 17.53 -36.97
CA ILE T 103 33.22 18.95 -37.02
C ILE T 103 33.89 19.51 -38.26
N PRO T 104 33.29 20.55 -38.86
CA PRO T 104 33.79 21.22 -40.07
C PRO T 104 35.13 21.87 -39.70
N ILE T 105 36.03 21.95 -40.68
CA ILE T 105 37.35 22.52 -40.47
C ILE T 105 37.31 23.98 -40.01
N PRO T 106 36.45 24.80 -40.62
CA PRO T 106 36.38 26.21 -40.19
C PRO T 106 35.97 26.26 -38.72
N ALA T 107 34.94 25.49 -38.34
CA ALA T 107 34.47 25.46 -36.96
C ALA T 107 35.56 24.97 -36.03
N PHE T 108 36.28 23.96 -36.48
CA PHE T 108 37.34 23.41 -35.66
C PHE T 108 38.44 24.43 -35.45
N ALA T 109 38.69 25.23 -36.49
CA ALA T 109 39.75 26.23 -36.42
C ALA T 109 39.44 27.27 -35.37
N ASP T 110 38.20 27.74 -35.35
CA ASP T 110 37.82 28.75 -34.37
C ASP T 110 37.84 28.18 -32.96
N ARG T 111 37.60 26.89 -32.83
CA ARG T 111 37.63 26.26 -31.53
C ARG T 111 39.05 26.37 -30.99
N LEU T 112 40.02 26.11 -31.86
CA LEU T 112 41.44 26.20 -31.50
C LEU T 112 41.80 27.66 -31.30
N GLY T 113 41.22 28.51 -32.15
CA GLY T 113 41.51 29.92 -32.08
C GLY T 113 41.10 30.57 -30.77
N GLN T 114 39.85 30.35 -30.38
CA GLN T 114 39.31 30.92 -29.15
C GLN T 114 40.08 30.41 -27.94
N TYR T 115 40.48 29.15 -28.00
CA TYR T 115 41.23 28.57 -26.88
C TYR T 115 42.59 29.24 -26.73
N VAL T 116 43.28 29.43 -27.85
CA VAL T 116 44.59 30.06 -27.81
C VAL T 116 44.47 31.54 -27.46
N GLN T 117 43.46 32.20 -28.02
CA GLN T 117 43.23 33.62 -27.75
C GLN T 117 42.99 33.79 -26.25
N ALA T 118 42.38 32.78 -25.66
CA ALA T 118 42.07 32.78 -24.25
C ALA T 118 43.35 32.80 -23.41
N HIS T 119 44.41 32.18 -23.91
CA HIS T 119 45.67 32.16 -23.16
C HIS T 119 46.50 33.43 -23.30
N THR T 120 45.85 34.52 -23.74
CA THR T 120 46.49 35.82 -23.88
C THR T 120 45.64 36.87 -23.14
N LEU T 121 44.70 36.38 -22.33
CA LEU T 121 43.80 37.25 -21.58
C LEU T 121 44.15 37.38 -20.09
N TYR T 122 45.04 36.54 -19.58
CA TYR T 122 45.37 36.58 -18.15
C TYR T 122 46.87 36.43 -17.91
N ASN T 123 47.34 36.91 -16.76
CA ASN T 123 48.75 36.80 -16.43
C ASN T 123 48.99 35.54 -15.61
N SER T 124 47.95 34.73 -15.47
CA SER T 124 48.07 33.51 -14.69
C SER T 124 48.39 32.34 -15.62
N VAL T 125 48.50 32.61 -16.91
CA VAL T 125 48.85 31.60 -17.89
C VAL T 125 49.86 32.16 -18.88
N ARG T 126 50.47 31.24 -19.64
CA ARG T 126 51.46 31.60 -20.63
C ARG T 126 50.90 31.33 -22.02
N PRO T 127 51.30 32.13 -23.01
CA PRO T 127 50.79 31.87 -24.36
C PRO T 127 51.36 30.54 -24.89
N PHE T 128 50.78 30.03 -25.96
CA PHE T 128 51.26 28.79 -26.54
C PHE T 128 52.55 28.99 -27.32
N GLY T 129 53.52 28.12 -27.09
CA GLY T 129 54.78 28.22 -27.80
C GLY T 129 54.80 27.46 -29.11
N VAL T 130 53.73 27.57 -29.89
CA VAL T 130 53.67 26.86 -31.17
C VAL T 130 52.76 27.52 -32.19
N SER T 131 53.07 27.31 -33.46
CA SER T 131 52.23 27.80 -34.54
C SER T 131 51.73 26.47 -35.08
N THR T 132 50.45 26.39 -35.43
CA THR T 132 49.90 25.14 -35.89
C THR T 132 49.25 25.20 -37.26
N ILE T 133 49.60 24.22 -38.09
CA ILE T 133 49.06 24.09 -39.43
C ILE T 133 48.18 22.84 -39.36
N PHE T 134 46.91 23.00 -39.68
CA PHE T 134 45.97 21.90 -39.58
C PHE T 134 44.91 22.06 -40.67
N GLY T 135 44.15 21.01 -40.90
CA GLY T 135 43.12 21.07 -41.91
C GLY T 135 42.57 19.70 -42.21
N GLY T 136 41.68 19.65 -43.20
CA GLY T 136 41.08 18.40 -43.59
C GLY T 136 39.98 18.62 -44.60
N VAL T 137 39.17 17.59 -44.82
CA VAL T 137 38.07 17.65 -45.77
C VAL T 137 36.73 17.60 -45.05
N ASP T 138 35.76 18.38 -45.53
CA ASP T 138 34.47 18.36 -44.90
C ASP T 138 33.33 18.51 -45.91
N LYS T 139 32.12 18.72 -45.41
CA LYS T 139 30.93 18.87 -46.24
C LYS T 139 31.14 19.66 -47.53
N ASN T 140 32.01 20.66 -47.50
CA ASN T 140 32.25 21.41 -48.72
C ASN T 140 33.69 21.79 -49.01
N GLY T 141 34.51 20.78 -49.30
CA GLY T 141 35.88 21.05 -49.64
C GLY T 141 36.96 20.74 -48.65
N ALA T 142 38.17 21.21 -48.99
CA ALA T 142 39.34 21.02 -48.18
C ALA T 142 39.64 22.38 -47.57
N HIS T 143 40.33 22.39 -46.44
CA HIS T 143 40.66 23.63 -45.77
C HIS T 143 42.00 23.51 -45.05
N LEU T 144 42.83 24.53 -45.23
CA LEU T 144 44.14 24.57 -44.58
C LEU T 144 44.17 25.80 -43.67
N TYR T 145 44.85 25.67 -42.53
CA TYR T 145 44.90 26.76 -41.56
C TYR T 145 46.21 26.79 -40.82
N MET T 146 46.55 27.98 -40.35
CA MET T 146 47.74 28.16 -39.53
C MET T 146 47.30 29.06 -38.37
N LEU T 147 47.66 28.65 -37.15
CA LEU T 147 47.26 29.37 -35.95
C LEU T 147 48.48 29.83 -35.17
N GLU T 148 48.58 31.16 -34.96
CA GLU T 148 49.71 31.76 -34.24
C GLU T 148 49.45 31.84 -32.72
N PRO T 149 50.50 32.03 -31.91
CA PRO T 149 50.32 32.13 -30.45
C PRO T 149 49.36 33.25 -30.03
N SER T 150 49.09 34.18 -30.93
CA SER T 150 48.18 35.28 -30.59
C SER T 150 46.72 34.81 -30.70
N GLY T 151 46.54 33.63 -31.30
CA GLY T 151 45.20 33.11 -31.49
C GLY T 151 44.75 33.44 -32.90
N SER T 152 45.58 34.22 -33.60
CA SER T 152 45.26 34.60 -34.98
C SER T 152 45.43 33.42 -35.93
N TYR T 153 44.51 33.32 -36.89
CA TYR T 153 44.56 32.24 -37.86
C TYR T 153 43.77 32.67 -39.09
N TRP T 154 44.16 32.12 -40.23
CA TRP T 154 43.48 32.40 -41.50
C TRP T 154 43.53 31.12 -42.32
N GLY T 155 42.74 31.07 -43.38
CA GLY T 155 42.76 29.92 -44.26
C GLY T 155 43.88 30.13 -45.28
N TYR T 156 44.64 29.08 -45.59
CA TYR T 156 45.75 29.20 -46.52
C TYR T 156 45.72 28.26 -47.73
N LYS T 157 46.48 28.65 -48.75
CA LYS T 157 46.64 27.87 -49.97
C LYS T 157 47.81 26.97 -49.65
N GLY T 158 48.75 27.53 -48.90
CA GLY T 158 49.93 26.79 -48.48
C GLY T 158 50.42 27.51 -47.24
N ALA T 159 51.17 26.82 -46.39
CA ALA T 159 51.64 27.45 -45.17
C ALA T 159 52.86 26.77 -44.59
N ALA T 160 53.67 27.56 -43.88
CA ALA T 160 54.87 27.04 -43.27
C ALA T 160 55.21 27.85 -42.03
N THR T 161 55.96 27.24 -41.13
CA THR T 161 56.37 27.91 -39.91
C THR T 161 57.63 27.22 -39.40
N GLY T 162 58.36 27.88 -38.51
CA GLY T 162 59.58 27.30 -37.99
C GLY T 162 60.85 27.86 -38.62
N LYS T 163 61.97 27.22 -38.29
CA LYS T 163 63.30 27.60 -38.77
C LYS T 163 63.37 28.02 -40.24
N GLY T 164 62.95 27.14 -41.14
CA GLY T 164 63.02 27.46 -42.55
C GLY T 164 61.72 27.91 -43.21
N ARG T 165 60.93 28.67 -42.48
CA ARG T 165 59.64 29.12 -42.99
C ARG T 165 59.74 29.98 -44.25
N GLN T 166 60.79 30.80 -44.36
CA GLN T 166 60.98 31.68 -45.51
C GLN T 166 61.23 30.92 -46.81
N SER T 167 62.12 29.93 -46.75
CA SER T 167 62.44 29.11 -47.92
C SER T 167 61.12 28.48 -48.35
N ALA T 168 60.47 27.85 -47.37
CA ALA T 168 59.21 27.17 -47.59
C ALA T 168 58.18 28.11 -48.19
N LYS T 169 57.93 29.24 -47.54
CA LYS T 169 56.95 30.18 -48.07
C LYS T 169 57.30 30.54 -49.50
N ALA T 170 58.61 30.70 -49.76
CA ALA T 170 59.08 31.03 -51.10
C ALA T 170 58.67 29.95 -52.09
N GLU T 171 59.00 28.70 -51.75
CA GLU T 171 58.66 27.58 -52.61
C GLU T 171 57.15 27.49 -52.79
N LEU T 172 56.42 27.71 -51.69
CA LEU T 172 54.96 27.66 -51.73
C LEU T 172 54.39 28.71 -52.69
N GLU T 173 54.93 29.92 -52.64
CA GLU T 173 54.43 30.97 -53.51
C GLU T 173 54.66 30.64 -54.98
N LYS T 174 55.73 29.89 -55.26
CA LYS T 174 56.02 29.50 -56.64
C LYS T 174 54.90 28.60 -57.15
N LEU T 175 54.60 27.57 -56.36
CA LEU T 175 53.53 26.63 -56.70
C LEU T 175 52.21 27.35 -56.92
N VAL T 176 51.91 28.33 -56.06
CA VAL T 176 50.66 29.07 -56.18
C VAL T 176 50.53 29.78 -57.52
N ASP T 177 51.63 30.32 -58.03
CA ASP T 177 51.62 31.03 -59.31
C ASP T 177 51.60 30.08 -60.50
N HIS T 178 52.40 29.02 -60.42
CA HIS T 178 52.50 28.05 -61.49
C HIS T 178 51.41 26.98 -61.53
N HIS T 179 50.38 27.15 -60.71
CA HIS T 179 49.29 26.18 -60.68
C HIS T 179 47.97 26.81 -60.24
N PRO T 180 47.46 27.77 -61.01
CA PRO T 180 46.21 28.44 -60.65
C PRO T 180 45.02 27.47 -60.73
N GLU T 181 45.22 26.35 -61.40
CA GLU T 181 44.18 25.34 -61.56
C GLU T 181 44.11 24.35 -60.39
N GLY T 182 45.19 24.25 -59.61
CA GLY T 182 45.18 23.36 -58.48
C GLY T 182 46.11 22.17 -58.58
N LEU T 183 46.84 21.90 -57.49
CA LEU T 183 47.77 20.79 -57.43
C LEU T 183 46.97 19.55 -56.98
N SER T 184 47.43 18.36 -57.35
CA SER T 184 46.71 17.15 -56.95
C SER T 184 47.36 16.63 -55.66
N ALA T 185 46.62 15.81 -54.93
CA ALA T 185 47.13 15.26 -53.69
C ALA T 185 48.45 14.54 -53.94
N ARG T 186 48.47 13.71 -54.98
CA ARG T 186 49.65 12.95 -55.37
C ARG T 186 50.84 13.90 -55.55
N GLU T 187 50.62 14.97 -56.31
CA GLU T 187 51.65 15.96 -56.57
C GLU T 187 52.06 16.71 -55.30
N ALA T 188 51.07 17.19 -54.56
CA ALA T 188 51.32 17.93 -53.31
C ALA T 188 52.22 17.15 -52.35
N VAL T 189 52.03 15.84 -52.29
CA VAL T 189 52.85 15.01 -51.42
C VAL T 189 54.33 15.15 -51.79
N LYS T 190 54.62 15.06 -53.09
CA LYS T 190 55.99 15.17 -53.60
C LYS T 190 56.51 16.58 -53.37
N GLN T 191 55.73 17.55 -53.83
CA GLN T 191 56.09 18.95 -53.68
C GLN T 191 56.44 19.21 -52.23
N ALA T 192 55.61 18.71 -51.33
CA ALA T 192 55.82 18.86 -49.90
C ALA T 192 57.19 18.32 -49.52
N ALA T 193 57.46 17.08 -49.91
CA ALA T 193 58.74 16.42 -49.61
C ALA T 193 59.91 17.31 -50.05
N LYS T 194 59.73 17.99 -51.18
CA LYS T 194 60.77 18.86 -51.67
C LYS T 194 60.93 20.06 -50.76
N ILE T 195 59.85 20.82 -50.57
CA ILE T 195 59.91 22.00 -49.71
C ILE T 195 60.59 21.74 -48.35
N ILE T 196 60.34 20.59 -47.73
CA ILE T 196 61.00 20.31 -46.45
C ILE T 196 62.50 20.15 -46.66
N TYR T 197 62.86 19.39 -47.69
CA TYR T 197 64.26 19.18 -48.02
C TYR T 197 64.98 20.51 -48.26
N LEU T 198 64.38 21.35 -49.11
CA LEU T 198 64.95 22.65 -49.39
C LEU T 198 65.09 23.41 -48.07
N ALA T 199 63.95 23.78 -47.49
CA ALA T 199 63.94 24.51 -46.23
C ALA T 199 64.85 23.91 -45.16
N HIS T 200 65.29 22.67 -45.34
CA HIS T 200 66.15 22.04 -44.34
C HIS T 200 67.56 22.63 -44.36
N GLU T 201 67.85 23.47 -45.35
CA GLU T 201 69.16 24.10 -45.47
C GLU T 201 69.49 25.00 -44.29
N ASP T 202 68.46 25.65 -43.76
CA ASP T 202 68.58 26.55 -42.61
C ASP T 202 68.83 25.73 -41.34
N ASN T 203 69.26 24.48 -41.52
CA ASN T 203 69.52 23.60 -40.39
C ASN T 203 70.33 22.41 -40.92
N LYS T 204 70.94 22.64 -42.09
CA LYS T 204 71.76 21.66 -42.79
C LYS T 204 72.81 20.98 -41.93
N GLU T 205 73.02 21.49 -40.73
CA GLU T 205 74.02 20.93 -39.82
C GLU T 205 73.65 19.56 -39.27
N LYS T 206 72.38 19.37 -38.95
CA LYS T 206 71.90 18.12 -38.40
C LYS T 206 71.14 17.30 -39.45
N ASP T 207 71.22 15.98 -39.34
CA ASP T 207 70.52 15.12 -40.28
C ASP T 207 69.06 15.06 -39.82
N PHE T 208 68.14 14.71 -40.72
CA PHE T 208 66.72 14.69 -40.34
C PHE T 208 65.91 13.52 -40.92
N GLU T 209 64.64 13.46 -40.51
CA GLU T 209 63.70 12.45 -40.96
C GLU T 209 62.44 13.14 -41.48
N LEU T 210 61.99 12.76 -42.67
CA LEU T 210 60.81 13.38 -43.26
C LEU T 210 59.52 12.67 -42.85
N GLU T 211 58.46 13.45 -42.65
CA GLU T 211 57.16 12.91 -42.26
C GLU T 211 56.06 13.65 -43.01
N ILE T 212 55.16 12.90 -43.64
CA ILE T 212 54.07 13.48 -44.40
C ILE T 212 52.75 12.77 -44.08
N SER T 213 51.65 13.48 -44.24
CA SER T 213 50.33 12.92 -44.02
C SER T 213 49.39 13.68 -44.93
N TRP T 214 48.24 13.11 -45.24
CA TRP T 214 47.32 13.80 -46.13
C TRP T 214 45.89 13.39 -45.91
N CYS T 215 45.00 14.18 -46.47
CA CYS T 215 43.58 13.95 -46.36
C CYS T 215 43.04 14.37 -47.72
N SER T 216 42.67 13.39 -48.54
CA SER T 216 42.15 13.66 -49.88
C SER T 216 40.85 12.91 -50.13
N LEU T 217 39.88 13.63 -50.69
CA LEU T 217 38.58 13.04 -50.96
C LEU T 217 38.73 11.80 -51.83
N SER T 218 39.65 11.86 -52.80
CA SER T 218 39.86 10.75 -53.71
C SER T 218 40.93 9.77 -53.25
N GLU T 219 42.01 10.27 -52.66
CA GLU T 219 43.09 9.40 -52.25
C GLU T 219 42.94 8.70 -50.91
N THR T 220 42.21 9.31 -49.97
CA THR T 220 42.04 8.70 -48.64
C THR T 220 40.60 8.64 -48.18
N ASN T 221 39.68 8.98 -49.09
CA ASN T 221 38.26 8.94 -48.76
C ASN T 221 37.87 10.04 -47.80
N GLY T 222 38.72 11.06 -47.70
CA GLY T 222 38.41 12.15 -46.80
C GLY T 222 38.87 11.86 -45.38
N LEU T 223 39.67 10.82 -45.21
CA LEU T 223 40.18 10.49 -43.89
C LEU T 223 41.65 10.83 -43.82
N HIS T 224 42.10 11.31 -42.68
CA HIS T 224 43.50 11.65 -42.52
C HIS T 224 44.33 10.39 -42.37
N LYS T 225 45.34 10.25 -43.23
CA LYS T 225 46.20 9.09 -43.18
C LYS T 225 47.66 9.48 -43.38
N PHE T 226 48.56 8.70 -42.80
CA PHE T 226 49.98 8.96 -42.92
C PHE T 226 50.54 8.36 -44.20
N VAL T 227 51.50 9.06 -44.79
CA VAL T 227 52.13 8.57 -46.00
C VAL T 227 53.24 7.62 -45.55
N LYS T 228 53.14 6.37 -45.98
CA LYS T 228 54.12 5.33 -45.60
C LYS T 228 54.64 4.55 -46.80
N GLY T 229 55.62 3.68 -46.54
CA GLY T 229 56.19 2.85 -47.59
C GLY T 229 56.53 3.48 -48.93
N ASP T 230 56.14 2.80 -50.00
CA ASP T 230 56.39 3.23 -51.37
C ASP T 230 56.08 4.68 -51.69
N LEU T 231 54.86 5.12 -51.41
CA LEU T 231 54.48 6.50 -51.67
C LEU T 231 55.41 7.47 -50.97
N LEU T 232 55.91 7.07 -49.80
CA LEU T 232 56.81 7.91 -49.03
C LEU T 232 58.18 8.01 -49.72
N GLN T 233 58.81 6.85 -49.94
CA GLN T 233 60.12 6.79 -50.60
C GLN T 233 60.09 7.53 -51.93
N GLU T 234 59.04 7.29 -52.70
CA GLU T 234 58.88 7.94 -54.00
C GLU T 234 58.96 9.46 -53.87
N ALA T 235 58.44 10.00 -52.77
CA ALA T 235 58.46 11.44 -52.53
C ALA T 235 59.85 11.86 -52.03
N ILE T 236 60.44 11.04 -51.16
CA ILE T 236 61.78 11.33 -50.64
C ILE T 236 62.73 11.44 -51.82
N ASP T 237 62.63 10.50 -52.75
CA ASP T 237 63.47 10.49 -53.93
C ASP T 237 63.23 11.76 -54.75
N PHE T 238 61.97 12.02 -55.09
CA PHE T 238 61.62 13.21 -55.88
C PHE T 238 62.30 14.44 -55.30
N ALA T 239 62.48 14.44 -53.99
CA ALA T 239 63.14 15.56 -53.32
C ALA T 239 64.65 15.47 -53.48
N GLN T 240 65.22 14.36 -53.02
CA GLN T 240 66.67 14.11 -53.11
C GLN T 240 67.18 14.41 -54.52
N LYS T 241 66.31 14.24 -55.51
CA LYS T 241 66.67 14.48 -56.90
C LYS T 241 66.71 15.96 -57.23
N GLU T 242 65.69 16.70 -56.81
CA GLU T 242 65.64 18.12 -57.10
C GLU T 242 66.40 18.96 -56.08
N ILE T 243 67.17 18.30 -55.22
CA ILE T 243 67.97 19.01 -54.24
C ILE T 243 69.37 19.19 -54.83
N ASN T 244 69.54 18.68 -56.04
CA ASN T 244 70.80 18.75 -56.77
C ASN T 244 70.55 19.12 -58.24
N ALA U 1 54.02 50.88 -7.32
CA ALA U 1 53.61 52.25 -7.75
C ALA U 1 53.52 52.35 -9.29
N GLY U 2 54.62 52.05 -9.98
CA GLY U 2 54.65 52.12 -11.43
C GLY U 2 53.81 51.06 -12.13
N TYR U 3 53.13 50.23 -11.33
CA TYR U 3 52.28 49.18 -11.88
C TYR U 3 50.90 49.70 -12.20
N ASP U 4 50.67 50.97 -11.90
CA ASP U 4 49.37 51.56 -12.20
C ASP U 4 49.26 51.70 -13.71
N ARG U 5 50.22 51.11 -14.42
CA ARG U 5 50.24 51.14 -15.87
C ARG U 5 50.21 49.74 -16.47
N HIS U 6 50.11 48.73 -15.61
CA HIS U 6 50.06 47.34 -16.06
C HIS U 6 48.65 46.77 -15.92
N ILE U 7 47.99 47.12 -14.82
CA ILE U 7 46.64 46.65 -14.58
C ILE U 7 45.71 47.84 -14.64
N THR U 8 44.41 47.61 -14.57
CA THR U 8 43.48 48.70 -14.65
C THR U 8 43.09 49.36 -13.32
N ILE U 9 44.03 50.11 -12.75
CA ILE U 9 43.79 50.86 -11.52
C ILE U 9 44.13 52.28 -11.93
N PHE U 10 43.64 53.25 -11.17
CA PHE U 10 43.88 54.65 -11.51
C PHE U 10 45.33 55.09 -11.36
N SER U 11 45.71 56.02 -12.23
CA SER U 11 47.04 56.62 -12.19
C SER U 11 46.76 57.91 -11.40
N PRO U 12 47.79 58.51 -10.78
CA PRO U 12 47.57 59.73 -10.01
C PRO U 12 46.75 60.80 -10.74
N GLU U 13 46.67 60.68 -12.06
CA GLU U 13 45.89 61.66 -12.84
C GLU U 13 44.48 61.15 -13.12
N GLY U 14 44.15 60.02 -12.51
CA GLY U 14 42.82 59.44 -12.69
C GLY U 14 42.66 58.77 -14.04
N ARG U 15 43.76 58.29 -14.59
CA ARG U 15 43.72 57.64 -15.89
C ARG U 15 43.92 56.15 -15.80
N LEU U 16 43.52 55.46 -16.87
CA LEU U 16 43.66 54.02 -16.96
C LEU U 16 44.46 53.71 -18.22
N TYR U 17 45.77 53.81 -18.10
CA TYR U 17 46.65 53.56 -19.23
C TYR U 17 46.37 52.27 -20.01
N GLN U 18 46.08 51.17 -19.32
CA GLN U 18 45.80 49.92 -20.01
C GLN U 18 44.65 50.06 -20.97
N VAL U 19 43.67 50.88 -20.64
CA VAL U 19 42.55 51.08 -21.54
C VAL U 19 43.03 51.92 -22.73
N GLU U 20 43.92 52.86 -22.45
CA GLU U 20 44.47 53.74 -23.47
C GLU U 20 45.31 52.94 -24.46
N TYR U 21 46.17 52.07 -23.93
CA TYR U 21 47.01 51.27 -24.79
C TYR U 21 46.16 50.26 -25.56
N ALA U 22 44.98 49.93 -25.03
CA ALA U 22 44.11 49.00 -25.70
C ALA U 22 43.55 49.71 -26.92
N PHE U 23 43.24 50.99 -26.76
CA PHE U 23 42.74 51.78 -27.88
C PHE U 23 43.81 51.79 -28.98
N LYS U 24 45.06 51.83 -28.55
CA LYS U 24 46.17 51.85 -29.49
C LYS U 24 46.14 50.58 -30.35
N ALA U 25 45.89 49.45 -29.70
CA ALA U 25 45.86 48.18 -30.41
C ALA U 25 44.82 48.12 -31.53
N THR U 26 43.73 48.88 -31.39
CA THR U 26 42.67 48.85 -32.41
C THR U 26 43.13 49.26 -33.79
N ASN U 27 44.19 50.04 -33.88
CA ASN U 27 44.69 50.48 -35.16
C ASN U 27 45.78 49.58 -35.74
N GLN U 28 46.12 48.54 -35.00
CA GLN U 28 47.15 47.59 -35.40
C GLN U 28 46.97 46.98 -36.80
N THR U 29 45.71 46.84 -37.23
CA THR U 29 45.43 46.26 -38.53
C THR U 29 45.50 47.25 -39.66
N ASN U 30 45.70 48.52 -39.33
CA ASN U 30 45.78 49.57 -40.33
C ASN U 30 44.62 49.49 -41.33
N ILE U 31 43.42 49.22 -40.82
CA ILE U 31 42.23 49.12 -41.65
C ILE U 31 41.23 50.19 -41.25
N ASN U 32 40.56 50.78 -42.22
CA ASN U 32 39.57 51.81 -41.93
C ASN U 32 38.20 51.28 -42.33
N SER U 33 37.18 51.69 -41.59
CA SER U 33 35.82 51.28 -41.88
C SER U 33 34.88 52.44 -41.61
N LEU U 34 33.71 52.41 -42.24
CA LEU U 34 32.74 53.47 -42.02
C LEU U 34 31.35 52.89 -42.19
N ALA U 35 30.37 53.53 -41.56
CA ALA U 35 28.99 53.06 -41.64
C ALA U 35 28.06 54.23 -41.89
N VAL U 36 27.03 54.00 -42.69
CA VAL U 36 26.06 55.04 -42.96
C VAL U 36 24.69 54.43 -42.99
N ARG U 37 23.68 55.24 -42.70
CA ARG U 37 22.34 54.75 -42.69
C ARG U 37 21.60 55.20 -43.93
N GLY U 38 20.83 54.27 -44.49
CA GLY U 38 20.03 54.57 -45.66
C GLY U 38 18.65 55.00 -45.21
N LYS U 39 17.68 54.92 -46.11
CA LYS U 39 16.31 55.28 -45.78
C LYS U 39 15.71 54.12 -44.99
N ASP U 40 16.07 52.90 -45.38
CA ASP U 40 15.57 51.70 -44.73
C ASP U 40 16.61 50.58 -44.74
N CYS U 41 17.88 50.96 -44.59
CA CYS U 41 18.97 49.99 -44.57
C CYS U 41 20.17 50.62 -43.86
N THR U 42 21.20 49.82 -43.62
CA THR U 42 22.40 50.30 -42.95
C THR U 42 23.58 49.62 -43.62
N VAL U 43 24.55 50.42 -44.03
CA VAL U 43 25.72 49.89 -44.70
C VAL U 43 27.02 50.11 -43.96
N VAL U 44 27.91 49.14 -44.06
CA VAL U 44 29.21 49.23 -43.43
C VAL U 44 30.28 48.80 -44.42
N ILE U 45 31.22 49.69 -44.65
CA ILE U 45 32.33 49.43 -45.57
C ILE U 45 33.61 49.31 -44.76
N SER U 46 34.50 48.42 -45.18
CA SER U 46 35.75 48.24 -44.49
C SER U 46 36.82 47.81 -45.49
N GLN U 47 37.98 48.44 -45.40
CA GLN U 47 39.06 48.08 -46.29
C GLN U 47 39.42 46.63 -46.05
N LYS U 48 39.82 45.95 -47.12
CA LYS U 48 40.23 44.57 -47.03
C LYS U 48 41.65 44.53 -47.57
N LYS U 49 42.58 44.07 -46.76
CA LYS U 49 43.97 44.00 -47.19
C LYS U 49 44.55 42.62 -46.99
N VAL U 50 44.87 41.95 -48.08
CA VAL U 50 45.45 40.62 -48.00
C VAL U 50 46.85 40.67 -48.57
N PRO U 51 47.85 40.85 -47.71
CA PRO U 51 49.26 40.91 -48.12
C PRO U 51 49.84 39.59 -48.63
N ASP U 52 49.87 38.57 -47.77
CA ASP U 52 50.42 37.27 -48.12
C ASP U 52 49.71 36.60 -49.30
N LYS U 53 50.48 36.16 -50.28
CA LYS U 53 49.92 35.50 -51.46
C LYS U 53 49.48 34.07 -51.12
N LEU U 54 49.97 33.57 -49.99
CA LEU U 54 49.66 32.23 -49.53
C LEU U 54 48.32 32.15 -48.78
N LEU U 55 47.68 33.29 -48.56
CA LEU U 55 46.41 33.32 -47.85
C LEU U 55 45.22 33.11 -48.76
N ASP U 56 44.16 32.55 -48.17
CA ASP U 56 42.93 32.31 -48.88
C ASP U 56 42.08 33.55 -48.58
N PRO U 57 42.07 34.51 -49.50
CA PRO U 57 41.33 35.78 -49.38
C PRO U 57 39.91 35.66 -48.83
N THR U 58 39.25 34.55 -49.14
CA THR U 58 37.88 34.33 -48.70
C THR U 58 37.70 34.21 -47.19
N THR U 59 38.78 33.84 -46.48
CA THR U 59 38.73 33.66 -45.04
C THR U 59 39.21 34.88 -44.26
N VAL U 60 39.55 35.95 -44.97
CA VAL U 60 40.02 37.17 -44.31
C VAL U 60 38.89 38.20 -44.23
N SER U 61 38.33 38.37 -43.04
CA SER U 61 37.25 39.33 -42.86
C SER U 61 37.19 39.92 -41.46
N TYR U 62 36.67 41.14 -41.35
CA TYR U 62 36.53 41.78 -40.05
C TYR U 62 35.07 42.17 -39.87
N ILE U 63 34.22 41.55 -40.69
CA ILE U 63 32.79 41.77 -40.61
C ILE U 63 32.21 40.44 -40.16
N PHE U 64 31.21 40.51 -39.28
CA PHE U 64 30.61 39.30 -38.75
C PHE U 64 29.09 39.35 -38.72
N CYS U 65 28.47 38.21 -39.00
CA CYS U 65 27.02 38.12 -38.95
C CYS U 65 26.72 37.62 -37.53
N ILE U 66 26.28 38.53 -36.67
CA ILE U 66 26.01 38.20 -35.30
C ILE U 66 24.68 37.48 -35.12
N SER U 67 23.68 37.95 -35.84
CA SER U 67 22.35 37.36 -35.79
C SER U 67 21.70 37.57 -37.15
N ARG U 68 20.53 37.02 -37.36
CA ARG U 68 19.84 37.19 -38.62
C ARG U 68 19.70 38.69 -38.94
N THR U 69 19.58 39.53 -37.91
CA THR U 69 19.40 40.96 -38.11
C THR U 69 20.56 41.87 -37.75
N ILE U 70 21.52 41.38 -36.99
CA ILE U 70 22.64 42.21 -36.58
C ILE U 70 23.99 41.88 -37.19
N GLY U 71 24.65 42.92 -37.71
CA GLY U 71 25.98 42.76 -38.29
C GLY U 71 26.95 43.57 -37.46
N MET U 72 28.20 43.10 -37.40
CA MET U 72 29.22 43.79 -36.63
C MET U 72 30.58 43.82 -37.34
N VAL U 73 31.15 45.01 -37.45
CA VAL U 73 32.46 45.17 -38.05
C VAL U 73 33.43 45.51 -36.92
N VAL U 74 34.60 44.89 -36.93
CA VAL U 74 35.59 45.08 -35.87
C VAL U 74 36.88 45.75 -36.32
N ASN U 75 37.31 46.76 -35.57
CA ASN U 75 38.59 47.43 -35.86
C ASN U 75 39.57 46.99 -34.77
N GLY U 76 40.49 46.09 -35.12
CA GLY U 76 41.47 45.63 -34.16
C GLY U 76 41.97 44.24 -34.51
N PRO U 77 42.95 43.72 -33.75
CA PRO U 77 43.53 42.38 -33.99
C PRO U 77 42.42 41.34 -34.19
N ILE U 78 42.63 40.39 -35.09
CA ILE U 78 41.58 39.40 -35.36
C ILE U 78 41.22 38.51 -34.17
N PRO U 79 42.21 37.99 -33.42
CA PRO U 79 41.81 37.13 -32.29
C PRO U 79 40.84 37.80 -31.30
N ASP U 80 41.12 39.04 -30.91
CA ASP U 80 40.23 39.72 -29.99
C ASP U 80 38.90 39.96 -30.71
N ALA U 81 38.97 40.21 -32.01
CA ALA U 81 37.75 40.45 -32.78
C ALA U 81 36.85 39.23 -32.76
N ARG U 82 37.45 38.05 -32.95
CA ARG U 82 36.68 36.80 -32.97
C ARG U 82 36.14 36.42 -31.58
N ASN U 83 36.83 36.89 -30.55
CA ASN U 83 36.41 36.63 -29.18
C ASN U 83 35.16 37.49 -28.95
N ALA U 84 35.16 38.70 -29.48
CA ALA U 84 34.02 39.59 -29.32
C ALA U 84 32.83 39.13 -30.15
N ALA U 85 33.11 38.57 -31.32
CA ALA U 85 32.04 38.07 -32.19
C ALA U 85 31.31 36.88 -31.55
N LEU U 86 32.07 35.90 -31.09
CA LEU U 86 31.46 34.74 -30.47
C LEU U 86 30.55 35.16 -29.32
N ARG U 87 31.11 35.96 -28.41
CA ARG U 87 30.34 36.42 -27.26
C ARG U 87 29.06 37.12 -27.69
N ALA U 88 29.16 38.00 -28.68
CA ALA U 88 27.99 38.73 -29.16
C ALA U 88 26.91 37.79 -29.71
N LYS U 89 27.34 36.75 -30.42
CA LYS U 89 26.40 35.78 -30.99
C LYS U 89 25.71 35.00 -29.87
N ALA U 90 26.50 34.52 -28.91
CA ALA U 90 25.97 33.77 -27.77
C ALA U 90 24.97 34.66 -27.08
N GLU U 91 25.36 35.89 -26.81
CA GLU U 91 24.48 36.86 -26.15
C GLU U 91 23.21 37.09 -26.96
N ALA U 92 23.33 37.20 -28.28
CA ALA U 92 22.17 37.46 -29.12
C ALA U 92 21.19 36.32 -29.14
N ALA U 93 21.72 35.09 -29.11
CA ALA U 93 20.88 33.90 -29.14
C ALA U 93 20.16 33.71 -27.81
N GLU U 94 20.88 33.90 -26.70
CA GLU U 94 20.28 33.76 -25.39
C GLU U 94 19.16 34.78 -25.17
N PHE U 95 19.40 36.03 -25.56
CA PHE U 95 18.39 37.07 -25.40
C PHE U 95 17.07 36.64 -26.04
N ARG U 96 17.16 36.09 -27.24
CA ARG U 96 15.97 35.66 -27.97
C ARG U 96 15.27 34.54 -27.22
N TYR U 97 16.06 33.60 -26.70
CA TYR U 97 15.52 32.47 -25.97
C TYR U 97 14.78 32.90 -24.70
N LYS U 98 15.40 33.78 -23.92
CA LYS U 98 14.82 34.26 -22.67
C LYS U 98 13.69 35.27 -22.81
N TYR U 99 13.83 36.25 -23.69
CA TYR U 99 12.80 37.27 -23.82
C TYR U 99 11.83 37.16 -24.99
N GLY U 100 12.04 36.12 -25.81
CA GLY U 100 11.14 35.88 -26.93
C GLY U 100 11.14 36.79 -28.14
N TYR U 101 12.14 37.66 -28.27
CA TYR U 101 12.24 38.53 -29.43
C TYR U 101 13.69 38.80 -29.72
N ASP U 102 13.98 39.22 -30.95
CA ASP U 102 15.36 39.47 -31.37
C ASP U 102 16.01 40.61 -30.61
N MET U 103 17.25 40.40 -30.16
CA MET U 103 17.96 41.42 -29.42
C MET U 103 18.21 42.63 -30.33
N PRO U 104 17.81 43.83 -29.87
CA PRO U 104 18.02 45.04 -30.66
C PRO U 104 19.50 45.39 -30.71
N CYS U 105 19.88 46.05 -31.80
CA CYS U 105 21.26 46.48 -32.03
C CYS U 105 21.82 47.30 -30.87
N ASP U 106 21.09 48.34 -30.46
CA ASP U 106 21.56 49.18 -29.37
C ASP U 106 21.73 48.38 -28.06
N VAL U 107 20.80 47.46 -27.79
CA VAL U 107 20.89 46.66 -26.57
C VAL U 107 22.12 45.74 -26.61
N LEU U 108 22.33 45.07 -27.74
CA LEU U 108 23.50 44.20 -27.86
C LEU U 108 24.75 45.03 -27.63
N ALA U 109 24.74 46.27 -28.14
CA ALA U 109 25.87 47.17 -27.97
C ALA U 109 26.08 47.45 -26.48
N LYS U 110 25.03 47.90 -25.80
CA LYS U 110 25.11 48.20 -24.37
C LYS U 110 25.68 47.00 -23.61
N ARG U 111 25.16 45.82 -23.92
CA ARG U 111 25.61 44.60 -23.26
C ARG U 111 27.11 44.40 -23.46
N MET U 112 27.59 44.56 -24.71
CA MET U 112 29.02 44.39 -24.98
C MET U 112 29.83 45.49 -24.30
N ALA U 113 29.27 46.70 -24.27
CA ALA U 113 29.95 47.81 -23.62
C ALA U 113 30.12 47.54 -22.12
N ASN U 114 29.09 46.98 -21.48
CA ASN U 114 29.15 46.70 -20.04
C ASN U 114 30.20 45.64 -19.76
N LEU U 115 30.26 44.63 -20.61
CA LEU U 115 31.24 43.57 -20.45
C LEU U 115 32.63 44.20 -20.54
N SER U 116 32.77 45.21 -21.40
CA SER U 116 34.05 45.89 -21.53
C SER U 116 34.33 46.71 -20.28
N GLN U 117 33.33 47.47 -19.84
CA GLN U 117 33.47 48.28 -18.65
C GLN U 117 34.08 47.41 -17.54
N ILE U 118 33.64 46.15 -17.45
CA ILE U 118 34.17 45.24 -16.43
C ILE U 118 35.67 45.00 -16.53
N TYR U 119 36.21 44.76 -17.72
CA TYR U 119 37.66 44.49 -17.83
C TYR U 119 38.45 45.74 -17.41
N THR U 120 37.73 46.85 -17.48
CA THR U 120 38.20 48.18 -17.12
C THR U 120 38.30 48.32 -15.59
N GLN U 121 37.48 47.55 -14.87
CA GLN U 121 37.44 47.62 -13.39
C GLN U 121 38.05 46.43 -12.65
N ARG U 122 37.94 45.22 -13.21
CA ARG U 122 38.52 44.06 -12.55
C ARG U 122 39.93 43.87 -13.08
N ALA U 123 40.88 43.73 -12.16
CA ALA U 123 42.29 43.60 -12.50
C ALA U 123 42.75 42.35 -13.21
N TYR U 124 42.00 41.27 -13.14
CA TYR U 124 42.46 40.04 -13.81
C TYR U 124 42.06 39.94 -15.27
N MET U 125 41.12 40.79 -15.69
CA MET U 125 40.66 40.78 -17.07
C MET U 125 41.31 41.92 -17.86
N ARG U 126 41.92 41.61 -18.99
CA ARG U 126 42.52 42.66 -19.80
C ARG U 126 41.45 43.16 -20.75
N PRO U 127 41.54 44.43 -21.19
CA PRO U 127 40.51 44.91 -22.12
C PRO U 127 40.80 44.25 -23.46
N LEU U 128 39.84 44.30 -24.38
CA LEU U 128 40.05 43.74 -25.71
C LEU U 128 40.43 44.93 -26.59
N GLY U 129 41.49 44.78 -27.38
CA GLY U 129 41.93 45.87 -28.23
C GLY U 129 41.08 46.03 -29.47
N VAL U 130 39.78 46.24 -29.29
CA VAL U 130 38.90 46.37 -30.44
C VAL U 130 37.80 47.40 -30.29
N ILE U 131 37.28 47.83 -31.42
CA ILE U 131 36.18 48.77 -31.46
C ILE U 131 35.11 48.03 -32.27
N LEU U 132 33.91 47.91 -31.70
CA LEU U 132 32.83 47.19 -32.33
C LEU U 132 31.75 48.13 -32.87
N THR U 133 31.43 47.97 -34.15
CA THR U 133 30.41 48.80 -34.79
C THR U 133 29.23 47.90 -35.13
N PHE U 134 28.10 48.07 -34.44
CA PHE U 134 26.95 47.22 -34.69
C PHE U 134 25.95 47.92 -35.59
N VAL U 135 25.40 47.18 -36.54
CA VAL U 135 24.44 47.74 -37.46
C VAL U 135 23.29 46.79 -37.72
N SER U 136 22.14 47.37 -38.05
CA SER U 136 20.93 46.62 -38.32
C SER U 136 19.81 47.60 -38.65
N VAL U 137 18.63 47.05 -38.89
CA VAL U 137 17.46 47.86 -39.14
C VAL U 137 16.48 47.43 -38.05
N ASP U 138 16.65 48.00 -36.87
CA ASP U 138 15.82 47.70 -35.71
C ASP U 138 14.33 47.83 -36.01
N GLU U 139 13.54 46.90 -35.50
CA GLU U 139 12.11 46.91 -35.73
C GLU U 139 11.42 48.07 -35.05
N GLU U 140 12.11 48.71 -34.11
CA GLU U 140 11.55 49.87 -33.42
C GLU U 140 12.26 51.16 -33.75
N LEU U 141 13.58 51.09 -33.91
CA LEU U 141 14.37 52.28 -34.17
C LEU U 141 14.76 52.57 -35.62
N GLY U 142 14.61 51.60 -36.50
CA GLY U 142 14.98 51.82 -37.88
C GLY U 142 16.47 51.57 -38.04
N PRO U 143 17.08 51.98 -39.17
CA PRO U 143 18.52 51.77 -39.37
C PRO U 143 19.29 52.20 -38.15
N SER U 144 20.20 51.34 -37.66
CA SER U 144 20.96 51.67 -36.45
C SER U 144 22.46 51.41 -36.49
N ILE U 145 23.21 52.36 -35.94
CA ILE U 145 24.66 52.22 -35.86
C ILE U 145 25.03 52.53 -34.41
N TYR U 146 25.61 51.54 -33.72
CA TYR U 146 26.04 51.69 -32.33
C TYR U 146 27.44 51.11 -32.25
N LYS U 147 28.35 51.86 -31.63
CA LYS U 147 29.74 51.45 -31.55
C LYS U 147 30.27 51.44 -30.14
N THR U 148 31.12 50.49 -29.82
CA THR U 148 31.69 50.38 -28.48
C THR U 148 33.21 50.31 -28.51
N ASP U 149 33.86 50.83 -27.47
CA ASP U 149 35.33 50.84 -27.39
C ASP U 149 35.88 50.14 -26.13
N PRO U 150 37.20 50.05 -26.01
CA PRO U 150 37.79 49.39 -24.83
C PRO U 150 37.50 50.07 -23.51
N ALA U 151 36.87 51.24 -23.55
CA ALA U 151 36.56 51.96 -22.32
C ALA U 151 35.18 51.58 -21.80
N GLY U 152 34.44 50.82 -22.60
CA GLY U 152 33.11 50.40 -22.21
C GLY U 152 32.13 51.48 -22.61
N TYR U 153 32.58 52.40 -23.43
CA TYR U 153 31.71 53.48 -23.87
C TYR U 153 30.97 53.07 -25.15
N TYR U 154 29.77 53.60 -25.36
CA TYR U 154 29.04 53.30 -26.57
C TYR U 154 28.00 54.38 -26.82
N VAL U 155 27.61 54.54 -28.08
CA VAL U 155 26.60 55.53 -28.43
C VAL U 155 26.13 55.25 -29.85
N GLY U 156 25.01 55.84 -30.23
CA GLY U 156 24.49 55.64 -31.56
C GLY U 156 25.02 56.72 -32.48
N TYR U 157 25.09 56.43 -33.77
CA TYR U 157 25.59 57.40 -34.73
C TYR U 157 24.68 57.54 -35.95
N LYS U 158 24.76 58.69 -36.62
CA LYS U 158 24.00 58.93 -37.85
C LYS U 158 24.84 58.22 -38.91
N ALA U 159 26.15 58.25 -38.68
CA ALA U 159 27.16 57.60 -39.53
C ALA U 159 28.44 57.65 -38.69
N THR U 160 29.43 56.85 -39.04
CA THR U 160 30.66 56.87 -38.27
C THR U 160 31.80 56.21 -39.03
N ALA U 161 33.02 56.39 -38.53
CA ALA U 161 34.20 55.81 -39.16
C ALA U 161 35.16 55.36 -38.08
N THR U 162 36.03 54.42 -38.40
CA THR U 162 36.97 53.91 -37.40
C THR U 162 38.25 53.38 -38.04
N GLY U 163 39.39 53.74 -37.44
CA GLY U 163 40.67 53.30 -37.96
C GLY U 163 41.72 54.40 -37.96
N PRO U 164 42.90 54.14 -38.54
CA PRO U 164 43.99 55.13 -38.60
C PRO U 164 43.60 56.48 -39.18
N LYS U 165 42.86 56.46 -40.29
CA LYS U 165 42.44 57.69 -40.94
C LYS U 165 40.98 57.99 -40.67
N GLN U 166 40.59 57.65 -39.44
CA GLN U 166 39.23 57.87 -38.97
C GLN U 166 38.79 59.32 -39.13
N GLN U 167 39.62 60.23 -38.61
CA GLN U 167 39.33 61.65 -38.64
C GLN U 167 38.97 62.21 -40.02
N GLU U 168 39.69 61.79 -41.04
CA GLU U 168 39.43 62.26 -42.39
C GLU U 168 38.05 61.81 -42.84
N ILE U 169 37.74 60.52 -42.68
CA ILE U 169 36.43 60.00 -43.09
C ILE U 169 35.32 60.75 -42.34
N THR U 170 35.53 60.91 -41.05
CA THR U 170 34.55 61.59 -40.20
C THR U 170 34.23 63.01 -40.67
N THR U 171 35.25 63.84 -40.87
CA THR U 171 35.00 65.22 -41.32
C THR U 171 34.34 65.22 -42.69
N ASN U 172 34.72 64.26 -43.54
CA ASN U 172 34.13 64.14 -44.85
C ASN U 172 32.61 63.96 -44.69
N LEU U 173 32.23 62.95 -43.89
CA LEU U 173 30.81 62.66 -43.64
C LEU U 173 30.11 63.83 -42.96
N GLU U 174 30.76 64.41 -41.97
CA GLU U 174 30.20 65.56 -41.26
C GLU U 174 29.81 66.64 -42.26
N ASN U 175 30.72 66.92 -43.18
CA ASN U 175 30.49 67.95 -44.18
C ASN U 175 29.28 67.62 -45.01
N HIS U 176 29.19 66.39 -45.49
CA HIS U 176 28.06 66.00 -46.31
C HIS U 176 26.72 66.22 -45.60
N PHE U 177 26.66 65.88 -44.31
CA PHE U 177 25.42 66.04 -43.56
C PHE U 177 25.11 67.49 -43.19
N LYS U 178 26.14 68.34 -43.11
CA LYS U 178 25.90 69.76 -42.79
C LYS U 178 25.19 70.31 -44.02
N LYS U 179 25.57 69.77 -45.17
CA LYS U 179 25.03 70.16 -46.46
C LYS U 179 23.62 69.64 -46.69
N SER U 180 23.43 68.31 -46.61
CA SER U 180 22.13 67.69 -46.83
C SER U 180 21.09 68.06 -45.78
N LYS U 181 21.53 68.33 -44.56
CA LYS U 181 20.64 68.71 -43.47
C LYS U 181 19.77 67.59 -42.90
N ILE U 182 19.96 66.38 -43.42
CA ILE U 182 19.21 65.23 -42.93
C ILE U 182 20.22 64.27 -42.26
N ASP U 183 19.71 63.35 -41.46
CA ASP U 183 20.59 62.43 -40.75
C ASP U 183 20.68 61.03 -41.37
N HIS U 184 20.67 60.97 -42.70
CA HIS U 184 20.75 59.69 -43.39
C HIS U 184 20.85 59.89 -44.90
N ILE U 185 21.28 58.84 -45.60
CA ILE U 185 21.39 58.89 -47.06
C ILE U 185 20.01 58.63 -47.66
N ASN U 186 19.37 59.70 -48.10
CA ASN U 186 18.03 59.62 -48.67
C ASN U 186 17.97 58.86 -49.99
N GLU U 187 18.21 57.56 -49.92
CA GLU U 187 18.19 56.69 -51.09
C GLU U 187 17.27 55.50 -50.79
N GLU U 188 16.52 55.03 -51.78
CA GLU U 188 15.58 53.92 -51.57
C GLU U 188 16.24 52.56 -51.68
N SER U 189 17.27 52.44 -52.50
CA SER U 189 17.95 51.17 -52.66
C SER U 189 19.24 51.14 -51.86
N TRP U 190 19.54 50.01 -51.24
CA TRP U 190 20.76 49.92 -50.46
C TRP U 190 21.96 49.97 -51.39
N GLU U 191 21.79 49.50 -52.62
CA GLU U 191 22.86 49.50 -53.61
C GLU U 191 23.45 50.90 -53.74
N LYS U 192 22.59 51.90 -53.88
CA LYS U 192 23.04 53.27 -53.99
C LYS U 192 23.67 53.77 -52.69
N VAL U 193 23.15 53.31 -51.54
CA VAL U 193 23.72 53.72 -50.26
C VAL U 193 25.12 53.12 -50.21
N VAL U 194 25.26 51.87 -50.62
CA VAL U 194 26.56 51.24 -50.64
C VAL U 194 27.50 52.06 -51.52
N GLU U 195 26.98 52.57 -52.64
CA GLU U 195 27.78 53.37 -53.56
C GLU U 195 28.19 54.67 -52.91
N PHE U 196 27.25 55.33 -52.25
CA PHE U 196 27.56 56.58 -51.56
C PHE U 196 28.67 56.28 -50.56
N ALA U 197 28.49 55.21 -49.81
CA ALA U 197 29.46 54.78 -48.81
C ALA U 197 30.85 54.66 -49.41
N ILE U 198 30.99 53.84 -50.45
CA ILE U 198 32.28 53.65 -51.09
C ILE U 198 32.82 54.92 -51.70
N THR U 199 31.94 55.72 -52.29
CA THR U 199 32.37 56.96 -52.91
C THR U 199 33.08 57.84 -51.90
N HIS U 200 32.41 58.17 -50.81
CA HIS U 200 33.02 59.02 -49.79
C HIS U 200 34.23 58.37 -49.14
N MET U 201 34.29 57.05 -49.16
CA MET U 201 35.45 56.36 -48.61
C MET U 201 36.64 56.81 -49.46
N ILE U 202 36.44 56.78 -50.78
CA ILE U 202 37.47 57.16 -51.74
C ILE U 202 37.86 58.64 -51.59
N ASP U 203 36.87 59.54 -51.68
CA ASP U 203 37.13 60.97 -51.54
C ASP U 203 37.98 61.28 -50.30
N ALA U 204 37.53 60.80 -49.15
CA ALA U 204 38.23 61.04 -47.90
C ALA U 204 39.61 60.41 -47.82
N LEU U 205 39.74 59.17 -48.25
CA LEU U 205 41.05 58.51 -48.20
C LEU U 205 41.91 58.81 -49.43
N GLY U 206 41.31 59.48 -50.42
CA GLY U 206 42.02 59.79 -51.64
C GLY U 206 42.61 58.55 -52.31
N THR U 207 41.86 57.45 -52.30
CA THR U 207 42.35 56.22 -52.93
C THR U 207 41.30 55.54 -53.78
N GLU U 208 41.79 54.75 -54.74
CA GLU U 208 40.95 53.99 -55.66
C GLU U 208 40.86 52.58 -55.08
N PHE U 209 39.75 51.90 -55.36
CA PHE U 209 39.57 50.54 -54.86
C PHE U 209 39.20 49.57 -55.96
N SER U 210 39.70 48.34 -55.85
CA SER U 210 39.36 47.29 -56.79
C SER U 210 38.30 46.48 -56.03
N LYS U 211 37.79 45.41 -56.61
CA LYS U 211 36.78 44.61 -55.95
C LYS U 211 37.33 43.84 -54.75
N ASN U 212 38.65 43.71 -54.65
CA ASN U 212 39.23 42.96 -53.53
C ASN U 212 39.90 43.84 -52.48
N ASP U 213 39.64 45.15 -52.55
CA ASP U 213 40.21 46.09 -51.61
C ASP U 213 39.18 46.49 -50.56
N LEU U 214 37.93 46.11 -50.82
CA LEU U 214 36.83 46.41 -49.91
C LEU U 214 36.15 45.18 -49.35
N GLU U 215 35.23 45.45 -48.44
CA GLU U 215 34.44 44.44 -47.74
C GLU U 215 33.17 45.21 -47.39
N VAL U 216 32.01 44.69 -47.79
CA VAL U 216 30.76 45.41 -47.52
C VAL U 216 29.71 44.56 -46.81
N GLY U 217 29.00 45.19 -45.88
CA GLY U 217 27.95 44.49 -45.16
C GLY U 217 26.71 45.35 -45.23
N VAL U 218 25.55 44.74 -45.45
CA VAL U 218 24.30 45.48 -45.51
C VAL U 218 23.27 44.90 -44.57
N ALA U 219 22.47 45.80 -43.98
CA ALA U 219 21.44 45.41 -43.06
C ALA U 219 20.12 45.99 -43.55
N THR U 220 19.12 45.12 -43.69
CA THR U 220 17.80 45.53 -44.13
C THR U 220 16.77 44.95 -43.17
N LYS U 221 15.51 45.25 -43.42
CA LYS U 221 14.44 44.72 -42.61
C LYS U 221 14.57 43.20 -42.52
N ASP U 222 14.74 42.71 -41.30
CA ASP U 222 14.87 41.27 -41.05
C ASP U 222 16.07 40.53 -41.64
N LYS U 223 17.08 41.27 -42.09
CA LYS U 223 18.27 40.60 -42.59
C LYS U 223 19.50 41.48 -42.74
N PHE U 224 20.64 40.86 -42.46
CA PHE U 224 21.94 41.50 -42.60
C PHE U 224 22.80 40.52 -43.37
N PHE U 225 23.48 41.02 -44.40
CA PHE U 225 24.31 40.17 -45.25
C PHE U 225 25.55 40.92 -45.74
N THR U 226 26.58 40.17 -46.13
CA THR U 226 27.79 40.77 -46.65
C THR U 226 27.81 40.54 -48.17
N LEU U 227 28.39 41.48 -48.91
CA LEU U 227 28.46 41.37 -50.37
C LEU U 227 29.66 40.56 -50.84
N SER U 228 29.58 40.05 -52.07
CA SER U 228 30.65 39.25 -52.65
C SER U 228 31.55 40.14 -53.51
N ALA U 229 32.73 39.62 -53.86
CA ALA U 229 33.66 40.38 -54.70
C ALA U 229 32.90 40.91 -55.91
N GLU U 230 32.05 40.07 -56.49
CA GLU U 230 31.26 40.45 -57.66
C GLU U 230 30.14 41.45 -57.38
N ASN U 231 29.47 41.31 -56.24
CA ASN U 231 28.40 42.24 -55.89
C ASN U 231 29.06 43.63 -55.75
N ILE U 232 30.29 43.62 -55.26
CA ILE U 232 31.07 44.84 -55.06
C ILE U 232 31.49 45.44 -56.40
N GLU U 233 32.07 44.60 -57.26
CA GLU U 233 32.51 45.03 -58.58
C GLU U 233 31.39 45.79 -59.28
N GLU U 234 30.19 45.22 -59.24
CA GLU U 234 29.02 45.83 -59.86
C GLU U 234 28.84 47.22 -59.26
N ARG U 235 29.22 47.36 -58.00
CA ARG U 235 29.11 48.64 -57.28
C ARG U 235 30.18 49.61 -57.78
N LEU U 236 31.41 49.12 -57.87
CA LEU U 236 32.54 49.92 -58.33
C LEU U 236 32.32 50.43 -59.76
N VAL U 237 31.70 49.60 -60.59
CA VAL U 237 31.42 49.98 -61.97
C VAL U 237 30.42 51.13 -62.01
N ALA U 238 29.34 50.98 -61.27
CA ALA U 238 28.32 52.01 -61.21
C ALA U 238 28.90 53.37 -60.82
N ILE U 239 29.74 53.39 -59.78
CA ILE U 239 30.33 54.66 -59.35
C ILE U 239 31.30 55.19 -60.39
N ALA U 240 31.85 54.31 -61.21
CA ALA U 240 32.79 54.70 -62.25
C ALA U 240 32.08 55.47 -63.36
N GLU U 241 30.85 55.08 -63.64
CA GLU U 241 30.06 55.73 -64.68
C GLU U 241 29.35 56.95 -64.14
N GLN U 242 30.09 57.77 -63.39
CA GLN U 242 29.55 58.97 -62.79
C GLN U 242 30.66 60.00 -62.66
N ASP U 243 31.89 59.47 -62.57
CA ASP U 243 33.12 60.26 -62.46
C ASP U 243 33.86 60.17 -63.80
N THR V 1 -13.12 29.73 -9.40
CA THR V 1 -12.62 30.91 -10.17
C THR V 1 -13.02 30.90 -11.61
N THR V 2 -13.30 32.08 -12.14
CA THR V 2 -13.62 32.24 -13.55
C THR V 2 -12.82 33.44 -14.04
N ILE V 3 -11.98 33.21 -15.04
CA ILE V 3 -11.20 34.28 -15.63
C ILE V 3 -11.27 34.06 -17.13
N VAL V 4 -11.40 35.16 -17.88
CA VAL V 4 -11.48 35.09 -19.33
C VAL V 4 -10.68 36.20 -19.99
N GLY V 5 -10.39 36.01 -21.28
CA GLY V 5 -9.68 36.99 -22.06
C GLY V 5 -10.41 37.01 -23.40
N VAL V 6 -10.58 38.19 -23.97
CA VAL V 6 -11.25 38.30 -25.26
C VAL V 6 -10.63 39.41 -26.09
N LYS V 7 -10.16 39.06 -27.28
CA LYS V 7 -9.57 40.05 -28.18
C LYS V 7 -10.70 40.77 -28.93
N PHE V 8 -10.47 42.04 -29.26
CA PHE V 8 -11.44 42.82 -30.03
C PHE V 8 -10.64 43.57 -31.08
N ASN V 9 -11.31 44.03 -32.14
CA ASN V 9 -10.65 44.72 -33.27
C ASN V 9 -9.40 45.56 -33.01
N ASN V 10 -9.30 46.23 -31.87
CA ASN V 10 -8.13 47.08 -31.62
C ASN V 10 -7.51 46.92 -30.23
N GLY V 11 -7.61 45.71 -29.68
CA GLY V 11 -7.03 45.48 -28.36
C GLY V 11 -7.48 44.18 -27.74
N VAL V 12 -7.36 44.10 -26.42
CA VAL V 12 -7.76 42.90 -25.71
C VAL V 12 -8.36 43.29 -24.36
N VAL V 13 -9.26 42.45 -23.85
CA VAL V 13 -9.92 42.70 -22.58
C VAL V 13 -9.88 41.42 -21.75
N ILE V 14 -9.60 41.54 -20.46
CA ILE V 14 -9.59 40.37 -19.60
C ILE V 14 -10.50 40.67 -18.42
N ALA V 15 -11.14 39.65 -17.86
CA ALA V 15 -12.02 39.85 -16.72
C ALA V 15 -11.99 38.65 -15.78
N ALA V 16 -12.53 38.82 -14.57
CA ALA V 16 -12.55 37.74 -13.59
C ALA V 16 -13.58 37.97 -12.48
N ASP V 17 -13.98 36.89 -11.80
CA ASP V 17 -14.95 37.00 -10.71
C ASP V 17 -14.17 37.46 -9.48
N THR V 18 -14.86 37.69 -8.37
CA THR V 18 -14.17 38.15 -7.18
C THR V 18 -14.25 37.26 -5.95
N ARG V 19 -14.53 35.97 -6.14
CA ARG V 19 -14.62 35.06 -5.00
C ARG V 19 -13.29 34.37 -4.67
N SER V 20 -12.99 34.28 -3.38
CA SER V 20 -11.78 33.62 -2.91
C SER V 20 -12.25 32.56 -1.92
N THR V 21 -11.84 31.32 -2.09
CA THR V 21 -12.31 30.27 -1.17
C THR V 21 -11.26 29.38 -0.55
N GLN V 22 -11.59 28.87 0.64
CA GLN V 22 -10.75 27.93 1.36
C GLN V 22 -11.70 26.73 1.49
N GLY V 23 -11.51 25.71 0.67
CA GLY V 23 -12.41 24.59 0.75
C GLY V 23 -13.79 25.13 0.41
N PRO V 24 -14.82 24.85 1.21
CA PRO V 24 -16.16 25.37 0.89
C PRO V 24 -16.46 26.73 1.51
N ILE V 25 -15.49 27.32 2.19
CA ILE V 25 -15.71 28.61 2.82
C ILE V 25 -15.21 29.76 1.96
N VAL V 26 -16.03 30.81 1.84
CA VAL V 26 -15.66 31.98 1.07
C VAL V 26 -14.84 32.87 1.99
N ALA V 27 -13.55 32.97 1.72
CA ALA V 27 -12.65 33.79 2.53
C ALA V 27 -12.75 35.28 2.19
N ASP V 28 -12.67 35.60 0.90
CA ASP V 28 -12.77 36.98 0.45
C ASP V 28 -13.90 37.07 -0.57
N LYS V 29 -14.87 37.92 -0.29
CA LYS V 29 -16.02 38.07 -1.18
C LYS V 29 -15.75 39.05 -2.30
N ASN V 30 -14.59 39.71 -2.24
CA ASN V 30 -14.22 40.69 -3.25
C ASN V 30 -12.71 40.75 -3.45
N CYS V 31 -12.08 39.61 -3.71
CA CYS V 31 -10.65 39.63 -3.93
C CYS V 31 -10.44 40.17 -5.34
N ALA V 32 -9.19 40.45 -5.69
CA ALA V 32 -8.88 40.97 -7.00
C ALA V 32 -7.97 39.98 -7.72
N LYS V 33 -8.47 39.41 -8.81
CA LYS V 33 -7.71 38.43 -9.55
C LYS V 33 -6.95 39.02 -10.74
N LEU V 34 -7.17 40.32 -10.98
CA LEU V 34 -6.52 41.03 -12.07
C LEU V 34 -5.30 41.75 -11.55
N HIS V 35 -4.13 41.31 -11.96
CA HIS V 35 -2.88 41.94 -11.54
C HIS V 35 -2.21 42.54 -12.76
N ARG V 36 -1.30 43.46 -12.52
CA ARG V 36 -0.57 44.16 -13.57
C ARG V 36 0.86 43.60 -13.64
N ILE V 37 1.38 43.42 -14.85
CA ILE V 37 2.76 42.93 -14.99
C ILE V 37 3.60 44.18 -15.31
N SER V 38 3.01 45.05 -16.11
CA SER V 38 3.61 46.30 -16.50
C SER V 38 2.39 47.18 -16.79
N PRO V 39 2.57 48.48 -16.94
CA PRO V 39 1.40 49.33 -17.20
C PRO V 39 0.39 48.79 -18.19
N LYS V 40 0.86 48.25 -19.32
CA LYS V 40 -0.07 47.76 -20.32
C LYS V 40 -0.09 46.27 -20.58
N ILE V 41 0.30 45.49 -19.59
CA ILE V 41 0.29 44.04 -19.69
C ILE V 41 -0.37 43.57 -18.41
N TRP V 42 -1.62 43.09 -18.50
CA TRP V 42 -2.31 42.63 -17.31
C TRP V 42 -2.55 41.14 -17.28
N CYS V 43 -2.67 40.62 -16.06
CA CYS V 43 -2.88 39.20 -15.81
C CYS V 43 -4.15 38.90 -15.04
N ALA V 44 -4.74 37.75 -15.34
CA ALA V 44 -5.91 37.24 -14.65
C ALA V 44 -5.39 35.93 -14.07
N GLY V 45 -5.56 35.72 -12.77
CA GLY V 45 -5.04 34.51 -12.16
C GLY V 45 -6.04 33.51 -11.60
N ALA V 46 -5.68 32.24 -11.70
CA ALA V 46 -6.48 31.13 -11.20
C ALA V 46 -5.53 30.09 -10.61
N GLY V 47 -6.03 29.29 -9.66
CA GLY V 47 -5.19 28.28 -9.03
C GLY V 47 -4.82 28.73 -7.63
N THR V 48 -3.55 28.54 -7.24
CA THR V 48 -3.09 28.94 -5.91
C THR V 48 -2.82 30.45 -5.89
N ALA V 49 -3.69 31.18 -5.21
CA ALA V 49 -3.59 32.64 -5.11
C ALA V 49 -2.20 33.18 -4.79
N ALA V 50 -1.54 32.60 -3.79
CA ALA V 50 -0.21 33.07 -3.42
C ALA V 50 0.73 32.94 -4.60
N ASP V 51 0.53 31.89 -5.40
CA ASP V 51 1.37 31.63 -6.56
C ASP V 51 1.08 32.55 -7.75
N THR V 52 -0.18 32.70 -8.13
CA THR V 52 -0.46 33.57 -9.25
C THR V 52 0.08 34.96 -8.91
N GLU V 53 -0.18 35.37 -7.67
CA GLU V 53 0.24 36.67 -7.16
C GLU V 53 1.77 36.86 -7.16
N ALA V 54 2.47 35.92 -6.55
CA ALA V 54 3.91 35.96 -6.44
C ALA V 54 4.60 35.89 -7.79
N VAL V 55 4.05 35.11 -8.69
CA VAL V 55 4.65 34.94 -10.00
C VAL V 55 4.45 36.19 -10.84
N THR V 56 3.32 36.86 -10.67
CA THR V 56 3.02 38.06 -11.43
C THR V 56 3.93 39.19 -11.01
N GLN V 57 4.28 39.23 -9.73
CA GLN V 57 5.14 40.29 -9.25
C GLN V 57 6.60 40.03 -9.57
N LEU V 58 7.01 38.77 -9.55
CA LEU V 58 8.40 38.44 -9.85
C LEU V 58 8.71 38.79 -11.29
N ILE V 59 7.91 38.28 -12.21
CA ILE V 59 8.15 38.57 -13.61
C ILE V 59 7.89 40.06 -13.89
N GLY V 60 6.98 40.65 -13.12
CA GLY V 60 6.69 42.06 -13.32
C GLY V 60 7.92 42.87 -12.94
N SER V 61 8.54 42.49 -11.83
CA SER V 61 9.72 43.18 -11.37
C SER V 61 10.81 43.08 -12.43
N ASN V 62 11.07 41.86 -12.91
CA ASN V 62 12.08 41.65 -13.93
C ASN V 62 11.72 42.32 -15.25
N ILE V 63 10.44 42.36 -15.57
CA ILE V 63 10.01 42.99 -16.82
C ILE V 63 10.29 44.49 -16.73
N GLU V 64 10.13 45.07 -15.55
CA GLU V 64 10.41 46.48 -15.38
C GLU V 64 11.90 46.72 -15.60
N LEU V 65 12.73 45.94 -14.91
CA LEU V 65 14.17 46.08 -15.07
C LEU V 65 14.62 45.89 -16.52
N HIS V 66 13.99 44.96 -17.23
CA HIS V 66 14.31 44.70 -18.63
C HIS V 66 13.96 45.93 -19.47
N SER V 67 12.80 46.50 -19.18
CA SER V 67 12.31 47.68 -19.87
C SER V 67 13.30 48.83 -19.70
N LEU V 68 13.68 49.07 -18.45
CA LEU V 68 14.61 50.14 -18.14
C LEU V 68 15.95 49.93 -18.82
N TYR V 69 16.41 48.68 -18.85
CA TYR V 69 17.69 48.35 -19.45
C TYR V 69 17.68 48.47 -20.97
N THR V 70 16.59 48.07 -21.60
CA THR V 70 16.52 48.15 -23.05
C THR V 70 15.93 49.45 -23.59
N SER V 71 15.44 50.29 -22.70
CA SER V 71 14.82 51.56 -23.08
C SER V 71 13.64 51.35 -24.01
N ARG V 72 12.92 50.25 -23.81
CA ARG V 72 11.76 49.90 -24.61
C ARG V 72 10.55 49.52 -23.76
N GLU V 73 9.37 49.56 -24.36
CA GLU V 73 8.14 49.16 -23.68
C GLU V 73 8.18 47.64 -23.56
N PRO V 74 7.69 47.10 -22.45
CA PRO V 74 7.68 45.65 -22.26
C PRO V 74 6.75 45.02 -23.27
N ARG V 75 7.10 43.81 -23.71
CA ARG V 75 6.26 43.08 -24.66
C ARG V 75 5.59 41.88 -24.00
N VAL V 76 4.34 41.62 -24.38
CA VAL V 76 3.60 40.51 -23.81
C VAL V 76 4.37 39.20 -23.97
N VAL V 77 4.90 38.93 -25.16
CA VAL V 77 5.63 37.69 -25.36
C VAL V 77 6.81 37.55 -24.40
N SER V 78 7.32 38.67 -23.88
CA SER V 78 8.43 38.59 -22.96
C SER V 78 7.97 38.11 -21.59
N ALA V 79 6.84 38.65 -21.13
CA ALA V 79 6.29 38.26 -19.84
C ALA V 79 5.89 36.79 -19.92
N LEU V 80 5.44 36.39 -21.10
CA LEU V 80 4.99 35.02 -21.35
C LEU V 80 6.16 34.03 -21.32
N GLN V 81 7.29 34.42 -21.90
CA GLN V 81 8.44 33.55 -21.92
C GLN V 81 9.06 33.43 -20.53
N MET V 82 9.08 34.55 -19.81
CA MET V 82 9.64 34.57 -18.46
C MET V 82 8.75 33.78 -17.50
N LEU V 83 7.44 33.90 -17.68
CA LEU V 83 6.50 33.17 -16.84
C LEU V 83 6.58 31.66 -17.10
N LYS V 84 6.51 31.26 -18.37
CA LYS V 84 6.53 29.84 -18.69
C LYS V 84 7.83 29.12 -18.32
N GLN V 85 8.97 29.77 -18.50
CA GLN V 85 10.23 29.11 -18.17
C GLN V 85 10.38 28.97 -16.65
N HIS V 86 9.74 29.88 -15.92
CA HIS V 86 9.77 29.86 -14.45
C HIS V 86 8.85 28.74 -13.97
N LEU V 87 7.63 28.73 -14.49
CA LEU V 87 6.68 27.70 -14.12
C LEU V 87 7.16 26.31 -14.54
N PHE V 88 7.79 26.20 -15.70
CA PHE V 88 8.27 24.90 -16.17
C PHE V 88 9.31 24.33 -15.21
N LYS V 89 10.26 25.17 -14.82
CA LYS V 89 11.33 24.78 -13.94
C LYS V 89 10.78 24.18 -12.64
N TYR V 90 9.64 24.70 -12.17
CA TYR V 90 9.03 24.20 -10.95
C TYR V 90 8.02 23.06 -11.13
N GLN V 91 8.09 22.43 -12.28
CA GLN V 91 7.25 21.28 -12.58
C GLN V 91 5.81 21.28 -12.10
N GLY V 92 5.14 22.43 -12.18
CA GLY V 92 3.75 22.48 -11.74
C GLY V 92 3.53 22.66 -10.25
N HIS V 93 4.62 22.71 -9.47
CA HIS V 93 4.47 22.90 -8.03
C HIS V 93 4.06 24.33 -7.69
N ILE V 94 4.25 25.26 -8.63
CA ILE V 94 3.81 26.63 -8.44
C ILE V 94 2.45 26.60 -9.13
N GLY V 95 1.39 26.46 -8.35
CA GLY V 95 0.05 26.37 -8.91
C GLY V 95 -0.52 27.62 -9.54
N ALA V 96 0.14 28.11 -10.58
CA ALA V 96 -0.31 29.31 -11.25
C ALA V 96 -0.89 29.04 -12.64
N TYR V 97 -2.09 29.51 -12.85
CA TYR V 97 -2.78 29.37 -14.13
C TYR V 97 -3.18 30.79 -14.46
N LEU V 98 -2.63 31.32 -15.55
CA LEU V 98 -2.88 32.70 -15.90
C LEU V 98 -3.33 32.98 -17.31
N ILE V 99 -4.06 34.08 -17.46
CA ILE V 99 -4.47 34.55 -18.78
C ILE V 99 -3.75 35.88 -18.81
N VAL V 100 -2.75 35.98 -19.69
CA VAL V 100 -1.97 37.20 -19.82
C VAL V 100 -2.26 37.91 -21.13
N ALA V 101 -2.61 39.19 -21.02
CA ALA V 101 -2.92 40.01 -22.18
C ALA V 101 -2.21 41.34 -22.08
N GLY V 102 -2.33 42.14 -23.12
CA GLY V 102 -1.70 43.45 -23.13
C GLY V 102 -1.39 43.98 -24.51
N VAL V 103 -1.03 45.25 -24.58
CA VAL V 103 -0.67 45.85 -25.85
C VAL V 103 0.78 46.32 -25.71
N ASP V 104 1.51 46.28 -26.81
CA ASP V 104 2.91 46.71 -26.80
C ASP V 104 3.26 47.16 -28.22
N PRO V 105 4.49 47.65 -28.42
CA PRO V 105 4.89 48.10 -29.77
C PRO V 105 4.55 47.16 -30.93
N THR V 106 4.37 45.87 -30.67
CA THR V 106 4.09 44.96 -31.77
C THR V 106 2.63 44.62 -32.00
N GLY V 107 1.73 45.14 -31.17
CA GLY V 107 0.31 44.86 -31.33
C GLY V 107 -0.38 44.47 -30.03
N SER V 108 -1.55 43.84 -30.14
CA SER V 108 -2.30 43.40 -28.95
C SER V 108 -2.28 41.88 -28.86
N HIS V 109 -2.08 41.36 -27.65
CA HIS V 109 -1.95 39.93 -27.46
C HIS V 109 -2.81 39.31 -26.36
N LEU V 110 -3.09 38.02 -26.52
CA LEU V 110 -3.90 37.23 -25.60
C LEU V 110 -3.35 35.81 -25.49
N PHE V 111 -2.88 35.44 -24.31
CA PHE V 111 -2.33 34.10 -24.08
C PHE V 111 -2.84 33.50 -22.77
N SER V 112 -2.47 32.26 -22.53
CA SER V 112 -2.81 31.56 -21.28
C SER V 112 -1.61 30.68 -20.92
N ILE V 113 -1.32 30.57 -19.63
CA ILE V 113 -0.21 29.73 -19.17
C ILE V 113 -0.75 28.77 -18.13
N HIS V 114 -0.25 27.55 -18.12
CA HIS V 114 -0.69 26.58 -17.14
C HIS V 114 0.47 26.33 -16.17
N ALA V 115 0.15 25.88 -14.96
CA ALA V 115 1.15 25.62 -13.94
C ALA V 115 2.38 24.87 -14.43
N HIS V 116 2.20 23.91 -15.31
CA HIS V 116 3.35 23.13 -15.80
C HIS V 116 4.22 23.87 -16.79
N GLY V 117 3.75 25.01 -17.28
CA GLY V 117 4.55 25.78 -18.20
C GLY V 117 4.16 25.83 -19.66
N SER V 118 3.02 25.25 -20.01
CA SER V 118 2.61 25.29 -21.41
C SER V 118 1.79 26.55 -21.65
N THR V 119 1.88 27.10 -22.85
CA THR V 119 1.15 28.31 -23.18
C THR V 119 0.27 28.06 -24.40
N ASP V 120 -0.78 28.87 -24.55
CA ASP V 120 -1.70 28.73 -25.67
C ASP V 120 -2.10 30.11 -26.17
N VAL V 121 -2.45 30.20 -27.44
CA VAL V 121 -2.88 31.48 -27.99
C VAL V 121 -4.27 31.33 -28.59
N GLY V 122 -5.08 32.38 -28.45
CA GLY V 122 -6.42 32.36 -28.99
C GLY V 122 -7.09 33.71 -28.95
N TYR V 123 -8.29 33.82 -29.52
CA TYR V 123 -9.02 35.09 -29.53
C TYR V 123 -9.88 35.23 -28.28
N TYR V 124 -10.24 34.08 -27.70
CA TYR V 124 -11.03 34.06 -26.48
C TYR V 124 -10.56 32.86 -25.66
N LEU V 125 -10.42 33.06 -24.35
CA LEU V 125 -9.95 32.02 -23.45
C LEU V 125 -10.53 32.18 -22.04
N SER V 126 -10.50 31.10 -21.27
CA SER V 126 -10.95 31.16 -19.88
C SER V 126 -10.33 30.01 -19.09
N LEU V 127 -10.13 30.24 -17.79
CA LEU V 127 -9.54 29.24 -16.91
C LEU V 127 -10.22 29.26 -15.56
N GLY V 128 -10.01 28.20 -14.78
CA GLY V 128 -10.59 28.11 -13.45
C GLY V 128 -11.78 27.18 -13.38
N SER V 129 -12.32 26.98 -12.17
CA SER V 129 -13.47 26.10 -12.01
C SER V 129 -14.69 26.60 -12.80
N GLY V 130 -14.72 27.89 -13.12
CA GLY V 130 -15.83 28.45 -13.87
C GLY V 130 -15.57 28.34 -15.36
N SER V 131 -14.34 27.92 -15.66
CA SER V 131 -13.86 27.74 -17.01
C SER V 131 -14.93 27.27 -18.00
N LEU V 132 -15.58 26.14 -17.70
CA LEU V 132 -16.58 25.55 -18.56
C LEU V 132 -17.89 26.34 -18.74
N ALA V 133 -18.33 27.04 -17.70
CA ALA V 133 -19.56 27.84 -17.83
C ALA V 133 -19.22 29.01 -18.75
N ALA V 134 -18.09 29.65 -18.47
CA ALA V 134 -17.63 30.78 -19.25
C ALA V 134 -17.44 30.39 -20.72
N MET V 135 -16.64 29.35 -20.94
CA MET V 135 -16.36 28.89 -22.29
C MET V 135 -17.64 28.57 -23.07
N ALA V 136 -18.64 28.03 -22.40
CA ALA V 136 -19.89 27.69 -23.08
C ALA V 136 -20.47 28.98 -23.70
N VAL V 137 -20.43 30.06 -22.94
CA VAL V 137 -20.94 31.35 -23.38
C VAL V 137 -20.07 31.88 -24.53
N LEU V 138 -18.75 31.80 -24.37
CA LEU V 138 -17.84 32.27 -25.39
C LEU V 138 -18.04 31.51 -26.69
N GLU V 139 -18.18 30.19 -26.63
CA GLU V 139 -18.37 29.40 -27.85
C GLU V 139 -19.71 29.73 -28.48
N SER V 140 -20.61 30.32 -27.70
CA SER V 140 -21.93 30.64 -28.19
C SER V 140 -22.10 32.07 -28.73
N HIS V 141 -21.28 33.02 -28.27
CA HIS V 141 -21.44 34.40 -28.69
C HIS V 141 -20.25 35.06 -29.36
N TRP V 142 -19.10 34.43 -29.27
CA TRP V 142 -17.92 35.01 -29.87
C TRP V 142 -18.09 35.08 -31.38
N LYS V 143 -17.35 36.00 -31.99
CA LYS V 143 -17.34 36.19 -33.44
C LYS V 143 -16.10 37.04 -33.66
N GLN V 144 -15.58 37.02 -34.87
CA GLN V 144 -14.40 37.80 -35.18
C GLN V 144 -14.80 39.24 -35.46
N ASP V 145 -13.91 40.18 -35.12
CA ASP V 145 -14.15 41.60 -35.32
C ASP V 145 -15.13 42.19 -34.32
N LEU V 146 -14.89 41.90 -33.05
CA LEU V 146 -15.74 42.41 -31.98
C LEU V 146 -15.30 43.84 -31.70
N THR V 147 -16.23 44.69 -31.29
CA THR V 147 -15.88 46.06 -30.97
C THR V 147 -15.48 46.05 -29.51
N LYS V 148 -14.82 47.10 -29.05
CA LYS V 148 -14.42 47.17 -27.65
C LYS V 148 -15.62 46.90 -26.74
N GLU V 149 -16.76 47.53 -27.05
CA GLU V 149 -17.95 47.35 -26.22
C GLU V 149 -18.51 45.93 -26.26
N GLU V 150 -18.45 45.30 -27.43
CA GLU V 150 -18.94 43.93 -27.57
C GLU V 150 -18.02 42.99 -26.76
N ALA V 151 -16.71 43.16 -26.92
CA ALA V 151 -15.77 42.32 -26.19
C ALA V 151 -16.02 42.44 -24.68
N ILE V 152 -16.21 43.65 -24.18
CA ILE V 152 -16.45 43.81 -22.75
C ILE V 152 -17.70 43.02 -22.35
N LYS V 153 -18.78 43.21 -23.08
CA LYS V 153 -20.04 42.52 -22.82
C LYS V 153 -19.82 41.00 -22.84
N LEU V 154 -19.16 40.50 -23.89
CA LEU V 154 -18.92 39.07 -24.03
C LEU V 154 -18.12 38.52 -22.85
N ALA V 155 -17.02 39.20 -22.53
CA ALA V 155 -16.17 38.80 -21.42
C ALA V 155 -16.95 38.83 -20.11
N SER V 156 -17.67 39.92 -19.89
CA SER V 156 -18.45 40.10 -18.68
C SER V 156 -19.55 39.02 -18.55
N ASP V 157 -20.17 38.65 -19.66
CA ASP V 157 -21.21 37.62 -19.65
C ASP V 157 -20.60 36.26 -19.33
N ALA V 158 -19.38 36.03 -19.84
CA ALA V 158 -18.69 34.77 -19.60
C ALA V 158 -18.43 34.57 -18.12
N ILE V 159 -18.04 35.63 -17.41
CA ILE V 159 -17.79 35.51 -15.98
C ILE V 159 -19.09 35.29 -15.23
N GLN V 160 -20.15 35.94 -15.68
CA GLN V 160 -21.43 35.77 -15.03
C GLN V 160 -21.81 34.30 -15.06
N ALA V 161 -21.62 33.66 -16.21
CA ALA V 161 -21.92 32.23 -16.33
C ALA V 161 -21.26 31.49 -15.18
N GLY V 162 -20.01 31.85 -14.88
CA GLY V 162 -19.29 31.21 -13.81
C GLY V 162 -19.80 31.58 -12.44
N ILE V 163 -20.05 32.87 -12.23
CA ILE V 163 -20.54 33.35 -10.95
C ILE V 163 -21.80 32.58 -10.53
N TRP V 164 -22.79 32.56 -11.43
CA TRP V 164 -24.05 31.90 -11.19
C TRP V 164 -23.99 30.37 -11.19
N ASN V 165 -23.36 29.79 -12.21
CA ASN V 165 -23.30 28.35 -12.32
C ASN V 165 -22.18 27.61 -11.59
N ASP V 166 -21.10 28.31 -11.23
CA ASP V 166 -20.00 27.67 -10.53
C ASP V 166 -19.92 28.08 -9.06
N LEU V 167 -19.81 27.09 -8.19
CA LEU V 167 -19.74 27.34 -6.75
C LEU V 167 -18.36 27.85 -6.41
N GLY V 168 -17.40 27.62 -7.30
CA GLY V 168 -16.05 28.08 -7.07
C GLY V 168 -15.91 29.53 -7.47
N SER V 169 -16.98 30.12 -7.97
CA SER V 169 -16.96 31.51 -8.39
C SER V 169 -18.15 32.27 -7.86
N GLY V 170 -18.04 33.59 -7.81
CA GLY V 170 -19.13 34.40 -7.33
C GLY V 170 -18.82 35.87 -7.15
N SER V 171 -19.74 36.58 -6.50
CA SER V 171 -19.62 38.00 -6.20
C SER V 171 -19.63 38.94 -7.40
N ASN V 172 -18.53 39.63 -7.64
CA ASN V 172 -18.48 40.60 -8.73
C ASN V 172 -17.64 40.29 -9.95
N VAL V 173 -17.69 41.21 -10.91
CA VAL V 173 -16.94 41.10 -12.15
C VAL V 173 -15.94 42.24 -12.28
N ASP V 174 -14.66 41.89 -12.43
CA ASP V 174 -13.61 42.88 -12.60
C ASP V 174 -13.19 42.79 -14.06
N VAL V 175 -12.92 43.94 -14.67
CA VAL V 175 -12.50 43.97 -16.07
C VAL V 175 -11.31 44.89 -16.26
N CYS V 176 -10.55 44.63 -17.31
CA CYS V 176 -9.41 45.47 -17.66
C CYS V 176 -9.31 45.52 -19.16
N VAL V 177 -9.40 46.71 -19.72
CA VAL V 177 -9.35 46.89 -21.16
C VAL V 177 -8.01 47.48 -21.58
N MET V 178 -7.36 46.82 -22.54
CA MET V 178 -6.07 47.29 -23.04
C MET V 178 -6.24 47.56 -24.53
N GLU V 179 -6.30 48.83 -24.91
CA GLU V 179 -6.48 49.21 -26.30
C GLU V 179 -5.17 49.67 -26.92
N ILE V 180 -4.93 49.23 -28.16
CA ILE V 180 -3.70 49.56 -28.90
C ILE V 180 -3.15 50.97 -28.77
N GLY V 181 -3.99 51.98 -28.83
CA GLY V 181 -3.43 53.32 -28.75
C GLY V 181 -3.52 54.07 -27.44
N LYS V 182 -4.28 53.55 -26.49
CA LYS V 182 -4.49 54.26 -25.24
C LYS V 182 -3.90 53.60 -23.98
N ASP V 183 -4.18 54.18 -22.82
CA ASP V 183 -3.72 53.64 -21.56
C ASP V 183 -4.63 52.46 -21.26
N ALA V 184 -4.15 51.50 -20.49
CA ALA V 184 -4.97 50.36 -20.13
C ALA V 184 -5.94 50.85 -19.05
N GLU V 185 -7.22 50.47 -19.14
CA GLU V 185 -8.15 50.89 -18.11
C GLU V 185 -8.66 49.74 -17.27
N TYR V 186 -8.36 49.82 -15.99
CA TYR V 186 -8.73 48.83 -15.01
C TYR V 186 -10.09 49.18 -14.42
N LEU V 187 -11.07 48.31 -14.64
CA LEU V 187 -12.41 48.53 -14.13
C LEU V 187 -12.74 47.58 -12.99
N ARG V 188 -12.35 47.98 -11.78
CA ARG V 188 -12.58 47.21 -10.57
C ARG V 188 -14.07 47.21 -10.22
N ASN V 189 -14.66 46.03 -10.09
CA ASN V 189 -16.08 45.90 -9.76
C ASN V 189 -16.95 46.53 -10.84
N TYR V 190 -16.63 46.20 -12.08
CA TYR V 190 -17.37 46.69 -13.23
C TYR V 190 -18.84 46.30 -13.10
N LEU V 191 -19.09 45.21 -12.38
CA LEU V 191 -20.44 44.69 -12.13
C LEU V 191 -20.50 44.18 -10.70
N THR V 192 -21.60 44.50 -10.01
CA THR V 192 -21.78 44.05 -8.65
C THR V 192 -23.22 43.56 -8.47
N PRO V 193 -23.55 42.41 -9.08
CA PRO V 193 -24.87 41.77 -9.06
C PRO V 193 -25.18 40.90 -7.83
N ASN V 194 -24.37 41.00 -6.80
CA ASN V 194 -24.60 40.19 -5.60
C ASN V 194 -24.53 40.96 -4.28
N VAL V 195 -25.23 42.08 -4.20
CA VAL V 195 -25.24 42.87 -2.97
C VAL V 195 -26.09 42.14 -1.94
N ARG V 196 -25.60 42.07 -0.71
CA ARG V 196 -26.33 41.38 0.35
C ARG V 196 -27.57 42.19 0.76
N GLU V 197 -28.71 41.50 0.95
CA GLU V 197 -29.93 42.20 1.36
C GLU V 197 -29.76 42.70 2.79
N GLU V 198 -30.57 43.70 3.16
CA GLU V 198 -30.49 44.25 4.50
C GLU V 198 -30.86 43.17 5.51
N LYS V 199 -30.06 43.05 6.56
CA LYS V 199 -30.33 42.05 7.57
C LYS V 199 -31.70 42.30 8.18
N GLN V 200 -32.24 41.27 8.81
CA GLN V 200 -33.56 41.31 9.41
C GLN V 200 -33.55 41.99 10.76
N LYS V 201 -32.36 42.11 11.35
CA LYS V 201 -32.25 42.66 12.68
C LYS V 201 -30.86 43.25 12.85
N SER V 202 -30.68 44.07 13.88
CA SER V 202 -29.38 44.65 14.16
C SER V 202 -28.85 43.88 15.36
N TYR V 203 -27.58 43.53 15.33
CA TYR V 203 -27.03 42.75 16.44
C TYR V 203 -26.09 43.55 17.32
N LYS V 204 -26.27 44.86 17.28
CA LYS V 204 -25.49 45.79 18.08
C LYS V 204 -25.82 45.47 19.54
N PHE V 205 -24.81 45.11 20.31
CA PHE V 205 -24.98 44.76 21.73
C PHE V 205 -25.01 45.96 22.65
N PRO V 206 -25.76 45.89 23.75
CA PRO V 206 -25.78 47.04 24.66
C PRO V 206 -24.42 47.02 25.34
N ARG V 207 -23.82 48.20 25.51
CA ARG V 207 -22.51 48.27 26.13
C ARG V 207 -22.55 47.68 27.52
N GLY V 208 -21.51 46.92 27.87
CA GLY V 208 -21.46 46.29 29.18
C GLY V 208 -21.91 44.85 29.11
N THR V 209 -22.38 44.42 27.94
CA THR V 209 -22.82 43.04 27.73
C THR V 209 -21.73 42.01 27.99
N THR V 210 -20.50 42.34 27.62
CA THR V 210 -19.37 41.43 27.79
C THR V 210 -18.68 41.54 29.14
N ALA V 211 -18.47 40.41 29.80
CA ALA V 211 -17.80 40.41 31.10
C ALA V 211 -16.31 40.61 30.94
N VAL V 212 -15.76 41.59 31.65
CA VAL V 212 -14.34 41.91 31.59
C VAL V 212 -13.62 41.60 32.90
N LEU V 213 -12.46 40.95 32.82
CA LEU V 213 -11.68 40.61 34.02
C LEU V 213 -10.64 41.67 34.42
N LYS V 214 -9.88 42.14 33.44
CA LYS V 214 -8.84 43.12 33.68
C LYS V 214 -8.75 44.05 32.47
N GLU V 215 -8.30 45.27 32.72
CA GLU V 215 -8.20 46.27 31.65
C GLU V 215 -6.90 47.07 31.84
N SER V 216 -6.32 47.53 30.73
CA SER V 216 -5.08 48.30 30.80
C SER V 216 -4.80 49.04 29.49
N ILE V 217 -3.89 50.00 29.55
CA ILE V 217 -3.50 50.77 28.38
C ILE V 217 -2.23 50.19 27.78
N VAL V 218 -2.20 50.06 26.46
CA VAL V 218 -1.03 49.52 25.79
C VAL V 218 -0.11 50.64 25.32
N ASN V 219 1.17 50.51 25.63
CA ASN V 219 2.16 51.50 25.25
C ASN V 219 2.70 51.27 23.84
N ILE V 220 2.46 52.24 22.97
CA ILE V 220 2.91 52.17 21.58
C ILE V 220 4.09 53.10 21.29
N CYS V 221 4.17 54.19 22.03
CA CYS V 221 5.26 55.16 21.85
C CYS V 221 6.52 54.64 22.56
N ASP V 222 7.62 54.63 21.81
CA ASP V 222 8.90 54.14 22.34
C ASP V 222 9.58 55.11 23.32
N SER W 1 -1.19 15.25 13.52
CA SER W 1 -0.85 15.16 12.06
C SER W 1 -0.95 16.53 11.41
N ASP W 2 -2.08 17.20 11.62
CA ASP W 2 -2.28 18.52 11.06
C ASP W 2 -1.63 19.51 12.01
N PRO W 3 -0.49 20.09 11.59
CA PRO W 3 0.25 21.06 12.40
C PRO W 3 -0.62 22.23 12.86
N SER W 4 -1.68 22.50 12.13
CA SER W 4 -2.58 23.60 12.47
C SER W 4 -3.68 23.25 13.47
N SER W 5 -3.76 21.99 13.88
CA SER W 5 -4.77 21.56 14.81
C SER W 5 -4.16 20.93 16.05
N ILE W 6 -2.88 21.16 16.27
CA ILE W 6 -2.21 20.57 17.42
C ILE W 6 -2.39 21.40 18.69
N ASN W 7 -2.12 22.69 18.58
CA ASN W 7 -2.19 23.62 19.70
C ASN W 7 -3.49 24.38 19.85
N GLY W 8 -4.25 24.51 18.77
CA GLY W 8 -5.51 25.22 18.83
C GLY W 8 -5.36 26.72 18.98
N GLY W 9 -6.48 27.44 18.92
CA GLY W 9 -6.40 28.88 19.07
C GLY W 9 -7.07 29.66 17.96
N ILE W 10 -7.48 30.90 18.26
CA ILE W 10 -8.11 31.75 17.28
C ILE W 10 -7.75 33.21 17.42
N VAL W 11 -7.97 33.96 16.34
CA VAL W 11 -7.68 35.38 16.29
C VAL W 11 -8.70 36.01 15.36
N VAL W 12 -9.16 37.22 15.69
CA VAL W 12 -10.12 37.89 14.83
C VAL W 12 -9.88 39.40 14.90
N ALA W 13 -9.96 40.05 13.74
CA ALA W 13 -9.76 41.49 13.66
C ALA W 13 -10.94 42.15 12.96
N MET W 14 -11.33 43.33 13.44
CA MET W 14 -12.44 44.07 12.87
C MET W 14 -12.16 45.56 12.75
N THR W 15 -12.76 46.19 11.75
CA THR W 15 -12.59 47.62 11.54
C THR W 15 -13.82 48.36 12.05
N GLY W 16 -13.60 49.53 12.64
CA GLY W 16 -14.69 50.34 13.14
C GLY W 16 -14.46 51.77 12.70
N LYS W 17 -15.14 52.72 13.33
CA LYS W 17 -15.01 54.14 13.00
C LYS W 17 -13.73 54.71 13.59
N ASP W 18 -12.75 54.98 12.72
CA ASP W 18 -11.46 55.52 13.16
C ASP W 18 -10.81 54.63 14.20
N CYS W 19 -11.04 53.32 14.09
CA CYS W 19 -10.48 52.35 15.03
C CYS W 19 -10.46 50.94 14.45
N VAL W 20 -9.68 50.06 15.08
CA VAL W 20 -9.58 48.66 14.68
C VAL W 20 -9.45 47.84 15.95
N ALA W 21 -9.92 46.60 15.91
CA ALA W 21 -9.84 45.74 17.07
C ALA W 21 -9.30 44.37 16.65
N ILE W 22 -8.48 43.77 17.50
CA ILE W 22 -7.93 42.46 17.21
C ILE W 22 -8.02 41.65 18.51
N ALA W 23 -8.52 40.42 18.43
CA ALA W 23 -8.69 39.60 19.61
C ALA W 23 -8.22 38.17 19.43
N CYS W 24 -8.02 37.48 20.54
CA CYS W 24 -7.58 36.09 20.49
C CYS W 24 -7.88 35.35 21.79
N ASP W 25 -7.90 34.02 21.74
CA ASP W 25 -8.12 33.22 22.94
C ASP W 25 -6.74 33.05 23.57
N LEU W 26 -6.67 32.37 24.71
CA LEU W 26 -5.37 32.21 25.39
C LEU W 26 -4.95 30.77 25.56
N ARG W 27 -5.61 29.88 24.84
CA ARG W 27 -5.28 28.47 24.98
C ARG W 27 -4.07 27.99 24.19
N LEU W 28 -3.40 27.00 24.74
CA LEU W 28 -2.26 26.36 24.12
C LEU W 28 -2.41 24.94 24.63
N GLY W 29 -2.71 24.02 23.73
CA GLY W 29 -2.86 22.66 24.17
C GLY W 29 -2.01 21.72 23.36
N SER W 30 -2.03 20.47 23.78
CA SER W 30 -1.31 19.43 23.07
C SER W 30 -2.43 18.42 22.81
N GLN W 31 -3.14 18.63 21.70
CA GLN W 31 -4.27 17.79 21.31
C GLN W 31 -5.36 17.98 22.35
N SER W 32 -5.77 16.90 23.01
CA SER W 32 -6.83 17.00 24.00
C SER W 32 -6.39 17.69 25.29
N LEU W 33 -5.09 17.62 25.59
CA LEU W 33 -4.55 18.21 26.81
C LEU W 33 -4.33 19.71 26.81
N GLY W 34 -4.97 20.40 27.75
CA GLY W 34 -4.77 21.83 27.87
C GLY W 34 -3.42 22.00 28.55
N VAL W 35 -2.61 22.94 28.09
CA VAL W 35 -1.27 23.13 28.66
C VAL W 35 -1.04 24.53 29.24
N SER W 36 -1.56 25.54 28.57
CA SER W 36 -1.40 26.90 29.05
C SER W 36 -2.62 27.73 28.73
N ASN W 37 -2.98 28.57 29.70
CA ASN W 37 -4.13 29.46 29.58
C ASN W 37 -3.66 30.90 29.50
N LYS W 38 -2.40 31.07 29.13
CA LYS W 38 -1.82 32.40 29.04
C LYS W 38 -1.01 32.61 27.77
N PHE W 39 -1.26 31.78 26.76
CA PHE W 39 -0.56 31.88 25.50
C PHE W 39 -1.23 32.93 24.63
N GLU W 40 -0.79 34.17 24.77
CA GLU W 40 -1.35 35.26 23.98
C GLU W 40 -0.86 35.13 22.54
N LYS W 41 -1.74 35.42 21.59
CA LYS W 41 -1.41 35.30 20.19
C LYS W 41 -1.34 36.62 19.47
N ILE W 42 -1.37 37.72 20.22
CA ILE W 42 -1.29 39.05 19.62
C ILE W 42 0.03 39.70 20.00
N PHE W 43 0.66 40.34 19.01
CA PHE W 43 1.93 41.02 19.24
C PHE W 43 1.87 42.35 18.54
N HIS W 44 2.82 43.22 18.85
CA HIS W 44 2.86 44.50 18.19
C HIS W 44 4.28 45.03 18.04
N TYR W 45 4.47 45.78 16.96
CA TYR W 45 5.75 46.36 16.64
C TYR W 45 5.36 47.80 16.34
N GLY W 46 5.59 48.69 17.30
CA GLY W 46 5.20 50.07 17.11
C GLY W 46 3.70 50.10 17.24
N HIS W 47 3.01 50.72 16.29
CA HIS W 47 1.55 50.78 16.37
C HIS W 47 0.90 49.71 15.51
N VAL W 48 1.70 48.79 15.00
CA VAL W 48 1.16 47.72 14.15
C VAL W 48 0.98 46.44 14.97
N PHE W 49 -0.22 45.88 14.90
CA PHE W 49 -0.53 44.65 15.64
C PHE W 49 -0.62 43.41 14.77
N LEU W 50 -0.04 42.32 15.27
CA LEU W 50 -0.04 41.05 14.56
C LEU W 50 -0.53 39.88 15.41
N GLY W 51 -1.61 39.24 14.98
CA GLY W 51 -2.11 38.07 15.68
C GLY W 51 -1.66 36.86 14.87
N ILE W 52 -1.40 35.73 15.52
CA ILE W 52 -0.96 34.54 14.79
C ILE W 52 -1.50 33.23 15.39
N THR W 53 -2.28 32.48 14.60
CA THR W 53 -2.82 31.19 15.03
C THR W 53 -1.99 30.09 14.36
N GLY W 54 -2.18 28.85 14.77
CA GLY W 54 -1.41 27.77 14.15
C GLY W 54 -0.49 27.07 15.12
N LEU W 55 0.59 26.49 14.60
CA LEU W 55 1.58 25.75 15.39
C LEU W 55 2.31 26.72 16.31
N ALA W 56 2.13 26.56 17.61
CA ALA W 56 2.74 27.46 18.61
C ALA W 56 4.22 27.78 18.39
N THR W 57 5.04 26.77 18.12
CA THR W 57 6.46 27.02 17.92
C THR W 57 6.69 28.00 16.78
N ASP W 58 5.86 27.92 15.75
CA ASP W 58 5.98 28.85 14.62
C ASP W 58 5.44 30.22 14.98
N VAL W 59 4.40 30.25 15.81
CA VAL W 59 3.82 31.52 16.24
C VAL W 59 4.92 32.30 16.98
N THR W 60 5.64 31.58 17.84
CA THR W 60 6.73 32.16 18.62
C THR W 60 7.87 32.59 17.70
N THR W 61 8.26 31.70 16.78
CA THR W 61 9.35 32.01 15.85
C THR W 61 9.02 33.22 14.97
N LEU W 62 7.81 33.25 14.43
CA LEU W 62 7.45 34.37 13.58
C LEU W 62 7.45 35.69 14.33
N ASN W 63 6.97 35.68 15.56
CA ASN W 63 6.96 36.90 16.33
C ASN W 63 8.40 37.40 16.49
N GLU W 64 9.28 36.50 16.91
CA GLU W 64 10.67 36.84 17.08
C GLU W 64 11.27 37.36 15.75
N MET W 65 10.90 36.74 14.63
CA MET W 65 11.40 37.18 13.34
C MET W 65 10.93 38.60 12.99
N PHE W 66 9.64 38.87 13.15
CA PHE W 66 9.12 40.20 12.82
C PHE W 66 9.60 41.28 13.78
N ARG W 67 9.93 40.90 15.01
CA ARG W 67 10.43 41.90 15.93
C ARG W 67 11.77 42.32 15.33
N TYR W 68 12.63 41.31 15.12
CA TYR W 68 13.96 41.46 14.52
C TYR W 68 13.91 42.32 13.24
N LYS W 69 13.02 42.01 12.33
CA LYS W 69 12.92 42.75 11.09
C LYS W 69 12.36 44.16 11.25
N THR W 70 11.38 44.35 12.14
CA THR W 70 10.84 45.70 12.31
C THR W 70 11.80 46.59 13.08
N ASN W 71 12.73 45.96 13.82
CA ASN W 71 13.73 46.72 14.56
C ASN W 71 14.74 47.32 13.58
N LEU W 72 15.25 46.49 12.67
CA LEU W 72 16.21 46.97 11.71
C LEU W 72 15.52 47.99 10.80
N TYR W 73 14.26 47.76 10.49
CA TYR W 73 13.51 48.67 9.63
C TYR W 73 13.50 50.06 10.24
N LYS W 74 13.23 50.12 11.54
CA LYS W 74 13.17 51.39 12.25
C LYS W 74 14.53 52.09 12.24
N LEU W 75 15.59 51.32 12.43
CA LEU W 75 16.95 51.86 12.44
C LEU W 75 17.38 52.45 11.10
N LYS W 76 16.92 51.87 10.00
CA LYS W 76 17.30 52.36 8.68
C LYS W 76 16.34 53.41 8.17
N GLU W 77 15.05 53.14 8.29
CA GLU W 77 14.02 54.05 7.80
C GLU W 77 13.82 55.26 8.70
N GLU W 78 14.24 55.14 9.96
CA GLU W 78 14.10 56.20 10.95
C GLU W 78 12.65 56.57 11.20
N ARG W 79 11.79 55.56 11.14
CA ARG W 79 10.37 55.73 11.41
C ARG W 79 9.83 54.34 11.67
N ALA W 80 8.67 54.26 12.32
CA ALA W 80 8.06 52.97 12.61
C ALA W 80 7.32 52.49 11.38
N ILE W 81 7.30 51.17 11.19
CA ILE W 81 6.63 50.59 10.03
C ILE W 81 5.12 50.79 10.06
N GLU W 82 4.50 50.86 8.89
CA GLU W 82 3.06 51.04 8.79
C GLU W 82 2.34 49.71 8.52
N PRO W 83 1.01 49.66 8.77
CA PRO W 83 0.22 48.44 8.55
C PRO W 83 0.37 47.89 7.14
N GLU W 84 0.14 48.73 6.14
CA GLU W 84 0.25 48.29 4.76
C GLU W 84 1.63 47.71 4.44
N THR W 85 2.68 48.37 4.90
CA THR W 85 4.03 47.91 4.63
C THR W 85 4.34 46.60 5.34
N PHE W 86 4.00 46.53 6.62
CA PHE W 86 4.24 45.33 7.39
C PHE W 86 3.55 44.14 6.73
N THR W 87 2.35 44.38 6.23
CA THR W 87 1.56 43.35 5.57
C THR W 87 2.36 42.76 4.42
N GLN W 88 3.06 43.62 3.68
CA GLN W 88 3.86 43.14 2.56
C GLN W 88 5.08 42.40 3.09
N LEU W 89 5.62 42.83 4.23
CA LEU W 89 6.78 42.18 4.80
C LEU W 89 6.39 40.78 5.28
N VAL W 90 5.16 40.67 5.81
CA VAL W 90 4.66 39.38 6.29
C VAL W 90 4.49 38.45 5.11
N SER W 91 3.82 38.94 4.09
CA SER W 91 3.58 38.16 2.88
C SER W 91 4.87 37.59 2.28
N SER W 92 5.82 38.46 1.97
CA SER W 92 7.06 38.00 1.37
C SER W 92 7.88 37.11 2.28
N SER W 93 7.77 37.30 3.60
CA SER W 93 8.53 36.47 4.50
C SER W 93 7.97 35.05 4.50
N LEU W 94 6.64 34.95 4.41
CA LEU W 94 5.99 33.65 4.40
C LEU W 94 6.26 32.91 3.07
N TYR W 95 6.08 33.61 1.96
CA TYR W 95 6.29 33.02 0.65
C TYR W 95 7.71 32.53 0.45
N GLU W 96 8.65 33.15 1.12
CA GLU W 96 10.03 32.78 1.02
C GLU W 96 10.22 31.34 1.46
N ARG W 97 9.24 30.81 2.19
CA ARG W 97 9.28 29.43 2.67
C ARG W 97 8.22 28.60 1.98
N ARG W 98 7.87 29.01 0.76
CA ARG W 98 6.86 28.35 -0.06
C ARG W 98 6.78 26.82 0.00
N PHE W 99 7.92 26.14 -0.03
CA PHE W 99 7.91 24.68 0.00
C PHE W 99 8.33 24.06 1.32
N GLY W 100 8.13 24.80 2.39
CA GLY W 100 8.46 24.35 3.74
C GLY W 100 7.96 25.49 4.60
N PRO W 101 6.67 25.81 4.49
CA PRO W 101 6.00 26.90 5.20
C PRO W 101 5.84 26.78 6.70
N TYR W 102 5.61 27.92 7.31
CA TYR W 102 5.35 28.00 8.74
C TYR W 102 3.87 27.70 8.78
N PHE W 103 3.43 26.87 9.70
CA PHE W 103 2.02 26.52 9.78
C PHE W 103 1.26 27.49 10.65
N VAL W 104 1.02 28.67 10.10
CA VAL W 104 0.35 29.72 10.84
C VAL W 104 -0.72 30.44 10.04
N GLY W 105 -1.53 31.23 10.75
CA GLY W 105 -2.57 31.99 10.10
C GLY W 105 -2.43 33.40 10.64
N PRO W 106 -1.57 34.24 10.05
CA PRO W 106 -1.38 35.61 10.53
C PRO W 106 -2.52 36.57 10.26
N VAL W 107 -2.61 37.62 11.09
CA VAL W 107 -3.63 38.65 10.97
C VAL W 107 -3.02 39.99 11.39
N VAL W 108 -3.10 40.98 10.50
CA VAL W 108 -2.53 42.29 10.76
C VAL W 108 -3.63 43.31 11.04
N ALA W 109 -3.39 44.16 12.04
CA ALA W 109 -4.34 45.21 12.40
C ALA W 109 -3.59 46.47 12.84
N GLY W 110 -4.12 47.62 12.47
CA GLY W 110 -3.51 48.87 12.85
C GLY W 110 -4.10 50.06 12.11
N ILE W 111 -3.64 51.25 12.47
CA ILE W 111 -4.10 52.47 11.84
C ILE W 111 -2.90 53.19 11.25
N ASN W 112 -3.03 53.62 10.00
CA ASN W 112 -1.94 54.33 9.36
C ASN W 112 -1.69 55.67 10.07
N SER W 113 -0.50 55.80 10.66
CA SER W 113 -0.14 57.00 11.41
C SER W 113 -0.23 58.30 10.62
N LYS W 114 -0.24 58.23 9.31
CA LYS W 114 -0.28 59.44 8.52
C LYS W 114 -1.64 59.72 7.89
N SER W 115 -2.35 58.66 7.48
CA SER W 115 -3.66 58.83 6.86
C SER W 115 -4.80 58.59 7.85
N GLY W 116 -4.46 58.04 9.01
CA GLY W 116 -5.46 57.76 10.03
C GLY W 116 -6.42 56.64 9.68
N LYS W 117 -6.31 56.14 8.45
CA LYS W 117 -7.16 55.07 7.93
C LYS W 117 -6.91 53.72 8.62
N PRO W 118 -8.00 53.04 9.05
CA PRO W 118 -7.93 51.74 9.73
C PRO W 118 -7.56 50.62 8.73
N PHE W 119 -6.84 49.61 9.20
CA PHE W 119 -6.37 48.55 8.33
C PHE W 119 -6.26 47.17 8.97
N ILE W 120 -6.81 46.16 8.30
CA ILE W 120 -6.71 44.78 8.77
C ILE W 120 -6.40 43.90 7.57
N ALA W 121 -5.75 42.77 7.79
CA ALA W 121 -5.42 41.86 6.70
C ALA W 121 -5.08 40.46 7.21
N GLY W 122 -5.40 39.46 6.40
CA GLY W 122 -5.11 38.08 6.77
C GLY W 122 -4.21 37.44 5.73
N PHE W 123 -3.60 36.32 6.11
CA PHE W 123 -2.69 35.62 5.19
C PHE W 123 -2.86 34.12 5.33
N ASP W 124 -2.65 33.38 4.24
CA ASP W 124 -2.71 31.92 4.35
C ASP W 124 -1.27 31.56 4.76
N LEU W 125 -0.96 30.29 4.97
CA LEU W 125 0.38 29.95 5.44
C LEU W 125 1.52 30.27 4.50
N ILE W 126 1.22 30.53 3.23
CA ILE W 126 2.28 30.85 2.30
C ILE W 126 2.24 32.29 1.84
N GLY W 127 1.67 33.15 2.68
CA GLY W 127 1.64 34.57 2.40
C GLY W 127 0.56 35.24 1.56
N CYS W 128 -0.37 34.48 1.01
CA CYS W 128 -1.40 35.13 0.22
C CYS W 128 -2.16 36.14 1.07
N ILE W 129 -2.12 37.41 0.66
CA ILE W 129 -2.77 38.47 1.39
C ILE W 129 -4.27 38.57 1.12
N ASP W 130 -5.04 38.61 2.20
CA ASP W 130 -6.50 38.76 2.13
C ASP W 130 -6.73 40.12 2.79
N GLU W 131 -7.13 41.11 2.01
CA GLU W 131 -7.34 42.43 2.59
C GLU W 131 -8.80 42.82 2.58
N ALA W 132 -9.49 42.46 3.67
CA ALA W 132 -10.90 42.76 3.81
C ALA W 132 -11.06 44.08 4.53
N LYS W 133 -12.21 44.72 4.31
CA LYS W 133 -12.54 45.99 4.93
C LYS W 133 -13.26 45.79 6.24
N ASP W 134 -13.97 44.67 6.37
CA ASP W 134 -14.74 44.37 7.57
C ASP W 134 -14.04 43.59 8.68
N PHE W 135 -13.85 42.29 8.44
CA PHE W 135 -13.23 41.44 9.45
C PHE W 135 -12.35 40.37 8.82
N ILE W 136 -11.54 39.74 9.67
CA ILE W 136 -10.63 38.69 9.25
C ILE W 136 -10.54 37.70 10.40
N VAL W 137 -10.65 36.41 10.08
CA VAL W 137 -10.63 35.37 11.08
C VAL W 137 -9.53 34.35 10.83
N SER W 138 -9.11 33.66 11.87
CA SER W 138 -8.04 32.68 11.78
C SER W 138 -8.06 31.73 12.97
N GLY W 139 -7.69 30.47 12.73
CA GLY W 139 -7.66 29.50 13.81
C GLY W 139 -8.55 28.28 13.67
N THR W 140 -8.50 27.40 14.67
CA THR W 140 -9.28 26.18 14.68
C THR W 140 -10.79 26.38 14.74
N ALA W 141 -11.22 27.60 15.04
CA ALA W 141 -12.66 27.88 15.10
C ALA W 141 -13.01 28.96 14.09
N SER W 142 -12.27 28.98 12.99
CA SER W 142 -12.50 29.98 11.96
C SER W 142 -13.88 29.90 11.28
N ASP W 143 -14.41 28.70 11.10
CA ASP W 143 -15.74 28.55 10.49
C ASP W 143 -16.75 29.26 11.40
N GLN W 144 -16.68 28.93 12.68
CA GLN W 144 -17.56 29.53 13.66
C GLN W 144 -17.37 31.06 13.64
N LEU W 145 -16.11 31.52 13.59
CA LEU W 145 -15.82 32.95 13.56
C LEU W 145 -16.45 33.62 12.34
N PHE W 146 -16.43 32.95 11.19
CA PHE W 146 -17.02 33.54 10.00
C PHE W 146 -18.51 33.71 10.21
N GLY W 147 -19.14 32.71 10.83
CA GLY W 147 -20.56 32.78 11.09
C GLY W 147 -20.91 33.90 12.05
N MET W 148 -20.13 34.01 13.12
CA MET W 148 -20.36 35.05 14.10
C MET W 148 -20.21 36.42 13.47
N CYS W 149 -19.08 36.64 12.82
CA CYS W 149 -18.80 37.92 12.19
C CYS W 149 -19.81 38.33 11.13
N GLU W 150 -20.08 37.44 10.20
CA GLU W 150 -21.00 37.75 9.12
C GLU W 150 -22.35 38.27 9.64
N SER W 151 -22.79 37.77 10.78
CA SER W 151 -24.07 38.18 11.34
C SER W 151 -23.97 39.39 12.28
N LEU W 152 -23.08 39.30 13.25
CA LEU W 152 -22.89 40.36 14.24
C LEU W 152 -22.28 41.66 13.74
N TYR W 153 -21.56 41.61 12.64
CA TYR W 153 -20.88 42.80 12.13
C TYR W 153 -21.70 43.80 11.32
N GLU W 154 -21.38 45.07 11.54
CA GLU W 154 -21.97 46.20 10.82
C GLU W 154 -20.87 47.25 10.77
N PRO W 155 -20.84 48.07 9.71
CA PRO W 155 -19.84 49.13 9.48
C PRO W 155 -19.83 50.28 10.47
N ASN W 156 -18.70 50.98 10.49
CA ASN W 156 -18.48 52.15 11.33
C ASN W 156 -18.86 52.12 12.80
N LEU W 157 -18.69 50.98 13.46
CA LEU W 157 -19.02 50.92 14.87
C LEU W 157 -18.03 51.76 15.68
N GLU W 158 -18.49 52.35 16.77
CA GLU W 158 -17.61 53.14 17.62
C GLU W 158 -16.77 52.18 18.46
N PRO W 159 -15.61 52.63 18.92
CA PRO W 159 -14.72 51.78 19.73
C PRO W 159 -15.43 50.93 20.79
N GLU W 160 -16.23 51.58 21.63
CA GLU W 160 -16.97 50.90 22.71
C GLU W 160 -17.92 49.84 22.17
N ASP W 161 -18.49 50.11 21.00
CA ASP W 161 -19.41 49.18 20.39
C ASP W 161 -18.68 48.03 19.71
N LEU W 162 -17.62 48.35 18.96
CA LEU W 162 -16.85 47.33 18.28
C LEU W 162 -16.29 46.35 19.30
N PHE W 163 -15.98 46.86 20.49
CA PHE W 163 -15.46 45.98 21.52
C PHE W 163 -16.47 44.90 21.88
N GLU W 164 -17.72 45.31 22.02
CA GLU W 164 -18.78 44.35 22.36
C GLU W 164 -18.92 43.34 21.25
N THR W 165 -18.99 43.84 20.01
CA THR W 165 -19.13 42.98 18.86
C THR W 165 -18.02 41.98 18.67
N ILE W 166 -16.78 42.45 18.63
CA ILE W 166 -15.66 41.53 18.44
C ILE W 166 -15.56 40.52 19.58
N SER W 167 -15.86 40.97 20.81
CA SER W 167 -15.80 40.07 21.98
C SER W 167 -16.84 38.96 21.89
N GLN W 168 -18.05 39.31 21.45
CA GLN W 168 -19.10 38.31 21.35
C GLN W 168 -18.81 37.33 20.22
N ALA W 169 -18.15 37.81 19.18
CA ALA W 169 -17.81 36.96 18.04
C ALA W 169 -16.76 35.93 18.49
N LEU W 170 -15.70 36.41 19.13
CA LEU W 170 -14.63 35.55 19.62
C LEU W 170 -15.15 34.52 20.62
N LEU W 171 -15.83 35.02 21.65
CA LEU W 171 -16.37 34.19 22.73
C LEU W 171 -17.27 33.03 22.26
N ASN W 172 -18.32 33.34 21.53
CA ASN W 172 -19.23 32.30 21.10
C ASN W 172 -18.66 31.31 20.08
N ALA W 173 -17.61 31.73 19.38
CA ALA W 173 -17.00 30.87 18.38
C ALA W 173 -16.08 29.90 19.13
N ALA W 174 -15.39 30.41 20.14
CA ALA W 174 -14.48 29.59 20.94
C ALA W 174 -15.20 28.50 21.71
N ASP W 175 -16.44 28.80 22.06
CA ASP W 175 -17.24 27.85 22.84
C ASP W 175 -17.83 26.71 22.02
N ARG W 176 -17.59 26.74 20.71
CA ARG W 176 -18.03 25.68 19.81
C ARG W 176 -16.78 24.97 19.27
N ASP W 177 -15.62 25.30 19.84
CA ASP W 177 -14.36 24.72 19.43
C ASP W 177 -13.64 24.08 20.62
N ALA W 178 -13.41 22.78 20.52
CA ALA W 178 -12.74 22.03 21.56
C ALA W 178 -11.36 22.58 21.85
N LEU W 179 -10.68 23.03 20.80
CA LEU W 179 -9.33 23.54 20.94
C LEU W 179 -9.15 25.04 21.20
N SER W 180 -10.24 25.75 21.45
CA SER W 180 -10.13 27.18 21.72
C SER W 180 -10.76 27.59 23.05
N GLY W 181 -10.35 28.74 23.56
CA GLY W 181 -10.88 29.21 24.82
C GLY W 181 -9.84 29.35 25.91
N TRP W 182 -10.22 28.99 27.13
CA TRP W 182 -9.29 29.09 28.26
C TRP W 182 -8.81 30.51 28.47
N GLY W 183 -9.65 31.48 28.13
CA GLY W 183 -9.28 32.87 28.28
C GLY W 183 -9.30 33.61 26.96
N ALA W 184 -9.40 34.93 27.00
CA ALA W 184 -9.43 35.72 25.78
C ALA W 184 -8.92 37.12 26.09
N VAL W 185 -8.46 37.82 25.08
CA VAL W 185 -7.97 39.19 25.25
C VAL W 185 -8.35 39.99 24.01
N VAL W 186 -8.85 41.20 24.23
CA VAL W 186 -9.28 42.06 23.12
C VAL W 186 -8.54 43.38 23.10
N TYR W 187 -8.05 43.76 21.92
CA TYR W 187 -7.32 45.01 21.74
C TYR W 187 -8.19 46.01 20.97
N ILE W 188 -8.47 47.16 21.58
CA ILE W 188 -9.23 48.22 20.93
C ILE W 188 -8.18 49.26 20.57
N ILE W 189 -8.06 49.54 19.28
CA ILE W 189 -7.04 50.46 18.79
C ILE W 189 -7.55 51.73 18.12
N LYS W 190 -6.97 52.86 18.54
CA LYS W 190 -7.30 54.17 18.00
C LYS W 190 -5.99 54.88 17.68
N LYS W 191 -6.05 55.93 16.86
CA LYS W 191 -4.87 56.69 16.47
C LYS W 191 -3.91 56.99 17.62
N ASP W 192 -4.47 57.47 18.72
CA ASP W 192 -3.70 57.86 19.89
C ASP W 192 -3.52 56.80 21.00
N GLU W 193 -4.58 56.08 21.33
CA GLU W 193 -4.49 55.09 22.39
C GLU W 193 -4.95 53.69 22.01
N VAL W 194 -4.50 52.73 22.82
CA VAL W 194 -4.83 51.33 22.65
C VAL W 194 -5.12 50.71 24.01
N VAL W 195 -6.32 50.16 24.14
CA VAL W 195 -6.73 49.52 25.39
C VAL W 195 -6.79 48.00 25.18
N LYS W 196 -6.29 47.27 26.16
CA LYS W 196 -6.26 45.83 26.13
C LYS W 196 -7.14 45.29 27.27
N ARG W 197 -8.14 44.48 26.93
CA ARG W 197 -9.03 43.93 27.95
C ARG W 197 -9.08 42.42 27.92
N TYR W 198 -9.00 41.79 29.09
CA TYR W 198 -9.10 40.35 29.21
C TYR W 198 -10.56 40.04 29.51
N LEU W 199 -11.12 39.05 28.82
CA LEU W 199 -12.51 38.67 29.01
C LEU W 199 -12.70 37.49 29.97
N LYS W 200 -13.90 37.37 30.52
CA LYS W 200 -14.27 36.28 31.44
C LYS W 200 -15.07 35.25 30.66
N MET W 201 -14.60 34.01 30.62
CA MET W 201 -15.30 32.96 29.87
C MET W 201 -15.17 31.57 30.49
N ARG W 202 -15.91 30.61 29.93
CA ARG W 202 -15.87 29.23 30.40
C ARG W 202 -14.42 28.79 30.46
N GLN W 203 -14.12 27.82 31.31
CA GLN W 203 -12.75 27.32 31.40
C GLN W 203 -12.72 25.81 31.13
N ASP W 204 -13.61 25.35 30.26
CA ASP W 204 -13.66 23.92 29.91
C ASP W 204 -13.46 23.65 28.41
N MET X 1 6.44 6.87 27.57
CA MET X 1 7.59 7.77 27.86
C MET X 1 7.92 7.77 29.36
N ASP X 2 9.03 8.43 29.70
CA ASP X 2 9.49 8.51 31.09
C ASP X 2 8.69 9.57 31.85
N ILE X 3 8.92 9.69 33.15
CA ILE X 3 8.20 10.68 33.93
C ILE X 3 9.05 11.92 34.12
N ILE X 4 8.53 13.05 33.65
CA ILE X 4 9.18 14.34 33.76
C ILE X 4 8.17 15.31 34.37
N LEU X 5 8.42 15.68 35.63
CA LEU X 5 7.53 16.58 36.34
C LEU X 5 8.27 17.78 36.91
N GLY X 6 7.57 18.91 36.96
CA GLY X 6 8.17 20.11 37.51
C GLY X 6 7.16 20.95 38.25
N ILE X 7 7.58 21.51 39.38
CA ILE X 7 6.72 22.38 40.17
C ILE X 7 7.50 23.57 40.71
N ARG X 8 6.97 24.75 40.47
CA ARG X 8 7.57 25.98 40.95
C ARG X 8 6.82 26.48 42.19
N VAL X 9 7.49 26.44 43.33
CA VAL X 9 6.87 26.90 44.56
C VAL X 9 7.32 28.32 44.88
N GLN X 10 7.13 28.75 46.12
CA GLN X 10 7.51 30.10 46.53
C GLN X 10 8.94 30.51 46.24
N ASP X 11 9.90 29.72 46.70
CA ASP X 11 11.29 30.08 46.51
C ASP X 11 12.18 29.06 45.84
N SER X 12 11.59 28.14 45.08
CA SER X 12 12.39 27.14 44.39
C SER X 12 11.59 26.39 43.35
N VAL X 13 12.31 25.67 42.49
CA VAL X 13 11.69 24.87 41.46
C VAL X 13 12.11 23.45 41.77
N ILE X 14 11.14 22.54 41.74
CA ILE X 14 11.42 21.14 42.02
C ILE X 14 11.15 20.30 40.78
N LEU X 15 12.11 19.45 40.43
CA LEU X 15 12.00 18.57 39.27
C LEU X 15 12.08 17.12 39.69
N ALA X 16 11.11 16.31 39.24
CA ALA X 16 11.08 14.89 39.54
C ALA X 16 11.15 14.15 38.20
N SER X 17 12.01 13.12 38.14
CA SER X 17 12.22 12.36 36.91
C SER X 17 12.39 10.87 37.19
N SER X 18 11.67 10.03 36.44
CA SER X 18 11.73 8.57 36.63
C SER X 18 13.14 8.01 36.48
N LYS X 19 13.44 6.94 37.20
CA LYS X 19 14.78 6.37 37.16
C LYS X 19 14.98 5.20 36.22
N ALA X 20 13.88 4.71 35.66
CA ALA X 20 13.96 3.57 34.77
C ALA X 20 14.39 3.88 33.33
N VAL X 21 15.16 2.94 32.76
CA VAL X 21 15.60 3.02 31.38
C VAL X 21 15.27 1.64 30.83
N THR X 22 14.22 1.58 30.02
CA THR X 22 13.77 0.32 29.45
C THR X 22 14.09 0.20 27.98
N ARG X 23 14.66 -0.95 27.61
CA ARG X 23 14.98 -1.20 26.22
C ARG X 23 14.31 -2.48 25.79
N GLY X 24 13.10 -2.32 25.24
CA GLY X 24 12.32 -3.43 24.75
C GLY X 24 11.67 -4.25 25.84
N ILE X 25 12.17 -5.46 26.00
CA ILE X 25 11.64 -6.42 26.96
C ILE X 25 12.20 -6.28 28.38
N SER X 26 13.31 -5.56 28.54
CA SER X 26 13.94 -5.43 29.85
C SER X 26 14.21 -4.02 30.38
N VAL X 27 14.21 -3.89 31.69
CA VAL X 27 14.52 -2.62 32.35
C VAL X 27 16.02 -2.71 32.65
N LEU X 28 16.83 -2.06 31.81
CA LEU X 28 18.28 -2.11 31.94
C LEU X 28 18.88 -1.36 33.12
N LYS X 29 18.18 -0.33 33.60
CA LYS X 29 18.69 0.45 34.71
C LYS X 29 17.53 1.08 35.48
N ASP X 30 17.69 1.18 36.78
CA ASP X 30 16.64 1.75 37.63
C ASP X 30 17.19 2.88 38.49
N SER X 31 18.26 3.50 38.03
CA SER X 31 18.92 4.58 38.76
C SER X 31 19.36 5.70 37.83
N ASP X 32 18.74 5.79 36.66
CA ASP X 32 19.10 6.80 35.69
C ASP X 32 18.68 8.21 36.13
N ASP X 33 19.59 9.17 35.98
CA ASP X 33 19.31 10.56 36.34
C ASP X 33 19.10 11.36 35.06
N LYS X 34 17.84 11.59 34.70
CA LYS X 34 17.50 12.29 33.48
C LYS X 34 17.57 13.81 33.59
N THR X 35 18.72 14.28 34.04
CA THR X 35 18.92 15.72 34.24
C THR X 35 20.36 16.14 33.96
N ARG X 36 20.55 17.42 33.68
CA ARG X 36 21.88 18.01 33.45
C ARG X 36 21.87 19.40 34.06
N GLN X 37 22.92 19.74 34.81
CA GLN X 37 22.99 21.08 35.38
C GLN X 37 23.58 22.01 34.31
N LEU X 38 22.83 23.02 33.90
CA LEU X 38 23.31 23.93 32.87
C LEU X 38 24.19 25.04 33.46
N SER X 39 23.89 25.44 34.69
CA SER X 39 24.66 26.45 35.40
C SER X 39 24.28 26.27 36.86
N PRO X 40 25.06 26.86 37.78
CA PRO X 40 24.75 26.71 39.20
C PRO X 40 23.29 26.89 39.64
N HIS X 41 22.55 27.74 38.95
CA HIS X 41 21.15 27.96 39.31
C HIS X 41 20.12 27.52 38.26
N THR X 42 20.55 26.68 37.32
CA THR X 42 19.63 26.20 36.28
C THR X 42 19.79 24.71 35.99
N LEU X 43 18.67 23.99 36.10
CA LEU X 43 18.62 22.54 35.88
C LEU X 43 17.66 22.20 34.75
N MET X 44 18.02 21.18 33.96
CA MET X 44 17.17 20.77 32.84
C MET X 44 16.90 19.27 32.89
N SER X 45 15.62 18.89 32.83
CA SER X 45 15.23 17.48 32.83
C SER X 45 14.82 17.17 31.39
N PHE X 46 14.88 15.90 31.00
CA PHE X 46 14.55 15.57 29.61
C PHE X 46 14.09 14.14 29.41
N ALA X 47 13.27 13.96 28.37
CA ALA X 47 12.73 12.66 28.01
C ALA X 47 12.44 12.65 26.51
N GLY X 48 12.61 11.48 25.90
CA GLY X 48 12.36 11.37 24.47
C GLY X 48 13.04 10.18 23.84
N GLU X 49 13.47 10.35 22.58
CA GLU X 49 14.13 9.30 21.80
C GLU X 49 15.47 8.85 22.42
N ALA X 50 15.69 7.54 22.43
CA ALA X 50 16.88 6.90 22.99
C ALA X 50 18.21 7.65 23.02
N GLY X 51 18.86 7.85 21.90
CA GLY X 51 20.14 8.53 21.95
C GLY X 51 20.08 10.04 22.00
N ASP X 52 19.13 10.60 21.26
CA ASP X 52 18.93 12.04 21.16
C ASP X 52 18.85 12.74 22.50
N THR X 53 18.15 12.11 23.42
CA THR X 53 17.92 12.65 24.74
C THR X 53 19.19 13.19 25.46
N VAL X 54 20.17 12.34 25.71
CA VAL X 54 21.39 12.78 26.37
C VAL X 54 22.26 13.68 25.47
N GLN X 55 22.40 13.31 24.20
CA GLN X 55 23.22 14.11 23.28
C GLN X 55 22.76 15.54 23.31
N PHE X 56 21.45 15.74 23.29
CA PHE X 56 20.93 17.10 23.30
C PHE X 56 21.26 17.78 24.61
N ALA X 57 20.92 17.13 25.71
CA ALA X 57 21.18 17.69 27.04
C ALA X 57 22.63 18.11 27.20
N GLU X 58 23.57 17.21 26.86
CA GLU X 58 24.99 17.53 27.00
C GLU X 58 25.41 18.65 26.05
N TYR X 59 24.84 18.67 24.85
CA TYR X 59 25.16 19.72 23.90
C TYR X 59 24.76 21.08 24.47
N ILE X 60 23.59 21.15 25.10
CA ILE X 60 23.12 22.39 25.69
C ILE X 60 24.02 22.76 26.86
N GLN X 61 24.32 21.78 27.70
CA GLN X 61 25.19 22.02 28.84
C GLN X 61 26.49 22.68 28.37
N ALA X 62 27.14 22.08 27.39
CA ALA X 62 28.39 22.59 26.86
C ALA X 62 28.26 24.07 26.49
N ASN X 63 27.23 24.41 25.71
CA ASN X 63 27.06 25.80 25.30
C ASN X 63 26.85 26.80 26.44
N ILE X 64 26.12 26.40 27.47
CA ILE X 64 25.91 27.32 28.58
C ILE X 64 27.21 27.50 29.36
N GLN X 65 27.93 26.42 29.61
CA GLN X 65 29.19 26.52 30.33
C GLN X 65 30.16 27.42 29.56
N LEU X 66 30.20 27.27 28.25
CA LEU X 66 31.06 28.10 27.41
C LEU X 66 30.65 29.57 27.56
N TYR X 67 29.35 29.83 27.61
CA TYR X 67 28.90 31.22 27.75
C TYR X 67 29.31 31.75 29.12
N SER X 68 29.16 30.91 30.15
CA SER X 68 29.52 31.31 31.49
C SER X 68 31.00 31.69 31.60
N ILE X 69 31.86 30.96 30.93
CA ILE X 69 33.30 31.25 30.98
C ILE X 69 33.62 32.52 30.18
N ARG X 70 33.10 32.60 28.96
CA ARG X 70 33.36 33.76 28.13
C ARG X 70 32.94 35.07 28.78
N GLU X 71 31.77 35.07 29.40
CA GLU X 71 31.25 36.28 30.02
C GLU X 71 31.44 36.38 31.55
N ASP X 72 31.93 35.31 32.16
CA ASP X 72 32.09 35.27 33.62
C ASP X 72 30.78 35.79 34.20
N TYR X 73 29.68 35.21 33.74
CA TYR X 73 28.36 35.62 34.18
C TYR X 73 27.43 34.45 33.93
N GLU X 74 26.33 34.37 34.69
CA GLU X 74 25.37 33.30 34.54
C GLU X 74 24.08 33.84 33.92
N LEU X 75 23.76 33.34 32.73
CA LEU X 75 22.56 33.76 32.01
C LEU X 75 21.33 33.49 32.84
N SER X 76 20.35 34.37 32.73
CA SER X 76 19.10 34.19 33.48
C SER X 76 18.37 32.95 32.97
N PRO X 77 17.49 32.38 33.81
CA PRO X 77 16.76 31.18 33.39
C PRO X 77 16.02 31.47 32.09
N GLN X 78 15.36 32.62 32.01
CA GLN X 78 14.62 32.99 30.81
C GLN X 78 15.52 32.99 29.59
N ALA X 79 16.75 33.46 29.76
CA ALA X 79 17.70 33.53 28.67
C ALA X 79 18.10 32.12 28.21
N VAL X 80 18.41 31.26 29.17
CA VAL X 80 18.81 29.90 28.85
C VAL X 80 17.70 29.13 28.16
N SER X 81 16.45 29.43 28.51
CA SER X 81 15.33 28.72 27.92
C SER X 81 15.07 29.20 26.49
N SER X 82 15.27 30.48 26.21
CA SER X 82 15.04 30.97 24.85
C SER X 82 16.12 30.39 23.95
N PHE X 83 17.31 30.19 24.50
CA PHE X 83 18.40 29.62 23.73
C PHE X 83 18.00 28.20 23.37
N VAL X 84 17.52 27.45 24.36
CA VAL X 84 17.10 26.08 24.15
C VAL X 84 15.90 25.96 23.21
N ARG X 85 14.92 26.85 23.35
CA ARG X 85 13.77 26.78 22.45
C ARG X 85 14.26 26.91 21.01
N GLN X 86 15.08 27.92 20.76
CA GLN X 86 15.61 28.13 19.42
C GLN X 86 16.37 26.93 18.88
N GLU X 87 17.15 26.27 19.73
CA GLU X 87 17.89 25.10 19.28
C GLU X 87 16.92 24.02 18.80
N LEU X 88 15.83 23.82 19.54
CA LEU X 88 14.86 22.81 19.15
C LEU X 88 14.07 23.28 17.92
N ALA X 89 13.68 24.54 17.87
CA ALA X 89 12.93 25.03 16.73
C ALA X 89 13.73 24.94 15.42
N LYS X 90 15.05 24.83 15.53
CA LYS X 90 15.91 24.70 14.34
C LYS X 90 15.85 23.24 13.94
N SER X 91 16.05 22.39 14.94
CA SER X 91 16.05 20.96 14.81
C SER X 91 14.76 20.41 14.22
N ILE X 92 13.64 21.00 14.58
CA ILE X 92 12.38 20.49 14.06
C ILE X 92 12.29 20.51 12.55
N ARG X 93 13.05 21.39 11.89
CA ARG X 93 13.00 21.44 10.43
C ARG X 93 14.29 20.94 9.77
N SER X 94 15.09 20.19 10.51
CA SER X 94 16.34 19.66 9.97
C SER X 94 16.15 18.24 9.43
N ARG X 95 17.24 17.68 8.91
CA ARG X 95 17.23 16.34 8.33
C ARG X 95 16.72 15.29 9.31
N ARG X 96 17.30 15.28 10.50
CA ARG X 96 16.88 14.33 11.54
C ARG X 96 16.74 15.09 12.86
N PRO X 97 15.52 15.56 13.17
CA PRO X 97 15.19 16.31 14.39
C PRO X 97 15.49 15.60 15.71
N TYR X 98 15.77 16.41 16.73
CA TYR X 98 16.04 15.91 18.08
C TYR X 98 14.66 15.61 18.66
N GLN X 99 14.40 14.37 19.03
CA GLN X 99 13.10 14.07 19.62
C GLN X 99 13.24 14.11 21.13
N VAL X 100 13.35 15.32 21.66
CA VAL X 100 13.54 15.52 23.08
C VAL X 100 12.63 16.59 23.67
N ASN X 101 12.08 16.30 24.84
CA ASN X 101 11.21 17.25 25.53
C ASN X 101 11.94 17.61 26.82
N VAL X 102 11.85 18.87 27.22
CA VAL X 102 12.55 19.27 28.41
C VAL X 102 11.78 20.19 29.33
N LEU X 103 12.23 20.21 30.57
CA LEU X 103 11.68 21.09 31.59
C LEU X 103 12.93 21.80 32.05
N ILE X 104 12.87 23.12 32.14
CA ILE X 104 14.01 23.86 32.62
C ILE X 104 13.59 24.58 33.88
N GLY X 105 14.23 24.23 34.98
CA GLY X 105 13.93 24.84 36.26
C GLY X 105 15.14 25.63 36.72
N GLY X 106 14.94 26.92 36.96
CA GLY X 106 16.05 27.74 37.41
C GLY X 106 15.64 28.81 38.40
N TYR X 107 16.62 29.30 39.15
CA TYR X 107 16.38 30.36 40.13
C TYR X 107 17.07 31.61 39.62
N ASP X 108 16.27 32.61 39.27
CA ASP X 108 16.80 33.87 38.78
C ASP X 108 17.33 34.73 39.93
N LYS X 109 18.65 34.71 40.13
CA LYS X 109 19.29 35.46 41.21
C LYS X 109 19.10 36.98 41.14
N LYS X 110 18.82 37.50 39.96
CA LYS X 110 18.59 38.93 39.81
C LYS X 110 17.17 39.28 40.23
N LYS X 111 16.20 38.48 39.80
CA LYS X 111 14.80 38.72 40.15
C LYS X 111 14.44 38.11 41.51
N ASN X 112 15.27 37.16 41.95
CA ASN X 112 15.05 36.45 43.20
C ASN X 112 13.73 35.70 43.19
N LYS X 113 13.50 34.96 42.10
CA LYS X 113 12.28 34.17 41.93
C LYS X 113 12.58 32.91 41.15
N PRO X 114 11.93 31.79 41.50
CA PRO X 114 12.18 30.54 40.76
C PRO X 114 11.36 30.56 39.47
N GLU X 115 11.83 29.86 38.45
CA GLU X 115 11.11 29.81 37.18
C GLU X 115 11.14 28.40 36.58
N LEU X 116 9.99 27.98 36.04
CA LEU X 116 9.86 26.67 35.42
C LEU X 116 9.42 26.82 33.96
N TYR X 117 10.21 26.25 33.06
CA TYR X 117 9.93 26.30 31.63
C TYR X 117 9.69 24.92 31.03
N GLN X 118 8.66 24.83 30.18
CA GLN X 118 8.32 23.58 29.52
C GLN X 118 8.52 23.80 28.02
N ILE X 119 9.35 22.95 27.40
CA ILE X 119 9.62 23.06 25.97
C ILE X 119 9.60 21.67 25.35
N ASP X 120 8.74 21.45 24.35
CA ASP X 120 8.71 20.14 23.70
C ASP X 120 9.69 20.09 22.53
N TYR X 121 9.82 18.95 21.88
CA TYR X 121 10.76 18.85 20.78
C TYR X 121 10.49 19.77 19.58
N LEU X 122 9.31 20.36 19.47
CA LEU X 122 9.01 21.25 18.34
C LEU X 122 9.52 22.65 18.60
N GLY X 123 9.91 22.91 19.85
CA GLY X 123 10.37 24.23 20.21
C GLY X 123 9.21 25.02 20.80
N THR X 124 8.20 24.32 21.28
CA THR X 124 7.04 24.96 21.89
C THR X 124 7.44 25.25 23.35
N LYS X 125 7.48 26.53 23.72
CA LYS X 125 7.85 26.92 25.08
C LYS X 125 6.75 27.66 25.83
N VAL X 126 6.61 27.32 27.10
CA VAL X 126 5.62 27.97 27.93
C VAL X 126 6.17 28.02 29.37
N GLU X 127 5.77 29.04 30.12
CA GLU X 127 6.23 29.14 31.51
C GLU X 127 5.06 28.79 32.39
N LEU X 128 5.28 27.90 33.37
CA LEU X 128 4.19 27.44 34.23
C LEU X 128 4.54 27.24 35.70
N PRO X 129 3.52 27.13 36.56
CA PRO X 129 3.69 26.92 38.00
C PRO X 129 4.17 25.47 38.16
N TYR X 130 3.67 24.63 37.25
CA TYR X 130 4.01 23.21 37.22
C TYR X 130 3.73 22.68 35.82
N GLY X 131 4.48 21.67 35.42
CA GLY X 131 4.28 21.11 34.10
C GLY X 131 4.89 19.73 33.98
N ALA X 132 4.66 19.11 32.83
CA ALA X 132 5.18 17.76 32.59
C ALA X 132 5.20 17.47 31.10
N HIS X 133 5.78 16.33 30.76
CA HIS X 133 5.85 15.90 29.37
C HIS X 133 5.33 14.50 29.27
N GLY X 134 4.79 14.15 28.11
CA GLY X 134 4.28 12.81 27.91
C GLY X 134 2.90 12.64 28.49
N TYR X 135 2.67 11.47 29.08
CA TYR X 135 1.38 11.14 29.67
C TYR X 135 1.28 11.63 31.10
N SER X 136 2.44 11.85 31.71
CA SER X 136 2.52 12.29 33.10
C SER X 136 1.52 13.38 33.48
N GLY X 137 1.39 14.40 32.65
CA GLY X 137 0.47 15.47 32.95
C GLY X 137 -0.97 15.00 33.12
N PHE X 138 -1.36 14.03 32.29
CA PHE X 138 -2.70 13.47 32.32
C PHE X 138 -3.15 12.94 33.68
N TYR X 139 -2.23 12.29 34.41
CA TYR X 139 -2.56 11.74 35.72
C TYR X 139 -2.39 12.74 36.85
N THR X 140 -1.43 13.65 36.69
CA THR X 140 -1.11 14.62 37.73
C THR X 140 -1.73 16.02 37.72
N PHE X 141 -1.99 16.59 36.55
CA PHE X 141 -2.54 17.94 36.48
C PHE X 141 -3.80 18.22 37.28
N SER X 142 -4.65 17.21 37.49
CA SER X 142 -5.86 17.47 38.26
C SER X 142 -5.50 17.60 39.74
N LEU X 143 -4.44 16.92 40.17
CA LEU X 143 -3.99 17.01 41.55
C LEU X 143 -3.31 18.35 41.79
N LEU X 144 -2.51 18.79 40.82
CA LEU X 144 -1.81 20.06 40.94
C LEU X 144 -2.79 21.23 40.80
N ASP X 145 -3.74 21.09 39.87
CA ASP X 145 -4.73 22.14 39.66
C ASP X 145 -5.50 22.37 40.95
N HIS X 146 -5.59 21.32 41.77
CA HIS X 146 -6.34 21.39 43.01
C HIS X 146 -5.56 21.94 44.18
N HIS X 147 -4.48 21.27 44.55
CA HIS X 147 -3.65 21.66 45.69
C HIS X 147 -2.62 22.78 45.49
N TYR X 148 -2.36 23.19 44.25
CA TYR X 148 -1.32 24.20 44.06
C TYR X 148 -1.58 25.61 44.59
N ARG X 149 -0.57 26.16 45.27
CA ARG X 149 -0.62 27.51 45.83
C ARG X 149 0.73 28.22 45.61
N PRO X 150 0.70 29.45 45.07
CA PRO X 150 1.91 30.24 44.80
C PRO X 150 2.86 30.46 45.97
N ASP X 151 2.35 30.38 47.20
CA ASP X 151 3.18 30.60 48.37
C ASP X 151 3.62 29.32 49.08
N MET X 152 3.52 28.19 48.40
CA MET X 152 3.92 26.92 48.99
C MET X 152 5.40 26.88 49.38
N THR X 153 5.69 26.18 50.47
CA THR X 153 7.07 26.05 50.90
C THR X 153 7.66 24.89 50.11
N THR X 154 8.98 24.78 50.08
CA THR X 154 9.60 23.69 49.37
C THR X 154 9.07 22.39 49.95
N GLU X 155 8.86 22.37 51.26
CA GLU X 155 8.35 21.17 51.91
C GLU X 155 6.95 20.80 51.41
N GLU X 156 6.12 21.81 51.14
CA GLU X 156 4.77 21.57 50.66
C GLU X 156 4.81 21.10 49.21
N GLY X 157 5.82 21.56 48.46
CA GLY X 157 5.97 21.15 47.08
C GLY X 157 6.33 19.68 47.03
N LEU X 158 7.24 19.25 47.89
CA LEU X 158 7.63 17.86 47.93
C LEU X 158 6.48 16.95 48.33
N ASP X 159 5.55 17.45 49.14
CA ASP X 159 4.41 16.65 49.57
C ASP X 159 3.40 16.51 48.43
N LEU X 160 3.25 17.58 47.66
CA LEU X 160 2.34 17.59 46.54
C LEU X 160 2.87 16.66 45.44
N LEU X 161 4.19 16.63 45.26
CA LEU X 161 4.80 15.75 44.25
C LEU X 161 4.61 14.31 44.65
N LYS X 162 4.91 14.02 45.91
CA LYS X 162 4.76 12.68 46.45
C LYS X 162 3.37 12.19 46.10
N LEU X 163 2.38 13.05 46.28
CA LEU X 163 1.00 12.70 45.98
C LEU X 163 0.87 12.37 44.49
N CYS X 164 1.53 13.16 43.64
CA CYS X 164 1.51 12.95 42.21
C CYS X 164 2.14 11.62 41.84
N VAL X 165 3.31 11.34 42.42
CA VAL X 165 4.01 10.10 42.15
C VAL X 165 3.18 8.89 42.58
N GLN X 166 2.42 9.03 43.67
CA GLN X 166 1.59 7.91 44.14
C GLN X 166 0.48 7.64 43.16
N GLU X 167 -0.15 8.70 42.64
CA GLU X 167 -1.23 8.55 41.67
C GLU X 167 -0.64 7.86 40.44
N LEU X 168 0.55 8.28 40.04
CA LEU X 168 1.24 7.70 38.89
C LEU X 168 1.54 6.23 39.12
N GLU X 169 2.01 5.90 40.32
CA GLU X 169 2.33 4.51 40.59
C GLU X 169 1.10 3.65 40.74
N LYS X 170 -0.07 4.27 40.77
CA LYS X 170 -1.30 3.51 40.90
C LYS X 170 -2.00 3.24 39.58
N ARG X 171 -2.20 4.29 38.79
CA ARG X 171 -2.90 4.19 37.52
C ARG X 171 -2.06 4.01 36.24
N MET X 172 -0.78 4.35 36.28
CA MET X 172 0.04 4.20 35.09
C MET X 172 0.50 2.75 34.93
N PRO X 173 0.33 2.19 33.73
CA PRO X 173 0.70 0.81 33.37
C PRO X 173 2.15 0.41 33.52
N MET X 174 3.05 1.35 33.37
CA MET X 174 4.48 1.03 33.47
C MET X 174 5.12 1.28 34.82
N ASP X 175 6.15 0.50 35.09
CA ASP X 175 6.90 0.64 36.34
C ASP X 175 8.09 1.54 36.01
N PHE X 176 8.02 2.81 36.40
CA PHE X 176 9.11 3.72 36.09
C PHE X 176 10.20 3.75 37.16
N LYS X 177 10.12 2.81 38.09
CA LYS X 177 11.11 2.67 39.15
C LYS X 177 11.37 3.88 40.04
N GLY X 178 10.33 4.63 40.36
CA GLY X 178 10.49 5.78 41.22
C GLY X 178 11.13 6.96 40.53
N VAL X 179 11.26 8.06 41.26
CA VAL X 179 11.83 9.27 40.70
C VAL X 179 13.00 9.83 41.51
N ILE X 180 13.81 10.66 40.86
CA ILE X 180 14.92 11.34 41.52
C ILE X 180 14.41 12.79 41.57
N VAL X 181 14.50 13.41 42.73
CA VAL X 181 14.02 14.77 42.89
C VAL X 181 15.15 15.74 43.16
N LYS X 182 15.07 16.92 42.54
CA LYS X 182 16.10 17.93 42.71
C LYS X 182 15.45 19.28 42.94
N ILE X 183 16.05 20.06 43.84
CA ILE X 183 15.55 21.38 44.15
C ILE X 183 16.51 22.43 43.64
N VAL X 184 15.97 23.50 43.07
CA VAL X 184 16.80 24.55 42.56
C VAL X 184 16.32 25.84 43.22
N ASP X 185 17.23 26.52 43.92
CA ASP X 185 16.89 27.78 44.60
C ASP X 185 18.07 28.73 44.65
N LYS X 186 17.90 29.81 45.40
CA LYS X 186 18.95 30.83 45.54
C LYS X 186 20.32 30.26 45.89
N ASP X 187 20.36 29.08 46.49
CA ASP X 187 21.63 28.50 46.85
C ASP X 187 22.15 27.43 45.92
N GLY X 188 21.46 27.24 44.80
CA GLY X 188 21.89 26.24 43.85
C GLY X 188 20.97 25.06 43.63
N ILE X 189 21.57 23.94 43.27
CA ILE X 189 20.85 22.71 42.99
C ILE X 189 21.27 21.61 43.95
N ARG X 190 20.30 20.98 44.61
CA ARG X 190 20.61 19.89 45.51
C ARG X 190 19.62 18.76 45.26
N GLN X 191 20.05 17.54 45.53
CA GLN X 191 19.21 16.36 45.31
C GLN X 191 18.65 15.78 46.61
N VAL X 192 17.34 15.52 46.61
CA VAL X 192 16.66 14.95 47.77
C VAL X 192 16.89 13.46 47.78
N ASP X 193 18.03 13.03 48.31
CA ASP X 193 18.36 11.59 48.35
C ASP X 193 17.33 10.72 49.07
N ASP X 194 16.38 11.36 49.76
CA ASP X 194 15.36 10.63 50.49
C ASP X 194 13.92 10.87 50.01
N PHE X 195 13.53 10.20 48.93
CA PHE X 195 12.17 10.31 48.41
C PHE X 195 11.63 8.89 48.21
N GLN X 196 12.54 7.91 48.36
CA GLN X 196 12.19 6.50 48.23
C GLN X 196 11.18 6.16 49.32
N ALA X 197 10.99 7.12 50.22
CA ALA X 197 10.07 7.00 51.36
C ALA X 197 10.19 8.27 52.21
N GLN X 198 9.69 9.38 51.69
CA GLN X 198 9.71 10.66 52.39
C GLN X 198 8.36 10.92 53.06
N THR Y 1 21.64 -14.64 20.35
CA THR Y 1 22.86 -14.20 21.11
C THR Y 1 22.64 -13.88 22.57
N THR Y 2 23.60 -14.25 23.39
CA THR Y 2 23.55 -13.91 24.80
C THR Y 2 24.92 -13.41 25.24
N THR Y 3 24.95 -12.21 25.78
CA THR Y 3 26.19 -11.62 26.27
C THR Y 3 25.88 -10.92 27.61
N LEU Y 4 26.84 -11.00 28.54
CA LEU Y 4 26.70 -10.35 29.81
C LEU Y 4 28.05 -9.84 30.32
N ALA Y 5 27.97 -8.95 31.30
CA ALA Y 5 29.14 -8.36 31.90
C ALA Y 5 28.68 -7.78 33.22
N PHE Y 6 29.40 -8.09 34.29
CA PHE Y 6 29.05 -7.54 35.57
C PHE Y 6 30.28 -7.17 36.40
N ARG Y 7 30.09 -6.17 37.24
CA ARG Y 7 31.11 -5.63 38.10
C ARG Y 7 31.06 -6.26 39.48
N PHE Y 8 32.21 -6.43 40.10
CA PHE Y 8 32.29 -6.99 41.44
C PHE Y 8 33.65 -6.71 42.07
N GLN Y 9 33.81 -7.16 43.31
CA GLN Y 9 35.06 -6.97 44.06
C GLN Y 9 36.34 -7.28 43.27
N GLY Y 10 36.34 -8.38 42.51
CA GLY Y 10 37.53 -8.75 41.77
C GLY Y 10 37.67 -8.16 40.37
N GLY Y 11 36.81 -7.21 40.03
CA GLY Y 11 36.87 -6.59 38.72
C GLY Y 11 35.59 -6.76 37.89
N ILE Y 12 35.76 -7.30 36.70
CA ILE Y 12 34.62 -7.53 35.79
C ILE Y 12 34.62 -8.90 35.15
N ILE Y 13 33.45 -9.52 35.12
CA ILE Y 13 33.31 -10.80 34.45
C ILE Y 13 32.58 -10.58 33.14
N VAL Y 14 33.12 -11.15 32.08
CA VAL Y 14 32.52 -11.04 30.78
C VAL Y 14 32.35 -12.42 30.20
N ALA Y 15 31.12 -12.75 29.82
CA ALA Y 15 30.79 -14.05 29.27
C ALA Y 15 29.83 -13.89 28.09
N VAL Y 16 30.06 -14.68 27.05
CA VAL Y 16 29.24 -14.63 25.85
C VAL Y 16 29.03 -16.03 25.27
N ASP Y 17 28.03 -16.18 24.40
CA ASP Y 17 27.83 -17.47 23.75
C ASP Y 17 28.58 -17.37 22.43
N SER Y 18 28.42 -18.33 21.54
CA SER Y 18 29.17 -18.25 20.30
C SER Y 18 28.39 -18.73 19.10
N ARG Y 19 27.08 -18.52 19.12
CA ARG Y 19 26.25 -18.96 18.01
C ARG Y 19 25.91 -17.85 17.01
N ALA Y 20 25.95 -18.20 15.73
CA ALA Y 20 25.60 -17.26 14.68
C ALA Y 20 24.47 -17.88 13.87
N THR Y 21 23.36 -17.17 13.72
CA THR Y 21 22.23 -17.66 12.96
C THR Y 21 21.73 -16.63 11.97
N ALA Y 22 21.12 -17.10 10.90
CA ALA Y 22 20.52 -16.27 9.86
C ALA Y 22 19.20 -16.99 9.66
N GLY Y 23 18.18 -16.54 10.37
CA GLY Y 23 16.89 -17.20 10.29
C GLY Y 23 16.99 -18.38 11.24
N ASN Y 24 16.64 -19.57 10.77
CA ASN Y 24 16.70 -20.76 11.61
C ASN Y 24 18.02 -21.46 11.36
N TRP Y 25 18.73 -20.99 10.35
CA TRP Y 25 20.01 -21.57 9.98
C TRP Y 25 21.10 -21.20 10.95
N VAL Y 26 21.79 -22.23 11.44
CA VAL Y 26 22.90 -22.02 12.35
C VAL Y 26 24.14 -21.91 11.49
N ALA Y 27 24.58 -20.66 11.31
CA ALA Y 27 25.76 -20.36 10.49
C ALA Y 27 27.03 -20.81 11.18
N SER Y 28 27.06 -20.71 12.51
CA SER Y 28 28.23 -21.11 13.26
C SER Y 28 27.94 -21.31 14.73
N GLN Y 29 28.76 -22.15 15.36
CA GLN Y 29 28.65 -22.45 16.78
C GLN Y 29 29.98 -22.04 17.44
N THR Y 30 30.85 -21.42 16.65
CA THR Y 30 32.19 -21.02 17.12
C THR Y 30 32.58 -19.60 16.74
N VAL Y 31 31.64 -18.67 16.92
CA VAL Y 31 31.88 -17.27 16.60
C VAL Y 31 32.40 -16.50 17.81
N LYS Y 32 33.25 -15.50 17.55
CA LYS Y 32 33.78 -14.67 18.62
C LYS Y 32 32.82 -13.51 18.88
N LYS Y 33 32.37 -13.36 20.12
CA LYS Y 33 31.45 -12.28 20.45
C LYS Y 33 32.07 -11.27 21.39
N VAL Y 34 33.37 -11.43 21.62
CA VAL Y 34 34.12 -10.52 22.46
C VAL Y 34 35.30 -9.99 21.65
N ILE Y 35 35.44 -8.67 21.61
CA ILE Y 35 36.54 -8.06 20.87
C ILE Y 35 37.53 -7.54 21.91
N GLU Y 36 38.81 -7.88 21.71
CA GLU Y 36 39.85 -7.43 22.61
C GLU Y 36 40.34 -6.10 22.03
N ILE Y 37 39.70 -5.01 22.46
CA ILE Y 37 40.04 -3.66 22.02
C ILE Y 37 41.56 -3.53 22.11
N ASN Y 38 42.07 -3.79 23.31
CA ASN Y 38 43.49 -3.77 23.60
C ASN Y 38 43.62 -4.59 24.89
N PRO Y 39 44.84 -4.79 25.40
CA PRO Y 39 45.06 -5.56 26.62
C PRO Y 39 44.29 -5.17 27.89
N PHE Y 40 43.66 -4.01 27.89
CA PHE Y 40 42.93 -3.56 29.07
C PHE Y 40 41.44 -3.36 28.82
N LEU Y 41 41.05 -3.38 27.56
CA LEU Y 41 39.65 -3.16 27.20
C LEU Y 41 38.99 -4.29 26.43
N LEU Y 42 37.79 -4.67 26.85
CA LEU Y 42 37.03 -5.71 26.18
C LEU Y 42 35.69 -5.12 25.68
N GLY Y 43 35.21 -5.65 24.56
CA GLY Y 43 33.92 -5.22 24.01
C GLY Y 43 33.12 -6.44 23.67
N THR Y 44 31.82 -6.43 23.97
CA THR Y 44 30.95 -7.57 23.66
C THR Y 44 30.20 -7.24 22.38
N MET Y 45 29.83 -8.27 21.62
CA MET Y 45 29.12 -8.03 20.35
C MET Y 45 27.74 -8.71 20.27
N ALA Y 46 26.70 -7.90 20.11
CA ALA Y 46 25.35 -8.42 19.98
C ALA Y 46 24.71 -7.63 18.83
N GLY Y 47 23.87 -8.28 18.04
CA GLY Y 47 23.24 -7.62 16.90
C GLY Y 47 23.97 -7.95 15.62
N GLY Y 48 24.44 -6.91 14.92
CA GLY Y 48 25.14 -7.13 13.68
C GLY Y 48 26.62 -7.44 13.87
N ALA Y 49 27.05 -8.61 13.41
CA ALA Y 49 28.45 -9.02 13.55
C ALA Y 49 29.40 -8.04 12.87
N ALA Y 50 29.13 -7.73 11.60
CA ALA Y 50 29.98 -6.80 10.87
C ALA Y 50 30.06 -5.46 11.58
N ASP Y 51 28.91 -4.90 11.94
CA ASP Y 51 28.88 -3.61 12.61
C ASP Y 51 29.69 -3.59 13.91
N CYS Y 52 29.48 -4.59 14.76
CA CYS Y 52 30.22 -4.64 16.01
C CYS Y 52 31.70 -4.86 15.79
N GLN Y 53 32.02 -5.89 15.02
CA GLN Y 53 33.40 -6.25 14.72
C GLN Y 53 34.17 -5.07 14.14
N PHE Y 54 33.56 -4.40 13.17
CA PHE Y 54 34.20 -3.28 12.51
C PHE Y 54 34.46 -2.09 13.42
N TRP Y 55 33.39 -1.56 14.03
CA TRP Y 55 33.53 -0.39 14.87
C TRP Y 55 34.25 -0.62 16.19
N GLU Y 56 34.22 -1.85 16.71
CA GLU Y 56 34.94 -2.08 17.95
C GLU Y 56 36.44 -2.20 17.66
N THR Y 57 36.78 -2.72 16.48
CA THR Y 57 38.19 -2.82 16.11
C THR Y 57 38.68 -1.40 15.84
N TRP Y 58 37.82 -0.59 15.24
CA TRP Y 58 38.15 0.80 14.97
C TRP Y 58 38.34 1.51 16.32
N LEU Y 59 37.48 1.20 17.28
CA LEU Y 59 37.60 1.82 18.59
C LEU Y 59 39.02 1.55 19.10
N GLY Y 60 39.48 0.32 18.91
CA GLY Y 60 40.82 -0.03 19.34
C GLY Y 60 41.86 0.92 18.77
N SER Y 61 41.73 1.22 17.49
CA SER Y 61 42.67 2.12 16.86
C SER Y 61 42.59 3.53 17.44
N GLN Y 62 41.39 3.98 17.79
CA GLN Y 62 41.25 5.33 18.35
C GLN Y 62 41.83 5.40 19.75
N CYS Y 63 41.71 4.32 20.51
CA CYS Y 63 42.25 4.30 21.86
C CYS Y 63 43.76 4.38 21.80
N ARG Y 64 44.36 3.59 20.92
CA ARG Y 64 45.81 3.57 20.75
C ARG Y 64 46.32 4.97 20.44
N LEU Y 65 45.66 5.63 19.49
CA LEU Y 65 46.00 6.98 19.07
C LEU Y 65 45.93 7.94 20.25
N HIS Y 66 44.97 7.71 21.14
CA HIS Y 66 44.79 8.55 22.32
C HIS Y 66 46.02 8.41 23.23
N GLU Y 67 46.39 7.16 23.53
CA GLU Y 67 47.51 6.87 24.41
C GLU Y 67 48.86 7.37 23.86
N LEU Y 68 48.96 7.48 22.53
CA LEU Y 68 50.20 7.97 21.94
C LEU Y 68 50.23 9.48 22.12
N ARG Y 69 49.08 10.10 21.93
CA ARG Y 69 48.94 11.54 22.03
C ARG Y 69 49.02 12.06 23.46
N GLU Y 70 48.38 11.37 24.39
CA GLU Y 70 48.34 11.81 25.79
C GLU Y 70 49.26 11.07 26.73
N LYS Y 71 50.08 10.17 26.20
CA LYS Y 71 51.01 9.40 27.03
C LYS Y 71 50.33 8.95 28.34
N GLU Y 72 49.11 8.45 28.20
CA GLU Y 72 48.35 7.98 29.35
C GLU Y 72 47.24 7.06 28.90
N ARG Y 73 46.99 6.02 29.67
CA ARG Y 73 45.94 5.03 29.40
C ARG Y 73 44.56 5.68 29.30
N ILE Y 74 43.81 5.36 28.25
CA ILE Y 74 42.49 5.96 28.06
C ILE Y 74 41.47 5.43 29.06
N SER Y 75 40.57 6.31 29.49
CA SER Y 75 39.53 5.92 30.44
C SER Y 75 38.41 5.16 29.74
N VAL Y 76 37.73 4.29 30.48
CA VAL Y 76 36.63 3.51 29.94
C VAL Y 76 35.52 4.45 29.51
N ALA Y 77 35.34 5.52 30.28
CA ALA Y 77 34.33 6.50 29.96
C ALA Y 77 34.63 7.08 28.59
N ALA Y 78 35.86 7.54 28.40
CA ALA Y 78 36.27 8.12 27.14
C ALA Y 78 36.25 7.16 25.95
N ALA Y 79 36.69 5.92 26.16
CA ALA Y 79 36.69 4.96 25.07
C ALA Y 79 35.26 4.65 24.62
N SER Y 80 34.38 4.48 25.60
CA SER Y 80 32.98 4.18 25.35
C SER Y 80 32.29 5.33 24.62
N LYS Y 81 32.67 6.57 24.96
CA LYS Y 81 32.01 7.70 24.33
C LYS Y 81 32.49 7.90 22.88
N ILE Y 82 33.68 7.41 22.58
CA ILE Y 82 34.18 7.54 21.21
C ILE Y 82 33.26 6.65 20.34
N LEU Y 83 33.01 5.43 20.80
CA LEU Y 83 32.16 4.51 20.07
C LEU Y 83 30.74 5.07 20.03
N SER Y 84 30.26 5.47 21.19
CA SER Y 84 28.93 6.02 21.31
C SER Y 84 28.68 7.17 20.35
N ASN Y 85 29.58 8.13 20.31
CA ASN Y 85 29.43 9.30 19.43
C ASN Y 85 29.56 8.96 17.95
N LEU Y 86 30.36 7.95 17.63
CA LEU Y 86 30.55 7.52 16.24
C LEU Y 86 29.20 6.98 15.77
N VAL Y 87 28.70 6.05 16.55
CA VAL Y 87 27.43 5.40 16.31
C VAL Y 87 26.28 6.41 16.19
N TYR Y 88 26.30 7.44 17.03
CA TYR Y 88 25.26 8.44 17.00
C TYR Y 88 25.28 9.21 15.68
N GLN Y 89 26.45 9.28 15.06
CA GLN Y 89 26.57 9.99 13.79
C GLN Y 89 25.81 9.24 12.70
N TYR Y 90 25.68 7.93 12.86
CA TYR Y 90 24.99 7.07 11.91
C TYR Y 90 23.53 6.79 12.25
N LYS Y 91 23.04 7.35 13.36
CA LYS Y 91 21.66 7.11 13.76
C LYS Y 91 20.68 7.27 12.59
N GLY Y 92 19.94 6.20 12.33
CA GLY Y 92 18.97 6.19 11.25
C GLY Y 92 19.47 5.46 10.01
N ALA Y 93 20.77 5.21 9.93
CA ALA Y 93 21.33 4.54 8.77
C ALA Y 93 21.09 3.03 8.74
N GLY Y 94 20.84 2.44 9.90
CA GLY Y 94 20.61 1.01 9.95
C GLY Y 94 21.67 0.19 10.66
N LEU Y 95 22.58 0.84 11.39
CA LEU Y 95 23.58 0.08 12.12
C LEU Y 95 22.83 -0.73 13.16
N SER Y 96 23.33 -1.92 13.45
CA SER Y 96 22.68 -2.76 14.43
C SER Y 96 23.67 -3.31 15.44
N MET Y 97 23.69 -2.72 16.63
CA MET Y 97 24.61 -3.19 17.65
C MET Y 97 24.23 -2.89 19.09
N GLY Y 98 24.42 -3.91 19.93
CA GLY Y 98 24.16 -3.81 21.35
C GLY Y 98 25.50 -4.21 21.92
N THR Y 99 26.12 -3.33 22.68
CA THR Y 99 27.46 -3.63 23.14
C THR Y 99 27.83 -3.20 24.56
N MET Y 100 28.80 -3.90 25.15
CA MET Y 100 29.30 -3.57 26.49
C MET Y 100 30.78 -3.27 26.37
N ILE Y 101 31.19 -2.08 26.81
CA ILE Y 101 32.60 -1.68 26.78
C ILE Y 101 33.09 -1.86 28.24
N CYS Y 102 34.07 -2.73 28.43
CA CYS Y 102 34.55 -3.04 29.77
C CYS Y 102 36.04 -2.81 30.00
N GLY Y 103 36.35 -2.17 31.13
CA GLY Y 103 37.73 -1.90 31.49
C GLY Y 103 37.93 -1.67 32.98
N TYR Y 104 39.20 -1.64 33.40
CA TYR Y 104 39.53 -1.43 34.81
C TYR Y 104 40.67 -0.41 34.90
N THR Y 105 40.32 0.85 35.13
CA THR Y 105 41.36 1.87 35.24
C THR Y 105 41.55 2.34 36.67
N ARG Y 106 42.78 2.76 36.97
CA ARG Y 106 43.12 3.24 38.30
C ARG Y 106 42.18 4.36 38.72
N LYS Y 107 41.89 5.24 37.78
CA LYS Y 107 41.03 6.39 38.00
C LYS Y 107 39.57 6.01 38.26
N GLU Y 108 39.06 5.04 37.50
CA GLU Y 108 37.66 4.62 37.60
C GLU Y 108 37.38 3.31 38.32
N GLY Y 109 38.31 2.37 38.22
CA GLY Y 109 38.10 1.07 38.83
C GLY Y 109 37.34 0.21 37.83
N PRO Y 110 36.65 -0.84 38.27
CA PRO Y 110 35.91 -1.66 37.30
C PRO Y 110 34.79 -0.83 36.70
N THR Y 111 34.71 -0.80 35.37
CA THR Y 111 33.68 -0.02 34.69
C THR Y 111 33.09 -0.69 33.46
N ILE Y 112 31.75 -0.75 33.41
CA ILE Y 112 31.01 -1.32 32.27
C ILE Y 112 30.15 -0.21 31.68
N TYR Y 113 30.16 -0.09 30.35
CA TYR Y 113 29.33 0.88 29.66
C TYR Y 113 28.54 0.15 28.57
N TYR Y 114 27.22 0.29 28.60
CA TYR Y 114 26.35 -0.33 27.60
C TYR Y 114 26.23 0.72 26.49
N VAL Y 115 26.49 0.29 25.25
CA VAL Y 115 26.40 1.18 24.10
C VAL Y 115 25.68 0.50 22.94
N ASP Y 116 24.59 1.09 22.45
CA ASP Y 116 23.88 0.48 21.34
C ASP Y 116 23.81 1.43 20.16
N SER Y 117 23.33 0.92 19.02
CA SER Y 117 23.26 1.72 17.81
C SER Y 117 22.16 2.78 17.81
N ASP Y 118 21.38 2.84 18.89
CA ASP Y 118 20.34 3.86 18.98
C ASP Y 118 21.00 5.13 19.55
N GLY Y 119 22.23 4.95 20.02
CA GLY Y 119 22.97 6.07 20.58
C GLY Y 119 23.02 6.07 22.10
N THR Y 120 22.38 5.08 22.71
CA THR Y 120 22.33 4.96 24.15
C THR Y 120 23.69 4.56 24.76
N ARG Y 121 24.07 5.28 25.81
CA ARG Y 121 25.31 5.02 26.54
C ARG Y 121 24.96 5.01 28.02
N LEU Y 122 25.05 3.83 28.63
CA LEU Y 122 24.71 3.65 30.05
C LEU Y 122 25.78 2.98 30.87
N LYS Y 123 26.11 3.58 32.01
CA LYS Y 123 27.10 2.99 32.90
C LYS Y 123 26.30 2.15 33.91
N GLY Y 124 26.79 0.95 34.19
CA GLY Y 124 26.07 0.10 35.13
C GLY Y 124 26.95 -0.97 35.74
N ASP Y 125 26.35 -1.80 36.60
CA ASP Y 125 27.05 -2.88 37.28
C ASP Y 125 26.82 -4.23 36.61
N ILE Y 126 25.61 -4.41 36.09
CA ILE Y 126 25.23 -5.65 35.41
C ILE Y 126 24.50 -5.36 34.10
N PHE Y 127 24.89 -6.04 33.03
CA PHE Y 127 24.23 -5.86 31.74
C PHE Y 127 24.20 -7.18 31.00
N CYS Y 128 23.07 -7.44 30.33
CA CYS Y 128 22.88 -8.64 29.51
C CYS Y 128 22.27 -8.14 28.20
N VAL Y 129 22.89 -8.51 27.08
CA VAL Y 129 22.37 -8.07 25.78
C VAL Y 129 22.21 -9.25 24.85
N GLY Y 130 21.09 -9.29 24.14
CA GLY Y 130 20.84 -10.38 23.20
C GLY Y 130 19.51 -11.06 23.38
N SER Y 131 19.13 -11.88 22.41
CA SER Y 131 17.86 -12.61 22.47
C SER Y 131 17.82 -13.58 23.64
N GLY Y 132 18.94 -13.73 24.33
CA GLY Y 132 18.95 -14.65 25.46
C GLY Y 132 19.09 -13.90 26.77
N GLN Y 133 19.16 -12.58 26.67
CA GLN Y 133 19.35 -11.72 27.84
C GLN Y 133 18.48 -12.00 29.05
N THR Y 134 17.19 -12.17 28.84
CA THR Y 134 16.26 -12.40 29.95
C THR Y 134 16.59 -13.64 30.77
N PHE Y 135 17.08 -14.67 30.10
CA PHE Y 135 17.44 -15.91 30.77
C PHE Y 135 18.65 -15.66 31.66
N ALA Y 136 19.66 -15.02 31.10
CA ALA Y 136 20.87 -14.72 31.85
C ALA Y 136 20.55 -13.81 33.05
N TYR Y 137 19.70 -12.82 32.84
CA TYR Y 137 19.33 -11.91 33.92
C TYR Y 137 18.70 -12.65 35.10
N GLY Y 138 17.92 -13.69 34.80
CA GLY Y 138 17.30 -14.44 35.87
C GLY Y 138 18.32 -15.06 36.80
N VAL Y 139 19.31 -15.72 36.20
CA VAL Y 139 20.36 -16.38 36.96
C VAL Y 139 21.25 -15.37 37.67
N LEU Y 140 21.63 -14.32 36.95
CA LEU Y 140 22.49 -13.28 37.50
C LEU Y 140 21.88 -12.55 38.67
N ASP Y 141 20.67 -12.01 38.48
CA ASP Y 141 20.00 -11.26 39.52
C ASP Y 141 19.87 -11.95 40.88
N SER Y 142 19.64 -13.26 40.89
CA SER Y 142 19.47 -13.97 42.17
C SER Y 142 20.72 -14.56 42.81
N ASN Y 143 21.86 -14.45 42.14
CA ASN Y 143 23.09 -14.98 42.72
C ASN Y 143 24.19 -13.94 42.77
N TYR Y 144 23.91 -12.77 42.24
CA TYR Y 144 24.92 -11.73 42.25
C TYR Y 144 25.12 -11.11 43.62
N LYS Y 145 26.39 -10.94 43.98
CA LYS Y 145 26.83 -10.34 45.23
C LYS Y 145 28.11 -9.61 44.86
N TRP Y 146 28.33 -8.43 45.44
CA TRP Y 146 29.54 -7.67 45.14
C TRP Y 146 30.79 -8.36 45.68
N ASP Y 147 30.61 -9.14 46.74
CA ASP Y 147 31.71 -9.83 47.36
C ASP Y 147 31.96 -11.24 46.86
N LEU Y 148 31.59 -11.51 45.63
CA LEU Y 148 31.80 -12.82 45.04
C LEU Y 148 33.29 -13.01 44.81
N SER Y 149 33.75 -14.25 44.81
CA SER Y 149 35.17 -14.49 44.55
C SER Y 149 35.35 -14.58 43.04
N VAL Y 150 36.58 -14.32 42.57
CA VAL Y 150 36.86 -14.38 41.15
C VAL Y 150 36.48 -15.74 40.59
N GLU Y 151 36.61 -16.78 41.42
CA GLU Y 151 36.28 -18.14 41.00
C GLU Y 151 34.78 -18.32 40.82
N ASP Y 152 34.02 -17.89 41.84
CA ASP Y 152 32.57 -17.99 41.81
C ASP Y 152 31.97 -17.03 40.79
N ALA Y 153 32.54 -15.85 40.67
CA ALA Y 153 32.04 -14.87 39.72
C ALA Y 153 32.13 -15.45 38.31
N LEU Y 154 33.30 -16.00 37.99
CA LEU Y 154 33.51 -16.60 36.69
C LEU Y 154 32.47 -17.68 36.44
N TYR Y 155 32.20 -18.50 37.45
CA TYR Y 155 31.22 -19.55 37.30
C TYR Y 155 29.82 -19.01 37.08
N LEU Y 156 29.46 -17.97 37.82
CA LEU Y 156 28.12 -17.39 37.66
C LEU Y 156 27.91 -16.95 36.22
N GLY Y 157 28.89 -16.26 35.67
CA GLY Y 157 28.78 -15.81 34.30
C GLY Y 157 28.64 -17.00 33.38
N LYS Y 158 29.47 -18.02 33.56
CA LYS Y 158 29.42 -19.20 32.72
C LYS Y 158 28.04 -19.88 32.83
N ARG Y 159 27.49 -19.92 34.03
CA ARG Y 159 26.21 -20.56 34.26
C ARG Y 159 25.07 -19.76 33.65
N SER Y 160 25.16 -18.44 33.73
CA SER Y 160 24.12 -17.58 33.18
C SER Y 160 24.02 -17.72 31.66
N ILE Y 161 25.15 -17.87 31.00
CA ILE Y 161 25.13 -18.03 29.56
C ILE Y 161 24.53 -19.39 29.28
N LEU Y 162 24.90 -20.38 30.09
CA LEU Y 162 24.38 -21.73 29.93
C LEU Y 162 22.84 -21.74 29.98
N ALA Y 163 22.28 -21.01 30.95
CA ALA Y 163 20.84 -20.95 31.08
C ALA Y 163 20.23 -20.44 29.76
N ALA Y 164 20.81 -19.37 29.23
CA ALA Y 164 20.33 -18.79 27.98
C ALA Y 164 20.56 -19.74 26.80
N ALA Y 165 21.74 -20.35 26.74
CA ALA Y 165 22.04 -21.26 25.63
C ALA Y 165 21.01 -22.36 25.53
N HIS Y 166 20.49 -22.77 26.70
CA HIS Y 166 19.52 -23.86 26.78
C HIS Y 166 18.13 -23.49 26.30
N ARG Y 167 17.62 -22.35 26.76
CA ARG Y 167 16.27 -21.91 26.40
C ARG Y 167 16.11 -21.13 25.09
N ASP Y 168 17.10 -20.32 24.76
CA ASP Y 168 17.07 -19.50 23.56
C ASP Y 168 17.61 -20.25 22.35
N ALA Y 169 16.75 -20.43 21.35
CA ALA Y 169 17.14 -21.12 20.13
C ALA Y 169 18.27 -20.40 19.42
N TYR Y 170 18.34 -19.08 19.56
CA TYR Y 170 19.38 -18.30 18.91
C TYR Y 170 20.65 -18.14 19.74
N SER Y 171 20.77 -18.93 20.79
CA SER Y 171 21.96 -18.89 21.64
C SER Y 171 22.49 -20.29 21.86
N GLY Y 172 23.81 -20.39 22.03
CA GLY Y 172 24.42 -21.69 22.25
C GLY Y 172 25.82 -21.81 21.68
N GLY Y 173 26.23 -23.06 21.42
CA GLY Y 173 27.55 -23.30 20.89
C GLY Y 173 28.53 -23.55 22.03
N SER Y 174 29.14 -22.47 22.50
CA SER Y 174 30.10 -22.56 23.59
C SER Y 174 30.12 -21.26 24.37
N VAL Y 175 30.76 -21.30 25.54
CA VAL Y 175 30.86 -20.11 26.37
C VAL Y 175 32.29 -19.59 26.40
N ASN Y 176 32.44 -18.28 26.26
CA ASN Y 176 33.76 -17.66 26.30
C ASN Y 176 33.80 -16.75 27.53
N LEU Y 177 34.75 -17.02 28.41
CA LEU Y 177 34.92 -16.26 29.65
C LEU Y 177 36.08 -15.28 29.66
N TYR Y 178 35.90 -14.21 30.41
CA TYR Y 178 36.93 -13.20 30.55
C TYR Y 178 36.87 -12.58 31.94
N HIS Y 179 38.04 -12.32 32.50
CA HIS Y 179 38.14 -11.67 33.81
C HIS Y 179 38.93 -10.40 33.54
N VAL Y 180 38.40 -9.27 33.97
CA VAL Y 180 39.06 -8.00 33.75
C VAL Y 180 39.60 -7.42 35.04
N THR Y 181 40.92 -7.27 35.11
CA THR Y 181 41.61 -6.71 36.27
C THR Y 181 42.30 -5.44 35.80
N GLU Y 182 42.64 -4.57 36.74
CA GLU Y 182 43.31 -3.32 36.40
C GLU Y 182 44.59 -3.53 35.56
N ASP Y 183 45.20 -4.69 35.71
CA ASP Y 183 46.42 -4.99 34.96
C ASP Y 183 46.11 -5.58 33.60
N GLY Y 184 44.82 -5.71 33.30
CA GLY Y 184 44.41 -6.26 32.02
C GLY Y 184 43.38 -7.35 32.18
N TRP Y 185 42.90 -7.86 31.05
CA TRP Y 185 41.91 -8.93 31.07
C TRP Y 185 42.63 -10.26 30.97
N ILE Y 186 41.99 -11.31 31.49
CA ILE Y 186 42.56 -12.64 31.41
C ILE Y 186 41.52 -13.56 30.82
N TYR Y 187 41.88 -14.23 29.74
CA TYR Y 187 40.95 -15.15 29.08
C TYR Y 187 40.80 -16.38 29.96
N HIS Y 188 39.57 -16.86 30.09
CA HIS Y 188 39.29 -18.03 30.90
C HIS Y 188 38.65 -19.19 30.15
N GLY Y 189 39.09 -19.38 28.91
CA GLY Y 189 38.63 -20.50 28.12
C GLY Y 189 37.34 -20.50 27.34
N ASN Y 190 37.21 -21.57 26.55
CA ASN Y 190 36.06 -21.81 25.71
C ASN Y 190 35.39 -23.09 26.15
N HIS Y 191 34.17 -22.95 26.65
CA HIS Y 191 33.43 -24.09 27.15
C HIS Y 191 32.25 -24.50 26.28
N ASP Y 192 32.41 -25.61 25.57
CA ASP Y 192 31.37 -26.12 24.70
C ASP Y 192 30.09 -26.35 25.53
N VAL Y 193 28.99 -25.73 25.10
CA VAL Y 193 27.73 -25.86 25.81
C VAL Y 193 27.29 -27.32 25.86
N GLY Y 194 27.55 -28.03 24.77
CA GLY Y 194 27.20 -29.43 24.72
C GLY Y 194 27.67 -30.08 26.00
N GLU Y 195 28.99 -30.29 26.11
CA GLU Y 195 29.57 -30.92 27.28
C GLU Y 195 29.28 -30.19 28.58
N LEU Y 196 29.31 -28.87 28.56
CA LEU Y 196 29.07 -28.09 29.78
C LEU Y 196 27.73 -28.36 30.43
N PHE Y 197 26.69 -28.55 29.61
CA PHE Y 197 25.34 -28.80 30.08
C PHE Y 197 25.21 -30.07 30.92
N TRP Y 198 25.67 -31.19 30.37
CA TRP Y 198 25.61 -32.46 31.08
C TRP Y 198 26.42 -32.38 32.37
N LYS Y 199 27.62 -31.82 32.29
CA LYS Y 199 28.49 -31.67 33.45
C LYS Y 199 27.76 -30.86 34.53
N VAL Y 200 27.33 -29.66 34.18
CA VAL Y 200 26.64 -28.80 35.14
C VAL Y 200 25.40 -29.51 35.69
N LYS Y 201 24.66 -30.19 34.82
CA LYS Y 201 23.46 -30.86 35.27
C LYS Y 201 23.77 -31.82 36.40
N GLU Y 202 24.68 -32.75 36.16
CA GLU Y 202 25.06 -33.75 37.14
C GLU Y 202 25.58 -33.14 38.43
N GLU Y 203 26.62 -32.32 38.33
CA GLU Y 203 27.22 -31.70 39.50
C GLU Y 203 26.31 -30.76 40.27
N GLU Y 204 25.45 -30.05 39.57
CA GLU Y 204 24.56 -29.09 40.21
C GLU Y 204 23.19 -29.64 40.59
N GLY Y 205 22.68 -30.57 39.80
CA GLY Y 205 21.37 -31.16 40.09
C GLY Y 205 20.24 -30.39 39.42
N SER Y 206 20.60 -29.31 38.73
CA SER Y 206 19.64 -28.48 38.04
C SER Y 206 19.27 -29.12 36.71
N PHE Y 207 18.39 -28.47 35.96
CA PHE Y 207 17.95 -28.97 34.66
C PHE Y 207 17.39 -30.35 34.87
N ASN Y 208 16.62 -30.47 35.96
CA ASN Y 208 16.04 -31.74 36.30
C ASN Y 208 15.04 -32.20 35.24
N ASN Y 209 14.39 -31.25 34.58
CA ASN Y 209 13.41 -31.56 33.55
C ASN Y 209 14.01 -32.26 32.34
N VAL Y 210 15.31 -32.10 32.10
CA VAL Y 210 15.94 -32.74 30.95
C VAL Y 210 16.43 -34.14 31.33
N ILE Y 211 16.11 -35.13 30.50
CA ILE Y 211 16.53 -36.51 30.76
C ILE Y 211 17.98 -36.73 30.30
N GLY Y 212 18.84 -37.05 31.26
CA GLY Y 212 20.24 -37.27 30.92
C GLY Y 212 20.75 -38.67 31.18
N GLN Z 1 10.22 -1.78 -10.84
CA GLN Z 1 11.39 -0.92 -10.51
C GLN Z 1 12.68 -1.72 -10.72
N PHE Z 2 13.79 -1.02 -10.91
CA PHE Z 2 15.07 -1.68 -11.13
C PHE Z 2 15.67 -2.32 -9.87
N ASN Z 3 16.02 -3.59 -9.98
CA ASN Z 3 16.62 -4.35 -8.89
C ASN Z 3 18.09 -4.52 -9.26
N PRO Z 4 18.98 -3.85 -8.52
CA PRO Z 4 20.42 -3.91 -8.76
C PRO Z 4 21.06 -5.25 -8.44
N TYR Z 5 20.29 -6.20 -7.93
CA TYR Z 5 20.85 -7.50 -7.58
C TYR Z 5 20.28 -8.69 -8.34
N GLY Z 6 21.03 -9.78 -8.35
CA GLY Z 6 20.61 -11.00 -9.00
C GLY Z 6 21.28 -12.16 -8.27
N ASP Z 7 20.87 -13.38 -8.58
CA ASP Z 7 21.47 -14.56 -7.95
C ASP Z 7 21.97 -15.52 -9.01
N ASN Z 8 23.28 -15.75 -9.05
CA ASN Z 8 23.87 -16.65 -10.03
C ASN Z 8 24.07 -18.06 -9.52
N GLY Z 9 23.50 -18.38 -8.37
CA GLY Z 9 23.62 -19.72 -7.84
C GLY Z 9 25.01 -20.13 -7.40
N GLY Z 10 25.38 -21.38 -7.66
CA GLY Z 10 26.71 -21.83 -7.28
C GLY Z 10 26.89 -22.13 -5.80
N THR Z 11 27.91 -22.92 -5.50
CA THR Z 11 28.24 -23.33 -4.13
C THR Z 11 29.78 -23.45 -4.04
N ILE Z 12 30.35 -23.03 -2.93
CA ILE Z 12 31.80 -23.12 -2.74
C ILE Z 12 32.14 -23.71 -1.38
N LEU Z 13 33.29 -24.35 -1.30
CA LEU Z 13 33.72 -25.00 -0.06
C LEU Z 13 35.19 -24.79 0.23
N GLY Z 14 35.50 -24.44 1.47
CA GLY Z 14 36.89 -24.22 1.86
C GLY Z 14 37.26 -25.05 3.07
N ILE Z 15 38.33 -25.84 2.95
CA ILE Z 15 38.77 -26.65 4.08
C ILE Z 15 40.25 -26.44 4.32
N ALA Z 16 40.59 -26.24 5.60
CA ALA Z 16 41.97 -25.99 6.00
C ALA Z 16 42.62 -27.25 6.56
N GLY Z 17 43.68 -27.70 5.90
CA GLY Z 17 44.41 -28.86 6.35
C GLY Z 17 45.50 -28.42 7.30
N GLU Z 18 46.25 -29.36 7.87
CA GLU Z 18 47.29 -28.98 8.80
C GLU Z 18 48.37 -28.10 8.16
N ASP Z 19 48.74 -28.42 6.92
CA ASP Z 19 49.76 -27.65 6.24
C ASP Z 19 49.38 -27.42 4.78
N PHE Z 20 48.08 -27.42 4.52
CA PHE Z 20 47.54 -27.20 3.18
C PHE Z 20 46.12 -26.67 3.35
N ALA Z 21 45.52 -26.21 2.27
CA ALA Z 21 44.15 -25.71 2.33
C ALA Z 21 43.55 -25.79 0.94
N VAL Z 22 42.27 -26.11 0.87
CA VAL Z 22 41.62 -26.19 -0.43
C VAL Z 22 40.41 -25.26 -0.47
N LEU Z 23 40.09 -24.79 -1.68
CA LEU Z 23 38.93 -23.95 -1.88
C LEU Z 23 38.32 -24.45 -3.19
N ALA Z 24 37.14 -25.04 -3.09
CA ALA Z 24 36.46 -25.58 -4.26
C ALA Z 24 35.14 -24.87 -4.56
N GLY Z 25 34.64 -25.08 -5.76
CA GLY Z 25 33.38 -24.49 -6.16
C GLY Z 25 32.89 -25.08 -7.47
N ASP Z 26 31.58 -25.26 -7.61
CA ASP Z 26 31.06 -25.80 -8.86
C ASP Z 26 31.30 -24.76 -9.94
N THR Z 27 31.16 -25.14 -11.20
CA THR Z 27 31.41 -24.18 -12.26
C THR Z 27 30.13 -23.79 -13.00
N ARG Z 28 28.99 -24.07 -12.39
CA ARG Z 28 27.72 -23.72 -13.00
C ARG Z 28 27.29 -22.31 -12.60
N ASN Z 29 26.84 -21.54 -13.58
CA ASN Z 29 26.38 -20.17 -13.35
C ASN Z 29 24.96 -20.13 -13.87
N ILE Z 30 24.00 -19.80 -13.00
CA ILE Z 30 22.59 -19.78 -13.39
C ILE Z 30 21.86 -18.47 -13.20
N THR Z 31 20.66 -18.42 -13.76
CA THR Z 31 19.74 -17.29 -13.65
C THR Z 31 18.36 -17.93 -13.63
N ASP Z 32 17.73 -17.95 -12.46
CA ASP Z 32 16.42 -18.57 -12.36
C ASP Z 32 16.53 -20.04 -12.72
N TYR Z 33 15.81 -20.47 -13.76
CA TYR Z 33 15.84 -21.86 -14.19
C TYR Z 33 16.74 -22.12 -15.41
N SER Z 34 17.51 -21.12 -15.81
CA SER Z 34 18.40 -21.27 -16.96
C SER Z 34 19.86 -21.36 -16.56
N ILE Z 35 20.64 -22.06 -17.36
CA ILE Z 35 22.06 -22.22 -17.12
C ILE Z 35 22.73 -21.22 -18.05
N ASN Z 36 23.58 -20.36 -17.49
CA ASN Z 36 24.29 -19.37 -18.30
C ASN Z 36 25.58 -19.97 -18.82
N SER Z 37 26.22 -20.79 -18.01
CA SER Z 37 27.45 -21.44 -18.40
C SER Z 37 27.66 -22.67 -17.55
N ARG Z 38 28.18 -23.73 -18.16
CA ARG Z 38 28.44 -24.95 -17.44
C ARG Z 38 29.86 -24.87 -16.91
N TYR Z 39 30.61 -23.89 -17.41
CA TYR Z 39 31.98 -23.66 -16.96
C TYR Z 39 32.34 -22.17 -16.91
N GLU Z 40 32.24 -21.60 -15.71
CA GLU Z 40 32.58 -20.19 -15.45
C GLU Z 40 33.28 -20.20 -14.10
N PRO Z 41 34.62 -20.30 -14.11
CA PRO Z 41 35.44 -20.31 -12.88
C PRO Z 41 34.96 -19.30 -11.85
N LYS Z 42 34.98 -19.72 -10.59
CA LYS Z 42 34.50 -18.88 -9.52
C LYS Z 42 35.49 -18.77 -8.35
N VAL Z 43 36.53 -19.61 -8.37
CA VAL Z 43 37.56 -19.61 -7.35
C VAL Z 43 38.85 -19.17 -8.05
N PHE Z 44 39.47 -18.10 -7.55
CA PHE Z 44 40.67 -17.55 -8.18
C PHE Z 44 41.96 -17.51 -7.34
N ASP Z 45 43.09 -17.59 -8.05
CA ASP Z 45 44.42 -17.51 -7.46
C ASP Z 45 44.75 -16.02 -7.49
N CYS Z 46 44.89 -15.40 -6.32
CA CYS Z 46 45.14 -13.96 -6.26
C CYS Z 46 46.58 -13.54 -5.96
N GLY Z 47 47.50 -14.48 -6.12
CA GLY Z 47 48.89 -14.17 -5.85
C GLY Z 47 49.21 -14.35 -4.38
N ASP Z 48 50.49 -14.23 -4.03
CA ASP Z 48 50.90 -14.41 -2.65
C ASP Z 48 50.31 -15.63 -1.95
N ASN Z 49 50.05 -16.68 -2.74
CA ASN Z 49 49.52 -17.94 -2.23
C ASN Z 49 48.16 -17.78 -1.54
N ILE Z 50 47.29 -16.99 -2.16
CA ILE Z 50 45.96 -16.76 -1.62
C ILE Z 50 44.91 -17.05 -2.70
N VAL Z 51 43.93 -17.88 -2.35
CA VAL Z 51 42.85 -18.22 -3.26
C VAL Z 51 41.58 -17.65 -2.65
N MET Z 52 40.72 -17.13 -3.50
CA MET Z 52 39.49 -16.50 -3.04
C MET Z 52 38.30 -16.73 -3.94
N SER Z 53 37.11 -16.66 -3.34
CA SER Z 53 35.87 -16.82 -4.07
C SER Z 53 34.79 -16.01 -3.37
N ALA Z 54 34.01 -15.26 -4.17
CA ALA Z 54 32.93 -14.44 -3.65
C ALA Z 54 31.68 -14.94 -4.36
N ASN Z 55 30.95 -15.81 -3.68
CA ASN Z 55 29.77 -16.42 -4.25
C ASN Z 55 28.46 -15.67 -3.97
N GLY Z 56 27.52 -15.74 -4.90
CA GLY Z 56 26.25 -15.07 -4.73
C GLY Z 56 25.84 -14.32 -6.00
N PHE Z 57 25.97 -13.00 -5.98
CA PHE Z 57 25.64 -12.19 -7.13
C PHE Z 57 26.96 -11.96 -7.87
N ALA Z 58 27.16 -12.72 -8.94
CA ALA Z 58 28.38 -12.69 -9.74
C ALA Z 58 28.97 -11.34 -10.07
N ALA Z 59 28.16 -10.37 -10.49
CA ALA Z 59 28.72 -9.05 -10.80
C ALA Z 59 29.46 -8.53 -9.55
N ASP Z 60 28.86 -8.71 -8.38
CA ASP Z 60 29.48 -8.25 -7.16
C ASP Z 60 30.71 -9.11 -6.83
N GLY Z 61 30.58 -10.42 -6.98
CA GLY Z 61 31.68 -11.31 -6.70
C GLY Z 61 32.89 -10.99 -7.55
N ASP Z 62 32.66 -10.66 -8.82
CA ASP Z 62 33.76 -10.33 -9.73
C ASP Z 62 34.43 -9.03 -9.34
N ALA Z 63 33.63 -8.01 -9.06
CA ALA Z 63 34.18 -6.71 -8.66
C ALA Z 63 35.04 -6.87 -7.42
N LEU Z 64 34.55 -7.60 -6.42
CA LEU Z 64 35.30 -7.79 -5.20
C LEU Z 64 36.65 -8.47 -5.45
N VAL Z 65 36.65 -9.61 -6.13
CA VAL Z 65 37.90 -10.33 -6.43
C VAL Z 65 38.86 -9.41 -7.20
N LYS Z 66 38.32 -8.75 -8.22
CA LYS Z 66 39.10 -7.84 -9.05
C LYS Z 66 39.69 -6.72 -8.17
N ARG Z 67 38.89 -6.20 -7.24
CA ARG Z 67 39.34 -5.14 -6.37
C ARG Z 67 40.41 -5.65 -5.39
N PHE Z 68 40.25 -6.88 -4.91
CA PHE Z 68 41.23 -7.42 -3.98
C PHE Z 68 42.57 -7.72 -4.66
N LYS Z 69 42.52 -8.29 -5.86
CA LYS Z 69 43.74 -8.60 -6.59
C LYS Z 69 44.51 -7.30 -6.78
N ASN Z 70 43.79 -6.25 -7.08
CA ASN Z 70 44.43 -4.96 -7.30
C ASN Z 70 45.01 -4.45 -5.98
N SER Z 71 44.42 -4.88 -4.87
CA SER Z 71 44.88 -4.46 -3.57
C SER Z 71 46.22 -5.13 -3.28
N VAL Z 72 46.34 -6.39 -3.67
CA VAL Z 72 47.57 -7.14 -3.49
C VAL Z 72 48.68 -6.47 -4.30
N LYS Z 73 48.33 -6.07 -5.51
CA LYS Z 73 49.27 -5.41 -6.40
C LYS Z 73 49.86 -4.17 -5.73
N TRP Z 74 48.99 -3.30 -5.24
CA TRP Z 74 49.49 -2.10 -4.58
C TRP Z 74 50.19 -2.40 -3.26
N TYR Z 75 49.79 -3.46 -2.57
CA TYR Z 75 50.44 -3.78 -1.32
C TYR Z 75 51.94 -3.89 -1.62
N HIS Z 76 52.25 -4.62 -2.71
CA HIS Z 76 53.63 -4.79 -3.13
C HIS Z 76 54.26 -3.43 -3.45
N PHE Z 77 53.58 -2.65 -4.30
CA PHE Z 77 54.06 -1.32 -4.67
C PHE Z 77 54.38 -0.45 -3.47
N ASP Z 78 53.51 -0.47 -2.46
CA ASP Z 78 53.71 0.39 -1.29
C ASP Z 78 54.52 -0.18 -0.15
N HIS Z 79 54.77 -1.49 -0.15
CA HIS Z 79 55.54 -2.05 0.95
C HIS Z 79 56.69 -2.94 0.53
N ASN Z 80 57.47 -2.41 -0.40
CA ASN Z 80 58.64 -3.10 -0.89
C ASN Z 80 58.35 -4.59 -1.09
N ASP Z 81 57.52 -4.89 -2.08
CA ASP Z 81 57.16 -6.27 -2.40
C ASP Z 81 56.93 -7.25 -1.26
N LYS Z 82 56.55 -6.74 -0.09
CA LYS Z 82 56.26 -7.61 1.04
C LYS Z 82 55.10 -8.56 0.69
N LYS Z 83 55.15 -9.76 1.25
CA LYS Z 83 54.10 -10.73 0.98
C LYS Z 83 52.89 -10.40 1.85
N LEU Z 84 51.70 -10.56 1.27
CA LEU Z 84 50.47 -10.29 1.98
C LEU Z 84 50.05 -11.56 2.71
N SER Z 85 50.23 -11.57 4.02
CA SER Z 85 49.87 -12.74 4.80
C SER Z 85 48.35 -12.84 4.76
N ILE Z 86 47.85 -14.07 4.74
CA ILE Z 86 46.42 -14.35 4.68
C ILE Z 86 45.61 -13.67 5.78
N ASN Z 87 46.21 -13.46 6.94
CA ASN Z 87 45.50 -12.79 8.02
C ASN Z 87 45.33 -11.32 7.64
N SER Z 88 46.33 -10.78 6.93
CA SER Z 88 46.30 -9.40 6.52
C SER Z 88 45.35 -9.19 5.34
N ALA Z 89 45.28 -10.20 4.46
CA ALA Z 89 44.38 -10.15 3.33
C ALA Z 89 42.95 -10.12 3.89
N ALA Z 90 42.73 -10.94 4.92
CA ALA Z 90 41.43 -11.01 5.56
C ALA Z 90 40.97 -9.67 6.09
N ARG Z 91 41.81 -8.98 6.86
CA ARG Z 91 41.43 -7.67 7.39
C ARG Z 91 41.19 -6.69 6.25
N ASN Z 92 41.99 -6.83 5.20
CA ASN Z 92 41.87 -5.95 4.06
C ASN Z 92 40.49 -6.14 3.43
N ILE Z 93 40.12 -7.39 3.16
CA ILE Z 93 38.83 -7.69 2.56
C ILE Z 93 37.68 -7.19 3.43
N GLN Z 94 37.84 -7.27 4.75
CA GLN Z 94 36.80 -6.78 5.64
C GLN Z 94 36.50 -5.32 5.34
N HIS Z 95 37.55 -4.54 5.13
CA HIS Z 95 37.38 -3.13 4.85
C HIS Z 95 36.80 -2.88 3.48
N LEU Z 96 37.13 -3.74 2.52
CA LEU Z 96 36.61 -3.60 1.15
C LEU Z 96 35.11 -3.80 1.21
N LEU Z 97 34.69 -4.81 1.96
CA LEU Z 97 33.28 -5.12 2.11
C LEU Z 97 32.53 -4.08 2.93
N TYR Z 98 33.11 -3.68 4.07
CA TYR Z 98 32.43 -2.71 4.91
C TYR Z 98 32.33 -1.34 4.26
N GLY Z 99 33.15 -1.11 3.25
CA GLY Z 99 33.09 0.17 2.58
C GLY Z 99 31.75 0.33 1.89
N LYS Z 100 31.09 -0.78 1.57
CA LYS Z 100 29.80 -0.78 0.90
C LYS Z 100 28.70 -1.27 1.83
N ARG Z 101 28.86 -0.97 3.11
CA ARG Z 101 27.91 -1.36 4.15
C ARG Z 101 26.48 -0.95 3.84
N PHE Z 102 26.29 0.11 3.06
CA PHE Z 102 24.94 0.57 2.78
C PHE Z 102 24.48 0.36 1.35
N PHE Z 103 25.17 -0.53 0.66
CA PHE Z 103 24.89 -0.95 -0.72
C PHE Z 103 25.92 -2.03 -0.93
N PRO Z 104 25.81 -3.11 -0.15
CA PRO Z 104 26.67 -4.30 -0.10
C PRO Z 104 26.89 -5.09 -1.36
N TYR Z 105 28.02 -5.78 -1.35
CA TYR Z 105 28.41 -6.70 -2.39
C TYR Z 105 27.59 -7.90 -1.93
N TYR Z 106 26.63 -8.32 -2.72
CA TYR Z 106 25.80 -9.44 -2.32
C TYR Z 106 26.53 -10.76 -2.54
N VAL Z 107 27.54 -11.02 -1.71
CA VAL Z 107 28.31 -12.24 -1.84
C VAL Z 107 28.74 -12.77 -0.50
N HIS Z 108 29.06 -14.06 -0.49
CA HIS Z 108 29.56 -14.74 0.69
C HIS Z 108 30.97 -15.05 0.21
N THR Z 109 31.97 -14.43 0.82
CA THR Z 109 33.31 -14.66 0.35
C THR Z 109 34.18 -15.51 1.29
N ILE Z 110 35.03 -16.33 0.68
CA ILE Z 110 35.92 -17.22 1.42
C ILE Z 110 37.30 -17.18 0.78
N ILE Z 111 38.34 -17.14 1.61
CA ILE Z 111 39.70 -17.16 1.10
C ILE Z 111 40.46 -18.29 1.81
N ALA Z 112 41.43 -18.86 1.11
CA ALA Z 112 42.22 -19.94 1.68
C ALA Z 112 43.70 -19.75 1.40
N GLY Z 113 44.52 -20.32 2.27
CA GLY Z 113 45.96 -20.24 2.12
C GLY Z 113 46.66 -20.83 3.32
N LEU Z 114 47.85 -20.32 3.63
CA LEU Z 114 48.61 -20.81 4.77
C LEU Z 114 48.91 -19.61 5.64
N ASP Z 115 48.84 -19.76 6.96
CA ASP Z 115 49.12 -18.64 7.83
C ASP Z 115 50.62 -18.47 7.89
N GLU Z 116 51.08 -17.59 8.78
CA GLU Z 116 52.51 -17.34 8.89
C GLU Z 116 53.35 -18.44 9.53
N ASP Z 117 52.71 -19.53 9.95
CA ASP Z 117 53.42 -20.66 10.55
C ASP Z 117 53.36 -21.84 9.61
N GLY Z 118 52.84 -21.60 8.41
CA GLY Z 118 52.72 -22.65 7.42
C GLY Z 118 51.49 -23.52 7.59
N LYS Z 119 50.66 -23.22 8.58
CA LYS Z 119 49.44 -23.99 8.83
C LYS Z 119 48.32 -23.61 7.86
N GLY Z 120 47.47 -24.58 7.52
CA GLY Z 120 46.36 -24.32 6.60
C GLY Z 120 45.39 -23.31 7.19
N ALA Z 121 44.83 -22.44 6.34
CA ALA Z 121 43.91 -21.43 6.82
C ALA Z 121 42.77 -21.00 5.90
N VAL Z 122 41.58 -20.92 6.47
CA VAL Z 122 40.39 -20.51 5.75
C VAL Z 122 39.70 -19.37 6.50
N TYR Z 123 39.24 -18.38 5.75
CA TYR Z 123 38.55 -17.23 6.33
C TYR Z 123 37.25 -17.06 5.55
N SER Z 124 36.13 -16.95 6.24
CA SER Z 124 34.87 -16.76 5.55
C SER Z 124 34.32 -15.40 5.95
N PHE Z 125 33.79 -14.69 4.96
CA PHE Z 125 33.24 -13.36 5.17
C PHE Z 125 31.76 -13.24 4.98
N ASP Z 126 31.24 -12.20 5.63
CA ASP Z 126 29.86 -11.80 5.66
C ASP Z 126 29.67 -10.86 4.47
N PRO Z 127 28.43 -10.69 3.98
CA PRO Z 127 28.31 -9.76 2.86
C PRO Z 127 28.79 -8.36 3.22
N VAL Z 128 28.69 -8.00 4.50
CA VAL Z 128 29.12 -6.66 4.90
C VAL Z 128 30.41 -6.60 5.72
N GLY Z 129 31.27 -7.60 5.58
CA GLY Z 129 32.55 -7.53 6.27
C GLY Z 129 32.83 -8.31 7.52
N SER Z 130 31.82 -8.92 8.12
CA SER Z 130 32.05 -9.69 9.32
C SER Z 130 32.91 -10.90 8.90
N TYR Z 131 33.95 -11.23 9.65
CA TYR Z 131 34.78 -12.38 9.25
C TYR Z 131 35.35 -13.20 10.40
N GLU Z 132 35.75 -14.43 10.10
CA GLU Z 132 36.24 -15.33 11.13
C GLU Z 132 37.17 -16.38 10.49
N ARG Z 133 38.20 -16.79 11.21
CA ARG Z 133 39.06 -17.83 10.66
C ARG Z 133 38.36 -19.12 11.05
N GLU Z 134 38.24 -20.05 10.11
CA GLU Z 134 37.54 -21.30 10.35
C GLU Z 134 38.28 -22.53 9.81
N GLN Z 135 37.81 -23.71 10.22
CA GLN Z 135 38.42 -24.97 9.80
C GLN Z 135 37.93 -25.28 8.38
N CYS Z 136 36.62 -25.24 8.21
CA CYS Z 136 36.02 -25.49 6.91
C CYS Z 136 34.70 -24.74 6.85
N ARG Z 137 34.36 -24.28 5.66
CA ARG Z 137 33.13 -23.52 5.46
C ARG Z 137 32.60 -23.63 4.04
N ALA Z 138 31.34 -24.00 3.93
CA ALA Z 138 30.70 -24.09 2.63
C ALA Z 138 29.93 -22.78 2.49
N GLY Z 139 29.81 -22.28 1.27
CA GLY Z 139 29.10 -21.05 1.04
C GLY Z 139 28.27 -21.11 -0.22
N GLY Z 140 27.09 -20.50 -0.18
CA GLY Z 140 26.26 -20.52 -1.37
C GLY Z 140 25.04 -21.40 -1.30
N ALA Z 141 24.48 -21.66 -2.47
CA ALA Z 141 23.27 -22.46 -2.64
C ALA Z 141 23.13 -23.72 -1.78
N ALA Z 142 24.08 -24.65 -1.85
CA ALA Z 142 23.99 -25.90 -1.09
C ALA Z 142 24.70 -25.89 0.27
N ALA Z 143 25.05 -24.71 0.75
CA ALA Z 143 25.75 -24.59 2.02
C ALA Z 143 25.07 -25.37 3.16
N SER Z 144 23.75 -25.30 3.22
CA SER Z 144 22.98 -25.98 4.27
C SER Z 144 23.03 -27.50 4.13
N LEU Z 145 23.27 -27.99 2.92
CA LEU Z 145 23.35 -29.42 2.71
C LEU Z 145 24.73 -29.96 3.04
N ILE Z 146 25.75 -29.11 2.88
CA ILE Z 146 27.12 -29.55 3.12
C ILE Z 146 27.67 -29.36 4.54
N MET Z 147 27.37 -28.25 5.20
CA MET Z 147 27.91 -28.03 6.53
C MET Z 147 27.65 -29.14 7.54
N PRO Z 148 26.40 -29.66 7.61
CA PRO Z 148 26.11 -30.73 8.56
C PRO Z 148 27.06 -31.89 8.34
N PHE Z 149 27.24 -32.24 7.07
CA PHE Z 149 28.12 -33.33 6.66
C PHE Z 149 29.55 -33.12 7.17
N LEU Z 150 30.07 -31.93 6.91
CA LEU Z 150 31.41 -31.58 7.35
C LEU Z 150 31.54 -31.60 8.87
N ASP Z 151 30.52 -31.16 9.60
CA ASP Z 151 30.61 -31.19 11.06
C ASP Z 151 30.80 -32.63 11.53
N ASN Z 152 30.15 -33.55 10.83
CA ASN Z 152 30.20 -34.96 11.17
C ASN Z 152 31.49 -35.65 10.71
N GLN Z 153 31.86 -35.45 9.45
CA GLN Z 153 33.03 -36.11 8.88
C GLN Z 153 34.38 -35.42 9.01
N VAL Z 154 34.40 -34.16 9.43
CA VAL Z 154 35.66 -33.45 9.56
C VAL Z 154 35.97 -33.16 11.01
N ASN Z 155 34.95 -32.81 11.79
CA ASN Z 155 35.16 -32.52 13.21
C ASN Z 155 34.59 -33.63 14.07
N PHE Z 156 34.22 -34.73 13.43
CA PHE Z 156 33.67 -35.91 14.09
C PHE Z 156 32.61 -35.60 15.14
N LYS Z 157 31.73 -34.66 14.83
CA LYS Z 157 30.67 -34.28 15.76
C LYS Z 157 29.64 -35.41 15.92
N ASN Z 158 29.18 -35.60 17.16
CA ASN Z 158 28.21 -36.64 17.49
C ASN Z 158 28.74 -38.07 17.37
N GLN Z 159 30.03 -38.21 17.11
CA GLN Z 159 30.64 -39.52 16.99
C GLN Z 159 31.48 -39.85 18.22
N TYR Z 160 31.17 -40.97 18.86
CA TYR Z 160 31.88 -41.40 20.05
C TYR Z 160 32.61 -42.75 19.86
N GLU Z 161 33.42 -43.11 20.85
CA GLU Z 161 34.16 -44.37 20.81
C GLU Z 161 33.25 -45.57 21.05
N PRO Z 162 33.18 -46.48 20.07
CA PRO Z 162 32.33 -47.66 20.23
C PRO Z 162 32.61 -48.36 21.55
N GLY Z 163 31.56 -48.55 22.34
CA GLY Z 163 31.72 -49.21 23.62
C GLY Z 163 31.90 -48.30 24.81
N THR Z 164 32.24 -47.04 24.60
CA THR Z 164 32.44 -46.12 25.73
C THR Z 164 31.14 -45.52 26.28
N ASN Z 165 30.02 -45.94 25.71
CA ASN Z 165 28.73 -45.43 26.16
C ASN Z 165 28.69 -43.93 25.90
N GLY Z 166 29.16 -43.53 24.71
CA GLY Z 166 29.19 -42.12 24.36
C GLY Z 166 29.91 -41.27 25.38
N LYS Z 167 30.77 -41.91 26.17
CA LYS Z 167 31.53 -41.21 27.20
C LYS Z 167 32.88 -40.71 26.68
N VAL Z 168 33.33 -41.29 25.57
CA VAL Z 168 34.61 -40.89 24.97
C VAL Z 168 34.40 -40.46 23.52
N LYS Z 169 34.72 -39.21 23.22
CA LYS Z 169 34.56 -38.67 21.87
C LYS Z 169 35.59 -39.26 20.91
N LYS Z 170 35.18 -39.45 19.66
CA LYS Z 170 36.08 -39.99 18.66
C LYS Z 170 37.19 -38.96 18.50
N PRO Z 171 38.46 -39.38 18.67
CA PRO Z 171 39.63 -38.49 18.55
C PRO Z 171 39.70 -37.72 17.23
N LEU Z 172 40.11 -36.46 17.33
CA LEU Z 172 40.21 -35.57 16.18
C LEU Z 172 41.45 -35.71 15.28
N LYS Z 173 41.86 -36.94 14.98
CA LYS Z 173 43.02 -37.16 14.11
C LYS Z 173 42.81 -36.35 12.84
N TYR Z 174 43.83 -35.63 12.35
CA TYR Z 174 43.60 -34.83 11.16
C TYR Z 174 43.94 -35.41 9.80
N LEU Z 175 43.06 -35.05 8.86
CA LEU Z 175 43.08 -35.51 7.48
C LEU Z 175 44.18 -34.97 6.59
N SER Z 176 44.51 -35.78 5.59
CA SER Z 176 45.52 -35.45 4.59
C SER Z 176 44.79 -34.79 3.44
N VAL Z 177 45.54 -34.23 2.49
CA VAL Z 177 44.92 -33.57 1.36
C VAL Z 177 44.09 -34.54 0.52
N GLU Z 178 44.52 -35.80 0.44
CA GLU Z 178 43.81 -36.80 -0.35
C GLU Z 178 42.46 -37.13 0.27
N GLU Z 179 42.42 -37.18 1.60
CA GLU Z 179 41.19 -37.51 2.30
C GLU Z 179 40.24 -36.33 2.23
N VAL Z 180 40.80 -35.12 2.27
CA VAL Z 180 39.98 -33.91 2.19
C VAL Z 180 39.36 -33.78 0.81
N ILE Z 181 40.11 -34.13 -0.22
CA ILE Z 181 39.57 -34.03 -1.58
C ILE Z 181 38.38 -34.98 -1.74
N LYS Z 182 38.44 -36.12 -1.06
CA LYS Z 182 37.36 -37.09 -1.13
C LYS Z 182 36.08 -36.50 -0.54
N LEU Z 183 36.22 -35.90 0.64
CA LEU Z 183 35.09 -35.28 1.32
C LEU Z 183 34.52 -34.18 0.44
N VAL Z 184 35.39 -33.41 -0.18
CA VAL Z 184 34.96 -32.32 -1.03
C VAL Z 184 34.13 -32.87 -2.19
N ARG Z 185 34.67 -33.87 -2.89
CA ARG Z 185 33.97 -34.46 -4.02
C ARG Z 185 32.64 -35.07 -3.64
N ASP Z 186 32.62 -35.83 -2.54
CA ASP Z 186 31.37 -36.42 -2.09
C ASP Z 186 30.39 -35.30 -1.74
N SER Z 187 30.89 -34.26 -1.09
CA SER Z 187 30.07 -33.12 -0.71
C SER Z 187 29.35 -32.53 -1.90
N PHE Z 188 30.03 -32.46 -3.04
CA PHE Z 188 29.42 -31.88 -4.22
C PHE Z 188 28.52 -32.81 -5.01
N THR Z 189 28.88 -34.09 -5.08
CA THR Z 189 28.05 -35.03 -5.82
C THR Z 189 26.74 -35.14 -5.07
N SER Z 190 26.80 -35.04 -3.74
CA SER Z 190 25.58 -35.10 -2.94
C SER Z 190 24.77 -33.84 -3.19
N ALA Z 191 25.43 -32.70 -3.09
CA ALA Z 191 24.76 -31.44 -3.30
C ALA Z 191 24.15 -31.40 -4.72
N THR Z 192 24.86 -31.98 -5.68
CA THR Z 192 24.39 -32.01 -7.07
C THR Z 192 23.09 -32.79 -7.23
N GLU Z 193 22.92 -33.82 -6.40
CA GLU Z 193 21.72 -34.65 -6.42
C GLU Z 193 20.47 -33.94 -5.88
N ARG Z 194 20.65 -33.12 -4.86
CA ARG Z 194 19.52 -32.44 -4.22
C ARG Z 194 19.28 -30.97 -4.49
N HIS Z 195 20.24 -30.29 -5.08
CA HIS Z 195 20.07 -28.88 -5.36
C HIS Z 195 20.15 -28.62 -6.84
N ILE Z 196 19.14 -27.96 -7.39
CA ILE Z 196 19.10 -27.72 -8.83
C ILE Z 196 20.09 -26.70 -9.36
N GLN Z 197 20.76 -25.96 -8.46
CA GLN Z 197 21.72 -24.96 -8.89
C GLN Z 197 23.15 -25.48 -8.84
N VAL Z 198 23.32 -26.72 -8.40
CA VAL Z 198 24.65 -27.30 -8.31
C VAL Z 198 24.86 -28.40 -9.34
N GLY Z 199 25.95 -28.28 -10.09
CA GLY Z 199 26.26 -29.29 -11.10
C GLY Z 199 27.26 -28.85 -12.15
N ASP Z 200 27.30 -29.61 -13.24
CA ASP Z 200 28.18 -29.36 -14.38
C ASP Z 200 29.65 -29.68 -14.12
N GLY Z 201 30.27 -29.00 -13.15
CA GLY Z 201 31.66 -29.24 -12.85
C GLY Z 201 32.14 -28.74 -11.50
N LEU Z 202 33.21 -29.35 -11.01
CA LEU Z 202 33.82 -29.00 -9.73
C LEU Z 202 35.29 -28.68 -9.96
N GLU Z 203 35.69 -27.47 -9.57
CA GLU Z 203 37.08 -27.07 -9.72
C GLU Z 203 37.63 -26.81 -8.33
N ILE Z 204 38.76 -27.43 -8.02
CA ILE Z 204 39.37 -27.27 -6.70
C ILE Z 204 40.75 -26.65 -6.80
N LEU Z 205 41.05 -25.70 -5.92
CA LEU Z 205 42.37 -25.09 -5.89
C LEU Z 205 43.03 -25.49 -4.57
N ILE Z 206 44.19 -26.15 -4.66
CA ILE Z 206 44.92 -26.61 -3.48
C ILE Z 206 46.15 -25.73 -3.21
N VAL Z 207 46.27 -25.26 -1.97
CA VAL Z 207 47.37 -24.41 -1.55
C VAL Z 207 48.31 -25.09 -0.57
N THR Z 208 49.60 -25.11 -0.91
CA THR Z 208 50.64 -25.71 -0.07
C THR Z 208 51.84 -24.77 -0.11
N LYS Z 209 52.88 -25.10 0.63
CA LYS Z 209 54.08 -24.26 0.64
C LYS Z 209 54.69 -24.17 -0.75
N ASP Z 210 54.31 -25.08 -1.64
CA ASP Z 210 54.84 -25.09 -2.99
C ASP Z 210 53.98 -24.30 -3.96
N GLY Z 211 52.91 -23.69 -3.46
CA GLY Z 211 52.05 -22.91 -4.33
C GLY Z 211 50.61 -23.36 -4.49
N VAL Z 212 50.03 -22.98 -5.62
CA VAL Z 212 48.64 -23.27 -5.93
C VAL Z 212 48.49 -24.27 -7.07
N ARG Z 213 47.73 -25.34 -6.81
CA ARG Z 213 47.46 -26.39 -7.81
C ARG Z 213 45.95 -26.47 -8.08
N LYS Z 214 45.55 -26.93 -9.27
CA LYS Z 214 44.13 -27.05 -9.61
C LYS Z 214 43.73 -28.44 -10.07
N GLU Z 215 42.56 -28.88 -9.64
CA GLU Z 215 42.02 -30.19 -10.03
C GLU Z 215 40.59 -29.97 -10.53
N PHE Z 216 40.17 -30.75 -11.51
CA PHE Z 216 38.82 -30.60 -12.06
C PHE Z 216 38.08 -31.91 -12.23
N TYR Z 217 36.82 -31.92 -11.80
CA TYR Z 217 35.98 -33.10 -11.92
C TYR Z 217 34.62 -32.72 -12.47
N GLU Z 218 34.04 -33.58 -13.29
CA GLU Z 218 32.73 -33.31 -13.86
C GLU Z 218 31.64 -33.60 -12.84
N LEU Z 219 30.51 -32.92 -13.00
CA LEU Z 219 29.35 -33.12 -12.13
C LEU Z 219 28.15 -33.32 -13.06
N LYS Z 220 27.07 -33.90 -12.56
CA LYS Z 220 25.89 -34.13 -13.40
C LYS Z 220 25.37 -32.82 -14.00
N ARG Z 221 24.98 -32.89 -15.26
CA ARG Z 221 24.52 -31.70 -16.00
C ARG Z 221 23.02 -31.45 -16.08
N ASP Z 222 22.23 -32.14 -15.27
CA ASP Z 222 20.79 -31.95 -15.31
C ASP Z 222 20.29 -30.91 -14.30
N THR AA 1 17.25 4.81 -12.25
CA THR AA 1 16.32 3.69 -12.56
C THR AA 1 15.35 4.15 -13.62
N GLN AA 2 15.15 3.29 -14.61
CA GLN AA 2 14.31 3.61 -15.73
C GLN AA 2 13.51 2.40 -16.14
N GLN AA 3 12.86 2.50 -17.29
CA GLN AA 3 12.08 1.38 -17.82
C GLN AA 3 12.28 1.41 -19.32
N PRO AA 4 12.60 0.26 -19.92
CA PRO AA 4 12.80 0.21 -21.37
C PRO AA 4 11.54 0.62 -22.10
N ILE AA 5 11.69 1.19 -23.29
CA ILE AA 5 10.55 1.62 -24.09
C ILE AA 5 10.57 0.88 -25.43
N VAL AA 6 11.50 1.22 -26.31
CA VAL AA 6 11.62 0.55 -27.59
C VAL AA 6 12.64 -0.54 -27.34
N THR AA 7 12.27 -1.80 -27.57
CA THR AA 7 13.19 -2.89 -27.27
C THR AA 7 13.49 -3.89 -28.36
N GLY AA 8 14.64 -4.54 -28.25
CA GLY AA 8 15.03 -5.55 -29.22
C GLY AA 8 15.03 -6.86 -28.49
N THR AA 9 14.55 -7.91 -29.14
CA THR AA 9 14.50 -9.21 -28.50
C THR AA 9 15.82 -10.01 -28.53
N SER AA 10 15.73 -11.33 -28.58
CA SER AA 10 16.90 -12.21 -28.57
C SER AA 10 18.11 -11.87 -29.41
N VAL AA 11 19.27 -12.35 -28.93
CA VAL AA 11 20.55 -12.22 -29.60
C VAL AA 11 21.16 -13.59 -29.35
N ILE AA 12 21.34 -14.36 -30.42
CA ILE AA 12 21.91 -15.70 -30.30
C ILE AA 12 23.29 -15.79 -30.93
N SER AA 13 24.11 -16.71 -30.41
CA SER AA 13 25.47 -16.85 -30.92
C SER AA 13 26.08 -18.15 -30.46
N MET AA 14 27.17 -18.55 -31.12
CA MET AA 14 27.89 -19.77 -30.79
C MET AA 14 29.25 -19.71 -31.45
N LYS AA 15 30.19 -20.53 -30.99
CA LYS AA 15 31.49 -20.54 -31.61
C LYS AA 15 31.72 -21.87 -32.31
N TYR AA 16 32.43 -21.84 -33.43
CA TYR AA 16 32.77 -23.06 -34.18
C TYR AA 16 34.28 -23.15 -34.31
N ASP AA 17 34.77 -24.21 -34.96
CA ASP AA 17 36.22 -24.43 -35.10
C ASP AA 17 37.12 -23.24 -35.48
N ASN AA 18 36.68 -22.40 -36.42
CA ASN AA 18 37.50 -21.27 -36.87
C ASN AA 18 37.04 -19.88 -36.46
N GLY AA 19 35.90 -19.79 -35.79
CA GLY AA 19 35.43 -18.47 -35.37
C GLY AA 19 34.14 -18.52 -34.56
N VAL AA 20 33.33 -17.48 -34.70
CA VAL AA 20 32.08 -17.41 -33.99
C VAL AA 20 31.00 -16.84 -34.91
N ILE AA 21 29.76 -17.19 -34.63
CA ILE AA 21 28.63 -16.67 -35.41
C ILE AA 21 27.72 -15.97 -34.41
N ILE AA 22 27.02 -14.95 -34.88
CA ILE AA 22 26.11 -14.21 -34.03
C ILE AA 22 24.96 -13.64 -34.87
N ALA AA 23 23.75 -13.67 -34.33
CA ALA AA 23 22.59 -13.15 -35.06
C ALA AA 23 21.55 -12.45 -34.18
N ALA AA 24 20.72 -11.63 -34.83
CA ALA AA 24 19.67 -10.87 -34.16
C ALA AA 24 18.67 -10.35 -35.18
N ASP AA 25 17.38 -10.46 -34.90
CA ASP AA 25 16.39 -9.97 -35.86
C ASP AA 25 16.40 -8.46 -35.94
N ASN AA 26 15.66 -7.91 -36.90
CA ASN AA 26 15.66 -6.47 -37.12
C ASN AA 26 14.47 -5.72 -36.54
N LEU AA 27 13.98 -6.16 -35.39
CA LEU AA 27 12.83 -5.50 -34.80
C LEU AA 27 13.11 -4.60 -33.60
N GLY AA 28 12.32 -3.54 -33.53
CA GLY AA 28 12.38 -2.60 -32.43
C GLY AA 28 10.94 -2.51 -31.95
N SER AA 29 10.60 -3.31 -30.94
CA SER AA 29 9.23 -3.33 -30.41
C SER AA 29 8.97 -2.19 -29.45
N TYR AA 30 7.69 -1.85 -29.32
CA TYR AA 30 7.23 -0.77 -28.45
C TYR AA 30 6.07 -1.39 -27.66
N GLY AA 31 6.42 -2.24 -26.70
CA GLY AA 31 5.38 -2.90 -25.95
C GLY AA 31 4.90 -4.02 -26.85
N SER AA 32 3.60 -4.11 -27.08
CA SER AA 32 3.09 -5.17 -27.94
C SER AA 32 3.02 -4.71 -29.40
N LEU AA 33 3.34 -3.44 -29.65
CA LEU AA 33 3.33 -2.90 -31.01
C LEU AA 33 4.68 -3.14 -31.68
N LEU AA 34 4.69 -3.89 -32.77
CA LEU AA 34 5.94 -4.18 -33.49
C LEU AA 34 6.24 -2.96 -34.35
N ARG AA 35 6.57 -1.87 -33.67
CA ARG AA 35 6.83 -0.57 -34.29
C ARG AA 35 7.89 -0.35 -35.36
N PHE AA 36 9.14 -0.71 -35.09
CA PHE AA 36 10.20 -0.47 -36.06
C PHE AA 36 10.83 -1.72 -36.66
N ASN AA 37 10.87 -1.78 -37.99
CA ASN AA 37 11.43 -2.94 -38.67
C ASN AA 37 12.78 -2.86 -39.35
N GLY AA 38 13.42 -1.71 -39.37
CA GLY AA 38 14.73 -1.67 -40.01
C GLY AA 38 15.84 -1.46 -39.00
N VAL AA 39 15.69 -2.06 -37.82
CA VAL AA 39 16.68 -1.90 -36.76
C VAL AA 39 17.80 -2.91 -36.79
N GLU AA 40 19.02 -2.42 -36.92
CA GLU AA 40 20.18 -3.31 -36.94
C GLU AA 40 20.70 -3.36 -35.51
N ARG AA 41 20.66 -4.55 -34.92
CA ARG AA 41 21.10 -4.73 -33.54
C ARG AA 41 22.45 -5.42 -33.44
N LEU AA 42 23.15 -5.52 -34.56
CA LEU AA 42 24.49 -6.12 -34.60
C LEU AA 42 25.45 -5.01 -34.97
N ILE AA 43 26.37 -4.70 -34.05
CA ILE AA 43 27.33 -3.63 -34.23
C ILE AA 43 28.75 -4.11 -34.45
N PRO AA 44 29.24 -3.98 -35.70
CA PRO AA 44 30.61 -4.44 -35.94
C PRO AA 44 31.58 -3.39 -35.43
N VAL AA 45 32.68 -3.84 -34.83
CA VAL AA 45 33.70 -2.94 -34.32
C VAL AA 45 35.03 -3.39 -34.92
N GLY AA 46 35.47 -2.69 -35.95
CA GLY AA 46 36.71 -3.05 -36.62
C GLY AA 46 36.36 -4.20 -37.55
N ASP AA 47 37.22 -5.21 -37.61
CA ASP AA 47 36.92 -6.33 -38.49
C ASP AA 47 37.20 -7.66 -37.81
N ASN AA 48 37.12 -7.65 -36.48
CA ASN AA 48 37.35 -8.86 -35.70
C ASN AA 48 36.35 -8.93 -34.55
N THR AA 49 35.40 -7.99 -34.54
CA THR AA 49 34.42 -7.94 -33.48
C THR AA 49 33.04 -7.51 -33.91
N VAL AA 50 32.03 -8.19 -33.38
CA VAL AA 50 30.64 -7.82 -33.61
C VAL AA 50 29.93 -7.84 -32.27
N VAL AA 51 29.26 -6.73 -31.94
CA VAL AA 51 28.55 -6.63 -30.66
C VAL AA 51 27.05 -6.72 -30.92
N GLY AA 52 26.42 -7.74 -30.35
CA GLY AA 52 24.98 -7.92 -30.51
C GLY AA 52 24.28 -7.36 -29.28
N ILE AA 53 23.26 -6.52 -29.49
CA ILE AA 53 22.57 -5.89 -28.38
C ILE AA 53 21.06 -6.10 -28.33
N SER AA 54 20.55 -6.42 -27.14
CA SER AA 54 19.11 -6.59 -26.95
C SER AA 54 18.70 -5.68 -25.80
N GLY AA 55 17.43 -5.35 -25.74
CA GLY AA 55 16.97 -4.49 -24.67
C GLY AA 55 16.50 -3.15 -25.17
N ASP AA 56 16.72 -2.12 -24.37
CA ASP AA 56 16.30 -0.78 -24.72
C ASP AA 56 17.11 -0.27 -25.91
N ILE AA 57 16.40 0.11 -26.98
CA ILE AA 57 17.04 0.60 -28.18
C ILE AA 57 17.73 1.95 -28.03
N SER AA 58 17.12 2.87 -27.28
CA SER AA 58 17.75 4.19 -27.12
C SER AA 58 19.12 3.99 -26.43
N ASP AA 59 19.21 3.04 -25.51
CA ASP AA 59 20.48 2.78 -24.85
C ASP AA 59 21.43 2.10 -25.85
N MET AA 60 20.89 1.23 -26.71
CA MET AA 60 21.73 0.54 -27.71
C MET AA 60 22.44 1.58 -28.58
N GLN AA 61 21.68 2.57 -29.07
CA GLN AA 61 22.20 3.64 -29.90
C GLN AA 61 23.27 4.40 -29.13
N HIS AA 62 23.13 4.44 -27.81
CA HIS AA 62 24.12 5.12 -26.99
C HIS AA 62 25.36 4.24 -26.93
N ILE AA 63 25.18 2.92 -26.82
CA ILE AA 63 26.34 2.04 -26.78
C ILE AA 63 27.04 2.11 -28.14
N GLU AA 64 26.26 2.37 -29.18
CA GLU AA 64 26.81 2.47 -30.53
C GLU AA 64 27.78 3.63 -30.61
N ARG AA 65 27.32 4.78 -30.12
CA ARG AA 65 28.14 5.97 -30.13
C ARG AA 65 29.38 5.74 -29.29
N LEU AA 66 29.26 5.04 -28.17
CA LEU AA 66 30.43 4.78 -27.34
C LEU AA 66 31.44 3.96 -28.13
N LEU AA 67 30.96 2.96 -28.84
CA LEU AA 67 31.84 2.09 -29.62
C LEU AA 67 32.57 2.83 -30.74
N LYS AA 68 31.87 3.73 -31.44
CA LYS AA 68 32.50 4.51 -32.49
C LYS AA 68 33.64 5.34 -31.91
N ASP AA 69 33.40 5.94 -30.76
CA ASP AA 69 34.41 6.76 -30.08
C ASP AA 69 35.61 5.93 -29.66
N LEU AA 70 35.37 4.72 -29.19
CA LEU AA 70 36.47 3.88 -28.78
C LEU AA 70 37.42 3.73 -29.96
N VAL AA 71 36.86 3.49 -31.13
CA VAL AA 71 37.66 3.32 -32.34
C VAL AA 71 38.44 4.58 -32.66
N THR AA 72 37.78 5.74 -32.63
CA THR AA 72 38.44 7.01 -32.92
C THR AA 72 39.59 7.23 -31.93
N GLU AA 73 39.26 7.15 -30.65
CA GLU AA 73 40.23 7.33 -29.57
C GLU AA 73 41.42 6.39 -29.70
N ASN AA 74 41.17 5.14 -30.06
CA ASN AA 74 42.27 4.18 -30.18
C ASN AA 74 43.25 4.59 -31.28
N ALA AA 75 42.74 5.26 -32.30
CA ALA AA 75 43.56 5.69 -33.42
C ALA AA 75 44.53 6.81 -33.04
N TYR AA 76 44.10 7.69 -32.14
CA TYR AA 76 44.91 8.83 -31.70
C TYR AA 76 46.33 8.46 -31.23
N ASP AA 77 47.32 9.09 -31.87
CA ASP AA 77 48.72 8.88 -31.52
C ASP AA 77 49.04 7.40 -31.44
N ASN AA 78 48.48 6.63 -32.37
CA ASN AA 78 48.70 5.20 -32.39
C ASN AA 78 49.06 4.77 -33.80
N PRO AA 79 50.37 4.72 -34.10
CA PRO AA 79 50.83 4.33 -35.44
C PRO AA 79 50.53 2.86 -35.77
N LEU AA 80 50.08 2.10 -34.77
CA LEU AA 80 49.76 0.68 -34.94
C LEU AA 80 48.26 0.37 -34.78
N ALA AA 81 47.43 1.40 -34.95
CA ALA AA 81 45.98 1.28 -34.81
C ALA AA 81 45.34 0.22 -35.70
N ASP AA 82 45.95 -0.04 -36.85
CA ASP AA 82 45.41 -1.05 -37.76
C ASP AA 82 46.33 -2.27 -37.79
N ALA AA 83 47.13 -2.44 -36.74
CA ALA AA 83 48.05 -3.56 -36.66
C ALA AA 83 48.12 -4.12 -35.23
N GLU AA 84 49.33 -4.15 -34.67
CA GLU AA 84 49.51 -4.68 -33.32
C GLU AA 84 48.74 -3.98 -32.21
N GLU AA 85 48.31 -2.74 -32.45
CA GLU AA 85 47.57 -2.00 -31.42
C GLU AA 85 46.12 -1.68 -31.77
N ALA AA 86 45.51 -2.52 -32.60
CA ALA AA 86 44.12 -2.33 -32.96
C ALA AA 86 43.28 -2.92 -31.83
N LEU AA 87 42.00 -2.55 -31.80
CA LEU AA 87 41.09 -3.02 -30.78
C LEU AA 87 40.81 -4.53 -30.86
N GLU AA 88 41.06 -5.22 -29.75
CA GLU AA 88 40.80 -6.65 -29.65
C GLU AA 88 39.36 -6.83 -29.16
N PRO AA 89 38.75 -7.99 -29.42
CA PRO AA 89 37.38 -8.17 -28.95
C PRO AA 89 37.32 -8.11 -27.42
N SER AA 90 38.34 -8.65 -26.76
CA SER AA 90 38.36 -8.65 -25.30
C SER AA 90 38.44 -7.22 -24.74
N TYR AA 91 39.07 -6.31 -25.49
CA TYR AA 91 39.18 -4.94 -25.02
C TYR AA 91 37.78 -4.35 -25.07
N ILE AA 92 37.11 -4.50 -26.22
CA ILE AA 92 35.76 -3.99 -26.42
C ILE AA 92 34.85 -4.47 -25.29
N PHE AA 93 34.92 -5.76 -25.01
CA PHE AA 93 34.08 -6.33 -23.99
C PHE AA 93 34.35 -5.81 -22.58
N GLU AA 94 35.62 -5.84 -22.17
CA GLU AA 94 35.96 -5.38 -20.84
C GLU AA 94 35.51 -3.93 -20.63
N TYR AA 95 35.57 -3.13 -21.69
CA TYR AA 95 35.14 -1.74 -21.61
C TYR AA 95 33.65 -1.69 -21.30
N LEU AA 96 32.86 -2.32 -22.17
CA LEU AA 96 31.41 -2.38 -22.02
C LEU AA 96 31.01 -2.95 -20.66
N ALA AA 97 31.63 -4.06 -20.27
CA ALA AA 97 31.34 -4.68 -18.99
C ALA AA 97 31.53 -3.65 -17.88
N THR AA 98 32.64 -2.93 -17.96
CA THR AA 98 32.97 -1.91 -16.96
C THR AA 98 31.85 -0.89 -16.87
N VAL AA 99 31.42 -0.38 -18.01
CA VAL AA 99 30.36 0.62 -18.06
C VAL AA 99 29.05 0.08 -17.52
N MET AA 100 28.68 -1.12 -17.95
CA MET AA 100 27.43 -1.71 -17.50
C MET AA 100 27.38 -1.79 -15.97
N TYR AA 101 28.46 -2.27 -15.36
CA TYR AA 101 28.47 -2.38 -13.91
C TYR AA 101 28.48 -1.02 -13.18
N GLN AA 102 29.14 -0.03 -13.76
CA GLN AA 102 29.19 1.28 -13.14
C GLN AA 102 27.78 1.87 -13.15
N ARG AA 103 27.13 1.75 -14.29
CA ARG AA 103 25.76 2.26 -14.45
C ARG AA 103 24.77 1.57 -13.52
N ARG AA 104 24.90 0.26 -13.28
CA ARG AA 104 23.95 -0.38 -12.38
C ARG AA 104 24.26 0.07 -10.96
N SER AA 105 25.54 0.31 -10.69
CA SER AA 105 25.95 0.71 -9.35
C SER AA 105 25.52 2.14 -9.03
N LYS AA 106 25.16 2.90 -10.05
CA LYS AA 106 24.71 4.25 -9.82
C LYS AA 106 23.19 4.25 -9.92
N MET AA 107 22.61 3.06 -9.92
CA MET AA 107 21.15 2.90 -10.01
C MET AA 107 20.54 3.54 -11.25
N ASN AA 108 21.29 3.56 -12.34
CA ASN AA 108 20.81 4.12 -13.60
C ASN AA 108 21.46 3.27 -14.69
N PRO AA 109 20.93 2.07 -14.92
CA PRO AA 109 21.48 1.16 -15.94
C PRO AA 109 21.18 1.41 -17.39
N LEU AA 110 21.97 0.75 -18.22
CA LEU AA 110 21.81 0.75 -19.67
C LEU AA 110 21.01 -0.56 -19.75
N TRP AA 111 19.72 -0.43 -20.02
CA TRP AA 111 18.82 -1.56 -20.05
C TRP AA 111 19.02 -2.55 -21.21
N ASN AA 112 20.16 -3.22 -21.20
CA ASN AA 112 20.46 -4.15 -22.26
C ASN AA 112 21.07 -5.45 -21.80
N ALA AA 113 21.17 -6.36 -22.76
CA ALA AA 113 21.81 -7.66 -22.62
C ALA AA 113 22.70 -7.62 -23.85
N ILE AA 114 24.00 -7.82 -23.64
CA ILE AA 114 24.97 -7.75 -24.73
C ILE AA 114 25.83 -9.01 -24.92
N ILE AA 115 26.09 -9.35 -26.18
CA ILE AA 115 26.94 -10.47 -26.52
C ILE AA 115 28.05 -9.90 -27.39
N VAL AA 116 29.30 -10.12 -27.01
CA VAL AA 116 30.41 -9.65 -27.80
C VAL AA 116 31.06 -10.87 -28.43
N ALA AA 117 31.02 -10.91 -29.75
CA ALA AA 117 31.57 -12.03 -30.49
C ALA AA 117 32.73 -11.58 -31.37
N GLY AA 118 33.77 -12.40 -31.42
CA GLY AA 118 34.91 -12.05 -32.24
C GLY AA 118 36.09 -12.97 -32.14
N VAL AA 119 37.14 -12.62 -32.90
CA VAL AA 119 38.37 -13.41 -32.92
C VAL AA 119 39.56 -12.56 -32.46
N GLN AA 120 40.24 -13.05 -31.44
CA GLN AA 120 41.41 -12.38 -30.90
C GLN AA 120 42.55 -12.42 -31.92
N SER AA 121 43.55 -11.56 -31.73
CA SER AA 121 44.69 -11.48 -32.64
C SER AA 121 45.46 -12.79 -32.82
N ASN AA 122 45.46 -13.63 -31.79
CA ASN AA 122 46.16 -14.92 -31.85
C ASN AA 122 45.23 -16.01 -32.38
N GLY AA 123 44.12 -15.62 -32.98
CA GLY AA 123 43.18 -16.58 -33.54
C GLY AA 123 42.09 -17.11 -32.64
N ASP AA 124 42.25 -16.98 -31.32
CA ASP AA 124 41.24 -17.46 -30.37
C ASP AA 124 39.86 -16.86 -30.61
N GLN AA 125 38.83 -17.66 -30.32
CA GLN AA 125 37.46 -17.21 -30.47
C GLN AA 125 37.11 -16.46 -29.20
N PHE AA 126 36.26 -15.45 -29.32
CA PHE AA 126 35.84 -14.69 -28.16
C PHE AA 126 34.33 -14.57 -28.16
N LEU AA 127 33.73 -15.03 -27.06
CA LEU AA 127 32.30 -14.96 -26.92
C LEU AA 127 31.98 -14.74 -25.44
N ARG AA 128 31.51 -13.55 -25.11
CA ARG AA 128 31.17 -13.26 -23.72
C ARG AA 128 29.93 -12.37 -23.65
N TYR AA 129 29.18 -12.54 -22.57
CA TYR AA 129 27.94 -11.83 -22.32
C TYR AA 129 28.03 -10.87 -21.13
N VAL AA 130 27.32 -9.73 -21.23
CA VAL AA 130 27.25 -8.74 -20.15
C VAL AA 130 25.87 -8.09 -20.24
N ASN AA 131 25.25 -7.81 -19.10
CA ASN AA 131 23.92 -7.19 -19.08
C ASN AA 131 23.77 -5.99 -18.14
N LEU AA 132 22.57 -5.44 -18.08
CA LEU AA 132 22.28 -4.28 -17.24
C LEU AA 132 22.73 -4.39 -15.78
N LEU AA 133 22.89 -5.61 -15.28
CA LEU AA 133 23.35 -5.79 -13.89
C LEU AA 133 24.87 -5.81 -13.83
N GLY AA 134 25.52 -5.90 -15.00
CA GLY AA 134 26.96 -5.97 -15.03
C GLY AA 134 27.46 -7.40 -14.87
N VAL AA 135 26.53 -8.35 -14.93
CA VAL AA 135 26.85 -9.76 -14.83
C VAL AA 135 27.48 -10.24 -16.14
N THR AA 136 28.51 -11.08 -16.04
CA THR AA 136 29.19 -11.57 -17.22
C THR AA 136 29.50 -13.06 -17.17
N TYR AA 137 29.51 -13.69 -18.33
CA TYR AA 137 29.84 -15.11 -18.42
C TYR AA 137 30.11 -15.54 -19.86
N SER AA 138 30.79 -16.68 -19.97
CA SER AA 138 31.12 -17.25 -21.25
C SER AA 138 30.68 -18.69 -21.35
N SER AA 139 30.34 -19.11 -22.57
CA SER AA 139 29.89 -20.46 -22.85
C SER AA 139 30.02 -20.68 -24.35
N PRO AA 140 30.20 -21.94 -24.79
CA PRO AA 140 30.33 -22.22 -26.22
C PRO AA 140 29.18 -21.60 -27.01
N THR AA 141 28.03 -21.44 -26.33
CA THR AA 141 26.87 -20.81 -26.95
C THR AA 141 26.33 -19.78 -25.96
N LEU AA 142 25.72 -18.73 -26.47
CA LEU AA 142 25.16 -17.68 -25.63
C LEU AA 142 24.00 -17.04 -26.33
N ALA AA 143 22.93 -16.80 -25.58
CA ALA AA 143 21.76 -16.17 -26.15
C ALA AA 143 21.15 -15.28 -25.07
N THR AA 144 20.43 -14.24 -25.50
CA THR AA 144 19.80 -13.34 -24.53
C THR AA 144 18.29 -13.48 -24.58
N GLY AA 145 17.63 -13.09 -23.50
CA GLY AA 145 16.18 -13.16 -23.44
C GLY AA 145 15.58 -14.48 -23.84
N PHE AA 146 14.64 -14.43 -24.78
CA PHE AA 146 13.93 -15.61 -25.26
C PHE AA 146 14.82 -16.70 -25.85
N GLY AA 147 15.86 -16.29 -26.57
CA GLY AA 147 16.77 -17.23 -27.16
C GLY AA 147 17.53 -18.02 -26.09
N ALA AA 148 17.50 -17.54 -24.86
CA ALA AA 148 18.22 -18.25 -23.80
C ALA AA 148 17.48 -19.51 -23.50
N HIS AA 149 16.16 -19.44 -23.61
CA HIS AA 149 15.32 -20.58 -23.31
C HIS AA 149 15.16 -21.55 -24.48
N MET AA 150 15.02 -20.99 -25.68
CA MET AA 150 14.82 -21.80 -26.88
C MET AA 150 16.01 -22.02 -27.80
N ALA AA 151 16.91 -21.04 -27.93
CA ALA AA 151 18.06 -21.21 -28.80
C ALA AA 151 19.15 -22.06 -28.15
N ASN AA 152 19.55 -21.69 -26.93
CA ASN AA 152 20.60 -22.44 -26.27
C ASN AA 152 20.44 -23.94 -26.29
N PRO AA 153 19.23 -24.46 -26.01
CA PRO AA 153 19.07 -25.92 -26.03
C PRO AA 153 19.39 -26.52 -27.40
N LEU AA 154 19.04 -25.80 -28.47
CA LEU AA 154 19.32 -26.29 -29.81
C LEU AA 154 20.81 -26.22 -30.11
N LEU AA 155 21.37 -25.03 -30.00
CA LEU AA 155 22.79 -24.83 -30.25
C LEU AA 155 23.68 -25.75 -29.40
N ARG AA 156 23.25 -26.04 -28.18
CA ARG AA 156 24.04 -26.90 -27.30
C ARG AA 156 24.03 -28.35 -27.75
N LYS AA 157 23.13 -28.68 -28.66
CA LYS AA 157 23.05 -30.04 -29.19
C LYS AA 157 24.15 -30.24 -30.22
N VAL AA 158 24.76 -29.13 -30.64
CA VAL AA 158 25.85 -29.14 -31.63
C VAL AA 158 27.19 -29.03 -30.89
N VAL AA 159 27.28 -28.04 -30.00
CA VAL AA 159 28.47 -27.83 -29.19
C VAL AA 159 28.07 -27.91 -27.72
N ASP AA 160 28.07 -29.12 -27.18
CA ASP AA 160 27.66 -29.33 -25.79
C ASP AA 160 28.77 -28.95 -24.80
N ARG AA 161 30.02 -29.16 -25.19
CA ARG AA 161 31.13 -28.78 -24.33
C ARG AA 161 32.26 -28.25 -25.18
N GLU AA 162 33.32 -27.75 -24.55
CA GLU AA 162 34.46 -27.17 -25.26
C GLU AA 162 35.01 -28.04 -26.39
N SER AA 163 35.27 -29.31 -26.09
CA SER AA 163 35.82 -30.24 -27.08
C SER AA 163 35.01 -30.39 -28.37
N ASP AA 164 33.79 -29.88 -28.39
CA ASP AA 164 32.96 -29.97 -29.59
C ASP AA 164 33.26 -28.84 -30.57
N ILE AA 165 33.91 -27.78 -30.07
CA ILE AA 165 34.21 -26.63 -30.90
C ILE AA 165 35.01 -26.99 -32.15
N PRO AA 166 36.18 -27.63 -31.96
CA PRO AA 166 36.99 -28.00 -33.11
C PRO AA 166 36.30 -28.94 -34.12
N LYS AA 167 35.23 -29.60 -33.68
CA LYS AA 167 34.50 -30.53 -34.53
C LYS AA 167 33.32 -29.86 -35.23
N THR AA 168 33.14 -28.57 -35.00
CA THR AA 168 32.02 -27.87 -35.61
C THR AA 168 32.43 -26.93 -36.72
N THR AA 169 31.87 -27.13 -37.91
CA THR AA 169 32.21 -26.31 -39.06
C THR AA 169 31.27 -25.13 -39.19
N VAL AA 170 31.69 -24.13 -39.96
CA VAL AA 170 30.91 -22.93 -40.20
C VAL AA 170 29.53 -23.29 -40.77
N GLN AA 171 29.50 -24.29 -41.63
CA GLN AA 171 28.25 -24.74 -42.24
C GLN AA 171 27.29 -25.23 -41.18
N VAL AA 172 27.72 -26.24 -40.42
CA VAL AA 172 26.90 -26.81 -39.35
C VAL AA 172 26.42 -25.70 -38.42
N ALA AA 173 27.35 -24.87 -37.96
CA ALA AA 173 27.05 -23.77 -37.05
C ALA AA 173 26.04 -22.77 -37.63
N GLU AA 174 26.29 -22.26 -38.83
CA GLU AA 174 25.37 -21.29 -39.40
C GLU AA 174 23.99 -21.89 -39.60
N GLU AA 175 23.95 -23.21 -39.78
CA GLU AA 175 22.70 -23.90 -39.98
C GLU AA 175 21.92 -23.93 -38.66
N ALA AA 176 22.60 -24.34 -37.59
CA ALA AA 176 21.99 -24.43 -36.26
C ALA AA 176 21.37 -23.08 -35.92
N ILE AA 177 22.19 -22.03 -36.09
CA ILE AA 177 21.79 -20.65 -35.84
C ILE AA 177 20.62 -20.18 -36.69
N VAL AA 178 20.58 -20.57 -37.97
CA VAL AA 178 19.47 -20.16 -38.83
C VAL AA 178 18.17 -20.85 -38.44
N ASN AA 179 18.31 -22.08 -37.96
CA ASN AA 179 17.14 -22.85 -37.54
C ASN AA 179 16.58 -22.25 -36.25
N ALA AA 180 17.48 -21.88 -35.35
CA ALA AA 180 17.11 -21.28 -34.07
C ALA AA 180 16.31 -20.00 -34.32
N MET AA 181 16.72 -19.24 -35.32
CA MET AA 181 16.02 -18.00 -35.63
C MET AA 181 14.59 -18.31 -36.07
N ARG AA 182 14.40 -19.44 -36.75
CA ARG AA 182 13.07 -19.82 -37.20
C ARG AA 182 12.23 -20.19 -35.99
N VAL AA 183 12.76 -21.06 -35.14
CA VAL AA 183 12.06 -21.46 -33.93
C VAL AA 183 11.62 -20.23 -33.11
N LEU AA 184 12.51 -19.25 -32.99
CA LEU AA 184 12.17 -18.04 -32.24
C LEU AA 184 11.04 -17.27 -32.92
N TYR AA 185 10.96 -17.36 -34.25
CA TYR AA 185 9.90 -16.65 -34.94
C TYR AA 185 8.58 -17.38 -34.70
N TYR AA 186 8.69 -18.66 -34.38
CA TYR AA 186 7.51 -19.50 -34.12
C TYR AA 186 6.90 -19.23 -32.74
N ARG AA 187 7.75 -19.17 -31.72
CA ARG AA 187 7.26 -19.01 -30.37
C ARG AA 187 7.47 -17.70 -29.61
N ASP AA 188 8.28 -16.78 -30.13
CA ASP AA 188 8.51 -15.51 -29.46
C ASP AA 188 7.61 -14.46 -30.10
N ALA AA 189 6.65 -13.95 -29.32
CA ALA AA 189 5.69 -12.96 -29.82
C ALA AA 189 6.30 -11.59 -30.10
N ARG AA 190 7.57 -11.39 -29.78
CA ARG AA 190 8.20 -10.10 -30.03
C ARG AA 190 9.33 -10.23 -31.04
N SER AA 191 9.21 -11.18 -31.95
CA SER AA 191 10.25 -11.38 -32.96
C SER AA 191 9.78 -11.02 -34.35
N SER AA 192 10.75 -10.75 -35.21
CA SER AA 192 10.53 -10.40 -36.60
C SER AA 192 11.09 -11.54 -37.46
N ARG AA 193 10.62 -11.62 -38.70
CA ARG AA 193 11.06 -12.67 -39.62
C ARG AA 193 12.39 -12.30 -40.28
N ASN AA 194 12.72 -11.01 -40.29
CA ASN AA 194 13.96 -10.54 -40.88
C ASN AA 194 15.05 -10.42 -39.85
N PHE AA 195 16.28 -10.74 -40.24
CA PHE AA 195 17.37 -10.66 -39.31
C PHE AA 195 18.73 -10.51 -39.97
N SER AA 196 19.73 -10.20 -39.14
CA SER AA 196 21.09 -10.04 -39.61
C SER AA 196 21.92 -11.14 -38.97
N LEU AA 197 22.92 -11.60 -39.69
CA LEU AA 197 23.80 -12.65 -39.18
C LEU AA 197 25.21 -12.25 -39.51
N ALA AA 198 26.15 -12.59 -38.64
CA ALA AA 198 27.53 -12.24 -38.87
C ALA AA 198 28.48 -13.35 -38.43
N ILE AA 199 29.51 -13.56 -39.24
CA ILE AA 199 30.51 -14.55 -38.95
C ILE AA 199 31.85 -13.86 -38.83
N ILE AA 200 32.64 -14.30 -37.87
CA ILE AA 200 33.95 -13.75 -37.65
C ILE AA 200 34.85 -14.98 -37.61
N ASP AA 201 35.52 -15.19 -38.75
CA ASP AA 201 36.38 -16.34 -38.97
C ASP AA 201 37.84 -15.90 -38.98
N LYS AA 202 38.69 -16.63 -38.26
CA LYS AA 202 40.11 -16.30 -38.20
C LYS AA 202 40.83 -16.38 -39.55
N ASN AA 203 40.14 -16.89 -40.57
CA ASN AA 203 40.73 -16.99 -41.90
C ASN AA 203 40.01 -16.12 -42.92
N THR AA 204 38.67 -16.18 -42.94
CA THR AA 204 37.90 -15.38 -43.90
C THR AA 204 37.50 -13.99 -43.38
N GLY AA 205 37.85 -13.70 -42.12
CA GLY AA 205 37.53 -12.41 -41.53
C GLY AA 205 36.09 -12.25 -41.07
N LEU AA 206 35.56 -11.04 -41.24
CA LEU AA 206 34.19 -10.76 -40.82
C LEU AA 206 33.25 -10.72 -42.00
N THR AA 207 32.22 -11.56 -41.93
CA THR AA 207 31.20 -11.63 -42.98
C THR AA 207 29.89 -11.17 -42.35
N PHE AA 208 29.34 -10.06 -42.84
CA PHE AA 208 28.11 -9.53 -42.28
C PHE AA 208 26.95 -9.66 -43.25
N LYS AA 209 26.03 -10.57 -42.95
CA LYS AA 209 24.87 -10.79 -43.81
C LYS AA 209 23.61 -10.05 -43.35
N LYS AA 210 23.10 -9.18 -44.22
CA LYS AA 210 21.88 -8.42 -43.91
C LYS AA 210 20.67 -8.89 -44.71
N ASN AA 211 19.49 -8.59 -44.19
CA ASN AA 211 18.22 -8.94 -44.81
C ASN AA 211 17.90 -10.41 -45.01
N LEU AA 212 18.27 -11.22 -44.03
CA LEU AA 212 17.96 -12.64 -44.09
C LEU AA 212 16.47 -12.79 -43.73
N GLN AA 213 15.91 -13.97 -43.98
CA GLN AA 213 14.52 -14.24 -43.67
C GLN AA 213 14.33 -15.67 -43.24
N VAL AA 214 13.39 -15.88 -42.32
CA VAL AA 214 13.10 -17.24 -41.89
C VAL AA 214 12.39 -17.85 -43.08
N GLU AA 215 12.87 -19.01 -43.51
CA GLU AA 215 12.29 -19.71 -44.65
C GLU AA 215 12.09 -21.17 -44.28
N ASN AA 216 11.40 -21.91 -45.15
CA ASN AA 216 11.14 -23.34 -44.93
C ASN AA 216 10.39 -23.62 -43.63
N MET AA 217 9.30 -22.88 -43.41
CA MET AA 217 8.51 -23.05 -42.21
C MET AA 217 7.43 -24.10 -42.44
N LYS AA 218 6.93 -24.69 -41.36
CA LYS AA 218 5.87 -25.69 -41.43
C LYS AA 218 4.58 -25.12 -40.84
N TRP AA 219 3.57 -24.91 -41.69
CA TRP AA 219 2.29 -24.39 -41.25
C TRP AA 219 1.10 -25.20 -41.79
N ASP AA 220 1.35 -26.04 -42.79
CA ASP AA 220 0.30 -26.84 -43.41
C ASP AA 220 -0.59 -27.62 -42.43
N PHE AA 221 0.02 -28.25 -41.42
CA PHE AA 221 -0.74 -29.01 -40.44
C PHE AA 221 -1.79 -28.15 -39.70
N ALA AA 222 -1.70 -26.84 -39.86
CA ALA AA 222 -2.66 -25.94 -39.22
C ALA AA 222 -4.07 -26.18 -39.73
N LYS AA 223 -4.19 -26.57 -40.99
CA LYS AA 223 -5.51 -26.81 -41.61
C LYS AA 223 -6.25 -27.98 -40.99
N ASP AA 224 -5.50 -28.97 -40.52
CA ASP AA 224 -6.08 -30.17 -39.91
C ASP AA 224 -6.58 -29.93 -38.49
N ILE AA 225 -6.30 -28.76 -37.95
CA ILE AA 225 -6.69 -28.44 -36.59
C ILE AA 225 -7.91 -27.53 -36.52
N LYS AA 226 -8.97 -28.03 -35.90
CA LYS AA 226 -10.21 -27.24 -35.74
C LYS AA 226 -10.76 -27.40 -34.33
N GLY AA 227 -11.46 -26.38 -33.85
CA GLY AA 227 -12.02 -26.42 -32.51
C GLY AA 227 -10.94 -26.45 -31.46
N TYR AA 228 -11.32 -26.83 -30.23
CA TYR AA 228 -10.37 -26.91 -29.13
C TYR AA 228 -10.67 -28.12 -28.26
N GLY AA 229 -11.24 -29.16 -28.88
CA GLY AA 229 -11.56 -30.37 -28.16
C GLY AA 229 -12.57 -31.30 -28.81
N THR AA 230 -13.84 -30.92 -28.79
CA THR AA 230 -14.90 -31.75 -29.34
C THR AA 230 -15.43 -31.35 -30.72
N GLN AA 231 -15.16 -30.11 -31.13
CA GLN AA 231 -15.64 -29.65 -32.43
C GLN AA 231 -15.08 -30.50 -33.57
N LYS AA 232 -15.93 -30.83 -34.55
CA LYS AA 232 -15.51 -31.64 -35.68
C LYS AA 232 -15.24 -30.91 -37.00
N ILE AA 233 -15.89 -29.77 -37.21
CA ILE AA 233 -15.68 -29.04 -38.46
C ILE AA 233 -14.88 -27.74 -38.27
N THR BA 1 -3.85 12.95 -29.48
CA THR BA 1 -3.01 13.59 -30.53
C THR BA 1 -2.71 12.70 -31.70
N SER BA 2 -2.72 13.30 -32.88
CA SER BA 2 -2.41 12.61 -34.13
C SER BA 2 -1.49 13.52 -34.94
N ILE BA 3 -0.28 13.03 -35.19
CA ILE BA 3 0.72 13.79 -35.94
C ILE BA 3 1.50 12.86 -36.86
N MET BA 4 1.91 13.38 -38.01
CA MET BA 4 2.70 12.61 -38.97
C MET BA 4 3.53 13.51 -39.88
N ALA BA 5 4.59 12.93 -40.44
CA ALA BA 5 5.47 13.64 -41.35
C ALA BA 5 5.72 12.67 -42.50
N VAL BA 6 5.60 13.17 -43.74
CA VAL BA 6 5.78 12.34 -44.93
C VAL BA 6 6.70 12.95 -45.98
N THR BA 7 7.78 12.25 -46.33
CA THR BA 7 8.70 12.76 -47.34
C THR BA 7 8.10 12.42 -48.69
N PHE BA 8 8.35 13.26 -49.68
CA PHE BA 8 7.84 13.01 -51.02
C PHE BA 8 8.80 13.58 -52.06
N LYS BA 9 8.41 13.50 -53.32
CA LYS BA 9 9.25 13.98 -54.42
C LYS BA 9 9.94 15.34 -54.22
N ASP BA 10 9.18 16.38 -53.89
CA ASP BA 10 9.73 17.72 -53.73
C ASP BA 10 10.13 18.12 -52.32
N GLY BA 11 10.09 17.19 -51.37
CA GLY BA 11 10.45 17.55 -50.00
C GLY BA 11 9.72 16.76 -48.93
N VAL BA 12 9.01 17.45 -48.03
CA VAL BA 12 8.32 16.76 -46.95
C VAL BA 12 7.15 17.55 -46.42
N ILE BA 13 6.13 16.87 -45.90
CA ILE BA 13 4.99 17.58 -45.32
C ILE BA 13 4.70 17.12 -43.88
N LEU BA 14 4.34 18.07 -43.02
CA LEU BA 14 4.00 17.79 -41.64
C LEU BA 14 2.50 17.97 -41.45
N GLY BA 15 1.90 17.16 -40.57
CA GLY BA 15 0.47 17.28 -40.34
C GLY BA 15 0.09 16.95 -38.90
N ALA BA 16 -1.01 17.52 -38.43
CA ALA BA 16 -1.45 17.29 -37.05
C ALA BA 16 -2.87 17.74 -36.78
N ASP BA 17 -3.46 17.19 -35.72
CA ASP BA 17 -4.81 17.60 -35.33
C ASP BA 17 -4.58 18.86 -34.49
N SER BA 18 -5.64 19.51 -34.05
CA SER BA 18 -5.48 20.73 -33.28
C SER BA 18 -6.15 20.64 -31.92
N ARG BA 19 -6.02 19.47 -31.29
CA ARG BA 19 -6.64 19.26 -29.98
C ARG BA 19 -5.70 19.02 -28.81
N THR BA 20 -5.96 19.74 -27.71
CA THR BA 20 -5.19 19.56 -26.47
C THR BA 20 -6.28 19.31 -25.43
N THR BA 21 -6.13 18.24 -24.67
CA THR BA 21 -7.12 17.91 -23.67
C THR BA 21 -6.53 17.83 -22.27
N THR BA 22 -7.42 17.97 -21.30
CA THR BA 22 -7.09 17.85 -19.89
C THR BA 22 -8.26 16.93 -19.48
N GLY BA 23 -8.03 15.63 -19.54
CA GLY BA 23 -9.09 14.70 -19.23
C GLY BA 23 -9.99 14.66 -20.45
N ALA BA 24 -11.29 14.67 -20.25
CA ALA BA 24 -12.20 14.65 -21.39
C ALA BA 24 -12.51 16.04 -21.90
N TYR BA 25 -11.99 17.06 -21.22
CA TYR BA 25 -12.24 18.44 -21.63
C TYR BA 25 -11.25 18.88 -22.72
N ILE BA 26 -11.78 19.57 -23.73
CA ILE BA 26 -10.92 20.08 -24.79
C ILE BA 26 -10.48 21.47 -24.34
N ALA BA 27 -9.24 21.57 -23.87
CA ALA BA 27 -8.71 22.85 -23.41
C ALA BA 27 -8.46 23.80 -24.58
N ASN BA 28 -8.03 23.25 -25.72
CA ASN BA 28 -7.76 24.02 -26.92
C ASN BA 28 -8.19 23.19 -28.14
N ARG BA 29 -9.04 23.76 -28.98
CA ARG BA 29 -9.50 23.06 -30.18
C ARG BA 29 -8.84 23.58 -31.46
N VAL BA 30 -7.93 24.54 -31.32
CA VAL BA 30 -7.25 25.12 -32.47
C VAL BA 30 -5.73 25.17 -32.25
N THR BA 31 -5.24 24.21 -31.47
CA THR BA 31 -3.81 24.12 -31.16
C THR BA 31 -2.97 23.96 -32.41
N ASP BA 32 -1.73 24.45 -32.35
CA ASP BA 32 -0.81 24.32 -33.47
C ASP BA 32 0.36 23.44 -33.01
N LYS BA 33 0.31 22.17 -33.39
CA LYS BA 33 1.33 21.22 -32.98
C LYS BA 33 2.52 21.19 -33.91
N LEU BA 34 2.46 22.02 -34.96
CA LEU BA 34 3.53 22.09 -35.93
C LEU BA 34 4.40 23.29 -35.55
N THR BA 35 5.57 22.99 -34.99
CA THR BA 35 6.48 24.00 -34.51
C THR BA 35 7.77 24.14 -35.32
N ARG BA 36 8.16 25.39 -35.54
CA ARG BA 36 9.35 25.73 -36.32
C ARG BA 36 10.60 25.87 -35.46
N VAL BA 37 11.64 25.10 -35.75
CA VAL BA 37 12.89 25.20 -35.00
C VAL BA 37 13.95 25.85 -35.88
N HIS BA 38 13.61 26.01 -37.16
CA HIS BA 38 14.48 26.65 -38.15
C HIS BA 38 13.67 26.87 -39.43
N ASP BA 39 14.18 27.72 -40.30
CA ASP BA 39 13.50 28.03 -41.55
C ASP BA 39 12.94 26.82 -42.26
N LYS BA 40 13.76 25.79 -42.44
CA LYS BA 40 13.24 24.62 -43.12
C LYS BA 40 13.42 23.33 -42.33
N ILE BA 41 13.27 23.46 -41.01
CA ILE BA 41 13.34 22.33 -40.09
C ILE BA 41 12.24 22.56 -39.09
N TRP BA 42 11.19 21.74 -39.14
CA TRP BA 42 10.06 21.85 -38.21
C TRP BA 42 9.90 20.52 -37.47
N CYS BA 43 9.02 20.50 -36.49
CA CYS BA 43 8.77 19.28 -35.72
C CYS BA 43 7.28 19.14 -35.41
N CYS BA 44 6.87 17.91 -35.12
CA CYS BA 44 5.50 17.59 -34.74
C CYS BA 44 5.58 17.22 -33.27
N ARG BA 45 4.72 17.82 -32.46
CA ARG BA 45 4.74 17.56 -31.03
C ARG BA 45 3.57 16.77 -30.47
N SER BA 46 3.89 15.75 -29.67
CA SER BA 46 2.87 14.93 -29.01
C SER BA 46 3.39 14.57 -27.61
N GLY BA 47 2.46 14.26 -26.71
CA GLY BA 47 2.83 13.95 -25.34
C GLY BA 47 2.50 15.16 -24.49
N SER BA 48 3.44 15.59 -23.67
CA SER BA 48 3.23 16.75 -22.82
C SER BA 48 3.38 18.06 -23.60
N ALA BA 49 2.36 18.92 -23.54
CA ALA BA 49 2.43 20.19 -24.24
C ALA BA 49 3.54 21.01 -23.59
N ALA BA 50 3.59 21.02 -22.26
CA ALA BA 50 4.61 21.77 -21.56
C ALA BA 50 6.01 21.26 -21.90
N ASP BA 51 6.21 19.94 -21.85
CA ASP BA 51 7.53 19.40 -22.17
C ASP BA 51 7.95 19.64 -23.62
N THR BA 52 7.09 19.32 -24.57
CA THR BA 52 7.44 19.51 -25.98
C THR BA 52 7.72 20.97 -26.31
N GLN BA 53 7.01 21.91 -25.68
CA GLN BA 53 7.24 23.35 -25.92
C GLN BA 53 8.64 23.67 -25.40
N ALA BA 54 8.91 23.33 -24.15
CA ALA BA 54 10.21 23.61 -23.57
C ALA BA 54 11.32 22.99 -24.41
N ILE BA 55 11.11 21.76 -24.89
CA ILE BA 55 12.12 21.10 -25.71
C ILE BA 55 12.34 21.90 -27.01
N ALA BA 56 11.25 22.16 -27.73
CA ALA BA 56 11.33 22.90 -28.97
C ALA BA 56 12.01 24.26 -28.81
N ASP BA 57 11.55 25.02 -27.81
CA ASP BA 57 12.13 26.33 -27.55
C ASP BA 57 13.64 26.21 -27.41
N ILE BA 58 14.10 25.17 -26.72
CA ILE BA 58 15.54 25.01 -26.56
C ILE BA 58 16.23 24.61 -27.86
N VAL BA 59 15.63 23.71 -28.64
CA VAL BA 59 16.24 23.32 -29.90
C VAL BA 59 16.37 24.56 -30.81
N GLN BA 60 15.31 25.35 -30.90
CA GLN BA 60 15.35 26.56 -31.72
C GLN BA 60 16.52 27.43 -31.30
N TYR BA 61 16.69 27.60 -29.99
CA TYR BA 61 17.79 28.39 -29.47
C TYR BA 61 19.12 27.79 -29.92
N HIS BA 62 19.28 26.48 -29.73
CA HIS BA 62 20.51 25.80 -30.14
C HIS BA 62 20.82 25.91 -31.63
N LEU BA 63 19.79 25.84 -32.46
CA LEU BA 63 19.99 25.92 -33.90
C LEU BA 63 20.27 27.34 -34.34
N GLU BA 64 19.76 28.31 -33.57
CA GLU BA 64 20.01 29.71 -33.90
C GLU BA 64 21.49 30.00 -33.66
N LEU BA 65 22.02 29.53 -32.54
CA LEU BA 65 23.43 29.75 -32.24
C LEU BA 65 24.31 28.97 -33.20
N TYR BA 66 23.84 27.80 -33.62
CA TYR BA 66 24.58 26.96 -34.56
C TYR BA 66 24.72 27.72 -35.89
N THR BA 67 23.60 28.27 -36.35
CA THR BA 67 23.59 29.02 -37.60
C THR BA 67 24.56 30.20 -37.53
N SER BA 68 24.53 30.93 -36.42
CA SER BA 68 25.41 32.08 -36.24
C SER BA 68 26.86 31.72 -36.41
N GLN BA 69 27.22 30.49 -36.07
CA GLN BA 69 28.61 30.09 -36.17
C GLN BA 69 29.00 29.21 -37.33
N TYR BA 70 28.14 28.26 -37.70
CA TYR BA 70 28.49 27.34 -38.77
C TYR BA 70 27.54 27.29 -39.94
N GLY BA 71 26.61 28.23 -40.01
CA GLY BA 71 25.66 28.23 -41.11
C GLY BA 71 24.47 27.32 -40.88
N THR BA 72 23.64 27.15 -41.92
CA THR BA 72 22.44 26.32 -41.82
C THR BA 72 22.74 24.88 -41.41
N PRO BA 73 22.00 24.38 -40.41
CA PRO BA 73 22.16 23.02 -39.90
C PRO BA 73 21.39 22.00 -40.72
N SER BA 74 21.91 20.77 -40.74
CA SER BA 74 21.26 19.69 -41.47
C SER BA 74 20.11 19.19 -40.64
N THR BA 75 19.12 18.62 -41.31
CA THR BA 75 17.96 18.10 -40.62
C THR BA 75 18.43 17.06 -39.61
N GLU BA 76 19.46 16.31 -39.98
CA GLU BA 76 20.00 15.29 -39.09
C GLU BA 76 20.51 15.92 -37.80
N THR BA 77 21.17 17.07 -37.92
CA THR BA 77 21.71 17.77 -36.76
C THR BA 77 20.58 18.28 -35.86
N ALA BA 78 19.48 18.73 -36.43
CA ALA BA 78 18.36 19.19 -35.61
C ALA BA 78 17.80 18.00 -34.82
N ALA BA 79 17.63 16.87 -35.49
CA ALA BA 79 17.11 15.66 -34.85
C ALA BA 79 18.05 15.20 -33.75
N SER BA 80 19.34 15.46 -33.92
CA SER BA 80 20.33 15.07 -32.93
C SER BA 80 20.19 15.91 -31.66
N VAL BA 81 19.89 17.19 -31.82
CA VAL BA 81 19.75 18.05 -30.66
C VAL BA 81 18.49 17.64 -29.88
N PHE BA 82 17.40 17.36 -30.60
CA PHE BA 82 16.16 16.92 -29.98
C PHE BA 82 16.47 15.65 -29.21
N LYS BA 83 17.11 14.71 -29.88
CA LYS BA 83 17.45 13.43 -29.28
C LYS BA 83 18.22 13.60 -27.98
N GLU BA 84 19.27 14.42 -28.01
CA GLU BA 84 20.09 14.68 -26.85
C GLU BA 84 19.21 15.07 -25.64
N LEU BA 85 18.29 16.01 -25.86
CA LEU BA 85 17.40 16.48 -24.82
C LEU BA 85 16.43 15.42 -24.33
N CYS BA 86 15.89 14.63 -25.27
CA CYS BA 86 14.93 13.59 -24.90
C CYS BA 86 15.56 12.37 -24.24
N TYR BA 87 16.72 11.96 -24.71
CA TYR BA 87 17.38 10.79 -24.15
C TYR BA 87 17.95 11.08 -22.76
N GLU BA 88 18.73 12.14 -22.67
CA GLU BA 88 19.36 12.53 -21.43
C GLU BA 88 18.37 12.89 -20.31
N ASN BA 89 17.15 13.25 -20.68
CA ASN BA 89 16.14 13.62 -19.67
C ASN BA 89 14.90 12.74 -19.77
N LYS BA 90 15.08 11.49 -20.20
CA LYS BA 90 13.99 10.55 -20.36
C LYS BA 90 13.11 10.33 -19.13
N ASP BA 91 13.71 10.45 -17.95
CA ASP BA 91 12.99 10.25 -16.69
C ASP BA 91 12.00 11.34 -16.35
N ASN BA 92 12.21 12.54 -16.86
CA ASN BA 92 11.35 13.68 -16.56
C ASN BA 92 10.56 14.23 -17.73
N LEU BA 93 10.63 13.55 -18.86
CA LEU BA 93 9.91 14.04 -20.01
C LEU BA 93 8.94 13.03 -20.57
N THR BA 94 7.91 13.55 -21.22
CA THR BA 94 6.89 12.75 -21.88
C THR BA 94 6.71 13.51 -23.18
N ALA BA 95 7.60 13.22 -24.12
CA ALA BA 95 7.57 13.89 -25.40
C ALA BA 95 7.82 12.95 -26.57
N GLY BA 96 6.87 12.92 -27.50
CA GLY BA 96 7.00 12.11 -28.69
C GLY BA 96 7.20 13.17 -29.75
N ILE BA 97 8.35 13.19 -30.39
CA ILE BA 97 8.61 14.22 -31.40
C ILE BA 97 9.02 13.71 -32.78
N ILE BA 98 8.41 14.30 -33.82
CA ILE BA 98 8.82 13.95 -35.18
C ILE BA 98 9.47 15.18 -35.80
N VAL BA 99 10.71 15.03 -36.25
CA VAL BA 99 11.47 16.11 -36.86
C VAL BA 99 11.41 15.98 -38.40
N ALA BA 100 11.10 17.08 -39.07
CA ALA BA 100 11.00 17.08 -40.53
C ALA BA 100 11.68 18.29 -41.14
N GLY BA 101 12.59 18.06 -42.09
CA GLY BA 101 13.28 19.18 -42.70
C GLY BA 101 13.56 19.02 -44.18
N TYR BA 102 13.76 20.16 -44.85
CA TYR BA 102 14.07 20.16 -46.27
C TYR BA 102 15.45 20.74 -46.52
N ASP BA 103 16.28 19.92 -47.14
CA ASP BA 103 17.66 20.24 -47.47
C ASP BA 103 17.67 20.26 -49.00
N ASP BA 104 18.59 21.00 -49.59
CA ASP BA 104 18.66 21.04 -51.04
C ASP BA 104 19.39 19.83 -51.58
N LYS BA 105 20.37 19.37 -50.81
CA LYS BA 105 21.17 18.20 -51.16
C LYS BA 105 20.43 16.92 -50.80
N ASN BA 106 19.80 16.91 -49.62
CA ASN BA 106 19.07 15.75 -49.11
C ASN BA 106 17.56 15.74 -49.40
N LYS BA 107 17.03 16.89 -49.82
CA LYS BA 107 15.61 17.00 -50.10
C LYS BA 107 14.85 16.87 -48.76
N GLY BA 108 13.77 16.11 -48.74
CA GLY BA 108 13.02 15.94 -47.50
C GLY BA 108 13.55 14.81 -46.63
N GLU BA 109 13.47 14.98 -45.32
CA GLU BA 109 13.91 13.95 -44.37
C GLU BA 109 13.01 13.94 -43.14
N VAL BA 110 12.81 12.74 -42.60
CA VAL BA 110 11.99 12.57 -41.42
C VAL BA 110 12.66 11.70 -40.35
N TYR BA 111 12.73 12.24 -39.14
CA TYR BA 111 13.33 11.54 -38.00
C TYR BA 111 12.28 11.49 -36.90
N THR BA 112 12.00 10.30 -36.38
CA THR BA 112 11.03 10.18 -35.30
C THR BA 112 11.73 9.84 -33.99
N ILE BA 113 11.47 10.66 -32.96
CA ILE BA 113 12.05 10.46 -31.63
C ILE BA 113 10.92 10.04 -30.67
N PRO BA 114 10.77 8.72 -30.44
CA PRO BA 114 9.74 8.22 -29.53
C PRO BA 114 10.17 8.38 -28.07
N LEU BA 115 9.26 8.06 -27.17
CA LEU BA 115 9.48 8.19 -25.73
C LEU BA 115 10.85 7.92 -25.12
N GLY BA 116 11.44 6.77 -25.38
CA GLY BA 116 12.74 6.58 -24.75
C GLY BA 116 13.88 7.54 -25.13
N GLY BA 117 13.75 8.24 -26.25
CA GLY BA 117 14.83 9.12 -26.68
C GLY BA 117 15.64 8.54 -27.83
N SER BA 118 15.16 7.45 -28.43
CA SER BA 118 15.86 6.85 -29.57
C SER BA 118 15.48 7.63 -30.84
N VAL BA 119 16.30 7.50 -31.88
CA VAL BA 119 16.03 8.20 -33.14
C VAL BA 119 15.84 7.21 -34.28
N HIS BA 120 14.86 7.50 -35.15
CA HIS BA 120 14.57 6.63 -36.27
C HIS BA 120 14.28 7.44 -37.53
N LYS BA 121 15.13 7.29 -38.54
CA LYS BA 121 14.98 7.99 -39.81
C LYS BA 121 14.07 7.12 -40.66
N LEU BA 122 13.02 7.71 -41.21
CA LEU BA 122 12.07 6.95 -42.00
C LEU BA 122 11.50 7.75 -43.16
N PRO BA 123 10.88 7.06 -44.14
CA PRO BA 123 10.28 7.71 -45.31
C PRO BA 123 9.12 8.58 -44.83
N TYR BA 124 8.47 8.15 -43.76
CA TYR BA 124 7.36 8.88 -43.15
C TYR BA 124 7.18 8.29 -41.75
N ALA BA 125 6.49 9.03 -40.88
CA ALA BA 125 6.27 8.57 -39.52
C ALA BA 125 4.98 9.09 -38.98
N ILE BA 126 4.38 8.33 -38.07
CA ILE BA 126 3.13 8.72 -37.44
C ILE BA 126 3.30 8.58 -35.92
N ALA BA 127 2.55 9.36 -35.16
CA ALA BA 127 2.65 9.28 -33.70
C ALA BA 127 1.48 9.91 -32.97
N GLY BA 128 1.38 9.59 -31.68
CA GLY BA 128 0.30 10.10 -30.87
C GLY BA 128 -0.77 9.03 -30.71
N SER BA 129 -1.68 9.24 -29.78
CA SER BA 129 -2.73 8.27 -29.55
C SER BA 129 -3.47 7.89 -30.82
N GLY BA 130 -3.83 8.90 -31.63
CA GLY BA 130 -4.56 8.61 -32.85
C GLY BA 130 -3.85 7.78 -33.90
N SER BA 131 -2.53 7.71 -33.82
CA SER BA 131 -1.75 6.99 -34.81
C SER BA 131 -2.04 5.49 -34.84
N THR BA 132 -2.28 4.91 -33.68
CA THR BA 132 -2.51 3.46 -33.59
C THR BA 132 -3.58 2.96 -34.55
N PHE BA 133 -4.58 3.79 -34.78
CA PHE BA 133 -5.69 3.43 -35.64
C PHE BA 133 -5.37 3.50 -37.12
N ILE BA 134 -4.34 4.24 -37.48
CA ILE BA 134 -4.02 4.34 -38.89
C ILE BA 134 -2.74 3.62 -39.32
N TYR BA 135 -2.22 2.75 -38.46
CA TYR BA 135 -1.02 2.01 -38.82
C TYR BA 135 -1.30 1.19 -40.08
N GLY BA 136 -2.37 0.41 -40.08
CA GLY BA 136 -2.70 -0.39 -41.23
C GLY BA 136 -2.97 0.44 -42.48
N TYR BA 137 -3.77 1.50 -42.33
CA TYR BA 137 -4.10 2.35 -43.46
C TYR BA 137 -2.86 2.94 -44.11
N CYS BA 138 -2.02 3.57 -43.30
CA CYS BA 138 -0.80 4.19 -43.79
C CYS BA 138 0.15 3.18 -44.44
N ASP BA 139 0.32 2.03 -43.80
CA ASP BA 139 1.24 1.04 -44.34
C ASP BA 139 0.78 0.58 -45.71
N LYS BA 140 -0.54 0.56 -45.91
CA LYS BA 140 -1.10 0.13 -47.19
C LYS BA 140 -1.12 1.21 -48.24
N ASN BA 141 -1.28 2.48 -47.84
CA ASN BA 141 -1.34 3.56 -48.80
C ASN BA 141 -0.09 4.42 -49.04
N PHE BA 142 0.93 4.30 -48.20
CA PHE BA 142 2.13 5.11 -48.42
C PHE BA 142 2.95 4.60 -49.61
N ARG BA 143 3.48 5.55 -50.37
CA ARG BA 143 4.32 5.29 -51.53
C ARG BA 143 5.40 6.34 -51.53
N GLU BA 144 6.62 5.96 -51.91
CA GLU BA 144 7.72 6.90 -51.95
C GLU BA 144 7.66 7.75 -53.22
N ASN BA 145 8.12 8.99 -53.13
CA ASN BA 145 8.15 9.90 -54.26
C ASN BA 145 6.79 10.37 -54.77
N MET BA 146 5.83 10.50 -53.88
CA MET BA 146 4.49 10.97 -54.26
C MET BA 146 4.57 12.46 -54.61
N SER BA 147 3.57 12.96 -55.31
CA SER BA 147 3.52 14.37 -55.66
C SER BA 147 2.99 15.17 -54.47
N LYS BA 148 3.13 16.48 -54.51
CA LYS BA 148 2.62 17.29 -53.41
C LYS BA 148 1.14 17.04 -53.18
N GLU BA 149 0.35 16.96 -54.26
CA GLU BA 149 -1.09 16.75 -54.10
C GLU BA 149 -1.39 15.38 -53.50
N GLU BA 150 -0.68 14.35 -53.96
CA GLU BA 150 -0.91 13.02 -53.44
C GLU BA 150 -0.57 12.95 -51.96
N THR BA 151 0.57 13.56 -51.59
CA THR BA 151 1.02 13.56 -50.20
C THR BA 151 0.03 14.32 -49.30
N VAL BA 152 -0.46 15.46 -49.74
CA VAL BA 152 -1.43 16.19 -48.93
C VAL BA 152 -2.64 15.29 -48.74
N ASP BA 153 -3.00 14.54 -49.78
CA ASP BA 153 -4.14 13.64 -49.72
C ASP BA 153 -3.94 12.50 -48.75
N PHE BA 154 -2.75 11.90 -48.77
CA PHE BA 154 -2.41 10.82 -47.87
C PHE BA 154 -2.56 11.32 -46.42
N ILE BA 155 -1.94 12.46 -46.10
CA ILE BA 155 -1.99 13.00 -44.76
C ILE BA 155 -3.43 13.30 -44.39
N LYS BA 156 -4.16 13.96 -45.28
CA LYS BA 156 -5.55 14.32 -45.01
C LYS BA 156 -6.42 13.11 -44.68
N HIS BA 157 -6.30 12.04 -45.47
CA HIS BA 157 -7.09 10.84 -45.22
C HIS BA 157 -6.64 10.14 -43.93
N SER BA 158 -5.33 9.90 -43.82
CA SER BA 158 -4.79 9.25 -42.62
C SER BA 158 -5.26 9.94 -41.32
N LEU BA 159 -5.02 11.25 -41.23
CA LEU BA 159 -5.40 11.97 -40.04
C LEU BA 159 -6.90 11.99 -39.80
N SER BA 160 -7.69 12.16 -40.85
CA SER BA 160 -9.14 12.19 -40.63
C SER BA 160 -9.59 10.88 -39.98
N GLN BA 161 -8.90 9.80 -40.32
CA GLN BA 161 -9.25 8.51 -39.76
C GLN BA 161 -8.83 8.49 -38.31
N ALA BA 162 -7.61 8.94 -38.04
CA ALA BA 162 -7.10 8.99 -36.68
C ALA BA 162 -8.04 9.87 -35.84
N ILE BA 163 -8.43 11.01 -36.40
CA ILE BA 163 -9.32 11.90 -35.67
C ILE BA 163 -10.67 11.24 -35.41
N LYS BA 164 -11.09 10.41 -36.36
CA LYS BA 164 -12.37 9.72 -36.28
C LYS BA 164 -12.48 8.75 -35.11
N TRP BA 165 -11.47 7.93 -34.96
CA TRP BA 165 -11.46 6.92 -33.93
C TRP BA 165 -10.93 7.36 -32.58
N ASP BA 166 -10.01 8.32 -32.58
CA ASP BA 166 -9.42 8.80 -31.34
C ASP BA 166 -10.07 10.03 -30.72
N GLY BA 167 -10.68 9.86 -29.55
CA GLY BA 167 -11.30 10.97 -28.85
C GLY BA 167 -10.29 12.01 -28.44
N SER BA 168 -9.03 11.59 -28.40
CA SER BA 168 -7.94 12.50 -28.02
C SER BA 168 -7.44 13.32 -29.21
N SER BA 169 -8.11 13.22 -30.35
CA SER BA 169 -7.72 13.97 -31.54
C SER BA 169 -8.92 14.68 -32.11
N GLY BA 170 -8.71 15.81 -32.77
CA GLY BA 170 -9.83 16.53 -33.34
C GLY BA 170 -9.56 17.95 -33.79
N GLY BA 171 -10.65 18.68 -34.07
CA GLY BA 171 -10.53 20.06 -34.54
C GLY BA 171 -10.24 20.10 -36.02
N VAL BA 172 -9.20 20.82 -36.41
CA VAL BA 172 -8.82 20.94 -37.81
C VAL BA 172 -7.54 20.17 -38.07
N ILE BA 173 -7.22 19.98 -39.34
CA ILE BA 173 -5.99 19.29 -39.72
C ILE BA 173 -5.06 20.39 -40.23
N ARG BA 174 -3.89 20.52 -39.61
CA ARG BA 174 -2.92 21.52 -40.04
C ARG BA 174 -1.79 20.80 -40.78
N MET BA 175 -1.24 21.47 -41.77
CA MET BA 175 -0.13 20.88 -42.51
C MET BA 175 0.90 21.94 -42.83
N VAL BA 176 2.14 21.53 -42.94
CA VAL BA 176 3.21 22.45 -43.30
C VAL BA 176 4.02 21.78 -44.39
N VAL BA 177 4.11 22.45 -45.53
CA VAL BA 177 4.85 21.91 -46.67
C VAL BA 177 6.23 22.52 -46.73
N LEU BA 178 7.24 21.67 -46.75
CA LEU BA 178 8.64 22.11 -46.80
C LEU BA 178 9.30 21.64 -48.10
N THR BA 179 9.52 22.57 -49.01
CA THR BA 179 10.15 22.29 -50.30
C THR BA 179 11.15 23.40 -50.63
N ALA BA 180 11.87 23.25 -51.73
CA ALA BA 180 12.84 24.25 -52.15
C ALA BA 180 12.12 25.57 -52.42
N ALA BA 181 10.87 25.49 -52.83
CA ALA BA 181 10.06 26.67 -53.12
C ALA BA 181 9.75 27.50 -51.88
N GLY BA 182 9.84 26.91 -50.70
CA GLY BA 182 9.56 27.67 -49.48
C GLY BA 182 8.75 26.90 -48.44
N VAL BA 183 7.98 27.65 -47.66
CA VAL BA 183 7.19 27.06 -46.59
C VAL BA 183 5.71 27.40 -46.77
N GLU BA 184 4.88 26.37 -46.90
CA GLU BA 184 3.45 26.59 -47.07
C GLU BA 184 2.61 26.03 -45.93
N ARG BA 185 1.65 26.82 -45.47
CA ARG BA 185 0.75 26.44 -44.39
C ARG BA 185 -0.59 26.01 -44.96
N LEU BA 186 -1.05 24.84 -44.55
CA LEU BA 186 -2.34 24.34 -45.01
C LEU BA 186 -3.21 24.01 -43.81
N ILE BA 187 -4.51 24.20 -43.97
CA ILE BA 187 -5.47 23.90 -42.92
C ILE BA 187 -6.69 23.25 -43.58
N PHE BA 188 -7.28 22.29 -42.89
CA PHE BA 188 -8.46 21.61 -43.41
C PHE BA 188 -9.49 21.51 -42.29
N TYR BA 189 -10.70 21.95 -42.58
CA TYR BA 189 -11.76 21.96 -41.59
C TYR BA 189 -12.59 20.69 -41.52
N PRO BA 190 -13.31 20.51 -40.41
CA PRO BA 190 -14.16 19.35 -40.16
C PRO BA 190 -15.03 18.98 -41.35
N ASP BA 191 -15.87 19.92 -41.80
CA ASP BA 191 -16.77 19.68 -42.91
C ASP BA 191 -16.09 19.09 -44.14
N GLU BA 192 -14.78 19.22 -44.24
CA GLU BA 192 -14.10 18.65 -45.39
C GLU BA 192 -13.54 17.24 -45.14
N TYR BA 193 -12.67 17.09 -44.15
CA TYR BA 193 -12.07 15.79 -43.90
C TYR BA 193 -12.94 14.72 -43.23
N GLU BA 194 -14.05 15.13 -42.61
CA GLU BA 194 -14.91 14.15 -41.94
C GLU BA 194 -15.66 13.26 -42.93
N GLN BA 195 -16.02 13.80 -44.08
CA GLN BA 195 -16.75 13.01 -45.07
C GLN BA 195 -15.87 12.40 -46.16
N LEU BA 196 -14.59 12.19 -45.86
CA LEU BA 196 -13.68 11.61 -46.84
C LEU BA 196 -13.79 10.09 -46.79
C1 SA1 CA . 9.09 -26.44 -11.02
O2 SA1 CA . 8.46 -27.51 -11.72
C3 SA1 CA . 8.43 -28.73 -10.90
C4 SA1 CA . 9.79 -29.51 -11.04
C5 SA1 CA . 8.17 -28.08 -9.54
C6 SA1 CA . 6.67 -27.87 -9.62
O7 SA1 CA . 6.04 -27.09 -8.95
N8 SA1 CA . 6.17 -28.71 -10.55
C9 SA1 CA . 7.16 -29.57 -11.23
C10 SA1 CA . 6.96 -30.98 -10.57
C11 SA1 CA . 5.57 -31.61 -10.40
C12 SA1 CA . 5.64 -32.98 -9.76
C13 SA1 CA . 4.74 -33.95 -10.00
C14 SA1 CA . 3.56 -33.80 -10.95
C15 SA1 CA . 3.40 -32.38 -11.44
C16 SA1 CA . 4.72 -31.75 -11.69
O17 SA1 CA . 7.57 -30.93 -9.23
C18 SA1 CA . 6.87 -29.55 -12.65
O19 SA1 CA . 5.90 -28.94 -13.10
C20 SA1 CA . 8.94 -26.78 -9.54
C1 SA1 DA . -14.29 12.21 22.21
O2 SA1 DA . -15.22 11.83 23.25
C3 SA1 DA . -16.54 12.40 22.97
C4 SA1 DA . -16.62 13.87 23.53
C5 SA1 DA . -16.54 12.25 21.45
C6 SA1 DA . -16.94 10.81 21.32
O7 SA1 DA . -16.75 10.12 20.34
N8 SA1 DA . -17.51 10.41 22.48
C9 SA1 DA . -17.63 11.44 23.52
C10 SA1 DA . -19.13 11.88 23.44
C11 SA1 DA . -20.28 10.86 23.41
C12 SA1 DA . -21.65 11.53 23.36
C13 SA1 DA . -22.75 11.01 23.95
C14 SA1 DA . -22.76 9.70 24.71
C15 SA1 DA . -21.47 8.92 24.51
C16 SA1 DA . -20.29 9.85 24.59
O17 SA1 DA . -19.28 12.74 22.30
C18 SA1 DA . -17.26 10.86 24.80
O19 SA1 DA . -17.06 9.65 24.90
C20 SA1 DA . -15.13 12.53 20.99
C1 SA1 EA . -3.14 -10.92 -26.17
O2 SA1 EA . -4.22 -11.48 -26.90
C3 SA1 EA . -4.10 -12.94 -26.99
C4 SA1 EA . -3.14 -13.35 -28.15
C5 SA1 EA . -3.58 -13.18 -25.58
C6 SA1 EA . -4.86 -13.12 -24.80
O7 SA1 EA . -4.93 -12.93 -23.61
N8 SA1 EA . -5.89 -13.31 -25.65
C9 SA1 EA . -5.53 -13.53 -27.06
C10 SA1 EA . -5.70 -15.06 -27.25
C11 SA1 EA . -6.98 -15.80 -26.92
C12 SA1 EA . -6.87 -17.28 -27.25
C13 SA1 EA . -7.90 -18.01 -27.71
C14 SA1 EA . -9.30 -17.44 -27.93
C15 SA1 EA . -9.45 -16.07 -27.29
C16 SA1 EA . -8.25 -15.25 -27.63
O17 SA1 EA . -4.62 -15.71 -26.50
C18 SA1 EA . -6.40 -12.72 -27.90
O19 SA1 EA . -7.31 -12.02 -27.43
C20 SA1 EA . -2.66 -12.04 -25.27
C1 SA1 FA . -11.53 27.02 -6.34
O2 SA1 FA . -11.12 28.15 -7.10
C3 SA1 FA . -10.85 29.29 -6.25
C4 SA1 FA . -12.19 30.04 -5.93
C5 SA1 FA . -10.23 28.54 -5.07
C6 SA1 FA . -8.82 28.37 -5.56
O7 SA1 FA . -8.03 27.56 -5.15
N8 SA1 FA . -8.60 29.26 -6.54
C9 SA1 FA . -9.72 30.16 -6.88
C10 SA1 FA . -9.32 31.52 -6.19
C11 SA1 FA . -7.92 32.14 -6.36
C12 SA1 FA . -7.80 33.47 -5.62
C13 SA1 FA . -7.02 34.46 -6.06
C14 SA1 FA . -6.15 34.42 -7.31
C15 SA1 FA . -6.14 33.04 -7.93
C16 SA1 FA . -7.51 32.39 -7.84
O17 SA1 FA . -9.57 31.38 -4.75
C18 SA1 FA . -9.83 30.24 -8.31
O19 SA1 FA . -8.99 29.71 -9.02
C20 SA1 FA . -10.97 27.24 -4.95
C1 SA1 GA . 19.78 -13.58 16.51
O2 SA1 GA . 20.96 -13.24 17.25
C3 SA1 GA . 22.14 -13.77 16.60
C4 SA1 GA . 22.36 -15.27 17.01
C5 SA1 GA . 21.73 -13.51 15.16
C6 SA1 GA . 22.08 -12.05 15.04
O7 SA1 GA . 21.63 -11.30 14.20
N8 SA1 GA . 22.96 -11.74 15.99
C9 SA1 GA . 23.36 -12.84 16.88
C10 SA1 GA . 24.79 -13.26 16.37
C11 SA1 GA . 25.88 -12.23 16.07
C12 SA1 GA . 27.18 -12.89 15.61
C13 SA1 GA . 28.40 -12.40 15.90
C14 SA1 GA . 28.63 -11.14 16.73
C15 SA1 GA . 27.34 -10.35 16.92
C16 SA1 GA . 26.22 -11.31 17.26
O17 SA1 GA . 24.60 -14.03 15.15
C18 SA1 GA . 23.36 -12.36 18.26
O19 SA1 GA . 23.21 -11.16 18.51
C20 SA1 GA . 20.25 -13.78 15.09
C1 SA1 HA . -4.17 12.66 -25.25
O2 SA1 HA . -3.32 13.27 -26.23
C3 SA1 HA . -3.44 14.73 -26.17
C4 SA1 HA . -4.67 15.23 -27.00
C5 SA1 HA . -3.54 14.88 -24.66
C6 SA1 HA . -2.09 14.77 -24.28
O7 SA1 HA . -1.69 14.49 -23.18
N8 SA1 HA . -1.34 15.04 -25.36
C9 SA1 HA . -2.08 15.34 -26.59
C10 SA1 HA . -1.97 16.89 -26.73
C11 SA1 HA . -0.64 17.62 -26.72
C12 SA1 HA . -0.81 19.11 -26.91
C13 SA1 HA . 0.06 19.89 -27.57
C14 SA1 HA . 1.34 19.35 -28.18
C15 SA1 HA . 1.64 17.95 -27.69
C16 SA1 HA . 0.39 17.14 -27.77
O17 SA1 HA . -2.78 17.49 -25.67
C18 SA1 HA . -1.49 14.60 -27.70
O19 SA1 HA . -0.48 13.88 -27.55
C20 SA1 HA . -4.37 13.71 -24.18
#